data_2HG4
#
_entry.id   2HG4
#
_cell.length_a   305.258
_cell.length_b   150.149
_cell.length_c   184.378
_cell.angle_alpha   90.00
_cell.angle_beta   110.03
_cell.angle_gamma   90.00
#
_symmetry.space_group_name_H-M   'C 1 2 1'
#
loop_
_entity.id
_entity.type
_entity.pdbx_description
1 polymer '6-Deoxyerythronolide B Synthase'
2 non-polymer 'ACETATE ION'
3 non-polymer 'SULFATE ION'
4 non-polymer 'CHLORIDE ION'
5 water water
#
_entity_poly.entity_id   1
_entity_poly.type   'polypeptide(L)'
_entity_poly.pdbx_seq_one_letter_code
;(MSE)SGDNG(MSE)TEEKLRRYLKRTVTELDSVTARLREVEHRAGEPIAIVG(MSE)ACRFPGDVDSPESFWEFVSGGG
DAIAEAPADRGWEPDPDARLGG(MSE)LAAAGDFDAGFFGISPREALA(MSE)DPQQRI(MSE)LEISWEALERAGHDPV
SLRGSATGVFTGVGTVDYGPRPDEAPDEVLGYVGTGTASSVASGRVAYCLGLEGPA(MSE)TVDTACSSGLTALHLA
(MSE)ESLRRDECGLALAGGVTV(MSE)SSPGAFTEFRSQGGLAADGRCKPFSKAADGFGLAEGAGVLVLQRLSAARREG
RPVLAVLRGSAVNQDGASNGLTAPSGPAQQRVIRRALENAGVRAGDVDYVEAHGTGTRLGDPIEVHALLSTYGAERDPDD
PLWIGSVKSNIGHTQAAAGVAGV(MSE)KAVLALRHGE(MSE)PRTLHFDEPSPQIEWDLGAVSVVSQARSWPAGERPRR
AGVSSFGISGTNAHVIVEEAPEADEPEPAPDSGPVPLVLSGRDEQA(MSE)RAQAGRLADHLAREPRNSLRDTGFTLATR
RSAWEHRAVVVGDRDEALAGLRAVADGRIADRTATGQARTRRGVA(MSE)VFPGQGAQWQG(MSE)ARDLLRESQVFADS
IRDCERALAPHVDWSLTDLLSGARPLDRVDVVQPALFAV(MSE)VSLAALWRSHGVEPAAVVGHSQGEIAAAHVAGALTL
EDAAKLVAVRSRVLRRLGGQGG(MSE)ASFGLGTEQAAERIGRFAGALSIASVNGPRSVVVAGESGPLDELIAECEAEAH
KARRIPVDYASHSPQVESLREELLTELAGISPVSADVALYSTTTGQPIDTAT(MSE)DTAYWYANLREQVRFQDATRQLA
EAGFDAFVEVSPHPVLTVGIEATLDSALPADAGACVVGTLRRDRGGLADFHTALGEAYAQGVEVDWSPAFADARPVELPV
YPFQRQRYWLPIPTGGRARDEDDDWRYQ
;
_entity_poly.pdbx_strand_id   A,B,C,D,E,F
#
loop_
_chem_comp.id
_chem_comp.type
_chem_comp.name
_chem_comp.formula
ACT non-polymer 'ACETATE ION' 'C2 H3 O2 -1'
CL non-polymer 'CHLORIDE ION' 'Cl -1'
SO4 non-polymer 'SULFATE ION' 'O4 S -2'
#
# COMPACT_ATOMS: atom_id res chain seq x y z
N GLU A 9 45.90 40.75 -10.30
CA GLU A 9 45.75 39.28 -10.38
C GLU A 9 44.47 38.83 -9.69
N GLU A 10 44.27 37.51 -9.67
CA GLU A 10 43.37 36.84 -8.73
C GLU A 10 43.84 37.11 -7.30
N LYS A 11 45.02 37.74 -7.18
CA LYS A 11 45.55 38.24 -5.93
C LYS A 11 44.46 38.92 -5.14
N LEU A 12 43.80 39.88 -5.76
CA LEU A 12 42.84 40.69 -5.06
C LEU A 12 41.61 39.80 -4.86
N ARG A 13 41.34 38.96 -5.87
CA ARG A 13 40.26 37.97 -5.78
C ARG A 13 40.30 37.21 -4.46
N ARG A 14 41.46 36.63 -4.15
CA ARG A 14 41.62 35.89 -2.89
C ARG A 14 41.19 36.78 -1.74
N TYR A 15 41.54 38.06 -1.82
CA TYR A 15 41.33 38.95 -0.70
C TYR A 15 39.92 39.38 -0.40
N LEU A 16 39.08 39.46 -1.43
CA LEU A 16 37.69 39.64 -1.18
C LEU A 16 37.21 38.42 -0.43
N LYS A 17 37.69 37.24 -0.83
CA LYS A 17 37.31 35.98 -0.13
C LYS A 17 37.60 36.03 1.40
N ARG A 18 38.81 36.47 1.75
CA ARG A 18 39.24 36.65 3.14
C ARG A 18 38.36 37.68 3.79
N THR A 19 38.41 38.92 3.27
CA THR A 19 37.76 40.08 3.91
C THR A 19 36.30 39.79 4.33
N VAL A 20 35.55 39.21 3.41
CA VAL A 20 34.18 38.75 3.69
C VAL A 20 34.10 37.87 4.94
N THR A 21 35.01 36.91 5.06
CA THR A 21 35.04 35.98 6.17
C THR A 21 35.29 36.68 7.51
N GLU A 22 36.27 37.59 7.53
CA GLU A 22 36.56 38.35 8.75
C GLU A 22 35.51 39.40 9.01
N LEU A 23 34.93 39.99 7.95
CA LEU A 23 33.77 40.87 8.07
C LEU A 23 32.67 40.15 8.84
N ASP A 24 32.44 38.90 8.44
CA ASP A 24 31.35 38.13 8.99
C ASP A 24 31.64 37.78 10.43
N SER A 25 32.81 37.20 10.69
CA SER A 25 33.13 36.75 12.04
C SER A 25 33.30 37.93 13.03
N VAL A 26 33.90 39.04 12.58
CA VAL A 26 34.00 40.27 13.40
C VAL A 26 32.63 40.79 13.78
N THR A 27 31.66 40.60 12.90
CA THR A 27 30.32 41.08 13.13
C THR A 27 29.53 40.16 14.05
N ALA A 28 29.88 38.88 14.05
CA ALA A 28 29.34 37.94 15.01
C ALA A 28 29.80 38.30 16.41
N ARG A 29 31.08 38.64 16.57
CA ARG A 29 31.61 38.97 17.90
C ARG A 29 30.97 40.26 18.39
N LEU A 30 30.97 41.28 17.54
CA LEU A 30 30.37 42.56 17.88
C LEU A 30 28.90 42.40 18.25
N ARG A 31 28.15 41.75 17.39
CA ARG A 31 26.78 41.37 17.71
C ARG A 31 26.62 40.73 19.11
N GLU A 32 27.51 39.79 19.44
CA GLU A 32 27.41 39.00 20.68
C GLU A 32 27.80 39.79 21.92
N VAL A 33 28.70 40.77 21.79
CA VAL A 33 29.04 41.65 22.90
C VAL A 33 27.88 42.61 23.19
N GLU A 34 27.38 43.24 22.14
CA GLU A 34 26.22 44.13 22.25
C GLU A 34 24.93 43.46 22.74
N HIS A 35 24.71 42.19 22.40
CA HIS A 35 23.52 41.48 22.87
C HIS A 35 23.59 41.28 24.41
N ARG A 36 24.54 40.44 24.83
CA ARG A 36 25.01 40.38 26.21
C ARG A 36 24.81 41.68 26.96
N ALA A 37 25.35 42.76 26.41
CA ALA A 37 25.36 44.05 27.10
C ALA A 37 23.96 44.53 27.46
N GLY A 38 23.01 44.41 26.53
CA GLY A 38 21.64 44.88 26.76
C GLY A 38 20.58 43.80 26.60
N GLU A 39 20.94 42.58 26.95
CA GLU A 39 20.05 41.43 26.74
C GLU A 39 18.80 41.53 27.59
N PRO A 40 17.63 41.12 27.07
CA PRO A 40 16.41 41.02 27.87
C PRO A 40 16.58 40.30 29.22
N ILE A 41 16.00 40.90 30.26
CA ILE A 41 16.04 40.33 31.60
C ILE A 41 14.73 39.62 31.85
N ALA A 42 14.76 38.36 32.26
CA ALA A 42 13.53 37.64 32.58
C ALA A 42 13.03 37.78 34.04
N ILE A 43 11.74 38.05 34.19
CA ILE A 43 11.09 37.98 35.49
C ILE A 43 10.64 36.54 35.66
N VAL A 44 11.24 35.89 36.63
CA VAL A 44 11.20 34.45 36.71
C VAL A 44 10.43 34.02 37.97
N GLY A 45 9.89 35.01 38.67
CA GLY A 45 9.16 34.82 39.90
C GLY A 45 8.86 36.17 40.56
N MSE A 46 7.79 36.22 41.33
CA MSE A 46 7.42 37.47 42.00
C MSE A 46 6.47 37.27 43.15
O MSE A 46 5.64 36.41 43.12
CB MSE A 46 6.82 38.47 41.02
CG MSE A 46 6.00 37.89 39.88
SE MSE A 46 5.19 39.29 38.70
CE MSE A 46 6.28 40.65 39.04
N ALA A 47 6.61 38.10 44.15
CA ALA A 47 5.75 38.01 45.31
C ALA A 47 5.45 39.41 45.79
N CYS A 48 4.45 39.54 46.64
CA CYS A 48 3.94 40.84 47.00
C CYS A 48 3.05 40.82 48.22
N ARG A 49 2.82 42.03 48.72
CA ARG A 49 1.97 42.32 49.86
C ARG A 49 1.35 43.70 49.59
N PHE A 50 0.08 43.74 49.17
CA PHE A 50 -0.59 44.99 48.82
C PHE A 50 -1.93 45.02 49.53
N PRO A 51 -2.56 46.22 49.58
CA PRO A 51 -3.89 46.43 50.18
C PRO A 51 -4.99 45.62 49.52
N GLY A 52 -6.06 45.36 50.27
CA GLY A 52 -7.14 44.46 49.83
C GLY A 52 -6.82 42.99 50.04
N ASP A 53 -5.99 42.70 51.06
CA ASP A 53 -5.54 41.35 51.41
C ASP A 53 -4.84 40.66 50.27
N VAL A 54 -4.05 41.39 49.54
CA VAL A 54 -3.31 40.83 48.44
C VAL A 54 -1.96 40.41 48.99
N ASP A 55 -1.59 39.15 48.75
CA ASP A 55 -0.30 38.59 49.19
C ASP A 55 0.36 37.66 48.17
N SER A 56 -0.13 37.70 46.94
CA SER A 56 0.34 36.81 45.89
C SER A 56 -0.07 37.41 44.57
N PRO A 57 0.76 37.22 43.54
CA PRO A 57 0.45 37.61 42.15
C PRO A 57 -0.94 37.25 41.73
N GLU A 58 -1.38 36.06 42.11
CA GLU A 58 -2.69 35.58 41.74
C GLU A 58 -3.74 36.40 42.46
N SER A 59 -3.54 36.67 43.75
CA SER A 59 -4.59 37.38 44.48
C SER A 59 -4.61 38.82 44.11
N PHE A 60 -3.46 39.30 43.65
CA PHE A 60 -3.35 40.65 43.15
C PHE A 60 -4.22 40.77 41.90
N TRP A 61 -4.08 39.80 41.01
CA TRP A 61 -4.76 39.90 39.75
C TRP A 61 -6.25 39.77 39.94
N GLU A 62 -6.65 38.73 40.69
CA GLU A 62 -8.04 38.53 41.06
C GLU A 62 -8.60 39.83 41.58
N PHE A 63 -7.84 40.51 42.43
CA PHE A 63 -8.35 41.72 43.06
C PHE A 63 -8.53 42.82 42.06
N VAL A 64 -7.50 43.00 41.26
CA VAL A 64 -7.44 44.07 40.28
C VAL A 64 -8.42 43.90 39.14
N SER A 65 -8.56 42.72 38.54
CA SER A 65 -9.54 42.57 37.43
C SER A 65 -10.98 42.40 37.93
N GLY A 66 -11.14 42.19 39.22
CA GLY A 66 -12.44 42.26 39.86
C GLY A 66 -12.91 43.68 40.12
N GLY A 67 -12.03 44.65 39.88
CA GLY A 67 -12.38 46.07 40.03
C GLY A 67 -12.46 46.42 41.50
N GLY A 68 -11.45 46.01 42.25
CA GLY A 68 -11.46 46.15 43.68
C GLY A 68 -10.91 47.48 44.12
N ASP A 69 -11.56 48.06 45.14
CA ASP A 69 -11.15 49.30 45.77
C ASP A 69 -10.77 48.96 47.17
N ALA A 70 -9.50 49.07 47.48
CA ALA A 70 -9.00 48.75 48.79
C ALA A 70 -9.04 49.93 49.76
N ILE A 71 -9.58 51.08 49.37
CA ILE A 71 -9.41 52.24 50.21
C ILE A 71 -10.28 52.10 51.44
N ALA A 72 -9.74 52.45 52.61
CA ALA A 72 -10.45 52.29 53.86
C ALA A 72 -9.78 53.06 55.01
N GLU A 73 -10.53 53.19 56.10
CA GLU A 73 -10.02 53.73 57.37
C GLU A 73 -8.82 52.95 57.85
N ALA A 74 -7.79 53.67 58.28
CA ALA A 74 -6.57 53.03 58.76
C ALA A 74 -6.83 52.15 60.00
N PRO A 75 -5.99 51.12 60.21
CA PRO A 75 -6.19 50.27 61.39
C PRO A 75 -5.91 51.00 62.67
N ALA A 76 -6.70 50.70 63.70
CA ALA A 76 -6.56 51.30 65.03
C ALA A 76 -5.32 50.78 65.79
N ASP A 77 -4.96 49.53 65.56
CA ASP A 77 -3.86 48.86 66.28
C ASP A 77 -2.41 49.40 66.19
N ARG A 78 -2.12 50.43 65.39
CA ARG A 78 -0.73 50.90 65.30
C ARG A 78 -0.35 51.96 66.35
N GLY A 79 -1.27 52.26 67.27
CA GLY A 79 -1.00 53.24 68.33
C GLY A 79 -1.17 54.67 67.87
N TRP A 80 -1.87 54.85 66.74
CA TRP A 80 -2.05 56.17 66.16
C TRP A 80 -3.01 57.02 66.97
N GLU A 81 -2.59 58.25 67.22
CA GLU A 81 -3.41 59.25 67.87
C GLU A 81 -4.71 59.41 67.09
N PRO A 82 -5.87 59.21 67.74
CA PRO A 82 -7.13 59.42 66.99
C PRO A 82 -7.25 60.83 66.50
N ASP A 83 -8.06 61.00 65.47
CA ASP A 83 -8.14 62.25 64.75
C ASP A 83 -9.55 62.51 64.32
N PRO A 84 -10.03 63.77 64.42
CA PRO A 84 -11.36 64.13 63.93
C PRO A 84 -11.67 63.75 62.47
N ASP A 85 -10.71 63.93 61.58
CA ASP A 85 -10.88 63.56 60.19
C ASP A 85 -10.17 62.25 60.04
N ALA A 86 -10.93 61.21 59.70
CA ALA A 86 -10.42 59.85 59.68
C ALA A 86 -9.47 59.64 58.52
N ARG A 87 -8.50 58.77 58.73
CA ARG A 87 -7.42 58.60 57.78
C ARG A 87 -7.69 57.49 56.79
N LEU A 88 -8.00 57.87 55.56
CA LEU A 88 -8.35 56.91 54.55
C LEU A 88 -7.16 56.63 53.68
N GLY A 89 -7.04 55.39 53.25
CA GLY A 89 -5.99 55.03 52.30
C GLY A 89 -5.92 53.56 52.05
N GLY A 90 -4.89 53.14 51.33
CA GLY A 90 -4.60 51.71 51.10
C GLY A 90 -3.67 51.13 52.14
N MSE A 91 -4.25 50.55 53.20
CA MSE A 91 -3.48 50.09 54.35
C MSE A 91 -3.25 48.59 54.31
O MSE A 91 -4.11 47.84 53.82
CB MSE A 91 -4.20 50.42 55.63
CG MSE A 91 -4.57 51.89 55.79
SE MSE A 91 -3.07 53.15 55.93
CE MSE A 91 -1.99 52.32 57.32
N LEU A 92 -2.10 48.16 54.84
CA LEU A 92 -1.75 46.74 54.84
C LEU A 92 -2.44 46.06 55.99
N ALA A 93 -3.34 45.15 55.60
CA ALA A 93 -4.06 44.29 56.53
C ALA A 93 -3.27 44.07 57.83
N ALA A 94 -2.22 43.25 57.77
CA ALA A 94 -1.40 42.92 58.92
C ALA A 94 0.09 43.17 58.68
N ALA A 95 0.48 44.43 58.71
CA ALA A 95 1.88 44.84 58.49
C ALA A 95 2.81 44.39 59.63
N GLY A 96 2.22 44.19 60.80
CA GLY A 96 2.94 43.83 62.01
C GLY A 96 3.23 42.35 62.08
N ASP A 97 2.56 41.54 61.26
CA ASP A 97 2.71 40.10 61.35
C ASP A 97 3.96 39.69 60.63
N PHE A 98 4.78 38.84 61.29
CA PHE A 98 6.06 38.31 60.78
C PHE A 98 6.24 36.89 61.36
N ASP A 99 6.83 35.99 60.57
CA ASP A 99 7.41 34.70 61.07
C ASP A 99 8.90 34.89 61.41
N ALA A 100 9.18 35.39 62.62
CA ALA A 100 10.57 35.68 63.02
C ALA A 100 11.40 34.43 63.17
N GLY A 101 10.79 33.39 63.73
CA GLY A 101 11.45 32.11 63.97
C GLY A 101 11.96 31.47 62.70
N PHE A 102 11.16 31.47 61.65
CA PHE A 102 11.60 30.96 60.35
C PHE A 102 12.95 31.49 59.95
N PHE A 103 13.22 32.73 60.32
CA PHE A 103 14.44 33.38 59.93
C PHE A 103 15.47 33.45 61.08
N GLY A 104 15.29 32.69 62.15
CA GLY A 104 16.23 32.76 63.28
C GLY A 104 16.31 34.10 63.98
N ILE A 105 15.25 34.88 63.94
CA ILE A 105 15.27 36.19 64.58
C ILE A 105 14.54 36.09 65.92
N SER A 106 15.15 36.66 66.95
CA SER A 106 14.55 36.66 68.27
C SER A 106 13.35 37.56 68.25
N PRO A 107 12.37 37.26 69.11
CA PRO A 107 11.25 38.18 69.37
C PRO A 107 11.68 39.58 69.74
N ARG A 108 12.72 39.70 70.57
CA ARG A 108 13.24 41.02 70.93
C ARG A 108 13.73 41.78 69.67
N GLU A 109 14.52 41.13 68.81
CA GLU A 109 15.01 41.80 67.59
C GLU A 109 13.88 42.13 66.61
N ALA A 110 12.97 41.18 66.45
CA ALA A 110 11.83 41.34 65.55
C ALA A 110 11.00 42.54 65.96
N LEU A 111 10.91 42.78 67.26
CA LEU A 111 10.11 43.87 67.75
C LEU A 111 10.68 45.22 67.34
N ALA A 112 11.99 45.38 67.41
CA ALA A 112 12.62 46.63 67.00
C ALA A 112 12.88 46.71 65.51
N MSE A 113 12.60 45.65 64.75
CA MSE A 113 12.71 45.72 63.28
C MSE A 113 11.58 46.48 62.63
O MSE A 113 10.40 46.26 62.94
CB MSE A 113 12.73 44.34 62.65
CG MSE A 113 14.10 43.75 62.49
SE MSE A 113 13.86 41.99 61.90
CE MSE A 113 13.63 42.22 60.05
N ASP A 114 11.95 47.34 61.69
CA ASP A 114 11.01 48.06 60.80
C ASP A 114 10.21 46.97 60.04
N PRO A 115 8.89 47.08 59.94
CA PRO A 115 8.14 46.11 59.18
C PRO A 115 8.51 46.07 57.71
N GLN A 116 9.04 47.14 57.18
CA GLN A 116 9.52 47.07 55.80
C GLN A 116 10.61 45.97 55.64
N GLN A 117 11.38 45.71 56.69
CA GLN A 117 12.44 44.67 56.67
C GLN A 117 11.81 43.30 56.72
N ARG A 118 10.92 43.14 57.69
CA ARG A 118 10.24 41.89 57.88
C ARG A 118 9.50 41.47 56.61
N ILE A 119 8.68 42.37 56.07
CA ILE A 119 7.90 42.04 54.91
C ILE A 119 8.80 41.68 53.73
N MSE A 120 9.94 42.36 53.62
CA MSE A 120 10.87 42.04 52.56
C MSE A 120 11.38 40.62 52.70
O MSE A 120 11.43 39.90 51.71
CB MSE A 120 12.08 43.02 52.54
CG MSE A 120 11.85 44.37 51.83
SE MSE A 120 10.92 44.25 50.08
CE MSE A 120 9.22 44.32 50.58
N LEU A 121 11.77 40.22 53.91
CA LEU A 121 12.29 38.84 54.11
C LEU A 121 11.28 37.80 53.63
N GLU A 122 10.05 37.90 54.13
CA GLU A 122 9.03 36.96 53.73
C GLU A 122 8.90 36.87 52.22
N ILE A 123 8.63 37.98 51.55
CA ILE A 123 8.29 37.89 50.12
C ILE A 123 9.49 37.57 49.22
N SER A 124 10.70 37.81 49.70
CA SER A 124 11.89 37.46 48.95
C SER A 124 11.97 35.94 48.93
N TRP A 125 11.71 35.33 50.07
CA TRP A 125 11.60 33.87 50.15
C TRP A 125 10.54 33.33 49.21
N GLU A 126 9.37 33.94 49.21
CA GLU A 126 8.21 33.42 48.52
C GLU A 126 8.49 33.50 47.06
N ALA A 127 9.08 34.60 46.65
CA ALA A 127 9.41 34.81 45.25
C ALA A 127 10.36 33.75 44.73
N LEU A 128 11.39 33.41 45.51
CA LEU A 128 12.37 32.41 45.10
C LEU A 128 11.72 31.04 44.96
N GLU A 129 10.91 30.68 45.94
CA GLU A 129 10.08 29.48 45.82
C GLU A 129 9.26 29.47 44.53
N ARG A 130 8.66 30.58 44.15
CA ARG A 130 7.86 30.60 42.93
C ARG A 130 8.69 30.52 41.66
N ALA A 131 9.92 30.97 41.74
CA ALA A 131 10.87 30.91 40.62
C ALA A 131 11.44 29.50 40.48
N GLY A 132 11.10 28.65 41.44
CA GLY A 132 11.41 27.26 41.40
C GLY A 132 12.76 26.98 41.99
N HIS A 133 13.14 27.73 43.03
CA HIS A 133 14.35 27.41 43.80
C HIS A 133 13.95 26.92 45.16
N ASP A 134 14.81 26.11 45.77
CA ASP A 134 14.77 26.00 47.21
C ASP A 134 15.72 27.09 47.63
N PRO A 135 15.19 28.16 48.19
CA PRO A 135 16.02 29.26 48.64
C PRO A 135 17.27 28.77 49.38
N VAL A 136 17.11 27.78 50.25
CA VAL A 136 18.27 27.22 50.95
C VAL A 136 19.41 26.91 50.02
N SER A 137 19.12 26.37 48.84
CA SER A 137 20.15 25.99 47.91
C SER A 137 20.97 27.19 47.41
N LEU A 138 20.43 28.40 47.51
CA LEU A 138 21.12 29.63 47.08
C LEU A 138 22.07 30.23 48.08
N ARG A 139 22.27 29.63 49.25
CA ARG A 139 23.22 30.20 50.20
C ARG A 139 24.58 30.17 49.53
N GLY A 140 25.32 31.26 49.61
CA GLY A 140 26.65 31.35 49.00
C GLY A 140 26.65 31.65 47.51
N SER A 141 25.48 31.88 46.94
CA SER A 141 25.39 32.20 45.52
C SER A 141 25.66 33.67 45.37
N ALA A 142 25.93 34.09 44.13
CA ALA A 142 26.05 35.51 43.78
C ALA A 142 24.69 36.03 43.29
N THR A 143 23.84 36.32 44.25
CA THR A 143 22.55 36.87 43.98
C THR A 143 22.62 38.25 44.61
N GLY A 144 22.17 39.24 43.85
CA GLY A 144 22.19 40.62 44.33
C GLY A 144 20.86 41.01 44.91
N VAL A 145 20.86 42.04 45.75
CA VAL A 145 19.63 42.56 46.33
C VAL A 145 19.51 44.09 46.09
N PHE A 146 18.40 44.52 45.49
CA PHE A 146 18.15 45.91 45.11
C PHE A 146 16.76 46.25 45.58
N THR A 147 16.64 47.21 46.48
CA THR A 147 15.40 47.40 47.19
C THR A 147 15.07 48.89 47.30
N GLY A 148 13.88 49.25 46.84
CA GLY A 148 13.42 50.63 46.94
C GLY A 148 12.80 50.93 48.29
N VAL A 149 13.52 51.66 49.12
CA VAL A 149 12.95 52.12 50.34
C VAL A 149 12.91 53.65 50.33
N GLY A 150 11.73 54.18 50.67
CA GLY A 150 11.56 55.63 50.83
C GLY A 150 11.77 55.91 52.30
N THR A 151 10.72 56.37 52.95
CA THR A 151 10.77 56.70 54.33
C THR A 151 10.87 55.47 55.26
N VAL A 152 11.47 55.63 56.43
CA VAL A 152 11.42 54.61 57.49
C VAL A 152 11.00 55.25 58.81
N ASP A 153 9.78 54.99 59.28
CA ASP A 153 9.26 55.75 60.40
C ASP A 153 8.85 54.88 61.58
N TYR A 154 9.56 53.78 61.83
CA TYR A 154 9.02 52.75 62.73
C TYR A 154 9.21 52.96 64.24
N GLY A 155 10.45 53.07 64.66
CA GLY A 155 10.72 52.94 66.10
C GLY A 155 10.23 54.10 66.93
N PRO A 156 10.49 54.05 68.22
CA PRO A 156 10.79 55.27 68.91
C PRO A 156 12.27 55.55 68.66
N ARG A 157 12.77 56.70 69.09
CA ARG A 157 14.19 57.01 68.97
C ARG A 157 14.98 56.25 70.00
N PRO A 158 16.25 55.97 69.73
CA PRO A 158 17.07 55.25 70.72
C PRO A 158 17.10 55.91 72.13
N ASP A 159 16.80 57.21 72.16
CA ASP A 159 16.73 58.00 73.40
C ASP A 159 15.62 57.47 74.30
N GLU A 160 14.51 57.06 73.68
CA GLU A 160 13.26 56.79 74.39
C GLU A 160 12.77 55.35 74.18
N ALA A 161 13.66 54.49 73.72
CA ALA A 161 13.31 53.11 73.46
C ALA A 161 13.40 52.35 74.76
N PRO A 162 12.54 51.34 74.92
CA PRO A 162 12.68 50.47 76.08
C PRO A 162 14.09 49.95 76.09
N ASP A 163 14.75 49.97 77.24
CA ASP A 163 16.09 49.45 77.31
C ASP A 163 16.09 47.96 76.91
N GLU A 164 14.91 47.35 76.97
CA GLU A 164 14.68 45.95 76.56
C GLU A 164 15.03 45.64 75.07
N VAL A 165 14.97 46.66 74.22
CA VAL A 165 15.12 46.52 72.78
C VAL A 165 16.23 47.42 72.22
N LEU A 166 17.19 47.81 73.05
CA LEU A 166 18.09 48.96 72.77
C LEU A 166 19.24 48.63 71.82
N GLY A 167 19.84 47.45 72.02
CA GLY A 167 20.94 46.98 71.17
C GLY A 167 20.54 46.69 69.73
N TYR A 168 19.25 46.82 69.44
CA TYR A 168 18.67 46.44 68.15
C TYR A 168 17.93 47.58 67.45
N VAL A 169 18.01 48.80 67.98
CA VAL A 169 17.22 49.90 67.43
C VAL A 169 17.75 50.40 66.07
N GLY A 170 19.07 50.58 65.95
CA GLY A 170 19.71 51.14 64.73
C GLY A 170 19.71 50.18 63.55
N THR A 171 20.12 48.96 63.82
CA THR A 171 20.01 47.88 62.86
C THR A 171 18.57 47.67 62.36
N GLY A 172 17.60 47.84 63.26
CA GLY A 172 16.21 47.52 62.97
C GLY A 172 15.57 48.54 62.04
N THR A 173 16.13 49.74 62.00
CA THR A 173 15.58 50.81 61.15
C THR A 173 16.48 51.30 60.01
N ALA A 174 17.67 50.80 59.92
CA ALA A 174 18.54 51.25 58.85
C ALA A 174 18.07 50.75 57.45
N SER A 175 17.65 51.69 56.64
CA SER A 175 17.34 51.45 55.24
C SER A 175 18.19 50.37 54.55
N SER A 176 19.50 50.45 54.74
CA SER A 176 20.46 49.52 54.13
C SER A 176 20.21 48.08 54.50
N VAL A 177 19.74 47.91 55.73
CA VAL A 177 19.46 46.60 56.26
C VAL A 177 18.21 45.93 55.60
N ALA A 178 17.31 46.70 54.98
CA ALA A 178 16.22 46.10 54.21
C ALA A 178 16.82 45.25 53.09
N SER A 179 17.88 45.77 52.50
CA SER A 179 18.58 45.07 51.48
C SER A 179 19.45 43.98 52.09
N GLY A 180 20.24 44.38 53.09
CA GLY A 180 21.30 43.55 53.63
C GLY A 180 20.78 42.38 54.42
N ARG A 181 19.70 42.59 55.16
CA ARG A 181 19.18 41.55 56.04
C ARG A 181 18.73 40.36 55.21
N VAL A 182 18.17 40.64 54.04
CA VAL A 182 17.76 39.57 53.15
C VAL A 182 18.99 38.74 52.82
N ALA A 183 20.05 39.38 52.34
CA ALA A 183 21.28 38.67 51.94
C ALA A 183 21.92 37.97 53.11
N TYR A 184 21.92 38.58 54.30
CA TYR A 184 22.45 37.90 55.48
C TYR A 184 21.72 36.60 55.73
N CYS A 185 20.39 36.63 55.71
CA CYS A 185 19.56 35.47 56.07
C CYS A 185 19.54 34.35 55.08
N LEU A 186 19.46 34.71 53.80
CA LEU A 186 19.47 33.74 52.71
C LEU A 186 20.89 33.37 52.32
N GLY A 187 21.89 34.07 52.86
CA GLY A 187 23.30 33.81 52.56
C GLY A 187 23.73 34.28 51.18
N LEU A 188 23.03 35.27 50.62
CA LEU A 188 23.32 35.77 49.30
C LEU A 188 24.58 36.56 49.35
N GLU A 189 25.35 36.49 48.29
CA GLU A 189 26.64 37.18 48.24
C GLU A 189 26.78 38.23 47.15
N GLY A 190 25.72 38.53 46.40
CA GLY A 190 25.80 39.62 45.41
C GLY A 190 25.86 40.98 46.09
N PRO A 191 26.03 42.05 45.27
CA PRO A 191 25.94 43.37 45.84
C PRO A 191 24.52 43.52 46.35
N ALA A 192 24.36 44.03 47.57
CA ALA A 192 23.04 44.28 48.12
C ALA A 192 22.93 45.74 48.52
N MSE A 193 21.99 46.47 47.94
CA MSE A 193 21.79 47.87 48.30
C MSE A 193 20.35 48.34 48.32
O MSE A 193 19.50 47.73 47.71
CB MSE A 193 22.54 48.76 47.33
CG MSE A 193 21.93 48.75 45.93
SE MSE A 193 23.30 49.27 44.59
CE MSE A 193 22.04 49.61 43.25
N THR A 194 20.12 49.44 49.03
CA THR A 194 18.83 50.08 49.13
C THR A 194 18.88 51.36 48.35
N VAL A 195 17.76 51.75 47.75
CA VAL A 195 17.72 52.96 46.93
C VAL A 195 16.61 53.88 47.35
N ASP A 196 16.88 55.18 47.41
CA ASP A 196 15.82 56.13 47.69
C ASP A 196 15.67 57.15 46.55
N THR A 197 14.51 57.04 45.88
CA THR A 197 14.13 57.90 44.77
C THR A 197 12.68 58.36 44.94
N ALA A 198 12.23 58.32 46.17
CA ALA A 198 10.85 58.60 46.53
C ALA A 198 9.97 57.62 45.76
N CYS A 199 8.91 58.09 45.10
CA CYS A 199 7.97 57.21 44.40
C CYS A 199 8.52 56.36 43.27
N SER A 200 9.74 56.59 42.80
CA SER A 200 10.23 55.70 41.76
C SER A 200 11.36 54.80 42.21
N SER A 201 11.69 54.83 43.51
CA SER A 201 12.58 53.83 44.12
C SER A 201 12.32 52.41 43.50
N GLY A 202 11.11 51.90 43.65
CA GLY A 202 10.65 50.71 42.93
C GLY A 202 11.35 50.44 41.61
N LEU A 203 11.06 51.24 40.59
CA LEU A 203 11.65 51.07 39.24
C LEU A 203 13.14 51.33 39.20
N THR A 204 13.62 52.30 39.98
CA THR A 204 15.04 52.61 39.97
C THR A 204 15.79 51.32 40.29
N ALA A 205 15.38 50.69 41.41
CA ALA A 205 15.96 49.42 41.93
C ALA A 205 16.01 48.36 40.85
N LEU A 206 14.88 48.19 40.20
CA LEU A 206 14.72 47.23 39.13
C LEU A 206 15.62 47.56 37.92
N HIS A 207 15.80 48.85 37.65
CA HIS A 207 16.72 49.33 36.65
C HIS A 207 18.18 49.07 37.04
N LEU A 208 18.53 49.27 38.29
CA LEU A 208 19.91 48.99 38.75
C LEU A 208 20.17 47.51 38.69
N ALA A 209 19.15 46.75 39.05
CA ALA A 209 19.23 45.29 39.06
C ALA A 209 19.40 44.73 37.63
N MSE A 210 18.62 45.28 36.69
CA MSE A 210 18.72 44.90 35.30
C MSE A 210 20.13 45.07 34.76
O MSE A 210 20.60 44.29 33.96
CB MSE A 210 17.77 45.71 34.45
CG MSE A 210 16.35 45.27 34.60
SE MSE A 210 15.11 46.44 33.70
CE MSE A 210 15.97 46.40 31.81
N GLU A 211 20.80 46.11 35.24
CA GLU A 211 22.13 46.43 34.75
C GLU A 211 23.23 45.65 35.45
N SER A 212 23.05 45.39 36.74
CA SER A 212 23.96 44.54 37.47
C SER A 212 23.99 43.17 36.83
N LEU A 213 22.83 42.62 36.50
CA LEU A 213 22.77 41.34 35.79
C LEU A 213 23.57 41.48 34.50
N ARG A 214 23.29 42.52 33.73
CA ARG A 214 23.90 42.67 32.42
C ARG A 214 25.39 42.93 32.52
N ARG A 215 25.88 43.26 33.71
CA ARG A 215 27.34 43.42 33.92
C ARG A 215 27.96 42.17 34.53
N ASP A 216 27.16 41.12 34.69
CA ASP A 216 27.61 39.85 35.27
C ASP A 216 28.07 40.01 36.72
N GLU A 217 27.62 41.07 37.38
CA GLU A 217 27.83 41.21 38.84
C GLU A 217 27.10 40.13 39.66
N CYS A 218 26.06 39.52 39.07
CA CYS A 218 25.39 38.42 39.72
C CYS A 218 24.52 37.74 38.72
N GLY A 219 24.12 36.52 39.04
CA GLY A 219 23.41 35.65 38.12
C GLY A 219 21.92 35.75 38.27
N LEU A 220 21.52 36.40 39.34
CA LEU A 220 20.16 36.39 39.76
C LEU A 220 20.04 37.58 40.63
N ALA A 221 18.87 38.18 40.66
CA ALA A 221 18.69 39.34 41.53
C ALA A 221 17.26 39.53 41.96
N LEU A 222 17.15 39.94 43.22
CA LEU A 222 15.89 40.30 43.81
C LEU A 222 15.79 41.82 43.73
N ALA A 223 14.76 42.30 43.04
CA ALA A 223 14.52 43.72 42.83
C ALA A 223 13.11 44.04 43.33
N GLY A 224 12.99 44.99 44.25
CA GLY A 224 11.67 45.35 44.72
C GLY A 224 11.64 46.68 45.39
N GLY A 225 10.56 46.92 46.15
CA GLY A 225 10.40 48.11 46.97
C GLY A 225 9.29 47.97 47.96
N VAL A 226 9.33 48.78 49.01
CA VAL A 226 8.39 48.65 50.12
C VAL A 226 8.01 50.03 50.58
N THR A 227 6.77 50.20 51.02
CA THR A 227 6.51 51.25 51.97
C THR A 227 5.53 50.74 52.97
N VAL A 228 5.84 50.92 54.24
CA VAL A 228 4.88 50.76 55.32
C VAL A 228 4.84 52.07 56.12
N MSE A 229 3.65 52.61 56.27
CA MSE A 229 3.48 53.81 57.04
C MSE A 229 3.20 53.42 58.45
O MSE A 229 2.06 53.24 58.81
CB MSE A 229 2.32 54.63 56.52
CG MSE A 229 2.63 55.30 55.21
SE MSE A 229 1.06 56.30 54.78
CE MSE A 229 -0.26 54.77 54.34
N SER A 230 4.26 53.29 59.22
CA SER A 230 4.17 52.89 60.60
C SER A 230 3.58 54.01 61.43
N SER A 231 3.72 55.24 60.96
CA SER A 231 3.20 56.40 61.65
C SER A 231 2.26 57.16 60.72
N PRO A 232 1.44 58.03 61.30
CA PRO A 232 0.59 58.91 60.50
C PRO A 232 1.32 60.13 59.92
N GLY A 233 2.62 60.22 60.13
CA GLY A 233 3.40 61.35 59.65
C GLY A 233 3.02 61.85 58.27
N ALA A 234 2.86 60.95 57.30
CA ALA A 234 2.58 61.41 55.93
C ALA A 234 1.20 62.07 55.87
N PHE A 235 0.22 61.53 56.60
CA PHE A 235 -1.09 62.15 56.66
C PHE A 235 -0.94 63.55 57.20
N THR A 236 -0.18 63.69 58.26
CA THR A 236 0.04 64.99 58.84
C THR A 236 0.66 65.94 57.85
N GLU A 237 1.79 65.55 57.23
CA GLU A 237 2.48 66.48 56.32
C GLU A 237 1.57 66.90 55.13
N PHE A 238 0.80 65.99 54.54
CA PHE A 238 -0.02 66.31 53.34
C PHE A 238 -1.37 67.01 53.63
N ARG A 239 -1.84 66.94 54.86
CA ARG A 239 -3.00 67.70 55.27
C ARG A 239 -2.66 69.18 55.58
N SER A 240 -1.36 69.53 55.55
CA SER A 240 -0.87 70.92 55.62
C SER A 240 -0.68 71.52 54.24
N GLN A 241 0.28 71.00 53.47
CA GLN A 241 0.26 71.21 52.04
C GLN A 241 -1.09 70.63 51.64
N GLY A 242 -1.56 70.95 50.44
CA GLY A 242 -2.74 70.25 49.94
C GLY A 242 -2.32 68.91 49.38
N GLY A 243 -3.23 68.29 48.64
CA GLY A 243 -2.89 67.23 47.69
C GLY A 243 -3.50 65.88 47.90
N LEU A 244 -4.14 65.64 49.04
CA LEU A 244 -4.77 64.34 49.30
C LEU A 244 -6.23 64.33 48.88
N ALA A 245 -6.69 63.32 48.16
CA ALA A 245 -8.11 63.24 47.91
C ALA A 245 -8.83 63.07 49.24
N ALA A 246 -9.88 63.85 49.45
CA ALA A 246 -10.71 63.74 50.64
C ALA A 246 -11.32 62.35 50.69
N ASP A 247 -11.46 61.79 49.51
CA ASP A 247 -11.97 60.44 49.30
C ASP A 247 -11.12 59.33 49.88
N GLY A 248 -9.80 59.50 49.75
CA GLY A 248 -8.81 58.45 49.96
C GLY A 248 -8.30 57.86 48.64
N ARG A 249 -8.86 58.35 47.54
CA ARG A 249 -8.89 57.62 46.29
C ARG A 249 -8.28 58.37 45.15
N CYS A 250 -7.42 57.69 44.42
CA CYS A 250 -6.89 58.22 43.20
C CYS A 250 -7.92 58.04 42.09
N LYS A 251 -8.28 59.11 41.42
CA LYS A 251 -9.09 59.00 40.23
C LYS A 251 -8.27 59.51 39.05
N PRO A 252 -7.27 58.73 38.60
CA PRO A 252 -6.40 59.16 37.52
C PRO A 252 -7.10 59.52 36.23
N PHE A 253 -6.86 60.73 35.76
CA PHE A 253 -7.33 61.21 34.47
C PHE A 253 -8.81 61.53 34.40
N SER A 254 -9.52 61.41 35.53
CA SER A 254 -10.94 61.76 35.58
C SER A 254 -11.14 63.23 35.96
N LYS A 255 -12.32 63.76 35.63
CA LYS A 255 -12.76 65.08 36.11
C LYS A 255 -12.80 65.15 37.65
N ALA A 256 -12.95 64.00 38.30
CA ALA A 256 -13.24 63.93 39.73
C ALA A 256 -12.01 64.00 40.62
N ALA A 257 -10.84 64.26 40.03
CA ALA A 257 -9.58 64.12 40.78
C ALA A 257 -9.43 65.19 41.87
N ASP A 258 -9.40 64.76 43.15
CA ASP A 258 -9.09 65.67 44.27
C ASP A 258 -7.58 65.73 44.54
N GLY A 259 -6.96 64.56 44.48
CA GLY A 259 -5.60 64.36 44.98
C GLY A 259 -5.32 62.88 45.09
N PHE A 260 -4.13 62.52 45.55
CA PHE A 260 -3.75 61.11 45.62
C PHE A 260 -4.18 60.51 46.96
N GLY A 261 -4.11 59.17 47.07
CA GLY A 261 -4.51 58.45 48.28
C GLY A 261 -3.33 57.68 48.86
N LEU A 262 -2.89 58.05 50.04
CA LEU A 262 -1.76 57.40 50.63
C LEU A 262 -2.06 55.93 50.78
N ALA A 263 -1.06 55.11 50.45
CA ALA A 263 -1.14 53.68 50.62
C ALA A 263 0.24 53.06 50.88
N GLU A 264 0.22 51.78 51.25
CA GLU A 264 1.43 51.01 51.55
C GLU A 264 1.41 49.68 50.85
N GLY A 265 2.56 49.05 50.73
CA GLY A 265 2.66 47.79 50.00
C GLY A 265 4.10 47.34 49.82
N ALA A 266 4.29 46.25 49.08
CA ALA A 266 5.60 45.59 49.00
C ALA A 266 5.64 44.63 47.82
N GLY A 267 6.69 44.65 47.02
CA GLY A 267 6.75 43.74 45.87
C GLY A 267 8.16 43.37 45.45
N VAL A 268 8.40 42.11 45.09
CA VAL A 268 9.69 41.70 44.52
C VAL A 268 9.61 40.92 43.23
N LEU A 269 10.68 41.01 42.47
CA LEU A 269 10.85 40.28 41.22
C LEU A 269 12.16 39.51 41.33
N VAL A 270 12.14 38.27 40.89
CA VAL A 270 13.36 37.51 40.76
C VAL A 270 13.73 37.73 39.31
N LEU A 271 14.80 38.48 39.11
CA LEU A 271 15.29 38.77 37.79
C LEU A 271 16.42 37.86 37.44
N GLN A 272 16.51 37.54 36.17
CA GLN A 272 17.56 36.71 35.65
C GLN A 272 17.74 36.97 34.17
N ARG A 273 18.95 36.75 33.74
CA ARG A 273 19.32 36.92 32.35
C ARG A 273 18.43 35.98 31.50
N LEU A 274 17.77 36.47 30.45
CA LEU A 274 16.79 35.63 29.71
C LEU A 274 17.39 34.32 29.19
N SER A 275 18.53 34.41 28.52
CA SER A 275 19.26 33.23 28.07
C SER A 275 19.50 32.22 29.20
N ALA A 276 19.94 32.70 30.35
CA ALA A 276 20.19 31.81 31.48
C ALA A 276 18.93 31.09 32.00
N ALA A 277 17.81 31.82 32.13
CA ALA A 277 16.56 31.21 32.60
C ALA A 277 16.00 30.21 31.60
N ARG A 278 16.22 30.44 30.32
CA ARG A 278 15.84 29.45 29.33
C ARG A 278 16.76 28.26 29.51
N ARG A 279 18.05 28.54 29.59
CA ARG A 279 19.01 27.49 29.76
C ARG A 279 18.67 26.63 30.96
N GLU A 280 18.36 27.26 32.09
CA GLU A 280 17.99 26.52 33.30
C GLU A 280 16.58 25.97 33.30
N GLY A 281 15.82 26.21 32.23
CA GLY A 281 14.43 25.75 32.14
C GLY A 281 13.61 26.28 33.30
N ARG A 282 13.30 27.56 33.23
CA ARG A 282 12.60 28.26 34.29
C ARG A 282 11.45 29.08 33.75
N PRO A 283 10.36 29.16 34.53
CA PRO A 283 9.16 29.83 34.01
C PRO A 283 9.53 31.30 33.70
N VAL A 284 9.42 31.74 32.45
CA VAL A 284 9.60 33.15 32.17
C VAL A 284 8.24 33.79 32.19
N LEU A 285 7.95 34.60 33.21
CA LEU A 285 6.60 35.16 33.37
C LEU A 285 6.34 36.25 32.39
N ALA A 286 7.30 37.17 32.35
CA ALA A 286 7.37 38.19 31.31
C ALA A 286 8.85 38.51 31.13
N VAL A 287 9.15 39.58 30.41
CA VAL A 287 10.52 40.00 30.08
C VAL A 287 10.65 41.53 30.19
N LEU A 288 11.63 41.99 30.94
CA LEU A 288 12.03 43.40 30.93
C LEU A 288 13.00 43.66 29.78
N ARG A 289 12.56 44.53 28.89
CA ARG A 289 13.26 44.75 27.68
C ARG A 289 14.17 45.97 27.76
N GLY A 290 13.72 47.01 28.45
CA GLY A 290 14.55 48.20 28.59
C GLY A 290 14.01 49.11 29.67
N SER A 291 14.86 50.04 30.12
CA SER A 291 14.48 51.04 31.13
C SER A 291 15.33 52.32 31.04
N ALA A 292 14.90 53.35 31.75
CA ALA A 292 15.67 54.58 31.89
C ALA A 292 15.31 55.33 33.17
N VAL A 293 16.26 56.14 33.65
CA VAL A 293 16.04 57.00 34.78
C VAL A 293 16.59 58.37 34.39
N ASN A 294 15.87 59.41 34.77
CA ASN A 294 16.36 60.76 34.61
C ASN A 294 15.82 61.68 35.70
N GLN A 295 16.11 62.97 35.56
CA GLN A 295 15.66 64.01 36.50
C GLN A 295 14.93 65.05 35.69
N ASP A 296 13.85 65.57 36.23
CA ASP A 296 13.18 66.60 35.51
C ASP A 296 13.82 67.96 35.75
N GLY A 297 14.87 67.98 36.56
CA GLY A 297 15.86 69.07 36.58
C GLY A 297 15.35 70.42 37.07
N ALA A 298 15.44 71.40 36.19
CA ALA A 298 15.10 72.75 36.54
C ALA A 298 13.61 73.01 36.40
N SER A 299 12.79 72.26 37.09
CA SER A 299 11.35 72.43 36.95
C SER A 299 10.84 73.64 37.73
N ASN A 300 9.52 73.77 37.71
CA ASN A 300 8.82 74.78 38.49
C ASN A 300 9.09 74.67 39.95
N GLY A 301 9.42 73.47 40.43
CA GLY A 301 9.60 73.27 41.85
C GLY A 301 10.06 71.87 42.17
N LEU A 302 10.66 71.68 43.34
CA LEU A 302 11.19 70.38 43.71
C LEU A 302 10.18 69.28 43.40
N THR A 303 8.99 69.40 43.96
CA THR A 303 7.98 68.36 43.76
C THR A 303 7.27 68.40 42.40
N ALA A 304 7.18 69.56 41.78
CA ALA A 304 6.58 69.69 40.45
C ALA A 304 7.18 68.74 39.37
N PRO A 305 6.32 67.95 38.70
CA PRO A 305 6.80 67.12 37.61
C PRO A 305 7.07 67.98 36.40
N SER A 306 7.72 67.43 35.37
CA SER A 306 7.95 68.21 34.15
C SER A 306 7.84 67.34 32.90
N GLY A 307 6.88 67.70 32.03
CA GLY A 307 6.57 66.97 30.79
C GLY A 307 7.73 66.63 29.88
N PRO A 308 8.58 67.64 29.59
CA PRO A 308 9.78 67.41 28.78
C PRO A 308 10.65 66.26 29.28
N ALA A 309 10.84 66.17 30.58
CA ALA A 309 11.60 65.07 31.16
C ALA A 309 10.85 63.73 31.08
N GLN A 310 9.57 63.76 31.43
CA GLN A 310 8.72 62.58 31.26
C GLN A 310 8.86 62.04 29.84
N GLN A 311 8.81 62.92 28.84
CA GLN A 311 9.04 62.49 27.46
C GLN A 311 10.45 62.00 27.22
N ARG A 312 11.42 62.64 27.85
CA ARG A 312 12.80 62.24 27.65
C ARG A 312 12.98 60.84 28.20
N VAL A 313 12.43 60.59 29.39
CA VAL A 313 12.71 59.32 30.06
C VAL A 313 12.07 58.19 29.32
N ILE A 314 10.88 58.44 28.76
CA ILE A 314 10.22 57.47 27.88
C ILE A 314 11.09 57.14 26.66
N ARG A 315 11.59 58.17 25.98
CA ARG A 315 12.34 57.95 24.74
C ARG A 315 13.66 57.26 24.98
N ARG A 316 14.29 57.51 26.13
CA ARG A 316 15.53 56.82 26.49
C ARG A 316 15.17 55.36 26.75
N ALA A 317 14.08 55.13 27.48
CA ALA A 317 13.63 53.76 27.82
C ALA A 317 13.33 52.96 26.57
N LEU A 318 12.65 53.58 25.63
CA LEU A 318 12.33 52.95 24.37
C LEU A 318 13.58 52.63 23.59
N GLU A 319 14.52 53.56 23.55
CA GLU A 319 15.74 53.32 22.80
C GLU A 319 16.47 52.11 23.32
N ASN A 320 16.49 51.96 24.64
CA ASN A 320 17.26 50.89 25.28
C ASN A 320 16.61 49.56 25.08
N ALA A 321 15.29 49.59 24.98
CA ALA A 321 14.52 48.40 24.74
C ALA A 321 14.66 47.99 23.28
N GLY A 322 14.87 48.95 22.40
CA GLY A 322 14.96 48.69 20.98
C GLY A 322 13.57 48.39 20.48
N VAL A 323 12.66 49.29 20.81
CA VAL A 323 11.25 49.12 20.58
C VAL A 323 10.75 50.46 20.08
N ARG A 324 9.84 50.48 19.12
CA ARG A 324 9.27 51.75 18.72
C ARG A 324 8.05 52.12 19.54
N ALA A 325 7.86 53.41 19.76
CA ALA A 325 6.69 53.89 20.48
C ALA A 325 5.44 53.22 19.95
N GLY A 326 5.39 53.09 18.63
CA GLY A 326 4.26 52.50 17.96
C GLY A 326 4.00 51.07 18.34
N ASP A 327 5.01 50.38 18.84
CA ASP A 327 4.94 48.95 19.16
C ASP A 327 4.41 48.61 20.55
N VAL A 328 4.06 49.62 21.34
CA VAL A 328 3.62 49.43 22.72
C VAL A 328 2.13 49.74 22.87
N ASP A 329 1.35 48.77 23.32
CA ASP A 329 -0.12 48.88 23.34
C ASP A 329 -0.76 49.41 24.64
N TYR A 330 -0.05 49.28 25.76
CA TYR A 330 -0.56 49.70 27.07
C TYR A 330 0.53 50.41 27.88
N VAL A 331 0.16 51.46 28.61
CA VAL A 331 1.06 52.03 29.59
C VAL A 331 0.41 52.09 30.98
N GLU A 332 1.10 51.56 31.99
CA GLU A 332 0.70 51.74 33.39
C GLU A 332 1.18 53.08 33.79
N ALA A 333 0.36 54.09 33.59
CA ALA A 333 0.78 55.44 33.86
C ALA A 333 0.97 55.57 35.35
N HIS A 334 1.79 56.54 35.73
CA HIS A 334 1.92 56.89 37.14
C HIS A 334 0.50 57.20 37.68
N GLY A 335 -0.25 58.08 37.02
CA GLY A 335 -1.63 58.34 37.37
C GLY A 335 -2.00 58.30 38.84
N THR A 336 -1.69 59.37 39.55
CA THR A 336 -2.02 59.44 40.96
C THR A 336 -3.23 60.30 41.27
N GLY A 337 -3.87 60.85 40.25
CA GLY A 337 -5.08 61.65 40.47
C GLY A 337 -4.84 63.07 40.98
N THR A 338 -3.65 63.61 40.70
CA THR A 338 -3.29 64.97 41.10
C THR A 338 -3.77 65.95 40.07
N ARG A 339 -4.34 67.07 40.50
CA ARG A 339 -4.86 68.01 39.53
C ARG A 339 -3.77 68.52 38.58
N LEU A 340 -2.62 68.86 39.14
CA LEU A 340 -1.51 69.39 38.33
C LEU A 340 -0.79 68.34 37.50
N GLY A 341 -0.42 67.24 38.16
CA GLY A 341 0.31 66.12 37.57
C GLY A 341 -0.37 65.27 36.50
N ASP A 342 -1.66 65.03 36.63
CA ASP A 342 -2.35 64.17 35.64
C ASP A 342 -2.25 64.71 34.18
N PRO A 343 -2.71 65.95 33.92
CA PRO A 343 -2.56 66.51 32.57
C PRO A 343 -1.15 66.47 32.00
N ILE A 344 -0.15 66.76 32.84
CA ILE A 344 1.24 66.78 32.40
C ILE A 344 1.68 65.42 31.92
N GLU A 345 1.28 64.36 32.62
CA GLU A 345 1.57 62.98 32.16
C GLU A 345 0.86 62.61 30.87
N VAL A 346 -0.45 62.90 30.77
CA VAL A 346 -1.20 62.57 29.55
C VAL A 346 -0.68 63.34 28.34
N HIS A 347 -0.31 64.61 28.51
CA HIS A 347 0.26 65.36 27.40
C HIS A 347 1.58 64.74 26.98
N ALA A 348 2.43 64.42 27.95
CA ALA A 348 3.74 63.81 27.65
C ALA A 348 3.66 62.45 26.97
N LEU A 349 2.60 61.70 27.26
CA LEU A 349 2.34 60.42 26.60
C LEU A 349 1.82 60.65 25.20
N LEU A 350 0.99 61.67 25.05
CA LEU A 350 0.38 62.04 23.77
C LEU A 350 1.40 62.38 22.71
N SER A 351 2.46 63.07 23.11
CA SER A 351 3.52 63.52 22.19
C SER A 351 4.71 62.52 22.08
N THR A 352 4.66 61.42 22.82
CA THR A 352 5.60 60.31 22.64
C THR A 352 4.87 59.17 21.92
N TYR A 353 4.01 58.45 22.65
CA TYR A 353 3.35 57.28 22.09
C TYR A 353 2.23 57.69 21.11
N GLY A 354 1.40 58.63 21.55
CA GLY A 354 0.25 59.12 20.77
C GLY A 354 0.58 59.96 19.54
N ALA A 355 1.85 60.32 19.38
CA ALA A 355 2.36 60.88 18.14
C ALA A 355 2.43 59.83 17.03
N GLU A 356 2.83 58.62 17.42
CA GLU A 356 3.08 57.53 16.48
C GLU A 356 1.89 56.60 16.20
N ARG A 357 0.66 57.12 16.32
CA ARG A 357 -0.52 56.29 16.06
C ARG A 357 -1.47 57.08 15.21
N ASP A 358 -2.23 56.38 14.37
CA ASP A 358 -3.46 56.99 13.84
C ASP A 358 -4.55 56.79 14.91
N PRO A 359 -5.51 57.74 15.00
CA PRO A 359 -6.54 57.74 16.06
C PRO A 359 -7.28 56.41 16.15
N ASP A 360 -7.71 55.89 14.99
CA ASP A 360 -8.30 54.56 14.88
C ASP A 360 -7.84 53.56 15.97
N ASP A 361 -6.53 53.52 16.26
CA ASP A 361 -5.95 52.57 17.23
C ASP A 361 -5.02 53.28 18.21
N PRO A 362 -5.51 53.61 19.42
CA PRO A 362 -4.79 54.46 20.34
C PRO A 362 -4.02 53.67 21.38
N LEU A 363 -3.12 54.35 22.10
CA LEU A 363 -2.41 53.80 23.26
C LEU A 363 -3.38 53.71 24.40
N TRP A 364 -3.35 52.64 25.16
CA TRP A 364 -4.26 52.50 26.28
C TRP A 364 -3.51 52.76 27.57
N ILE A 365 -4.21 53.34 28.54
CA ILE A 365 -3.61 53.90 29.73
C ILE A 365 -4.36 53.46 30.96
N GLY A 366 -3.62 53.13 32.02
CA GLY A 366 -4.25 52.82 33.30
C GLY A 366 -3.36 53.04 34.50
N SER A 367 -3.92 52.81 35.67
CA SER A 367 -3.21 53.01 36.90
C SER A 367 -3.86 52.20 38.00
N VAL A 368 -3.14 51.19 38.49
CA VAL A 368 -3.57 50.43 39.66
C VAL A 368 -3.87 51.29 40.87
N LYS A 369 -3.22 52.45 40.96
CA LYS A 369 -3.41 53.30 42.10
C LYS A 369 -4.88 53.58 42.33
N SER A 370 -5.71 53.33 41.32
CA SER A 370 -7.19 53.40 41.45
C SER A 370 -7.83 52.23 42.21
N ASN A 371 -7.07 51.13 42.31
CA ASN A 371 -7.50 49.99 43.12
C ASN A 371 -6.95 50.03 44.52
N ILE A 372 -5.65 50.24 44.64
CA ILE A 372 -4.95 50.11 45.92
C ILE A 372 -4.34 51.41 46.43
N GLY A 373 -4.39 52.45 45.63
CA GLY A 373 -3.85 53.71 46.06
C GLY A 373 -2.40 53.87 45.75
N HIS A 374 -1.87 55.00 46.18
CA HIS A 374 -0.51 55.38 45.90
C HIS A 374 0.40 54.73 46.91
N THR A 375 1.02 53.67 46.44
CA THR A 375 1.73 52.74 47.29
C THR A 375 3.23 53.15 47.42
N GLN A 376 3.50 54.40 47.06
CA GLN A 376 4.75 55.09 47.32
C GLN A 376 5.97 54.34 46.79
N ALA A 377 6.96 54.01 47.64
CA ALA A 377 8.21 53.43 47.13
C ALA A 377 8.00 52.07 46.45
N ALA A 378 6.89 51.41 46.74
CA ALA A 378 6.51 50.16 46.11
C ALA A 378 5.74 50.38 44.82
N ALA A 379 5.05 51.52 44.71
CA ALA A 379 4.32 51.88 43.48
C ALA A 379 5.23 51.71 42.32
N GLY A 380 4.76 51.18 41.22
CA GLY A 380 5.73 50.95 40.14
C GLY A 380 6.32 49.55 40.22
N VAL A 381 6.64 49.05 41.41
CA VAL A 381 6.70 47.59 41.49
C VAL A 381 5.26 47.08 41.35
N ALA A 382 4.32 47.69 42.05
CA ALA A 382 2.91 47.42 41.87
C ALA A 382 2.50 47.58 40.41
N GLY A 383 3.00 48.62 39.75
CA GLY A 383 2.76 48.82 38.32
C GLY A 383 3.28 47.73 37.38
N VAL A 384 4.53 47.33 37.55
CA VAL A 384 5.09 46.28 36.70
C VAL A 384 4.36 44.95 36.93
N MSE A 385 3.97 44.68 38.17
CA MSE A 385 3.21 43.50 38.41
C MSE A 385 1.85 43.53 37.68
O MSE A 385 1.45 42.53 37.09
CB MSE A 385 3.04 43.31 39.90
CG MSE A 385 4.36 43.16 40.60
SE MSE A 385 4.26 42.08 42.26
CE MSE A 385 2.91 40.66 41.71
N LYS A 386 1.13 44.64 37.71
CA LYS A 386 -0.12 44.68 36.98
C LYS A 386 0.13 44.42 35.49
N ALA A 387 1.20 44.97 34.93
CA ALA A 387 1.47 44.80 33.51
C ALA A 387 1.87 43.36 33.19
N VAL A 388 2.74 42.76 34.00
CA VAL A 388 3.16 41.38 33.75
C VAL A 388 1.95 40.47 33.78
N LEU A 389 1.15 40.57 34.85
CA LEU A 389 -0.10 39.80 34.98
C LEU A 389 -1.08 40.02 33.82
N ALA A 390 -1.24 41.27 33.39
CA ALA A 390 -2.13 41.62 32.28
C ALA A 390 -1.67 40.99 30.99
N LEU A 391 -0.36 40.98 30.75
CA LEU A 391 0.15 40.30 29.59
C LEU A 391 -0.19 38.83 29.65
N ARG A 392 -0.18 38.23 30.84
CA ARG A 392 -0.40 36.77 30.95
C ARG A 392 -1.82 36.38 30.81
N HIS A 393 -2.75 37.15 31.36
CA HIS A 393 -4.16 36.84 31.21
C HIS A 393 -4.75 37.54 29.99
N GLY A 394 -3.92 38.21 29.21
CA GLY A 394 -4.42 38.90 28.05
C GLY A 394 -5.57 39.84 28.33
N GLU A 395 -5.49 40.61 29.39
CA GLU A 395 -6.56 41.56 29.70
C GLU A 395 -6.06 42.87 30.33
N MSE A 396 -6.68 43.98 29.93
CA MSE A 396 -6.42 45.28 30.51
C MSE A 396 -7.53 45.59 31.49
O MSE A 396 -8.65 45.84 31.11
CB MSE A 396 -6.37 46.35 29.43
CG MSE A 396 -5.39 46.06 28.30
SE MSE A 396 -5.19 47.48 26.90
CE MSE A 396 -4.59 46.28 25.40
N PRO A 397 -7.23 45.56 32.77
CA PRO A 397 -8.31 45.78 33.69
C PRO A 397 -8.81 47.22 33.69
N ARG A 398 -10.04 47.38 34.16
CA ARG A 398 -10.74 48.67 34.37
C ARG A 398 -9.96 49.67 35.25
N THR A 399 -9.72 50.90 34.79
CA THR A 399 -9.22 51.91 35.72
C THR A 399 -10.45 52.53 36.39
N LEU A 400 -10.53 52.38 37.72
CA LEU A 400 -11.71 52.80 38.50
C LEU A 400 -11.92 54.29 38.60
N HIS A 401 -13.08 54.67 39.09
CA HIS A 401 -13.41 56.05 39.45
C HIS A 401 -13.45 57.04 38.28
N PHE A 402 -13.48 56.54 37.06
CA PHE A 402 -13.46 57.39 35.88
C PHE A 402 -14.81 58.05 35.62
N ASP A 403 -15.10 59.13 36.34
CA ASP A 403 -16.28 59.99 36.12
C ASP A 403 -16.43 60.29 34.63
N GLU A 404 -15.76 61.37 34.22
CA GLU A 404 -15.64 61.75 32.83
C GLU A 404 -14.15 61.97 32.72
N PRO A 405 -13.59 61.95 31.49
CA PRO A 405 -12.22 62.41 31.24
C PRO A 405 -12.04 63.83 31.72
N SER A 406 -10.85 64.16 32.20
CA SER A 406 -10.62 65.48 32.76
C SER A 406 -10.80 66.55 31.68
N PRO A 407 -11.53 67.61 31.98
CA PRO A 407 -11.59 68.69 31.01
C PRO A 407 -10.32 69.54 31.00
N GLN A 408 -9.34 69.21 31.83
CA GLN A 408 -8.07 69.97 31.91
C GLN A 408 -6.96 69.33 31.07
N ILE A 409 -7.24 68.16 30.51
CA ILE A 409 -6.30 67.41 29.66
C ILE A 409 -6.76 67.57 28.24
N GLU A 410 -5.83 67.54 27.28
CA GLU A 410 -6.16 67.89 25.91
C GLU A 410 -6.03 66.68 25.01
N TRP A 411 -7.10 65.89 24.97
CA TRP A 411 -7.05 64.57 24.37
C TRP A 411 -7.00 64.57 22.84
N ALA A 415 -5.55 58.31 19.34
CA ALA A 415 -4.23 58.20 19.98
C ALA A 415 -4.30 58.59 21.44
N VAL A 416 -3.89 57.68 22.32
CA VAL A 416 -4.00 57.79 23.81
C VAL A 416 -5.40 57.88 24.47
N SER A 417 -5.90 56.73 24.96
CA SER A 417 -7.16 56.66 25.71
C SER A 417 -7.01 55.88 27.03
N VAL A 418 -7.84 56.26 28.00
CA VAL A 418 -7.88 55.62 29.31
C VAL A 418 -8.78 54.41 29.22
N VAL A 419 -8.31 53.26 29.66
CA VAL A 419 -9.17 52.07 29.73
C VAL A 419 -10.10 52.18 30.94
N SER A 420 -11.39 52.28 30.63
CA SER A 420 -12.43 52.63 31.59
C SER A 420 -13.44 51.51 31.73
N GLN A 421 -13.40 50.56 30.82
CA GLN A 421 -14.12 49.31 30.95
C GLN A 421 -13.18 48.22 30.45
N ALA A 422 -13.19 47.08 31.12
CA ALA A 422 -12.15 46.07 30.96
C ALA A 422 -12.01 45.62 29.51
N ARG A 423 -10.99 46.12 28.84
CA ARG A 423 -10.74 45.72 27.49
C ARG A 423 -9.95 44.43 27.55
N SER A 424 -9.78 43.77 26.39
CA SER A 424 -9.03 42.53 26.33
C SER A 424 -7.93 42.62 25.30
N TRP A 425 -6.91 41.81 25.48
CA TRP A 425 -5.60 42.05 24.86
C TRP A 425 -5.03 40.73 24.34
N PRO A 426 -5.48 40.30 23.15
CA PRO A 426 -5.12 38.94 22.70
C PRO A 426 -3.68 38.85 22.14
N ALA A 427 -3.05 37.68 22.30
CA ALA A 427 -1.70 37.43 21.75
C ALA A 427 -1.67 37.25 20.19
N GLY A 428 -1.51 38.36 19.46
CA GLY A 428 -1.53 38.36 17.97
C GLY A 428 -0.19 38.10 17.27
N GLU A 429 -0.08 38.55 16.01
CA GLU A 429 1.19 38.44 15.24
C GLU A 429 2.37 39.19 15.88
N ARG A 430 2.12 40.38 16.45
CA ARG A 430 3.12 41.10 17.27
C ARG A 430 3.22 40.55 18.67
N PRO A 431 4.44 40.53 19.25
CA PRO A 431 4.54 40.40 20.69
C PRO A 431 4.00 41.66 21.30
N ARG A 432 3.17 41.55 22.34
CA ARG A 432 2.57 42.71 22.98
C ARG A 432 3.56 43.23 23.97
N ARG A 433 3.56 44.54 24.19
CA ARG A 433 4.37 45.11 25.26
C ARG A 433 3.69 46.27 25.98
N ALA A 434 4.20 46.59 27.16
CA ALA A 434 3.69 47.66 27.98
C ALA A 434 4.85 48.55 28.40
N GLY A 435 4.52 49.81 28.68
CA GLY A 435 5.39 50.70 29.44
C GLY A 435 4.80 50.86 30.84
N VAL A 436 5.65 51.19 31.79
CA VAL A 436 5.22 51.42 33.14
C VAL A 436 6.03 52.61 33.56
N SER A 437 5.38 53.74 33.83
CA SER A 437 6.12 54.87 34.37
C SER A 437 5.83 55.07 35.85
N SER A 438 6.82 55.62 36.57
CA SER A 438 6.58 56.19 37.90
C SER A 438 7.55 57.34 38.10
N PHE A 439 7.03 58.39 38.72
CA PHE A 439 7.72 59.67 38.81
C PHE A 439 7.85 60.14 40.26
N GLY A 440 9.06 60.53 40.62
CA GLY A 440 9.40 60.78 42.02
C GLY A 440 9.14 62.21 42.46
N ILE A 441 8.69 62.37 43.71
CA ILE A 441 8.39 63.68 44.22
C ILE A 441 9.66 64.53 44.33
N SER A 442 10.83 63.93 44.47
CA SER A 442 12.08 64.70 44.32
C SER A 442 12.54 64.87 42.86
N GLY A 443 11.69 64.58 41.89
CA GLY A 443 12.02 64.87 40.49
C GLY A 443 12.79 63.81 39.70
N THR A 444 13.01 62.64 40.27
CA THR A 444 13.70 61.57 39.57
C THR A 444 12.69 60.62 38.93
N ASN A 445 12.74 60.52 37.59
CA ASN A 445 11.76 59.77 36.82
C ASN A 445 12.31 58.44 36.29
N ALA A 446 11.41 57.43 36.20
CA ALA A 446 11.72 56.12 35.59
C ALA A 446 10.61 55.61 34.68
N HIS A 447 11.02 54.92 33.62
CA HIS A 447 10.10 54.24 32.72
C HIS A 447 10.80 52.94 32.30
N VAL A 448 10.00 51.90 32.13
CA VAL A 448 10.52 50.59 31.88
C VAL A 448 9.61 49.90 30.88
N ILE A 449 10.16 48.98 30.12
CA ILE A 449 9.40 48.42 29.03
C ILE A 449 9.31 46.91 29.13
N VAL A 450 8.09 46.40 29.13
CA VAL A 450 7.81 45.03 29.51
C VAL A 450 7.15 44.27 28.40
N GLU A 451 7.73 43.13 28.04
CA GLU A 451 7.25 42.36 26.91
C GLU A 451 6.68 41.02 27.39
N GLU A 452 5.71 40.50 26.63
CA GLU A 452 5.12 39.22 26.95
C GLU A 452 6.21 38.15 26.89
N ALA A 453 5.97 37.07 27.64
CA ALA A 453 6.90 35.96 27.72
C ALA A 453 6.94 35.22 26.40
N PRO A 454 8.16 34.80 25.98
CA PRO A 454 8.35 34.23 24.65
C PRO A 454 7.95 32.74 24.61
N GLU A 455 8.18 32.09 23.45
CA GLU A 455 7.72 30.71 23.21
C GLU A 455 8.41 29.63 24.04
N ALA A 456 7.63 28.95 24.88
CA ALA A 456 8.10 27.79 25.65
C ALA A 456 7.47 26.50 25.07
N ASP A 457 8.13 25.38 25.37
CA ASP A 457 7.56 24.03 25.16
C ASP A 457 8.51 22.95 25.69
N GLY A 466 1.49 5.62 37.76
CA GLY A 466 1.47 4.94 39.06
C GLY A 466 1.21 5.84 40.26
N PRO A 467 1.29 5.29 41.50
CA PRO A 467 1.34 6.10 42.73
C PRO A 467 2.65 6.81 42.83
N VAL A 468 2.69 7.87 43.64
CA VAL A 468 3.84 8.75 43.74
C VAL A 468 4.07 9.19 45.17
N PRO A 469 5.35 9.35 45.59
CA PRO A 469 5.65 9.88 46.93
C PRO A 469 5.75 11.40 47.01
N LEU A 470 4.85 12.01 47.78
CA LEU A 470 4.85 13.46 48.02
C LEU A 470 5.46 13.71 49.39
N VAL A 471 6.52 14.50 49.43
CA VAL A 471 7.26 14.76 50.66
C VAL A 471 7.06 16.21 51.00
N LEU A 472 7.07 16.52 52.30
CA LEU A 472 6.84 17.88 52.72
C LEU A 472 7.16 18.12 54.18
N SER A 473 7.38 19.39 54.49
CA SER A 473 7.96 19.76 55.76
C SER A 473 7.63 21.20 56.17
N GLY A 474 7.77 21.48 57.46
CA GLY A 474 7.57 22.80 58.02
C GLY A 474 8.46 22.91 59.24
N ARG A 475 8.86 24.13 59.59
CA ARG A 475 9.70 24.35 60.77
C ARG A 475 8.93 24.01 62.05
N ASP A 476 7.61 24.00 62.01
CA ASP A 476 6.86 23.38 63.10
C ASP A 476 5.77 22.46 62.56
N GLU A 477 4.99 21.89 63.46
CA GLU A 477 4.02 20.89 63.10
C GLU A 477 2.88 21.55 62.35
N GLN A 478 2.38 22.63 62.94
CA GLN A 478 1.36 23.45 62.28
C GLN A 478 1.76 23.87 60.84
N ALA A 479 3.03 24.16 60.58
CA ALA A 479 3.43 24.59 59.23
C ALA A 479 3.39 23.43 58.27
N MSE A 480 3.86 22.28 58.71
CA MSE A 480 3.78 21.08 57.93
C MSE A 480 2.35 20.73 57.56
O MSE A 480 2.09 20.35 56.44
CB MSE A 480 4.39 19.93 58.71
CG MSE A 480 4.21 18.54 58.09
SE MSE A 480 4.37 17.16 59.46
CE MSE A 480 2.56 17.32 60.21
N ARG A 481 1.44 20.83 58.52
CA ARG A 481 0.05 20.49 58.24
C ARG A 481 -0.57 21.48 57.30
N ALA A 482 -0.26 22.74 57.51
CA ALA A 482 -0.70 23.80 56.63
C ALA A 482 -0.12 23.60 55.24
N GLN A 483 1.15 23.25 55.17
CA GLN A 483 1.78 22.93 53.90
C GLN A 483 0.97 21.84 53.15
N ALA A 484 0.49 20.84 53.89
CA ALA A 484 -0.25 19.76 53.28
C ALA A 484 -1.62 20.24 52.80
N GLY A 485 -2.22 21.14 53.54
CA GLY A 485 -3.51 21.66 53.16
C GLY A 485 -3.43 22.44 51.87
N ARG A 486 -2.35 23.16 51.71
CA ARG A 486 -2.14 23.95 50.52
C ARG A 486 -1.83 23.10 49.34
N LEU A 487 -1.19 21.97 49.58
CA LEU A 487 -0.92 21.06 48.52
C LEU A 487 -2.17 20.37 48.05
N ALA A 488 -3.02 20.02 48.99
CA ALA A 488 -4.22 19.32 48.65
C ALA A 488 -5.04 20.23 47.79
N ASP A 489 -5.14 21.47 48.20
CA ASP A 489 -5.94 22.41 47.45
C ASP A 489 -5.34 22.52 46.08
N HIS A 490 -4.06 22.80 46.01
CA HIS A 490 -3.42 23.01 44.73
C HIS A 490 -3.59 21.83 43.82
N LEU A 491 -3.60 20.64 44.38
CA LEU A 491 -3.65 19.47 43.56
C LEU A 491 -5.08 19.26 43.12
N ALA A 492 -6.01 19.56 44.00
CA ALA A 492 -7.42 19.45 43.68
C ALA A 492 -7.86 20.42 42.58
N ARG A 493 -7.40 21.67 42.65
CA ARG A 493 -7.90 22.73 41.79
C ARG A 493 -7.27 22.80 40.44
N GLU A 494 -6.02 22.40 40.34
CA GLU A 494 -5.34 22.54 39.08
C GLU A 494 -4.88 21.17 38.58
N PRO A 495 -5.78 20.42 37.93
CA PRO A 495 -5.53 19.05 37.55
C PRO A 495 -4.57 18.88 36.40
N ARG A 496 -4.30 19.93 35.66
CA ARG A 496 -3.32 19.88 34.59
C ARG A 496 -1.90 19.60 35.12
N ASN A 497 -1.59 20.00 36.34
CA ASN A 497 -0.30 19.68 36.91
C ASN A 497 -0.20 18.22 37.32
N SER A 498 0.57 17.48 36.55
CA SER A 498 0.93 16.10 36.83
C SER A 498 1.31 15.89 38.32
N LEU A 499 0.88 14.78 38.87
CA LEU A 499 1.29 14.36 40.20
C LEU A 499 2.77 14.01 40.25
N ARG A 500 3.27 13.38 39.19
CA ARG A 500 4.68 13.03 39.15
C ARG A 500 5.54 14.26 39.21
N ASP A 501 5.21 15.27 38.41
CA ASP A 501 5.95 16.53 38.42
C ASP A 501 5.82 17.22 39.76
N THR A 502 4.65 17.12 40.38
CA THR A 502 4.45 17.67 41.70
C THR A 502 5.37 17.03 42.73
N GLY A 503 5.49 15.71 42.66
CA GLY A 503 6.35 14.98 43.57
C GLY A 503 7.79 15.38 43.38
N PHE A 504 8.22 15.42 42.13
CA PHE A 504 9.57 15.85 41.79
C PHE A 504 9.96 17.22 42.33
N THR A 505 9.07 18.21 42.17
CA THR A 505 9.29 19.59 42.65
C THR A 505 9.38 19.60 44.18
N LEU A 506 8.48 18.90 44.84
CA LEU A 506 8.53 18.86 46.31
C LEU A 506 9.85 18.29 46.83
N ALA A 507 10.45 17.40 46.04
CA ALA A 507 11.58 16.61 46.52
C ALA A 507 12.85 17.27 46.18
N THR A 508 12.84 18.07 45.12
CA THR A 508 14.07 18.65 44.59
C THR A 508 14.10 20.16 44.63
N ARG A 509 12.98 20.81 44.93
CA ARG A 509 12.92 22.28 44.88
C ARG A 509 12.27 22.91 46.11
N ARG A 510 12.31 22.20 47.24
CA ARG A 510 11.75 22.71 48.49
C ARG A 510 12.61 22.25 49.65
N SER A 511 12.81 23.15 50.60
CA SER A 511 13.66 22.92 51.74
C SER A 511 13.07 21.80 52.61
N ALA A 512 13.94 21.07 53.31
CA ALA A 512 13.56 19.92 54.10
C ALA A 512 13.55 20.29 55.57
N TRP A 513 12.44 20.81 56.04
CA TRP A 513 12.41 21.32 57.40
C TRP A 513 12.24 20.21 58.45
N GLU A 514 12.14 20.58 59.72
CA GLU A 514 12.14 19.61 60.81
C GLU A 514 10.92 18.68 60.80
N HIS A 515 9.70 19.23 60.76
CA HIS A 515 8.52 18.38 60.81
C HIS A 515 8.15 17.93 59.40
N ARG A 516 8.18 16.62 59.14
CA ARG A 516 8.01 16.11 57.78
C ARG A 516 6.85 15.13 57.65
N ALA A 517 6.21 15.17 56.49
CA ALA A 517 5.21 14.17 56.14
C ALA A 517 5.50 13.60 54.75
N VAL A 518 5.20 12.32 54.58
CA VAL A 518 5.27 11.70 53.28
C VAL A 518 3.96 11.00 52.95
N VAL A 519 3.42 11.27 51.75
CA VAL A 519 2.16 10.70 51.33
C VAL A 519 2.43 10.01 50.02
N VAL A 520 1.99 8.76 49.93
CA VAL A 520 2.16 7.95 48.76
C VAL A 520 0.79 7.51 48.27
N GLY A 521 0.55 7.71 46.99
CA GLY A 521 -0.65 7.22 46.38
C GLY A 521 -0.79 7.76 45.00
N ASP A 522 -1.76 7.22 44.27
CA ASP A 522 -2.21 7.83 43.05
C ASP A 522 -2.85 9.16 43.47
N ARG A 523 -3.43 9.88 42.53
CA ARG A 523 -3.88 11.24 42.82
C ARG A 523 -5.01 11.27 43.84
N ASP A 524 -6.08 10.53 43.60
CA ASP A 524 -7.15 10.49 44.58
C ASP A 524 -6.79 10.15 46.01
N GLU A 525 -5.76 9.34 46.17
CA GLU A 525 -5.41 8.92 47.49
C GLU A 525 -4.33 9.80 48.10
N ALA A 526 -3.57 10.46 47.23
CA ALA A 526 -2.66 11.52 47.67
C ALA A 526 -3.52 12.67 48.20
N LEU A 527 -4.62 12.99 47.53
CA LEU A 527 -5.50 14.00 48.05
C LEU A 527 -5.99 13.62 49.42
N ALA A 528 -6.53 12.42 49.55
CA ALA A 528 -7.13 12.03 50.81
C ALA A 528 -6.12 11.96 51.97
N GLY A 529 -4.91 11.50 51.68
CA GLY A 529 -3.84 11.43 52.67
C GLY A 529 -3.39 12.82 53.06
N LEU A 530 -3.14 13.66 52.05
CA LEU A 530 -2.78 15.06 52.24
C LEU A 530 -3.75 15.78 53.16
N ARG A 531 -5.05 15.56 52.95
CA ARG A 531 -6.08 16.24 53.69
C ARG A 531 -6.14 15.79 55.11
N ALA A 532 -5.64 14.57 55.35
CA ALA A 532 -5.63 13.95 56.65
C ALA A 532 -4.52 14.55 57.44
N VAL A 533 -3.34 14.51 56.85
CA VAL A 533 -2.18 15.11 57.48
C VAL A 533 -2.54 16.55 57.82
N ALA A 534 -3.32 17.20 56.97
CA ALA A 534 -3.69 18.58 57.23
C ALA A 534 -4.60 18.66 58.46
N ASP A 535 -5.37 17.62 58.74
CA ASP A 535 -6.34 17.66 59.82
C ASP A 535 -5.86 17.01 61.10
N GLY A 536 -4.61 16.54 61.10
CA GLY A 536 -4.09 15.84 62.27
C GLY A 536 -4.65 14.45 62.42
N ARG A 537 -4.99 13.83 61.30
CA ARG A 537 -5.54 12.51 61.29
C ARG A 537 -4.55 11.66 60.55
N ILE A 538 -4.82 10.36 60.45
CA ILE A 538 -3.91 9.48 59.72
C ILE A 538 -4.60 8.73 58.61
N ALA A 539 -3.81 8.35 57.61
CA ALA A 539 -4.29 7.52 56.52
C ALA A 539 -3.23 6.46 56.22
N ASP A 540 -3.61 5.45 55.44
CA ASP A 540 -2.62 4.47 54.96
C ASP A 540 -1.63 5.16 53.96
N ARG A 541 -0.39 4.69 53.98
CA ARG A 541 0.72 5.25 53.19
C ARG A 541 0.95 6.73 53.44
N THR A 542 0.91 7.07 54.73
CA THR A 542 1.10 8.41 55.21
C THR A 542 2.00 8.33 56.42
N ALA A 543 3.22 8.83 56.28
CA ALA A 543 4.14 8.91 57.40
C ALA A 543 4.31 10.37 57.86
N THR A 544 4.58 10.54 59.14
CA THR A 544 4.70 11.84 59.77
C THR A 544 5.90 11.75 60.76
N GLY A 545 6.78 12.74 60.83
CA GLY A 545 7.91 12.66 61.80
C GLY A 545 8.52 13.98 62.26
N GLN A 546 9.46 13.93 63.20
CA GLN A 546 10.35 15.07 63.49
C GLN A 546 11.70 14.59 63.08
N ALA A 547 12.41 15.41 62.32
CA ALA A 547 13.70 14.99 61.79
C ALA A 547 14.81 15.33 62.77
N ARG A 548 15.77 14.42 62.84
CA ARG A 548 17.04 14.65 63.47
C ARG A 548 18.09 14.20 62.48
N THR A 549 19.24 14.84 62.54
CA THR A 549 20.42 14.34 61.89
C THR A 549 20.79 13.01 62.57
N ARG A 550 20.97 11.99 61.75
CA ARG A 550 21.19 10.66 62.26
C ARG A 550 22.54 10.23 61.75
N ARG A 551 23.46 10.02 62.66
CA ARG A 551 24.80 9.59 62.27
C ARG A 551 24.90 8.07 62.43
N GLY A 552 24.73 7.37 61.31
CA GLY A 552 24.89 5.92 61.29
C GLY A 552 23.59 5.20 61.07
N VAL A 553 23.40 4.75 59.84
CA VAL A 553 22.34 3.79 59.52
C VAL A 553 22.88 2.38 59.75
N ALA A 554 22.18 1.59 60.57
CA ALA A 554 22.52 0.19 60.79
C ALA A 554 21.45 -0.69 60.16
N MSE A 555 21.80 -1.44 59.13
CA MSE A 555 20.84 -2.34 58.54
C MSE A 555 20.80 -3.68 59.27
O MSE A 555 21.85 -4.29 59.47
CB MSE A 555 21.14 -2.54 57.09
CG MSE A 555 20.87 -1.33 56.31
SE MSE A 555 21.29 -1.68 54.48
CE MSE A 555 20.32 -0.25 53.69
N VAL A 556 19.59 -4.12 59.63
CA VAL A 556 19.31 -5.38 60.35
C VAL A 556 18.73 -6.43 59.41
N PHE A 557 19.33 -7.62 59.36
CA PHE A 557 18.87 -8.71 58.49
C PHE A 557 18.38 -9.91 59.29
N PRO A 558 17.08 -10.11 59.31
CA PRO A 558 16.47 -11.19 60.08
C PRO A 558 16.43 -12.54 59.37
N GLY A 559 15.88 -13.55 60.05
CA GLY A 559 15.81 -14.93 59.52
C GLY A 559 14.38 -15.39 59.26
N GLN A 560 14.01 -16.57 59.80
CA GLN A 560 12.62 -17.10 59.66
C GLN A 560 11.58 -16.13 60.25
N GLY A 561 10.35 -16.25 59.74
CA GLY A 561 9.23 -15.32 60.09
C GLY A 561 9.05 -14.21 59.06
N ALA A 562 10.14 -13.81 58.42
CA ALA A 562 10.14 -12.71 57.47
C ALA A 562 9.56 -13.06 56.08
N GLN A 563 9.15 -14.32 55.86
CA GLN A 563 8.75 -14.75 54.53
C GLN A 563 7.25 -14.82 54.47
N TRP A 564 6.74 -14.52 53.28
CA TRP A 564 5.36 -14.77 52.91
C TRP A 564 5.35 -15.24 51.43
N GLN A 565 4.26 -15.90 51.03
CA GLN A 565 4.22 -16.58 49.73
C GLN A 565 4.32 -15.64 48.51
N GLY A 566 3.81 -14.43 48.67
CA GLY A 566 3.93 -13.42 47.62
C GLY A 566 5.36 -12.94 47.42
N MSE A 567 5.93 -12.41 48.50
CA MSE A 567 7.26 -11.82 48.50
C MSE A 567 7.71 -11.32 47.17
O MSE A 567 8.20 -12.09 46.35
CB MSE A 567 8.31 -12.82 48.95
CG MSE A 567 8.45 -13.00 50.41
SE MSE A 567 10.17 -13.70 50.92
CE MSE A 567 10.65 -14.78 49.46
N ALA A 568 7.58 -10.04 46.95
CA ALA A 568 8.31 -9.40 45.86
C ALA A 568 7.75 -9.65 44.44
N ARG A 569 6.67 -10.43 44.30
CA ARG A 569 6.06 -10.57 42.99
C ARG A 569 5.84 -9.18 42.41
N ASP A 570 5.08 -8.35 43.14
CA ASP A 570 4.80 -6.94 42.77
C ASP A 570 6.07 -6.10 42.51
N LEU A 571 7.02 -6.16 43.45
CA LEU A 571 8.24 -5.36 43.42
C LEU A 571 9.19 -5.79 42.32
N LEU A 572 9.11 -7.06 41.95
CA LEU A 572 9.93 -7.62 40.88
C LEU A 572 9.51 -6.97 39.56
N ARG A 573 8.21 -6.70 39.42
CA ARG A 573 7.65 -6.01 38.24
C ARG A 573 7.90 -4.49 38.24
N GLU A 574 7.89 -3.88 39.42
CA GLU A 574 7.90 -2.40 39.53
C GLU A 574 9.28 -1.73 39.74
N SER A 575 10.35 -2.50 39.98
CA SER A 575 11.65 -1.92 40.32
C SER A 575 12.78 -2.63 39.62
N GLN A 576 13.52 -1.89 38.80
CA GLN A 576 14.63 -2.43 38.00
C GLN A 576 15.84 -2.75 38.88
N VAL A 577 16.20 -1.81 39.77
CA VAL A 577 17.26 -2.05 40.75
C VAL A 577 17.01 -3.38 41.45
N PHE A 578 15.76 -3.60 41.88
CA PHE A 578 15.39 -4.84 42.57
C PHE A 578 15.44 -6.06 41.64
N ALA A 579 14.67 -6.04 40.56
CA ALA A 579 14.61 -7.15 39.58
C ALA A 579 15.97 -7.57 39.07
N ASP A 580 16.89 -6.62 38.91
CA ASP A 580 18.22 -6.92 38.43
C ASP A 580 19.06 -7.61 39.47
N SER A 581 18.88 -7.22 40.73
CA SER A 581 19.54 -7.89 41.85
C SER A 581 19.01 -9.31 42.02
N ILE A 582 17.71 -9.49 41.91
CA ILE A 582 17.12 -10.84 41.94
C ILE A 582 17.61 -11.65 40.75
N ARG A 583 17.79 -11.02 39.59
CA ARG A 583 18.37 -11.70 38.44
C ARG A 583 19.77 -12.21 38.76
N ASP A 584 20.56 -11.36 39.41
CA ASP A 584 21.96 -11.68 39.77
C ASP A 584 22.05 -12.85 40.76
N CYS A 585 21.09 -12.93 41.68
CA CYS A 585 21.07 -14.06 42.59
C CYS A 585 20.72 -15.33 41.89
N GLU A 586 19.63 -15.32 41.12
CA GLU A 586 19.24 -16.49 40.37
C GLU A 586 20.48 -17.08 39.71
N ARG A 587 21.29 -16.21 39.11
CA ARG A 587 22.55 -16.65 38.46
C ARG A 587 23.55 -17.30 39.43
N ALA A 588 23.69 -16.76 40.64
CA ALA A 588 24.65 -17.27 41.61
C ALA A 588 24.19 -18.56 42.24
N LEU A 589 22.88 -18.76 42.37
CA LEU A 589 22.36 -19.96 43.04
C LEU A 589 22.30 -21.19 42.12
N ALA A 590 22.16 -20.95 40.81
CA ALA A 590 21.93 -22.00 39.83
C ALA A 590 22.82 -23.25 39.97
N PRO A 591 24.13 -23.08 40.15
CA PRO A 591 24.94 -24.26 40.40
C PRO A 591 24.55 -25.03 41.65
N HIS A 592 24.06 -24.34 42.67
CA HIS A 592 23.86 -24.95 43.99
C HIS A 592 22.47 -25.43 44.28
N VAL A 593 21.56 -25.27 43.34
CA VAL A 593 20.15 -25.39 43.64
C VAL A 593 19.50 -25.61 42.30
N ASP A 594 18.46 -26.44 42.24
CA ASP A 594 17.79 -26.69 40.96
C ASP A 594 16.32 -26.26 40.97
N TRP A 595 16.13 -24.95 41.12
CA TRP A 595 14.82 -24.32 40.92
C TRP A 595 15.06 -22.86 40.60
N SER A 596 14.21 -22.29 39.74
CA SER A 596 14.38 -20.90 39.30
C SER A 596 13.94 -19.92 40.38
N LEU A 597 14.83 -19.02 40.77
CA LEU A 597 14.47 -18.02 41.77
C LEU A 597 13.27 -17.20 41.29
N THR A 598 13.30 -16.81 40.03
CA THR A 598 12.25 -15.98 39.49
C THR A 598 10.91 -16.68 39.48
N ASP A 599 10.83 -17.85 38.86
CA ASP A 599 9.56 -18.58 38.84
C ASP A 599 9.03 -18.74 40.26
N LEU A 600 9.94 -18.90 41.22
CA LEU A 600 9.56 -19.12 42.61
C LEU A 600 8.80 -17.93 43.12
N LEU A 601 9.38 -16.75 42.91
CA LEU A 601 8.80 -15.51 43.41
C LEU A 601 7.63 -15.00 42.57
N SER A 602 7.75 -15.10 41.26
CA SER A 602 6.74 -14.57 40.31
C SER A 602 5.48 -15.39 40.32
N GLY A 603 5.65 -16.70 40.34
CA GLY A 603 4.54 -17.61 40.44
C GLY A 603 3.95 -17.70 41.84
N ALA A 604 4.50 -16.95 42.80
CA ALA A 604 3.97 -16.95 44.16
C ALA A 604 3.90 -18.37 44.75
N ARG A 605 4.97 -19.13 44.53
CA ARG A 605 4.98 -20.58 44.79
C ARG A 605 5.33 -20.87 46.24
N PRO A 606 4.94 -22.05 46.75
CA PRO A 606 5.03 -22.19 48.20
C PRO A 606 6.47 -22.28 48.68
N LEU A 607 6.65 -21.89 49.93
CA LEU A 607 7.97 -21.71 50.56
C LEU A 607 8.05 -22.62 51.76
N ASP A 608 7.61 -23.86 51.61
CA ASP A 608 7.55 -24.77 52.76
C ASP A 608 8.94 -25.22 53.20
N ARG A 609 9.79 -25.54 52.22
CA ARG A 609 11.00 -26.29 52.45
C ARG A 609 12.19 -25.42 52.83
N VAL A 610 13.04 -25.93 53.69
CA VAL A 610 14.20 -25.18 54.15
C VAL A 610 15.13 -24.81 53.02
N ASP A 611 15.34 -25.73 52.09
CA ASP A 611 16.36 -25.52 51.05
C ASP A 611 15.89 -24.58 49.96
N VAL A 612 14.61 -24.24 50.03
CA VAL A 612 14.01 -23.24 49.19
C VAL A 612 13.87 -21.91 49.92
N VAL A 613 13.26 -21.91 51.09
CA VAL A 613 13.13 -20.67 51.87
C VAL A 613 14.46 -19.98 52.02
N GLN A 614 15.39 -20.59 52.71
CA GLN A 614 16.55 -19.84 53.15
C GLN A 614 17.31 -19.12 52.04
N PRO A 615 17.55 -19.78 50.90
CA PRO A 615 18.16 -19.06 49.78
C PRO A 615 17.33 -17.91 49.17
N ALA A 616 16.01 -18.04 49.12
CA ALA A 616 15.17 -17.00 48.54
C ALA A 616 15.12 -15.80 49.46
N LEU A 617 14.98 -16.06 50.74
CA LEU A 617 14.92 -14.98 51.74
C LEU A 617 16.18 -14.15 51.70
N PHE A 618 17.33 -14.82 51.62
CA PHE A 618 18.61 -14.15 51.36
C PHE A 618 18.57 -13.30 50.07
N ALA A 619 18.16 -13.90 48.94
CA ALA A 619 18.07 -13.15 47.68
C ALA A 619 17.09 -11.96 47.77
N VAL A 620 15.96 -12.11 48.46
CA VAL A 620 15.04 -10.99 48.61
C VAL A 620 15.69 -9.91 49.46
N MSE A 621 16.17 -10.28 50.64
CA MSE A 621 16.78 -9.33 51.60
C MSE A 621 17.99 -8.59 51.04
O MSE A 621 18.25 -7.46 51.41
CB MSE A 621 17.24 -10.07 52.87
CG MSE A 621 16.11 -10.44 53.80
SE MSE A 621 16.73 -10.88 55.59
CE MSE A 621 17.80 -12.39 55.16
N VAL A 622 18.74 -9.26 50.16
CA VAL A 622 19.92 -8.64 49.57
C VAL A 622 19.54 -7.64 48.50
N SER A 623 18.53 -7.98 47.70
CA SER A 623 18.07 -7.05 46.69
C SER A 623 17.28 -5.84 47.27
N LEU A 624 16.63 -6.01 48.43
CA LEU A 624 16.00 -4.87 49.11
C LEU A 624 17.06 -3.90 49.62
N ALA A 625 18.16 -4.44 50.13
CA ALA A 625 19.29 -3.60 50.53
C ALA A 625 19.72 -2.75 49.36
N ALA A 626 19.74 -3.36 48.17
CA ALA A 626 20.13 -2.63 46.98
C ALA A 626 19.20 -1.47 46.83
N LEU A 627 17.89 -1.71 46.79
CA LEU A 627 16.95 -0.60 46.75
C LEU A 627 17.32 0.51 47.73
N TRP A 628 17.37 0.18 49.03
CA TRP A 628 17.70 1.19 50.06
C TRP A 628 18.88 2.03 49.66
N ARG A 629 19.87 1.38 49.09
CA ARG A 629 21.10 2.04 48.73
C ARG A 629 20.94 2.88 47.47
N SER A 630 20.09 2.42 46.55
CA SER A 630 19.82 3.17 45.35
C SER A 630 19.10 4.45 45.70
N HIS A 631 18.50 4.56 46.89
CA HIS A 631 17.92 5.82 47.35
C HIS A 631 18.79 6.43 48.38
N GLY A 632 20.10 6.19 48.25
CA GLY A 632 21.13 6.88 49.03
C GLY A 632 21.18 6.57 50.50
N VAL A 633 20.68 5.41 50.90
CA VAL A 633 20.82 4.91 52.29
C VAL A 633 21.83 3.78 52.33
N GLU A 634 22.95 4.07 52.97
CA GLU A 634 24.02 3.14 53.09
C GLU A 634 24.03 2.67 54.50
N PRO A 635 24.33 1.39 54.68
CA PRO A 635 24.58 0.94 56.03
C PRO A 635 25.95 1.45 56.46
N ALA A 636 26.04 1.97 57.68
CA ALA A 636 27.35 2.19 58.32
C ALA A 636 27.77 0.96 59.11
N ALA A 637 26.76 0.19 59.55
CA ALA A 637 26.96 -1.10 60.18
C ALA A 637 25.81 -2.02 59.76
N VAL A 638 26.06 -3.33 59.84
CA VAL A 638 25.02 -4.35 59.65
C VAL A 638 24.98 -5.36 60.81
N VAL A 639 23.84 -6.04 60.93
CA VAL A 639 23.60 -7.09 61.92
C VAL A 639 22.77 -8.15 61.23
N GLY A 640 23.18 -9.41 61.32
CA GLY A 640 22.34 -10.55 60.90
C GLY A 640 21.75 -11.33 62.09
N HIS A 641 20.77 -12.18 61.79
CA HIS A 641 20.16 -13.03 62.78
C HIS A 641 20.12 -14.41 62.17
N SER A 642 21.02 -15.31 62.62
CA SER A 642 21.21 -16.66 62.04
C SER A 642 21.55 -16.55 60.55
N GLN A 643 20.71 -17.13 59.68
CA GLN A 643 20.89 -17.04 58.24
C GLN A 643 21.06 -15.60 57.77
N GLY A 644 20.50 -14.68 58.52
CA GLY A 644 20.58 -13.29 58.16
C GLY A 644 22.00 -12.79 58.06
N GLU A 645 22.91 -13.42 58.81
CA GLU A 645 24.30 -13.01 58.80
C GLU A 645 24.91 -13.18 57.45
N ILE A 646 24.38 -14.12 56.70
CA ILE A 646 24.88 -14.38 55.37
C ILE A 646 24.59 -13.12 54.54
N ALA A 647 23.34 -12.71 54.50
CA ALA A 647 22.98 -11.50 53.79
C ALA A 647 23.88 -10.36 54.27
N ALA A 648 23.85 -10.07 55.57
CA ALA A 648 24.66 -8.99 56.16
C ALA A 648 26.09 -9.03 55.68
N ALA A 649 26.72 -10.19 55.84
CA ALA A 649 28.09 -10.35 55.45
C ALA A 649 28.29 -10.00 53.98
N HIS A 650 27.34 -10.35 53.13
CA HIS A 650 27.51 -10.05 51.71
C HIS A 650 27.30 -8.58 51.45
N VAL A 651 26.24 -8.04 52.04
CA VAL A 651 25.95 -6.62 51.94
C VAL A 651 27.12 -5.80 52.43
N ALA A 652 27.64 -6.10 53.60
CA ALA A 652 28.80 -5.39 54.12
C ALA A 652 30.05 -5.64 53.28
N GLY A 653 29.94 -6.55 52.33
CA GLY A 653 31.01 -6.79 51.36
C GLY A 653 32.15 -7.58 51.95
N ALA A 654 31.84 -8.60 52.76
CA ALA A 654 32.83 -9.60 53.22
C ALA A 654 32.82 -10.84 52.35
N LEU A 655 31.68 -11.12 51.72
CA LEU A 655 31.52 -12.26 50.83
C LEU A 655 31.01 -11.81 49.49
N THR A 656 31.59 -12.35 48.41
CA THR A 656 30.97 -12.21 47.11
C THR A 656 29.58 -12.80 47.11
N LEU A 657 28.75 -12.36 46.17
CA LEU A 657 27.43 -12.97 45.92
C LEU A 657 27.56 -14.48 45.69
N GLU A 658 28.62 -14.88 44.99
CA GLU A 658 28.82 -16.29 44.64
C GLU A 658 29.07 -17.12 45.88
N ASP A 659 29.87 -16.60 46.82
CA ASP A 659 30.11 -17.29 48.09
C ASP A 659 28.83 -17.35 48.89
N ALA A 660 28.32 -16.18 49.26
CA ALA A 660 27.08 -16.08 50.01
C ALA A 660 25.99 -17.01 49.44
N ALA A 661 25.81 -17.02 48.12
CA ALA A 661 24.85 -17.94 47.47
C ALA A 661 25.17 -19.41 47.82
N LYS A 662 26.41 -19.81 47.61
CA LYS A 662 26.85 -21.17 47.95
C LYS A 662 26.52 -21.46 49.38
N LEU A 663 26.94 -20.56 50.25
CA LEU A 663 26.83 -20.75 51.67
C LEU A 663 25.39 -21.01 52.06
N VAL A 664 24.47 -20.16 51.66
CA VAL A 664 23.12 -20.32 52.14
C VAL A 664 22.47 -21.55 51.50
N ALA A 665 22.85 -21.87 50.27
CA ALA A 665 22.29 -23.04 49.56
C ALA A 665 22.69 -24.36 50.23
N VAL A 666 23.97 -24.45 50.60
CA VAL A 666 24.52 -25.62 51.25
C VAL A 666 23.99 -25.74 52.67
N ARG A 667 24.23 -24.69 53.45
CA ARG A 667 23.76 -24.64 54.82
C ARG A 667 22.32 -25.08 54.94
N SER A 668 21.49 -24.71 53.98
CA SER A 668 20.07 -25.01 54.07
C SER A 668 19.81 -26.44 53.64
N ARG A 669 20.56 -26.91 52.65
CA ARG A 669 20.39 -28.26 52.12
C ARG A 669 20.77 -29.29 53.19
N VAL A 670 21.90 -29.09 53.85
CA VAL A 670 22.33 -29.99 54.92
C VAL A 670 21.31 -29.98 56.07
N LEU A 671 20.72 -28.82 56.32
CA LEU A 671 19.80 -28.62 57.43
C LEU A 671 18.55 -29.45 57.28
N ARG A 672 18.35 -29.99 56.09
CA ARG A 672 17.23 -30.88 55.81
C ARG A 672 17.35 -32.15 56.65
N ARG A 673 18.58 -32.51 57.01
CA ARG A 673 18.82 -33.68 57.84
C ARG A 673 18.14 -33.70 59.21
N LEU A 674 17.71 -32.54 59.70
CA LEU A 674 17.01 -32.45 60.98
C LEU A 674 15.49 -32.41 60.83
N GLY A 675 15.00 -32.55 59.61
CA GLY A 675 13.58 -32.42 59.31
C GLY A 675 12.75 -33.43 60.07
N GLY A 676 11.69 -32.96 60.71
CA GLY A 676 10.82 -33.81 61.51
C GLY A 676 11.40 -34.24 62.85
N GLN A 677 12.48 -33.63 63.30
CA GLN A 677 13.12 -34.04 64.55
C GLN A 677 13.07 -33.05 65.72
N GLY A 678 12.31 -31.98 65.58
CA GLY A 678 12.32 -30.90 66.57
C GLY A 678 11.50 -29.72 66.09
N GLY A 679 11.57 -28.60 66.79
CA GLY A 679 10.79 -27.40 66.40
C GLY A 679 11.24 -26.13 67.11
N MSE A 680 10.62 -25.02 66.75
CA MSE A 680 10.97 -23.74 67.36
C MSE A 680 9.72 -22.90 67.52
O MSE A 680 8.73 -23.13 66.82
CB MSE A 680 12.03 -23.00 66.53
CG MSE A 680 13.21 -23.88 66.11
SE MSE A 680 14.55 -23.08 64.94
CE MSE A 680 15.30 -21.91 66.13
N ALA A 681 9.77 -21.94 68.44
CA ALA A 681 8.65 -21.05 68.74
C ALA A 681 9.17 -19.81 69.47
N SER A 682 8.72 -18.63 69.04
CA SER A 682 9.07 -17.34 69.69
C SER A 682 8.16 -17.09 70.88
N PHE A 683 8.77 -16.87 72.04
CA PHE A 683 8.07 -16.64 73.30
C PHE A 683 8.21 -15.18 73.77
N GLY A 684 7.19 -14.67 74.44
CA GLY A 684 7.23 -13.34 74.99
C GLY A 684 7.75 -13.37 76.40
N LEU A 685 9.04 -13.66 76.59
CA LEU A 685 9.73 -13.47 77.88
C LEU A 685 11.25 -13.48 77.81
N GLY A 686 11.88 -12.95 78.85
CA GLY A 686 13.33 -12.69 78.86
C GLY A 686 14.19 -13.92 79.11
N THR A 687 15.49 -13.79 78.86
CA THR A 687 16.38 -14.93 78.93
C THR A 687 16.11 -15.68 80.21
N GLU A 688 16.21 -14.98 81.32
CA GLU A 688 16.22 -15.66 82.60
C GLU A 688 14.86 -16.28 82.91
N GLN A 689 13.79 -15.61 82.52
CA GLN A 689 12.45 -16.18 82.69
C GLN A 689 12.29 -17.48 81.89
N ALA A 690 12.82 -17.48 80.66
CA ALA A 690 12.84 -18.68 79.83
C ALA A 690 13.79 -19.72 80.42
N ALA A 691 15.02 -19.32 80.70
CA ALA A 691 16.02 -20.19 81.28
C ALA A 691 15.45 -21.04 82.43
N GLU A 692 14.83 -20.40 83.41
CA GLU A 692 14.32 -21.15 84.57
C GLU A 692 13.14 -22.05 84.22
N ARG A 693 12.33 -21.63 83.27
CA ARG A 693 11.09 -22.35 82.92
C ARG A 693 11.36 -23.55 82.04
N ILE A 694 12.53 -23.53 81.43
CA ILE A 694 12.92 -24.46 80.41
C ILE A 694 13.88 -25.52 80.98
N GLY A 695 14.63 -25.15 82.03
CA GLY A 695 15.69 -25.98 82.59
C GLY A 695 15.21 -27.31 83.10
N ARG A 696 13.93 -27.40 83.41
CA ARG A 696 13.37 -28.65 83.87
C ARG A 696 13.30 -29.75 82.80
N PHE A 697 13.44 -29.38 81.52
CA PHE A 697 13.57 -30.39 80.46
C PHE A 697 15.03 -30.65 80.15
N ALA A 698 15.86 -30.75 81.19
CA ALA A 698 17.31 -30.66 81.07
C ALA A 698 17.84 -30.88 79.67
N GLY A 699 17.99 -29.80 78.91
CA GLY A 699 18.69 -29.88 77.62
C GLY A 699 17.80 -30.16 76.43
N ALA A 700 16.61 -30.73 76.65
CA ALA A 700 15.64 -31.01 75.57
C ALA A 700 15.19 -29.75 74.85
N LEU A 701 15.33 -28.60 75.50
CA LEU A 701 15.07 -27.32 74.88
C LEU A 701 16.23 -26.37 75.10
N SER A 702 16.42 -25.46 74.15
CA SER A 702 17.54 -24.51 74.16
C SER A 702 16.98 -23.14 73.88
N ILE A 703 17.64 -22.11 74.41
CA ILE A 703 17.29 -20.75 74.07
C ILE A 703 18.12 -20.43 72.87
N ALA A 704 17.43 -20.43 71.73
CA ALA A 704 18.04 -20.31 70.42
C ALA A 704 18.46 -18.87 70.12
N SER A 705 17.60 -17.91 70.44
CA SER A 705 17.93 -16.50 70.22
C SER A 705 17.31 -15.58 71.27
N VAL A 706 18.06 -14.57 71.70
CA VAL A 706 17.48 -13.55 72.55
C VAL A 706 17.48 -12.29 71.72
N ASN A 707 16.28 -11.79 71.44
CA ASN A 707 16.06 -10.68 70.51
C ASN A 707 15.69 -9.32 71.18
N GLY A 708 14.99 -9.38 72.30
CA GLY A 708 14.64 -8.18 73.09
C GLY A 708 14.46 -8.61 74.53
N PRO A 709 14.19 -7.65 75.45
CA PRO A 709 14.12 -7.96 76.88
C PRO A 709 12.90 -8.79 77.29
N ARG A 710 11.93 -8.92 76.38
CA ARG A 710 10.75 -9.73 76.62
C ARG A 710 10.41 -10.54 75.35
N SER A 711 11.45 -10.94 74.61
CA SER A 711 11.27 -11.79 73.45
C SER A 711 12.49 -12.64 73.14
N VAL A 712 12.25 -13.96 73.09
CA VAL A 712 13.27 -15.00 72.98
C VAL A 712 12.73 -16.14 72.08
N VAL A 713 13.60 -16.98 71.54
CA VAL A 713 13.13 -18.13 70.74
C VAL A 713 13.64 -19.39 71.34
N VAL A 714 12.80 -20.41 71.38
CA VAL A 714 13.16 -21.66 72.00
C VAL A 714 13.09 -22.77 70.98
N ALA A 715 14.19 -23.52 70.88
CA ALA A 715 14.33 -24.63 69.94
C ALA A 715 14.56 -25.90 70.73
N GLY A 716 13.99 -27.01 70.27
CA GLY A 716 14.19 -28.32 70.91
C GLY A 716 13.30 -29.41 70.37
N GLU A 717 13.13 -30.47 71.15
CA GLU A 717 12.30 -31.60 70.77
C GLU A 717 10.84 -31.24 70.88
N SER A 718 10.07 -31.33 69.79
CA SER A 718 8.63 -31.09 69.89
C SER A 718 8.09 -32.13 70.86
N GLY A 719 7.07 -31.78 71.62
CA GLY A 719 6.62 -32.64 72.72
C GLY A 719 6.95 -31.91 74.00
N PRO A 720 8.23 -31.93 74.41
CA PRO A 720 8.79 -30.96 75.35
C PRO A 720 8.51 -29.51 74.96
N LEU A 721 8.38 -29.26 73.66
CA LEU A 721 8.09 -27.91 73.16
C LEU A 721 6.59 -27.64 73.16
N ASP A 722 5.81 -28.70 73.03
CA ASP A 722 4.37 -28.58 73.01
C ASP A 722 3.89 -28.37 74.40
N GLU A 723 4.55 -29.03 75.35
CA GLU A 723 4.31 -28.78 76.76
C GLU A 723 4.56 -27.30 77.14
N LEU A 724 5.70 -26.76 76.71
CA LEU A 724 6.04 -25.35 76.98
C LEU A 724 4.98 -24.45 76.38
N ILE A 725 4.63 -24.67 75.11
CA ILE A 725 3.64 -23.82 74.45
C ILE A 725 2.33 -23.92 75.18
N ALA A 726 1.87 -25.14 75.42
CA ALA A 726 0.63 -25.35 76.19
C ALA A 726 0.64 -24.62 77.55
N GLU A 727 1.78 -24.70 78.25
CA GLU A 727 1.97 -24.11 79.58
C GLU A 727 1.94 -22.57 79.55
N CYS A 728 2.22 -21.99 78.39
CA CYS A 728 2.16 -20.55 78.20
C CYS A 728 0.78 -20.01 77.86
N GLU A 729 0.11 -20.67 76.93
CA GLU A 729 -1.28 -20.33 76.60
C GLU A 729 -2.16 -20.53 77.85
N ALA A 730 -1.72 -21.40 78.76
CA ALA A 730 -2.31 -21.53 80.09
C ALA A 730 -2.17 -20.26 80.93
N GLU A 731 -0.97 -19.69 80.95
CA GLU A 731 -0.66 -18.58 81.84
C GLU A 731 -0.61 -17.26 81.10
N ALA A 732 -0.85 -17.28 79.80
CA ALA A 732 -1.02 -16.06 78.98
C ALA A 732 0.26 -15.37 78.47
N HIS A 733 1.15 -16.15 77.85
CA HIS A 733 2.36 -15.60 77.23
C HIS A 733 2.23 -15.58 75.77
N LYS A 734 2.79 -14.55 75.14
CA LYS A 734 2.96 -14.57 73.70
C LYS A 734 3.70 -15.88 73.45
N ALA A 735 3.19 -16.74 72.55
CA ALA A 735 3.79 -18.06 72.31
C ALA A 735 3.54 -18.52 70.88
N ARG A 736 4.45 -18.14 69.99
CA ARG A 736 4.23 -18.29 68.55
C ARG A 736 5.08 -19.36 67.86
N ARG A 737 4.43 -20.45 67.49
CA ARG A 737 5.02 -21.52 66.67
C ARG A 737 5.62 -21.00 65.39
N ILE A 738 6.89 -21.30 65.18
CA ILE A 738 7.57 -20.92 63.97
C ILE A 738 7.40 -22.05 62.99
N PRO A 739 6.92 -21.78 61.77
CA PRO A 739 6.44 -22.84 60.91
C PRO A 739 7.60 -23.61 60.28
N VAL A 740 8.19 -24.49 61.08
CA VAL A 740 9.54 -24.96 60.80
C VAL A 740 9.72 -26.40 61.36
N ASP A 741 10.37 -27.24 60.55
CA ASP A 741 10.56 -28.67 60.79
C ASP A 741 11.57 -29.01 61.85
N TYR A 742 12.51 -28.11 62.11
CA TYR A 742 13.76 -28.51 62.73
C TYR A 742 14.05 -27.72 63.98
N ALA A 743 15.17 -27.99 64.65
CA ALA A 743 15.58 -27.22 65.81
C ALA A 743 17.04 -26.83 65.73
N SER A 744 17.29 -25.73 65.03
CA SER A 744 18.61 -25.11 64.98
C SER A 744 19.01 -24.49 66.31
N HIS A 745 20.29 -24.12 66.39
CA HIS A 745 20.84 -23.49 67.58
C HIS A 745 20.54 -24.36 68.78
N SER A 746 20.72 -25.67 68.60
CA SER A 746 20.52 -26.69 69.63
C SER A 746 21.55 -27.82 69.43
N PRO A 747 21.71 -28.69 70.44
CA PRO A 747 22.59 -29.85 70.31
C PRO A 747 22.34 -30.75 69.08
N GLN A 748 21.15 -30.70 68.50
CA GLN A 748 20.82 -31.51 67.32
C GLN A 748 21.66 -31.13 66.11
N VAL A 749 22.33 -29.99 66.20
CA VAL A 749 23.18 -29.48 65.12
C VAL A 749 24.59 -30.12 65.12
N GLU A 750 24.94 -30.91 66.13
CA GLU A 750 26.22 -31.62 66.08
C GLU A 750 26.26 -32.65 64.97
N SER A 751 25.11 -33.26 64.68
CA SER A 751 25.01 -34.24 63.62
C SER A 751 25.46 -33.66 62.29
N LEU A 752 25.30 -32.35 62.14
CA LEU A 752 25.58 -31.67 60.88
C LEU A 752 27.01 -31.16 60.77
N ARG A 753 27.74 -31.07 61.88
CA ARG A 753 29.03 -30.39 61.85
C ARG A 753 29.93 -30.85 60.73
N GLU A 754 30.08 -32.15 60.57
CA GLU A 754 31.02 -32.69 59.60
C GLU A 754 30.67 -32.26 58.19
N GLU A 755 29.45 -32.59 57.75
CA GLU A 755 29.00 -32.28 56.38
C GLU A 755 29.18 -30.79 56.07
N LEU A 756 28.81 -29.95 57.02
CA LEU A 756 28.96 -28.52 56.87
C LEU A 756 30.38 -28.11 56.58
N LEU A 757 31.28 -28.39 57.52
CA LEU A 757 32.68 -28.09 57.35
C LEU A 757 33.22 -28.68 56.06
N THR A 758 32.68 -29.83 55.66
CA THR A 758 33.18 -30.54 54.46
C THR A 758 32.89 -29.84 53.15
N GLU A 759 31.71 -29.26 52.98
CA GLU A 759 31.42 -28.64 51.69
C GLU A 759 31.09 -27.19 51.74
N LEU A 760 31.38 -26.58 52.87
CA LEU A 760 31.49 -25.14 52.96
C LEU A 760 32.95 -24.71 52.83
N ALA A 761 33.87 -25.68 52.80
CA ALA A 761 35.29 -25.36 52.63
C ALA A 761 35.48 -24.77 51.24
N GLY A 762 36.41 -23.82 51.12
CA GLY A 762 36.60 -23.02 49.88
C GLY A 762 36.08 -21.58 49.95
N ILE A 763 35.20 -21.31 50.93
CA ILE A 763 34.63 -20.00 51.15
C ILE A 763 35.74 -18.99 51.43
N SER A 764 35.60 -17.77 50.89
CA SER A 764 36.68 -16.80 50.86
C SER A 764 36.27 -15.46 51.48
N PRO A 765 36.28 -15.37 52.82
CA PRO A 765 35.82 -14.16 53.50
C PRO A 765 36.96 -13.16 53.58
N VAL A 766 36.61 -11.89 53.62
CA VAL A 766 37.57 -10.79 53.55
C VAL A 766 37.10 -9.75 54.55
N SER A 767 38.02 -8.91 54.98
CA SER A 767 37.68 -7.71 55.74
C SER A 767 36.69 -6.83 54.97
N ALA A 768 35.76 -6.22 55.69
CA ALA A 768 34.65 -5.50 55.07
C ALA A 768 34.76 -4.01 55.29
N ASP A 769 34.33 -3.27 54.27
CA ASP A 769 34.13 -1.83 54.35
C ASP A 769 33.34 -1.36 55.56
N VAL A 770 32.22 -2.04 55.77
CA VAL A 770 31.23 -1.67 56.76
C VAL A 770 31.46 -2.49 58.04
N ALA A 771 31.04 -1.95 59.18
CA ALA A 771 31.12 -2.71 60.44
C ALA A 771 30.16 -3.89 60.39
N LEU A 772 30.36 -4.86 61.29
CA LEU A 772 29.46 -6.01 61.41
C LEU A 772 29.46 -6.53 62.83
N TYR A 773 28.35 -6.35 63.52
CA TYR A 773 28.26 -6.67 64.94
C TYR A 773 27.84 -8.11 65.19
N SER A 774 28.73 -9.06 64.88
CA SER A 774 28.42 -10.51 64.90
C SER A 774 27.55 -10.94 66.09
N THR A 775 26.45 -11.62 65.75
CA THR A 775 25.55 -12.17 66.73
C THR A 775 26.03 -13.57 67.18
N THR A 776 26.81 -14.23 66.33
CA THR A 776 27.44 -15.49 66.72
C THR A 776 28.48 -15.31 67.85
N THR A 777 29.41 -14.38 67.65
CA THR A 777 30.47 -14.08 68.63
C THR A 777 29.96 -13.35 69.83
N GLY A 778 29.24 -12.26 69.59
CA GLY A 778 28.75 -11.38 70.64
C GLY A 778 29.35 -9.99 70.53
N GLN A 779 30.31 -9.83 69.62
CA GLN A 779 31.03 -8.59 69.44
C GLN A 779 30.78 -8.08 68.05
N PRO A 780 31.42 -6.96 67.69
CA PRO A 780 31.81 -6.63 66.32
C PRO A 780 33.11 -7.32 65.95
N ILE A 781 33.35 -7.57 64.66
CA ILE A 781 34.45 -8.45 64.24
C ILE A 781 35.25 -7.99 63.03
N ASP A 782 36.35 -8.67 62.75
CA ASP A 782 36.95 -8.60 61.45
C ASP A 782 36.24 -9.69 60.68
N THR A 783 35.65 -9.35 59.55
CA THR A 783 34.86 -10.30 58.78
C THR A 783 35.71 -11.33 58.05
N ALA A 784 37.01 -11.11 57.96
CA ALA A 784 37.91 -12.17 57.50
C ALA A 784 37.77 -13.40 58.40
N THR A 785 37.38 -13.20 59.66
CA THR A 785 37.07 -14.26 60.63
C THR A 785 36.09 -15.30 60.15
N MSE A 786 35.15 -14.91 59.29
CA MSE A 786 33.95 -15.72 59.06
C MSE A 786 34.20 -16.86 58.10
O MSE A 786 33.67 -16.91 56.99
CB MSE A 786 32.81 -14.82 58.58
CG MSE A 786 32.56 -13.59 59.46
SE MSE A 786 31.26 -12.38 58.66
CE MSE A 786 29.77 -12.59 59.91
N ASP A 787 35.03 -17.79 58.54
CA ASP A 787 35.36 -19.01 57.81
C ASP A 787 34.38 -20.10 58.24
N THR A 788 34.59 -21.31 57.75
CA THR A 788 33.68 -22.42 58.00
C THR A 788 33.44 -22.69 59.50
N ALA A 789 34.48 -22.54 60.32
CA ALA A 789 34.36 -22.68 61.78
C ALA A 789 33.35 -21.70 62.31
N TYR A 790 33.43 -20.46 61.83
CA TYR A 790 32.48 -19.41 62.22
C TYR A 790 31.04 -19.76 61.83
N TRP A 791 30.87 -20.29 60.61
CA TRP A 791 29.54 -20.47 60.06
C TRP A 791 28.81 -21.63 60.72
N TYR A 792 29.55 -22.64 61.17
CA TYR A 792 28.95 -23.70 61.96
C TYR A 792 28.49 -23.12 63.29
N ALA A 793 29.35 -22.29 63.90
CA ALA A 793 29.03 -21.60 65.15
C ALA A 793 27.76 -20.78 64.97
N ASN A 794 27.67 -20.10 63.83
CA ASN A 794 26.50 -19.34 63.49
C ASN A 794 25.21 -20.17 63.55
N LEU A 795 25.33 -21.47 63.31
CA LEU A 795 24.19 -22.38 63.33
C LEU A 795 24.00 -23.05 64.69
N ARG A 796 25.10 -23.42 65.32
CA ARG A 796 25.02 -24.15 66.57
C ARG A 796 24.64 -23.23 67.70
N GLU A 797 25.19 -22.02 67.68
CA GLU A 797 25.21 -21.17 68.87
C GLU A 797 23.97 -20.30 69.10
N GLN A 798 23.81 -19.82 70.33
CA GLN A 798 22.72 -18.93 70.66
C GLN A 798 22.93 -17.63 69.94
N VAL A 799 21.86 -17.01 69.47
CA VAL A 799 21.98 -15.85 68.60
C VAL A 799 22.37 -14.57 69.35
N ARG A 800 21.61 -14.12 70.36
CA ARG A 800 22.03 -12.89 71.14
C ARG A 800 21.93 -11.59 70.33
N PHE A 801 20.76 -11.38 69.74
CA PHE A 801 20.56 -10.25 68.91
C PHE A 801 20.59 -9.01 69.79
N GLN A 802 19.99 -9.13 70.97
CA GLN A 802 19.90 -8.06 71.94
C GLN A 802 21.26 -7.52 72.33
N ASP A 803 22.23 -8.41 72.50
CA ASP A 803 23.57 -7.97 72.87
C ASP A 803 24.16 -7.14 71.75
N ALA A 804 23.89 -7.49 70.49
CA ALA A 804 24.38 -6.74 69.35
C ALA A 804 23.62 -5.41 69.18
N THR A 805 22.33 -5.42 69.50
CA THR A 805 21.49 -4.22 69.38
C THR A 805 22.08 -3.11 70.25
N ARG A 806 22.28 -3.45 71.53
CA ARG A 806 22.85 -2.56 72.53
C ARG A 806 24.24 -2.08 72.15
N GLN A 807 25.08 -2.98 71.68
CA GLN A 807 26.42 -2.60 71.24
C GLN A 807 26.37 -1.51 70.17
N LEU A 808 25.37 -1.52 69.29
CA LEU A 808 25.19 -0.46 68.29
C LEU A 808 24.67 0.82 68.92
N ALA A 809 23.71 0.68 69.83
CA ALA A 809 23.22 1.82 70.61
C ALA A 809 24.40 2.44 71.34
N GLU A 810 25.06 1.63 72.16
CA GLU A 810 26.20 2.11 72.96
C GLU A 810 27.32 2.71 72.11
N ALA A 811 27.36 2.38 70.82
CA ALA A 811 28.30 2.99 69.88
C ALA A 811 27.62 4.04 69.04
N GLY A 812 26.47 4.51 69.49
CA GLY A 812 25.83 5.71 68.93
C GLY A 812 25.16 5.64 67.55
N PHE A 813 24.66 4.48 67.14
CA PHE A 813 23.80 4.38 65.95
C PHE A 813 22.40 4.68 66.40
N ASP A 814 21.67 5.36 65.55
CA ASP A 814 20.42 6.00 65.93
C ASP A 814 19.29 5.59 65.00
N ALA A 815 19.65 4.91 63.92
CA ALA A 815 18.73 4.60 62.82
C ALA A 815 18.93 3.14 62.41
N PHE A 816 17.91 2.32 62.70
CA PHE A 816 17.93 0.89 62.42
C PHE A 816 16.95 0.59 61.32
N VAL A 817 17.43 0.05 60.21
CA VAL A 817 16.59 -0.32 59.07
C VAL A 817 16.53 -1.84 58.90
N GLU A 818 15.34 -2.42 59.11
CA GLU A 818 15.13 -3.86 59.08
C GLU A 818 14.87 -4.21 57.65
N VAL A 819 15.89 -4.68 56.98
CA VAL A 819 15.82 -4.89 55.55
C VAL A 819 15.24 -6.26 55.27
N SER A 820 13.94 -6.41 55.49
CA SER A 820 13.26 -7.69 55.33
C SER A 820 11.95 -7.52 54.58
N PRO A 821 11.36 -8.62 54.11
CA PRO A 821 10.00 -8.54 53.55
C PRO A 821 8.90 -8.45 54.59
N HIS A 822 9.21 -8.62 55.87
CA HIS A 822 8.23 -8.45 56.94
C HIS A 822 8.93 -8.21 58.26
N PRO A 823 8.51 -7.19 59.00
CA PRO A 823 9.28 -6.77 60.13
C PRO A 823 9.06 -7.70 61.30
N VAL A 824 10.11 -8.38 61.70
CA VAL A 824 9.99 -9.43 62.70
C VAL A 824 10.89 -9.17 63.89
N LEU A 825 11.95 -8.40 63.72
CA LEU A 825 12.81 -8.03 64.83
C LEU A 825 12.54 -6.61 65.32
N THR A 826 11.68 -5.90 64.59
CA THR A 826 11.51 -4.45 64.75
C THR A 826 11.01 -4.05 66.15
N VAL A 827 10.02 -4.77 66.65
CA VAL A 827 9.41 -4.45 67.94
C VAL A 827 10.34 -4.77 69.10
N GLY A 828 11.14 -5.81 68.95
CA GLY A 828 12.11 -6.19 69.96
C GLY A 828 13.19 -5.14 70.15
N ILE A 829 13.78 -4.69 69.03
CA ILE A 829 14.79 -3.63 69.01
C ILE A 829 14.34 -2.40 69.83
N GLU A 830 13.08 -2.02 69.65
CA GLU A 830 12.50 -0.88 70.35
C GLU A 830 12.37 -1.05 71.86
N ALA A 831 12.16 -2.28 72.32
CA ALA A 831 12.11 -2.51 73.75
C ALA A 831 13.51 -2.47 74.31
N THR A 832 14.49 -2.77 73.47
CA THR A 832 15.88 -2.78 73.89
C THR A 832 16.33 -1.35 74.07
N LEU A 833 16.10 -0.51 73.06
CA LEU A 833 16.57 0.89 73.10
C LEU A 833 15.90 1.78 74.14
N ASP A 834 14.76 1.37 74.69
CA ASP A 834 14.22 2.01 75.89
C ASP A 834 15.21 1.91 76.98
N SER A 835 15.48 0.66 77.33
CA SER A 835 16.51 0.33 78.29
C SER A 835 17.79 1.15 77.99
N ALA A 836 18.36 1.02 76.80
CA ALA A 836 19.75 1.46 76.58
C ALA A 836 19.88 2.96 76.43
N LEU A 837 19.25 3.52 75.40
CA LEU A 837 19.42 4.93 75.08
C LEU A 837 18.71 5.84 76.07
N PRO A 838 19.28 7.04 76.28
CA PRO A 838 18.52 8.04 77.00
C PRO A 838 17.06 7.96 76.56
N ALA A 839 16.20 7.66 77.52
CA ALA A 839 14.76 7.70 77.29
C ALA A 839 14.43 9.04 76.60
N ASP A 840 13.76 8.95 75.45
CA ASP A 840 13.54 10.10 74.57
C ASP A 840 14.77 10.98 74.32
N ALA A 841 15.78 10.29 73.79
CA ALA A 841 16.74 10.89 72.90
C ALA A 841 16.73 9.99 71.66
N GLY A 842 15.68 10.20 70.87
CA GLY A 842 15.74 10.04 69.42
C GLY A 842 15.25 8.77 68.75
N ALA A 843 15.98 7.66 68.98
CA ALA A 843 16.15 6.52 68.02
C ALA A 843 14.92 6.05 67.19
N CYS A 844 15.15 5.77 65.91
CA CYS A 844 14.12 5.25 65.03
C CYS A 844 14.47 3.88 64.44
N VAL A 845 13.43 3.07 64.27
CA VAL A 845 13.52 1.68 63.91
C VAL A 845 12.49 1.55 62.81
N VAL A 846 12.91 1.11 61.65
CA VAL A 846 12.08 1.16 60.46
C VAL A 846 12.11 -0.21 59.77
N GLY A 847 10.97 -0.63 59.24
CA GLY A 847 10.92 -1.90 58.52
C GLY A 847 11.08 -1.61 57.05
N THR A 848 10.74 -2.56 56.20
CA THR A 848 10.81 -2.30 54.76
C THR A 848 9.50 -2.67 54.11
N LEU A 849 9.28 -3.95 53.84
CA LEU A 849 8.01 -4.40 53.32
C LEU A 849 7.27 -5.14 54.44
N ARG A 850 6.03 -5.49 54.15
CA ARG A 850 5.14 -6.11 55.09
C ARG A 850 4.47 -7.24 54.36
N ARG A 851 3.83 -8.13 55.08
CA ARG A 851 3.22 -9.28 54.42
C ARG A 851 2.08 -8.81 53.55
N ASP A 852 2.09 -9.28 52.31
CA ASP A 852 1.09 -8.94 51.30
C ASP A 852 1.12 -7.46 50.90
N ARG A 853 2.13 -6.72 51.35
CA ARG A 853 2.33 -5.36 50.92
C ARG A 853 3.73 -5.26 50.38
N GLY A 854 4.01 -6.10 49.38
CA GLY A 854 5.24 -6.03 48.61
C GLY A 854 4.94 -4.86 47.72
N GLY A 855 5.56 -4.74 46.56
CA GLY A 855 5.19 -3.59 45.72
C GLY A 855 5.86 -2.27 46.06
N LEU A 856 6.27 -1.55 45.00
CA LEU A 856 7.14 -0.39 45.08
C LEU A 856 6.62 0.67 46.04
N ALA A 857 5.31 0.89 45.99
CA ALA A 857 4.67 1.93 46.74
C ALA A 857 4.79 1.72 48.22
N ASP A 858 4.88 0.46 48.65
CA ASP A 858 5.08 0.15 50.06
C ASP A 858 6.52 0.39 50.48
N PHE A 859 7.43 0.12 49.56
CA PHE A 859 8.82 0.50 49.73
C PHE A 859 8.98 2.01 49.88
N HIS A 860 8.27 2.80 49.06
CA HIS A 860 8.32 4.27 49.19
C HIS A 860 7.79 4.68 50.55
N THR A 861 6.83 3.92 51.06
CA THR A 861 6.32 4.22 52.37
C THR A 861 7.36 3.92 53.41
N ALA A 862 8.19 2.91 53.21
CA ALA A 862 9.23 2.64 54.20
C ALA A 862 10.27 3.77 54.18
N LEU A 863 10.75 4.08 52.98
CA LEU A 863 11.56 5.27 52.75
C LEU A 863 10.98 6.51 53.44
N GLY A 864 9.67 6.70 53.37
CA GLY A 864 9.02 7.82 54.03
C GLY A 864 9.22 7.89 55.54
N GLU A 865 9.01 6.77 56.23
CA GLU A 865 9.14 6.74 57.68
C GLU A 865 10.57 7.09 58.06
N ALA A 866 11.53 6.76 57.20
CA ALA A 866 12.93 7.03 57.49
C ALA A 866 13.26 8.49 57.22
N TYR A 867 12.80 9.00 56.06
CA TYR A 867 12.86 10.42 55.73
C TYR A 867 12.22 11.24 56.80
N ALA A 868 10.98 10.92 57.14
CA ALA A 868 10.27 11.64 58.18
C ALA A 868 11.05 11.77 59.48
N GLN A 869 12.04 10.91 59.69
CA GLN A 869 12.79 10.91 60.93
C GLN A 869 14.23 11.34 60.78
N GLY A 870 14.65 11.70 59.58
CA GLY A 870 15.94 12.34 59.39
C GLY A 870 17.01 11.49 58.75
N VAL A 871 16.68 10.30 58.32
CA VAL A 871 17.60 9.54 57.48
C VAL A 871 17.75 10.30 56.17
N GLU A 872 18.96 10.42 55.65
CA GLU A 872 19.14 11.02 54.33
C GLU A 872 18.62 10.09 53.28
N VAL A 873 17.58 10.52 52.57
CA VAL A 873 17.02 9.77 51.44
C VAL A 873 17.19 10.59 50.16
N ASP A 874 17.57 9.93 49.07
CA ASP A 874 17.72 10.58 47.79
C ASP A 874 16.52 10.13 46.96
N TRP A 875 15.50 10.99 46.82
CA TRP A 875 14.20 10.60 46.24
C TRP A 875 14.17 10.52 44.74
N SER A 876 15.23 10.98 44.09
CA SER A 876 15.22 11.19 42.64
C SER A 876 14.77 10.01 41.82
N PRO A 877 15.19 8.80 42.19
CA PRO A 877 14.88 7.64 41.39
C PRO A 877 13.39 7.37 41.19
N ALA A 878 12.53 7.87 42.10
CA ALA A 878 11.07 7.72 41.97
C ALA A 878 10.45 8.51 40.79
N PHE A 879 11.17 9.52 40.32
CA PHE A 879 10.73 10.40 39.22
C PHE A 879 11.75 10.37 38.07
N ALA A 880 11.36 9.71 36.99
CA ALA A 880 12.17 9.69 35.77
C ALA A 880 11.40 10.40 34.63
N ASP A 881 12.03 11.43 34.08
CA ASP A 881 11.41 12.32 33.08
C ASP A 881 10.54 13.42 33.76
N ALA A 882 10.75 13.71 35.05
CA ALA A 882 9.87 14.69 35.71
C ALA A 882 10.39 16.14 35.59
N ARG A 883 9.52 17.03 35.11
CA ARG A 883 9.83 18.46 35.04
C ARG A 883 9.29 19.20 36.25
N PRO A 884 9.86 20.37 36.57
CA PRO A 884 9.30 21.10 37.71
C PRO A 884 7.92 21.66 37.36
N VAL A 885 7.21 22.08 38.38
CA VAL A 885 5.85 22.57 38.23
C VAL A 885 5.68 23.60 39.32
N GLU A 886 4.79 24.58 39.15
CA GLU A 886 4.70 25.62 40.17
C GLU A 886 3.93 25.11 41.38
N LEU A 887 4.40 25.47 42.57
CA LEU A 887 3.74 25.06 43.79
C LEU A 887 3.55 26.18 44.81
N PRO A 888 2.61 25.97 45.74
CA PRO A 888 2.45 26.84 46.88
C PRO A 888 3.71 27.08 47.65
N VAL A 889 3.71 28.22 48.26
CA VAL A 889 4.84 28.81 48.90
C VAL A 889 4.74 28.47 50.43
N TYR A 890 5.85 28.51 51.14
CA TYR A 890 5.83 28.21 52.57
C TYR A 890 4.68 28.90 53.34
N PRO A 891 3.92 28.17 54.18
CA PRO A 891 2.89 28.82 55.00
C PRO A 891 3.46 29.42 56.28
N PHE A 892 3.76 30.71 56.23
CA PHE A 892 4.45 31.34 57.34
C PHE A 892 3.64 31.34 58.62
N GLN A 893 4.36 31.14 59.71
CA GLN A 893 3.74 30.99 61.02
C GLN A 893 4.06 32.25 61.81
N ARG A 894 3.06 33.14 61.87
CA ARG A 894 3.27 34.57 62.13
C ARG A 894 2.81 35.08 63.45
N GLN A 895 3.48 36.11 63.91
CA GLN A 895 3.04 36.85 65.08
C GLN A 895 3.18 38.32 64.85
N ARG A 896 2.46 39.08 65.67
CA ARG A 896 2.45 40.51 65.55
C ARG A 896 3.52 41.07 66.42
N TYR A 897 4.28 41.99 65.87
CA TYR A 897 5.33 42.66 66.62
C TYR A 897 5.17 44.13 66.26
N TRP A 898 4.92 44.96 67.25
CA TRP A 898 4.65 46.36 67.01
C TRP A 898 5.00 47.24 68.20
N LEU A 899 5.94 48.14 67.96
CA LEU A 899 6.40 49.11 68.94
C LEU A 899 5.79 50.49 68.62
N PRO A 900 4.90 51.00 69.51
CA PRO A 900 4.28 52.28 69.18
C PRO A 900 5.25 53.44 69.45
N ILE A 901 4.72 54.65 69.72
CA ILE A 901 5.52 55.89 69.81
C ILE A 901 5.04 56.83 70.95
N GLU B 9 37.58 44.13 -13.73
CA GLU B 9 38.57 44.06 -12.62
C GLU B 9 38.59 45.26 -11.66
N GLU B 10 38.85 46.44 -12.20
CA GLU B 10 39.02 47.65 -11.39
C GLU B 10 37.89 47.94 -10.42
N LYS B 11 36.68 47.58 -10.81
CA LYS B 11 35.49 47.74 -9.95
C LYS B 11 35.62 46.79 -8.76
N LEU B 12 36.18 45.61 -9.03
CA LEU B 12 36.46 44.62 -7.99
C LEU B 12 37.89 44.83 -7.42
N ARG B 13 38.31 46.09 -7.34
CA ARG B 13 39.37 46.53 -6.42
C ARG B 13 38.77 47.61 -5.55
N ARG B 14 38.03 48.55 -6.14
CA ARG B 14 37.20 49.49 -5.37
C ARG B 14 36.11 48.75 -4.58
N TYR B 15 35.80 47.52 -4.99
CA TYR B 15 34.93 46.63 -4.23
C TYR B 15 35.67 46.20 -2.97
N LEU B 16 36.95 45.85 -3.10
CA LEU B 16 37.77 45.64 -1.91
C LEU B 16 37.71 46.91 -1.02
N LYS B 17 38.03 48.06 -1.61
CA LYS B 17 38.07 49.31 -0.87
C LYS B 17 36.91 49.43 0.13
N ARG B 18 35.67 49.49 -0.33
CA ARG B 18 34.54 49.78 0.59
C ARG B 18 34.23 48.55 1.46
N THR B 19 34.53 47.36 0.97
CA THR B 19 34.39 46.16 1.78
C THR B 19 35.38 46.17 2.91
N VAL B 20 36.58 46.65 2.65
CA VAL B 20 37.55 46.79 3.72
C VAL B 20 37.17 47.95 4.65
N THR B 21 36.44 48.93 4.15
CA THR B 21 36.09 50.07 4.97
C THR B 21 34.94 49.73 5.92
N GLU B 22 34.05 48.83 5.49
CA GLU B 22 33.05 48.25 6.38
C GLU B 22 33.80 47.52 7.48
N LEU B 23 34.59 46.54 7.06
CA LEU B 23 35.37 45.72 7.97
C LEU B 23 36.21 46.52 8.95
N ASP B 24 36.61 47.73 8.58
CA ASP B 24 37.38 48.59 9.51
C ASP B 24 36.49 49.37 10.45
N SER B 25 35.36 49.85 9.93
CA SER B 25 34.37 50.53 10.77
C SER B 25 33.89 49.60 11.90
N VAL B 26 33.72 48.32 11.56
CA VAL B 26 33.30 47.31 12.53
C VAL B 26 34.40 46.96 13.57
N THR B 27 35.66 46.71 13.19
CA THR B 27 36.67 46.32 14.20
C THR B 27 36.88 47.41 15.23
N ALA B 28 37.17 48.62 14.75
CA ALA B 28 37.36 49.77 15.64
C ALA B 28 36.09 50.04 16.44
N ARG B 29 34.97 49.59 15.91
CA ARG B 29 33.70 49.65 16.59
C ARG B 29 33.69 48.76 17.81
N LEU B 30 34.02 47.48 17.61
CA LEU B 30 34.15 46.51 18.69
C LEU B 30 35.13 47.04 19.73
N ARG B 31 36.31 47.51 19.34
CA ARG B 31 37.22 48.05 20.36
C ARG B 31 36.55 49.20 21.10
N GLU B 32 35.85 50.07 20.38
CA GLU B 32 35.25 51.25 21.01
C GLU B 32 34.35 50.82 22.15
N VAL B 33 33.39 49.97 21.82
CA VAL B 33 32.47 49.36 22.77
C VAL B 33 33.22 48.82 23.99
N GLU B 34 34.14 47.91 23.74
CA GLU B 34 34.87 47.24 24.80
C GLU B 34 35.73 48.22 25.54
N HIS B 35 36.34 49.15 24.82
CA HIS B 35 37.12 50.18 25.47
C HIS B 35 36.22 51.02 26.36
N ARG B 36 35.08 51.43 25.83
CA ARG B 36 34.15 52.25 26.59
C ARG B 36 33.62 51.56 27.83
N ALA B 37 33.37 50.26 27.68
CA ALA B 37 32.83 49.46 28.77
C ALA B 37 33.76 49.33 30.00
N GLY B 38 35.06 49.48 29.83
CA GLY B 38 35.98 49.45 30.99
C GLY B 38 36.81 50.73 31.14
N GLU B 39 36.39 51.79 30.45
CA GLU B 39 37.20 53.01 30.30
C GLU B 39 37.48 53.62 31.67
N PRO B 40 38.73 53.94 31.97
CA PRO B 40 39.02 54.65 33.21
C PRO B 40 38.16 55.93 33.42
N ILE B 41 37.77 56.19 34.65
CA ILE B 41 36.96 57.35 34.96
C ILE B 41 37.83 58.33 35.71
N ALA B 42 37.81 59.58 35.25
CA ALA B 42 38.68 60.62 35.81
C ALA B 42 37.97 61.37 36.92
N ILE B 43 38.60 61.43 38.09
CA ILE B 43 38.13 62.33 39.11
C ILE B 43 38.65 63.69 38.69
N VAL B 44 37.74 64.61 38.48
CA VAL B 44 38.03 65.89 37.86
C VAL B 44 37.83 67.08 38.79
N GLY B 45 37.35 66.84 40.00
CA GLY B 45 37.15 67.87 41.01
C GLY B 45 36.65 67.25 42.29
N MSE B 46 36.83 67.92 43.40
CA MSE B 46 36.35 67.39 44.66
C MSE B 46 35.90 68.51 45.56
O MSE B 46 36.15 69.67 45.26
CB MSE B 46 37.44 66.60 45.39
CG MSE B 46 38.50 65.94 44.51
SE MSE B 46 39.73 64.73 45.50
CE MSE B 46 38.56 63.32 45.59
N ALA B 47 35.29 68.17 46.68
CA ALA B 47 34.92 69.14 47.69
C ALA B 47 34.48 68.41 48.94
N CYS B 48 34.89 68.90 50.10
CA CYS B 48 34.55 68.22 51.32
C CYS B 48 34.21 69.12 52.49
N ARG B 49 33.76 68.48 53.56
CA ARG B 49 33.46 69.10 54.82
C ARG B 49 33.73 68.06 55.93
N PHE B 50 34.97 67.95 56.41
CA PHE B 50 35.32 66.95 57.43
C PHE B 50 35.65 67.54 58.80
N PRO B 51 35.76 66.69 59.83
CA PRO B 51 36.23 67.20 61.12
C PRO B 51 37.65 67.75 61.04
N GLY B 52 37.97 68.64 61.96
CA GLY B 52 39.21 69.40 61.92
C GLY B 52 39.12 70.69 61.11
N ASP B 53 37.93 71.28 61.00
CA ASP B 53 37.68 72.48 60.17
C ASP B 53 38.17 72.30 58.76
N VAL B 54 37.83 71.16 58.18
CA VAL B 54 38.24 70.86 56.85
C VAL B 54 37.08 71.21 55.96
N ASP B 55 37.37 72.00 54.94
CA ASP B 55 36.39 72.51 53.98
C ASP B 55 36.93 72.49 52.54
N SER B 56 38.17 72.08 52.40
CA SER B 56 38.76 71.97 51.09
C SER B 56 39.58 70.72 51.04
N PRO B 57 39.88 70.25 49.83
CA PRO B 57 40.98 69.32 49.64
C PRO B 57 42.32 69.85 50.19
N GLU B 58 42.67 71.11 49.94
CA GLU B 58 43.91 71.65 50.45
C GLU B 58 43.97 71.48 51.97
N SER B 59 42.85 71.76 52.64
CA SER B 59 42.82 71.73 54.11
C SER B 59 42.89 70.31 54.63
N PHE B 60 42.19 69.42 53.96
CA PHE B 60 42.21 67.98 54.26
C PHE B 60 43.62 67.46 54.24
N TRP B 61 44.35 67.74 53.17
CA TRP B 61 45.73 67.27 53.06
C TRP B 61 46.66 67.85 54.15
N GLU B 62 46.50 69.14 54.43
CA GLU B 62 47.20 69.76 55.58
C GLU B 62 46.94 68.99 56.86
N PHE B 63 45.66 68.84 57.18
CA PHE B 63 45.26 68.26 58.43
C PHE B 63 45.83 66.86 58.52
N VAL B 64 45.71 66.09 57.44
CA VAL B 64 46.09 64.67 57.49
C VAL B 64 47.61 64.47 57.49
N SER B 65 48.31 64.94 56.45
CA SER B 65 49.77 64.75 56.43
C SER B 65 50.40 65.42 57.65
N GLY B 66 49.76 66.46 58.16
CA GLY B 66 50.18 67.10 59.41
C GLY B 66 49.97 66.22 60.64
N GLY B 67 49.18 65.16 60.49
CA GLY B 67 48.93 64.26 61.61
C GLY B 67 47.93 64.83 62.60
N GLY B 68 46.89 65.48 62.10
CA GLY B 68 45.87 66.05 62.96
C GLY B 68 44.94 64.98 63.51
N ASP B 69 44.54 65.18 64.77
CA ASP B 69 43.57 64.35 65.46
C ASP B 69 42.41 65.24 65.82
N ALA B 70 41.25 64.98 65.20
CA ALA B 70 40.10 65.86 65.27
C ALA B 70 39.14 65.50 66.38
N ILE B 71 39.37 64.39 67.08
CA ILE B 71 38.39 63.89 68.05
C ILE B 71 38.24 64.88 69.21
N ALA B 72 37.00 65.20 69.56
CA ALA B 72 36.73 66.16 70.64
C ALA B 72 35.30 66.02 71.18
N GLU B 73 34.93 66.89 72.10
CA GLU B 73 33.58 66.88 72.61
C GLU B 73 32.62 67.34 71.56
N ALA B 74 31.41 66.82 71.69
CA ALA B 74 30.34 67.15 70.79
C ALA B 74 29.90 68.55 71.11
N PRO B 75 29.66 69.37 70.08
CA PRO B 75 29.27 70.74 70.37
C PRO B 75 27.98 70.85 71.20
N ALA B 76 27.90 71.99 71.91
CA ALA B 76 26.80 72.33 72.82
C ALA B 76 25.57 72.78 72.05
N ASP B 77 25.79 73.40 70.90
CA ASP B 77 24.74 74.05 70.13
C ASP B 77 23.58 73.17 69.62
N ARG B 78 23.69 71.85 69.73
CA ARG B 78 22.71 70.98 69.06
C ARG B 78 21.47 70.70 69.90
N GLY B 79 21.50 71.10 71.17
CA GLY B 79 20.32 70.91 72.02
C GLY B 79 20.18 69.45 72.36
N TRP B 80 21.31 68.80 72.55
CA TRP B 80 21.35 67.43 73.00
C TRP B 80 21.11 67.43 74.51
N GLU B 81 20.36 66.45 74.96
CA GLU B 81 20.29 66.09 76.38
C GLU B 81 21.72 65.97 76.99
N PRO B 82 22.01 66.67 78.14
CA PRO B 82 23.26 66.38 78.89
C PRO B 82 23.45 64.92 79.34
N ASP B 83 24.69 64.52 79.55
CA ASP B 83 25.02 63.14 79.92
C ASP B 83 26.20 63.15 80.90
N PRO B 84 26.22 62.24 81.91
CA PRO B 84 27.40 62.22 82.79
C PRO B 84 28.71 61.95 82.02
N ASP B 85 28.61 61.03 81.06
CA ASP B 85 29.72 60.52 80.29
C ASP B 85 29.88 61.35 79.01
N ALA B 86 30.81 62.32 79.01
CA ALA B 86 30.93 63.25 77.86
C ALA B 86 31.08 62.51 76.53
N ARG B 87 30.51 63.10 75.47
CA ARG B 87 30.45 62.44 74.17
C ARG B 87 31.57 62.90 73.26
N LEU B 88 32.47 61.97 72.96
CA LEU B 88 33.67 62.28 72.20
C LEU B 88 33.54 61.74 70.83
N GLY B 89 34.05 62.47 69.85
CA GLY B 89 34.05 62.01 68.48
C GLY B 89 34.46 63.08 67.51
N GLY B 90 34.39 62.79 66.22
CA GLY B 90 34.84 63.71 65.17
C GLY B 90 33.72 64.54 64.60
N MSE B 91 33.48 65.69 65.20
CA MSE B 91 32.34 66.52 64.87
C MSE B 91 32.67 67.58 63.84
O MSE B 91 33.85 67.90 63.61
CB MSE B 91 31.83 67.21 66.14
CG MSE B 91 31.58 66.27 67.32
SE MSE B 91 30.37 64.79 66.92
CE MSE B 91 28.81 65.79 66.22
N LEU B 92 31.64 68.13 63.22
CA LEU B 92 31.79 69.12 62.17
C LEU B 92 31.58 70.47 62.79
N ALA B 93 32.56 71.34 62.62
CA ALA B 93 32.59 72.63 63.30
C ALA B 93 31.29 73.48 63.14
N ALA B 94 30.69 73.44 61.95
CA ALA B 94 29.58 74.33 61.62
C ALA B 94 28.52 73.60 60.82
N ALA B 95 28.07 72.46 61.33
CA ALA B 95 27.17 71.57 60.58
C ALA B 95 25.82 72.19 60.19
N GLY B 96 25.45 73.26 60.90
CA GLY B 96 24.17 73.92 60.68
C GLY B 96 24.24 75.20 59.87
N ASP B 97 25.40 75.52 59.34
CA ASP B 97 25.60 76.76 58.61
C ASP B 97 25.46 76.54 57.10
N PHE B 98 24.70 77.45 56.47
CA PHE B 98 24.20 77.32 55.09
C PHE B 98 23.90 78.70 54.45
N ASP B 99 24.27 78.87 53.17
CA ASP B 99 23.88 80.05 52.37
C ASP B 99 22.66 79.62 51.57
N ALA B 100 21.50 79.84 52.16
CA ALA B 100 20.25 79.37 51.58
C ALA B 100 19.86 80.22 50.38
N GLY B 101 20.03 81.54 50.52
CA GLY B 101 19.67 82.51 49.50
C GLY B 101 20.41 82.20 48.23
N PHE B 102 21.67 81.82 48.38
CA PHE B 102 22.43 81.42 47.22
C PHE B 102 21.63 80.42 46.39
N PHE B 103 20.94 79.51 47.04
CA PHE B 103 20.30 78.39 46.35
C PHE B 103 18.83 78.55 46.16
N GLY B 104 18.29 79.68 46.54
CA GLY B 104 16.88 79.99 46.28
C GLY B 104 15.97 79.47 47.36
N ILE B 105 16.55 79.22 48.53
CA ILE B 105 15.84 78.53 49.55
C ILE B 105 15.51 79.53 50.63
N SER B 106 14.24 79.58 50.99
CA SER B 106 13.77 80.42 52.08
C SER B 106 14.37 80.02 53.40
N PRO B 107 14.52 80.97 54.33
CA PRO B 107 14.91 80.65 55.72
C PRO B 107 14.04 79.58 56.41
N ARG B 108 12.74 79.60 56.10
CA ARG B 108 11.79 78.64 56.64
C ARG B 108 12.08 77.18 56.23
N GLU B 109 12.26 76.94 54.94
CA GLU B 109 12.65 75.63 54.42
C GLU B 109 14.07 75.17 54.80
N ALA B 110 14.98 76.11 54.93
CA ALA B 110 16.34 75.77 55.31
C ALA B 110 16.32 75.24 56.73
N LEU B 111 15.38 75.73 57.53
CA LEU B 111 15.31 75.31 58.90
C LEU B 111 14.83 73.86 58.97
N ALA B 112 13.87 73.49 58.11
CA ALA B 112 13.38 72.11 58.04
C ALA B 112 14.33 71.14 57.31
N MSE B 113 15.46 71.65 56.84
CA MSE B 113 16.39 70.87 56.02
C MSE B 113 17.46 70.16 56.84
O MSE B 113 18.24 70.77 57.56
CB MSE B 113 17.07 71.77 55.00
CG MSE B 113 16.36 71.81 53.67
SE MSE B 113 17.39 72.82 52.37
CE MSE B 113 18.88 71.80 52.10
N ASP B 114 17.48 68.85 56.69
CA ASP B 114 18.60 68.01 57.07
C ASP B 114 19.89 68.67 56.60
N PRO B 115 20.78 68.93 57.57
CA PRO B 115 22.08 69.47 57.28
C PRO B 115 22.77 68.72 56.16
N GLN B 116 22.55 67.42 56.10
CA GLN B 116 23.13 66.58 55.06
C GLN B 116 22.69 67.05 53.67
N GLN B 117 21.45 67.54 53.53
CA GLN B 117 20.99 68.02 52.22
C GLN B 117 21.70 69.29 51.86
N ARG B 118 21.88 70.14 52.87
CA ARG B 118 22.48 71.45 52.70
C ARG B 118 23.94 71.37 52.33
N ILE B 119 24.70 70.67 53.14
CA ILE B 119 26.10 70.54 52.89
C ILE B 119 26.28 70.07 51.47
N MSE B 120 25.44 69.13 51.06
CA MSE B 120 25.66 68.49 49.78
C MSE B 120 25.56 69.53 48.71
O MSE B 120 26.37 69.55 47.80
CB MSE B 120 24.65 67.35 49.53
CG MSE B 120 25.03 65.99 50.13
SE MSE B 120 26.82 65.28 49.67
CE MSE B 120 27.73 65.79 51.14
N LEU B 121 24.57 70.39 48.82
CA LEU B 121 24.44 71.49 47.88
C LEU B 121 25.74 72.29 47.81
N GLU B 122 26.17 72.80 48.96
CA GLU B 122 27.34 73.63 48.96
C GLU B 122 28.49 72.94 48.26
N ILE B 123 28.82 71.73 48.69
CA ILE B 123 30.02 71.09 48.17
C ILE B 123 29.88 70.68 46.70
N SER B 124 28.70 70.25 46.29
CA SER B 124 28.44 69.97 44.89
C SER B 124 28.77 71.22 44.03
N TRP B 125 28.36 72.40 44.48
CA TRP B 125 28.69 73.61 43.74
C TRP B 125 30.20 73.80 43.73
N GLU B 126 30.82 73.67 44.89
CA GLU B 126 32.26 73.90 44.99
C GLU B 126 33.01 72.98 44.08
N ALA B 127 32.60 71.72 44.01
CA ALA B 127 33.40 70.75 43.29
C ALA B 127 33.38 70.99 41.79
N LEU B 128 32.23 71.32 41.25
CA LEU B 128 32.12 71.66 39.83
C LEU B 128 32.97 72.91 39.46
N GLU B 129 32.99 73.91 40.35
CA GLU B 129 33.87 75.07 40.16
C GLU B 129 35.29 74.51 40.01
N ARG B 130 35.79 73.83 41.02
CA ARG B 130 37.14 73.28 40.96
C ARG B 130 37.34 72.38 39.75
N ALA B 131 36.27 71.88 39.17
CA ALA B 131 36.40 71.05 37.98
C ALA B 131 36.54 71.86 36.68
N GLY B 132 36.33 73.17 36.75
CA GLY B 132 36.50 74.05 35.60
C GLY B 132 35.22 74.53 34.95
N HIS B 133 34.10 74.34 35.65
CA HIS B 133 32.80 74.73 35.14
C HIS B 133 32.28 75.93 35.87
N ASP B 134 31.65 76.83 35.16
CA ASP B 134 30.66 77.69 35.77
C ASP B 134 29.44 76.78 35.89
N PRO B 135 29.09 76.37 37.12
CA PRO B 135 27.99 75.43 37.28
C PRO B 135 26.66 75.87 36.65
N VAL B 136 26.48 77.16 36.46
CA VAL B 136 25.26 77.64 35.82
C VAL B 136 25.25 77.17 34.38
N SER B 137 26.42 77.04 33.77
CA SER B 137 26.50 76.56 32.41
C SER B 137 25.94 75.15 32.27
N LEU B 138 26.02 74.32 33.31
CA LEU B 138 25.49 72.92 33.29
C LEU B 138 23.97 72.77 33.43
N ARG B 139 23.19 73.85 33.54
CA ARG B 139 21.75 73.68 33.67
C ARG B 139 21.23 73.07 32.39
N GLY B 140 20.47 71.99 32.52
CA GLY B 140 19.88 71.31 31.40
C GLY B 140 20.78 70.27 30.79
N SER B 141 21.92 70.02 31.41
CA SER B 141 22.81 68.96 30.95
C SER B 141 22.37 67.62 31.54
N ALA B 142 22.91 66.52 31.01
CA ALA B 142 22.68 65.22 31.60
C ALA B 142 23.82 64.98 32.52
N THR B 143 23.76 65.57 33.69
CA THR B 143 24.71 65.28 34.70
C THR B 143 24.00 64.41 35.76
N GLY B 144 24.67 63.34 36.17
CA GLY B 144 24.15 62.42 37.17
C GLY B 144 24.49 62.87 38.58
N VAL B 145 23.67 62.41 39.52
CA VAL B 145 23.92 62.60 40.94
C VAL B 145 23.69 61.28 41.71
N PHE B 146 24.74 60.83 42.40
CA PHE B 146 24.76 59.57 43.14
C PHE B 146 25.31 59.84 44.55
N THR B 147 24.44 59.79 45.56
CA THR B 147 24.83 60.18 46.89
C THR B 147 24.62 59.05 47.85
N GLY B 148 25.63 58.73 48.66
CA GLY B 148 25.48 57.81 49.78
C GLY B 148 24.94 58.44 51.06
N VAL B 149 23.72 58.13 51.43
CA VAL B 149 23.18 58.59 52.70
C VAL B 149 22.79 57.40 53.58
N GLY B 150 23.37 57.33 54.78
CA GLY B 150 22.98 56.32 55.76
C GLY B 150 21.75 56.78 56.49
N THR B 151 21.96 57.44 57.60
CA THR B 151 20.89 57.77 58.49
C THR B 151 20.46 59.20 58.33
N VAL B 152 19.18 59.46 58.63
CA VAL B 152 18.68 60.82 58.75
C VAL B 152 17.99 60.93 60.09
N ASP B 153 18.41 61.88 60.94
CA ASP B 153 17.87 62.00 62.29
C ASP B 153 17.60 63.43 62.71
N TYR B 154 17.27 64.30 61.75
CA TYR B 154 17.27 65.73 61.99
C TYR B 154 16.01 66.32 62.57
N GLY B 155 14.89 66.13 61.89
CA GLY B 155 13.69 66.88 62.26
C GLY B 155 13.15 66.53 63.63
N PRO B 156 12.15 67.27 64.11
CA PRO B 156 11.12 66.61 64.90
C PRO B 156 10.21 65.82 63.96
N ARG B 157 9.39 64.92 64.47
CA ARG B 157 8.49 64.21 63.61
C ARG B 157 7.45 65.16 63.17
N PRO B 158 6.89 64.95 61.98
CA PRO B 158 5.80 65.76 61.54
C PRO B 158 4.86 66.08 62.67
N ASP B 159 4.59 65.10 63.51
CA ASP B 159 3.53 65.17 64.50
C ASP B 159 3.83 66.13 65.65
N GLU B 160 5.06 66.63 65.74
CA GLU B 160 5.43 67.59 66.79
C GLU B 160 6.23 68.81 66.29
N ALA B 161 6.16 69.07 64.99
CA ALA B 161 6.96 70.12 64.39
C ALA B 161 6.18 71.39 64.54
N PRO B 162 6.89 72.53 64.63
CA PRO B 162 6.23 73.85 64.55
C PRO B 162 5.42 73.99 63.27
N ASP B 163 4.22 74.53 63.39
CA ASP B 163 3.35 74.69 62.22
C ASP B 163 4.05 75.46 61.09
N GLU B 164 4.84 76.45 61.46
CA GLU B 164 5.63 77.26 60.53
C GLU B 164 6.31 76.46 59.43
N VAL B 165 6.77 75.28 59.80
CA VAL B 165 7.74 74.56 59.02
C VAL B 165 7.15 73.26 58.42
N LEU B 166 5.82 73.11 58.52
CA LEU B 166 5.14 71.84 58.21
C LEU B 166 5.15 71.42 56.74
N GLY B 167 4.97 72.38 55.85
CA GLY B 167 5.14 72.14 54.40
C GLY B 167 6.45 71.45 54.05
N TYR B 168 7.52 71.84 54.74
CA TYR B 168 8.85 71.42 54.36
C TYR B 168 9.45 70.32 55.25
N VAL B 169 8.65 69.69 56.11
CA VAL B 169 9.23 68.73 57.04
C VAL B 169 9.70 67.47 56.35
N GLY B 170 8.77 66.82 55.63
CA GLY B 170 9.06 65.55 54.93
C GLY B 170 10.11 65.74 53.87
N THR B 171 9.79 66.56 52.88
CA THR B 171 10.67 66.82 51.79
C THR B 171 12.03 67.27 52.27
N GLY B 172 12.08 67.94 53.42
CA GLY B 172 13.34 68.46 53.94
C GLY B 172 14.22 67.43 54.61
N THR B 173 13.67 66.24 54.87
CA THR B 173 14.42 65.16 55.54
C THR B 173 14.44 63.84 54.76
N ALA B 174 13.80 63.79 53.59
CA ALA B 174 13.74 62.54 52.82
C ALA B 174 15.07 62.27 52.08
N SER B 175 15.65 61.11 52.37
CA SER B 175 16.94 60.68 51.82
C SER B 175 17.06 60.89 50.30
N SER B 176 15.96 60.67 49.58
CA SER B 176 15.94 60.80 48.13
C SER B 176 16.27 62.21 47.72
N VAL B 177 15.88 63.17 48.56
CA VAL B 177 16.06 64.60 48.25
C VAL B 177 17.51 65.07 48.36
N ALA B 178 18.31 64.51 49.27
CA ALA B 178 19.74 64.80 49.26
C ALA B 178 20.29 64.73 47.85
N SER B 179 19.76 63.80 47.06
CA SER B 179 20.18 63.64 45.69
C SER B 179 19.45 64.58 44.74
N GLY B 180 18.12 64.53 44.82
CA GLY B 180 17.26 65.26 43.92
C GLY B 180 17.41 66.76 44.01
N ARG B 181 17.48 67.29 45.22
CA ARG B 181 17.61 68.73 45.39
C ARG B 181 18.87 69.29 44.71
N VAL B 182 19.98 68.56 44.75
CA VAL B 182 21.14 69.01 43.97
C VAL B 182 20.70 69.12 42.51
N ALA B 183 20.12 68.06 41.95
CA ALA B 183 19.62 68.09 40.57
C ALA B 183 18.63 69.25 40.25
N TYR B 184 17.79 69.61 41.20
CA TYR B 184 16.74 70.62 41.00
C TYR B 184 17.30 72.04 40.99
N CYS B 185 18.24 72.30 41.90
CA CYS B 185 18.95 73.57 41.96
C CYS B 185 19.94 73.81 40.87
N LEU B 186 20.87 72.88 40.61
CA LEU B 186 21.80 73.11 39.52
C LEU B 186 21.18 72.70 38.17
N GLY B 187 19.90 72.33 38.18
CA GLY B 187 19.12 72.03 36.96
C GLY B 187 19.62 70.85 36.17
N LEU B 188 20.16 69.87 36.87
CA LEU B 188 20.80 68.73 36.24
C LEU B 188 19.69 67.81 35.80
N GLU B 189 19.91 67.05 34.74
CA GLU B 189 18.84 66.24 34.18
C GLU B 189 19.18 64.76 34.03
N GLY B 190 20.36 64.34 34.51
CA GLY B 190 20.72 62.92 34.57
C GLY B 190 19.99 62.21 35.71
N PRO B 191 20.22 60.89 35.89
CA PRO B 191 19.55 60.19 36.96
C PRO B 191 20.09 60.67 38.30
N ALA B 192 19.20 60.85 39.28
CA ALA B 192 19.61 61.27 40.64
C ALA B 192 19.08 60.29 41.68
N MSE B 193 19.96 59.80 42.54
CA MSE B 193 19.57 58.83 43.52
C MSE B 193 20.46 58.77 44.76
O MSE B 193 21.66 59.02 44.74
CB MSE B 193 19.54 57.45 42.88
CG MSE B 193 20.93 56.82 42.61
SE MSE B 193 20.85 55.36 41.26
CE MSE B 193 22.49 54.76 41.53
N THR B 194 19.81 58.36 45.83
CA THR B 194 20.47 58.17 47.09
C THR B 194 20.56 56.69 47.37
N VAL B 195 21.73 56.27 47.77
CA VAL B 195 22.03 54.87 47.96
C VAL B 195 22.30 54.66 49.42
N ASP B 196 21.65 53.65 50.02
CA ASP B 196 22.04 53.27 51.36
C ASP B 196 22.69 51.89 51.40
N THR B 197 23.92 51.89 51.90
CA THR B 197 24.71 50.68 52.10
C THR B 197 25.55 50.83 53.39
N ALA B 198 25.01 51.54 54.37
CA ALA B 198 25.72 51.83 55.62
C ALA B 198 27.12 52.45 55.33
N CYS B 199 28.20 51.92 55.92
CA CYS B 199 29.53 52.54 55.83
C CYS B 199 30.07 52.66 54.43
N SER B 200 29.80 51.66 53.60
CA SER B 200 30.32 51.66 52.26
C SER B 200 29.47 52.47 51.29
N SER B 201 28.28 52.89 51.70
CA SER B 201 27.43 53.79 50.91
C SER B 201 28.17 54.69 49.94
N GLY B 202 29.16 55.39 50.47
CA GLY B 202 29.99 56.31 49.72
C GLY B 202 30.65 55.68 48.50
N LEU B 203 31.23 54.50 48.63
CA LEU B 203 31.79 53.81 47.48
C LEU B 203 30.69 53.14 46.63
N THR B 204 29.63 52.65 47.24
CA THR B 204 28.56 52.09 46.43
C THR B 204 28.21 53.14 45.42
N ALA B 205 28.03 54.37 45.90
CA ALA B 205 27.63 55.51 45.05
C ALA B 205 28.59 55.72 43.91
N LEU B 206 29.85 55.66 44.27
CA LEU B 206 30.93 55.94 43.36
C LEU B 206 30.91 54.93 42.22
N HIS B 207 30.74 53.67 42.59
CA HIS B 207 30.68 52.57 41.65
C HIS B 207 29.52 52.77 40.68
N LEU B 208 28.39 53.18 41.22
CA LEU B 208 27.20 53.35 40.40
C LEU B 208 27.37 54.42 39.32
N ALA B 209 28.06 55.50 39.71
CA ALA B 209 28.37 56.60 38.81
C ALA B 209 29.33 56.13 37.69
N MSE B 210 30.40 55.43 38.06
CA MSE B 210 31.34 54.92 37.09
C MSE B 210 30.62 54.16 36.00
O MSE B 210 30.83 54.41 34.82
CB MSE B 210 32.36 54.03 37.74
CG MSE B 210 33.33 54.84 38.55
SE MSE B 210 34.48 53.77 39.67
CE MSE B 210 35.66 52.94 38.27
N GLU B 211 29.72 53.26 36.41
CA GLU B 211 28.98 52.44 35.46
C GLU B 211 27.98 53.22 34.64
N SER B 212 27.45 54.28 35.23
CA SER B 212 26.52 55.18 34.55
C SER B 212 27.20 55.91 33.41
N LEU B 213 28.45 56.32 33.63
CA LEU B 213 29.20 57.10 32.66
C LEU B 213 29.61 56.18 31.53
N ARG B 214 30.07 54.99 31.90
CA ARG B 214 30.49 53.99 30.91
C ARG B 214 29.34 53.57 29.99
N ARG B 215 28.11 53.71 30.43
CA ARG B 215 26.97 53.37 29.57
C ARG B 215 26.38 54.57 28.87
N ASP B 216 26.86 55.76 29.24
CA ASP B 216 26.33 57.02 28.72
C ASP B 216 25.01 57.53 29.32
N GLU B 217 24.58 57.05 30.48
CA GLU B 217 23.42 57.70 31.15
C GLU B 217 23.76 59.19 31.36
N CYS B 218 25.03 59.54 31.35
CA CYS B 218 25.41 60.93 31.40
C CYS B 218 26.86 61.16 31.02
N GLY B 219 27.17 62.44 30.77
CA GLY B 219 28.53 62.89 30.47
C GLY B 219 29.31 63.19 31.73
N LEU B 220 28.58 63.49 32.80
CA LEU B 220 29.20 63.97 34.01
C LEU B 220 28.38 63.51 35.22
N ALA B 221 29.06 63.35 36.36
CA ALA B 221 28.44 62.73 37.52
C ALA B 221 29.03 63.17 38.86
N LEU B 222 28.12 63.39 39.81
CA LEU B 222 28.50 63.78 41.16
C LEU B 222 28.39 62.61 42.11
N ALA B 223 29.51 62.13 42.62
CA ALA B 223 29.54 60.92 43.42
C ALA B 223 29.97 61.25 44.83
N GLY B 224 29.11 61.08 45.82
CA GLY B 224 29.53 61.43 47.19
C GLY B 224 28.81 60.71 48.31
N GLY B 225 29.02 61.21 49.52
CA GLY B 225 28.34 60.71 50.71
C GLY B 225 28.41 61.68 51.87
N VAL B 226 27.46 61.58 52.77
CA VAL B 226 27.35 62.50 53.87
C VAL B 226 26.95 61.72 55.10
N THR B 227 27.50 62.04 56.26
CA THR B 227 26.77 61.82 57.50
C THR B 227 26.91 63.02 58.43
N VAL B 228 25.79 63.47 58.97
CA VAL B 228 25.81 64.45 60.02
C VAL B 228 24.98 63.87 61.12
N MSE B 229 25.54 63.86 62.33
CA MSE B 229 24.82 63.38 63.50
C MSE B 229 23.99 64.48 64.16
O MSE B 229 24.45 65.14 65.06
CB MSE B 229 25.81 62.81 64.49
CG MSE B 229 26.44 61.50 64.00
SE MSE B 229 27.52 60.59 65.32
CE MSE B 229 28.93 61.98 65.53
N SER B 230 22.75 64.64 63.70
CA SER B 230 21.88 65.69 64.20
C SER B 230 21.38 65.39 65.63
N SER B 231 21.33 64.09 65.96
CA SER B 231 20.96 63.57 67.28
C SER B 231 22.04 62.65 67.84
N PRO B 232 22.02 62.42 69.15
CA PRO B 232 22.96 61.47 69.74
C PRO B 232 22.42 60.03 69.73
N GLY B 233 21.53 59.72 68.80
CA GLY B 233 21.10 58.35 68.65
C GLY B 233 22.24 57.36 68.59
N ALA B 234 23.24 57.59 67.75
CA ALA B 234 24.30 56.62 67.53
C ALA B 234 25.09 56.35 68.80
N PHE B 235 25.46 57.41 69.49
CA PHE B 235 26.08 57.27 70.79
C PHE B 235 25.23 56.35 71.63
N THR B 236 23.98 56.72 71.85
CA THR B 236 23.11 55.89 72.67
C THR B 236 23.14 54.42 72.26
N GLU B 237 23.01 54.14 70.96
CA GLU B 237 22.89 52.76 70.46
C GLU B 237 24.20 52.02 70.59
N PHE B 238 25.33 52.70 70.38
CA PHE B 238 26.62 52.01 70.49
C PHE B 238 27.17 51.93 71.90
N ARG B 239 26.76 52.85 72.77
CA ARG B 239 27.04 52.73 74.20
C ARG B 239 26.18 51.67 74.81
N SER B 240 25.15 51.26 74.09
CA SER B 240 24.35 50.14 74.50
C SER B 240 25.22 48.89 74.32
N GLN B 241 25.11 48.15 73.21
CA GLN B 241 26.05 47.04 72.96
C GLN B 241 27.44 47.62 72.81
N GLY B 242 28.44 46.77 72.68
CA GLY B 242 29.83 47.24 72.68
C GLY B 242 30.21 47.83 71.35
N GLY B 243 31.32 48.58 71.36
CA GLY B 243 31.96 49.02 70.12
C GLY B 243 32.71 50.34 70.18
N LEU B 244 32.23 51.29 70.98
CA LEU B 244 32.85 52.61 71.02
C LEU B 244 34.08 52.64 71.88
N ALA B 245 35.17 53.21 71.37
CA ALA B 245 36.30 53.53 72.23
C ALA B 245 35.86 54.54 73.31
N ALA B 246 36.37 54.37 74.54
CA ALA B 246 36.23 55.33 75.63
C ALA B 246 37.07 56.57 75.33
N ASP B 247 38.10 56.37 74.53
CA ASP B 247 38.94 57.44 73.97
C ASP B 247 38.21 58.36 72.99
N GLY B 248 37.21 57.78 72.30
CA GLY B 248 36.56 58.41 71.16
C GLY B 248 37.40 58.28 69.89
N ARG B 249 38.45 57.46 69.96
CA ARG B 249 39.52 57.43 68.97
C ARG B 249 39.73 56.06 68.33
N CYS B 250 40.08 56.07 67.05
CA CYS B 250 40.33 54.87 66.27
C CYS B 250 41.80 54.59 66.24
N LYS B 251 42.21 53.43 66.72
CA LYS B 251 43.63 53.05 66.70
C LYS B 251 43.86 51.84 65.79
N PRO B 252 43.61 52.01 64.47
CA PRO B 252 43.65 50.91 63.52
C PRO B 252 44.92 50.07 63.54
N PHE B 253 44.73 48.78 63.83
CA PHE B 253 45.75 47.73 63.74
C PHE B 253 46.73 47.72 64.89
N SER B 254 46.51 48.59 65.87
CA SER B 254 47.46 48.72 66.95
C SER B 254 47.12 47.70 68.02
N LYS B 255 48.07 47.53 68.94
CA LYS B 255 47.85 46.77 70.16
C LYS B 255 46.70 47.38 70.93
N ALA B 256 46.66 48.71 70.93
CA ALA B 256 45.76 49.49 71.78
C ALA B 256 44.30 49.68 71.28
N ALA B 257 43.84 48.88 70.32
CA ALA B 257 42.50 49.09 69.76
C ALA B 257 41.38 48.81 70.79
N ASP B 258 40.56 49.83 71.09
CA ASP B 258 39.39 49.69 71.98
C ASP B 258 38.14 49.44 71.20
N GLY B 259 38.03 50.13 70.08
CA GLY B 259 36.76 50.29 69.41
C GLY B 259 36.76 51.59 68.62
N PHE B 260 35.77 51.75 67.75
CA PHE B 260 35.78 52.90 66.82
C PHE B 260 35.30 54.20 67.49
N GLY B 261 35.45 55.32 66.78
CA GLY B 261 35.06 56.63 67.27
C GLY B 261 34.10 57.25 66.30
N LEU B 262 32.97 57.70 66.82
CA LEU B 262 31.92 58.23 65.96
C LEU B 262 32.30 59.60 65.39
N ALA B 263 31.83 59.86 64.19
CA ALA B 263 32.16 61.10 63.47
C ALA B 263 31.12 61.39 62.40
N GLU B 264 31.30 62.54 61.75
CA GLU B 264 30.41 63.00 60.70
C GLU B 264 31.20 63.74 59.64
N GLY B 265 30.62 63.88 58.45
CA GLY B 265 31.38 64.40 57.30
C GLY B 265 30.62 64.28 56.01
N ALA B 266 31.29 64.62 54.91
CA ALA B 266 30.64 64.85 53.64
C ALA B 266 31.69 65.05 52.56
N GLY B 267 31.50 64.42 51.40
CA GLY B 267 32.48 64.58 50.33
C GLY B 267 31.90 64.30 48.98
N VAL B 268 32.45 64.97 47.96
CA VAL B 268 31.95 64.81 46.61
C VAL B 268 33.04 64.73 45.62
N LEU B 269 32.79 64.03 44.54
CA LEU B 269 33.74 63.94 43.48
C LEU B 269 32.99 64.20 42.19
N VAL B 270 33.54 65.08 41.36
CA VAL B 270 33.05 65.21 39.99
C VAL B 270 33.75 64.16 39.16
N LEU B 271 32.97 63.30 38.52
CA LEU B 271 33.51 62.21 37.72
C LEU B 271 33.16 62.38 36.26
N GLN B 272 34.12 62.04 35.40
CA GLN B 272 33.95 62.14 33.97
C GLN B 272 34.80 61.08 33.27
N ARG B 273 34.20 60.48 32.26
CA ARG B 273 34.88 59.66 31.28
C ARG B 273 36.31 60.15 31.05
N LEU B 274 37.33 59.31 31.19
CA LEU B 274 38.70 59.84 31.03
C LEU B 274 38.91 60.52 29.69
N SER B 275 38.58 59.85 28.60
CA SER B 275 38.79 60.44 27.27
C SER B 275 38.08 61.80 27.18
N ALA B 276 36.85 61.87 27.68
CA ALA B 276 36.05 63.11 27.59
C ALA B 276 36.67 64.29 28.29
N ALA B 277 37.30 64.03 29.43
CA ALA B 277 38.01 65.05 30.18
C ALA B 277 39.28 65.49 29.44
N ARG B 278 39.98 64.56 28.79
CA ARG B 278 41.16 64.94 28.02
C ARG B 278 40.78 65.84 26.88
N ARG B 279 39.77 65.46 26.12
CA ARG B 279 39.34 66.27 24.99
C ARG B 279 38.98 67.70 25.41
N GLU B 280 38.30 67.84 26.54
CA GLU B 280 37.85 69.16 27.01
C GLU B 280 38.92 69.87 27.82
N GLY B 281 40.09 69.25 27.98
CA GLY B 281 41.21 69.85 28.70
C GLY B 281 40.98 70.07 30.19
N ARG B 282 40.17 69.24 30.81
CA ARG B 282 39.91 69.40 32.22
C ARG B 282 41.03 68.74 32.99
N PRO B 283 41.23 69.18 34.23
CA PRO B 283 42.36 68.66 35.01
C PRO B 283 41.99 67.30 35.56
N VAL B 284 42.88 66.34 35.42
CA VAL B 284 42.62 65.02 35.98
C VAL B 284 43.38 64.92 37.28
N LEU B 285 42.66 64.96 38.39
CA LEU B 285 43.26 64.84 39.72
C LEU B 285 43.77 63.43 39.91
N ALA B 286 42.96 62.46 39.49
CA ALA B 286 43.32 61.04 39.49
C ALA B 286 42.33 60.25 38.66
N VAL B 287 42.66 59.00 38.40
CA VAL B 287 41.82 58.13 37.63
C VAL B 287 41.30 57.02 38.56
N LEU B 288 39.99 56.78 38.57
CA LEU B 288 39.43 55.58 39.16
C LEU B 288 39.43 54.58 38.06
N ARG B 289 39.85 53.35 38.34
CA ARG B 289 40.05 52.39 37.28
C ARG B 289 39.13 51.18 37.25
N GLY B 290 38.63 50.79 38.42
CA GLY B 290 37.65 49.71 38.52
C GLY B 290 37.23 49.61 39.96
N SER B 291 36.05 49.05 40.18
CA SER B 291 35.53 48.94 41.53
C SER B 291 34.70 47.71 41.58
N ALA B 292 34.34 47.29 42.79
CA ALA B 292 33.41 46.17 42.96
C ALA B 292 32.66 46.25 44.31
N VAL B 293 31.47 45.66 44.31
CA VAL B 293 30.56 45.63 45.48
C VAL B 293 30.05 44.19 45.67
N ASN B 294 30.14 43.68 46.91
CA ASN B 294 29.56 42.38 47.25
C ASN B 294 28.91 42.35 48.63
N GLN B 295 28.48 41.17 49.07
CA GLN B 295 27.91 40.99 50.41
C GLN B 295 28.71 39.92 51.10
N ASP B 296 28.87 40.03 52.40
CA ASP B 296 29.45 38.92 53.10
C ASP B 296 28.45 37.82 53.32
N GLY B 297 27.17 38.11 53.14
CA GLY B 297 26.19 37.05 53.08
C GLY B 297 26.07 36.33 54.41
N ALA B 298 26.22 35.02 54.40
CA ALA B 298 26.01 34.21 55.59
C ALA B 298 27.23 34.33 56.49
N SER B 299 27.31 35.43 57.23
CA SER B 299 28.37 35.62 58.20
C SER B 299 27.94 35.11 59.57
N ASN B 300 28.78 35.36 60.57
CA ASN B 300 28.53 34.94 61.92
C ASN B 300 27.42 35.73 62.56
N GLY B 301 27.01 36.81 61.93
CA GLY B 301 25.99 37.69 62.49
C GLY B 301 25.73 38.83 61.54
N LEU B 302 24.55 39.44 61.65
CA LEU B 302 24.22 40.52 60.75
C LEU B 302 25.39 41.50 60.62
N THR B 303 25.93 41.95 61.76
CA THR B 303 26.94 43.03 61.77
C THR B 303 28.40 42.56 61.78
N ALA B 304 28.63 41.27 61.60
CA ALA B 304 29.97 40.72 61.58
C ALA B 304 30.58 40.83 60.20
N PRO B 305 31.86 41.24 60.12
CA PRO B 305 32.56 41.18 58.85
C PRO B 305 32.89 39.74 58.47
N SER B 306 33.28 39.52 57.22
CA SER B 306 33.71 38.20 56.76
C SER B 306 34.83 38.35 55.74
N GLY B 307 36.02 37.93 56.14
CA GLY B 307 37.23 38.01 55.32
C GLY B 307 37.11 37.35 53.97
N PRO B 308 36.54 36.16 53.93
CA PRO B 308 36.33 35.55 52.61
C PRO B 308 35.61 36.48 51.62
N ALA B 309 34.61 37.19 52.09
CA ALA B 309 33.93 38.15 51.24
C ALA B 309 34.85 39.32 50.89
N GLN B 310 35.55 39.86 51.88
CA GLN B 310 36.48 40.96 51.65
C GLN B 310 37.51 40.57 50.59
N GLN B 311 38.04 39.38 50.69
CA GLN B 311 38.98 38.90 49.68
C GLN B 311 38.32 38.92 48.29
N ARG B 312 37.13 38.32 48.21
CA ARG B 312 36.39 38.22 46.96
C ARG B 312 36.23 39.55 46.24
N VAL B 313 35.99 40.61 47.02
CA VAL B 313 35.75 41.95 46.47
C VAL B 313 37.05 42.65 46.05
N ILE B 314 38.16 42.36 46.73
CA ILE B 314 39.45 42.85 46.30
C ILE B 314 39.75 42.27 44.92
N ARG B 315 39.45 41.01 44.71
CA ARG B 315 39.77 40.41 43.45
C ARG B 315 38.87 40.92 42.36
N ARG B 316 37.57 41.01 42.61
CA ARG B 316 36.65 41.51 41.57
C ARG B 316 37.08 42.94 41.20
N ALA B 317 37.44 43.73 42.20
CA ALA B 317 37.90 45.10 41.96
C ALA B 317 39.08 45.10 41.04
N LEU B 318 40.07 44.27 41.35
CA LEU B 318 41.29 44.22 40.53
C LEU B 318 41.01 43.65 39.15
N GLU B 319 40.17 42.63 39.06
CA GLU B 319 39.71 42.16 37.76
C GLU B 319 39.10 43.29 36.96
N ASN B 320 38.26 44.10 37.58
CA ASN B 320 37.62 45.19 36.87
C ASN B 320 38.61 46.27 36.44
N ALA B 321 39.47 46.69 37.37
CA ALA B 321 40.46 47.69 37.06
C ALA B 321 41.44 47.24 35.97
N GLY B 322 41.60 45.93 35.79
CA GLY B 322 42.60 45.40 34.89
C GLY B 322 43.96 45.65 35.49
N VAL B 323 44.05 45.47 36.80
CA VAL B 323 45.28 45.67 37.56
C VAL B 323 45.63 44.40 38.31
N ARG B 324 46.92 44.22 38.56
CA ARG B 324 47.42 43.07 39.33
C ARG B 324 47.65 43.47 40.78
N ALA B 325 47.27 42.61 41.72
CA ALA B 325 47.47 42.88 43.13
C ALA B 325 48.82 43.54 43.41
N GLY B 326 49.90 42.89 42.98
CA GLY B 326 51.24 43.40 43.24
C GLY B 326 51.57 44.81 42.74
N ASP B 327 50.69 45.40 41.91
CA ASP B 327 50.90 46.76 41.33
C ASP B 327 50.41 47.90 42.23
N VAL B 328 49.58 47.54 43.20
CA VAL B 328 49.07 48.51 44.13
C VAL B 328 50.12 48.66 45.22
N ASP B 329 50.52 49.89 45.50
CA ASP B 329 51.59 50.16 46.48
C ASP B 329 51.04 50.44 47.90
N TYR B 330 49.82 50.98 47.96
CA TYR B 330 49.20 51.44 49.21
C TYR B 330 47.70 51.08 49.26
N VAL B 331 47.17 50.83 50.45
CA VAL B 331 45.72 50.64 50.62
C VAL B 331 45.16 51.52 51.71
N GLU B 332 44.03 52.15 51.40
CA GLU B 332 43.24 52.90 52.36
C GLU B 332 42.21 51.95 52.95
N ALA B 333 42.59 51.35 54.08
CA ALA B 333 41.78 50.31 54.71
C ALA B 333 40.54 50.88 55.37
N HIS B 334 39.63 50.01 55.72
CA HIS B 334 38.50 50.40 56.52
C HIS B 334 39.04 50.84 57.89
N GLY B 335 39.80 49.98 58.55
CA GLY B 335 40.56 50.37 59.74
C GLY B 335 39.81 51.24 60.72
N THR B 336 38.87 50.62 61.42
CA THR B 336 38.03 51.33 62.33
C THR B 336 38.52 51.20 63.76
N GLY B 337 39.54 50.39 64.00
CA GLY B 337 40.08 50.22 65.36
C GLY B 337 39.23 49.29 66.23
N THR B 338 38.56 48.35 65.58
CA THR B 338 37.73 47.37 66.28
C THR B 338 38.54 46.11 66.61
N ARG B 339 38.13 45.41 67.66
CA ARG B 339 38.83 44.22 68.11
C ARG B 339 38.52 43.03 67.25
N LEU B 340 37.26 42.88 66.84
CA LEU B 340 36.93 41.84 65.89
C LEU B 340 37.46 42.13 64.49
N GLY B 341 37.29 43.38 64.05
CA GLY B 341 37.40 43.73 62.63
C GLY B 341 38.81 43.86 62.09
N ASP B 342 39.64 44.60 62.83
CA ASP B 342 41.00 44.90 62.38
C ASP B 342 41.76 43.64 61.99
N PRO B 343 41.77 42.64 62.87
CA PRO B 343 42.39 41.39 62.42
C PRO B 343 41.78 40.84 61.13
N ILE B 344 40.46 40.80 61.05
CA ILE B 344 39.85 40.17 59.89
C ILE B 344 40.24 40.90 58.63
N GLU B 345 40.24 42.21 58.69
CA GLU B 345 40.60 42.99 57.54
C GLU B 345 42.00 42.68 57.08
N VAL B 346 42.95 42.72 58.02
CA VAL B 346 44.37 42.55 57.72
C VAL B 346 44.69 41.19 57.17
N HIS B 347 44.02 40.16 57.67
CA HIS B 347 44.23 38.81 57.15
C HIS B 347 43.75 38.69 55.71
N ALA B 348 42.65 39.38 55.39
CA ALA B 348 42.10 39.35 54.03
C ALA B 348 43.03 40.06 53.06
N LEU B 349 43.69 41.09 53.54
CA LEU B 349 44.69 41.80 52.76
C LEU B 349 45.92 40.93 52.54
N LEU B 350 46.46 40.44 53.64
CA LEU B 350 47.60 39.52 53.60
C LEU B 350 47.47 38.49 52.49
N SER B 351 46.33 37.82 52.43
CA SER B 351 46.15 36.74 51.48
C SER B 351 45.53 37.17 50.16
N THR B 352 45.74 38.43 49.76
CA THR B 352 45.33 38.89 48.44
C THR B 352 46.47 39.68 47.82
N TYR B 353 46.67 40.86 48.41
CA TYR B 353 47.71 41.80 48.02
C TYR B 353 49.08 41.31 48.48
N GLY B 354 49.10 40.63 49.63
CA GLY B 354 50.33 40.15 50.26
C GLY B 354 50.85 38.83 49.69
N ALA B 355 49.96 37.96 49.22
CA ALA B 355 50.39 36.72 48.58
C ALA B 355 51.30 37.00 47.37
N GLU B 356 50.99 38.05 46.63
CA GLU B 356 51.78 38.43 45.46
C GLU B 356 53.03 39.31 45.78
N ARG B 357 53.67 39.18 46.95
CA ARG B 357 54.78 40.10 47.33
C ARG B 357 56.11 39.45 47.71
N ASP B 358 57.19 40.23 47.63
CA ASP B 358 58.42 39.95 48.38
C ASP B 358 58.18 40.34 49.84
N PRO B 359 58.90 39.73 50.79
CA PRO B 359 59.08 40.44 52.05
C PRO B 359 59.75 41.81 51.78
N ASP B 360 60.75 41.79 50.91
CA ASP B 360 61.58 42.95 50.54
C ASP B 360 60.81 44.18 50.03
N ASP B 361 59.52 44.03 49.70
CA ASP B 361 58.71 45.18 49.26
C ASP B 361 57.22 44.99 49.58
N PRO B 362 56.78 45.47 50.76
CA PRO B 362 55.47 45.09 51.25
C PRO B 362 54.38 46.00 50.75
N LEU B 363 53.14 45.56 50.93
CA LEU B 363 51.96 46.41 50.78
C LEU B 363 51.85 47.35 52.00
N TRP B 364 51.50 48.61 51.76
CA TRP B 364 51.42 49.61 52.82
C TRP B 364 49.97 49.97 53.13
N ILE B 365 49.71 50.30 54.39
CA ILE B 365 48.35 50.35 54.90
C ILE B 365 48.15 51.56 55.78
N GLY B 366 47.01 52.25 55.59
CA GLY B 366 46.61 53.34 56.49
C GLY B 366 45.10 53.50 56.64
N SER B 367 44.70 54.43 57.50
CA SER B 367 43.29 54.72 57.75
C SER B 367 43.09 56.17 58.25
N VAL B 368 42.33 56.97 57.50
CA VAL B 368 42.06 58.36 57.91
C VAL B 368 41.22 58.40 59.17
N LYS B 369 40.58 57.29 59.48
CA LYS B 369 39.79 57.21 60.68
C LYS B 369 40.66 57.46 61.92
N SER B 370 41.99 57.32 61.80
CA SER B 370 42.91 57.69 62.88
C SER B 370 43.03 59.22 63.05
N ASN B 371 42.72 59.95 61.98
CA ASN B 371 42.74 61.43 61.96
C ASN B 371 41.38 62.09 62.25
N ILE B 372 40.33 61.68 61.52
CA ILE B 372 39.04 62.35 61.57
C ILE B 372 37.92 61.56 62.25
N GLY B 373 38.15 60.29 62.50
CA GLY B 373 37.14 59.40 63.11
C GLY B 373 36.28 58.61 62.13
N HIS B 374 35.41 57.76 62.67
CA HIS B 374 34.51 57.01 61.80
C HIS B 374 33.39 57.92 61.26
N THR B 375 33.66 58.51 60.09
CA THR B 375 32.79 59.46 59.39
C THR B 375 31.59 58.78 58.61
N GLN B 376 31.42 57.46 58.82
CA GLN B 376 30.20 56.69 58.46
C GLN B 376 29.87 56.66 56.95
N ALA B 377 28.75 57.20 56.51
CA ALA B 377 28.43 57.13 55.08
C ALA B 377 29.50 57.84 54.22
N ALA B 378 30.09 58.88 54.77
CA ALA B 378 31.14 59.64 54.09
C ALA B 378 32.47 58.89 54.05
N ALA B 379 32.76 58.12 55.10
CA ALA B 379 33.94 57.26 55.15
C ALA B 379 33.98 56.48 53.86
N GLY B 380 35.09 56.49 53.16
CA GLY B 380 35.11 55.88 51.84
C GLY B 380 35.32 56.99 50.84
N VAL B 381 34.35 57.88 50.74
CA VAL B 381 34.63 59.13 50.02
C VAL B 381 35.84 59.75 50.72
N ALA B 382 35.81 59.77 52.05
CA ALA B 382 36.96 60.17 52.87
C ALA B 382 38.25 59.45 52.50
N GLY B 383 38.15 58.15 52.27
CA GLY B 383 39.29 57.33 51.88
C GLY B 383 39.81 57.58 50.47
N VAL B 384 38.90 57.84 49.52
CA VAL B 384 39.33 58.10 48.15
C VAL B 384 40.04 59.44 48.04
N MSE B 385 39.65 60.41 48.86
CA MSE B 385 40.32 61.70 48.83
C MSE B 385 41.71 61.60 49.34
O MSE B 385 42.63 62.05 48.67
CB MSE B 385 39.56 62.70 49.66
CG MSE B 385 38.19 62.93 49.11
SE MSE B 385 37.44 64.67 49.44
CE MSE B 385 39.02 65.88 49.16
N LYS B 386 41.89 61.04 50.53
CA LYS B 386 43.22 60.77 51.04
C LYS B 386 44.09 60.09 49.97
N ALA B 387 43.55 59.07 49.32
CA ALA B 387 44.29 58.33 48.30
C ALA B 387 44.69 59.23 47.15
N VAL B 388 43.77 60.05 46.67
CA VAL B 388 44.07 60.94 45.56
C VAL B 388 45.14 61.95 45.99
N LEU B 389 44.90 62.58 47.14
CA LEU B 389 45.81 63.59 47.65
C LEU B 389 47.20 63.01 47.90
N ALA B 390 47.25 61.75 48.31
CA ALA B 390 48.51 61.06 48.46
C ALA B 390 49.18 60.87 47.09
N LEU B 391 48.41 60.56 46.06
CA LEU B 391 48.99 60.37 44.74
C LEU B 391 49.43 61.67 44.11
N ARG B 392 48.89 62.78 44.58
CA ARG B 392 49.28 64.09 44.07
C ARG B 392 50.41 64.74 44.86
N HIS B 393 50.63 64.32 46.12
CA HIS B 393 51.68 64.89 46.98
C HIS B 393 52.82 63.93 47.27
N GLY B 394 52.81 62.78 46.60
CA GLY B 394 53.90 61.81 46.65
C GLY B 394 54.27 61.28 48.02
N GLU B 395 53.28 61.14 48.89
CA GLU B 395 53.52 60.87 50.31
C GLU B 395 52.39 60.07 50.96
N MSE B 396 52.74 59.16 51.84
CA MSE B 396 51.75 58.42 52.61
C MSE B 396 51.80 58.91 54.04
O MSE B 396 52.80 58.71 54.73
CB MSE B 396 52.08 56.93 52.58
CG MSE B 396 52.33 56.36 51.21
SE MSE B 396 52.88 54.51 51.39
CE MSE B 396 53.45 54.15 49.51
N PRO B 397 50.74 59.55 54.52
CA PRO B 397 50.71 60.07 55.88
C PRO B 397 50.63 59.05 57.02
N ARG B 398 50.93 59.56 58.21
CA ARG B 398 51.04 58.81 59.46
C ARG B 398 49.67 58.25 59.86
N THR B 399 49.62 57.01 60.32
CA THR B 399 48.41 56.48 60.98
C THR B 399 48.56 56.64 62.50
N LEU B 400 47.71 57.48 63.08
CA LEU B 400 47.87 57.86 64.48
C LEU B 400 47.65 56.70 65.43
N HIS B 401 48.10 56.90 66.66
CA HIS B 401 47.75 56.00 67.74
C HIS B 401 48.16 54.58 67.37
N PHE B 402 49.45 54.41 67.06
CA PHE B 402 50.01 53.09 66.80
C PHE B 402 50.95 52.77 67.95
N ASP B 403 50.43 52.03 68.93
CA ASP B 403 51.20 51.48 70.04
C ASP B 403 52.28 50.56 69.45
N GLU B 404 52.11 49.26 69.62
CA GLU B 404 52.85 48.29 68.81
C GLU B 404 51.82 47.76 67.78
N PRO B 405 52.27 47.02 66.74
CA PRO B 405 51.32 46.26 65.93
C PRO B 405 50.52 45.33 66.82
N SER B 406 49.31 44.98 66.40
CA SER B 406 48.38 44.23 67.22
C SER B 406 48.81 42.76 67.26
N PRO B 407 48.94 42.16 68.47
CA PRO B 407 49.33 40.75 68.55
C PRO B 407 48.23 39.72 68.18
N GLN B 408 47.07 40.19 67.70
CA GLN B 408 45.98 39.30 67.23
C GLN B 408 46.05 39.03 65.74
N ILE B 409 47.07 39.58 65.09
CA ILE B 409 47.14 39.63 63.66
C ILE B 409 48.43 38.96 63.27
N GLU B 410 48.39 38.10 62.26
CA GLU B 410 49.53 37.28 61.94
C GLU B 410 50.26 37.82 60.71
N TRP B 411 51.33 38.58 60.94
CA TRP B 411 51.85 39.46 59.91
C TRP B 411 52.83 38.82 58.96
N ALA B 415 55.67 41.50 53.47
CA ALA B 415 54.38 41.74 52.81
C ALA B 415 53.27 42.15 53.79
N VAL B 416 52.67 43.31 53.51
CA VAL B 416 51.68 44.00 54.35
C VAL B 416 52.18 44.59 55.68
N SER B 417 52.66 45.84 55.61
CA SER B 417 52.98 46.67 56.78
C SER B 417 52.05 47.89 56.88
N VAL B 418 52.01 48.48 58.07
CA VAL B 418 51.24 49.68 58.33
C VAL B 418 52.19 50.87 58.30
N VAL B 419 51.75 52.03 57.81
CA VAL B 419 52.63 53.20 57.80
C VAL B 419 52.45 53.98 59.10
N SER B 420 53.42 53.84 60.01
CA SER B 420 53.41 54.53 61.32
C SER B 420 54.15 55.89 61.32
N GLN B 421 55.40 55.98 60.86
CA GLN B 421 56.03 57.29 60.56
C GLN B 421 55.64 57.63 59.11
N ALA B 422 55.36 58.91 58.84
CA ALA B 422 54.97 59.35 57.49
C ALA B 422 56.04 58.98 56.45
N ARG B 423 55.63 58.31 55.37
CA ARG B 423 56.56 57.82 54.34
C ARG B 423 56.48 58.63 53.05
N SER B 424 57.38 58.36 52.11
CA SER B 424 57.33 58.98 50.79
C SER B 424 56.91 57.97 49.69
N TRP B 425 56.44 58.51 48.56
CA TRP B 425 55.79 57.71 47.50
C TRP B 425 55.90 58.40 46.13
N PRO B 426 57.12 58.48 45.57
CA PRO B 426 57.42 59.32 44.40
C PRO B 426 57.06 58.69 43.05
N ALA B 427 56.81 59.54 42.06
CA ALA B 427 56.51 59.10 40.70
C ALA B 427 57.69 58.38 40.03
N GLY B 428 57.64 57.05 39.97
CA GLY B 428 58.64 56.23 39.25
C GLY B 428 58.20 55.77 37.86
N GLU B 429 58.87 54.73 37.36
CA GLU B 429 58.58 54.16 36.02
C GLU B 429 57.11 53.74 35.86
N ARG B 430 56.62 52.89 36.78
CA ARG B 430 55.21 52.43 36.81
C ARG B 430 54.23 53.55 37.23
N PRO B 431 52.99 53.55 36.71
CA PRO B 431 52.02 54.39 37.41
C PRO B 431 51.84 53.86 38.84
N ARG B 432 51.61 54.74 39.81
CA ARG B 432 51.26 54.30 41.18
C ARG B 432 49.77 54.16 41.31
N ARG B 433 49.35 53.13 42.02
CA ARG B 433 47.95 52.96 42.36
C ARG B 433 47.73 52.55 43.80
N ALA B 434 46.50 52.83 44.25
CA ALA B 434 46.06 52.59 45.59
C ALA B 434 44.70 51.89 45.54
N GLY B 435 44.44 51.02 46.51
CA GLY B 435 43.12 50.44 46.70
C GLY B 435 42.48 51.12 47.90
N VAL B 436 41.16 51.22 47.85
CA VAL B 436 40.41 51.78 48.96
C VAL B 436 39.25 50.87 49.26
N SER B 437 39.10 50.51 50.52
CA SER B 437 38.03 49.62 50.91
C SER B 437 37.17 50.22 52.01
N SER B 438 35.86 49.92 51.96
CA SER B 438 35.00 50.17 53.08
C SER B 438 33.95 49.08 53.13
N PHE B 439 33.76 48.53 54.33
CA PHE B 439 32.92 47.38 54.58
C PHE B 439 31.79 47.80 55.50
N GLY B 440 30.56 47.57 55.08
CA GLY B 440 29.37 48.07 55.76
C GLY B 440 28.82 47.17 56.84
N ILE B 441 28.36 47.78 57.92
CA ILE B 441 27.80 47.06 59.06
C ILE B 441 26.73 46.05 58.64
N SER B 442 25.97 46.35 57.57
CA SER B 442 24.91 45.45 57.09
C SER B 442 25.44 44.40 56.10
N GLY B 443 26.76 44.30 55.96
CA GLY B 443 27.38 43.26 55.17
C GLY B 443 27.82 43.61 53.77
N THR B 444 27.49 44.80 53.30
CA THR B 444 27.79 45.12 51.92
C THR B 444 29.15 45.79 51.82
N ASN B 445 30.11 45.10 51.19
CA ASN B 445 31.51 45.54 51.09
C ASN B 445 31.80 46.18 49.76
N ALA B 446 32.79 47.09 49.74
CA ALA B 446 33.21 47.78 48.53
C ALA B 446 34.69 48.11 48.55
N HIS B 447 35.30 47.99 47.37
CA HIS B 447 36.73 48.24 47.18
C HIS B 447 36.91 48.77 45.76
N VAL B 448 37.68 49.85 45.65
CA VAL B 448 37.83 50.59 44.40
C VAL B 448 39.31 50.87 44.21
N ILE B 449 39.73 50.98 42.95
CA ILE B 449 41.13 51.10 42.61
C ILE B 449 41.47 52.42 41.89
N VAL B 450 42.37 53.19 42.53
CA VAL B 450 42.73 54.56 42.17
C VAL B 450 44.15 54.64 41.57
N GLU B 451 44.28 55.30 40.42
CA GLU B 451 45.56 55.45 39.72
C GLU B 451 45.96 56.92 39.61
N GLU B 452 47.25 57.19 39.50
CA GLU B 452 47.74 58.55 39.34
C GLU B 452 47.34 59.06 37.95
N ALA B 453 47.17 60.37 37.88
CA ALA B 453 46.74 61.00 36.64
C ALA B 453 47.82 60.81 35.58
N PRO B 454 47.39 60.58 34.32
CA PRO B 454 48.30 60.41 33.21
C PRO B 454 48.79 61.76 32.71
N GLU B 455 49.77 61.76 31.81
CA GLU B 455 50.49 62.97 31.40
C GLU B 455 49.68 64.01 30.61
N ALA B 456 50.02 65.29 30.83
CA ALA B 456 49.39 66.44 30.13
C ALA B 456 50.45 67.42 29.57
N ASP B 457 50.00 68.56 29.02
CA ASP B 457 50.86 69.57 28.35
C ASP B 457 51.41 69.00 27.03
N GLY B 466 51.42 92.63 28.76
CA GLY B 466 50.43 93.71 28.91
C GLY B 466 49.52 93.52 30.12
N PRO B 467 48.47 94.35 30.21
CA PRO B 467 47.50 94.35 31.32
C PRO B 467 46.27 93.48 31.06
N VAL B 468 45.64 93.00 32.13
CA VAL B 468 44.57 92.00 32.06
C VAL B 468 43.37 92.43 32.88
N PRO B 469 42.16 92.26 32.35
CA PRO B 469 41.00 92.50 33.17
C PRO B 469 40.56 91.28 33.97
N LEU B 470 40.53 91.41 35.29
CA LEU B 470 40.08 90.36 36.17
C LEU B 470 38.66 90.67 36.55
N VAL B 471 37.75 89.78 36.21
CA VAL B 471 36.33 90.04 36.35
C VAL B 471 35.72 89.10 37.43
N LEU B 472 35.04 89.68 38.43
CA LEU B 472 34.61 88.93 39.62
C LEU B 472 33.27 89.41 40.20
N SER B 473 32.51 88.48 40.78
CA SER B 473 31.08 88.68 41.11
C SER B 473 30.68 88.05 42.47
N GLY B 474 29.64 88.62 43.08
CA GLY B 474 28.99 88.06 44.29
C GLY B 474 27.46 88.13 44.21
N ARG B 475 26.75 87.17 44.82
CA ARG B 475 25.28 87.31 44.91
C ARG B 475 24.98 88.56 45.71
N ASP B 476 25.84 88.89 46.65
CA ASP B 476 25.69 90.13 47.36
C ASP B 476 27.02 90.85 47.48
N GLU B 477 27.00 92.04 48.07
CA GLU B 477 28.16 92.91 48.02
C GLU B 477 29.31 92.39 48.86
N GLN B 478 29.02 91.85 50.02
CA GLN B 478 30.07 91.24 50.83
C GLN B 478 30.71 90.04 50.14
N ALA B 479 29.92 89.24 49.43
CA ALA B 479 30.46 88.07 48.73
C ALA B 479 31.42 88.48 47.65
N MSE B 480 31.04 89.47 46.85
CA MSE B 480 31.95 90.06 45.91
C MSE B 480 33.26 90.49 46.59
O MSE B 480 34.33 90.26 46.08
CB MSE B 480 31.29 91.26 45.25
CG MSE B 480 32.15 92.00 44.22
SE MSE B 480 31.57 93.83 43.93
CE MSE B 480 32.20 94.57 45.65
N ARG B 481 33.16 91.12 47.73
CA ARG B 481 34.37 91.51 48.42
C ARG B 481 35.19 90.33 48.93
N ALA B 482 34.54 89.21 49.24
CA ALA B 482 35.25 88.02 49.70
C ALA B 482 35.93 87.39 48.51
N GLN B 483 35.18 87.34 47.42
CA GLN B 483 35.71 86.86 46.19
C GLN B 483 37.04 87.56 45.94
N ALA B 484 37.06 88.88 46.10
CA ALA B 484 38.24 89.66 45.75
C ALA B 484 39.42 89.33 46.60
N GLY B 485 39.18 89.20 47.89
CA GLY B 485 40.24 88.94 48.84
C GLY B 485 40.88 87.58 48.63
N ARG B 486 40.06 86.58 48.41
CA ARG B 486 40.56 85.22 48.22
C ARG B 486 41.34 85.11 46.93
N LEU B 487 40.90 85.82 45.90
CA LEU B 487 41.66 85.95 44.66
C LEU B 487 42.99 86.62 44.88
N ALA B 488 43.04 87.56 45.80
CA ALA B 488 44.29 88.21 46.12
C ALA B 488 45.19 87.20 46.81
N ASP B 489 44.64 86.46 47.76
CA ASP B 489 45.46 85.53 48.49
C ASP B 489 45.99 84.45 47.58
N HIS B 490 45.13 83.98 46.69
CA HIS B 490 45.51 82.93 45.77
C HIS B 490 46.66 83.44 44.93
N LEU B 491 46.46 84.56 44.24
CA LEU B 491 47.49 85.12 43.38
C LEU B 491 48.81 85.35 44.10
N ALA B 492 48.75 85.74 45.37
CA ALA B 492 49.94 86.07 46.14
C ALA B 492 50.69 84.82 46.55
N ARG B 493 49.93 83.83 47.00
CA ARG B 493 50.53 82.59 47.43
C ARG B 493 50.80 81.69 46.25
N GLU B 494 50.96 82.24 45.06
CA GLU B 494 51.02 81.41 43.84
C GLU B 494 51.49 82.21 42.60
N PRO B 495 52.75 82.68 42.61
CA PRO B 495 53.24 83.56 41.54
C PRO B 495 53.47 82.82 40.22
N ARG B 496 53.51 81.50 40.30
CA ARG B 496 53.59 80.67 39.12
C ARG B 496 52.33 80.79 38.24
N ASN B 497 51.16 81.00 38.85
CA ASN B 497 49.90 81.16 38.11
C ASN B 497 49.91 82.37 37.19
N SER B 498 49.62 82.15 35.91
CA SER B 498 49.59 83.26 34.97
C SER B 498 48.40 84.19 35.24
N LEU B 499 48.66 85.50 35.17
CA LEU B 499 47.60 86.47 35.34
C LEU B 499 46.62 86.31 34.20
N ARG B 500 47.15 86.00 33.02
CA ARG B 500 46.28 85.88 31.88
C ARG B 500 45.39 84.67 31.97
N ASP B 501 45.88 83.54 32.48
CA ASP B 501 45.01 82.40 32.67
C ASP B 501 44.01 82.67 33.80
N THR B 502 44.42 83.44 34.82
CA THR B 502 43.52 83.73 35.93
C THR B 502 42.33 84.55 35.46
N GLY B 503 42.59 85.56 34.67
CA GLY B 503 41.51 86.34 34.07
C GLY B 503 40.64 85.56 33.10
N PHE B 504 41.28 84.70 32.32
CA PHE B 504 40.57 83.86 31.36
C PHE B 504 39.58 82.93 32.05
N THR B 505 40.04 82.29 33.12
CA THR B 505 39.22 81.37 33.89
C THR B 505 38.09 82.16 34.52
N LEU B 506 38.43 83.26 35.18
CA LEU B 506 37.43 84.12 35.84
C LEU B 506 36.34 84.60 34.89
N ALA B 507 36.69 84.72 33.62
CA ALA B 507 35.79 85.27 32.63
C ALA B 507 34.98 84.18 31.96
N THR B 508 35.59 83.02 31.73
CA THR B 508 34.92 81.99 30.95
C THR B 508 34.43 80.78 31.74
N ARG B 509 34.80 80.69 33.03
CA ARG B 509 34.50 79.48 33.82
C ARG B 509 34.09 79.76 35.27
N ARG B 510 33.41 80.89 35.45
CA ARG B 510 32.84 81.25 36.75
C ARG B 510 31.49 81.99 36.51
N SER B 511 30.56 81.88 37.44
CA SER B 511 29.24 82.46 37.23
C SER B 511 29.32 83.94 37.48
N ALA B 512 28.53 84.68 36.72
CA ALA B 512 28.49 86.14 36.79
C ALA B 512 27.28 86.64 37.61
N TRP B 513 27.50 86.89 38.89
CA TRP B 513 26.43 87.31 39.81
C TRP B 513 26.14 88.81 39.79
N GLU B 514 25.17 89.24 40.59
CA GLU B 514 24.65 90.64 40.51
C GLU B 514 25.67 91.74 40.85
N HIS B 515 26.40 91.59 41.95
CA HIS B 515 27.41 92.59 42.37
C HIS B 515 28.80 92.30 41.80
N ARG B 516 29.29 93.23 40.96
CA ARG B 516 30.44 92.95 40.10
C ARG B 516 31.59 93.94 40.27
N ALA B 517 32.77 93.47 39.95
CA ALA B 517 33.95 94.31 39.95
C ALA B 517 34.90 93.91 38.81
N VAL B 518 35.59 94.88 38.22
CA VAL B 518 36.59 94.57 37.20
C VAL B 518 37.85 95.30 37.57
N VAL B 519 38.90 94.56 37.84
CA VAL B 519 40.17 95.14 38.19
C VAL B 519 41.03 94.94 36.99
N VAL B 520 41.67 96.01 36.53
CA VAL B 520 42.45 96.02 35.29
C VAL B 520 43.88 96.37 35.59
N GLY B 521 44.81 95.89 34.76
CA GLY B 521 46.20 96.20 34.93
C GLY B 521 47.08 94.99 34.98
N ASP B 522 48.38 95.22 35.09
CA ASP B 522 49.36 94.16 35.21
C ASP B 522 49.28 93.51 36.59
N ARG B 523 50.24 92.67 36.92
CA ARG B 523 50.19 91.86 38.14
C ARG B 523 50.27 92.69 39.42
N ASP B 524 51.14 93.70 39.48
CA ASP B 524 51.23 94.55 40.66
C ASP B 524 49.94 95.30 40.96
N GLU B 525 49.31 95.78 39.90
CA GLU B 525 48.07 96.51 39.95
C GLU B 525 46.90 95.62 40.16
N ALA B 526 46.96 94.45 39.56
CA ALA B 526 45.91 93.48 39.74
C ALA B 526 45.82 93.10 41.20
N LEU B 527 46.95 92.93 41.87
CA LEU B 527 46.93 92.61 43.29
C LEU B 527 46.27 93.71 44.12
N ALA B 528 46.76 94.94 44.00
CA ALA B 528 46.27 96.04 44.81
C ALA B 528 44.79 96.40 44.54
N GLY B 529 44.38 96.31 43.29
CA GLY B 529 42.99 96.58 42.93
C GLY B 529 42.05 95.66 43.65
N LEU B 530 42.43 94.39 43.73
CA LEU B 530 41.65 93.35 44.40
C LEU B 530 41.63 93.56 45.90
N ARG B 531 42.76 93.92 46.48
CA ARG B 531 42.78 94.15 47.91
C ARG B 531 41.93 95.32 48.27
N ALA B 532 41.90 96.34 47.41
CA ALA B 532 41.06 97.48 47.66
C ALA B 532 39.59 97.10 47.55
N VAL B 533 39.23 96.36 46.52
CA VAL B 533 37.85 95.91 46.35
C VAL B 533 37.45 95.17 47.59
N ALA B 534 38.35 94.35 48.10
CA ALA B 534 38.09 93.60 49.30
C ALA B 534 37.78 94.52 50.46
N ASP B 535 38.58 95.57 50.63
CA ASP B 535 38.38 96.51 51.74
C ASP B 535 37.43 97.63 51.45
N GLY B 536 36.55 97.46 50.46
CA GLY B 536 35.52 98.44 50.20
C GLY B 536 36.00 99.74 49.58
N ARG B 537 37.25 99.79 49.11
CA ARG B 537 37.76 100.96 48.40
C ARG B 537 37.97 100.68 46.92
N ILE B 538 38.27 101.70 46.15
CA ILE B 538 38.39 101.58 44.69
C ILE B 538 39.73 102.12 44.27
N ALA B 539 40.46 101.35 43.49
CA ALA B 539 41.76 101.77 43.01
C ALA B 539 41.57 102.23 41.59
N ASP B 540 42.61 102.84 41.03
CA ASP B 540 42.50 103.37 39.67
C ASP B 540 42.22 102.22 38.70
N ARG B 541 41.41 102.48 37.69
CA ARG B 541 40.99 101.49 36.68
C ARG B 541 40.20 100.34 37.25
N THR B 542 39.25 100.59 38.12
CA THR B 542 38.43 99.51 38.63
C THR B 542 37.04 99.94 38.28
N ALA B 543 36.21 98.98 37.88
CA ALA B 543 34.81 99.24 37.64
C ALA B 543 34.01 98.44 38.62
N THR B 544 32.92 98.99 39.10
CA THR B 544 32.17 98.35 40.14
C THR B 544 30.68 98.69 39.95
N GLY B 545 29.77 97.70 40.05
CA GLY B 545 28.35 97.97 39.82
C GLY B 545 27.37 96.87 40.18
N GLN B 546 26.08 97.11 39.90
CA GLN B 546 25.03 96.09 40.03
C GLN B 546 24.38 95.82 38.70
N ALA B 547 24.45 94.57 38.30
CA ALA B 547 24.04 94.20 36.98
C ALA B 547 22.54 94.11 36.93
N ARG B 548 22.04 94.35 35.74
CA ARG B 548 20.64 94.25 35.44
C ARG B 548 20.58 93.77 34.02
N THR B 549 19.51 93.07 33.68
CA THR B 549 19.40 92.53 32.34
C THR B 549 19.26 93.72 31.39
N ARG B 550 20.09 93.73 30.36
CA ARG B 550 20.17 94.87 29.48
C ARG B 550 19.91 94.42 28.06
N ARG B 551 18.83 94.92 27.47
CA ARG B 551 18.43 94.56 26.12
C ARG B 551 18.24 95.83 25.33
N GLY B 552 19.21 96.15 24.47
CA GLY B 552 19.16 97.39 23.69
C GLY B 552 20.30 98.34 23.96
N VAL B 553 21.42 98.06 23.31
CA VAL B 553 22.55 98.92 23.41
C VAL B 553 22.40 99.99 22.34
N ALA B 554 22.23 101.23 22.79
CA ALA B 554 22.32 102.41 21.94
C ALA B 554 23.75 102.93 21.99
N MSE B 555 24.38 103.14 20.85
CA MSE B 555 25.67 103.77 20.85
C MSE B 555 25.47 105.22 20.49
O MSE B 555 24.83 105.50 19.50
CB MSE B 555 26.60 103.10 19.86
CG MSE B 555 27.12 101.75 20.34
SE MSE B 555 28.42 100.89 19.12
CE MSE B 555 29.00 99.47 20.36
N VAL B 556 26.00 106.13 21.30
CA VAL B 556 25.96 107.57 21.01
C VAL B 556 27.23 107.96 20.30
N PHE B 557 27.16 108.90 19.37
CA PHE B 557 28.34 109.40 18.64
C PHE B 557 28.41 110.92 18.67
N PRO B 558 29.21 111.50 19.57
CA PRO B 558 29.24 112.94 19.73
C PRO B 558 30.11 113.64 18.72
N GLY B 559 30.24 114.96 18.84
CA GLY B 559 31.01 115.76 17.89
C GLY B 559 32.10 116.54 18.55
N GLN B 560 32.05 117.88 18.43
CA GLN B 560 33.02 118.76 19.07
C GLN B 560 33.03 118.58 20.59
N GLY B 561 34.21 118.70 21.17
CA GLY B 561 34.41 118.50 22.61
C GLY B 561 34.89 117.12 22.99
N ALA B 562 35.04 116.24 22.00
CA ALA B 562 35.50 114.88 22.27
C ALA B 562 36.97 114.67 21.85
N GLN B 563 37.64 115.72 21.40
CA GLN B 563 39.03 115.56 20.95
C GLN B 563 40.00 115.98 22.06
N TRP B 564 41.18 115.36 22.07
CA TRP B 564 42.28 115.83 22.89
C TRP B 564 43.59 115.47 22.19
N GLN B 565 44.60 116.31 22.38
CA GLN B 565 45.81 116.24 21.59
C GLN B 565 46.37 114.80 21.47
N GLY B 566 46.42 114.04 22.56
CA GLY B 566 46.87 112.65 22.47
C GLY B 566 46.00 111.78 21.55
N MSE B 567 44.79 111.49 22.04
CA MSE B 567 43.79 110.67 21.38
C MSE B 567 44.30 109.35 20.89
O MSE B 567 44.73 109.22 19.75
CB MSE B 567 43.22 111.39 20.17
CG MSE B 567 42.21 112.43 20.46
SE MSE B 567 40.74 112.30 19.20
CE MSE B 567 41.70 112.18 17.52
N ALA B 568 44.22 108.36 21.75
CA ALA B 568 44.48 107.02 21.29
C ALA B 568 45.86 106.93 20.66
N ARG B 569 46.84 107.67 21.16
CA ARG B 569 48.19 107.35 20.73
C ARG B 569 48.43 105.93 21.22
N ASP B 570 48.12 105.68 22.50
CA ASP B 570 48.43 104.40 23.11
C ASP B 570 47.59 103.28 22.58
N LEU B 571 46.29 103.51 22.40
CA LEU B 571 45.40 102.46 21.91
C LEU B 571 45.82 101.97 20.51
N LEU B 572 46.35 102.90 19.72
CA LEU B 572 46.89 102.61 18.37
C LEU B 572 48.01 101.58 18.41
N ARG B 573 48.92 101.71 19.38
CA ARG B 573 49.98 100.75 19.59
C ARG B 573 49.48 99.44 20.22
N GLU B 574 48.62 99.53 21.24
CA GLU B 574 48.27 98.37 22.07
C GLU B 574 47.11 97.50 21.58
N SER B 575 46.34 97.91 20.56
CA SER B 575 45.23 97.06 20.08
C SER B 575 45.26 96.89 18.57
N GLN B 576 45.09 95.65 18.13
CA GLN B 576 45.09 95.31 16.70
C GLN B 576 43.74 95.65 16.06
N VAL B 577 42.63 95.23 16.66
CA VAL B 577 41.30 95.53 16.11
C VAL B 577 41.21 97.03 15.86
N PHE B 578 41.58 97.83 16.86
CA PHE B 578 41.61 99.29 16.71
C PHE B 578 42.55 99.74 15.59
N ALA B 579 43.81 99.34 15.60
CA ALA B 579 44.76 99.81 14.57
C ALA B 579 44.38 99.46 13.10
N ASP B 580 43.67 98.35 12.88
CA ASP B 580 43.30 97.94 11.52
C ASP B 580 42.16 98.78 10.99
N SER B 581 41.16 98.99 11.83
CA SER B 581 40.09 99.96 11.61
C SER B 581 40.66 101.29 11.15
N ILE B 582 41.62 101.81 11.90
CA ILE B 582 42.30 103.06 11.56
C ILE B 582 42.97 103.00 10.22
N ARG B 583 43.77 101.97 10.00
CA ARG B 583 44.40 101.75 8.70
C ARG B 583 43.37 101.90 7.59
N ASP B 584 42.25 101.17 7.73
CA ASP B 584 41.17 101.20 6.76
C ASP B 584 40.68 102.62 6.52
N CYS B 585 40.73 103.44 7.56
CA CYS B 585 40.38 104.85 7.43
C CYS B 585 41.42 105.65 6.68
N GLU B 586 42.67 105.59 7.11
CA GLU B 586 43.70 106.38 6.43
C GLU B 586 43.67 106.12 4.91
N ARG B 587 43.34 104.88 4.54
CA ARG B 587 43.19 104.51 3.13
C ARG B 587 41.99 105.20 2.46
N ALA B 588 40.86 105.29 3.15
CA ALA B 588 39.65 105.94 2.61
C ALA B 588 39.76 107.46 2.53
N LEU B 589 40.46 108.06 3.49
CA LEU B 589 40.62 109.51 3.52
C LEU B 589 41.80 110.00 2.72
N ALA B 590 42.62 109.06 2.26
CA ALA B 590 43.76 109.39 1.42
C ALA B 590 43.36 110.30 0.25
N PRO B 591 42.40 109.85 -0.58
CA PRO B 591 42.01 110.73 -1.69
C PRO B 591 41.55 112.13 -1.25
N HIS B 592 40.65 112.21 -0.28
CA HIS B 592 39.99 113.49 -0.02
C HIS B 592 40.76 114.42 0.89
N VAL B 593 41.82 113.91 1.52
CA VAL B 593 42.62 114.73 2.46
C VAL B 593 44.10 114.50 2.20
N ASP B 594 44.93 115.49 2.57
CA ASP B 594 46.35 115.49 2.20
C ASP B 594 47.38 115.19 3.32
N TRP B 595 46.91 114.82 4.51
CA TRP B 595 47.79 114.53 5.66
C TRP B 595 47.61 113.09 6.10
N SER B 596 48.57 112.56 6.84
CA SER B 596 48.49 111.19 7.32
C SER B 596 47.72 111.11 8.62
N LEU B 597 46.77 110.18 8.70
CA LEU B 597 46.07 109.94 9.94
C LEU B 597 47.04 109.45 11.01
N THR B 598 47.87 108.49 10.64
CA THR B 598 48.76 107.84 11.60
C THR B 598 49.84 108.78 12.11
N ASP B 599 50.58 109.40 11.21
CA ASP B 599 51.55 110.39 11.65
C ASP B 599 50.89 111.39 12.58
N LEU B 600 49.61 111.67 12.32
CA LEU B 600 48.85 112.66 13.08
C LEU B 600 48.59 112.17 14.51
N LEU B 601 48.09 110.94 14.65
CA LEU B 601 47.77 110.38 15.99
C LEU B 601 49.00 109.91 16.78
N SER B 602 49.84 109.10 16.13
CA SER B 602 51.12 108.63 16.66
C SER B 602 52.01 109.77 17.13
N GLY B 603 52.07 110.82 16.32
CA GLY B 603 52.81 112.00 16.68
C GLY B 603 52.26 112.74 17.88
N ALA B 604 50.96 112.58 18.17
CA ALA B 604 50.26 113.37 19.20
C ALA B 604 50.21 114.86 18.79
N ARG B 605 49.92 115.09 17.53
CA ARG B 605 50.09 116.40 16.92
C ARG B 605 48.92 117.31 17.29
N PRO B 606 49.09 118.63 17.12
CA PRO B 606 47.98 119.56 17.32
C PRO B 606 46.73 119.25 16.49
N LEU B 607 45.59 119.70 17.00
CA LEU B 607 44.29 119.43 16.41
C LEU B 607 43.46 120.72 16.26
N ASP B 608 44.05 121.78 15.70
CA ASP B 608 43.35 123.08 15.59
C ASP B 608 42.41 123.12 14.39
N ARG B 609 42.92 122.71 13.23
CA ARG B 609 42.17 122.76 11.99
C ARG B 609 40.91 121.95 11.97
N VAL B 610 39.87 122.55 11.45
CA VAL B 610 38.58 121.88 11.27
C VAL B 610 38.74 120.72 10.30
N ASP B 611 39.46 120.96 9.19
CA ASP B 611 39.58 119.98 8.09
C ASP B 611 40.39 118.75 8.49
N VAL B 612 41.00 118.84 9.67
CA VAL B 612 41.80 117.78 10.30
C VAL B 612 41.02 117.06 11.40
N VAL B 613 40.55 117.86 12.36
CA VAL B 613 39.86 117.35 13.53
C VAL B 613 38.72 116.38 13.21
N GLN B 614 37.76 116.85 12.41
CA GLN B 614 36.46 116.16 12.27
C GLN B 614 36.57 114.76 11.69
N PRO B 615 37.39 114.57 10.62
CA PRO B 615 37.61 113.23 10.07
C PRO B 615 38.39 112.36 11.03
N ALA B 616 39.35 112.97 11.75
CA ALA B 616 40.10 112.24 12.76
C ALA B 616 39.15 111.70 13.84
N LEU B 617 38.31 112.58 14.38
CA LEU B 617 37.33 112.16 15.33
C LEU B 617 36.46 111.06 14.71
N PHE B 618 36.21 111.16 13.41
CA PHE B 618 35.38 110.15 12.73
C PHE B 618 36.05 108.77 12.79
N ALA B 619 37.30 108.71 12.36
CA ALA B 619 38.08 107.46 12.38
C ALA B 619 38.17 106.86 13.77
N VAL B 620 38.68 107.65 14.69
CA VAL B 620 38.77 107.21 16.06
C VAL B 620 37.44 106.62 16.57
N MSE B 621 36.33 107.32 16.36
CA MSE B 621 35.03 106.86 16.88
C MSE B 621 34.53 105.63 16.15
O MSE B 621 33.89 104.78 16.77
CB MSE B 621 33.97 107.96 16.79
CG MSE B 621 34.10 109.08 17.82
SE MSE B 621 32.58 110.31 17.81
CE MSE B 621 32.76 110.97 15.99
N VAL B 622 34.78 105.53 14.85
CA VAL B 622 34.40 104.32 14.15
C VAL B 622 35.30 103.19 14.65
N SER B 623 36.58 103.48 14.83
CA SER B 623 37.54 102.49 15.29
C SER B 623 37.18 101.99 16.67
N LEU B 624 36.76 102.90 17.54
CA LEU B 624 36.28 102.54 18.87
C LEU B 624 35.03 101.70 18.81
N ALA B 625 34.19 101.90 17.80
CA ALA B 625 33.01 101.08 17.66
C ALA B 625 33.39 99.66 17.33
N ALA B 626 34.39 99.49 16.47
CA ALA B 626 34.86 98.17 16.05
C ALA B 626 35.36 97.35 17.23
N LEU B 627 36.22 97.96 18.04
CA LEU B 627 36.61 97.35 19.29
C LEU B 627 35.42 96.87 20.12
N TRP B 628 34.44 97.75 20.35
CA TRP B 628 33.27 97.39 21.17
C TRP B 628 32.55 96.17 20.63
N ARG B 629 32.46 96.08 19.31
CA ARG B 629 31.77 94.97 18.65
C ARG B 629 32.58 93.69 18.73
N SER B 630 33.92 93.80 18.68
CA SER B 630 34.81 92.64 18.84
C SER B 630 34.73 92.08 20.26
N HIS B 631 34.28 92.88 21.21
CA HIS B 631 34.08 92.39 22.56
C HIS B 631 32.63 92.08 22.77
N GLY B 632 31.96 91.80 21.67
CA GLY B 632 30.59 91.30 21.69
C GLY B 632 29.52 92.30 22.05
N VAL B 633 29.79 93.61 21.97
CA VAL B 633 28.76 94.64 22.23
C VAL B 633 28.33 95.30 20.92
N GLU B 634 27.11 94.96 20.50
CA GLU B 634 26.55 95.37 19.19
C GLU B 634 25.40 96.35 19.36
N PRO B 635 25.38 97.40 18.51
CA PRO B 635 24.38 98.42 18.69
C PRO B 635 23.01 97.96 18.20
N ALA B 636 21.97 98.11 19.03
CA ALA B 636 20.59 97.97 18.55
C ALA B 636 20.07 99.31 17.99
N ALA B 637 20.79 100.41 18.25
CA ALA B 637 20.55 101.72 17.59
C ALA B 637 21.78 102.63 17.72
N VAL B 638 21.75 103.74 16.98
CA VAL B 638 22.84 104.72 16.96
C VAL B 638 22.29 106.16 16.84
N VAL B 639 22.84 107.08 17.61
CA VAL B 639 22.45 108.47 17.54
C VAL B 639 23.71 109.21 17.37
N GLY B 640 23.70 110.22 16.52
CA GLY B 640 24.90 111.02 16.28
C GLY B 640 24.61 112.46 16.64
N HIS B 641 25.65 113.29 16.62
CA HIS B 641 25.55 114.68 17.00
C HIS B 641 26.41 115.56 16.10
N SER B 642 25.79 116.34 15.19
CA SER B 642 26.52 117.08 14.15
C SER B 642 27.35 116.07 13.33
N GLN B 643 28.64 116.34 13.14
CA GLN B 643 29.61 115.38 12.58
C GLN B 643 29.48 113.90 13.00
N GLY B 644 29.02 113.66 14.22
CA GLY B 644 28.92 112.30 14.74
C GLY B 644 27.89 111.45 14.05
N GLU B 645 26.99 112.08 13.29
CA GLU B 645 26.01 111.32 12.51
C GLU B 645 26.66 110.60 11.35
N ILE B 646 27.83 111.07 10.95
CA ILE B 646 28.57 110.41 9.89
C ILE B 646 29.08 109.08 10.42
N ALA B 647 29.67 109.09 11.60
CA ALA B 647 30.13 107.84 12.21
C ALA B 647 28.94 106.92 12.47
N ALA B 648 27.86 107.47 13.02
CA ALA B 648 26.70 106.66 13.37
C ALA B 648 26.07 106.07 12.11
N ALA B 649 25.98 106.86 11.06
CA ALA B 649 25.57 106.35 9.75
C ALA B 649 26.46 105.17 9.28
N HIS B 650 27.78 105.26 9.43
CA HIS B 650 28.65 104.19 8.93
C HIS B 650 28.52 102.92 9.76
N VAL B 651 28.68 103.11 11.05
CA VAL B 651 28.46 102.06 12.02
C VAL B 651 27.11 101.38 11.81
N ALA B 652 26.06 102.15 11.59
CA ALA B 652 24.75 101.53 11.37
C ALA B 652 24.74 100.61 10.14
N GLY B 653 25.57 100.91 9.13
CA GLY B 653 25.60 100.14 7.90
C GLY B 653 24.97 100.89 6.74
N ALA B 654 24.42 102.07 7.01
CA ALA B 654 23.82 102.93 5.98
C ALA B 654 24.84 103.57 5.05
N LEU B 655 26.12 103.52 5.40
CA LEU B 655 27.17 104.04 4.54
C LEU B 655 28.38 103.14 4.47
N THR B 656 29.04 103.15 3.31
CA THR B 656 30.36 102.58 3.18
C THR B 656 31.34 103.51 3.87
N LEU B 657 32.42 102.93 4.38
CA LEU B 657 33.54 103.72 4.88
C LEU B 657 34.04 104.73 3.86
N GLU B 658 33.98 104.39 2.58
CA GLU B 658 34.55 105.25 1.51
C GLU B 658 33.69 106.48 1.34
N ASP B 659 32.37 106.24 1.28
CA ASP B 659 31.38 107.29 1.28
C ASP B 659 31.58 108.17 2.51
N ALA B 660 31.35 107.59 3.69
CA ALA B 660 31.43 108.31 4.94
C ALA B 660 32.73 109.09 5.11
N ALA B 661 33.83 108.49 4.68
CA ALA B 661 35.13 109.15 4.78
C ALA B 661 35.18 110.41 3.94
N LYS B 662 34.72 110.28 2.68
CA LYS B 662 34.59 111.42 1.74
C LYS B 662 33.71 112.50 2.33
N LEU B 663 32.57 112.05 2.87
CA LEU B 663 31.56 112.91 3.49
C LEU B 663 32.15 113.86 4.56
N VAL B 664 32.81 113.30 5.58
CA VAL B 664 33.40 114.11 6.64
C VAL B 664 34.62 114.91 6.15
N ALA B 665 35.36 114.35 5.20
CA ALA B 665 36.48 115.08 4.62
C ALA B 665 35.99 116.31 3.84
N VAL B 666 34.90 116.15 3.10
CA VAL B 666 34.36 117.25 2.28
C VAL B 666 33.66 118.29 3.16
N ARG B 667 32.74 117.84 4.00
CA ARG B 667 32.06 118.70 4.98
C ARG B 667 33.03 119.64 5.68
N SER B 668 34.12 119.07 6.18
CA SER B 668 35.08 119.81 6.97
C SER B 668 35.97 120.72 6.13
N ARG B 669 36.28 120.29 4.91
CA ARG B 669 37.06 121.11 3.98
C ARG B 669 36.31 122.39 3.67
N VAL B 670 35.02 122.26 3.39
CA VAL B 670 34.16 123.39 3.05
C VAL B 670 33.97 124.29 4.28
N LEU B 671 33.73 123.67 5.44
CA LEU B 671 33.45 124.40 6.69
C LEU B 671 34.55 125.41 7.05
N ARG B 672 35.73 125.19 6.49
CA ARG B 672 36.86 126.10 6.62
C ARG B 672 36.50 127.51 6.17
N ARG B 673 35.64 127.59 5.14
CA ARG B 673 35.17 128.88 4.62
C ARG B 673 34.58 129.83 5.66
N LEU B 674 33.98 129.27 6.72
CA LEU B 674 33.38 130.06 7.82
C LEU B 674 34.38 130.43 8.90
N GLY B 675 35.66 130.13 8.68
CA GLY B 675 36.70 130.39 9.66
C GLY B 675 36.92 131.87 9.99
N GLY B 676 36.91 132.19 11.28
CA GLY B 676 37.12 133.55 11.76
C GLY B 676 35.86 134.41 11.86
N GLN B 677 34.69 133.82 11.62
CA GLN B 677 33.43 134.59 11.49
C GLN B 677 32.40 134.30 12.57
N GLY B 678 32.75 133.44 13.51
CA GLY B 678 31.85 133.13 14.60
C GLY B 678 32.42 132.11 15.55
N GLY B 679 31.81 132.02 16.71
CA GLY B 679 32.19 131.03 17.69
C GLY B 679 30.94 130.32 18.17
N MSE B 680 31.17 129.34 19.04
CA MSE B 680 30.10 128.57 19.65
C MSE B 680 30.41 128.41 21.13
O MSE B 680 31.58 128.44 21.52
CB MSE B 680 30.01 127.22 18.96
CG MSE B 680 29.83 127.30 17.46
SE MSE B 680 29.67 125.58 16.61
CE MSE B 680 28.24 124.81 17.64
N ALA B 681 29.39 128.22 21.95
CA ALA B 681 29.62 127.97 23.37
C ALA B 681 28.46 127.22 23.98
N SER B 682 28.77 126.41 24.97
CA SER B 682 27.76 125.62 25.66
C SER B 682 27.33 126.38 26.89
N PHE B 683 26.04 126.27 27.19
CA PHE B 683 25.42 126.98 28.30
C PHE B 683 24.58 126.03 29.12
N GLY B 684 24.64 126.22 30.43
CA GLY B 684 23.82 125.46 31.34
C GLY B 684 22.46 126.12 31.53
N LEU B 685 21.67 126.07 30.46
CA LEU B 685 20.25 126.43 30.54
C LEU B 685 19.39 125.63 29.54
N GLY B 686 18.08 125.87 29.56
CA GLY B 686 17.14 125.17 28.69
C GLY B 686 16.83 125.97 27.44
N THR B 687 16.22 125.30 26.47
CA THR B 687 15.80 125.92 25.21
C THR B 687 14.94 127.17 25.37
N GLU B 688 14.08 127.20 26.36
CA GLU B 688 13.23 128.35 26.58
C GLU B 688 14.03 129.50 27.14
N GLN B 689 14.74 129.19 28.22
CA GLN B 689 15.70 130.11 28.85
C GLN B 689 16.59 130.77 27.79
N ALA B 690 17.22 129.92 26.99
CA ALA B 690 18.11 130.33 25.91
C ALA B 690 17.36 131.07 24.81
N ALA B 691 16.19 130.55 24.44
CA ALA B 691 15.39 131.13 23.39
C ALA B 691 14.98 132.56 23.73
N GLU B 692 14.57 132.81 24.96
CA GLU B 692 14.21 134.18 25.33
C GLU B 692 15.46 135.06 25.35
N ARG B 693 16.50 134.61 26.02
CA ARG B 693 17.75 135.38 26.16
C ARG B 693 18.37 135.82 24.84
N ILE B 694 18.28 134.93 23.86
CA ILE B 694 18.98 135.06 22.60
C ILE B 694 18.15 135.86 21.60
N GLY B 695 16.83 135.83 21.78
CA GLY B 695 15.90 136.54 20.93
C GLY B 695 16.26 137.99 20.74
N ARG B 696 16.76 138.61 21.79
CA ARG B 696 17.19 140.01 21.76
C ARG B 696 18.30 140.39 20.74
N PHE B 697 19.02 139.41 20.16
CA PHE B 697 20.04 139.71 19.12
C PHE B 697 19.58 139.37 17.70
N ALA B 698 18.30 139.53 17.44
CA ALA B 698 17.66 139.09 16.20
C ALA B 698 18.62 138.49 15.18
N GLY B 699 18.83 137.18 15.28
CA GLY B 699 19.45 136.42 14.20
C GLY B 699 20.94 136.20 14.31
N ALA B 700 21.62 137.05 15.08
CA ALA B 700 23.09 136.97 15.24
C ALA B 700 23.53 135.70 15.95
N LEU B 701 22.66 135.17 16.82
CA LEU B 701 22.92 133.90 17.49
C LEU B 701 21.77 132.96 17.26
N SER B 702 22.08 131.66 17.31
CA SER B 702 21.09 130.60 17.15
C SER B 702 21.43 129.53 18.14
N ILE B 703 20.41 128.80 18.60
CA ILE B 703 20.63 127.62 19.38
C ILE B 703 21.11 126.54 18.41
N ALA B 704 22.29 125.99 18.66
CA ALA B 704 22.88 125.03 17.73
C ALA B 704 22.44 123.59 18.04
N SER B 705 22.25 123.26 19.32
CA SER B 705 21.77 121.94 19.72
C SER B 705 21.13 122.02 21.10
N VAL B 706 20.19 121.12 21.38
CA VAL B 706 19.65 121.00 22.74
C VAL B 706 19.98 119.59 23.22
N ASN B 707 20.83 119.49 24.24
CA ASN B 707 21.44 118.20 24.61
C ASN B 707 20.93 117.58 25.91
N GLY B 708 20.19 118.37 26.67
CA GLY B 708 19.59 117.92 27.94
C GLY B 708 18.75 119.07 28.46
N PRO B 709 17.83 118.79 29.40
CA PRO B 709 16.89 119.81 29.84
C PRO B 709 17.55 121.13 30.25
N ARG B 710 18.74 121.06 30.81
CA ARG B 710 19.50 122.25 31.18
C ARG B 710 20.88 122.26 30.47
N SER B 711 20.92 121.92 29.19
CA SER B 711 22.15 122.09 28.43
C SER B 711 21.91 122.31 26.94
N VAL B 712 22.54 123.36 26.43
CA VAL B 712 22.29 123.83 25.08
C VAL B 712 23.58 124.48 24.53
N VAL B 713 23.83 124.32 23.24
CA VAL B 713 24.90 125.08 22.57
C VAL B 713 24.25 126.23 21.84
N VAL B 714 24.93 127.36 21.85
CA VAL B 714 24.52 128.55 21.13
C VAL B 714 25.65 128.90 20.17
N ALA B 715 25.30 129.27 18.94
CA ALA B 715 26.27 129.59 17.88
C ALA B 715 25.91 130.90 17.20
N GLY B 716 26.91 131.67 16.80
CA GLY B 716 26.65 132.95 16.19
C GLY B 716 27.85 133.86 16.18
N GLU B 717 27.62 135.13 15.87
CA GLU B 717 28.70 136.11 15.79
C GLU B 717 29.28 136.37 17.15
N SER B 718 30.61 136.27 17.26
CA SER B 718 31.33 136.62 18.48
C SER B 718 31.12 138.10 18.70
N GLY B 719 31.06 138.51 19.97
CA GLY B 719 30.57 139.85 20.31
C GLY B 719 29.14 139.72 20.81
N PRO B 720 28.16 139.56 19.89
CA PRO B 720 26.83 139.09 20.32
C PRO B 720 26.89 137.82 21.17
N LEU B 721 27.88 136.96 20.94
CA LEU B 721 28.10 135.79 21.77
C LEU B 721 28.71 136.19 23.09
N ASP B 722 29.69 137.08 23.04
CA ASP B 722 30.45 137.44 24.24
C ASP B 722 29.61 138.15 25.25
N GLU B 723 28.73 139.01 24.77
CA GLU B 723 27.75 139.62 25.65
C GLU B 723 26.94 138.53 26.35
N LEU B 724 26.61 137.48 25.60
CA LEU B 724 25.87 136.37 26.17
C LEU B 724 26.71 135.61 27.20
N ILE B 725 27.92 135.21 26.82
CA ILE B 725 28.80 134.50 27.75
C ILE B 725 29.05 135.40 28.97
N ALA B 726 29.35 136.68 28.73
CA ALA B 726 29.57 137.63 29.82
C ALA B 726 28.36 137.70 30.73
N GLU B 727 27.21 138.06 30.16
CA GLU B 727 25.99 138.19 30.92
C GLU B 727 25.71 137.00 31.82
N CYS B 728 25.99 135.81 31.33
CA CYS B 728 25.67 134.56 32.03
C CYS B 728 26.53 134.30 33.25
N GLU B 729 27.85 134.38 33.07
CA GLU B 729 28.79 134.19 34.17
C GLU B 729 28.51 135.18 35.30
N ALA B 730 28.09 136.39 34.92
CA ALA B 730 27.63 137.38 35.88
C ALA B 730 26.29 137.01 36.57
N GLU B 731 25.72 135.83 36.27
CA GLU B 731 24.50 135.33 36.95
C GLU B 731 24.60 133.84 37.26
N ALA B 732 25.82 133.36 37.49
CA ALA B 732 26.09 131.94 37.79
C ALA B 732 25.52 130.99 36.76
N HIS B 733 25.92 131.21 35.51
CA HIS B 733 25.64 130.26 34.46
C HIS B 733 26.88 129.64 33.86
N LYS B 734 26.83 128.31 33.77
CA LYS B 734 27.80 127.54 32.98
C LYS B 734 27.82 128.17 31.58
N ALA B 735 29.02 128.42 31.05
CA ALA B 735 29.17 129.11 29.76
C ALA B 735 30.56 128.86 29.19
N ARG B 736 30.75 127.69 28.59
CA ARG B 736 32.06 127.25 28.10
C ARG B 736 32.25 127.57 26.60
N ARG B 737 33.26 128.39 26.33
CA ARG B 737 33.77 128.53 24.99
C ARG B 737 34.10 127.17 24.44
N ILE B 738 33.64 126.91 23.23
CA ILE B 738 34.12 125.75 22.51
C ILE B 738 35.27 126.27 21.66
N PRO B 739 36.42 125.57 21.68
CA PRO B 739 37.61 126.07 20.96
C PRO B 739 37.46 125.85 19.43
N VAL B 740 36.73 126.76 18.80
CA VAL B 740 36.24 126.58 17.43
C VAL B 740 36.10 127.96 16.80
N ASP B 741 36.55 128.12 15.56
CA ASP B 741 36.60 129.45 14.91
C ASP B 741 35.46 129.74 13.92
N TYR B 742 34.46 128.87 13.89
CA TYR B 742 33.32 129.02 12.99
C TYR B 742 32.01 128.93 13.78
N ALA B 743 30.88 128.98 13.09
CA ALA B 743 29.58 128.85 13.74
C ALA B 743 28.60 128.05 12.87
N SER B 744 28.60 126.73 13.05
CA SER B 744 27.67 125.85 12.33
C SER B 744 26.26 125.89 12.93
N HIS B 745 25.34 125.21 12.27
CA HIS B 745 23.98 125.15 12.73
C HIS B 745 23.43 126.56 12.92
N SER B 746 23.77 127.41 11.94
CA SER B 746 23.41 128.83 11.93
C SER B 746 23.21 129.33 10.49
N PRO B 747 22.59 130.50 10.32
CA PRO B 747 22.36 131.08 8.99
C PRO B 747 23.63 131.37 8.16
N GLN B 748 24.80 131.33 8.80
CA GLN B 748 26.08 131.43 8.09
C GLN B 748 26.34 130.24 7.16
N VAL B 749 25.63 129.14 7.37
CA VAL B 749 25.78 127.94 6.55
C VAL B 749 25.10 128.02 5.17
N GLU B 750 24.26 129.02 4.93
CA GLU B 750 23.61 129.15 3.60
C GLU B 750 24.63 129.42 2.49
N SER B 751 25.77 130.00 2.86
CA SER B 751 26.87 130.26 1.94
C SER B 751 27.39 128.99 1.31
N LEU B 752 27.48 127.96 2.14
CA LEU B 752 28.09 126.69 1.75
C LEU B 752 27.11 125.71 1.16
N ARG B 753 25.84 126.08 1.09
CA ARG B 753 24.82 125.18 0.58
C ARG B 753 25.18 124.69 -0.82
N GLU B 754 25.58 125.61 -1.69
CA GLU B 754 25.87 125.25 -3.08
C GLU B 754 26.98 124.22 -3.16
N GLU B 755 28.13 124.55 -2.57
CA GLU B 755 29.33 123.71 -2.67
C GLU B 755 29.15 122.29 -2.12
N LEU B 756 28.41 122.15 -1.03
CA LEU B 756 28.16 120.83 -0.43
C LEU B 756 27.27 119.95 -1.32
N LEU B 757 26.16 120.51 -1.76
CA LEU B 757 25.27 119.82 -2.66
C LEU B 757 26.01 119.43 -3.94
N THR B 758 26.87 120.33 -4.44
CA THR B 758 27.75 120.04 -5.59
C THR B 758 28.59 118.80 -5.30
N GLU B 759 29.58 118.92 -4.42
CA GLU B 759 30.53 117.82 -4.28
C GLU B 759 30.32 116.84 -3.14
N LEU B 760 29.10 116.74 -2.64
CA LEU B 760 28.71 115.55 -1.90
C LEU B 760 27.89 114.61 -2.79
N ALA B 761 27.27 115.18 -3.83
CA ALA B 761 26.52 114.38 -4.82
C ALA B 761 27.37 113.19 -5.23
N GLY B 762 26.73 112.05 -5.39
CA GLY B 762 27.43 110.78 -5.56
C GLY B 762 27.67 110.17 -4.20
N ILE B 763 26.59 110.04 -3.43
CA ILE B 763 26.66 109.39 -2.14
C ILE B 763 25.57 108.33 -2.15
N SER B 764 25.86 107.18 -1.53
CA SER B 764 25.07 105.96 -1.73
C SER B 764 24.49 105.45 -0.42
N PRO B 765 23.50 106.17 0.12
CA PRO B 765 22.89 105.75 1.36
C PRO B 765 22.01 104.54 1.15
N VAL B 766 21.92 103.70 2.18
CA VAL B 766 21.20 102.43 2.11
C VAL B 766 20.49 102.24 3.42
N SER B 767 19.27 101.71 3.38
CA SER B 767 18.54 101.31 4.58
C SER B 767 19.50 100.48 5.40
N ALA B 768 19.41 100.53 6.73
CA ALA B 768 20.43 99.90 7.56
C ALA B 768 19.87 98.85 8.51
N ASP B 769 20.68 97.82 8.78
CA ASP B 769 20.42 96.75 9.80
C ASP B 769 20.00 97.31 11.17
N VAL B 770 20.65 98.41 11.55
CA VAL B 770 20.52 99.04 12.85
C VAL B 770 19.59 100.27 12.73
N ALA B 771 18.81 100.53 13.77
CA ALA B 771 17.99 101.73 13.82
C ALA B 771 18.90 102.94 13.92
N LEU B 772 18.46 104.05 13.33
CA LEU B 772 19.21 105.28 13.45
C LEU B 772 18.27 106.44 13.77
N TYR B 773 18.37 106.96 14.99
CA TYR B 773 17.53 108.04 15.43
C TYR B 773 18.15 109.36 15.03
N SER B 774 17.66 109.94 13.94
CA SER B 774 18.26 111.17 13.45
C SER B 774 18.08 112.29 14.46
N THR B 775 19.14 113.07 14.59
CA THR B 775 19.06 114.33 15.28
C THR B 775 18.62 115.41 14.29
N THR B 776 19.10 115.38 13.06
CA THR B 776 18.74 116.38 12.05
C THR B 776 17.23 116.51 11.90
N THR B 777 16.58 115.38 11.61
CA THR B 777 15.13 115.29 11.40
C THR B 777 14.36 115.42 12.69
N GLY B 778 14.74 114.61 13.67
CA GLY B 778 14.04 114.58 14.96
C GLY B 778 13.37 113.24 15.17
N GLN B 779 13.24 112.44 14.13
CA GLN B 779 12.65 111.12 14.24
C GLN B 779 13.72 110.07 14.01
N PRO B 780 13.43 108.79 14.31
CA PRO B 780 14.26 107.68 13.84
C PRO B 780 13.84 107.28 12.44
N ILE B 781 14.79 106.89 11.60
CA ILE B 781 14.53 106.87 10.16
C ILE B 781 15.04 105.64 9.40
N ASP B 782 14.39 105.37 8.27
CA ASP B 782 15.00 104.59 7.19
C ASP B 782 16.20 105.38 6.69
N THR B 783 17.38 104.76 6.76
CA THR B 783 18.64 105.45 6.48
C THR B 783 18.94 105.65 4.99
N ALA B 784 18.07 105.13 4.12
CA ALA B 784 18.14 105.47 2.69
C ALA B 784 17.76 106.93 2.46
N THR B 785 17.19 107.57 3.49
CA THR B 785 16.85 109.01 3.46
C THR B 785 18.10 109.90 3.27
N MSE B 786 19.27 109.44 3.76
CA MSE B 786 20.40 110.35 3.95
C MSE B 786 21.12 110.73 2.67
O MSE B 786 22.32 110.52 2.54
CB MSE B 786 21.36 109.74 4.97
CG MSE B 786 20.71 109.53 6.33
SE MSE B 786 21.75 108.44 7.60
CE MSE B 786 22.12 109.78 9.07
N ASP B 787 20.40 111.33 1.74
CA ASP B 787 21.01 111.76 0.48
C ASP B 787 21.80 113.01 0.81
N THR B 788 22.26 113.73 -0.21
CA THR B 788 22.99 114.97 0.02
C THR B 788 22.10 116.02 0.66
N ALA B 789 20.86 116.13 0.21
CA ALA B 789 19.93 117.08 0.81
C ALA B 789 19.91 116.90 2.34
N TYR B 790 19.94 115.64 2.78
CA TYR B 790 19.97 115.33 4.21
C TYR B 790 21.18 115.94 4.90
N TRP B 791 22.35 115.77 4.28
CA TRP B 791 23.61 116.12 4.89
C TRP B 791 23.81 117.62 4.94
N TYR B 792 23.21 118.37 4.04
CA TYR B 792 23.22 119.81 4.23
C TYR B 792 22.47 120.16 5.51
N ALA B 793 21.30 119.56 5.69
CA ALA B 793 20.42 119.87 6.82
C ALA B 793 21.10 119.57 8.16
N ASN B 794 21.90 118.52 8.21
CA ASN B 794 22.65 118.14 9.42
C ASN B 794 23.61 119.24 9.87
N LEU B 795 24.14 120.01 8.91
CA LEU B 795 25.05 121.11 9.19
C LEU B 795 24.29 122.43 9.46
N ARG B 796 23.14 122.59 8.82
CA ARG B 796 22.37 123.82 8.94
C ARG B 796 21.44 123.77 10.15
N GLU B 797 20.55 122.78 10.17
CA GLU B 797 19.45 122.77 11.12
C GLU B 797 19.94 122.42 12.52
N GLN B 798 19.19 122.86 13.52
CA GLN B 798 19.44 122.58 14.94
C GLN B 798 19.46 121.09 15.19
N VAL B 799 20.28 120.68 16.15
CA VAL B 799 20.58 119.29 16.38
C VAL B 799 19.41 118.54 17.02
N ARG B 800 19.10 118.80 18.29
CA ARG B 800 17.96 118.11 18.96
C ARG B 800 18.34 116.70 19.40
N PHE B 801 19.40 116.63 20.20
CA PHE B 801 19.87 115.39 20.76
C PHE B 801 18.96 114.99 21.92
N GLN B 802 18.50 115.97 22.69
CA GLN B 802 17.57 115.71 23.81
C GLN B 802 16.35 114.98 23.29
N ASP B 803 15.86 115.43 22.13
CA ASP B 803 14.69 114.83 21.55
C ASP B 803 14.97 113.37 21.27
N ALA B 804 16.08 113.08 20.58
CA ALA B 804 16.42 111.70 20.21
C ALA B 804 16.67 110.80 21.42
N THR B 805 17.26 111.35 22.48
CA THR B 805 17.50 110.59 23.71
C THR B 805 16.18 110.03 24.22
N ARG B 806 15.22 110.92 24.39
CA ARG B 806 13.92 110.52 24.95
C ARG B 806 13.27 109.40 24.12
N GLN B 807 13.34 109.53 22.80
CA GLN B 807 12.76 108.56 21.87
C GLN B 807 13.30 107.15 22.11
N LEU B 808 14.61 107.05 22.31
CA LEU B 808 15.24 105.77 22.66
C LEU B 808 14.86 105.31 24.06
N ALA B 809 14.94 106.23 25.02
CA ALA B 809 14.48 105.96 26.37
C ALA B 809 13.08 105.39 26.30
N GLU B 810 12.16 106.13 25.67
CA GLU B 810 10.77 105.67 25.48
C GLU B 810 10.69 104.37 24.69
N ALA B 811 11.58 104.18 23.71
CA ALA B 811 11.59 102.94 22.93
C ALA B 811 12.17 101.73 23.68
N GLY B 812 12.43 101.87 24.98
CA GLY B 812 12.93 100.77 25.78
C GLY B 812 14.38 100.41 25.52
N PHE B 813 15.25 101.43 25.47
CA PHE B 813 16.70 101.22 25.49
C PHE B 813 17.17 101.56 26.89
N ASP B 814 18.05 100.72 27.40
CA ASP B 814 18.48 100.80 28.81
C ASP B 814 20.01 100.99 28.92
N ALA B 815 20.72 100.77 27.80
CA ALA B 815 22.17 100.91 27.80
C ALA B 815 22.59 101.92 26.74
N PHE B 816 23.25 102.99 27.17
CA PHE B 816 23.86 103.95 26.27
C PHE B 816 25.38 103.96 26.40
N VAL B 817 26.06 103.61 25.32
CA VAL B 817 27.49 103.62 25.27
C VAL B 817 27.92 104.81 24.44
N GLU B 818 28.54 105.81 25.06
CA GLU B 818 29.00 107.00 24.35
C GLU B 818 30.36 106.70 23.74
N VAL B 819 30.39 106.41 22.45
CA VAL B 819 31.58 105.87 21.77
C VAL B 819 32.51 106.99 21.30
N SER B 820 33.34 107.46 22.20
CA SER B 820 34.09 108.66 21.96
C SER B 820 35.39 108.59 22.71
N PRO B 821 36.34 109.47 22.37
CA PRO B 821 37.61 109.54 23.10
C PRO B 821 37.48 110.30 24.41
N HIS B 822 36.36 110.99 24.58
CA HIS B 822 36.06 111.70 25.81
C HIS B 822 34.56 111.88 25.96
N PRO B 823 34.03 111.58 27.15
CA PRO B 823 32.60 111.69 27.34
C PRO B 823 32.24 113.15 27.38
N VAL B 824 31.17 113.50 26.68
CA VAL B 824 30.76 114.88 26.54
C VAL B 824 29.24 115.04 26.51
N LEU B 825 28.53 114.03 26.00
CA LEU B 825 27.07 113.97 26.11
C LEU B 825 26.58 113.12 27.28
N THR B 826 27.48 112.39 27.94
CA THR B 826 27.11 111.48 29.04
C THR B 826 26.24 112.16 30.09
N VAL B 827 26.71 113.28 30.60
CA VAL B 827 26.01 114.02 31.62
C VAL B 827 24.64 114.50 31.15
N GLY B 828 24.57 115.14 29.99
CA GLY B 828 23.28 115.51 29.44
C GLY B 828 22.32 114.32 29.44
N ILE B 829 22.79 113.16 29.02
CA ILE B 829 21.91 112.03 28.80
C ILE B 829 21.26 111.61 30.10
N GLU B 830 22.06 111.46 31.14
CA GLU B 830 21.51 111.05 32.42
C GLU B 830 20.47 112.04 32.92
N ALA B 831 20.71 113.33 32.72
CA ALA B 831 19.73 114.34 33.10
C ALA B 831 18.43 114.18 32.29
N THR B 832 18.55 113.84 31.01
CA THR B 832 17.38 113.57 30.16
C THR B 832 16.66 112.31 30.61
N LEU B 833 17.38 111.34 31.15
CA LEU B 833 16.76 110.11 31.66
C LEU B 833 16.18 110.23 33.08
N ASP B 834 16.66 111.18 33.90
CA ASP B 834 15.97 111.56 35.17
C ASP B 834 14.53 111.94 34.87
N SER B 835 14.39 112.80 33.88
CA SER B 835 13.13 113.43 33.47
C SER B 835 12.13 112.51 32.70
N ALA B 836 12.52 111.27 32.41
CA ALA B 836 11.74 110.41 31.48
C ALA B 836 11.42 109.02 32.05
N LEU B 837 12.46 108.28 32.45
CA LEU B 837 12.30 106.90 32.97
C LEU B 837 11.81 106.87 34.43
N PRO B 838 10.93 105.86 34.77
CA PRO B 838 10.60 105.51 36.18
C PRO B 838 11.82 105.58 37.15
N ALA B 839 11.87 106.65 37.94
CA ALA B 839 12.98 106.93 38.87
C ALA B 839 13.42 105.69 39.67
N ASP B 840 14.75 105.53 39.76
CA ASP B 840 15.42 104.30 40.27
C ASP B 840 14.90 102.97 39.60
N ALA B 841 14.51 103.07 38.32
CA ALA B 841 14.30 101.90 37.43
C ALA B 841 15.25 102.00 36.20
N GLY B 842 16.39 101.32 36.33
CA GLY B 842 17.12 100.77 35.19
C GLY B 842 18.26 101.53 34.55
N ALA B 843 17.94 102.23 33.45
CA ALA B 843 18.90 102.62 32.39
C ALA B 843 20.25 103.21 32.83
N CYS B 844 21.29 102.90 32.07
CA CYS B 844 22.61 103.38 32.39
C CYS B 844 23.38 103.91 31.17
N VAL B 845 24.39 104.71 31.48
CA VAL B 845 25.12 105.51 30.53
C VAL B 845 26.56 105.30 30.82
N VAL B 846 27.36 105.11 29.79
CA VAL B 846 28.74 104.65 29.93
C VAL B 846 29.54 105.20 28.77
N GLY B 847 30.72 105.78 29.04
CA GLY B 847 31.58 106.33 27.99
C GLY B 847 32.64 105.32 27.56
N THR B 848 33.52 105.72 26.64
CA THR B 848 34.62 104.85 26.28
C THR B 848 35.91 105.37 26.88
N LEU B 849 36.64 106.20 26.16
CA LEU B 849 37.87 106.74 26.69
C LEU B 849 37.60 108.07 27.34
N ARG B 850 38.64 108.64 27.90
CA ARG B 850 38.54 109.87 28.59
C ARG B 850 39.85 110.57 28.29
N ARG B 851 39.91 111.87 28.52
CA ARG B 851 41.09 112.65 28.22
C ARG B 851 42.30 112.12 28.97
N ASP B 852 43.40 111.95 28.25
CA ASP B 852 44.64 111.37 28.78
C ASP B 852 44.39 109.99 29.34
N ARG B 853 43.47 109.25 28.73
CA ARG B 853 43.21 107.89 29.15
C ARG B 853 42.84 107.05 27.96
N GLY B 854 43.76 106.99 27.00
CA GLY B 854 43.66 106.11 25.84
C GLY B 854 44.20 104.74 26.19
N GLY B 855 44.65 103.99 25.22
CA GLY B 855 45.25 102.70 25.55
C GLY B 855 44.35 101.65 26.22
N LEU B 856 44.66 100.39 25.91
CA LEU B 856 43.80 99.26 26.21
C LEU B 856 43.25 99.23 27.60
N ALA B 857 44.10 99.40 28.59
CA ALA B 857 43.68 99.26 29.99
C ALA B 857 42.43 100.08 30.22
N ASP B 858 42.43 101.28 29.66
CA ASP B 858 41.32 102.19 29.83
C ASP B 858 40.13 101.79 28.99
N PHE B 859 40.35 101.17 27.84
CA PHE B 859 39.22 100.55 27.16
C PHE B 859 38.67 99.38 28.00
N HIS B 860 39.56 98.57 28.56
CA HIS B 860 39.10 97.50 29.45
C HIS B 860 38.31 98.05 30.64
N THR B 861 38.73 99.18 31.18
CA THR B 861 37.98 99.77 32.26
C THR B 861 36.61 100.24 31.80
N ALA B 862 36.48 100.68 30.55
CA ALA B 862 35.18 101.12 30.01
C ALA B 862 34.25 99.94 29.76
N LEU B 863 34.83 98.83 29.29
CA LEU B 863 34.13 97.56 29.20
C LEU B 863 33.67 97.16 30.59
N GLY B 864 34.58 97.24 31.54
CA GLY B 864 34.27 96.89 32.91
C GLY B 864 33.07 97.61 33.46
N GLU B 865 32.92 98.88 33.12
CA GLU B 865 31.76 99.65 33.58
C GLU B 865 30.49 99.15 32.93
N ALA B 866 30.53 98.95 31.62
CA ALA B 866 29.40 98.43 30.87
C ALA B 866 29.00 97.08 31.45
N TYR B 867 29.99 96.20 31.60
CA TYR B 867 29.78 94.89 32.18
C TYR B 867 29.28 94.96 33.60
N ALA B 868 29.86 95.82 34.42
CA ALA B 868 29.49 95.88 35.84
C ALA B 868 28.02 96.21 36.07
N GLN B 869 27.35 96.72 35.03
CA GLN B 869 25.95 97.11 35.15
C GLN B 869 25.03 96.20 34.36
N GLY B 870 25.62 95.21 33.70
CA GLY B 870 24.86 94.10 33.18
C GLY B 870 24.87 94.01 31.69
N VAL B 871 25.71 94.79 31.02
CA VAL B 871 25.89 94.59 29.60
C VAL B 871 26.59 93.25 29.41
N GLU B 872 26.18 92.50 28.39
CA GLU B 872 26.87 91.27 28.01
C GLU B 872 28.15 91.66 27.30
N VAL B 873 29.29 91.26 27.82
CA VAL B 873 30.54 91.57 27.16
C VAL B 873 31.21 90.25 26.84
N ASP B 874 31.85 90.13 25.68
CA ASP B 874 32.70 88.97 25.44
C ASP B 874 34.14 89.34 25.82
N TRP B 875 34.62 88.82 26.94
CA TRP B 875 35.93 89.22 27.40
C TRP B 875 37.07 88.56 26.64
N SER B 876 36.77 87.54 25.87
CA SER B 876 37.80 86.64 25.32
C SER B 876 38.93 87.29 24.53
N PRO B 877 38.62 88.17 23.57
CA PRO B 877 39.72 88.87 22.89
C PRO B 877 40.88 89.37 23.78
N ALA B 878 40.63 89.65 25.06
CA ALA B 878 41.71 90.03 25.98
C ALA B 878 42.53 88.85 26.52
N PHE B 879 42.19 87.63 26.09
CA PHE B 879 42.94 86.43 26.48
C PHE B 879 43.08 85.48 25.30
N ALA B 880 44.02 85.75 24.41
CA ALA B 880 44.36 84.77 23.36
C ALA B 880 45.00 83.56 24.03
N ASP B 881 44.86 82.39 23.41
CA ASP B 881 45.52 81.19 23.92
C ASP B 881 44.88 80.93 25.26
N ALA B 882 45.60 81.09 26.35
CA ALA B 882 44.98 81.09 27.67
C ALA B 882 44.20 79.81 28.00
N ARG B 883 44.90 78.84 28.57
CA ARG B 883 44.28 77.66 29.17
C ARG B 883 43.53 78.12 30.45
N PRO B 884 42.68 77.25 31.05
CA PRO B 884 42.04 77.59 32.35
C PRO B 884 43.00 77.37 33.51
N VAL B 885 42.55 77.55 34.75
CA VAL B 885 43.45 77.43 35.92
C VAL B 885 42.64 77.30 37.20
N GLU B 886 43.18 76.64 38.24
CA GLU B 886 42.38 76.41 39.45
C GLU B 886 42.36 77.60 40.41
N LEU B 887 41.15 78.11 40.64
CA LEU B 887 40.91 79.29 41.47
C LEU B 887 40.16 78.90 42.73
N PRO B 888 40.13 79.81 43.72
CA PRO B 888 39.30 79.62 44.91
C PRO B 888 37.83 79.46 44.57
N VAL B 889 37.06 79.13 45.58
CA VAL B 889 35.69 78.72 45.38
C VAL B 889 34.76 79.84 45.82
N TYR B 890 33.50 79.78 45.41
CA TYR B 890 32.53 80.78 45.85
C TYR B 890 32.50 80.90 47.38
N PRO B 891 32.56 82.13 47.92
CA PRO B 891 32.51 82.37 49.36
C PRO B 891 31.09 82.41 49.92
N PHE B 892 30.63 81.29 50.42
CA PHE B 892 29.25 81.18 50.82
C PHE B 892 28.97 82.09 52.04
N GLN B 893 27.96 82.93 51.84
CA GLN B 893 27.45 83.83 52.87
C GLN B 893 26.44 83.04 53.70
N ARG B 894 26.92 82.52 54.82
CA ARG B 894 26.18 81.52 55.60
C ARG B 894 25.43 82.06 56.82
N GLN B 895 24.47 81.27 57.29
CA GLN B 895 23.68 81.58 58.49
C GLN B 895 23.35 80.24 59.15
N ARG B 896 23.14 80.22 60.45
CA ARG B 896 22.88 78.95 61.13
C ARG B 896 21.39 78.62 61.11
N TYR B 897 21.02 77.43 60.65
CA TYR B 897 19.64 76.97 60.76
C TYR B 897 19.70 75.66 61.53
N TRP B 898 19.00 75.58 62.66
CA TRP B 898 19.00 74.35 63.49
C TRP B 898 17.70 74.12 64.29
N LEU B 899 17.05 72.99 64.00
CA LEU B 899 15.77 72.58 64.60
C LEU B 899 16.01 71.36 65.51
N PRO B 900 15.87 71.55 66.83
CA PRO B 900 16.18 70.52 67.83
C PRO B 900 15.08 69.46 68.02
N ILE B 901 15.14 68.74 69.14
CA ILE B 901 14.30 67.59 69.43
C ILE B 901 13.78 67.67 70.88
N GLU C 9 -21.98 -39.07 18.95
CA GLU C 9 -22.76 -38.03 18.24
C GLU C 9 -23.02 -38.44 16.78
N GLU C 10 -24.09 -37.85 16.20
CA GLU C 10 -24.34 -37.85 14.75
C GLU C 10 -23.36 -36.91 14.07
N LYS C 11 -22.51 -36.34 14.90
CA LYS C 11 -21.16 -36.03 14.51
C LYS C 11 -20.80 -36.97 13.37
N LEU C 12 -20.77 -38.27 13.65
CA LEU C 12 -20.37 -39.30 12.68
C LEU C 12 -21.21 -39.25 11.41
N ARG C 13 -22.54 -39.29 11.61
CA ARG C 13 -23.50 -39.16 10.54
C ARG C 13 -22.96 -38.17 9.52
N ARG C 14 -22.51 -37.02 10.00
CA ARG C 14 -22.00 -36.00 9.09
C ARG C 14 -20.84 -36.51 8.21
N TYR C 15 -19.86 -37.21 8.79
CA TYR C 15 -18.66 -37.54 8.01
C TYR C 15 -18.83 -38.70 7.07
N LEU C 16 -19.92 -39.45 7.22
CA LEU C 16 -20.38 -40.28 6.11
C LEU C 16 -20.70 -39.37 4.91
N LYS C 17 -21.73 -38.53 5.03
CA LYS C 17 -22.08 -37.57 3.99
C LYS C 17 -20.82 -37.02 3.27
N ARG C 18 -19.90 -36.46 4.05
CA ARG C 18 -18.66 -35.89 3.48
C ARG C 18 -17.94 -36.91 2.62
N THR C 19 -17.72 -38.09 3.19
CA THR C 19 -16.85 -39.11 2.61
C THR C 19 -17.50 -39.86 1.43
N VAL C 20 -18.80 -40.13 1.50
CA VAL C 20 -19.54 -40.73 0.39
C VAL C 20 -19.42 -39.85 -0.84
N THR C 21 -19.65 -38.56 -0.66
CA THR C 21 -19.57 -37.58 -1.73
C THR C 21 -18.25 -37.69 -2.48
N GLU C 22 -17.17 -37.98 -1.76
CA GLU C 22 -15.90 -38.17 -2.43
C GLU C 22 -15.79 -39.53 -3.07
N LEU C 23 -16.23 -40.56 -2.36
CA LEU C 23 -16.28 -41.90 -2.93
C LEU C 23 -16.89 -41.84 -4.36
N ASP C 24 -18.01 -41.13 -4.49
CA ASP C 24 -18.68 -40.95 -5.77
C ASP C 24 -17.76 -40.19 -6.70
N SER C 25 -17.35 -39.00 -6.26
CA SER C 25 -16.49 -38.15 -7.06
C SER C 25 -15.21 -38.81 -7.52
N VAL C 26 -14.58 -39.57 -6.64
CA VAL C 26 -13.30 -40.15 -6.97
C VAL C 26 -13.54 -41.27 -7.95
N THR C 27 -14.70 -41.90 -7.85
CA THR C 27 -15.07 -42.94 -8.79
C THR C 27 -15.36 -42.35 -10.17
N ALA C 28 -15.95 -41.17 -10.20
CA ALA C 28 -16.18 -40.46 -11.44
C ALA C 28 -14.86 -40.35 -12.18
N ARG C 29 -13.89 -39.65 -11.60
CA ARG C 29 -12.65 -39.34 -12.32
C ARG C 29 -12.01 -40.66 -12.77
N LEU C 30 -12.08 -41.66 -11.89
CA LEU C 30 -11.56 -43.00 -12.19
C LEU C 30 -12.29 -43.70 -13.34
N ARG C 31 -13.60 -43.55 -13.42
CA ARG C 31 -14.30 -44.10 -14.55
C ARG C 31 -13.88 -43.39 -15.83
N GLU C 32 -13.96 -42.06 -15.83
CA GLU C 32 -13.68 -41.28 -17.01
C GLU C 32 -12.28 -41.61 -17.53
N VAL C 33 -11.28 -41.60 -16.66
CA VAL C 33 -9.88 -41.87 -17.09
C VAL C 33 -9.76 -43.23 -17.77
N GLU C 34 -10.29 -44.27 -17.13
CA GLU C 34 -10.28 -45.61 -17.69
C GLU C 34 -11.12 -45.70 -18.93
N HIS C 35 -12.22 -44.97 -18.96
CA HIS C 35 -13.07 -44.99 -20.13
C HIS C 35 -12.30 -44.51 -21.34
N ARG C 36 -11.74 -43.32 -21.25
CA ARG C 36 -10.92 -42.83 -22.33
C ARG C 36 -9.89 -43.84 -22.76
N ALA C 37 -9.07 -44.29 -21.82
CA ALA C 37 -7.97 -45.19 -22.12
C ALA C 37 -8.36 -46.42 -22.95
N GLY C 38 -9.54 -46.97 -22.70
CA GLY C 38 -10.01 -48.17 -23.43
C GLY C 38 -11.27 -47.95 -24.26
N GLU C 39 -11.47 -46.71 -24.68
CA GLU C 39 -12.74 -46.32 -25.32
C GLU C 39 -13.06 -47.10 -26.62
N PRO C 40 -14.34 -47.42 -26.89
CA PRO C 40 -14.68 -47.98 -28.19
C PRO C 40 -14.33 -47.07 -29.37
N ILE C 41 -13.76 -47.68 -30.41
CA ILE C 41 -13.29 -46.98 -31.62
C ILE C 41 -14.31 -47.17 -32.75
N ALA C 42 -14.90 -46.06 -33.21
CA ALA C 42 -15.84 -46.12 -34.32
C ALA C 42 -15.11 -46.33 -35.65
N ILE C 43 -15.60 -47.28 -36.42
CA ILE C 43 -15.24 -47.36 -37.83
C ILE C 43 -16.19 -46.44 -38.52
N VAL C 44 -15.62 -45.48 -39.20
CA VAL C 44 -16.36 -44.33 -39.66
C VAL C 44 -16.48 -44.34 -41.19
N GLY C 45 -15.55 -45.01 -41.87
CA GLY C 45 -15.61 -45.27 -43.30
C GLY C 45 -14.69 -46.41 -43.67
N MSE C 46 -14.77 -46.89 -44.91
CA MSE C 46 -13.91 -47.97 -45.34
C MSE C 46 -13.89 -48.17 -46.83
O MSE C 46 -14.89 -48.04 -47.50
CB MSE C 46 -14.31 -49.28 -44.70
CG MSE C 46 -15.75 -49.45 -44.31
SE MSE C 46 -16.11 -51.26 -43.56
CE MSE C 46 -14.73 -51.42 -42.37
N ALA C 47 -12.73 -48.53 -47.35
CA ALA C 47 -12.55 -48.76 -48.75
C ALA C 47 -11.68 -49.98 -48.98
N CYS C 48 -11.85 -50.61 -50.13
CA CYS C 48 -11.26 -51.91 -50.36
C CYS C 48 -11.05 -52.23 -51.84
N ARG C 49 -10.37 -53.36 -52.06
CA ARG C 49 -9.99 -53.80 -53.40
C ARG C 49 -9.72 -55.30 -53.29
N PHE C 50 -10.69 -56.10 -53.69
CA PHE C 50 -10.67 -57.56 -53.48
C PHE C 50 -11.06 -58.35 -54.75
N PRO C 51 -10.72 -59.65 -54.80
CA PRO C 51 -11.08 -60.43 -55.97
C PRO C 51 -12.57 -60.42 -56.21
N GLY C 52 -12.95 -60.80 -57.42
CA GLY C 52 -14.33 -60.83 -57.82
C GLY C 52 -14.71 -59.47 -58.32
N ASP C 53 -13.70 -58.64 -58.64
CA ASP C 53 -13.93 -57.25 -59.08
C ASP C 53 -14.68 -56.45 -58.04
N VAL C 54 -14.23 -56.55 -56.81
CA VAL C 54 -14.80 -55.80 -55.72
C VAL C 54 -13.97 -54.54 -55.56
N ASP C 55 -14.64 -53.39 -55.47
CA ASP C 55 -13.97 -52.08 -55.25
C ASP C 55 -14.70 -51.17 -54.23
N SER C 56 -15.64 -51.74 -53.51
CA SER C 56 -16.43 -51.00 -52.55
C SER C 56 -17.06 -51.99 -51.59
N PRO C 57 -17.31 -51.56 -50.34
CA PRO C 57 -18.14 -52.34 -49.40
C PRO C 57 -19.46 -52.89 -49.99
N GLU C 58 -20.25 -52.06 -50.66
CA GLU C 58 -21.50 -52.53 -51.25
C GLU C 58 -21.25 -53.73 -52.21
N SER C 59 -20.18 -53.67 -53.01
CA SER C 59 -19.85 -54.78 -53.94
C SER C 59 -19.38 -55.98 -53.15
N PHE C 60 -18.50 -55.72 -52.21
CA PHE C 60 -18.02 -56.75 -51.33
C PHE C 60 -19.20 -57.50 -50.72
N TRP C 61 -20.15 -56.78 -50.13
CA TRP C 61 -21.27 -57.46 -49.50
C TRP C 61 -22.16 -58.21 -50.50
N GLU C 62 -22.36 -57.64 -51.68
CA GLU C 62 -23.06 -58.36 -52.74
C GLU C 62 -22.38 -59.67 -53.10
N PHE C 63 -21.07 -59.57 -53.32
CA PHE C 63 -20.30 -60.70 -53.73
C PHE C 63 -20.35 -61.78 -52.66
N VAL C 64 -20.00 -61.41 -51.44
CA VAL C 64 -19.91 -62.38 -50.34
C VAL C 64 -21.27 -62.98 -49.96
N SER C 65 -22.29 -62.13 -49.81
CA SER C 65 -23.62 -62.60 -49.42
C SER C 65 -24.24 -63.36 -50.55
N GLY C 66 -24.03 -62.88 -51.78
CA GLY C 66 -24.36 -63.63 -53.00
C GLY C 66 -23.72 -65.03 -53.07
N GLY C 67 -22.64 -65.23 -52.32
CA GLY C 67 -21.98 -66.53 -52.27
C GLY C 67 -21.08 -66.72 -53.48
N GLY C 68 -20.34 -65.66 -53.85
CA GLY C 68 -19.44 -65.69 -55.00
C GLY C 68 -18.13 -66.43 -54.70
N ASP C 69 -17.48 -66.88 -55.77
CA ASP C 69 -16.20 -67.59 -55.70
C ASP C 69 -15.27 -67.07 -56.80
N ALA C 70 -14.28 -66.26 -56.41
CA ALA C 70 -13.39 -65.52 -57.33
C ALA C 70 -12.13 -66.28 -57.75
N ILE C 71 -12.01 -67.51 -57.27
CA ILE C 71 -10.81 -68.27 -57.46
C ILE C 71 -10.69 -68.57 -58.94
N ALA C 72 -9.63 -68.08 -59.57
CA ALA C 72 -9.46 -68.27 -61.00
C ALA C 72 -7.99 -68.28 -61.37
N GLU C 73 -7.74 -68.61 -62.63
CA GLU C 73 -6.42 -68.46 -63.21
C GLU C 73 -5.92 -67.05 -63.03
N ALA C 74 -4.63 -66.92 -62.71
CA ALA C 74 -4.02 -65.61 -62.63
C ALA C 74 -4.12 -64.90 -63.98
N PRO C 75 -4.21 -63.57 -63.97
CA PRO C 75 -4.18 -62.81 -65.23
C PRO C 75 -2.85 -62.93 -65.99
N ALA C 76 -2.90 -62.96 -67.32
CA ALA C 76 -1.72 -63.20 -68.13
C ALA C 76 -0.78 -62.00 -68.25
N ASP C 77 -1.15 -60.84 -67.70
CA ASP C 77 -0.50 -59.57 -68.03
C ASP C 77 0.67 -59.12 -67.13
N ARG C 78 1.13 -59.99 -66.23
CA ARG C 78 2.15 -59.59 -65.27
C ARG C 78 3.52 -60.11 -65.66
N GLY C 79 3.68 -60.40 -66.95
CA GLY C 79 4.91 -60.94 -67.48
C GLY C 79 5.37 -62.12 -66.67
N TRP C 80 4.44 -62.93 -66.17
CA TRP C 80 4.81 -64.13 -65.39
C TRP C 80 5.35 -65.23 -66.30
N GLU C 81 6.40 -65.89 -65.82
CA GLU C 81 7.00 -67.01 -66.48
C GLU C 81 5.94 -68.09 -66.65
N PRO C 82 5.74 -68.62 -67.87
CA PRO C 82 4.87 -69.80 -68.09
C PRO C 82 5.07 -70.97 -67.11
N ASP C 83 4.06 -71.83 -66.99
CA ASP C 83 4.10 -72.99 -66.09
C ASP C 83 3.01 -74.03 -66.47
N PRO C 84 3.36 -75.35 -66.48
CA PRO C 84 2.39 -76.37 -66.94
C PRO C 84 1.13 -76.53 -66.07
N ASP C 85 1.27 -76.33 -64.76
CA ASP C 85 0.14 -76.34 -63.85
C ASP C 85 -0.24 -74.88 -63.61
N ALA C 86 -1.17 -74.34 -64.41
CA ALA C 86 -1.57 -72.92 -64.33
C ALA C 86 -2.02 -72.55 -62.93
N ARG C 87 -1.97 -71.27 -62.60
CA ARG C 87 -2.00 -70.88 -61.20
C ARG C 87 -3.35 -70.33 -60.76
N LEU C 88 -3.94 -71.01 -59.79
CA LEU C 88 -5.29 -70.69 -59.36
C LEU C 88 -5.32 -69.96 -58.04
N GLY C 89 -6.01 -68.84 -58.00
CA GLY C 89 -6.21 -68.14 -56.75
C GLY C 89 -7.12 -66.94 -56.89
N GLY C 90 -7.14 -66.14 -55.83
CA GLY C 90 -7.91 -64.88 -55.76
C GLY C 90 -7.10 -63.63 -56.11
N MSE C 91 -7.20 -63.24 -57.38
CA MSE C 91 -6.37 -62.21 -57.99
C MSE C 91 -7.17 -60.94 -58.28
O MSE C 91 -8.35 -61.01 -58.64
CB MSE C 91 -5.82 -62.72 -59.33
CG MSE C 91 -5.29 -64.15 -59.37
SE MSE C 91 -3.53 -64.36 -58.51
CE MSE C 91 -2.45 -62.89 -59.34
N LEU C 92 -6.51 -59.79 -58.14
CA LEU C 92 -7.05 -58.52 -58.63
C LEU C 92 -7.02 -58.51 -60.16
N ALA C 93 -8.13 -58.10 -60.78
CA ALA C 93 -8.24 -58.09 -62.25
C ALA C 93 -7.24 -57.12 -62.90
N ALA C 94 -7.24 -55.88 -62.39
CA ALA C 94 -6.38 -54.80 -62.88
C ALA C 94 -5.57 -54.23 -61.72
N ALA C 95 -4.66 -55.04 -61.18
CA ALA C 95 -3.79 -54.62 -60.08
C ALA C 95 -2.82 -53.48 -60.46
N GLY C 96 -2.54 -53.32 -61.75
CA GLY C 96 -1.57 -52.35 -62.24
C GLY C 96 -2.16 -51.04 -62.72
N ASP C 97 -3.49 -50.92 -62.72
CA ASP C 97 -4.13 -49.66 -63.08
C ASP C 97 -4.00 -48.66 -61.91
N PHE C 98 -3.69 -47.41 -62.23
CA PHE C 98 -3.50 -46.36 -61.21
C PHE C 98 -3.87 -44.98 -61.77
N ASP C 99 -4.35 -44.08 -60.90
CA ASP C 99 -4.50 -42.67 -61.27
C ASP C 99 -3.32 -41.85 -60.71
N ALA C 100 -2.21 -41.86 -61.43
CA ALA C 100 -0.99 -41.20 -60.99
C ALA C 100 -1.17 -39.68 -60.86
N GLY C 101 -1.63 -39.07 -61.94
CA GLY C 101 -1.87 -37.61 -61.99
C GLY C 101 -2.70 -37.06 -60.84
N PHE C 102 -3.72 -37.79 -60.41
CA PHE C 102 -4.57 -37.35 -59.30
C PHE C 102 -3.76 -36.97 -58.08
N PHE C 103 -2.78 -37.81 -57.75
CA PHE C 103 -1.95 -37.64 -56.57
C PHE C 103 -0.68 -36.91 -56.90
N GLY C 104 -0.58 -36.40 -58.12
CA GLY C 104 0.59 -35.65 -58.56
C GLY C 104 1.84 -36.48 -58.78
N ILE C 105 1.66 -37.75 -59.14
CA ILE C 105 2.80 -38.63 -59.36
C ILE C 105 3.13 -38.69 -60.84
N SER C 106 4.42 -38.52 -61.15
CA SER C 106 4.88 -38.60 -62.53
C SER C 106 4.70 -40.01 -63.04
N PRO C 107 4.54 -40.15 -64.35
CA PRO C 107 4.39 -41.48 -64.95
C PRO C 107 5.60 -42.34 -64.63
N ARG C 108 6.78 -41.70 -64.68
CA ARG C 108 8.05 -42.34 -64.35
C ARG C 108 8.02 -42.98 -62.95
N GLU C 109 7.60 -42.21 -61.95
CA GLU C 109 7.50 -42.74 -60.58
C GLU C 109 6.40 -43.80 -60.41
N ALA C 110 5.23 -43.56 -60.98
CA ALA C 110 4.12 -44.52 -60.94
C ALA C 110 4.54 -45.93 -61.40
N LEU C 111 5.43 -46.00 -62.40
CA LEU C 111 5.93 -47.27 -62.96
C LEU C 111 6.83 -48.09 -62.00
N ALA C 112 7.55 -47.38 -61.12
CA ALA C 112 8.50 -47.98 -60.16
C ALA C 112 7.86 -48.29 -58.81
N MSE C 113 6.60 -47.89 -58.65
CA MSE C 113 5.87 -48.04 -57.41
C MSE C 113 5.19 -49.41 -57.29
O MSE C 113 4.36 -49.79 -58.08
CB MSE C 113 4.79 -46.97 -57.33
CG MSE C 113 5.31 -45.60 -56.96
SE MSE C 113 3.86 -44.32 -56.77
CE MSE C 113 2.86 -45.21 -55.43
N ASP C 114 5.55 -50.14 -56.25
CA ASP C 114 4.81 -51.30 -55.83
C ASP C 114 3.30 -50.94 -55.92
N PRO C 115 2.51 -51.77 -56.61
CA PRO C 115 1.06 -51.62 -56.66
C PRO C 115 0.39 -51.55 -55.29
N GLN C 116 1.04 -52.12 -54.28
CA GLN C 116 0.51 -52.07 -52.94
C GLN C 116 0.46 -50.63 -52.45
N GLN C 117 1.47 -49.82 -52.81
CA GLN C 117 1.48 -48.38 -52.48
C GLN C 117 0.37 -47.64 -53.24
N ARG C 118 0.22 -47.97 -54.50
CA ARG C 118 -0.71 -47.26 -55.36
C ARG C 118 -2.10 -47.55 -54.91
N ILE C 119 -2.46 -48.81 -54.79
CA ILE C 119 -3.78 -49.18 -54.32
C ILE C 119 -4.09 -48.54 -52.96
N MSE C 120 -3.05 -48.34 -52.15
CA MSE C 120 -3.23 -47.71 -50.88
C MSE C 120 -3.67 -46.24 -51.01
O MSE C 120 -4.56 -45.80 -50.29
CB MSE C 120 -1.95 -47.87 -50.01
CG MSE C 120 -1.77 -49.26 -49.28
SE MSE C 120 -3.35 -49.94 -48.29
CE MSE C 120 -4.14 -50.79 -49.68
N LEU C 121 -3.07 -45.48 -51.91
CA LEU C 121 -3.50 -44.08 -52.09
C LEU C 121 -4.94 -44.04 -52.56
N GLU C 122 -5.24 -44.79 -53.59
CA GLU C 122 -6.57 -44.75 -54.11
C GLU C 122 -7.59 -45.02 -52.99
N ILE C 123 -7.50 -46.15 -52.31
CA ILE C 123 -8.56 -46.50 -51.37
C ILE C 123 -8.48 -45.66 -50.09
N SER C 124 -7.32 -45.08 -49.82
CA SER C 124 -7.22 -44.20 -48.66
C SER C 124 -8.11 -43.01 -48.83
N TRP C 125 -8.02 -42.41 -50.01
CA TRP C 125 -8.89 -41.32 -50.43
C TRP C 125 -10.37 -41.74 -50.37
N GLU C 126 -10.73 -42.83 -51.04
CA GLU C 126 -12.13 -43.26 -51.09
C GLU C 126 -12.71 -43.37 -49.67
N ALA C 127 -11.96 -43.97 -48.76
CA ALA C 127 -12.43 -44.24 -47.41
C ALA C 127 -12.80 -42.95 -46.69
N LEU C 128 -11.92 -41.95 -46.80
CA LEU C 128 -12.16 -40.65 -46.21
C LEU C 128 -13.37 -40.01 -46.85
N GLU C 129 -13.58 -40.19 -48.15
CA GLU C 129 -14.76 -39.59 -48.78
C GLU C 129 -16.02 -40.21 -48.20
N ARG C 130 -16.00 -41.51 -47.97
CA ARG C 130 -17.15 -42.21 -47.43
C ARG C 130 -17.40 -41.77 -46.01
N ALA C 131 -16.33 -41.58 -45.27
CA ALA C 131 -16.42 -41.12 -43.89
C ALA C 131 -17.07 -39.72 -43.78
N GLY C 132 -16.92 -38.90 -44.81
CA GLY C 132 -17.58 -37.59 -44.87
C GLY C 132 -16.65 -36.41 -45.02
N HIS C 133 -15.37 -36.65 -45.19
CA HIS C 133 -14.40 -35.59 -45.33
C HIS C 133 -14.14 -35.35 -46.78
N ASP C 134 -14.06 -34.08 -47.18
CA ASP C 134 -13.26 -33.69 -48.34
C ASP C 134 -11.85 -33.91 -47.84
N PRO C 135 -11.17 -34.93 -48.37
CA PRO C 135 -9.82 -35.26 -47.92
C PRO C 135 -8.88 -34.05 -47.88
N VAL C 136 -8.91 -33.22 -48.91
CA VAL C 136 -8.15 -31.96 -48.88
C VAL C 136 -8.27 -31.20 -47.54
N SER C 137 -9.40 -31.30 -46.85
CA SER C 137 -9.55 -30.66 -45.54
C SER C 137 -8.60 -31.19 -44.46
N LEU C 138 -8.18 -32.43 -44.56
CA LEU C 138 -7.34 -33.02 -43.53
C LEU C 138 -5.85 -32.71 -43.74
N ARG C 139 -5.52 -31.81 -44.64
CA ARG C 139 -4.15 -31.44 -44.78
C ARG C 139 -3.76 -30.62 -43.56
N GLY C 140 -2.69 -31.06 -42.88
CA GLY C 140 -2.22 -30.43 -41.67
C GLY C 140 -2.77 -31.11 -40.45
N SER C 141 -3.66 -32.07 -40.65
CA SER C 141 -4.32 -32.69 -39.53
C SER C 141 -3.42 -33.73 -38.88
N ALA C 142 -3.62 -33.99 -37.60
CA ALA C 142 -2.90 -35.09 -36.95
C ALA C 142 -3.70 -36.35 -37.19
N THR C 143 -3.48 -36.91 -38.36
CA THR C 143 -4.14 -38.13 -38.74
C THR C 143 -3.06 -39.19 -38.96
N GLY C 144 -3.15 -40.28 -38.19
CA GLY C 144 -2.24 -41.43 -38.33
C GLY C 144 -2.45 -42.43 -39.48
N VAL C 145 -1.36 -43.11 -39.85
CA VAL C 145 -1.39 -44.15 -40.88
C VAL C 145 -0.68 -45.44 -40.38
N PHE C 146 -1.46 -46.51 -40.28
CA PHE C 146 -0.97 -47.78 -39.84
C PHE C 146 -1.35 -48.74 -40.95
N THR C 147 -0.36 -49.37 -41.57
CA THR C 147 -0.63 -50.20 -42.74
C THR C 147 0.11 -51.54 -42.72
N GLY C 148 -0.66 -52.62 -42.66
CA GLY C 148 -0.11 -53.97 -42.79
C GLY C 148 0.37 -54.29 -44.20
N VAL C 149 1.68 -54.43 -44.34
CA VAL C 149 2.31 -54.94 -45.55
C VAL C 149 3.15 -56.16 -45.17
N GLY C 150 2.92 -57.24 -45.92
CA GLY C 150 3.75 -58.42 -45.83
C GLY C 150 4.87 -58.28 -46.83
N THR C 151 4.89 -59.19 -47.80
CA THR C 151 5.90 -59.18 -48.83
C THR C 151 5.82 -57.99 -49.75
N VAL C 152 6.96 -57.59 -50.32
CA VAL C 152 7.02 -56.62 -51.42
C VAL C 152 7.86 -57.23 -52.52
N ASP C 153 7.24 -57.63 -53.63
CA ASP C 153 8.01 -58.32 -54.69
C ASP C 153 7.90 -57.70 -56.09
N TYR C 154 7.68 -56.40 -56.19
CA TYR C 154 7.32 -55.80 -57.47
C TYR C 154 8.46 -55.67 -58.49
N GLY C 155 9.43 -54.82 -58.16
CA GLY C 155 10.30 -54.27 -59.21
C GLY C 155 11.29 -55.24 -59.83
N PRO C 156 12.12 -54.73 -60.73
CA PRO C 156 13.43 -55.29 -60.88
C PRO C 156 14.31 -54.61 -59.86
N ARG C 157 15.49 -55.17 -59.62
CA ARG C 157 16.42 -54.60 -58.67
C ARG C 157 17.08 -53.37 -59.27
N PRO C 158 17.56 -52.46 -58.41
CA PRO C 158 18.33 -51.31 -58.84
C PRO C 158 19.43 -51.67 -59.85
N ASP C 159 19.98 -52.85 -59.68
CA ASP C 159 21.11 -53.32 -60.48
C ASP C 159 20.69 -53.66 -61.90
N GLU C 160 19.39 -53.95 -62.11
CA GLU C 160 18.87 -54.31 -63.44
C GLU C 160 17.62 -53.51 -63.84
N ALA C 161 17.44 -52.36 -63.20
CA ALA C 161 16.29 -51.51 -63.49
C ALA C 161 16.58 -50.72 -64.74
N PRO C 162 15.53 -50.46 -65.54
CA PRO C 162 15.71 -49.43 -66.58
C PRO C 162 16.18 -48.14 -65.93
N ASP C 163 17.28 -47.58 -66.43
CA ASP C 163 17.80 -46.33 -65.87
C ASP C 163 17.00 -45.10 -66.33
N GLU C 164 15.74 -45.30 -66.73
CA GLU C 164 14.76 -44.20 -66.80
C GLU C 164 14.03 -44.05 -65.46
N VAL C 165 14.26 -44.98 -64.55
CA VAL C 165 13.42 -45.15 -63.39
C VAL C 165 14.27 -45.35 -62.14
N LEU C 166 15.54 -44.96 -62.23
CA LEU C 166 16.54 -45.38 -61.24
C LEU C 166 16.47 -44.63 -59.90
N GLY C 167 16.07 -43.36 -59.95
CA GLY C 167 15.89 -42.57 -58.73
C GLY C 167 14.73 -42.98 -57.82
N TYR C 168 13.77 -43.73 -58.37
CA TYR C 168 12.51 -44.10 -57.66
C TYR C 168 12.37 -45.58 -57.35
N VAL C 169 13.44 -46.33 -57.56
CA VAL C 169 13.40 -47.80 -57.46
C VAL C 169 13.26 -48.22 -56.02
N GLY C 170 14.08 -47.63 -55.14
CA GLY C 170 14.04 -47.95 -53.71
C GLY C 170 12.78 -47.49 -53.04
N THR C 171 12.47 -46.21 -53.26
CA THR C 171 11.31 -45.54 -52.71
C THR C 171 10.01 -46.20 -53.16
N GLY C 172 9.97 -46.60 -54.44
CA GLY C 172 8.81 -47.22 -55.05
C GLY C 172 8.49 -48.58 -54.47
N THR C 173 9.48 -49.23 -53.86
CA THR C 173 9.31 -50.54 -53.24
C THR C 173 9.57 -50.61 -51.74
N ALA C 174 10.15 -49.56 -51.16
CA ALA C 174 10.36 -49.55 -49.72
C ALA C 174 9.04 -49.74 -48.98
N SER C 175 8.96 -50.71 -48.09
CA SER C 175 7.75 -50.97 -47.32
C SER C 175 7.27 -49.76 -46.49
N SER C 176 8.21 -48.93 -46.00
CA SER C 176 7.93 -47.75 -45.16
C SER C 176 7.00 -46.76 -45.85
N VAL C 177 7.04 -46.77 -47.17
CA VAL C 177 6.40 -45.78 -48.00
C VAL C 177 4.92 -46.04 -48.27
N ALA C 178 4.45 -47.27 -48.15
CA ALA C 178 3.00 -47.53 -48.24
C ALA C 178 2.22 -46.82 -47.11
N SER C 179 2.94 -46.49 -46.04
CA SER C 179 2.42 -45.60 -45.03
C SER C 179 2.82 -44.19 -45.31
N GLY C 180 4.13 -43.97 -45.37
CA GLY C 180 4.65 -42.62 -45.54
C GLY C 180 4.06 -41.88 -46.73
N ARG C 181 3.80 -42.58 -47.84
CA ARG C 181 3.32 -41.92 -49.05
C ARG C 181 1.91 -41.36 -48.84
N VAL C 182 1.00 -42.14 -48.30
CA VAL C 182 -0.35 -41.66 -47.97
C VAL C 182 -0.30 -40.36 -47.14
N ALA C 183 0.58 -40.29 -46.16
CA ALA C 183 0.70 -39.09 -45.34
C ALA C 183 1.25 -37.92 -46.13
N TYR C 184 2.30 -38.13 -46.90
CA TYR C 184 2.84 -37.09 -47.78
C TYR C 184 1.78 -36.57 -48.76
N CYS C 185 1.04 -37.47 -49.38
CA CYS C 185 0.07 -37.08 -50.40
C CYS C 185 -1.15 -36.36 -49.90
N LEU C 186 -1.59 -36.65 -48.69
CA LEU C 186 -2.76 -35.99 -48.14
C LEU C 186 -2.33 -35.06 -47.01
N GLY C 187 -1.01 -34.84 -46.92
CA GLY C 187 -0.43 -33.92 -45.94
C GLY C 187 -0.73 -34.22 -44.49
N LEU C 188 -0.84 -35.50 -44.15
CA LEU C 188 -1.20 -35.91 -42.79
C LEU C 188 0.03 -35.86 -41.90
N GLU C 189 -0.20 -35.69 -40.61
CA GLU C 189 0.86 -35.36 -39.66
C GLU C 189 0.99 -36.27 -38.45
N GLY C 190 -0.02 -37.08 -38.17
CA GLY C 190 0.07 -38.08 -37.10
C GLY C 190 1.08 -39.15 -37.45
N PRO C 191 1.35 -40.08 -36.53
CA PRO C 191 2.33 -41.12 -36.84
C PRO C 191 1.94 -41.95 -38.06
N ALA C 192 2.87 -42.25 -38.98
CA ALA C 192 2.61 -43.17 -40.11
C ALA C 192 3.61 -44.30 -40.11
N MSE C 193 3.14 -45.55 -40.03
CA MSE C 193 4.04 -46.71 -40.06
C MSE C 193 3.47 -47.93 -40.77
O MSE C 193 2.27 -48.12 -40.87
CB MSE C 193 4.43 -47.13 -38.67
CG MSE C 193 3.31 -47.75 -37.91
SE MSE C 193 3.71 -47.47 -36.02
CE MSE C 193 2.36 -48.43 -35.40
N THR C 194 4.36 -48.77 -41.26
CA THR C 194 3.99 -50.02 -41.88
C THR C 194 4.31 -51.14 -40.88
N VAL C 195 3.42 -52.11 -40.74
CA VAL C 195 3.61 -53.20 -39.79
C VAL C 195 3.69 -54.53 -40.50
N ASP C 196 4.60 -55.40 -40.07
CA ASP C 196 4.72 -56.73 -40.69
C ASP C 196 4.58 -57.85 -39.66
N THR C 197 3.54 -58.62 -39.86
CA THR C 197 3.17 -59.64 -38.96
C THR C 197 2.56 -60.73 -39.84
N ALA C 198 3.09 -60.84 -41.06
CA ALA C 198 2.57 -61.74 -42.08
C ALA C 198 1.01 -61.70 -42.12
N CYS C 199 0.32 -62.83 -41.96
CA CYS C 199 -1.15 -62.89 -42.20
C CYS C 199 -2.00 -61.95 -41.35
N SER C 200 -1.52 -61.67 -40.14
CA SER C 200 -2.27 -60.82 -39.23
C SER C 200 -1.86 -59.34 -39.29
N SER C 201 -0.85 -59.00 -40.10
CA SER C 201 -0.48 -57.61 -40.35
C SER C 201 -1.69 -56.68 -40.37
N GLY C 202 -2.72 -57.05 -41.13
CA GLY C 202 -3.98 -56.31 -41.13
C GLY C 202 -4.48 -55.96 -39.74
N LEU C 203 -4.81 -56.96 -38.94
CA LEU C 203 -5.31 -56.74 -37.58
C LEU C 203 -4.27 -56.10 -36.68
N THR C 204 -3.00 -56.40 -36.82
CA THR C 204 -2.01 -55.79 -35.95
C THR C 204 -2.07 -54.25 -36.09
N ALA C 205 -2.09 -53.82 -37.35
CA ALA C 205 -2.10 -52.40 -37.70
C ALA C 205 -3.31 -51.73 -37.10
N LEU C 206 -4.44 -52.39 -37.30
CA LEU C 206 -5.71 -51.98 -36.80
C LEU C 206 -5.74 -51.90 -35.25
N HIS C 207 -4.93 -52.71 -34.60
CA HIS C 207 -4.79 -52.71 -33.16
C HIS C 207 -3.86 -51.57 -32.70
N LEU C 208 -2.82 -51.32 -33.48
CA LEU C 208 -1.91 -50.24 -33.14
C LEU C 208 -2.58 -48.90 -33.29
N ALA C 209 -3.46 -48.79 -34.29
CA ALA C 209 -4.19 -47.57 -34.57
C ALA C 209 -5.18 -47.29 -33.45
N MSE C 210 -5.94 -48.30 -33.04
CA MSE C 210 -6.87 -48.12 -31.93
C MSE C 210 -6.16 -47.54 -30.70
O MSE C 210 -6.66 -46.64 -30.02
CB MSE C 210 -7.52 -49.43 -31.55
CG MSE C 210 -8.49 -49.93 -32.60
SE MSE C 210 -8.85 -51.79 -32.32
CE MSE C 210 -9.63 -51.64 -30.45
N GLU C 211 -4.97 -48.07 -30.43
CA GLU C 211 -4.25 -47.71 -29.22
C GLU C 211 -3.56 -46.37 -29.33
N SER C 212 -3.33 -45.92 -30.55
CA SER C 212 -2.73 -44.61 -30.81
C SER C 212 -3.80 -43.56 -30.67
N LEU C 213 -5.04 -43.89 -31.03
CA LEU C 213 -6.16 -42.97 -30.83
C LEU C 213 -6.51 -42.88 -29.35
N ARG C 214 -6.34 -44.01 -28.66
CA ARG C 214 -6.67 -44.08 -27.26
C ARG C 214 -5.64 -43.37 -26.43
N ARG C 215 -4.46 -43.15 -27.00
CA ARG C 215 -3.44 -42.39 -26.32
C ARG C 215 -3.42 -40.93 -26.79
N ASP C 216 -4.25 -40.60 -27.77
CA ASP C 216 -4.30 -39.24 -28.37
C ASP C 216 -3.10 -38.80 -29.23
N GLU C 217 -2.34 -39.75 -29.78
CA GLU C 217 -1.36 -39.46 -30.83
C GLU C 217 -2.01 -38.86 -32.09
N CYS C 218 -3.29 -39.16 -32.26
CA CYS C 218 -4.05 -38.58 -33.32
C CYS C 218 -5.53 -38.69 -33.01
N GLY C 219 -6.32 -37.96 -33.81
CA GLY C 219 -7.77 -37.92 -33.69
C GLY C 219 -8.45 -38.66 -34.80
N LEU C 220 -7.69 -39.05 -35.81
CA LEU C 220 -8.22 -39.86 -36.91
C LEU C 220 -7.15 -40.82 -37.38
N ALA C 221 -7.51 -42.04 -37.72
CA ALA C 221 -6.48 -43.00 -38.20
C ALA C 221 -6.90 -43.80 -39.43
N LEU C 222 -5.94 -44.00 -40.34
CA LEU C 222 -6.16 -44.92 -41.45
C LEU C 222 -5.47 -46.22 -41.11
N ALA C 223 -6.24 -47.30 -41.02
CA ALA C 223 -5.72 -48.57 -40.54
C ALA C 223 -6.06 -49.58 -41.56
N GLY C 224 -5.04 -50.15 -42.20
CA GLY C 224 -5.28 -51.05 -43.33
C GLY C 224 -4.22 -52.11 -43.56
N GLY C 225 -4.40 -52.87 -44.62
CA GLY C 225 -3.38 -53.77 -45.09
C GLY C 225 -3.48 -54.13 -46.57
N VAL C 226 -2.39 -54.58 -47.14
CA VAL C 226 -2.34 -54.92 -48.53
C VAL C 226 -1.60 -56.23 -48.79
N THR C 227 -2.06 -56.98 -49.79
CA THR C 227 -1.17 -57.88 -50.49
C THR C 227 -1.52 -57.99 -51.96
N VAL C 228 -0.50 -57.74 -52.78
CA VAL C 228 -0.57 -57.91 -54.23
C VAL C 228 0.65 -58.76 -54.60
N MSE C 229 0.41 -59.82 -55.36
CA MSE C 229 1.47 -60.70 -55.76
C MSE C 229 1.96 -60.34 -57.15
O MSE C 229 1.47 -60.86 -58.14
CB MSE C 229 0.97 -62.13 -55.75
CG MSE C 229 0.62 -62.63 -54.37
SE MSE C 229 0.21 -64.51 -54.52
CE MSE C 229 -1.60 -64.36 -55.50
N SER C 230 2.95 -59.45 -57.20
CA SER C 230 3.47 -58.98 -58.47
C SER C 230 4.38 -60.00 -59.15
N SER C 231 4.58 -61.14 -58.48
CA SER C 231 5.40 -62.25 -58.96
C SER C 231 4.86 -63.60 -58.46
N PRO C 232 5.08 -64.66 -59.24
CA PRO C 232 4.67 -66.01 -58.83
C PRO C 232 5.48 -66.61 -57.70
N GLY C 233 6.30 -65.79 -57.04
CA GLY C 233 7.07 -66.24 -55.89
C GLY C 233 6.33 -67.20 -54.98
N ALA C 234 5.16 -66.82 -54.46
CA ALA C 234 4.48 -67.61 -53.41
C ALA C 234 4.07 -69.00 -53.87
N PHE C 235 3.46 -69.03 -55.05
CA PHE C 235 3.14 -70.27 -55.74
C PHE C 235 4.36 -71.20 -55.84
N THR C 236 5.54 -70.62 -56.09
CA THR C 236 6.78 -71.38 -56.05
C THR C 236 7.00 -71.91 -54.62
N GLU C 237 7.16 -71.03 -53.64
CA GLU C 237 7.45 -71.46 -52.27
C GLU C 237 6.46 -72.55 -51.79
N PHE C 238 5.16 -72.34 -52.01
CA PHE C 238 4.14 -73.23 -51.43
C PHE C 238 3.81 -74.50 -52.22
N ARG C 239 4.27 -74.57 -53.46
CA ARG C 239 4.25 -75.82 -54.17
C ARG C 239 5.49 -76.60 -53.84
N SER C 240 6.50 -75.93 -53.28
CA SER C 240 7.69 -76.59 -52.72
C SER C 240 7.41 -77.18 -51.35
N GLN C 241 7.15 -76.34 -50.35
CA GLN C 241 6.50 -76.83 -49.15
C GLN C 241 5.16 -77.37 -49.66
N GLY C 242 4.48 -78.17 -48.85
CA GLY C 242 3.11 -78.57 -49.19
C GLY C 242 2.14 -77.43 -48.94
N GLY C 243 0.84 -77.73 -48.98
CA GLY C 243 -0.16 -76.86 -48.37
C GLY C 243 -1.02 -75.98 -49.23
N LEU C 244 -0.77 -75.92 -50.54
CA LEU C 244 -1.75 -75.29 -51.42
C LEU C 244 -2.87 -76.30 -51.72
N ALA C 245 -4.09 -75.79 -51.96
CA ALA C 245 -5.13 -76.62 -52.54
C ALA C 245 -4.89 -76.69 -54.04
N ALA C 246 -4.99 -77.90 -54.59
CA ALA C 246 -4.92 -78.10 -56.04
C ALA C 246 -6.11 -77.39 -56.69
N ASP C 247 -7.20 -77.35 -55.96
CA ASP C 247 -8.38 -76.57 -56.29
C ASP C 247 -8.05 -75.11 -56.52
N GLY C 248 -7.36 -74.53 -55.56
CA GLY C 248 -7.16 -73.09 -55.48
C GLY C 248 -8.02 -72.47 -54.39
N ARG C 249 -8.69 -73.30 -53.60
CA ARG C 249 -9.77 -72.83 -52.74
C ARG C 249 -9.64 -73.28 -51.31
N CYS C 250 -9.99 -72.39 -50.39
CA CYS C 250 -10.17 -72.74 -49.00
C CYS C 250 -11.54 -73.31 -48.82
N LYS C 251 -11.60 -74.45 -48.14
CA LYS C 251 -12.85 -75.03 -47.78
C LYS C 251 -12.74 -75.17 -46.27
N PRO C 252 -12.71 -74.04 -45.58
CA PRO C 252 -12.46 -74.09 -44.16
C PRO C 252 -13.43 -75.00 -43.40
N PHE C 253 -12.86 -75.82 -42.52
CA PHE C 253 -13.59 -76.64 -41.52
C PHE C 253 -14.26 -77.89 -42.09
N SER C 254 -14.10 -78.09 -43.40
CA SER C 254 -14.78 -79.14 -44.13
C SER C 254 -13.89 -80.38 -44.23
N LYS C 255 -14.47 -81.47 -44.69
CA LYS C 255 -13.74 -82.72 -44.92
C LYS C 255 -12.79 -82.55 -46.10
N ALA C 256 -13.22 -81.83 -47.12
CA ALA C 256 -12.50 -81.75 -48.38
C ALA C 256 -11.28 -80.81 -48.33
N ALA C 257 -11.09 -80.13 -47.19
CA ALA C 257 -9.96 -79.19 -46.99
C ALA C 257 -8.57 -79.80 -47.30
N ASP C 258 -7.94 -79.30 -48.38
CA ASP C 258 -6.69 -79.82 -48.94
C ASP C 258 -5.63 -78.72 -49.01
N GLY C 259 -5.77 -77.71 -48.17
CA GLY C 259 -4.88 -76.55 -48.17
C GLY C 259 -5.60 -75.29 -48.58
N PHE C 260 -4.89 -74.16 -48.51
CA PHE C 260 -5.46 -72.86 -48.83
C PHE C 260 -5.18 -72.46 -50.26
N GLY C 261 -5.80 -71.37 -50.68
CA GLY C 261 -5.61 -70.79 -52.01
C GLY C 261 -5.07 -69.37 -51.88
N LEU C 262 -3.93 -69.12 -52.50
CA LEU C 262 -3.30 -67.80 -52.45
C LEU C 262 -4.24 -66.75 -53.01
N ALA C 263 -4.19 -65.55 -52.45
CA ALA C 263 -4.98 -64.46 -52.93
C ALA C 263 -4.32 -63.14 -52.58
N GLU C 264 -4.89 -62.07 -53.11
CA GLU C 264 -4.34 -60.76 -52.92
C GLU C 264 -5.47 -59.75 -52.77
N GLY C 265 -5.18 -58.65 -52.08
CA GLY C 265 -6.18 -57.61 -51.85
C GLY C 265 -5.62 -56.45 -51.02
N ALA C 266 -6.56 -55.69 -50.43
CA ALA C 266 -6.29 -54.37 -49.88
C ALA C 266 -7.57 -53.78 -49.26
N GLY C 267 -7.52 -53.43 -47.97
CA GLY C 267 -8.66 -52.82 -47.29
C GLY C 267 -8.18 -51.71 -46.38
N VAL C 268 -9.01 -50.69 -46.15
CA VAL C 268 -8.70 -49.64 -45.14
C VAL C 268 -9.91 -49.26 -44.34
N LEU C 269 -9.65 -48.77 -43.14
CA LEU C 269 -10.71 -48.29 -42.28
C LEU C 269 -10.29 -46.91 -41.81
N VAL C 270 -11.28 -46.03 -41.68
CA VAL C 270 -11.08 -44.73 -41.06
C VAL C 270 -11.60 -44.96 -39.66
N LEU C 271 -10.68 -44.91 -38.70
CA LEU C 271 -11.02 -45.05 -37.30
C LEU C 271 -11.02 -43.71 -36.59
N GLN C 272 -11.83 -43.62 -35.56
CA GLN C 272 -11.97 -42.41 -34.78
C GLN C 272 -12.57 -42.81 -33.47
N ARG C 273 -12.15 -42.16 -32.41
CA ARG C 273 -12.78 -42.31 -31.12
C ARG C 273 -14.30 -42.19 -31.22
N LEU C 274 -15.03 -43.16 -30.67
CA LEU C 274 -16.49 -43.19 -30.85
C LEU C 274 -17.14 -41.87 -30.42
N SER C 275 -16.74 -41.36 -29.28
CA SER C 275 -17.25 -40.09 -28.79
C SER C 275 -17.00 -38.93 -29.76
N ALA C 276 -15.87 -38.91 -30.44
CA ALA C 276 -15.56 -37.84 -31.38
C ALA C 276 -16.36 -37.96 -32.67
N ALA C 277 -16.59 -39.20 -33.10
CA ALA C 277 -17.36 -39.47 -34.32
C ALA C 277 -18.76 -38.97 -34.10
N ARG C 278 -19.35 -39.38 -32.99
CA ARG C 278 -20.66 -38.91 -32.57
C ARG C 278 -20.73 -37.40 -32.65
N ARG C 279 -19.83 -36.74 -31.92
CA ARG C 279 -19.83 -35.29 -31.78
C ARG C 279 -19.79 -34.56 -33.12
N GLU C 280 -18.97 -35.05 -34.05
CA GLU C 280 -18.88 -34.43 -35.36
C GLU C 280 -19.99 -34.91 -36.28
N GLY C 281 -20.89 -35.69 -35.71
CA GLY C 281 -22.02 -36.23 -36.46
C GLY C 281 -21.61 -37.09 -37.64
N ARG C 282 -20.70 -38.03 -37.41
CA ARG C 282 -20.22 -38.86 -38.49
C ARG C 282 -20.89 -40.20 -38.45
N PRO C 283 -21.04 -40.82 -39.63
CA PRO C 283 -21.79 -42.05 -39.73
C PRO C 283 -20.98 -43.08 -38.97
N VAL C 284 -21.60 -43.82 -38.07
CA VAL C 284 -20.86 -44.91 -37.43
C VAL C 284 -21.33 -46.24 -37.99
N LEU C 285 -20.43 -46.94 -38.67
CA LEU C 285 -20.74 -48.21 -39.33
C LEU C 285 -20.82 -49.36 -38.33
N ALA C 286 -19.74 -49.51 -37.56
CA ALA C 286 -19.67 -50.47 -36.47
C ALA C 286 -18.70 -49.94 -35.44
N VAL C 287 -18.42 -50.74 -34.44
CA VAL C 287 -17.53 -50.31 -33.39
C VAL C 287 -16.53 -51.39 -33.04
N LEU C 288 -15.25 -51.07 -33.11
CA LEU C 288 -14.19 -51.92 -32.59
C LEU C 288 -14.07 -51.68 -31.09
N ARG C 289 -14.33 -52.73 -30.32
CA ARG C 289 -14.48 -52.60 -28.89
C ARG C 289 -13.25 -53.06 -28.14
N GLY C 290 -12.51 -54.00 -28.71
CA GLY C 290 -11.28 -54.46 -28.09
C GLY C 290 -10.51 -55.41 -28.99
N SER C 291 -9.21 -55.52 -28.75
CA SER C 291 -8.35 -56.38 -29.55
C SER C 291 -7.20 -56.90 -28.72
N ALA C 292 -6.45 -57.85 -29.27
CA ALA C 292 -5.27 -58.40 -28.59
C ALA C 292 -4.31 -59.08 -29.57
N VAL C 293 -3.00 -58.97 -29.27
CA VAL C 293 -1.97 -59.60 -30.10
C VAL C 293 -1.00 -60.38 -29.21
N ASN C 294 -0.69 -61.60 -29.61
CA ASN C 294 0.29 -62.44 -28.95
C ASN C 294 1.11 -63.27 -29.94
N GLN C 295 2.15 -63.94 -29.42
CA GLN C 295 2.96 -64.92 -30.16
C GLN C 295 2.61 -66.31 -29.68
N ASP C 296 2.46 -67.26 -30.59
CA ASP C 296 2.14 -68.59 -30.12
C ASP C 296 3.37 -69.27 -29.55
N GLY C 297 4.51 -68.59 -29.59
CA GLY C 297 5.64 -68.95 -28.73
C GLY C 297 6.43 -70.14 -29.24
N ALA C 298 6.89 -70.99 -28.32
CA ALA C 298 7.63 -72.19 -28.70
C ALA C 298 6.64 -73.30 -29.03
N SER C 299 6.24 -73.35 -30.30
CA SER C 299 5.35 -74.37 -30.81
C SER C 299 6.16 -75.44 -31.53
N ASN C 300 5.49 -76.27 -32.29
CA ASN C 300 6.16 -77.33 -33.04
C ASN C 300 6.99 -76.89 -34.23
N GLY C 301 6.79 -75.68 -34.70
CA GLY C 301 7.52 -75.19 -35.86
C GLY C 301 7.40 -73.69 -36.01
N LEU C 302 8.37 -73.08 -36.68
CA LEU C 302 8.28 -71.64 -36.97
C LEU C 302 6.87 -71.35 -37.44
N THR C 303 6.39 -72.18 -38.36
CA THR C 303 5.08 -71.96 -38.97
C THR C 303 3.90 -72.78 -38.36
N ALA C 304 4.16 -73.73 -37.47
CA ALA C 304 3.06 -74.44 -36.79
C ALA C 304 2.26 -73.51 -35.88
N PRO C 305 0.94 -73.54 -36.01
CA PRO C 305 0.08 -72.76 -35.13
C PRO C 305 -0.05 -73.39 -33.76
N SER C 306 -0.68 -72.71 -32.83
CA SER C 306 -0.80 -73.24 -31.48
C SER C 306 -2.03 -72.77 -30.73
N GLY C 307 -2.91 -73.73 -30.46
CA GLY C 307 -4.24 -73.51 -29.87
C GLY C 307 -4.19 -72.90 -28.49
N PRO C 308 -3.32 -73.40 -27.62
CA PRO C 308 -3.16 -72.70 -26.35
C PRO C 308 -3.03 -71.15 -26.52
N ALA C 309 -2.25 -70.72 -27.53
CA ALA C 309 -2.02 -69.30 -27.77
C ALA C 309 -3.20 -68.60 -28.39
N GLN C 310 -3.97 -69.32 -29.17
CA GLN C 310 -5.13 -68.73 -29.78
C GLN C 310 -6.16 -68.48 -28.69
N GLN C 311 -6.41 -69.48 -27.85
CA GLN C 311 -7.29 -69.30 -26.69
C GLN C 311 -6.84 -68.06 -25.92
N ARG C 312 -5.54 -67.91 -25.74
CA ARG C 312 -5.01 -66.77 -24.97
C ARG C 312 -5.36 -65.43 -25.60
N VAL C 313 -5.20 -65.36 -26.92
CA VAL C 313 -5.44 -64.11 -27.63
C VAL C 313 -6.92 -63.75 -27.52
N ILE C 314 -7.80 -64.71 -27.79
CA ILE C 314 -9.22 -64.51 -27.65
C ILE C 314 -9.55 -63.94 -26.28
N ARG C 315 -9.13 -64.62 -25.23
CA ARG C 315 -9.49 -64.18 -23.90
C ARG C 315 -9.00 -62.79 -23.58
N ARG C 316 -7.79 -62.44 -24.01
CA ARG C 316 -7.23 -61.09 -23.81
C ARG C 316 -8.06 -60.06 -24.59
N ALA C 317 -8.36 -60.37 -25.85
CA ALA C 317 -9.20 -59.51 -26.68
C ALA C 317 -10.51 -59.23 -26.00
N LEU C 318 -11.17 -60.29 -25.58
CA LEU C 318 -12.41 -60.17 -24.84
C LEU C 318 -12.21 -59.32 -23.59
N GLU C 319 -11.13 -59.57 -22.87
CA GLU C 319 -10.86 -58.88 -21.62
C GLU C 319 -10.85 -57.38 -21.86
N ASN C 320 -10.28 -56.96 -23.00
CA ASN C 320 -10.17 -55.53 -23.33
C ASN C 320 -11.43 -54.90 -23.86
N ALA C 321 -12.24 -55.70 -24.53
CA ALA C 321 -13.47 -55.18 -25.08
C ALA C 321 -14.49 -54.96 -23.95
N GLY C 322 -14.28 -55.59 -22.80
CA GLY C 322 -15.21 -55.51 -21.71
C GLY C 322 -16.38 -56.42 -21.96
N VAL C 323 -16.15 -57.44 -22.77
CA VAL C 323 -17.19 -58.32 -23.28
C VAL C 323 -16.94 -59.74 -22.80
N ARG C 324 -18.03 -60.46 -22.51
CA ARG C 324 -17.97 -61.88 -22.15
C ARG C 324 -18.12 -62.79 -23.37
N ALA C 325 -17.63 -64.02 -23.29
CA ALA C 325 -17.61 -64.92 -24.46
C ALA C 325 -19.03 -65.37 -24.89
N GLY C 326 -19.90 -65.60 -23.90
CA GLY C 326 -21.28 -65.92 -24.18
C GLY C 326 -21.99 -64.90 -25.05
N ASP C 327 -21.56 -63.63 -24.96
CA ASP C 327 -22.26 -62.49 -25.63
C ASP C 327 -21.84 -62.19 -27.07
N VAL C 328 -20.91 -62.97 -27.60
CA VAL C 328 -20.50 -62.83 -28.99
C VAL C 328 -21.22 -63.92 -29.74
N ASP C 329 -22.00 -63.54 -30.75
CA ASP C 329 -22.82 -64.47 -31.55
C ASP C 329 -22.11 -65.10 -32.75
N TYR C 330 -21.07 -64.44 -33.26
CA TYR C 330 -20.38 -64.85 -34.51
C TYR C 330 -18.86 -64.64 -34.45
N VAL C 331 -18.11 -65.46 -35.17
CA VAL C 331 -16.66 -65.26 -35.27
C VAL C 331 -16.22 -65.52 -36.69
N GLU C 332 -15.54 -64.53 -37.25
CA GLU C 332 -14.92 -64.64 -38.55
C GLU C 332 -13.62 -65.32 -38.29
N ALA C 333 -13.64 -66.64 -38.34
CA ALA C 333 -12.48 -67.43 -37.99
C ALA C 333 -11.42 -67.21 -39.05
N HIS C 334 -10.16 -67.50 -38.69
CA HIS C 334 -9.08 -67.47 -39.65
C HIS C 334 -9.33 -68.44 -40.83
N GLY C 335 -9.76 -69.67 -40.53
CA GLY C 335 -10.30 -70.61 -41.53
C GLY C 335 -9.69 -70.61 -42.93
N THR C 336 -8.44 -71.02 -43.04
CA THR C 336 -7.76 -71.06 -44.31
C THR C 336 -7.90 -72.41 -45.01
N GLY C 337 -8.48 -73.40 -44.33
CA GLY C 337 -8.66 -74.74 -44.91
C GLY C 337 -7.39 -75.58 -44.89
N THR C 338 -6.49 -75.29 -43.95
CA THR C 338 -5.30 -76.07 -43.71
C THR C 338 -5.72 -77.34 -42.97
N ARG C 339 -5.07 -78.48 -43.24
CA ARG C 339 -5.37 -79.70 -42.49
C ARG C 339 -4.90 -79.60 -41.05
N LEU C 340 -3.67 -79.13 -40.85
CA LEU C 340 -3.21 -78.82 -39.49
C LEU C 340 -4.03 -77.72 -38.79
N GLY C 341 -4.42 -76.69 -39.53
CA GLY C 341 -4.92 -75.45 -38.97
C GLY C 341 -6.32 -75.52 -38.39
N ASP C 342 -7.26 -75.93 -39.23
CA ASP C 342 -8.68 -75.87 -38.91
C ASP C 342 -9.02 -76.49 -37.56
N PRO C 343 -8.52 -77.73 -37.30
CA PRO C 343 -8.86 -78.36 -36.03
C PRO C 343 -8.32 -77.59 -34.83
N ILE C 344 -7.10 -77.08 -34.96
CA ILE C 344 -6.51 -76.32 -33.88
C ILE C 344 -7.39 -75.12 -33.57
N GLU C 345 -7.79 -74.41 -34.63
CA GLU C 345 -8.62 -73.21 -34.50
C GLU C 345 -9.99 -73.49 -33.91
N VAL C 346 -10.64 -74.53 -34.41
CA VAL C 346 -11.97 -74.80 -33.95
C VAL C 346 -11.97 -75.29 -32.50
N HIS C 347 -10.95 -76.07 -32.12
CA HIS C 347 -10.81 -76.54 -30.73
C HIS C 347 -10.63 -75.35 -29.76
N ALA C 348 -9.81 -74.38 -30.17
CA ALA C 348 -9.63 -73.15 -29.40
C ALA C 348 -10.92 -72.33 -29.32
N LEU C 349 -11.69 -72.35 -30.38
CA LEU C 349 -12.99 -71.73 -30.35
C LEU C 349 -13.92 -72.48 -29.43
N LEU C 350 -13.88 -73.81 -29.49
CA LEU C 350 -14.76 -74.68 -28.69
C LEU C 350 -14.58 -74.47 -27.19
N SER C 351 -13.33 -74.47 -26.75
CA SER C 351 -13.03 -74.34 -25.34
C SER C 351 -12.85 -72.87 -24.88
N THR C 352 -13.27 -71.89 -25.68
CA THR C 352 -13.44 -70.50 -25.21
C THR C 352 -14.89 -70.05 -25.43
N TYR C 353 -15.23 -69.64 -26.65
CA TYR C 353 -16.58 -69.17 -26.90
C TYR C 353 -17.56 -70.29 -26.58
N GLY C 354 -17.18 -71.50 -26.99
CA GLY C 354 -18.06 -72.65 -26.88
C GLY C 354 -18.23 -73.18 -25.48
N ALA C 355 -17.33 -72.78 -24.58
CA ALA C 355 -17.46 -73.16 -23.19
C ALA C 355 -18.66 -72.49 -22.55
N GLU C 356 -18.95 -71.24 -22.94
CA GLU C 356 -19.99 -70.41 -22.28
C GLU C 356 -21.39 -70.48 -22.92
N ARG C 357 -21.74 -71.60 -23.57
CA ARG C 357 -23.05 -71.70 -24.28
C ARG C 357 -23.81 -72.97 -23.92
N ASP C 358 -25.11 -72.98 -24.27
CA ASP C 358 -25.89 -74.22 -24.25
C ASP C 358 -25.75 -74.86 -25.64
N PRO C 359 -25.59 -76.19 -25.69
CA PRO C 359 -26.05 -76.97 -26.85
C PRO C 359 -27.33 -76.43 -27.49
N ASP C 360 -28.34 -76.17 -26.68
CA ASP C 360 -29.50 -75.43 -27.17
C ASP C 360 -29.14 -74.29 -28.20
N ASP C 361 -28.15 -73.43 -27.91
CA ASP C 361 -27.77 -72.28 -28.82
C ASP C 361 -26.25 -72.06 -29.03
N PRO C 362 -25.75 -72.21 -30.28
CA PRO C 362 -24.31 -72.27 -30.50
C PRO C 362 -23.69 -70.94 -30.95
N LEU C 363 -22.36 -70.88 -30.87
CA LEU C 363 -21.57 -69.85 -31.54
C LEU C 363 -21.48 -70.16 -33.04
N TRP C 364 -21.75 -69.17 -33.90
CA TRP C 364 -21.66 -69.37 -35.33
C TRP C 364 -20.30 -68.92 -35.88
N ILE C 365 -19.89 -69.51 -36.98
CA ILE C 365 -18.52 -69.39 -37.44
C ILE C 365 -18.51 -69.34 -38.95
N GLY C 366 -17.68 -68.48 -39.53
CA GLY C 366 -17.53 -68.47 -40.99
C GLY C 366 -16.14 -68.07 -41.42
N SER C 367 -15.92 -67.95 -42.72
CA SER C 367 -14.65 -67.45 -43.23
C SER C 367 -14.71 -66.96 -44.66
N VAL C 368 -14.54 -65.66 -44.85
CA VAL C 368 -14.56 -65.05 -46.19
C VAL C 368 -13.57 -65.71 -47.11
N LYS C 369 -12.58 -66.38 -46.54
CA LYS C 369 -11.56 -66.97 -47.35
C LYS C 369 -12.18 -67.96 -48.33
N SER C 370 -13.34 -68.52 -47.96
CA SER C 370 -14.13 -69.39 -48.85
C SER C 370 -14.76 -68.70 -50.07
N ASN C 371 -14.84 -67.37 -50.06
CA ASN C 371 -15.29 -66.58 -51.23
C ASN C 371 -14.15 -66.12 -52.11
N ILE C 372 -13.11 -65.57 -51.49
CA ILE C 372 -12.07 -64.83 -52.20
C ILE C 372 -10.65 -65.36 -51.98
N GLY C 373 -10.51 -66.41 -51.16
CA GLY C 373 -9.21 -66.98 -50.88
C GLY C 373 -8.45 -66.24 -49.81
N HIS C 374 -7.21 -66.64 -49.62
CA HIS C 374 -6.38 -66.16 -48.52
C HIS C 374 -5.65 -64.93 -48.98
N THR C 375 -6.09 -63.80 -48.46
CA THR C 375 -5.69 -62.54 -49.04
C THR C 375 -4.46 -61.95 -48.30
N GLN C 376 -3.81 -62.79 -47.51
CA GLN C 376 -2.48 -62.54 -46.92
C GLN C 376 -2.53 -61.36 -45.92
N ALA C 377 -1.63 -60.39 -46.04
CA ALA C 377 -1.60 -59.27 -45.10
C ALA C 377 -2.94 -58.51 -45.00
N ALA C 378 -3.80 -58.67 -46.00
CA ALA C 378 -5.08 -57.97 -46.07
C ALA C 378 -6.19 -58.74 -45.39
N ALA C 379 -6.05 -60.06 -45.32
CA ALA C 379 -6.95 -60.91 -44.54
C ALA C 379 -6.99 -60.39 -43.14
N GLY C 380 -8.15 -60.42 -42.53
CA GLY C 380 -8.29 -59.82 -41.22
C GLY C 380 -8.95 -58.49 -41.44
N VAL C 381 -8.44 -57.72 -42.39
CA VAL C 381 -9.18 -56.55 -42.87
C VAL C 381 -10.41 -57.02 -43.61
N ALA C 382 -10.19 -57.95 -44.54
CA ALA C 382 -11.31 -58.62 -45.20
C ALA C 382 -12.25 -59.21 -44.16
N GLY C 383 -11.69 -59.75 -43.08
CA GLY C 383 -12.48 -60.37 -42.01
C GLY C 383 -13.35 -59.39 -41.25
N VAL C 384 -12.75 -58.31 -40.78
CA VAL C 384 -13.48 -57.24 -40.13
C VAL C 384 -14.58 -56.69 -41.06
N MSE C 385 -14.18 -56.24 -42.24
CA MSE C 385 -15.15 -55.80 -43.22
C MSE C 385 -16.30 -56.77 -43.41
O MSE C 385 -17.46 -56.35 -43.40
CB MSE C 385 -14.45 -55.54 -44.55
CG MSE C 385 -13.49 -54.35 -44.45
SE MSE C 385 -12.93 -53.65 -46.21
CE MSE C 385 -12.54 -51.97 -45.74
N LYS C 386 -16.03 -58.06 -43.57
CA LYS C 386 -17.14 -59.00 -43.67
C LYS C 386 -18.02 -58.87 -42.44
N ALA C 387 -17.43 -58.84 -41.25
CA ALA C 387 -18.23 -58.78 -40.02
C ALA C 387 -19.04 -57.47 -39.90
N VAL C 388 -18.46 -56.37 -40.36
CA VAL C 388 -19.15 -55.09 -40.28
C VAL C 388 -20.35 -55.19 -41.17
N LEU C 389 -20.11 -55.47 -42.45
CA LEU C 389 -21.21 -55.58 -43.41
C LEU C 389 -22.27 -56.60 -43.00
N ALA C 390 -21.83 -57.72 -42.43
CA ALA C 390 -22.76 -58.68 -41.87
C ALA C 390 -23.68 -57.99 -40.89
N LEU C 391 -23.11 -57.26 -39.94
CA LEU C 391 -23.91 -56.61 -38.93
C LEU C 391 -24.89 -55.62 -39.56
N ARG C 392 -24.40 -54.77 -40.46
CA ARG C 392 -25.27 -53.75 -41.04
C ARG C 392 -26.45 -54.35 -41.72
N HIS C 393 -26.26 -55.43 -42.47
CA HIS C 393 -27.35 -56.02 -43.24
C HIS C 393 -28.17 -57.09 -42.50
N GLY C 394 -27.73 -57.51 -41.31
CA GLY C 394 -28.51 -58.41 -40.43
C GLY C 394 -28.53 -59.87 -40.83
N GLU C 395 -27.39 -60.41 -41.23
CA GLU C 395 -27.32 -61.72 -41.88
C GLU C 395 -25.90 -62.24 -41.82
N MSE C 396 -25.72 -63.49 -41.39
CA MSE C 396 -24.41 -64.14 -41.50
C MSE C 396 -24.43 -64.85 -42.84
O MSE C 396 -25.28 -65.72 -43.05
CB MSE C 396 -24.19 -65.15 -40.39
CG MSE C 396 -24.36 -64.56 -39.00
SE MSE C 396 -24.51 -65.93 -37.64
CE MSE C 396 -25.71 -65.06 -36.34
N PRO C 397 -23.58 -64.44 -43.80
CA PRO C 397 -23.50 -65.17 -45.06
C PRO C 397 -23.01 -66.60 -44.91
N ARG C 398 -23.24 -67.41 -45.94
CA ARG C 398 -22.92 -68.83 -45.92
C ARG C 398 -21.43 -69.04 -46.11
N THR C 399 -20.82 -70.04 -45.46
CA THR C 399 -19.44 -70.41 -45.82
C THR C 399 -19.47 -71.41 -46.99
N LEU C 400 -18.70 -71.15 -48.04
CA LEU C 400 -18.71 -72.01 -49.22
C LEU C 400 -17.96 -73.32 -49.00
N HIS C 401 -18.16 -74.28 -49.90
CA HIS C 401 -17.40 -75.53 -49.95
C HIS C 401 -17.51 -76.38 -48.69
N PHE C 402 -18.60 -76.25 -47.94
CA PHE C 402 -18.78 -77.02 -46.71
C PHE C 402 -19.60 -78.28 -46.99
N ASP C 403 -19.02 -79.22 -47.73
CA ASP C 403 -19.74 -80.43 -48.09
C ASP C 403 -20.07 -81.24 -46.82
N GLU C 404 -19.06 -81.56 -46.01
CA GLU C 404 -19.28 -82.28 -44.74
C GLU C 404 -18.42 -81.63 -43.68
N PRO C 405 -18.85 -81.67 -42.40
CA PRO C 405 -17.97 -81.30 -41.30
C PRO C 405 -16.73 -82.19 -41.23
N SER C 406 -15.58 -81.58 -40.96
CA SER C 406 -14.29 -82.28 -40.95
C SER C 406 -14.29 -83.33 -39.87
N PRO C 407 -13.96 -84.58 -40.21
CA PRO C 407 -13.85 -85.64 -39.20
C PRO C 407 -12.59 -85.57 -38.32
N GLN C 408 -11.83 -84.47 -38.37
CA GLN C 408 -10.66 -84.25 -37.48
C GLN C 408 -10.98 -83.32 -36.29
N ILE C 409 -12.17 -82.74 -36.32
CA ILE C 409 -12.56 -81.71 -35.38
C ILE C 409 -13.64 -82.29 -34.50
N GLU C 410 -13.44 -82.21 -33.20
CA GLU C 410 -14.33 -82.87 -32.29
C GLU C 410 -15.42 -81.89 -31.82
N TRP C 411 -16.54 -81.87 -32.54
CA TRP C 411 -17.47 -80.75 -32.44
C TRP C 411 -18.31 -80.75 -31.19
N ALA C 415 -21.07 -74.02 -28.08
CA ALA C 415 -21.44 -75.21 -28.85
C ALA C 415 -20.73 -75.22 -30.23
N VAL C 416 -20.67 -74.05 -30.89
CA VAL C 416 -19.86 -73.81 -32.11
C VAL C 416 -20.30 -74.57 -33.35
N SER C 417 -20.84 -73.85 -34.33
CA SER C 417 -21.27 -74.43 -35.61
C SER C 417 -20.89 -73.52 -36.77
N VAL C 418 -20.70 -74.13 -37.95
CA VAL C 418 -20.30 -73.40 -39.14
C VAL C 418 -21.52 -72.99 -39.96
N VAL C 419 -21.82 -71.70 -40.01
CA VAL C 419 -22.90 -71.24 -40.88
C VAL C 419 -22.68 -71.73 -42.31
N SER C 420 -23.51 -72.69 -42.72
CA SER C 420 -23.46 -73.27 -44.07
C SER C 420 -24.73 -73.09 -44.90
N GLN C 421 -25.77 -72.48 -44.32
CA GLN C 421 -26.89 -71.90 -45.06
C GLN C 421 -26.94 -70.48 -44.50
N ALA C 422 -27.15 -69.47 -45.36
CA ALA C 422 -26.92 -68.07 -44.96
C ALA C 422 -27.91 -67.62 -43.89
N ARG C 423 -27.50 -67.63 -42.64
CA ARG C 423 -28.42 -67.44 -41.54
C ARG C 423 -28.77 -66.00 -41.38
N SER C 424 -29.84 -65.72 -40.65
CA SER C 424 -30.22 -64.34 -40.37
C SER C 424 -29.90 -64.00 -38.92
N TRP C 425 -29.71 -62.70 -38.67
CA TRP C 425 -29.07 -62.17 -37.47
C TRP C 425 -29.66 -60.80 -37.11
N PRO C 426 -30.94 -60.77 -36.67
CA PRO C 426 -31.65 -59.50 -36.56
C PRO C 426 -31.32 -58.77 -35.27
N ALA C 427 -31.40 -57.44 -35.32
CA ALA C 427 -31.18 -56.61 -34.15
C ALA C 427 -32.14 -57.10 -33.07
N GLY C 428 -31.66 -57.23 -31.84
CA GLY C 428 -32.50 -57.74 -30.76
C GLY C 428 -32.33 -56.91 -29.51
N GLU C 429 -32.54 -57.55 -28.37
CA GLU C 429 -32.33 -56.93 -27.07
C GLU C 429 -30.87 -56.47 -26.97
N ARG C 430 -29.96 -57.39 -26.68
CA ARG C 430 -28.54 -57.05 -26.58
C ARG C 430 -27.92 -56.55 -27.88
N PRO C 431 -26.79 -55.84 -27.76
CA PRO C 431 -25.99 -55.54 -28.93
C PRO C 431 -25.41 -56.82 -29.51
N ARG C 432 -25.31 -56.86 -30.82
CA ARG C 432 -24.70 -57.99 -31.51
C ARG C 432 -23.23 -57.70 -31.63
N ARG C 433 -22.40 -58.69 -31.35
CA ARG C 433 -20.98 -58.51 -31.50
C ARG C 433 -20.38 -59.70 -32.21
N ALA C 434 -19.29 -59.47 -32.93
CA ALA C 434 -18.56 -60.52 -33.60
C ALA C 434 -17.11 -60.46 -33.13
N GLY C 435 -16.38 -61.55 -33.27
CA GLY C 435 -14.94 -61.51 -33.17
C GLY C 435 -14.35 -61.85 -34.52
N VAL C 436 -13.15 -61.36 -34.77
CA VAL C 436 -12.42 -61.72 -35.97
C VAL C 436 -11.01 -62.13 -35.57
N SER C 437 -10.55 -63.30 -36.03
CA SER C 437 -9.16 -63.72 -35.80
C SER C 437 -8.35 -63.80 -37.09
N SER C 438 -7.04 -63.55 -36.93
CA SER C 438 -6.05 -63.69 -37.99
C SER C 438 -4.77 -64.18 -37.32
N PHE C 439 -4.27 -65.31 -37.79
CA PHE C 439 -3.17 -66.02 -37.17
C PHE C 439 -2.00 -66.10 -38.14
N GLY C 440 -0.91 -65.45 -37.76
CA GLY C 440 0.23 -65.27 -38.66
C GLY C 440 1.06 -66.52 -38.81
N ILE C 441 1.74 -66.63 -39.95
CA ILE C 441 2.54 -67.81 -40.24
C ILE C 441 3.82 -67.80 -39.38
N SER C 442 4.39 -66.61 -39.18
CA SER C 442 5.48 -66.35 -38.20
C SER C 442 5.07 -66.50 -36.72
N GLY C 443 3.80 -66.81 -36.45
CA GLY C 443 3.33 -67.11 -35.11
C GLY C 443 2.73 -65.98 -34.30
N THR C 444 2.44 -64.83 -34.91
CA THR C 444 1.80 -63.74 -34.17
C THR C 444 0.31 -63.68 -34.50
N ASN C 445 -0.51 -63.87 -33.47
CA ASN C 445 -1.95 -64.04 -33.60
C ASN C 445 -2.64 -62.79 -33.12
N ALA C 446 -3.73 -62.45 -33.78
CA ALA C 446 -4.55 -61.31 -33.39
C ALA C 446 -6.02 -61.74 -33.31
N HIS C 447 -6.82 -60.97 -32.58
CA HIS C 447 -8.26 -61.23 -32.46
C HIS C 447 -8.88 -59.94 -31.96
N VAL C 448 -9.85 -59.46 -32.71
CA VAL C 448 -10.46 -58.18 -32.47
C VAL C 448 -11.98 -58.44 -32.35
N ILE C 449 -12.63 -57.62 -31.53
CA ILE C 449 -14.03 -57.79 -31.22
C ILE C 449 -14.84 -56.58 -31.65
N VAL C 450 -15.87 -56.82 -32.46
CA VAL C 450 -16.65 -55.78 -33.16
C VAL C 450 -18.12 -55.80 -32.73
N GLU C 451 -18.74 -54.63 -32.70
CA GLU C 451 -20.10 -54.43 -32.17
C GLU C 451 -20.96 -53.60 -33.14
N GLU C 452 -22.26 -53.88 -33.16
CA GLU C 452 -23.15 -53.12 -34.05
C GLU C 452 -23.05 -51.67 -33.66
N ALA C 453 -23.26 -50.78 -34.62
CA ALA C 453 -23.26 -49.35 -34.33
C ALA C 453 -24.42 -49.00 -33.39
N PRO C 454 -24.26 -47.98 -32.54
CA PRO C 454 -25.34 -47.66 -31.60
C PRO C 454 -26.38 -46.77 -32.25
N GLU C 455 -27.42 -46.41 -31.49
CA GLU C 455 -28.50 -45.55 -32.01
C GLU C 455 -28.00 -44.16 -32.43
N ALA C 456 -28.40 -43.74 -33.63
CA ALA C 456 -28.31 -42.33 -34.04
C ALA C 456 -29.76 -41.85 -34.15
N ASP C 457 -29.98 -40.54 -34.22
CA ASP C 457 -31.32 -39.99 -34.43
C ASP C 457 -32.30 -40.46 -33.33
N GLY C 466 -37.99 -27.21 -52.53
CA GLY C 466 -37.51 -26.37 -53.65
C GLY C 466 -36.48 -27.04 -54.59
N PRO C 467 -35.93 -26.28 -55.56
CA PRO C 467 -34.85 -26.76 -56.42
C PRO C 467 -33.50 -26.40 -55.82
N VAL C 468 -32.47 -27.18 -56.17
CA VAL C 468 -31.17 -27.19 -55.47
C VAL C 468 -29.99 -27.09 -56.45
N PRO C 469 -28.90 -26.39 -56.07
CA PRO C 469 -27.69 -26.44 -56.88
C PRO C 469 -26.75 -27.60 -56.53
N LEU C 470 -26.62 -28.53 -57.46
CA LEU C 470 -25.69 -29.62 -57.32
C LEU C 470 -24.41 -29.22 -58.02
N VAL C 471 -23.33 -29.29 -57.27
CA VAL C 471 -22.03 -28.77 -57.67
C VAL C 471 -21.02 -29.93 -57.62
N LEU C 472 -20.28 -30.14 -58.70
CA LEU C 472 -19.39 -31.29 -58.79
C LEU C 472 -18.20 -30.96 -59.65
N SER C 473 -17.12 -31.74 -59.53
CA SER C 473 -15.89 -31.48 -60.30
C SER C 473 -14.97 -32.70 -60.59
N GLY C 474 -13.93 -32.50 -61.40
CA GLY C 474 -12.96 -33.57 -61.69
C GLY C 474 -11.59 -32.98 -61.94
N ARG C 475 -10.52 -33.77 -61.82
CA ARG C 475 -9.18 -33.28 -62.17
C ARG C 475 -9.05 -32.99 -63.67
N ASP C 476 -9.72 -33.79 -64.50
CA ASP C 476 -9.84 -33.55 -65.96
C ASP C 476 -11.32 -33.63 -66.31
N GLU C 477 -11.67 -33.56 -67.60
CA GLU C 477 -13.08 -33.46 -68.02
C GLU C 477 -13.90 -34.74 -67.81
N GLN C 478 -13.43 -35.86 -68.33
CA GLN C 478 -14.12 -37.13 -68.18
C GLN C 478 -14.35 -37.47 -66.70
N ALA C 479 -13.42 -37.10 -65.84
CA ALA C 479 -13.63 -37.29 -64.42
C ALA C 479 -14.92 -36.58 -63.99
N MSE C 480 -15.06 -35.32 -64.38
CA MSE C 480 -16.30 -34.59 -64.12
C MSE C 480 -17.55 -35.28 -64.67
O MSE C 480 -18.52 -35.45 -63.94
CB MSE C 480 -16.20 -33.19 -64.71
CG MSE C 480 -17.54 -32.49 -64.83
SE MSE C 480 -17.31 -30.87 -65.89
CE MSE C 480 -17.31 -31.61 -67.75
N ARG C 481 -17.54 -35.65 -65.95
CA ARG C 481 -18.71 -36.29 -66.53
C ARG C 481 -19.05 -37.60 -65.83
N ALA C 482 -18.02 -38.43 -65.61
CA ALA C 482 -18.12 -39.69 -64.85
C ALA C 482 -18.81 -39.45 -63.53
N GLN C 483 -18.38 -38.38 -62.87
CA GLN C 483 -18.92 -37.93 -61.60
C GLN C 483 -20.42 -37.64 -61.70
N ALA C 484 -20.82 -36.97 -62.76
CA ALA C 484 -22.22 -36.68 -62.98
C ALA C 484 -23.02 -37.97 -63.18
N GLY C 485 -22.48 -38.88 -63.97
CA GLY C 485 -23.07 -40.22 -64.12
C GLY C 485 -23.31 -40.88 -62.77
N ARG C 486 -22.29 -40.89 -61.93
CA ARG C 486 -22.41 -41.54 -60.63
C ARG C 486 -23.37 -40.80 -59.70
N LEU C 487 -23.43 -39.49 -59.80
CA LEU C 487 -24.46 -38.78 -59.07
C LEU C 487 -25.83 -39.20 -59.58
N ALA C 488 -26.01 -39.18 -60.88
CA ALA C 488 -27.30 -39.49 -61.44
C ALA C 488 -27.73 -40.86 -60.98
N ASP C 489 -26.82 -41.81 -61.03
CA ASP C 489 -27.16 -43.18 -60.72
C ASP C 489 -27.51 -43.33 -59.27
N HIS C 490 -26.80 -42.59 -58.42
CA HIS C 490 -26.98 -42.68 -56.97
C HIS C 490 -28.27 -42.01 -56.53
N LEU C 491 -28.61 -40.92 -57.19
CA LEU C 491 -29.84 -40.19 -56.89
C LEU C 491 -31.06 -41.07 -57.18
N ALA C 492 -31.03 -41.77 -58.33
CA ALA C 492 -32.08 -42.71 -58.77
C ALA C 492 -32.27 -43.92 -57.84
N ARG C 493 -31.18 -44.49 -57.33
CA ARG C 493 -31.29 -45.55 -56.33
C ARG C 493 -32.05 -45.09 -55.09
N GLU C 494 -31.38 -44.30 -54.25
CA GLU C 494 -31.86 -43.99 -52.91
C GLU C 494 -32.70 -42.66 -52.90
N PRO C 495 -34.06 -42.78 -53.01
CA PRO C 495 -34.94 -41.60 -52.94
C PRO C 495 -35.20 -41.11 -51.50
N ARG C 496 -34.73 -41.89 -50.51
CA ARG C 496 -34.52 -41.40 -49.15
C ARG C 496 -33.59 -40.17 -49.17
N ASN C 497 -32.40 -40.30 -49.78
CA ASN C 497 -31.40 -39.21 -49.86
C ASN C 497 -31.93 -37.88 -50.41
N SER C 498 -32.29 -36.99 -49.47
CA SER C 498 -32.70 -35.62 -49.75
C SER C 498 -31.81 -35.00 -50.83
N LEU C 499 -32.43 -34.27 -51.74
CA LEU C 499 -31.67 -33.52 -52.73
C LEU C 499 -30.87 -32.40 -52.05
N ARG C 500 -31.47 -31.72 -51.08
CA ARG C 500 -30.77 -30.66 -50.36
C ARG C 500 -29.56 -31.26 -49.63
N ASP C 501 -29.76 -32.40 -48.98
CA ASP C 501 -28.66 -33.04 -48.25
C ASP C 501 -27.57 -33.54 -49.20
N THR C 502 -27.93 -33.86 -50.43
CA THR C 502 -26.96 -34.23 -51.45
C THR C 502 -26.18 -33.02 -51.92
N GLY C 503 -26.87 -31.91 -52.14
CA GLY C 503 -26.22 -30.69 -52.59
C GLY C 503 -25.28 -30.16 -51.54
N PHE C 504 -25.69 -30.22 -50.28
CA PHE C 504 -24.86 -29.77 -49.17
C PHE C 504 -23.57 -30.56 -49.08
N THR C 505 -23.68 -31.88 -49.03
CA THR C 505 -22.51 -32.75 -49.02
C THR C 505 -21.54 -32.40 -50.17
N LEU C 506 -22.08 -32.22 -51.36
CA LEU C 506 -21.27 -31.95 -52.55
C LEU C 506 -20.47 -30.66 -52.48
N ALA C 507 -21.04 -29.70 -51.76
CA ALA C 507 -20.51 -28.36 -51.70
C ALA C 507 -19.57 -28.17 -50.52
N THR C 508 -19.78 -28.89 -49.44
CA THR C 508 -18.99 -28.69 -48.22
C THR C 508 -18.07 -29.88 -47.94
N ARG C 509 -18.37 -31.05 -48.51
CA ARG C 509 -17.61 -32.26 -48.23
C ARG C 509 -16.99 -32.93 -49.46
N ARG C 510 -16.67 -32.17 -50.51
CA ARG C 510 -15.98 -32.74 -51.66
C ARG C 510 -15.02 -31.76 -52.33
N SER C 511 -13.83 -32.21 -52.62
CA SER C 511 -12.85 -31.34 -53.23
C SER C 511 -13.30 -30.68 -54.56
N ALA C 512 -13.02 -29.37 -54.63
CA ALA C 512 -13.27 -28.54 -55.80
C ALA C 512 -12.12 -28.52 -56.82
N TRP C 513 -12.21 -29.41 -57.80
CA TRP C 513 -11.13 -29.59 -58.74
C TRP C 513 -11.19 -28.53 -59.85
N GLU C 514 -10.66 -28.84 -61.03
CA GLU C 514 -10.57 -27.82 -62.06
C GLU C 514 -11.80 -27.84 -62.98
N HIS C 515 -12.16 -29.00 -63.52
CA HIS C 515 -13.32 -29.11 -64.41
C HIS C 515 -14.63 -29.27 -63.67
N ARG C 516 -15.46 -28.23 -63.70
CA ARG C 516 -16.63 -28.13 -62.81
C ARG C 516 -17.97 -27.95 -63.51
N ALA C 517 -18.97 -28.70 -63.07
CA ALA C 517 -20.34 -28.50 -63.53
C ALA C 517 -21.18 -28.07 -62.37
N VAL C 518 -22.19 -27.25 -62.64
CA VAL C 518 -23.24 -27.01 -61.66
C VAL C 518 -24.56 -27.37 -62.31
N VAL C 519 -25.48 -27.91 -61.53
CA VAL C 519 -26.79 -28.27 -62.05
C VAL C 519 -27.81 -27.81 -61.02
N VAL C 520 -28.82 -27.06 -61.47
CA VAL C 520 -29.81 -26.52 -60.58
C VAL C 520 -31.14 -27.05 -61.04
N GLY C 521 -31.95 -27.55 -60.11
CA GLY C 521 -33.25 -28.03 -60.47
C GLY C 521 -33.79 -28.91 -59.38
N ASP C 522 -35.10 -29.12 -59.39
CA ASP C 522 -35.77 -30.09 -58.50
C ASP C 522 -35.33 -31.51 -58.87
N ARG C 523 -35.73 -32.50 -58.06
CA ARG C 523 -35.21 -33.88 -58.14
C ARG C 523 -35.08 -34.40 -59.57
N ASP C 524 -36.15 -34.25 -60.34
CA ASP C 524 -36.23 -34.80 -61.70
C ASP C 524 -35.43 -33.96 -62.72
N GLU C 525 -35.61 -32.64 -62.66
CA GLU C 525 -34.74 -31.72 -63.41
C GLU C 525 -33.26 -32.00 -63.13
N ALA C 526 -32.93 -32.10 -61.85
CA ALA C 526 -31.56 -32.37 -61.44
C ALA C 526 -31.05 -33.61 -62.17
N LEU C 527 -31.82 -34.69 -62.10
CA LEU C 527 -31.43 -35.96 -62.73
C LEU C 527 -31.07 -35.78 -64.20
N ALA C 528 -31.98 -35.19 -64.97
CA ALA C 528 -31.77 -35.05 -66.41
C ALA C 528 -30.53 -34.19 -66.66
N GLY C 529 -30.48 -33.01 -66.03
CA GLY C 529 -29.32 -32.13 -66.13
C GLY C 529 -28.05 -32.91 -65.95
N LEU C 530 -28.04 -33.79 -64.96
CA LEU C 530 -26.86 -34.60 -64.66
C LEU C 530 -26.53 -35.54 -65.81
N ARG C 531 -27.53 -36.25 -66.32
CA ARG C 531 -27.30 -37.21 -67.41
C ARG C 531 -26.91 -36.51 -68.71
N ALA C 532 -27.35 -35.26 -68.86
CA ALA C 532 -26.89 -34.41 -69.96
C ALA C 532 -25.40 -34.19 -69.80
N VAL C 533 -25.02 -33.68 -68.62
CA VAL C 533 -23.63 -33.38 -68.32
C VAL C 533 -22.77 -34.60 -68.54
N ALA C 534 -23.25 -35.76 -68.12
CA ALA C 534 -22.46 -36.97 -68.30
C ALA C 534 -22.23 -37.27 -69.79
N ASP C 535 -23.25 -37.03 -70.61
CA ASP C 535 -23.18 -37.43 -72.01
C ASP C 535 -22.54 -36.39 -72.90
N GLY C 536 -21.99 -35.33 -72.30
CA GLY C 536 -21.47 -34.19 -73.08
C GLY C 536 -22.51 -33.38 -73.85
N ARG C 537 -23.69 -33.22 -73.25
CA ARG C 537 -24.78 -32.47 -73.85
C ARG C 537 -25.18 -31.38 -72.89
N ILE C 538 -26.00 -30.45 -73.38
CA ILE C 538 -26.40 -29.29 -72.57
C ILE C 538 -27.84 -29.41 -72.08
N ALA C 539 -28.14 -28.63 -71.03
CA ALA C 539 -29.49 -28.51 -70.46
C ALA C 539 -29.73 -27.12 -69.84
N ASP C 540 -30.97 -26.88 -69.42
CA ASP C 540 -31.33 -25.65 -68.68
C ASP C 540 -30.84 -25.78 -67.23
N ARG C 541 -30.44 -24.65 -66.66
CA ARG C 541 -29.77 -24.58 -65.34
C ARG C 541 -28.60 -25.59 -65.14
N THR C 542 -27.77 -25.68 -66.17
CA THR C 542 -26.58 -26.52 -66.18
C THR C 542 -25.44 -25.66 -66.66
N ALA C 543 -24.39 -25.58 -65.84
CA ALA C 543 -23.16 -24.85 -66.16
C ALA C 543 -21.96 -25.82 -66.27
N THR C 544 -20.86 -25.33 -66.83
CA THR C 544 -19.66 -26.14 -67.05
C THR C 544 -18.49 -25.22 -67.16
N GLY C 545 -17.30 -25.67 -66.80
CA GLY C 545 -16.14 -24.79 -66.97
C GLY C 545 -14.85 -25.35 -66.47
N GLN C 546 -13.76 -24.69 -66.84
CA GLN C 546 -12.44 -24.87 -66.23
C GLN C 546 -12.16 -23.68 -65.34
N ALA C 547 -11.88 -23.97 -64.08
CA ALA C 547 -11.62 -22.95 -63.09
C ALA C 547 -10.17 -22.52 -63.12
N ARG C 548 -9.95 -21.22 -63.01
CA ARG C 548 -8.65 -20.62 -62.93
C ARG C 548 -8.64 -19.81 -61.67
N THR C 549 -7.46 -19.40 -61.21
CA THR C 549 -7.37 -18.55 -60.03
C THR C 549 -7.71 -17.13 -60.44
N ARG C 550 -8.88 -16.70 -60.00
CA ARG C 550 -9.43 -15.45 -60.39
C ARG C 550 -9.11 -14.54 -59.24
N ARG C 551 -8.11 -13.68 -59.40
CA ARG C 551 -7.88 -12.64 -58.39
C ARG C 551 -8.34 -11.31 -58.94
N GLY C 552 -9.25 -10.68 -58.19
CA GLY C 552 -9.94 -9.47 -58.64
C GLY C 552 -11.30 -9.76 -59.27
N VAL C 553 -12.34 -9.67 -58.44
CA VAL C 553 -13.68 -9.71 -58.95
C VAL C 553 -14.05 -8.29 -59.26
N ALA C 554 -14.53 -8.06 -60.47
CA ALA C 554 -14.98 -6.74 -60.88
C ALA C 554 -16.48 -6.72 -61.05
N MSE C 555 -17.19 -6.05 -60.16
CA MSE C 555 -18.63 -5.91 -60.33
C MSE C 555 -19.04 -4.72 -61.22
O MSE C 555 -18.59 -3.60 -61.01
CB MSE C 555 -19.33 -5.85 -58.99
CG MSE C 555 -19.56 -7.21 -58.37
SE MSE C 555 -20.47 -6.95 -56.66
CE MSE C 555 -20.56 -8.71 -56.03
N VAL C 556 -19.90 -5.01 -62.20
CA VAL C 556 -20.33 -4.07 -63.22
C VAL C 556 -21.83 -3.81 -63.09
N PHE C 557 -22.20 -2.52 -63.10
CA PHE C 557 -23.58 -2.08 -62.88
C PHE C 557 -24.07 -1.28 -64.06
N PRO C 558 -25.07 -1.81 -64.80
CA PRO C 558 -25.55 -1.13 -65.99
C PRO C 558 -26.71 -0.21 -65.67
N GLY C 559 -27.34 0.37 -66.69
CA GLY C 559 -28.46 1.27 -66.50
C GLY C 559 -29.67 0.96 -67.35
N GLN C 560 -29.87 1.77 -68.40
CA GLN C 560 -31.06 1.66 -69.25
C GLN C 560 -31.11 0.27 -69.91
N GLY C 561 -32.34 -0.15 -70.22
CA GLY C 561 -32.60 -1.42 -70.90
C GLY C 561 -32.07 -2.66 -70.22
N ALA C 562 -32.00 -2.64 -68.90
CA ALA C 562 -31.70 -3.84 -68.12
C ALA C 562 -32.89 -4.24 -67.23
N GLN C 563 -34.04 -3.61 -67.46
CA GLN C 563 -35.23 -3.75 -66.59
C GLN C 563 -36.27 -4.55 -67.32
N TRP C 564 -37.25 -5.02 -66.58
CA TRP C 564 -38.39 -5.68 -67.16
C TRP C 564 -39.50 -5.63 -66.12
N GLN C 565 -40.72 -5.99 -66.50
CA GLN C 565 -41.87 -5.72 -65.64
C GLN C 565 -42.02 -6.70 -64.45
N GLY C 566 -41.57 -7.93 -64.57
CA GLY C 566 -41.55 -8.85 -63.42
C GLY C 566 -40.31 -8.80 -62.52
N MSE C 567 -39.41 -7.85 -62.76
CA MSE C 567 -38.16 -7.73 -62.00
C MSE C 567 -38.35 -8.13 -60.57
O MSE C 567 -39.10 -7.48 -59.84
CB MSE C 567 -37.66 -6.29 -61.92
CG MSE C 567 -36.95 -5.78 -63.14
SE MSE C 567 -35.80 -4.31 -62.64
CE MSE C 567 -36.80 -3.44 -61.28
N ALA C 568 -37.69 -9.20 -60.18
CA ALA C 568 -37.44 -9.51 -58.79
C ALA C 568 -38.70 -9.80 -58.00
N ARG C 569 -39.83 -10.01 -58.68
CA ARG C 569 -41.02 -10.33 -57.94
C ARG C 569 -40.71 -11.56 -57.11
N ASP C 570 -40.25 -12.61 -57.79
CA ASP C 570 -40.05 -13.92 -57.18
C ASP C 570 -38.88 -13.94 -56.18
N LEU C 571 -37.75 -13.36 -56.57
CA LEU C 571 -36.58 -13.28 -55.70
C LEU C 571 -36.82 -12.47 -54.42
N LEU C 572 -37.77 -11.55 -54.48
CA LEU C 572 -38.21 -10.76 -53.29
C LEU C 572 -38.74 -11.71 -52.20
N ARG C 573 -39.44 -12.75 -52.64
CA ARG C 573 -39.96 -13.79 -51.76
C ARG C 573 -38.86 -14.77 -51.35
N GLU C 574 -38.15 -15.30 -52.36
CA GLU C 574 -37.25 -16.43 -52.19
C GLU C 574 -35.90 -16.11 -51.52
N SER C 575 -35.58 -14.83 -51.32
CA SER C 575 -34.29 -14.44 -50.73
C SER C 575 -34.40 -13.40 -49.63
N GLN C 576 -34.08 -13.81 -48.41
CA GLN C 576 -34.19 -12.95 -47.25
C GLN C 576 -33.17 -11.83 -47.35
N VAL C 577 -31.95 -12.17 -47.78
CA VAL C 577 -30.87 -11.18 -47.89
C VAL C 577 -31.30 -10.09 -48.85
N PHE C 578 -31.89 -10.51 -49.96
CA PHE C 578 -32.38 -9.61 -50.98
C PHE C 578 -33.56 -8.76 -50.47
N ALA C 579 -34.64 -9.40 -50.04
CA ALA C 579 -35.78 -8.70 -49.49
C ALA C 579 -35.35 -7.66 -48.44
N ASP C 580 -34.34 -7.95 -47.65
CA ASP C 580 -33.82 -7.01 -46.66
C ASP C 580 -33.22 -5.77 -47.29
N SER C 581 -32.26 -5.97 -48.18
CA SER C 581 -31.65 -4.89 -48.94
C SER C 581 -32.71 -4.00 -49.60
N ILE C 582 -33.69 -4.60 -50.28
CA ILE C 582 -34.76 -3.86 -50.94
C ILE C 582 -35.57 -3.04 -49.94
N ARG C 583 -36.03 -3.68 -48.88
CA ARG C 583 -36.79 -3.02 -47.83
C ARG C 583 -36.03 -1.83 -47.29
N ASP C 584 -34.70 -1.97 -47.19
CA ASP C 584 -33.87 -0.91 -46.63
C ASP C 584 -33.76 0.30 -47.53
N CYS C 585 -33.88 0.09 -48.84
CA CYS C 585 -33.89 1.18 -49.82
C CYS C 585 -35.21 1.93 -49.81
N GLU C 586 -36.32 1.20 -49.86
CA GLU C 586 -37.62 1.84 -49.73
C GLU C 586 -37.58 2.86 -48.60
N ARG C 587 -36.86 2.54 -47.52
CA ARG C 587 -36.69 3.45 -46.39
C ARG C 587 -35.91 4.73 -46.71
N ALA C 588 -34.92 4.63 -47.61
CA ALA C 588 -34.02 5.76 -48.02
C ALA C 588 -34.63 6.67 -49.05
N LEU C 589 -35.50 6.07 -49.88
CA LEU C 589 -36.12 6.72 -51.03
C LEU C 589 -37.46 7.37 -50.66
N ALA C 590 -38.19 6.75 -49.71
CA ALA C 590 -39.48 7.27 -49.25
C ALA C 590 -39.56 8.81 -49.11
N PRO C 591 -38.57 9.46 -48.46
CA PRO C 591 -38.47 10.94 -48.46
C PRO C 591 -38.43 11.61 -49.83
N HIS C 592 -37.56 11.08 -50.69
CA HIS C 592 -37.24 11.71 -51.96
C HIS C 592 -38.12 11.22 -53.09
N VAL C 593 -39.18 10.49 -52.78
CA VAL C 593 -39.99 9.84 -53.80
C VAL C 593 -41.33 9.52 -53.17
N ASP C 594 -42.36 9.28 -53.98
CA ASP C 594 -43.66 8.92 -53.44
C ASP C 594 -44.29 7.72 -54.15
N TRP C 595 -43.79 6.56 -53.82
CA TRP C 595 -44.36 5.29 -54.29
C TRP C 595 -43.64 4.21 -53.51
N SER C 596 -44.21 3.02 -53.42
CA SER C 596 -43.55 1.95 -52.69
C SER C 596 -42.67 1.09 -53.57
N LEU C 597 -41.42 0.94 -53.17
CA LEU C 597 -40.52 0.05 -53.89
C LEU C 597 -41.10 -1.36 -53.89
N THR C 598 -41.73 -1.73 -52.79
CA THR C 598 -42.30 -3.06 -52.65
C THR C 598 -43.47 -3.27 -53.60
N ASP C 599 -44.49 -2.40 -53.48
CA ASP C 599 -45.71 -2.53 -54.29
C ASP C 599 -45.32 -2.58 -55.74
N LEU C 600 -44.41 -1.67 -56.10
CA LEU C 600 -43.86 -1.57 -57.45
C LEU C 600 -43.35 -2.93 -57.93
N LEU C 601 -42.48 -3.56 -57.15
CA LEU C 601 -41.80 -4.79 -57.60
C LEU C 601 -42.67 -6.02 -57.44
N SER C 602 -43.29 -6.16 -56.27
CA SER C 602 -44.13 -7.33 -55.97
C SER C 602 -45.35 -7.33 -56.89
N GLY C 603 -45.92 -6.15 -57.07
CA GLY C 603 -47.07 -6.00 -57.93
C GLY C 603 -46.77 -6.05 -59.42
N ALA C 604 -45.53 -6.34 -59.80
CA ALA C 604 -45.14 -6.43 -61.22
C ALA C 604 -45.73 -5.28 -62.07
N ARG C 605 -45.58 -4.05 -61.58
CA ARG C 605 -46.25 -2.86 -62.14
C ARG C 605 -45.43 -2.20 -63.25
N PRO C 606 -46.10 -1.50 -64.18
CA PRO C 606 -45.38 -0.78 -65.23
C PRO C 606 -44.14 0.02 -64.77
N LEU C 607 -43.07 -0.14 -65.53
CA LEU C 607 -41.83 0.61 -65.36
C LEU C 607 -41.64 1.39 -66.66
N ASP C 608 -41.95 2.67 -66.64
CA ASP C 608 -41.72 3.51 -67.84
C ASP C 608 -41.38 4.96 -67.45
N ARG C 609 -41.91 5.43 -66.33
CA ARG C 609 -41.56 6.75 -65.83
C ARG C 609 -40.12 6.82 -65.39
N VAL C 610 -39.42 7.84 -65.87
CA VAL C 610 -37.98 7.98 -65.66
C VAL C 610 -37.65 7.98 -64.20
N ASP C 611 -38.40 8.80 -63.46
CA ASP C 611 -38.21 9.01 -62.02
C ASP C 611 -38.61 7.81 -61.17
N VAL C 612 -39.27 6.84 -61.80
CA VAL C 612 -39.68 5.57 -61.21
C VAL C 612 -38.60 4.51 -61.45
N VAL C 613 -38.31 4.31 -62.73
CA VAL C 613 -37.45 3.23 -63.17
C VAL C 613 -36.07 3.38 -62.63
N GLN C 614 -35.50 4.57 -62.73
CA GLN C 614 -34.11 4.72 -62.37
C GLN C 614 -33.81 4.34 -60.92
N PRO C 615 -34.55 4.90 -59.93
CA PRO C 615 -34.41 4.42 -58.55
C PRO C 615 -34.67 2.91 -58.30
N ALA C 616 -35.74 2.36 -58.87
CA ALA C 616 -36.05 0.94 -58.68
C ALA C 616 -34.86 0.07 -59.09
N LEU C 617 -34.41 0.26 -60.33
CA LEU C 617 -33.24 -0.40 -60.88
C LEU C 617 -32.01 -0.23 -60.00
N PHE C 618 -31.81 0.97 -59.47
CA PHE C 618 -30.71 1.23 -58.54
C PHE C 618 -30.79 0.31 -57.35
N ALA C 619 -31.98 0.22 -56.76
CA ALA C 619 -32.12 -0.59 -55.56
C ALA C 619 -31.87 -2.03 -55.96
N VAL C 620 -32.59 -2.50 -56.98
CA VAL C 620 -32.48 -3.90 -57.41
C VAL C 620 -31.02 -4.31 -57.64
N MSE C 621 -30.25 -3.42 -58.24
CA MSE C 621 -28.81 -3.67 -58.43
C MSE C 621 -28.03 -3.72 -57.11
O MSE C 621 -27.20 -4.61 -56.87
CB MSE C 621 -28.21 -2.64 -59.38
CG MSE C 621 -28.63 -2.93 -60.82
SE MSE C 621 -27.63 -1.94 -62.10
CE MSE C 621 -27.94 -0.16 -61.45
N VAL C 622 -28.34 -2.80 -56.21
CA VAL C 622 -27.66 -2.76 -54.92
C VAL C 622 -28.02 -4.00 -54.11
N SER C 623 -29.25 -4.50 -54.29
CA SER C 623 -29.69 -5.70 -53.59
C SER C 623 -28.96 -6.93 -54.12
N LEU C 624 -29.04 -7.17 -55.42
CA LEU C 624 -28.33 -8.30 -55.98
C LEU C 624 -26.86 -8.28 -55.52
N ALA C 625 -26.26 -7.09 -55.46
CA ALA C 625 -24.87 -6.94 -55.01
C ALA C 625 -24.64 -7.48 -53.60
N ALA C 626 -25.61 -7.29 -52.72
CA ALA C 626 -25.56 -7.86 -51.37
C ALA C 626 -25.78 -9.36 -51.41
N LEU C 627 -26.56 -9.83 -52.38
CA LEU C 627 -26.77 -11.26 -52.53
C LEU C 627 -25.44 -11.89 -52.87
N TRP C 628 -24.87 -11.43 -53.98
CA TRP C 628 -23.59 -11.95 -54.43
C TRP C 628 -22.61 -12.04 -53.29
N ARG C 629 -22.56 -11.01 -52.47
CA ARG C 629 -21.60 -10.92 -51.40
C ARG C 629 -21.98 -11.81 -50.24
N SER C 630 -23.27 -12.13 -50.09
CA SER C 630 -23.71 -13.08 -49.04
C SER C 630 -23.23 -14.50 -49.36
N HIS C 631 -22.90 -14.76 -50.64
CA HIS C 631 -22.23 -16.00 -51.03
C HIS C 631 -20.74 -15.81 -51.22
N GLY C 632 -20.17 -14.81 -50.56
CA GLY C 632 -18.73 -14.55 -50.56
C GLY C 632 -18.12 -14.20 -51.89
N VAL C 633 -18.86 -13.46 -52.71
CA VAL C 633 -18.31 -12.83 -53.91
C VAL C 633 -18.23 -11.34 -53.66
N GLU C 634 -17.02 -10.89 -53.39
CA GLU C 634 -16.77 -9.53 -53.02
C GLU C 634 -16.09 -8.83 -54.17
N PRO C 635 -16.49 -7.58 -54.39
CA PRO C 635 -15.91 -6.81 -55.46
C PRO C 635 -14.55 -6.28 -55.02
N ALA C 636 -13.52 -6.53 -55.83
CA ALA C 636 -12.22 -5.86 -55.64
C ALA C 636 -12.11 -4.56 -56.46
N ALA C 637 -13.17 -4.23 -57.19
CA ALA C 637 -13.24 -3.06 -58.08
C ALA C 637 -14.62 -3.06 -58.70
N VAL C 638 -15.20 -1.86 -58.84
CA VAL C 638 -16.54 -1.69 -59.46
C VAL C 638 -16.59 -0.65 -60.59
N VAL C 639 -17.57 -0.82 -61.47
CA VAL C 639 -17.77 0.08 -62.60
C VAL C 639 -19.24 0.39 -62.68
N GLY C 640 -19.56 1.61 -63.05
CA GLY C 640 -20.93 1.95 -63.39
C GLY C 640 -21.04 2.28 -64.86
N HIS C 641 -22.29 2.36 -65.33
CA HIS C 641 -22.63 2.90 -66.63
C HIS C 641 -23.71 3.97 -66.37
N SER C 642 -23.56 5.19 -66.95
CA SER C 642 -24.41 6.37 -66.58
C SER C 642 -24.92 6.32 -65.13
N GLN C 643 -26.21 6.09 -64.96
CA GLN C 643 -26.86 5.97 -63.64
C GLN C 643 -26.24 4.91 -62.73
N GLY C 644 -25.85 3.80 -63.30
CA GLY C 644 -25.27 2.74 -62.52
C GLY C 644 -23.98 3.13 -61.83
N GLU C 645 -23.48 4.34 -62.06
CA GLU C 645 -22.31 4.79 -61.30
C GLU C 645 -22.68 5.07 -59.86
N ILE C 646 -23.96 5.28 -59.60
CA ILE C 646 -24.46 5.56 -58.28
C ILE C 646 -24.46 4.26 -57.44
N ALA C 647 -24.90 3.19 -58.09
CA ALA C 647 -24.93 1.89 -57.44
C ALA C 647 -23.51 1.50 -57.09
N ALA C 648 -22.64 1.59 -58.08
CA ALA C 648 -21.23 1.22 -57.93
C ALA C 648 -20.59 2.03 -56.83
N ALA C 649 -20.91 3.33 -56.82
CA ALA C 649 -20.41 4.24 -55.81
C ALA C 649 -20.86 3.85 -54.41
N HIS C 650 -22.13 3.49 -54.27
CA HIS C 650 -22.64 3.08 -52.97
C HIS C 650 -22.00 1.77 -52.51
N VAL C 651 -21.94 0.86 -53.48
CA VAL C 651 -21.48 -0.50 -53.28
C VAL C 651 -20.01 -0.51 -52.94
N ALA C 652 -19.27 0.47 -53.43
CA ALA C 652 -17.84 0.51 -53.16
C ALA C 652 -17.51 1.23 -51.85
N GLY C 653 -18.53 1.82 -51.22
CA GLY C 653 -18.37 2.49 -49.94
C GLY C 653 -18.06 3.98 -50.01
N ALA C 654 -18.29 4.58 -51.17
CA ALA C 654 -18.12 6.03 -51.37
C ALA C 654 -19.37 6.77 -50.88
N LEU C 655 -20.53 6.19 -51.18
CA LEU C 655 -21.80 6.77 -50.81
C LEU C 655 -22.52 5.86 -49.86
N THR C 656 -23.17 6.51 -48.90
CA THR C 656 -24.11 5.90 -47.98
C THR C 656 -25.40 5.59 -48.71
N LEU C 657 -26.24 4.75 -48.12
CA LEU C 657 -27.52 4.40 -48.74
C LEU C 657 -28.46 5.59 -48.89
N GLU C 658 -28.24 6.63 -48.07
CA GLU C 658 -29.16 7.77 -47.99
C GLU C 658 -28.77 8.83 -49.01
N ASP C 659 -27.46 9.03 -49.18
CA ASP C 659 -26.95 9.87 -50.26
C ASP C 659 -27.27 9.29 -51.64
N ALA C 660 -26.92 8.03 -51.87
CA ALA C 660 -27.16 7.41 -53.17
C ALA C 660 -28.65 7.29 -53.51
N ALA C 661 -29.50 7.11 -52.50
CA ALA C 661 -30.95 7.10 -52.71
C ALA C 661 -31.39 8.44 -53.29
N LYS C 662 -31.12 9.50 -52.53
CA LYS C 662 -31.43 10.87 -52.94
C LYS C 662 -30.95 11.10 -54.38
N LEU C 663 -29.64 10.99 -54.57
CA LEU C 663 -29.00 11.20 -55.87
C LEU C 663 -29.87 10.68 -57.02
N VAL C 664 -30.24 9.41 -56.97
CA VAL C 664 -30.90 8.79 -58.10
C VAL C 664 -32.40 9.11 -58.16
N ALA C 665 -33.00 9.42 -57.03
CA ALA C 665 -34.38 9.87 -57.04
C ALA C 665 -34.48 11.30 -57.62
N VAL C 666 -33.53 12.15 -57.25
CA VAL C 666 -33.50 13.57 -57.66
C VAL C 666 -33.15 13.66 -59.13
N ARG C 667 -31.99 13.10 -59.46
CA ARG C 667 -31.48 13.01 -60.85
C ARG C 667 -32.56 12.51 -61.79
N SER C 668 -33.27 11.46 -61.41
CA SER C 668 -34.33 10.91 -62.26
C SER C 668 -35.55 11.84 -62.31
N ARG C 669 -35.77 12.64 -61.26
CA ARG C 669 -36.91 13.59 -61.24
C ARG C 669 -36.71 14.72 -62.25
N VAL C 670 -35.54 15.34 -62.19
CA VAL C 670 -35.16 16.44 -63.08
C VAL C 670 -35.15 16.01 -64.56
N LEU C 671 -34.66 14.80 -64.82
CA LEU C 671 -34.52 14.27 -66.20
C LEU C 671 -35.89 14.11 -66.89
N ARG C 672 -36.95 14.26 -66.10
CA ARG C 672 -38.31 14.16 -66.60
C ARG C 672 -38.52 15.31 -67.55
N ARG C 673 -37.93 16.45 -67.20
CA ARG C 673 -37.99 17.67 -67.99
C ARG C 673 -37.68 17.44 -69.45
N LEU C 674 -36.62 16.69 -69.74
CA LEU C 674 -36.21 16.44 -71.12
C LEU C 674 -37.13 15.46 -71.86
N GLY C 675 -38.23 15.05 -71.24
CA GLY C 675 -39.17 14.11 -71.85
C GLY C 675 -39.81 14.58 -73.13
N GLY C 676 -40.22 13.61 -73.96
CA GLY C 676 -40.85 13.89 -75.26
C GLY C 676 -39.95 14.46 -76.34
N GLN C 677 -38.73 14.85 -76.00
CA GLN C 677 -37.95 15.73 -76.87
C GLN C 677 -36.72 15.07 -77.45
N GLY C 678 -36.67 13.76 -77.42
CA GLY C 678 -35.51 13.03 -77.93
C GLY C 678 -35.39 11.58 -77.53
N GLY C 679 -34.52 10.85 -78.24
CA GLY C 679 -34.37 9.41 -78.08
C GLY C 679 -32.95 8.90 -78.00
N MSE C 680 -32.85 7.60 -77.83
CA MSE C 680 -31.56 6.93 -77.83
C MSE C 680 -31.71 5.56 -78.46
O MSE C 680 -32.81 5.03 -78.56
CB MSE C 680 -31.00 6.81 -76.41
CG MSE C 680 -31.09 8.11 -75.61
SE MSE C 680 -30.46 8.04 -73.78
CE MSE C 680 -28.61 7.59 -74.05
N ALA C 681 -30.59 5.02 -78.89
CA ALA C 681 -30.57 3.75 -79.62
C ALA C 681 -29.18 3.17 -79.51
N SER C 682 -29.10 1.86 -79.27
CA SER C 682 -27.84 1.13 -79.29
C SER C 682 -27.65 0.56 -80.68
N PHE C 683 -26.40 0.61 -81.12
CA PHE C 683 -26.02 0.36 -82.49
C PHE C 683 -24.81 -0.55 -82.53
N GLY C 684 -24.83 -1.47 -83.49
CA GLY C 684 -23.74 -2.39 -83.68
C GLY C 684 -22.71 -1.79 -84.59
N LEU C 685 -22.04 -0.73 -84.13
CA LEU C 685 -20.79 -0.24 -84.74
C LEU C 685 -19.87 0.47 -83.72
N GLY C 686 -18.67 0.85 -84.15
CA GLY C 686 -17.63 1.36 -83.25
C GLY C 686 -17.34 2.83 -83.46
N THR C 687 -17.25 3.56 -82.36
CA THR C 687 -17.16 5.02 -82.36
C THR C 687 -16.94 5.66 -83.73
N GLU C 688 -15.81 5.36 -84.38
CA GLU C 688 -15.42 6.10 -85.58
C GLU C 688 -16.41 5.94 -86.73
N GLN C 689 -16.85 4.70 -86.96
CA GLN C 689 -17.99 4.42 -87.85
C GLN C 689 -19.15 5.31 -87.46
N ALA C 690 -19.45 5.37 -86.16
CA ALA C 690 -20.51 6.22 -85.65
C ALA C 690 -20.17 7.69 -85.86
N ALA C 691 -19.01 8.10 -85.39
CA ALA C 691 -18.55 9.48 -85.55
C ALA C 691 -18.68 10.02 -86.98
N GLU C 692 -18.05 9.39 -87.95
CA GLU C 692 -18.17 9.85 -89.34
C GLU C 692 -19.60 9.77 -89.85
N ARG C 693 -20.32 8.73 -89.46
CA ARG C 693 -21.73 8.58 -89.85
C ARG C 693 -22.63 9.66 -89.31
N ILE C 694 -22.37 10.05 -88.08
CA ILE C 694 -23.30 10.83 -87.32
C ILE C 694 -23.10 12.31 -87.60
N GLY C 695 -21.87 12.70 -87.94
CA GLY C 695 -21.46 14.12 -88.10
C GLY C 695 -22.25 14.97 -89.08
N ARG C 696 -22.71 14.32 -90.14
CA ARG C 696 -23.58 14.96 -91.10
C ARG C 696 -24.85 15.58 -90.47
N PHE C 697 -25.19 15.19 -89.24
CA PHE C 697 -26.29 15.80 -88.50
C PHE C 697 -25.83 16.95 -87.58
N ALA C 698 -24.57 17.36 -87.72
CA ALA C 698 -23.91 18.31 -86.81
C ALA C 698 -24.62 18.43 -85.48
N GLY C 699 -24.21 17.65 -84.50
CA GLY C 699 -24.68 17.86 -83.14
C GLY C 699 -26.12 17.46 -82.82
N ALA C 700 -26.91 17.18 -83.84
CA ALA C 700 -28.28 16.73 -83.59
C ALA C 700 -28.30 15.38 -82.90
N LEU C 701 -27.25 14.57 -83.11
CA LEU C 701 -27.02 13.32 -82.40
C LEU C 701 -25.65 13.23 -81.79
N SER C 702 -25.55 12.44 -80.73
CA SER C 702 -24.36 12.39 -79.87
C SER C 702 -24.03 10.94 -79.59
N ILE C 703 -22.74 10.63 -79.53
CA ILE C 703 -22.28 9.36 -79.00
C ILE C 703 -22.40 9.45 -77.48
N ALA C 704 -23.46 8.83 -76.97
CA ALA C 704 -23.75 8.81 -75.54
C ALA C 704 -22.81 7.90 -74.75
N SER C 705 -22.60 6.69 -75.23
CA SER C 705 -21.70 5.74 -74.59
C SER C 705 -20.98 4.88 -75.60
N VAL C 706 -19.75 4.48 -75.27
CA VAL C 706 -18.97 3.54 -76.07
C VAL C 706 -18.60 2.39 -75.14
N ASN C 707 -19.10 1.20 -75.47
CA ASN C 707 -19.20 0.04 -74.54
C ASN C 707 -18.38 -1.21 -74.87
N GLY C 708 -17.93 -1.27 -76.13
CA GLY C 708 -17.09 -2.32 -76.66
C GLY C 708 -16.59 -1.91 -78.04
N PRO C 709 -15.72 -2.71 -78.66
CA PRO C 709 -15.18 -2.25 -79.92
C PRO C 709 -16.23 -2.07 -81.02
N ARG C 710 -17.43 -2.63 -80.81
CA ARG C 710 -18.53 -2.55 -81.79
C ARG C 710 -19.93 -2.46 -81.13
N SER C 711 -19.99 -1.78 -79.98
CA SER C 711 -21.26 -1.51 -79.29
C SER C 711 -21.30 -0.10 -78.70
N VAL C 712 -22.10 0.76 -79.33
CA VAL C 712 -22.16 2.18 -79.01
C VAL C 712 -23.64 2.56 -78.74
N VAL C 713 -23.88 3.67 -78.04
CA VAL C 713 -25.24 4.21 -77.95
C VAL C 713 -25.18 5.62 -78.45
N VAL C 714 -26.20 5.99 -79.24
CA VAL C 714 -26.25 7.27 -79.89
C VAL C 714 -27.54 7.97 -79.45
N ALA C 715 -27.41 9.20 -78.95
CA ALA C 715 -28.51 9.97 -78.38
C ALA C 715 -28.63 11.29 -79.09
N GLY C 716 -29.87 11.72 -79.33
CA GLY C 716 -30.11 13.04 -79.90
C GLY C 716 -31.57 13.32 -80.23
N GLU C 717 -31.78 14.13 -81.23
CA GLU C 717 -33.11 14.46 -81.69
C GLU C 717 -33.65 13.32 -82.54
N SER C 718 -34.84 12.83 -82.19
CA SER C 718 -35.53 11.81 -82.99
C SER C 718 -35.95 12.40 -84.32
N GLY C 719 -35.87 11.62 -85.38
CA GLY C 719 -36.02 12.17 -86.72
C GLY C 719 -34.64 12.11 -87.34
N PRO C 720 -33.70 12.93 -86.85
CA PRO C 720 -32.31 12.62 -87.09
C PRO C 720 -31.96 11.21 -86.64
N LEU C 721 -32.46 10.79 -85.47
CA LEU C 721 -32.16 9.45 -84.94
C LEU C 721 -32.89 8.35 -85.68
N ASP C 722 -34.14 8.60 -86.02
CA ASP C 722 -34.91 7.65 -86.82
C ASP C 722 -34.28 7.47 -88.20
N GLU C 723 -33.80 8.55 -88.80
CA GLU C 723 -33.04 8.48 -90.06
C GLU C 723 -31.84 7.56 -89.90
N LEU C 724 -31.15 7.65 -88.76
CA LEU C 724 -29.97 6.81 -88.53
C LEU C 724 -30.34 5.35 -88.33
N ILE C 725 -31.42 5.08 -87.64
CA ILE C 725 -31.87 3.70 -87.45
C ILE C 725 -32.34 3.10 -88.77
N ALA C 726 -33.09 3.84 -89.56
CA ALA C 726 -33.53 3.35 -90.86
C ALA C 726 -32.32 3.08 -91.74
N GLU C 727 -31.39 4.03 -91.77
CA GLU C 727 -30.22 3.95 -92.62
C GLU C 727 -29.36 2.77 -92.25
N CYS C 728 -29.51 2.28 -91.02
CA CYS C 728 -28.77 1.10 -90.58
C CYS C 728 -29.38 -0.20 -91.02
N GLU C 729 -30.64 -0.42 -90.69
CA GLU C 729 -31.34 -1.60 -91.13
C GLU C 729 -31.29 -1.74 -92.66
N ALA C 730 -31.21 -0.61 -93.35
CA ALA C 730 -30.95 -0.59 -94.80
C ALA C 730 -29.60 -1.21 -95.19
N GLU C 731 -28.63 -1.24 -94.25
CA GLU C 731 -27.29 -1.81 -94.49
C GLU C 731 -26.97 -2.96 -93.55
N ALA C 732 -27.97 -3.38 -92.78
CA ALA C 732 -27.88 -4.57 -91.93
C ALA C 732 -27.13 -4.42 -90.59
N HIS C 733 -27.16 -3.24 -89.96
CA HIS C 733 -26.53 -3.08 -88.64
C HIS C 733 -27.51 -3.39 -87.55
N LYS C 734 -27.01 -3.97 -86.48
CA LYS C 734 -27.82 -4.08 -85.27
C LYS C 734 -28.11 -2.65 -84.90
N ALA C 735 -29.37 -2.31 -84.66
CA ALA C 735 -29.76 -0.93 -84.43
C ALA C 735 -31.03 -0.91 -83.61
N ARG C 736 -30.90 -0.61 -82.34
CA ARG C 736 -31.93 -0.95 -81.40
C ARG C 736 -32.47 0.22 -80.57
N ARG C 737 -33.66 0.68 -80.94
CA ARG C 737 -34.37 1.66 -80.15
C ARG C 737 -34.32 1.29 -78.70
N ILE C 738 -33.76 2.17 -77.87
CA ILE C 738 -33.87 2.00 -76.44
C ILE C 738 -35.26 2.55 -76.11
N PRO C 739 -36.03 1.84 -75.25
CA PRO C 739 -37.40 2.30 -75.02
C PRO C 739 -37.41 3.47 -74.02
N VAL C 740 -36.91 4.62 -74.45
CA VAL C 740 -36.74 5.75 -73.55
C VAL C 740 -37.30 7.01 -74.21
N ASP C 741 -37.25 8.12 -73.49
CA ASP C 741 -38.06 9.32 -73.76
C ASP C 741 -37.25 10.56 -74.06
N TYR C 742 -35.94 10.47 -73.83
CA TYR C 742 -35.10 11.63 -73.66
C TYR C 742 -33.74 11.39 -74.28
N ALA C 743 -32.89 12.41 -74.28
CA ALA C 743 -31.55 12.29 -74.85
C ALA C 743 -30.49 12.74 -73.87
N SER C 744 -30.14 11.83 -72.97
CA SER C 744 -29.11 12.10 -71.99
C SER C 744 -27.78 11.95 -72.68
N HIS C 745 -26.74 12.42 -72.02
CA HIS C 745 -25.42 12.55 -72.61
C HIS C 745 -25.47 13.25 -73.98
N SER C 746 -26.29 14.28 -74.07
CA SER C 746 -26.34 15.16 -75.23
C SER C 746 -26.57 16.58 -74.74
N PRO C 747 -26.18 17.58 -75.53
CA PRO C 747 -26.32 18.99 -75.20
C PRO C 747 -27.67 19.38 -74.60
N GLN C 748 -28.69 18.57 -74.82
CA GLN C 748 -29.98 18.82 -74.20
C GLN C 748 -29.92 18.87 -72.68
N VAL C 749 -28.90 18.23 -72.12
CA VAL C 749 -28.69 18.13 -70.67
C VAL C 749 -28.08 19.40 -70.09
N GLU C 750 -27.56 20.27 -70.95
CA GLU C 750 -27.01 21.50 -70.44
C GLU C 750 -28.14 22.35 -69.75
N SER C 751 -29.39 22.18 -70.17
CA SER C 751 -30.55 22.83 -69.53
C SER C 751 -30.66 22.56 -68.03
N LEU C 752 -30.40 21.33 -67.66
CA LEU C 752 -30.67 20.85 -66.32
C LEU C 752 -29.54 21.17 -65.37
N ARG C 753 -28.45 21.75 -65.87
CA ARG C 753 -27.30 22.00 -65.02
C ARG C 753 -27.69 22.68 -63.72
N GLU C 754 -28.43 23.79 -63.80
CA GLU C 754 -28.80 24.52 -62.59
C GLU C 754 -29.56 23.64 -61.61
N GLU C 755 -30.75 23.19 -62.00
CA GLU C 755 -31.62 22.45 -61.08
C GLU C 755 -30.89 21.33 -60.37
N LEU C 756 -30.09 20.59 -61.12
CA LEU C 756 -29.30 19.52 -60.56
C LEU C 756 -28.30 20.05 -59.57
N LEU C 757 -27.45 20.97 -60.01
CA LEU C 757 -26.38 21.47 -59.13
C LEU C 757 -26.96 22.06 -57.85
N THR C 758 -28.16 22.64 -57.97
CA THR C 758 -28.91 23.10 -56.82
C THR C 758 -29.05 21.93 -55.87
N GLU C 759 -30.02 21.05 -56.13
CA GLU C 759 -30.51 20.16 -55.06
C GLU C 759 -29.80 18.82 -54.89
N LEU C 760 -28.74 18.62 -55.66
CA LEU C 760 -27.80 17.52 -55.40
C LEU C 760 -26.72 17.94 -54.37
N ALA C 761 -26.48 19.24 -54.25
CA ALA C 761 -25.60 19.79 -53.21
C ALA C 761 -26.10 19.35 -51.84
N GLY C 762 -25.17 18.98 -50.97
CA GLY C 762 -25.50 18.26 -49.75
C GLY C 762 -25.30 16.76 -49.94
N ILE C 763 -24.23 16.43 -50.66
CA ILE C 763 -23.83 15.07 -50.96
C ILE C 763 -22.41 14.89 -50.40
N SER C 764 -22.17 13.80 -49.67
CA SER C 764 -20.92 13.60 -48.94
C SER C 764 -20.15 12.39 -49.44
N PRO C 765 -19.31 12.57 -50.49
CA PRO C 765 -18.49 11.47 -50.99
C PRO C 765 -17.26 11.28 -50.11
N VAL C 766 -16.78 10.03 -50.02
CA VAL C 766 -15.68 9.69 -49.11
C VAL C 766 -14.76 8.71 -49.81
N SER C 767 -13.47 8.84 -49.57
CA SER C 767 -12.47 7.92 -50.11
C SER C 767 -12.85 6.49 -49.79
N ALA C 768 -12.70 5.59 -50.78
CA ALA C 768 -13.37 4.28 -50.76
C ALA C 768 -12.51 3.02 -50.61
N ASP C 769 -12.93 2.20 -49.65
CA ASP C 769 -12.73 0.74 -49.62
C ASP C 769 -12.31 0.09 -50.97
N VAL C 770 -13.23 0.06 -51.93
CA VAL C 770 -13.07 -0.69 -53.18
C VAL C 770 -12.72 0.28 -54.29
N ALA C 771 -11.95 -0.20 -55.26
CA ALA C 771 -11.64 0.61 -56.42
C ALA C 771 -12.92 0.97 -57.12
N LEU C 772 -12.88 2.10 -57.83
CA LEU C 772 -13.95 2.55 -58.73
C LEU C 772 -13.30 3.08 -60.02
N TYR C 773 -13.59 2.46 -61.14
CA TYR C 773 -13.13 2.99 -62.42
C TYR C 773 -14.24 3.82 -63.01
N SER C 774 -14.01 5.11 -63.10
CA SER C 774 -15.04 6.05 -63.52
C SER C 774 -15.27 5.93 -65.01
N THR C 775 -16.54 6.05 -65.37
CA THR C 775 -16.95 6.17 -66.75
C THR C 775 -17.20 7.65 -67.10
N THR C 776 -17.51 8.47 -66.10
CA THR C 776 -17.55 9.93 -66.27
C THR C 776 -16.16 10.48 -66.67
N THR C 777 -15.11 10.08 -65.94
CA THR C 777 -13.73 10.61 -66.12
C THR C 777 -12.93 9.92 -67.21
N GLY C 778 -12.75 8.62 -67.08
CA GLY C 778 -11.87 7.85 -67.95
C GLY C 778 -10.94 6.98 -67.11
N GLN C 779 -10.45 7.54 -66.00
CA GLN C 779 -9.48 6.89 -65.10
C GLN C 779 -10.22 6.32 -63.90
N PRO C 780 -9.52 5.50 -63.06
CA PRO C 780 -10.03 5.27 -61.70
C PRO C 780 -9.98 6.58 -60.95
N ILE C 781 -10.49 6.61 -59.73
CA ILE C 781 -10.49 7.86 -58.99
C ILE C 781 -10.35 7.65 -57.50
N ASP C 782 -10.09 8.74 -56.79
CA ASP C 782 -10.39 8.81 -55.37
C ASP C 782 -11.86 9.23 -55.31
N THR C 783 -12.70 8.27 -54.94
CA THR C 783 -14.14 8.46 -54.87
C THR C 783 -14.62 9.64 -54.01
N ALA C 784 -13.68 10.32 -53.34
CA ALA C 784 -14.01 11.58 -52.65
C ALA C 784 -14.22 12.71 -53.65
N THR C 785 -13.86 12.45 -54.91
CA THR C 785 -14.11 13.36 -56.05
C THR C 785 -15.60 13.59 -56.37
N MSE C 786 -16.47 12.70 -55.95
CA MSE C 786 -17.82 12.59 -56.54
C MSE C 786 -18.83 13.57 -55.93
O MSE C 786 -19.91 13.21 -55.46
CB MSE C 786 -18.29 11.13 -56.46
CG MSE C 786 -17.25 10.14 -57.06
SE MSE C 786 -17.69 8.22 -56.91
CE MSE C 786 -17.96 7.79 -58.89
N ASP C 787 -18.46 14.85 -55.98
CA ASP C 787 -19.35 15.94 -55.61
C ASP C 787 -20.46 16.05 -56.63
N THR C 788 -21.28 17.12 -56.54
CA THR C 788 -22.31 17.40 -57.57
C THR C 788 -21.69 17.70 -58.96
N ALA C 789 -20.63 18.49 -58.98
CA ALA C 789 -19.88 18.80 -60.21
C ALA C 789 -19.52 17.52 -60.95
N TYR C 790 -19.15 16.49 -60.21
CA TYR C 790 -18.88 15.18 -60.82
C TYR C 790 -20.16 14.54 -61.35
N TRP C 791 -21.21 14.58 -60.54
CA TRP C 791 -22.44 13.88 -60.86
C TRP C 791 -23.17 14.49 -62.02
N TYR C 792 -23.03 15.81 -62.23
CA TYR C 792 -23.60 16.44 -63.43
C TYR C 792 -22.87 15.93 -64.68
N ALA C 793 -21.55 15.81 -64.59
CA ALA C 793 -20.73 15.33 -65.70
C ALA C 793 -21.09 13.88 -66.02
N ASN C 794 -21.50 13.13 -65.01
CA ASN C 794 -21.97 11.75 -65.22
C ASN C 794 -23.16 11.74 -66.19
N LEU C 795 -24.02 12.74 -66.08
CA LEU C 795 -25.23 12.74 -66.87
C LEU C 795 -24.95 13.30 -68.28
N ARG C 796 -24.21 14.40 -68.33
CA ARG C 796 -23.98 15.16 -69.54
C ARG C 796 -22.91 14.51 -70.46
N GLU C 797 -21.82 14.01 -69.89
CA GLU C 797 -20.69 13.53 -70.69
C GLU C 797 -20.91 12.13 -71.25
N GLN C 798 -20.08 11.82 -72.24
CA GLN C 798 -20.06 10.53 -72.92
C GLN C 798 -19.49 9.52 -71.94
N VAL C 799 -19.87 8.27 -72.12
CA VAL C 799 -19.66 7.22 -71.11
C VAL C 799 -18.26 6.59 -71.05
N ARG C 800 -17.65 6.19 -72.15
CA ARG C 800 -16.27 5.62 -72.10
C ARG C 800 -16.16 4.35 -71.24
N PHE C 801 -17.18 3.49 -71.32
CA PHE C 801 -17.20 2.25 -70.56
C PHE C 801 -16.08 1.34 -71.04
N GLN C 802 -16.05 1.08 -72.36
CA GLN C 802 -14.97 0.29 -72.99
C GLN C 802 -13.61 0.65 -72.43
N ASP C 803 -13.38 1.95 -72.27
CA ASP C 803 -12.11 2.47 -71.78
C ASP C 803 -11.82 2.01 -70.31
N ALA C 804 -12.80 2.14 -69.40
CA ALA C 804 -12.63 1.61 -68.05
C ALA C 804 -12.48 0.10 -68.08
N THR C 805 -13.20 -0.56 -68.98
CA THR C 805 -13.14 -2.01 -69.05
C THR C 805 -11.70 -2.37 -69.29
N ARG C 806 -11.11 -1.70 -70.27
CA ARG C 806 -9.75 -2.02 -70.69
C ARG C 806 -8.77 -1.75 -69.55
N GLN C 807 -8.97 -0.64 -68.84
CA GLN C 807 -8.09 -0.32 -67.72
C GLN C 807 -8.08 -1.45 -66.70
N LEU C 808 -9.27 -2.00 -66.41
CA LEU C 808 -9.41 -3.16 -65.51
C LEU C 808 -8.63 -4.37 -65.99
N ALA C 809 -8.89 -4.79 -67.23
CA ALA C 809 -8.21 -5.95 -67.82
C ALA C 809 -6.70 -5.84 -67.59
N GLU C 810 -6.20 -4.65 -67.91
CA GLU C 810 -4.77 -4.33 -67.85
C GLU C 810 -4.33 -4.10 -66.43
N ALA C 811 -5.24 -3.62 -65.59
CA ALA C 811 -5.00 -3.61 -64.14
C ALA C 811 -4.89 -5.04 -63.60
N GLY C 812 -5.34 -6.02 -64.39
CA GLY C 812 -5.17 -7.46 -64.09
C GLY C 812 -6.41 -8.13 -63.50
N PHE C 813 -7.59 -7.58 -63.79
CA PHE C 813 -8.84 -8.20 -63.39
C PHE C 813 -9.22 -9.19 -64.47
N ASP C 814 -9.88 -10.25 -64.05
CA ASP C 814 -10.00 -11.48 -64.86
C ASP C 814 -11.40 -12.02 -64.84
N ALA C 815 -12.23 -11.45 -63.96
CA ALA C 815 -13.54 -12.00 -63.64
C ALA C 815 -14.57 -10.88 -63.39
N PHE C 816 -15.45 -10.67 -64.37
CA PHE C 816 -16.44 -9.58 -64.37
C PHE C 816 -17.83 -10.10 -64.11
N VAL C 817 -18.42 -9.72 -62.98
CA VAL C 817 -19.81 -10.04 -62.67
C VAL C 817 -20.66 -8.83 -63.00
N GLU C 818 -21.55 -8.89 -63.99
CA GLU C 818 -22.47 -7.79 -64.28
C GLU C 818 -23.65 -8.02 -63.41
N VAL C 819 -23.74 -7.25 -62.34
CA VAL C 819 -24.85 -7.30 -61.40
C VAL C 819 -26.05 -6.62 -62.04
N SER C 820 -27.04 -7.38 -62.50
CA SER C 820 -28.19 -6.79 -63.21
C SER C 820 -29.34 -7.77 -63.35
N PRO C 821 -30.57 -7.27 -63.51
CA PRO C 821 -31.70 -8.15 -63.80
C PRO C 821 -31.75 -8.65 -65.24
N HIS C 822 -31.00 -8.03 -66.13
CA HIS C 822 -30.86 -8.57 -67.48
C HIS C 822 -29.52 -8.16 -68.02
N PRO C 823 -28.76 -9.13 -68.56
CA PRO C 823 -27.42 -8.80 -69.00
C PRO C 823 -27.49 -7.90 -70.21
N VAL C 824 -26.71 -6.84 -70.21
CA VAL C 824 -26.78 -5.82 -71.25
C VAL C 824 -25.41 -5.32 -71.70
N LEU C 825 -24.43 -5.27 -70.79
CA LEU C 825 -23.05 -4.89 -71.14
C LEU C 825 -22.16 -6.08 -71.45
N THR C 826 -22.72 -7.27 -71.22
CA THR C 826 -21.99 -8.50 -71.09
C THR C 826 -21.20 -8.89 -72.35
N VAL C 827 -21.83 -8.78 -73.52
CA VAL C 827 -21.18 -9.10 -74.79
C VAL C 827 -20.06 -8.11 -75.11
N GLY C 828 -20.29 -6.84 -74.84
CA GLY C 828 -19.29 -5.83 -75.15
C GLY C 828 -18.04 -5.94 -74.32
N ILE C 829 -18.19 -6.46 -73.11
CA ILE C 829 -17.07 -6.70 -72.22
C ILE C 829 -16.21 -7.81 -72.81
N GLU C 830 -16.85 -8.85 -73.30
CA GLU C 830 -16.13 -9.95 -73.86
C GLU C 830 -15.36 -9.54 -75.09
N ALA C 831 -16.01 -8.79 -75.98
CA ALA C 831 -15.38 -8.27 -77.19
C ALA C 831 -14.22 -7.31 -76.87
N THR C 832 -14.29 -6.65 -75.72
CA THR C 832 -13.21 -5.79 -75.27
C THR C 832 -12.08 -6.66 -74.76
N LEU C 833 -12.42 -7.65 -73.95
CA LEU C 833 -11.43 -8.57 -73.37
C LEU C 833 -10.69 -9.45 -74.37
N ASP C 834 -11.21 -9.52 -75.60
CA ASP C 834 -10.45 -10.09 -76.70
C ASP C 834 -9.39 -9.08 -77.06
N SER C 835 -9.77 -8.00 -77.74
CA SER C 835 -8.86 -6.93 -78.10
C SER C 835 -7.75 -6.69 -77.07
N ALA C 836 -8.04 -6.86 -75.78
CA ALA C 836 -7.08 -6.52 -74.72
C ALA C 836 -6.26 -7.69 -74.22
N LEU C 837 -6.89 -8.64 -73.53
CA LEU C 837 -6.15 -9.72 -72.86
C LEU C 837 -5.57 -10.75 -73.85
N PRO C 838 -4.44 -11.42 -73.47
CA PRO C 838 -3.81 -12.43 -74.35
C PRO C 838 -4.81 -13.52 -74.73
N ALA C 839 -5.05 -13.67 -76.04
CA ALA C 839 -5.96 -14.68 -76.56
C ALA C 839 -5.83 -16.02 -75.78
N ASP C 840 -6.93 -16.48 -75.18
CA ASP C 840 -6.97 -17.74 -74.41
C ASP C 840 -5.89 -17.77 -73.34
N ALA C 841 -5.72 -16.64 -72.67
CA ALA C 841 -5.30 -16.64 -71.30
C ALA C 841 -6.62 -16.65 -70.49
N GLY C 842 -7.77 -16.65 -71.21
CA GLY C 842 -9.07 -17.13 -70.70
C GLY C 842 -9.79 -16.42 -69.55
N ALA C 843 -10.26 -15.20 -69.78
CA ALA C 843 -10.97 -14.41 -68.73
C ALA C 843 -12.46 -14.79 -68.63
N CYS C 844 -13.19 -14.11 -67.76
CA CYS C 844 -14.52 -14.56 -67.37
C CYS C 844 -15.59 -13.45 -67.12
N VAL C 845 -16.73 -13.60 -67.80
CA VAL C 845 -17.78 -12.59 -67.85
C VAL C 845 -19.14 -13.26 -67.62
N VAL C 846 -19.87 -12.77 -66.62
CA VAL C 846 -20.99 -13.48 -66.04
C VAL C 846 -22.06 -12.52 -65.55
N GLY C 847 -23.25 -12.60 -66.13
CA GLY C 847 -24.38 -11.80 -65.68
C GLY C 847 -25.10 -12.46 -64.53
N THR C 848 -26.06 -11.76 -63.92
CA THR C 848 -26.77 -12.27 -62.76
C THR C 848 -28.08 -12.89 -63.17
N LEU C 849 -29.11 -12.09 -63.42
CA LEU C 849 -30.41 -12.59 -63.85
C LEU C 849 -30.71 -12.25 -65.29
N ARG C 850 -31.80 -12.83 -65.78
CA ARG C 850 -32.26 -12.64 -67.13
C ARG C 850 -33.75 -12.21 -67.06
N ARG C 851 -34.25 -11.66 -68.16
CA ARG C 851 -35.67 -11.29 -68.24
C ARG C 851 -36.55 -12.52 -68.09
N ASP C 852 -37.71 -12.34 -67.43
CA ASP C 852 -38.63 -13.44 -67.11
C ASP C 852 -37.92 -14.63 -66.43
N ARG C 853 -36.78 -14.34 -65.80
CA ARG C 853 -35.92 -15.35 -65.21
C ARG C 853 -35.29 -14.76 -63.95
N GLY C 854 -36.16 -14.40 -63.00
CA GLY C 854 -35.76 -13.90 -61.69
C GLY C 854 -35.69 -15.07 -60.72
N GLY C 855 -35.94 -14.78 -59.45
CA GLY C 855 -35.94 -15.84 -58.43
C GLY C 855 -34.69 -16.72 -58.26
N LEU C 856 -34.60 -17.29 -57.06
CA LEU C 856 -33.39 -17.94 -56.56
C LEU C 856 -32.66 -18.83 -57.51
N ALA C 857 -33.40 -19.69 -58.18
CA ALA C 857 -32.76 -20.72 -59.00
C ALA C 857 -31.94 -20.11 -60.12
N ASP C 858 -32.33 -18.92 -60.58
CA ASP C 858 -31.60 -18.25 -61.65
C ASP C 858 -30.43 -17.46 -61.09
N PHE C 859 -30.55 -17.03 -59.84
CA PHE C 859 -29.42 -16.50 -59.16
C PHE C 859 -28.41 -17.60 -58.94
N HIS C 860 -28.84 -18.75 -58.45
CA HIS C 860 -27.93 -19.87 -58.22
C HIS C 860 -27.28 -20.32 -59.52
N THR C 861 -28.00 -20.22 -60.63
CA THR C 861 -27.40 -20.55 -61.90
C THR C 861 -26.30 -19.59 -62.22
N ALA C 862 -26.51 -18.32 -61.88
CA ALA C 862 -25.47 -17.30 -62.03
C ALA C 862 -24.23 -17.65 -61.22
N LEU C 863 -24.41 -17.98 -59.92
CA LEU C 863 -23.30 -18.51 -59.12
C LEU C 863 -22.61 -19.68 -59.81
N GLY C 864 -23.41 -20.65 -60.24
CA GLY C 864 -22.85 -21.81 -60.91
C GLY C 864 -21.82 -21.46 -61.96
N GLU C 865 -22.15 -20.47 -62.77
CA GLU C 865 -21.27 -20.05 -63.83
C GLU C 865 -20.00 -19.37 -63.31
N ALA C 866 -20.10 -18.61 -62.23
CA ALA C 866 -18.91 -18.00 -61.65
C ALA C 866 -17.98 -19.08 -61.05
N TYR C 867 -18.56 -19.92 -60.20
CA TYR C 867 -17.90 -21.14 -59.71
C TYR C 867 -17.25 -21.95 -60.86
N ALA C 868 -18.04 -22.39 -61.83
CA ALA C 868 -17.52 -23.20 -62.94
C ALA C 868 -16.23 -22.67 -63.52
N GLN C 869 -16.06 -21.35 -63.42
CA GLN C 869 -14.93 -20.67 -64.00
C GLN C 869 -13.94 -20.22 -62.95
N GLY C 870 -14.23 -20.53 -61.69
CA GLY C 870 -13.22 -20.50 -60.65
C GLY C 870 -13.27 -19.30 -59.75
N VAL C 871 -14.40 -18.60 -59.74
CA VAL C 871 -14.66 -17.61 -58.71
C VAL C 871 -14.91 -18.33 -57.36
N GLU C 872 -14.37 -17.82 -56.26
CA GLU C 872 -14.61 -18.40 -54.92
C GLU C 872 -16.05 -18.15 -54.49
N VAL C 873 -16.81 -19.20 -54.27
CA VAL C 873 -18.22 -19.03 -53.94
C VAL C 873 -18.67 -19.83 -52.72
N ASP C 874 -19.11 -19.16 -51.67
CA ASP C 874 -19.68 -19.84 -50.53
C ASP C 874 -21.11 -20.30 -50.80
N TRP C 875 -21.32 -21.61 -50.86
CA TRP C 875 -22.64 -22.17 -51.14
C TRP C 875 -23.41 -22.44 -49.87
N SER C 876 -22.81 -22.13 -48.71
CA SER C 876 -23.46 -22.42 -47.45
C SER C 876 -24.90 -22.01 -47.51
N PRO C 877 -25.17 -20.73 -47.77
CA PRO C 877 -26.53 -20.20 -47.58
C PRO C 877 -27.64 -20.90 -48.36
N ALA C 878 -27.31 -21.51 -49.50
CA ALA C 878 -28.30 -22.20 -50.33
C ALA C 878 -28.94 -23.39 -49.62
N PHE C 879 -28.21 -23.95 -48.68
CA PHE C 879 -28.69 -25.06 -47.87
C PHE C 879 -28.86 -24.48 -46.48
N ALA C 880 -29.75 -25.05 -45.68
CA ALA C 880 -29.85 -24.65 -44.27
C ALA C 880 -30.47 -25.79 -43.47
N ASP C 881 -29.77 -26.19 -42.42
CA ASP C 881 -30.12 -27.38 -41.63
C ASP C 881 -29.84 -28.69 -42.36
N ALA C 882 -29.03 -28.63 -43.40
CA ALA C 882 -28.63 -29.82 -44.13
C ALA C 882 -27.81 -30.75 -43.25
N ARG C 883 -27.64 -31.98 -43.72
CA ARG C 883 -26.78 -32.92 -43.05
C ARG C 883 -26.19 -33.81 -44.09
N PRO C 884 -24.99 -34.34 -43.84
CA PRO C 884 -24.38 -35.08 -44.90
C PRO C 884 -25.09 -36.39 -45.14
N VAL C 885 -24.66 -37.07 -46.18
CA VAL C 885 -25.29 -38.31 -46.58
C VAL C 885 -24.26 -39.03 -47.47
N GLU C 886 -24.23 -40.35 -47.51
CA GLU C 886 -23.15 -40.99 -48.27
C GLU C 886 -23.34 -40.75 -49.74
N LEU C 887 -22.25 -40.51 -50.45
CA LEU C 887 -22.27 -40.23 -51.88
C LEU C 887 -21.18 -41.04 -52.55
N PRO C 888 -21.28 -41.21 -53.88
CA PRO C 888 -20.22 -41.83 -54.67
C PRO C 888 -18.86 -41.21 -54.44
N VAL C 889 -17.85 -42.00 -54.74
CA VAL C 889 -16.48 -41.69 -54.45
C VAL C 889 -15.83 -41.25 -55.77
N TYR C 890 -14.67 -40.61 -55.72
CA TYR C 890 -14.02 -40.11 -56.94
C TYR C 890 -13.84 -41.19 -58.04
N PRO C 891 -14.21 -40.87 -59.29
CA PRO C 891 -14.02 -41.80 -60.40
C PRO C 891 -12.62 -41.64 -61.03
N PHE C 892 -11.68 -42.45 -60.53
CA PHE C 892 -10.26 -42.35 -60.86
C PHE C 892 -9.97 -42.60 -62.34
N GLN C 893 -9.26 -41.66 -62.96
CA GLN C 893 -8.87 -41.78 -64.36
C GLN C 893 -7.53 -42.53 -64.46
N ARG C 894 -7.64 -43.82 -64.82
CA ARG C 894 -6.58 -44.79 -64.58
C ARG C 894 -5.79 -45.15 -65.82
N GLN C 895 -4.58 -45.65 -65.59
CA GLN C 895 -3.75 -46.23 -66.62
C GLN C 895 -2.96 -47.42 -66.06
N ARG C 896 -2.65 -48.36 -66.93
CA ARG C 896 -1.83 -49.47 -66.50
C ARG C 896 -0.38 -48.99 -66.42
N TYR C 897 0.28 -49.41 -65.34
CA TYR C 897 1.72 -49.27 -65.19
C TYR C 897 2.24 -50.58 -64.65
N TRP C 898 2.99 -51.35 -65.45
CA TRP C 898 3.57 -52.61 -64.98
C TRP C 898 5.06 -52.75 -65.32
N LEU C 899 5.84 -53.26 -64.37
CA LEU C 899 7.25 -53.51 -64.60
C LEU C 899 7.54 -54.97 -64.27
N PRO C 900 7.60 -55.84 -65.33
CA PRO C 900 7.76 -57.28 -65.09
C PRO C 900 9.18 -57.62 -64.68
N ILE C 901 9.47 -58.92 -64.56
CA ILE C 901 10.72 -59.42 -63.99
C ILE C 901 11.52 -60.24 -65.01
N MSE D 7 -29.22 -47.64 12.69
CA MSE D 7 -27.93 -48.21 13.19
C MSE D 7 -27.59 -47.67 14.57
O MSE D 7 -27.89 -46.51 14.89
CB MSE D 7 -26.79 -47.89 12.22
CG MSE D 7 -26.99 -48.41 10.79
SE MSE D 7 -25.43 -48.01 9.54
CE MSE D 7 -26.19 -48.58 7.64
N THR D 8 -26.98 -48.51 15.40
CA THR D 8 -26.32 -48.07 16.63
C THR D 8 -25.07 -47.27 16.24
N GLU D 9 -24.64 -46.38 17.13
CA GLU D 9 -23.37 -45.64 16.94
C GLU D 9 -22.22 -46.61 16.64
N GLU D 10 -22.27 -47.76 17.30
CA GLU D 10 -21.28 -48.83 17.13
C GLU D 10 -21.20 -49.28 15.67
N LYS D 11 -22.35 -49.68 15.13
CA LYS D 11 -22.47 -50.05 13.73
C LYS D 11 -22.10 -48.88 12.80
N LEU D 12 -22.48 -47.67 13.19
CA LEU D 12 -22.24 -46.46 12.39
C LEU D 12 -20.76 -46.32 12.06
N ARG D 13 -19.92 -46.42 13.09
CA ARG D 13 -18.46 -46.26 12.99
C ARG D 13 -17.82 -47.32 12.09
N ARG D 14 -18.25 -48.56 12.28
CA ARG D 14 -17.82 -49.67 11.45
C ARG D 14 -18.30 -49.50 9.99
N TYR D 15 -19.37 -48.73 9.79
CA TYR D 15 -19.79 -48.34 8.44
C TYR D 15 -18.80 -47.30 7.88
N LEU D 16 -18.63 -46.20 8.61
CA LEU D 16 -17.69 -45.15 8.25
C LEU D 16 -16.32 -45.73 7.86
N LYS D 17 -15.85 -46.69 8.63
CA LYS D 17 -14.54 -47.29 8.40
C LYS D 17 -14.53 -47.98 7.04
N ARG D 18 -15.48 -48.92 6.85
CA ARG D 18 -15.57 -49.71 5.61
C ARG D 18 -15.63 -48.77 4.40
N THR D 19 -16.47 -47.75 4.51
CA THR D 19 -16.62 -46.75 3.48
C THR D 19 -15.31 -46.05 3.19
N VAL D 20 -14.69 -45.51 4.24
CA VAL D 20 -13.47 -44.72 4.10
C VAL D 20 -12.34 -45.56 3.49
N THR D 21 -12.39 -46.87 3.70
CA THR D 21 -11.45 -47.77 3.07
C THR D 21 -11.73 -47.91 1.56
N GLU D 22 -13.02 -48.02 1.19
CA GLU D 22 -13.37 -48.03 -0.23
C GLU D 22 -12.90 -46.75 -0.82
N LEU D 23 -12.98 -45.66 -0.07
CA LEU D 23 -12.52 -44.38 -0.56
C LEU D 23 -11.06 -44.47 -0.98
N ASP D 24 -10.21 -45.02 -0.13
CA ASP D 24 -8.81 -44.84 -0.45
C ASP D 24 -8.18 -46.01 -1.22
N SER D 25 -8.84 -47.16 -1.34
CA SER D 25 -8.35 -48.17 -2.30
C SER D 25 -8.64 -47.69 -3.74
N VAL D 26 -9.60 -46.79 -3.88
CA VAL D 26 -9.89 -46.15 -5.16
C VAL D 26 -8.92 -44.99 -5.44
N THR D 27 -8.79 -44.00 -4.55
CA THR D 27 -7.88 -42.86 -4.79
C THR D 27 -6.49 -43.33 -5.19
N ALA D 28 -6.03 -44.38 -4.51
CA ALA D 28 -4.70 -44.94 -4.76
C ALA D 28 -4.68 -45.68 -6.09
N ARG D 29 -5.81 -46.21 -6.49
CA ARG D 29 -5.87 -46.75 -7.82
C ARG D 29 -5.98 -45.72 -8.95
N LEU D 30 -6.66 -44.60 -8.74
CA LEU D 30 -6.62 -43.53 -9.73
C LEU D 30 -5.15 -43.23 -9.91
N ARG D 31 -4.43 -43.12 -8.80
CA ARG D 31 -3.00 -42.82 -8.80
C ARG D 31 -2.14 -43.85 -9.54
N GLU D 32 -2.50 -45.13 -9.36
CA GLU D 32 -1.77 -46.23 -9.98
C GLU D 32 -1.93 -46.23 -11.49
N VAL D 33 -3.18 -46.09 -11.92
CA VAL D 33 -3.53 -46.01 -13.33
C VAL D 33 -2.80 -44.87 -14.00
N GLU D 34 -2.80 -43.70 -13.37
CA GLU D 34 -2.11 -42.58 -13.93
C GLU D 34 -0.62 -42.80 -13.90
N HIS D 35 -0.12 -43.34 -12.81
CA HIS D 35 1.30 -43.61 -12.71
C HIS D 35 1.78 -44.54 -13.82
N ARG D 36 1.12 -45.67 -13.98
CA ARG D 36 1.57 -46.67 -14.96
C ARG D 36 1.53 -46.19 -16.40
N ALA D 37 0.58 -45.30 -16.69
CA ALA D 37 0.44 -44.75 -18.02
C ALA D 37 1.70 -44.00 -18.41
N GLY D 38 2.22 -43.17 -17.51
CA GLY D 38 3.42 -42.41 -17.83
C GLY D 38 4.72 -42.93 -17.22
N GLU D 39 4.79 -44.24 -16.95
CA GLU D 39 5.89 -44.78 -16.11
C GLU D 39 7.18 -44.87 -16.89
N PRO D 40 8.31 -44.56 -16.24
CA PRO D 40 9.57 -44.75 -16.90
C PRO D 40 9.90 -46.21 -17.20
N ILE D 41 10.49 -46.44 -18.37
CA ILE D 41 10.92 -47.74 -18.79
C ILE D 41 12.44 -47.84 -18.58
N ALA D 42 12.88 -48.84 -17.84
CA ALA D 42 14.30 -49.02 -17.60
C ALA D 42 14.87 -49.81 -18.75
N ILE D 43 15.96 -49.32 -19.31
CA ILE D 43 16.78 -50.16 -20.17
C ILE D 43 17.64 -50.99 -19.25
N VAL D 44 17.51 -52.30 -19.40
CA VAL D 44 18.00 -53.20 -18.39
C VAL D 44 19.08 -54.11 -18.98
N GLY D 45 19.47 -53.87 -20.23
CA GLY D 45 20.43 -54.73 -20.94
C GLY D 45 20.47 -54.41 -22.43
N MSE D 46 21.63 -54.53 -23.04
CA MSE D 46 21.76 -54.23 -24.47
C MSE D 46 22.78 -55.10 -25.19
O MSE D 46 23.63 -55.71 -24.57
CB MSE D 46 22.15 -52.75 -24.71
CG MSE D 46 22.26 -51.78 -23.50
SE MSE D 46 22.69 -49.87 -24.09
CE MSE D 46 21.08 -49.59 -24.97
N ALA D 47 22.68 -55.11 -26.51
CA ALA D 47 23.59 -55.85 -27.36
C ALA D 47 23.55 -55.26 -28.78
N CYS D 48 24.68 -55.38 -29.48
CA CYS D 48 24.83 -54.76 -30.79
C CYS D 48 25.85 -55.43 -31.70
N ARG D 49 25.86 -54.95 -32.94
CA ARG D 49 26.76 -55.40 -33.99
C ARG D 49 26.89 -54.20 -34.94
N PHE D 50 28.04 -53.50 -34.90
CA PHE D 50 28.24 -52.25 -35.67
C PHE D 50 29.59 -52.23 -36.38
N PRO D 51 29.79 -51.29 -37.33
CA PRO D 51 31.10 -51.12 -37.96
C PRO D 51 32.21 -50.82 -36.95
N GLY D 52 33.44 -51.20 -37.28
CA GLY D 52 34.59 -51.09 -36.37
C GLY D 52 34.85 -52.30 -35.48
N ASP D 53 34.28 -53.46 -35.82
CA ASP D 53 34.32 -54.68 -35.00
C ASP D 53 33.68 -54.48 -33.65
N VAL D 54 32.43 -54.07 -33.65
CA VAL D 54 31.73 -53.81 -32.43
C VAL D 54 30.74 -54.93 -32.23
N ASP D 55 30.89 -55.69 -31.15
CA ASP D 55 29.97 -56.79 -30.79
C ASP D 55 29.30 -56.64 -29.40
N SER D 56 29.77 -55.70 -28.60
CA SER D 56 29.25 -55.44 -27.29
C SER D 56 29.09 -53.96 -27.16
N PRO D 57 28.31 -53.51 -26.17
CA PRO D 57 28.32 -52.13 -25.67
C PRO D 57 29.68 -51.67 -25.15
N GLU D 58 30.41 -52.54 -24.48
CA GLU D 58 31.72 -52.16 -23.96
C GLU D 58 32.54 -51.61 -25.10
N SER D 59 32.54 -52.34 -26.22
CA SER D 59 33.41 -52.03 -27.36
C SER D 59 32.92 -50.87 -28.20
N PHE D 60 31.61 -50.67 -28.22
CA PHE D 60 30.98 -49.57 -28.95
C PHE D 60 31.39 -48.28 -28.33
N TRP D 61 31.61 -48.28 -27.03
CA TRP D 61 32.04 -47.09 -26.34
C TRP D 61 33.51 -46.82 -26.61
N GLU D 62 34.34 -47.84 -26.45
CA GLU D 62 35.75 -47.73 -26.80
C GLU D 62 35.94 -47.12 -28.16
N PHE D 63 35.13 -47.54 -29.12
CA PHE D 63 35.29 -47.07 -30.49
C PHE D 63 34.90 -45.63 -30.61
N VAL D 64 33.76 -45.30 -30.03
CA VAL D 64 33.13 -43.98 -30.19
C VAL D 64 33.86 -42.91 -29.39
N SER D 65 34.09 -43.13 -28.11
CA SER D 65 34.83 -42.17 -27.28
C SER D 65 36.31 -42.06 -27.67
N GLY D 66 36.86 -43.12 -28.25
CA GLY D 66 38.20 -43.09 -28.82
C GLY D 66 38.28 -42.37 -30.16
N GLY D 67 37.16 -41.89 -30.66
CA GLY D 67 37.12 -41.16 -31.91
C GLY D 67 37.33 -42.00 -33.15
N GLY D 68 36.89 -43.25 -33.11
CA GLY D 68 37.06 -44.16 -34.23
C GLY D 68 36.25 -43.79 -35.47
N ASP D 69 36.79 -44.19 -36.62
CA ASP D 69 36.20 -43.95 -37.94
C ASP D 69 36.16 -45.31 -38.63
N ALA D 70 34.98 -45.89 -38.74
CA ALA D 70 34.80 -47.26 -39.25
C ALA D 70 34.63 -47.34 -40.78
N ILE D 71 34.67 -46.20 -41.46
CA ILE D 71 34.41 -46.15 -42.89
C ILE D 71 35.57 -46.76 -43.68
N ALA D 72 35.24 -47.64 -44.62
CA ALA D 72 36.23 -48.34 -45.40
C ALA D 72 35.53 -49.05 -46.55
N GLU D 73 36.30 -49.61 -47.49
CA GLU D 73 35.72 -50.34 -48.61
C GLU D 73 34.86 -51.50 -48.16
N ALA D 74 33.96 -51.90 -49.05
CA ALA D 74 33.03 -52.96 -48.74
C ALA D 74 33.74 -54.27 -48.84
N PRO D 75 33.38 -55.23 -47.98
CA PRO D 75 34.06 -56.52 -48.08
C PRO D 75 33.69 -57.15 -49.42
N ALA D 76 34.65 -57.87 -50.01
CA ALA D 76 34.44 -58.48 -51.34
C ALA D 76 33.89 -59.91 -51.25
N ASP D 77 33.43 -60.32 -50.07
CA ASP D 77 32.97 -61.69 -49.86
C ASP D 77 31.48 -61.92 -50.11
N ARG D 78 30.75 -60.89 -50.54
CA ARG D 78 29.29 -60.98 -50.69
C ARG D 78 28.85 -61.27 -52.11
N GLY D 79 29.82 -61.43 -53.00
CA GLY D 79 29.55 -61.67 -54.41
C GLY D 79 29.13 -60.41 -55.16
N TRP D 80 29.51 -59.25 -54.65
CA TRP D 80 29.16 -58.01 -55.30
C TRP D 80 29.87 -57.85 -56.65
N GLU D 81 29.23 -57.10 -57.54
CA GLU D 81 29.71 -56.83 -58.87
C GLU D 81 30.82 -55.80 -58.80
N PRO D 82 32.01 -56.15 -59.33
CA PRO D 82 33.08 -55.15 -59.39
C PRO D 82 32.63 -53.82 -59.99
N ASP D 83 32.96 -52.71 -59.33
CA ASP D 83 32.57 -51.38 -59.79
C ASP D 83 33.82 -50.50 -59.91
N PRO D 84 33.91 -49.65 -60.97
CA PRO D 84 35.13 -48.84 -61.13
C PRO D 84 35.34 -47.94 -59.92
N ASP D 85 34.32 -47.15 -59.63
CA ASP D 85 34.32 -46.29 -58.48
C ASP D 85 34.02 -47.14 -57.26
N ALA D 86 35.07 -47.50 -56.51
CA ALA D 86 34.88 -48.36 -55.34
C ALA D 86 33.88 -47.77 -54.33
N ARG D 87 33.26 -48.67 -53.57
CA ARG D 87 32.16 -48.35 -52.65
C ARG D 87 32.63 -48.29 -51.20
N LEU D 88 32.58 -47.10 -50.63
CA LEU D 88 33.05 -46.88 -49.28
C LEU D 88 31.86 -46.74 -48.33
N GLY D 89 31.90 -47.45 -47.22
CA GLY D 89 30.87 -47.29 -46.21
C GLY D 89 31.23 -47.86 -44.85
N GLY D 90 30.26 -47.82 -43.94
CA GLY D 90 30.39 -48.42 -42.62
C GLY D 90 29.85 -49.83 -42.65
N MSE D 91 30.73 -50.80 -42.86
CA MSE D 91 30.30 -52.15 -43.12
C MSE D 91 30.52 -53.04 -41.90
O MSE D 91 31.23 -52.69 -40.97
CB MSE D 91 31.08 -52.72 -44.32
CG MSE D 91 31.06 -51.84 -45.60
SE MSE D 91 29.32 -51.65 -46.55
CE MSE D 91 28.97 -53.49 -47.09
N LEU D 92 29.88 -54.21 -41.95
CA LEU D 92 29.95 -55.21 -40.89
C LEU D 92 30.96 -56.30 -41.26
N ALA D 93 31.87 -56.59 -40.33
CA ALA D 93 33.05 -57.44 -40.60
C ALA D 93 32.66 -58.86 -41.07
N ALA D 94 31.69 -59.45 -40.37
CA ALA D 94 31.25 -60.81 -40.65
C ALA D 94 29.71 -60.91 -40.63
N ALA D 95 29.05 -60.33 -41.64
CA ALA D 95 27.59 -60.42 -41.78
C ALA D 95 27.14 -61.84 -42.06
N GLY D 96 28.02 -62.61 -42.71
CA GLY D 96 27.70 -63.98 -43.11
C GLY D 96 27.71 -65.01 -42.00
N ASP D 97 28.26 -64.64 -40.83
CA ASP D 97 28.57 -65.63 -39.79
C ASP D 97 27.40 -65.82 -38.82
N PHE D 98 27.19 -67.05 -38.37
CA PHE D 98 26.04 -67.38 -37.55
C PHE D 98 26.23 -68.75 -36.89
N ASP D 99 25.90 -68.86 -35.59
CA ASP D 99 25.84 -70.16 -34.89
C ASP D 99 24.43 -70.72 -35.07
N ALA D 100 24.20 -71.38 -36.21
CA ALA D 100 22.86 -71.85 -36.55
C ALA D 100 22.40 -72.95 -35.61
N GLY D 101 23.32 -73.85 -35.31
CA GLY D 101 23.03 -75.05 -34.54
C GLY D 101 22.69 -74.75 -33.11
N PHE D 102 23.11 -73.59 -32.62
CA PHE D 102 22.73 -73.12 -31.31
C PHE D 102 21.23 -72.83 -31.23
N PHE D 103 20.66 -72.40 -32.36
CA PHE D 103 19.23 -72.09 -32.43
C PHE D 103 18.43 -73.20 -33.13
N GLY D 104 19.08 -74.35 -33.32
CA GLY D 104 18.42 -75.52 -33.86
C GLY D 104 18.06 -75.35 -35.31
N ILE D 105 18.80 -74.50 -36.02
CA ILE D 105 18.50 -74.22 -37.41
C ILE D 105 19.49 -74.95 -38.24
N SER D 106 19.01 -75.64 -39.26
CA SER D 106 19.90 -76.34 -40.18
C SER D 106 20.79 -75.37 -40.96
N PRO D 107 21.92 -75.86 -41.50
CA PRO D 107 22.68 -75.08 -42.45
C PRO D 107 21.89 -74.80 -43.71
N ARG D 108 21.03 -75.74 -44.08
CA ARG D 108 20.25 -75.62 -45.30
C ARG D 108 19.27 -74.46 -45.20
N GLU D 109 18.60 -74.33 -44.04
CA GLU D 109 17.71 -73.18 -43.74
C GLU D 109 18.49 -71.91 -43.45
N ALA D 110 19.52 -72.01 -42.61
CA ALA D 110 20.40 -70.86 -42.25
C ALA D 110 21.05 -70.18 -43.45
N LEU D 111 21.10 -70.88 -44.58
CA LEU D 111 21.70 -70.41 -45.82
C LEU D 111 20.75 -69.53 -46.64
N ALA D 112 19.45 -69.77 -46.47
CA ALA D 112 18.39 -68.95 -47.07
C ALA D 112 17.90 -67.82 -46.13
N MSE D 113 18.35 -67.81 -44.88
CA MSE D 113 18.02 -66.73 -43.94
C MSE D 113 18.71 -65.44 -44.24
O MSE D 113 19.92 -65.39 -44.42
CB MSE D 113 18.40 -67.10 -42.51
CG MSE D 113 17.31 -67.80 -41.76
SE MSE D 113 17.90 -68.26 -40.01
CE MSE D 113 17.95 -66.59 -39.15
N ASP D 114 17.91 -64.40 -44.29
CA ASP D 114 18.39 -63.02 -44.25
C ASP D 114 19.37 -62.95 -43.05
N PRO D 115 20.57 -62.34 -43.25
CA PRO D 115 21.48 -61.97 -42.16
C PRO D 115 20.84 -61.13 -41.07
N GLN D 116 19.89 -60.30 -41.46
CA GLN D 116 19.19 -59.46 -40.51
C GLN D 116 18.45 -60.34 -39.48
N GLN D 117 17.86 -61.46 -39.92
CA GLN D 117 17.14 -62.39 -39.02
C GLN D 117 18.13 -63.13 -38.11
N ARG D 118 19.23 -63.59 -38.69
CA ARG D 118 20.32 -64.24 -37.91
C ARG D 118 20.87 -63.34 -36.80
N ILE D 119 21.37 -62.18 -37.18
CA ILE D 119 21.98 -61.26 -36.23
C ILE D 119 21.01 -60.92 -35.11
N MSE D 120 19.73 -60.80 -35.43
CA MSE D 120 18.77 -60.46 -34.38
C MSE D 120 18.69 -61.54 -33.34
O MSE D 120 18.57 -61.25 -32.16
CB MSE D 120 17.38 -60.20 -34.93
CG MSE D 120 17.17 -58.82 -35.54
SE MSE D 120 17.75 -57.27 -34.46
CE MSE D 120 19.40 -56.94 -35.29
N LEU D 121 18.74 -62.79 -33.76
CA LEU D 121 18.75 -63.87 -32.79
C LEU D 121 19.95 -63.71 -31.83
N GLU D 122 21.16 -63.58 -32.38
CA GLU D 122 22.35 -63.60 -31.54
C GLU D 122 22.26 -62.44 -30.59
N ILE D 123 22.13 -61.24 -31.12
CA ILE D 123 22.17 -60.09 -30.24
C ILE D 123 21.00 -60.09 -29.27
N SER D 124 19.88 -60.71 -29.62
CA SER D 124 18.75 -60.84 -28.66
C SER D 124 19.15 -61.73 -27.49
N TRP D 125 19.79 -62.84 -27.82
CA TRP D 125 20.26 -63.73 -26.78
C TRP D 125 21.19 -63.00 -25.85
N GLU D 126 22.18 -62.29 -26.40
CA GLU D 126 23.22 -61.65 -25.58
C GLU D 126 22.61 -60.59 -24.70
N ALA D 127 21.67 -59.84 -25.25
CA ALA D 127 21.06 -58.73 -24.56
C ALA D 127 20.34 -59.28 -23.35
N LEU D 128 19.68 -60.41 -23.55
CA LEU D 128 18.99 -61.06 -22.48
C LEU D 128 19.95 -61.58 -21.42
N GLU D 129 21.10 -62.14 -21.82
CA GLU D 129 22.14 -62.56 -20.87
C GLU D 129 22.70 -61.39 -20.05
N ARG D 130 22.88 -60.24 -20.65
CA ARG D 130 23.40 -59.07 -19.94
C ARG D 130 22.39 -58.44 -18.99
N ALA D 131 21.12 -58.59 -19.30
CA ALA D 131 20.08 -58.17 -18.40
C ALA D 131 20.04 -59.04 -17.14
N GLY D 132 20.72 -60.18 -17.15
CA GLY D 132 20.82 -61.04 -15.97
C GLY D 132 19.89 -62.24 -15.96
N HIS D 133 19.33 -62.59 -17.12
CA HIS D 133 18.49 -63.79 -17.24
C HIS D 133 19.24 -64.95 -17.87
N ASP D 134 18.98 -66.16 -17.39
CA ASP D 134 19.14 -67.34 -18.21
C ASP D 134 18.00 -67.25 -19.24
N PRO D 135 18.33 -67.04 -20.54
CA PRO D 135 17.25 -66.82 -21.48
C PRO D 135 16.41 -68.09 -21.75
N VAL D 136 16.83 -69.23 -21.24
CA VAL D 136 16.02 -70.44 -21.34
C VAL D 136 14.94 -70.37 -20.26
N SER D 137 15.22 -69.64 -19.18
CA SER D 137 14.22 -69.40 -18.13
C SER D 137 13.02 -68.65 -18.65
N LEU D 138 13.20 -67.84 -19.70
CA LEU D 138 12.11 -67.00 -20.19
C LEU D 138 11.20 -67.71 -21.16
N ARG D 139 11.39 -69.00 -21.39
CA ARG D 139 10.46 -69.73 -22.26
C ARG D 139 9.06 -69.69 -21.65
N GLY D 140 8.08 -69.30 -22.47
CA GLY D 140 6.68 -69.16 -22.06
C GLY D 140 6.26 -67.84 -21.40
N SER D 141 7.15 -66.85 -21.34
CA SER D 141 7.03 -65.75 -20.37
C SER D 141 6.16 -64.53 -20.70
N ALA D 142 5.68 -64.37 -21.92
CA ALA D 142 5.04 -63.09 -22.32
C ALA D 142 6.04 -61.91 -22.33
N THR D 143 7.01 -62.05 -23.21
CA THR D 143 7.98 -61.03 -23.49
C THR D 143 7.67 -60.65 -24.93
N GLY D 144 7.49 -59.36 -25.20
CA GLY D 144 7.24 -58.85 -26.55
C GLY D 144 8.52 -58.72 -27.37
N VAL D 145 8.38 -58.57 -28.69
CA VAL D 145 9.50 -58.37 -29.58
C VAL D 145 9.13 -57.30 -30.61
N PHE D 146 9.89 -56.20 -30.59
CA PHE D 146 9.62 -55.07 -31.46
C PHE D 146 10.88 -54.66 -32.24
N THR D 147 10.87 -54.93 -33.55
CA THR D 147 12.07 -54.82 -34.36
C THR D 147 11.86 -53.91 -35.55
N GLY D 148 12.73 -52.92 -35.68
CA GLY D 148 12.77 -52.06 -36.84
C GLY D 148 13.59 -52.66 -37.95
N VAL D 149 12.93 -53.01 -39.06
CA VAL D 149 13.57 -53.56 -40.26
C VAL D 149 13.20 -52.74 -41.49
N GLY D 150 14.22 -52.15 -42.10
CA GLY D 150 14.06 -51.32 -43.29
C GLY D 150 13.98 -52.16 -44.54
N THR D 151 15.08 -52.75 -44.93
CA THR D 151 15.13 -53.41 -46.21
C THR D 151 15.72 -54.81 -46.18
N VAL D 152 14.98 -55.75 -46.73
CA VAL D 152 15.49 -57.09 -46.95
C VAL D 152 15.93 -57.19 -48.40
N ASP D 153 17.20 -57.54 -48.63
CA ASP D 153 17.69 -57.78 -50.00
C ASP D 153 18.50 -59.07 -50.13
N TYR D 154 18.32 -60.02 -49.23
CA TYR D 154 19.24 -61.12 -49.15
C TYR D 154 19.20 -62.10 -50.31
N GLY D 155 18.20 -62.97 -50.31
CA GLY D 155 18.31 -64.21 -51.09
C GLY D 155 18.37 -63.97 -52.57
N PRO D 156 18.23 -65.02 -53.35
CA PRO D 156 17.67 -64.83 -54.69
C PRO D 156 16.15 -64.96 -54.58
N ARG D 157 15.43 -64.75 -55.68
CA ARG D 157 13.97 -64.96 -55.72
C ARG D 157 13.63 -66.44 -55.67
N PRO D 158 12.49 -66.81 -55.05
CA PRO D 158 12.15 -68.21 -54.99
C PRO D 158 12.23 -68.85 -56.36
N ASP D 159 12.13 -68.02 -57.38
CA ASP D 159 12.13 -68.47 -58.76
C ASP D 159 13.53 -68.84 -59.27
N GLU D 160 14.59 -68.21 -58.76
CA GLU D 160 15.96 -68.54 -59.20
C GLU D 160 16.78 -69.12 -58.03
N ALA D 161 16.10 -69.56 -56.99
CA ALA D 161 16.77 -70.05 -55.79
C ALA D 161 17.16 -71.51 -55.92
N PRO D 162 18.39 -71.85 -55.50
CA PRO D 162 18.81 -73.25 -55.43
C PRO D 162 17.76 -74.17 -54.81
N ASP D 163 17.27 -75.12 -55.59
CA ASP D 163 16.13 -75.98 -55.21
C ASP D 163 16.40 -76.93 -54.04
N GLU D 164 17.62 -76.87 -53.51
CA GLU D 164 17.94 -77.45 -52.19
C GLU D 164 17.34 -76.59 -51.05
N VAL D 165 17.27 -75.29 -51.30
CA VAL D 165 17.01 -74.30 -50.28
C VAL D 165 15.56 -73.82 -50.39
N LEU D 166 14.81 -74.43 -51.31
CA LEU D 166 13.54 -73.90 -51.83
C LEU D 166 12.42 -73.85 -50.79
N GLY D 167 12.38 -74.82 -49.88
CA GLY D 167 11.40 -74.82 -48.78
C GLY D 167 11.61 -73.74 -47.72
N TYR D 168 12.60 -72.85 -47.92
CA TYR D 168 13.02 -71.90 -46.91
C TYR D 168 13.22 -70.46 -47.41
N VAL D 169 13.04 -70.21 -48.69
CA VAL D 169 13.52 -68.96 -49.26
C VAL D 169 12.66 -67.81 -48.81
N GLY D 170 11.34 -68.04 -48.72
CA GLY D 170 10.39 -66.99 -48.39
C GLY D 170 10.39 -66.68 -46.91
N THR D 171 10.34 -67.73 -46.12
CA THR D 171 10.36 -67.62 -44.68
C THR D 171 11.66 -66.99 -44.16
N GLY D 172 12.73 -67.15 -44.93
CA GLY D 172 14.05 -66.64 -44.58
C GLY D 172 14.25 -65.21 -45.04
N THR D 173 13.30 -64.69 -45.80
CA THR D 173 13.36 -63.31 -46.23
C THR D 173 12.15 -62.49 -45.80
N ALA D 174 11.17 -63.11 -45.15
CA ALA D 174 10.06 -62.35 -44.58
C ALA D 174 10.56 -61.46 -43.46
N SER D 175 10.17 -60.20 -43.54
CA SER D 175 10.51 -59.22 -42.53
C SER D 175 9.80 -59.56 -41.22
N SER D 176 8.55 -60.04 -41.28
CA SER D 176 7.76 -60.37 -40.09
C SER D 176 8.52 -61.33 -39.21
N VAL D 177 9.33 -62.16 -39.85
CA VAL D 177 10.01 -63.27 -39.18
C VAL D 177 11.24 -62.82 -38.36
N ALA D 178 11.86 -61.71 -38.73
CA ALA D 178 12.88 -61.09 -37.88
C ALA D 178 12.37 -60.88 -36.42
N SER D 179 11.05 -60.74 -36.26
CA SER D 179 10.43 -60.70 -34.95
C SER D 179 9.99 -62.10 -34.48
N GLY D 180 9.24 -62.78 -35.33
CA GLY D 180 8.71 -64.10 -35.02
C GLY D 180 9.80 -65.09 -34.68
N ARG D 181 10.79 -65.24 -35.55
CA ARG D 181 11.86 -66.23 -35.33
C ARG D 181 12.47 -66.13 -33.94
N VAL D 182 12.64 -64.91 -33.46
CA VAL D 182 13.16 -64.70 -32.12
C VAL D 182 12.20 -65.30 -31.10
N ALA D 183 10.93 -64.92 -31.13
CA ALA D 183 9.95 -65.44 -30.19
C ALA D 183 9.78 -66.96 -30.32
N TYR D 184 10.00 -67.48 -31.52
CA TYR D 184 9.90 -68.89 -31.75
C TYR D 184 11.01 -69.57 -30.96
N CYS D 185 12.26 -69.31 -31.31
CA CYS D 185 13.40 -69.88 -30.57
C CYS D 185 13.38 -69.70 -29.08
N LEU D 186 13.24 -68.45 -28.66
CA LEU D 186 13.30 -68.13 -27.26
C LEU D 186 12.00 -68.52 -26.58
N GLY D 187 10.99 -68.91 -27.38
CA GLY D 187 9.72 -69.40 -26.84
C GLY D 187 8.92 -68.30 -26.19
N LEU D 188 9.02 -67.11 -26.77
CA LEU D 188 8.41 -65.90 -26.22
C LEU D 188 6.94 -65.81 -26.66
N GLU D 189 6.08 -65.29 -25.77
CA GLU D 189 4.62 -65.32 -26.00
C GLU D 189 3.87 -63.98 -26.13
N GLY D 190 4.49 -62.87 -25.76
CA GLY D 190 3.91 -61.54 -25.99
C GLY D 190 3.95 -61.17 -27.47
N PRO D 191 3.42 -59.98 -27.83
CA PRO D 191 3.27 -59.59 -29.23
C PRO D 191 4.59 -59.36 -29.93
N ALA D 192 4.79 -59.94 -31.10
CA ALA D 192 6.06 -59.77 -31.80
C ALA D 192 5.80 -59.22 -33.18
N MSE D 193 6.52 -58.17 -33.54
CA MSE D 193 6.24 -57.50 -34.79
C MSE D 193 7.37 -56.66 -35.36
O MSE D 193 8.12 -55.98 -34.64
CB MSE D 193 5.02 -56.60 -34.61
CG MSE D 193 5.11 -55.75 -33.34
SE MSE D 193 3.69 -54.44 -33.13
CE MSE D 193 4.62 -53.14 -34.01
N THR D 194 7.46 -56.71 -36.68
CA THR D 194 8.44 -55.96 -37.40
C THR D 194 7.72 -54.70 -37.81
N VAL D 195 8.47 -53.60 -37.84
CA VAL D 195 7.94 -52.27 -38.08
C VAL D 195 8.83 -51.58 -39.06
N ASP D 196 8.25 -50.86 -40.00
CA ASP D 196 9.08 -50.16 -40.92
C ASP D 196 8.65 -48.72 -41.10
N THR D 197 9.57 -47.84 -40.72
CA THR D 197 9.41 -46.40 -40.67
C THR D 197 10.71 -45.77 -41.24
N ALA D 198 11.37 -46.55 -42.12
CA ALA D 198 12.64 -46.16 -42.70
C ALA D 198 13.68 -45.91 -41.58
N CYS D 199 14.44 -44.82 -41.63
CA CYS D 199 15.53 -44.55 -40.67
C CYS D 199 15.13 -44.57 -39.19
N SER D 200 13.88 -44.22 -38.91
CA SER D 200 13.39 -44.18 -37.54
C SER D 200 12.71 -45.48 -37.11
N SER D 201 12.59 -46.43 -38.04
CA SER D 201 12.14 -47.78 -37.72
C SER D 201 12.63 -48.13 -36.34
N GLY D 202 13.93 -47.88 -36.13
CA GLY D 202 14.61 -48.00 -34.82
C GLY D 202 13.79 -47.54 -33.62
N LEU D 203 13.56 -46.23 -33.51
CA LEU D 203 12.88 -45.64 -32.39
C LEU D 203 11.39 -45.90 -32.45
N THR D 204 10.84 -46.05 -33.64
CA THR D 204 9.43 -46.34 -33.75
C THR D 204 9.13 -47.60 -32.98
N ALA D 205 10.03 -48.58 -33.09
CA ALA D 205 9.89 -49.88 -32.43
C ALA D 205 9.91 -49.70 -30.91
N LEU D 206 10.92 -48.96 -30.48
CA LEU D 206 11.11 -48.60 -29.10
C LEU D 206 9.86 -47.90 -28.53
N HIS D 207 9.28 -46.97 -29.29
CA HIS D 207 8.06 -46.27 -28.88
C HIS D 207 6.93 -47.26 -28.58
N LEU D 208 6.69 -48.15 -29.53
CA LEU D 208 5.65 -49.16 -29.38
C LEU D 208 5.97 -50.18 -28.28
N ALA D 209 7.24 -50.30 -27.91
CA ALA D 209 7.64 -51.23 -26.83
C ALA D 209 7.33 -50.60 -25.49
N MSE D 210 7.61 -49.32 -25.37
CA MSE D 210 7.36 -48.61 -24.13
C MSE D 210 5.88 -48.67 -23.87
O MSE D 210 5.45 -48.92 -22.75
CB MSE D 210 7.84 -47.17 -24.24
CG MSE D 210 9.38 -47.05 -24.36
SE MSE D 210 10.05 -45.24 -24.77
CE MSE D 210 9.26 -44.34 -23.11
N GLU D 211 5.11 -48.45 -24.93
CA GLU D 211 3.66 -48.39 -24.78
C GLU D 211 3.04 -49.75 -24.49
N SER D 212 3.69 -50.80 -24.99
CA SER D 212 3.24 -52.16 -24.77
C SER D 212 3.39 -52.48 -23.32
N LEU D 213 4.38 -51.91 -22.67
CA LEU D 213 4.71 -52.29 -21.31
C LEU D 213 3.86 -51.48 -20.34
N ARG D 214 3.49 -50.29 -20.76
CA ARG D 214 2.73 -49.44 -19.90
C ARG D 214 1.29 -49.89 -19.89
N ARG D 215 0.90 -50.61 -20.94
CA ARG D 215 -0.45 -51.17 -20.99
C ARG D 215 -0.54 -52.54 -20.32
N ASP D 216 0.58 -53.25 -20.29
CA ASP D 216 0.69 -54.63 -19.77
C ASP D 216 0.42 -55.72 -20.82
N GLU D 217 0.70 -55.43 -22.09
CA GLU D 217 0.87 -56.49 -23.09
C GLU D 217 2.08 -57.38 -22.71
N CYS D 218 3.02 -56.86 -21.95
CA CYS D 218 4.11 -57.69 -21.45
C CYS D 218 4.85 -57.03 -20.32
N GLY D 219 5.69 -57.83 -19.67
CA GLY D 219 6.51 -57.37 -18.58
C GLY D 219 7.89 -57.04 -19.09
N LEU D 220 8.24 -57.56 -20.25
CA LEU D 220 9.58 -57.46 -20.74
C LEU D 220 9.48 -57.30 -22.24
N ALA D 221 10.47 -56.65 -22.86
CA ALA D 221 10.45 -56.44 -24.31
C ALA D 221 11.82 -56.25 -24.91
N LEU D 222 11.94 -56.71 -26.15
CA LEU D 222 13.18 -56.59 -26.92
C LEU D 222 12.92 -55.65 -28.07
N ALA D 223 13.45 -54.44 -27.98
CA ALA D 223 13.23 -53.40 -28.97
C ALA D 223 14.51 -53.18 -29.71
N GLY D 224 14.52 -53.26 -31.04
CA GLY D 224 15.75 -53.03 -31.75
C GLY D 224 15.63 -52.70 -33.21
N GLY D 225 16.76 -52.75 -33.92
CA GLY D 225 16.79 -52.45 -35.33
C GLY D 225 17.95 -53.07 -36.07
N VAL D 226 17.70 -53.44 -37.31
CA VAL D 226 18.70 -54.04 -38.20
C VAL D 226 18.69 -53.42 -39.59
N THR D 227 19.87 -53.18 -40.13
CA THR D 227 20.05 -53.14 -41.57
C THR D 227 21.30 -53.90 -41.96
N VAL D 228 21.16 -54.88 -42.83
CA VAL D 228 22.29 -55.51 -43.49
C VAL D 228 22.13 -55.28 -44.97
N MSE D 229 23.19 -54.80 -45.58
CA MSE D 229 23.18 -54.51 -47.00
C MSE D 229 23.65 -55.70 -47.76
O MSE D 229 24.81 -55.76 -48.14
CB MSE D 229 24.07 -53.31 -47.28
CG MSE D 229 23.52 -52.04 -46.68
SE MSE D 229 24.18 -50.45 -47.57
CE MSE D 229 25.97 -50.37 -46.76
N SER D 230 22.76 -56.67 -47.98
CA SER D 230 23.14 -57.91 -48.63
C SER D 230 23.50 -57.68 -50.09
N SER D 231 23.10 -56.55 -50.66
CA SER D 231 23.42 -56.23 -52.04
C SER D 231 23.75 -54.76 -52.14
N PRO D 232 24.46 -54.38 -53.19
CA PRO D 232 24.88 -52.98 -53.38
C PRO D 232 23.74 -52.03 -53.81
N GLY D 233 22.53 -52.57 -53.90
CA GLY D 233 21.36 -51.82 -54.31
C GLY D 233 21.28 -50.38 -53.83
N ALA D 234 21.57 -50.15 -52.55
CA ALA D 234 21.47 -48.79 -52.01
C ALA D 234 22.55 -47.90 -52.61
N PHE D 235 23.75 -48.44 -52.79
CA PHE D 235 24.79 -47.67 -53.44
C PHE D 235 24.30 -47.27 -54.83
N THR D 236 23.75 -48.22 -55.56
CA THR D 236 23.21 -47.95 -56.90
C THR D 236 22.14 -46.85 -56.90
N GLU D 237 21.06 -47.02 -56.13
CA GLU D 237 19.92 -46.08 -56.17
C GLU D 237 20.27 -44.67 -55.68
N PHE D 238 21.14 -44.59 -54.67
CA PHE D 238 21.62 -43.30 -54.16
C PHE D 238 22.75 -42.71 -54.99
N ARG D 239 23.39 -43.51 -55.84
CA ARG D 239 24.34 -42.97 -56.81
C ARG D 239 23.65 -42.36 -58.02
N SER D 240 22.32 -42.53 -58.12
CA SER D 240 21.49 -41.87 -59.15
C SER D 240 21.11 -40.46 -58.73
N GLN D 241 20.27 -40.38 -57.69
CA GLN D 241 20.11 -39.15 -56.93
C GLN D 241 21.51 -38.78 -56.42
N GLY D 242 21.69 -37.59 -55.85
CA GLY D 242 22.97 -37.23 -55.23
C GLY D 242 23.18 -38.04 -53.96
N GLY D 243 23.09 -37.36 -52.82
CA GLY D 243 23.05 -37.99 -51.51
C GLY D 243 24.39 -38.36 -50.90
N LEU D 244 25.11 -39.29 -51.51
CA LEU D 244 26.28 -39.87 -50.87
C LEU D 244 27.47 -38.94 -50.91
N ALA D 245 28.21 -38.91 -49.81
CA ALA D 245 29.52 -38.27 -49.76
C ALA D 245 30.53 -39.12 -50.50
N ALA D 246 31.47 -38.50 -51.20
CA ALA D 246 32.54 -39.24 -51.89
C ALA D 246 33.46 -39.92 -50.88
N ASP D 247 33.62 -39.28 -49.72
CA ASP D 247 34.28 -39.88 -48.55
C ASP D 247 33.70 -41.24 -48.19
N GLY D 248 32.37 -41.33 -48.25
CA GLY D 248 31.62 -42.40 -47.61
C GLY D 248 31.38 -42.08 -46.14
N ARG D 249 31.68 -40.84 -45.75
CA ARG D 249 31.73 -40.40 -44.37
C ARG D 249 30.79 -39.26 -44.12
N CYS D 250 30.23 -39.21 -42.91
CA CYS D 250 29.33 -38.13 -42.51
C CYS D 250 30.08 -37.06 -41.74
N LYS D 251 29.89 -35.80 -42.12
CA LYS D 251 30.54 -34.70 -41.43
C LYS D 251 29.50 -33.80 -40.82
N PRO D 252 28.70 -34.32 -39.88
CA PRO D 252 27.55 -33.60 -39.36
C PRO D 252 27.83 -32.18 -38.90
N PHE D 253 27.00 -31.24 -39.39
CA PHE D 253 26.95 -29.83 -38.98
C PHE D 253 28.15 -29.02 -39.42
N SER D 254 29.18 -29.72 -39.88
CA SER D 254 30.41 -29.13 -40.34
C SER D 254 30.14 -28.36 -41.60
N LYS D 255 31.00 -27.40 -41.88
CA LYS D 255 31.06 -26.81 -43.20
C LYS D 255 31.24 -27.91 -44.22
N ALA D 256 32.19 -28.81 -43.98
CA ALA D 256 32.60 -29.76 -45.02
C ALA D 256 31.60 -30.89 -45.32
N ALA D 257 30.29 -30.66 -45.10
CA ALA D 257 29.26 -31.69 -45.34
C ALA D 257 29.03 -31.99 -46.84
N ASP D 258 29.32 -33.22 -47.26
CA ASP D 258 29.19 -33.70 -48.66
C ASP D 258 27.83 -34.32 -48.95
N GLY D 259 27.23 -34.91 -47.93
CA GLY D 259 26.17 -35.88 -48.12
C GLY D 259 26.45 -36.95 -47.08
N PHE D 260 25.71 -38.06 -47.14
CA PHE D 260 25.82 -39.08 -46.10
C PHE D 260 26.57 -40.32 -46.60
N GLY D 261 26.94 -41.20 -45.66
CA GLY D 261 27.69 -42.44 -45.94
C GLY D 261 26.88 -43.66 -45.53
N LEU D 262 26.74 -44.61 -46.46
CA LEU D 262 25.85 -45.75 -46.26
C LEU D 262 26.47 -46.74 -45.32
N ALA D 263 25.69 -47.28 -44.39
CA ALA D 263 26.20 -48.21 -43.40
C ALA D 263 25.12 -49.20 -43.01
N GLU D 264 25.50 -50.14 -42.16
CA GLU D 264 24.64 -51.26 -41.80
C GLU D 264 24.94 -51.64 -40.37
N GLY D 265 23.96 -52.17 -39.66
CA GLY D 265 24.16 -52.49 -38.25
C GLY D 265 22.92 -53.07 -37.59
N ALA D 266 23.00 -53.19 -36.26
CA ALA D 266 22.01 -53.95 -35.48
C ALA D 266 22.11 -53.63 -33.98
N GLY D 267 20.99 -53.32 -33.32
CA GLY D 267 20.98 -53.12 -31.88
C GLY D 267 19.71 -53.65 -31.26
N VAL D 268 19.78 -54.08 -30.00
CA VAL D 268 18.59 -54.47 -29.21
C VAL D 268 18.64 -53.88 -27.83
N LEU D 269 17.49 -53.54 -27.29
CA LEU D 269 17.43 -53.14 -25.92
C LEU D 269 16.47 -54.05 -25.21
N VAL D 270 16.79 -54.41 -23.97
CA VAL D 270 15.86 -55.12 -23.11
C VAL D 270 15.19 -54.11 -22.22
N LEU D 271 13.89 -53.94 -22.47
CA LEU D 271 13.09 -52.94 -21.83
C LEU D 271 12.15 -53.56 -20.84
N GLN D 272 11.88 -52.84 -19.76
CA GLN D 272 11.04 -53.34 -18.69
C GLN D 272 10.55 -52.19 -17.87
N ARG D 273 9.29 -52.27 -17.44
CA ARG D 273 8.73 -51.34 -16.46
C ARG D 273 9.78 -51.01 -15.38
N LEU D 274 10.00 -49.75 -15.04
CA LEU D 274 11.05 -49.41 -14.03
C LEU D 274 10.78 -49.91 -12.62
N SER D 275 9.55 -49.83 -12.17
CA SER D 275 9.21 -50.40 -10.88
C SER D 275 9.48 -51.91 -10.83
N ALA D 276 9.31 -52.57 -11.95
CA ALA D 276 9.49 -54.02 -12.00
C ALA D 276 10.96 -54.42 -12.01
N ALA D 277 11.79 -53.64 -12.71
CA ALA D 277 13.23 -53.88 -12.71
C ALA D 277 13.78 -53.74 -11.30
N ARG D 278 13.45 -52.64 -10.60
CA ARG D 278 13.85 -52.42 -9.20
C ARG D 278 13.53 -53.64 -8.34
N ARG D 279 12.27 -54.07 -8.42
CA ARG D 279 11.76 -55.15 -7.59
C ARG D 279 12.49 -56.44 -7.89
N GLU D 280 12.61 -56.79 -9.17
CA GLU D 280 13.46 -57.92 -9.56
C GLU D 280 14.95 -57.66 -9.28
N GLY D 281 15.29 -56.43 -8.89
CA GLY D 281 16.66 -56.08 -8.50
C GLY D 281 17.58 -56.17 -9.69
N ARG D 282 17.18 -55.56 -10.81
CA ARG D 282 17.90 -55.71 -12.06
C ARG D 282 18.74 -54.50 -12.36
N PRO D 283 19.74 -54.69 -13.24
CA PRO D 283 20.66 -53.59 -13.49
C PRO D 283 20.00 -52.60 -14.43
N VAL D 284 19.69 -51.43 -13.92
CA VAL D 284 19.06 -50.36 -14.68
C VAL D 284 20.17 -49.54 -15.34
N LEU D 285 20.33 -49.72 -16.64
CA LEU D 285 21.42 -49.04 -17.37
C LEU D 285 21.12 -47.60 -17.66
N ALA D 286 19.82 -47.27 -17.74
CA ALA D 286 19.31 -45.93 -18.02
C ALA D 286 17.79 -46.02 -18.13
N VAL D 287 17.15 -44.87 -18.27
CA VAL D 287 15.69 -44.80 -18.23
C VAL D 287 15.12 -44.00 -19.41
N LEU D 288 14.35 -44.69 -20.25
CA LEU D 288 13.57 -44.04 -21.29
C LEU D 288 12.38 -43.41 -20.62
N ARG D 289 12.19 -42.13 -20.83
CA ARG D 289 11.19 -41.41 -20.07
C ARG D 289 9.94 -41.00 -20.84
N GLY D 290 10.08 -40.86 -22.16
CA GLY D 290 8.97 -40.55 -23.05
C GLY D 290 9.44 -40.46 -24.48
N SER D 291 8.52 -40.67 -25.41
CA SER D 291 8.86 -40.66 -26.82
C SER D 291 7.71 -40.09 -27.59
N ALA D 292 7.89 -39.87 -28.89
CA ALA D 292 6.82 -39.42 -29.76
C ALA D 292 7.20 -39.69 -31.21
N VAL D 293 6.18 -40.01 -32.03
CA VAL D 293 6.34 -40.33 -33.45
C VAL D 293 5.33 -39.51 -34.25
N ASN D 294 5.78 -38.80 -35.29
CA ASN D 294 4.87 -38.08 -36.19
C ASN D 294 5.34 -38.17 -37.64
N GLN D 295 4.65 -37.45 -38.51
CA GLN D 295 4.95 -37.41 -39.94
C GLN D 295 5.24 -35.99 -40.29
N ASP D 296 6.13 -35.75 -41.26
CA ASP D 296 6.25 -34.38 -41.69
C ASP D 296 5.20 -33.96 -42.70
N GLY D 297 4.42 -34.91 -43.18
CA GLY D 297 3.24 -34.60 -43.98
C GLY D 297 3.53 -33.95 -45.33
N ALA D 298 2.89 -32.82 -45.57
CA ALA D 298 3.04 -32.11 -46.84
C ALA D 298 4.37 -31.34 -46.96
N SER D 299 5.48 -32.04 -47.07
CA SER D 299 6.78 -31.40 -47.28
C SER D 299 7.01 -31.08 -48.78
N ASN D 300 8.26 -30.78 -49.13
CA ASN D 300 8.63 -30.49 -50.52
C ASN D 300 8.71 -31.71 -51.41
N GLY D 301 8.87 -32.88 -50.82
CA GLY D 301 8.98 -34.09 -51.60
C GLY D 301 8.93 -35.26 -50.66
N LEU D 302 8.52 -36.41 -51.14
CA LEU D 302 8.39 -37.55 -50.26
C LEU D 302 9.58 -37.63 -49.29
N THR D 303 10.80 -37.43 -49.79
CA THR D 303 12.00 -37.54 -48.95
C THR D 303 12.48 -36.25 -48.34
N ALA D 304 11.82 -35.13 -48.62
CA ALA D 304 12.17 -33.87 -48.00
C ALA D 304 11.83 -33.87 -46.50
N PRO D 305 12.80 -33.47 -45.67
CA PRO D 305 12.50 -33.28 -44.26
C PRO D 305 11.75 -31.96 -44.04
N SER D 306 11.00 -31.85 -42.93
CA SER D 306 10.34 -30.59 -42.54
C SER D 306 10.65 -30.24 -41.10
N GLY D 307 11.23 -29.05 -40.91
CA GLY D 307 11.62 -28.52 -39.61
C GLY D 307 10.46 -28.25 -38.68
N PRO D 308 9.40 -27.66 -39.20
CA PRO D 308 8.22 -27.52 -38.36
C PRO D 308 7.76 -28.85 -37.74
N ALA D 309 7.86 -29.95 -38.50
CA ALA D 309 7.46 -31.29 -38.00
C ALA D 309 8.45 -31.85 -36.99
N GLN D 310 9.75 -31.62 -37.24
CA GLN D 310 10.80 -31.94 -36.27
C GLN D 310 10.62 -31.21 -34.94
N GLN D 311 10.31 -29.91 -35.00
CA GLN D 311 9.96 -29.18 -33.79
C GLN D 311 8.77 -29.82 -33.08
N ARG D 312 7.76 -30.20 -33.83
CA ARG D 312 6.55 -30.78 -33.23
C ARG D 312 6.86 -32.04 -32.44
N VAL D 313 7.61 -32.95 -33.05
CA VAL D 313 7.91 -34.25 -32.41
C VAL D 313 8.77 -34.08 -31.14
N ILE D 314 9.67 -33.11 -31.14
CA ILE D 314 10.46 -32.80 -29.96
C ILE D 314 9.57 -32.42 -28.75
N ARG D 315 8.61 -31.54 -28.97
CA ARG D 315 7.77 -31.10 -27.87
C ARG D 315 6.80 -32.15 -27.40
N ARG D 316 6.28 -32.98 -28.29
CA ARG D 316 5.36 -34.04 -27.86
C ARG D 316 6.15 -35.04 -27.02
N ALA D 317 7.37 -35.35 -27.46
CA ALA D 317 8.29 -36.19 -26.68
C ALA D 317 8.46 -35.61 -25.30
N LEU D 318 8.82 -34.33 -25.23
CA LEU D 318 9.05 -33.68 -23.97
C LEU D 318 7.80 -33.67 -23.11
N GLU D 319 6.64 -33.62 -23.74
CA GLU D 319 5.41 -33.62 -22.96
C GLU D 319 5.26 -34.99 -22.37
N ASN D 320 5.40 -36.01 -23.21
CA ASN D 320 5.19 -37.39 -22.79
C ASN D 320 6.16 -37.84 -21.71
N ALA D 321 7.36 -37.27 -21.79
CA ALA D 321 8.42 -37.52 -20.82
C ALA D 321 8.09 -36.89 -19.48
N GLY D 322 7.45 -35.72 -19.51
CA GLY D 322 7.21 -34.94 -18.32
C GLY D 322 8.44 -34.15 -17.97
N VAL D 323 9.07 -33.57 -18.99
CA VAL D 323 10.41 -32.99 -18.87
C VAL D 323 10.46 -31.64 -19.58
N ARG D 324 11.25 -30.73 -19.05
CA ARG D 324 11.35 -29.42 -19.64
C ARG D 324 12.54 -29.37 -20.57
N ALA D 325 12.38 -28.71 -21.71
CA ALA D 325 13.45 -28.62 -22.70
C ALA D 325 14.76 -28.15 -22.08
N GLY D 326 14.69 -27.34 -21.03
CA GLY D 326 15.91 -26.83 -20.39
C GLY D 326 16.69 -27.85 -19.59
N ASP D 327 16.00 -28.93 -19.19
CA ASP D 327 16.57 -29.94 -18.32
C ASP D 327 17.37 -31.00 -19.07
N VAL D 328 17.31 -30.96 -20.40
CA VAL D 328 18.07 -31.86 -21.27
C VAL D 328 19.39 -31.17 -21.65
N ASP D 329 20.53 -31.84 -21.47
CA ASP D 329 21.87 -31.23 -21.71
C ASP D 329 22.49 -31.61 -23.04
N TYR D 330 22.01 -32.68 -23.66
CA TYR D 330 22.63 -33.20 -24.87
C TYR D 330 21.57 -33.79 -25.80
N VAL D 331 21.81 -33.75 -27.10
CA VAL D 331 20.92 -34.38 -28.06
C VAL D 331 21.70 -35.12 -29.13
N GLU D 332 21.45 -36.41 -29.24
CA GLU D 332 21.98 -37.19 -30.35
C GLU D 332 21.12 -36.86 -31.53
N ALA D 333 21.50 -35.84 -32.28
CA ALA D 333 20.79 -35.49 -33.50
C ALA D 333 20.91 -36.58 -34.58
N HIS D 334 19.98 -36.56 -35.55
CA HIS D 334 20.03 -37.41 -36.76
C HIS D 334 21.43 -37.29 -37.42
N GLY D 335 21.83 -36.05 -37.75
CA GLY D 335 23.23 -35.73 -38.11
C GLY D 335 23.83 -36.48 -39.29
N THR D 336 23.08 -36.55 -40.39
CA THR D 336 23.52 -37.28 -41.57
C THR D 336 24.65 -36.55 -42.31
N GLY D 337 24.81 -35.25 -42.11
CA GLY D 337 25.81 -34.52 -42.85
C GLY D 337 25.35 -34.30 -44.27
N THR D 338 24.04 -34.13 -44.41
CA THR D 338 23.41 -33.79 -45.66
C THR D 338 23.34 -32.28 -45.71
N ARG D 339 23.36 -31.73 -46.91
CA ARG D 339 23.37 -30.28 -47.09
C ARG D 339 22.02 -29.66 -46.79
N LEU D 340 20.96 -30.31 -47.26
CA LEU D 340 19.58 -29.92 -46.93
C LEU D 340 19.22 -30.20 -45.49
N GLY D 341 19.61 -31.37 -45.00
CA GLY D 341 19.13 -31.89 -43.73
C GLY D 341 19.68 -31.15 -42.54
N ASP D 342 21.00 -30.92 -42.55
CA ASP D 342 21.70 -30.40 -41.37
C ASP D 342 21.10 -29.09 -40.85
N PRO D 343 20.94 -28.09 -41.72
CA PRO D 343 20.33 -26.82 -41.28
C PRO D 343 18.90 -26.94 -40.72
N ILE D 344 18.06 -27.76 -41.36
CA ILE D 344 16.68 -27.90 -40.94
C ILE D 344 16.61 -28.44 -39.53
N GLU D 345 17.48 -29.43 -39.28
CA GLU D 345 17.54 -30.11 -37.99
C GLU D 345 18.01 -29.18 -36.87
N VAL D 346 19.04 -28.40 -37.14
CA VAL D 346 19.66 -27.56 -36.11
C VAL D 346 18.76 -26.39 -35.78
N HIS D 347 18.16 -25.81 -36.80
CA HIS D 347 17.25 -24.71 -36.60
C HIS D 347 16.10 -25.18 -35.74
N ALA D 348 15.62 -26.40 -36.00
CA ALA D 348 14.51 -26.94 -35.26
C ALA D 348 14.88 -27.15 -33.80
N LEU D 349 16.16 -27.45 -33.56
CA LEU D 349 16.68 -27.57 -32.19
C LEU D 349 16.87 -26.20 -31.54
N LEU D 350 17.33 -25.26 -32.34
CA LEU D 350 17.47 -23.88 -31.89
C LEU D 350 16.13 -23.36 -31.44
N SER D 351 15.08 -23.65 -32.20
CA SER D 351 13.76 -23.15 -31.91
C SER D 351 13.10 -23.84 -30.69
N THR D 352 13.47 -25.07 -30.38
CA THR D 352 12.85 -25.75 -29.26
C THR D 352 13.74 -25.68 -28.05
N TYR D 353 14.75 -26.55 -28.02
CA TYR D 353 15.64 -26.65 -26.88
C TYR D 353 16.34 -25.34 -26.74
N GLY D 354 16.71 -24.74 -27.89
CA GLY D 354 17.50 -23.52 -27.93
C GLY D 354 16.87 -22.32 -27.27
N ALA D 355 15.64 -22.03 -27.63
CA ALA D 355 14.96 -20.85 -27.08
C ALA D 355 14.74 -20.94 -25.58
N GLU D 356 14.64 -22.16 -25.05
CA GLU D 356 14.43 -22.42 -23.60
C GLU D 356 15.78 -22.53 -22.82
N ARG D 357 16.79 -21.73 -23.21
CA ARG D 357 18.12 -21.67 -22.54
C ARG D 357 18.57 -20.23 -22.40
N ASP D 358 19.74 -20.07 -21.77
CA ASP D 358 20.58 -18.87 -21.96
C ASP D 358 21.77 -19.23 -22.88
N PRO D 359 22.46 -18.19 -23.45
CA PRO D 359 23.66 -18.46 -24.27
C PRO D 359 24.85 -18.99 -23.43
N ASP D 360 24.93 -18.50 -22.18
CA ASP D 360 25.84 -19.03 -21.15
C ASP D 360 26.07 -20.57 -21.28
N ASP D 361 24.99 -21.35 -21.17
CA ASP D 361 25.06 -22.83 -21.21
C ASP D 361 24.17 -23.37 -22.34
N PRO D 362 24.79 -23.81 -23.45
CA PRO D 362 24.01 -24.25 -24.57
C PRO D 362 23.66 -25.73 -24.47
N LEU D 363 22.67 -26.13 -25.24
CA LEU D 363 22.39 -27.52 -25.49
C LEU D 363 23.51 -28.04 -26.39
N TRP D 364 24.11 -29.15 -26.00
CA TRP D 364 25.17 -29.76 -26.79
C TRP D 364 24.59 -30.79 -27.75
N ILE D 365 25.32 -31.07 -28.82
CA ILE D 365 24.78 -31.80 -29.93
C ILE D 365 25.87 -32.68 -30.53
N GLY D 366 25.52 -33.91 -30.89
CA GLY D 366 26.49 -34.81 -31.52
C GLY D 366 25.84 -35.82 -32.41
N SER D 367 26.65 -36.56 -33.15
CA SER D 367 26.16 -37.66 -33.97
C SER D 367 27.14 -38.81 -34.11
N VAL D 368 26.70 -40.04 -33.82
CA VAL D 368 27.55 -41.25 -33.99
C VAL D 368 27.76 -41.59 -35.43
N LYS D 369 26.91 -41.01 -36.29
CA LYS D 369 27.04 -41.24 -37.72
C LYS D 369 28.42 -40.81 -38.19
N SER D 370 29.01 -39.82 -37.50
CA SER D 370 30.40 -39.42 -37.79
C SER D 370 31.46 -40.56 -37.60
N ASN D 371 31.13 -41.48 -36.69
CA ASN D 371 32.01 -42.63 -36.36
C ASN D 371 31.70 -43.82 -37.24
N ILE D 372 30.43 -44.21 -37.29
CA ILE D 372 30.06 -45.48 -37.93
C ILE D 372 29.24 -45.37 -39.20
N GLY D 373 28.71 -44.17 -39.47
CA GLY D 373 27.99 -43.91 -40.72
C GLY D 373 26.52 -44.04 -40.50
N HIS D 374 25.77 -43.90 -41.59
CA HIS D 374 24.32 -44.04 -41.55
C HIS D 374 23.93 -45.53 -41.57
N THR D 375 23.71 -46.03 -40.36
CA THR D 375 23.46 -47.43 -40.11
C THR D 375 21.96 -47.73 -40.31
N GLN D 376 21.27 -46.75 -40.90
CA GLN D 376 19.91 -46.87 -41.45
C GLN D 376 18.85 -47.25 -40.42
N ALA D 377 18.18 -48.40 -40.54
CA ALA D 377 17.11 -48.72 -39.59
C ALA D 377 17.67 -48.84 -38.19
N ALA D 378 18.89 -49.35 -38.10
CA ALA D 378 19.55 -49.47 -36.83
C ALA D 378 19.91 -48.10 -36.25
N ALA D 379 20.19 -47.11 -37.09
CA ALA D 379 20.46 -45.75 -36.59
C ALA D 379 19.33 -45.38 -35.66
N GLY D 380 19.66 -44.79 -34.53
CA GLY D 380 18.60 -44.45 -33.58
C GLY D 380 18.61 -45.40 -32.41
N VAL D 381 18.67 -46.71 -32.67
CA VAL D 381 19.07 -47.63 -31.59
C VAL D 381 20.52 -47.30 -31.24
N ALA D 382 21.35 -47.20 -32.30
CA ALA D 382 22.75 -46.80 -32.15
C ALA D 382 22.84 -45.45 -31.42
N GLY D 383 22.01 -44.51 -31.84
CA GLY D 383 21.91 -43.24 -31.17
C GLY D 383 21.66 -43.43 -29.69
N VAL D 384 20.62 -44.16 -29.36
CA VAL D 384 20.22 -44.30 -27.97
C VAL D 384 21.32 -44.95 -27.16
N MSE D 385 21.95 -45.94 -27.74
CA MSE D 385 22.98 -46.65 -27.05
C MSE D 385 24.13 -45.76 -26.74
O MSE D 385 24.70 -45.86 -25.68
CB MSE D 385 23.50 -47.80 -27.88
CG MSE D 385 22.63 -48.97 -27.80
SE MSE D 385 23.46 -50.57 -28.49
CE MSE D 385 25.17 -50.62 -27.32
N LYS D 386 24.51 -44.91 -27.67
CA LYS D 386 25.56 -43.93 -27.35
C LYS D 386 25.10 -43.05 -26.17
N ALA D 387 23.88 -42.52 -26.25
CA ALA D 387 23.32 -41.71 -25.18
C ALA D 387 23.39 -42.40 -23.82
N VAL D 388 23.03 -43.68 -23.79
CA VAL D 388 23.02 -44.44 -22.55
C VAL D 388 24.44 -44.58 -22.02
N LEU D 389 25.36 -44.96 -22.90
CA LEU D 389 26.76 -45.20 -22.51
C LEU D 389 27.44 -43.91 -22.07
N ALA D 390 27.19 -42.83 -22.80
CA ALA D 390 27.62 -41.50 -22.38
C ALA D 390 27.08 -41.14 -20.99
N LEU D 391 25.82 -41.43 -20.71
CA LEU D 391 25.25 -41.13 -19.41
C LEU D 391 26.00 -41.91 -18.32
N ARG D 392 26.21 -43.20 -18.53
CA ARG D 392 26.93 -44.02 -17.56
C ARG D 392 28.30 -43.45 -17.30
N HIS D 393 29.10 -43.34 -18.36
CA HIS D 393 30.52 -43.00 -18.22
C HIS D 393 30.79 -41.55 -17.85
N GLY D 394 29.85 -40.64 -18.09
CA GLY D 394 30.03 -39.20 -17.82
C GLY D 394 30.88 -38.40 -18.82
N GLU D 395 30.64 -38.65 -20.11
CA GLU D 395 31.44 -38.04 -21.15
C GLU D 395 30.61 -37.93 -22.43
N MSE D 396 30.61 -36.75 -23.02
CA MSE D 396 30.04 -36.53 -24.34
C MSE D 396 31.22 -36.69 -25.27
O MSE D 396 32.19 -35.94 -25.17
CB MSE D 396 29.46 -35.13 -24.44
CG MSE D 396 28.59 -34.75 -23.24
SE MSE D 396 27.74 -33.08 -23.49
CE MSE D 396 27.07 -32.70 -21.67
N PRO D 397 31.17 -37.68 -26.18
CA PRO D 397 32.32 -37.84 -27.04
C PRO D 397 32.32 -36.89 -28.24
N ARG D 398 33.48 -36.83 -28.89
CA ARG D 398 33.75 -36.02 -30.08
C ARG D 398 32.72 -36.24 -31.19
N THR D 399 32.61 -35.31 -32.11
CA THR D 399 31.91 -35.56 -33.36
C THR D 399 32.96 -35.31 -34.46
N LEU D 400 33.35 -36.38 -35.15
CA LEU D 400 34.48 -36.32 -36.08
C LEU D 400 34.22 -35.40 -37.25
N HIS D 401 35.28 -35.08 -37.96
CA HIS D 401 35.16 -34.36 -39.22
C HIS D 401 34.35 -33.06 -39.05
N PHE D 402 34.57 -32.35 -37.95
CA PHE D 402 33.94 -31.05 -37.73
C PHE D 402 34.94 -29.95 -38.07
N ASP D 403 35.08 -29.66 -39.37
CA ASP D 403 35.95 -28.58 -39.91
C ASP D 403 35.69 -27.23 -39.24
N GLU D 404 34.76 -26.46 -39.81
CA GLU D 404 34.23 -25.28 -39.17
C GLU D 404 32.74 -25.56 -39.02
N PRO D 405 32.10 -24.93 -38.03
CA PRO D 405 30.64 -24.84 -38.06
C PRO D 405 30.16 -24.46 -39.45
N SER D 406 29.06 -25.05 -39.89
CA SER D 406 28.55 -24.80 -41.22
C SER D 406 28.09 -23.35 -41.34
N PRO D 407 28.42 -22.71 -42.47
CA PRO D 407 27.99 -21.35 -42.72
C PRO D 407 26.59 -21.28 -43.33
N GLN D 408 25.86 -22.40 -43.32
CA GLN D 408 24.45 -22.46 -43.76
C GLN D 408 23.47 -22.51 -42.58
N ILE D 409 24.01 -22.46 -41.37
CA ILE D 409 23.21 -22.65 -40.17
C ILE D 409 23.23 -21.36 -39.33
N GLU D 410 22.06 -20.90 -38.88
CA GLU D 410 21.96 -19.67 -38.11
C GLU D 410 22.20 -19.85 -36.64
N TRP D 411 23.43 -20.19 -36.32
CA TRP D 411 23.83 -20.45 -34.95
C TRP D 411 23.51 -19.22 -34.13
N ASP D 412 23.19 -19.44 -32.85
CA ASP D 412 22.65 -18.38 -32.01
C ASP D 412 21.52 -17.62 -32.77
N LEU D 413 20.39 -18.30 -33.01
CA LEU D 413 19.18 -17.70 -33.57
C LEU D 413 18.01 -18.19 -32.75
N ALA D 415 22.43 -20.46 -27.13
CA ALA D 415 22.19 -21.89 -26.89
C ALA D 415 22.38 -22.71 -28.18
N VAL D 416 22.65 -24.00 -27.99
CA VAL D 416 22.96 -25.00 -29.05
C VAL D 416 24.35 -24.93 -29.73
N SER D 417 25.28 -25.72 -29.19
CA SER D 417 26.63 -25.86 -29.73
C SER D 417 26.87 -27.31 -30.06
N VAL D 418 27.76 -27.55 -31.02
CA VAL D 418 28.21 -28.91 -31.35
C VAL D 418 29.44 -29.30 -30.51
N VAL D 419 29.54 -30.57 -30.12
CA VAL D 419 30.72 -31.04 -29.37
C VAL D 419 31.80 -31.53 -30.34
N SER D 420 32.87 -30.72 -30.46
CA SER D 420 34.01 -30.96 -31.38
C SER D 420 35.30 -31.51 -30.71
N GLN D 421 35.50 -31.16 -29.43
CA GLN D 421 36.47 -31.79 -28.52
C GLN D 421 35.65 -32.52 -27.44
N ALA D 422 36.11 -33.67 -26.96
CA ALA D 422 35.32 -34.44 -25.99
C ALA D 422 35.15 -33.70 -24.67
N ARG D 423 33.92 -33.35 -24.32
CA ARG D 423 33.67 -32.68 -23.05
C ARG D 423 33.23 -33.68 -22.02
N SER D 424 33.27 -33.33 -20.75
CA SER D 424 32.78 -34.24 -19.73
C SER D 424 31.38 -33.81 -19.29
N TRP D 425 30.74 -34.70 -18.53
CA TRP D 425 29.30 -34.60 -18.21
C TRP D 425 28.98 -35.24 -16.87
N PRO D 426 29.34 -34.56 -15.75
CA PRO D 426 29.31 -35.24 -14.46
C PRO D 426 27.95 -35.14 -13.81
N ALA D 427 27.73 -36.05 -12.86
CA ALA D 427 26.43 -36.16 -12.19
C ALA D 427 26.22 -35.00 -11.23
N GLY D 428 25.47 -34.01 -11.69
CA GLY D 428 25.10 -32.88 -10.87
C GLY D 428 23.94 -33.18 -9.94
N GLU D 429 23.36 -32.10 -9.40
CA GLU D 429 22.22 -32.19 -8.48
C GLU D 429 20.94 -32.66 -9.19
N ARG D 430 20.77 -32.23 -10.46
CA ARG D 430 19.67 -32.72 -11.33
C ARG D 430 20.03 -34.03 -12.01
N PRO D 431 19.04 -34.90 -12.23
CA PRO D 431 19.29 -35.98 -13.16
C PRO D 431 19.66 -35.47 -14.56
N ARG D 432 20.63 -36.12 -15.18
CA ARG D 432 21.07 -35.81 -16.54
C ARG D 432 20.22 -36.53 -17.54
N ARG D 433 19.70 -35.77 -18.52
CA ARG D 433 18.89 -36.35 -19.55
C ARG D 433 19.41 -35.95 -20.93
N ALA D 434 19.08 -36.79 -21.90
CA ALA D 434 19.44 -36.59 -23.28
C ALA D 434 18.24 -37.00 -24.16
N GLY D 435 18.07 -36.30 -25.27
CA GLY D 435 17.06 -36.67 -26.24
C GLY D 435 17.77 -37.23 -27.46
N VAL D 436 17.08 -38.04 -28.23
CA VAL D 436 17.68 -38.67 -29.38
C VAL D 436 16.66 -38.58 -30.47
N SER D 437 17.05 -38.16 -31.67
CA SER D 437 16.10 -38.11 -32.76
C SER D 437 16.55 -38.92 -33.97
N SER D 438 15.57 -39.45 -34.68
CA SER D 438 15.79 -40.10 -35.93
C SER D 438 14.65 -39.69 -36.79
N PHE D 439 14.90 -39.48 -38.07
CA PHE D 439 13.90 -38.93 -39.00
C PHE D 439 13.83 -39.74 -40.29
N GLY D 440 12.67 -40.33 -40.55
CA GLY D 440 12.45 -41.16 -41.72
C GLY D 440 12.67 -40.46 -43.06
N ILE D 441 13.07 -41.23 -44.06
CA ILE D 441 13.20 -40.71 -45.39
C ILE D 441 11.78 -40.51 -45.93
N SER D 442 10.89 -41.48 -45.68
CA SER D 442 9.45 -41.34 -46.02
C SER D 442 8.73 -40.35 -45.07
N GLY D 443 9.47 -39.62 -44.24
CA GLY D 443 8.91 -38.50 -43.52
C GLY D 443 8.29 -38.80 -42.17
N THR D 444 8.62 -39.95 -41.59
CA THR D 444 8.12 -40.29 -40.28
C THR D 444 9.22 -40.07 -39.23
N ASN D 445 9.02 -39.08 -38.35
CA ASN D 445 10.05 -38.62 -37.41
C ASN D 445 9.82 -39.20 -36.04
N ALA D 446 10.89 -39.42 -35.28
CA ALA D 446 10.78 -39.83 -33.86
C ALA D 446 11.83 -39.16 -32.98
N HIS D 447 11.48 -39.02 -31.70
CA HIS D 447 12.36 -38.41 -30.71
C HIS D 447 12.02 -39.02 -29.37
N VAL D 448 13.04 -39.31 -28.58
CA VAL D 448 12.89 -40.06 -27.34
C VAL D 448 13.75 -39.39 -26.28
N ILE D 449 13.39 -39.51 -25.01
CA ILE D 449 14.15 -38.84 -23.94
C ILE D 449 14.74 -39.81 -22.90
N VAL D 450 16.07 -39.80 -22.78
CA VAL D 450 16.78 -40.78 -21.95
C VAL D 450 17.16 -40.14 -20.63
N GLU D 451 17.34 -40.92 -19.58
CA GLU D 451 17.76 -40.36 -18.31
C GLU D 451 18.74 -41.28 -17.57
N GLU D 452 19.71 -40.69 -16.87
CA GLU D 452 20.63 -41.47 -16.06
C GLU D 452 19.81 -42.36 -15.12
N ALA D 453 20.29 -43.56 -14.86
CA ALA D 453 19.59 -44.46 -13.98
C ALA D 453 19.48 -43.82 -12.60
N PRO D 454 18.54 -44.28 -11.76
CA PRO D 454 18.35 -43.69 -10.44
C PRO D 454 19.32 -44.27 -9.37
N GLU D 455 19.07 -44.02 -8.09
CA GLU D 455 19.96 -44.54 -7.04
C GLU D 455 19.73 -45.99 -6.60
N ALA D 456 20.83 -46.64 -6.22
CA ALA D 456 20.84 -48.06 -5.89
C ALA D 456 22.09 -48.42 -5.09
N ASP D 457 22.00 -49.52 -4.33
CA ASP D 457 23.18 -50.29 -3.87
C ASP D 457 22.73 -51.47 -3.00
N GLY D 466 37.83 -67.07 0.70
CA GLY D 466 37.66 -68.51 0.65
C GLY D 466 37.47 -69.05 -0.78
N PRO D 467 37.30 -70.38 -0.92
CA PRO D 467 37.26 -71.11 -2.20
C PRO D 467 35.86 -71.29 -2.70
N VAL D 468 35.70 -71.28 -4.01
CA VAL D 468 34.39 -71.10 -4.64
C VAL D 468 34.21 -71.97 -5.92
N PRO D 469 33.02 -72.53 -6.14
CA PRO D 469 32.76 -73.24 -7.41
C PRO D 469 32.33 -72.35 -8.59
N LEU D 470 33.11 -72.43 -9.67
CA LEU D 470 32.76 -71.73 -10.91
C LEU D 470 32.24 -72.73 -11.93
N VAL D 471 31.01 -72.54 -12.34
CA VAL D 471 30.32 -73.55 -13.12
C VAL D 471 30.08 -72.98 -14.50
N LEU D 472 30.36 -73.75 -15.54
CA LEU D 472 30.24 -73.23 -16.91
C LEU D 472 29.98 -74.31 -17.97
N SER D 473 29.44 -73.90 -19.13
CA SER D 473 28.89 -74.84 -20.11
C SER D 473 28.84 -74.30 -21.55
N GLY D 474 28.73 -75.20 -22.52
CA GLY D 474 28.67 -74.84 -23.95
C GLY D 474 27.87 -75.84 -24.76
N ARG D 475 27.40 -75.47 -25.95
CA ARG D 475 26.64 -76.43 -26.80
C ARG D 475 27.58 -77.49 -27.29
N ASP D 476 28.75 -77.09 -27.75
CA ASP D 476 29.77 -78.05 -28.16
C ASP D 476 30.99 -77.94 -27.26
N GLU D 477 31.95 -78.85 -27.43
CA GLU D 477 33.15 -78.87 -26.62
C GLU D 477 33.85 -77.52 -26.68
N GLN D 478 34.15 -77.08 -27.88
CA GLN D 478 34.90 -75.83 -28.08
C GLN D 478 34.30 -74.61 -27.40
N ALA D 479 32.97 -74.54 -27.38
CA ALA D 479 32.26 -73.42 -26.77
C ALA D 479 32.59 -73.39 -25.30
N MSE D 480 32.47 -74.53 -24.66
CA MSE D 480 32.82 -74.64 -23.28
C MSE D 480 34.23 -74.08 -22.99
O MSE D 480 34.44 -73.45 -21.96
CB MSE D 480 32.72 -76.09 -22.87
CG MSE D 480 32.99 -76.32 -21.41
SE MSE D 480 33.90 -77.99 -21.13
CE MSE D 480 35.60 -77.56 -21.95
N ARG D 481 35.18 -74.32 -23.88
CA ARG D 481 36.54 -73.83 -23.68
C ARG D 481 36.65 -72.34 -23.91
N ALA D 482 35.94 -71.83 -24.91
CA ALA D 482 35.89 -70.39 -25.16
C ALA D 482 35.25 -69.69 -23.99
N GLN D 483 34.22 -70.31 -23.43
CA GLN D 483 33.53 -69.79 -22.27
C GLN D 483 34.52 -69.64 -21.11
N ALA D 484 35.24 -70.71 -20.83
CA ALA D 484 36.27 -70.70 -19.82
C ALA D 484 37.32 -69.65 -20.12
N GLY D 485 37.59 -69.41 -21.39
CA GLY D 485 38.54 -68.37 -21.76
C GLY D 485 38.07 -67.00 -21.33
N ARG D 486 36.86 -66.65 -21.72
CA ARG D 486 36.27 -65.37 -21.38
C ARG D 486 36.07 -65.20 -19.87
N LEU D 487 35.79 -66.28 -19.15
CA LEU D 487 35.79 -66.19 -17.70
C LEU D 487 37.17 -65.82 -17.15
N ALA D 488 38.20 -66.44 -17.69
CA ALA D 488 39.57 -66.18 -17.24
C ALA D 488 39.93 -64.70 -17.42
N ASP D 489 39.57 -64.12 -18.57
CA ASP D 489 39.85 -62.70 -18.85
C ASP D 489 39.03 -61.76 -17.98
N HIS D 490 37.80 -62.16 -17.68
CA HIS D 490 36.90 -61.37 -16.84
C HIS D 490 37.46 -61.24 -15.44
N LEU D 491 37.84 -62.38 -14.87
CA LEU D 491 38.38 -62.35 -13.55
C LEU D 491 39.67 -61.56 -13.58
N ALA D 492 40.61 -61.98 -14.43
CA ALA D 492 41.93 -61.36 -14.55
C ALA D 492 41.95 -59.86 -14.79
N ARG D 493 40.94 -59.31 -15.44
CA ARG D 493 41.03 -57.91 -15.84
C ARG D 493 40.78 -56.97 -14.69
N GLU D 494 39.53 -56.89 -14.23
CA GLU D 494 39.22 -55.95 -13.18
C GLU D 494 39.30 -56.67 -11.84
N PRO D 495 40.33 -56.32 -11.02
CA PRO D 495 40.45 -56.99 -9.70
C PRO D 495 39.14 -56.87 -8.95
N ARG D 496 38.44 -55.76 -9.19
CA ARG D 496 37.04 -55.57 -8.79
C ARG D 496 36.29 -56.89 -8.68
N ASN D 497 36.03 -57.51 -9.84
CA ASN D 497 35.01 -58.59 -9.97
C ASN D 497 35.10 -59.69 -8.88
N SER D 498 34.14 -59.65 -7.96
CA SER D 498 34.06 -60.60 -6.84
C SER D 498 33.98 -62.03 -7.36
N LEU D 499 34.72 -62.93 -6.70
CA LEU D 499 34.71 -64.32 -7.08
C LEU D 499 33.35 -64.92 -6.74
N ARG D 500 32.78 -64.50 -5.62
CA ARG D 500 31.51 -65.05 -5.16
C ARG D 500 30.33 -64.68 -6.03
N ASP D 501 30.28 -63.44 -6.50
CA ASP D 501 29.16 -62.96 -7.32
C ASP D 501 29.24 -63.51 -8.74
N THR D 502 30.46 -63.70 -9.22
CA THR D 502 30.71 -64.35 -10.50
C THR D 502 30.20 -65.78 -10.47
N GLY D 503 30.59 -66.52 -9.45
CA GLY D 503 30.14 -67.90 -9.27
C GLY D 503 28.64 -68.00 -9.18
N PHE D 504 28.05 -67.10 -8.37
CA PHE D 504 26.63 -67.05 -8.12
C PHE D 504 25.88 -66.75 -9.41
N THR D 505 26.37 -65.79 -10.16
CA THR D 505 25.74 -65.42 -11.40
C THR D 505 25.82 -66.57 -12.39
N LEU D 506 27.00 -67.17 -12.51
CA LEU D 506 27.22 -68.33 -13.38
C LEU D 506 26.24 -69.49 -13.15
N ALA D 507 25.89 -69.70 -11.88
CA ALA D 507 25.12 -70.87 -11.43
C ALA D 507 23.63 -70.63 -11.50
N THR D 508 23.22 -69.37 -11.35
CA THR D 508 21.80 -69.03 -11.27
C THR D 508 21.30 -68.30 -12.54
N ARG D 509 22.19 -67.68 -13.29
CA ARG D 509 21.76 -66.76 -14.35
C ARG D 509 22.40 -67.04 -15.69
N ARG D 510 22.71 -68.30 -15.97
CA ARG D 510 23.33 -68.68 -17.24
C ARG D 510 22.89 -70.10 -17.55
N SER D 511 22.70 -70.37 -18.85
CA SER D 511 22.11 -71.63 -19.32
C SER D 511 23.05 -72.81 -19.03
N ALA D 512 22.46 -73.95 -18.65
CA ALA D 512 23.20 -75.15 -18.37
C ALA D 512 23.18 -76.03 -19.61
N TRP D 513 24.17 -75.87 -20.47
CA TRP D 513 24.24 -76.63 -21.72
C TRP D 513 24.90 -77.99 -21.50
N GLU D 514 25.20 -78.67 -22.60
CA GLU D 514 25.62 -80.05 -22.57
C GLU D 514 27.06 -80.25 -22.06
N HIS D 515 28.03 -79.50 -22.57
CA HIS D 515 29.44 -79.69 -22.22
C HIS D 515 29.80 -78.81 -21.02
N ARG D 516 30.14 -79.41 -19.88
CA ARG D 516 30.21 -78.70 -18.60
C ARG D 516 31.53 -78.81 -17.85
N ALA D 517 31.97 -77.69 -17.28
CA ALA D 517 33.15 -77.64 -16.43
C ALA D 517 32.79 -77.09 -15.05
N VAL D 518 33.48 -77.56 -14.02
CA VAL D 518 33.40 -76.92 -12.71
C VAL D 518 34.80 -76.74 -12.13
N VAL D 519 35.22 -75.49 -11.95
CA VAL D 519 36.52 -75.17 -11.40
C VAL D 519 36.32 -74.68 -9.99
N VAL D 520 37.03 -75.30 -9.05
CA VAL D 520 36.85 -74.98 -7.65
C VAL D 520 38.15 -74.51 -7.05
N GLY D 521 38.12 -73.36 -6.38
CA GLY D 521 39.31 -72.80 -5.74
C GLY D 521 39.18 -71.33 -5.45
N ASP D 522 40.18 -70.76 -4.79
CA ASP D 522 40.17 -69.35 -4.50
C ASP D 522 40.54 -68.59 -5.77
N ARG D 523 40.57 -67.27 -5.68
CA ARG D 523 40.82 -66.43 -6.84
C ARG D 523 41.89 -67.04 -7.74
N ASP D 524 43.07 -67.30 -7.18
CA ASP D 524 44.22 -67.71 -8.00
C ASP D 524 44.07 -69.06 -8.67
N GLU D 525 43.50 -70.01 -7.95
CA GLU D 525 43.28 -71.35 -8.46
C GLU D 525 42.16 -71.36 -9.50
N ALA D 526 41.19 -70.47 -9.34
CA ALA D 526 40.10 -70.36 -10.30
C ALA D 526 40.65 -69.89 -11.65
N LEU D 527 41.52 -68.88 -11.61
CA LEU D 527 42.13 -68.36 -12.85
C LEU D 527 42.87 -69.45 -13.58
N ALA D 528 43.66 -70.23 -12.85
CA ALA D 528 44.47 -71.25 -13.47
C ALA D 528 43.62 -72.41 -14.00
N GLY D 529 42.57 -72.77 -13.29
CA GLY D 529 41.72 -73.87 -13.71
C GLY D 529 40.94 -73.52 -14.96
N LEU D 530 40.51 -72.27 -15.06
CA LEU D 530 39.79 -71.82 -16.22
C LEU D 530 40.73 -71.82 -17.42
N ARG D 531 41.94 -71.30 -17.22
CA ARG D 531 42.91 -71.18 -18.29
C ARG D 531 43.34 -72.53 -18.83
N ALA D 532 43.35 -73.52 -17.95
CA ALA D 532 43.66 -74.90 -18.34
C ALA D 532 42.58 -75.35 -19.29
N VAL D 533 41.33 -75.31 -18.82
CA VAL D 533 40.17 -75.77 -19.58
C VAL D 533 40.16 -75.08 -20.93
N ALA D 534 40.48 -73.80 -20.93
CA ALA D 534 40.53 -73.05 -22.16
C ALA D 534 41.52 -73.65 -23.17
N ASP D 535 42.59 -74.24 -22.68
CA ASP D 535 43.56 -74.93 -23.54
C ASP D 535 43.48 -76.46 -23.48
N GLY D 536 42.28 -77.00 -23.30
CA GLY D 536 42.09 -78.46 -23.32
C GLY D 536 42.74 -79.29 -22.22
N ARG D 537 43.19 -78.67 -21.13
CA ARG D 537 43.86 -79.38 -20.03
C ARG D 537 43.03 -79.34 -18.72
N ILE D 538 43.66 -79.68 -17.60
CA ILE D 538 42.95 -79.83 -16.33
C ILE D 538 43.85 -79.37 -15.19
N ALA D 539 43.29 -78.69 -14.21
CA ALA D 539 44.02 -78.44 -12.97
C ALA D 539 43.35 -79.20 -11.83
N ASP D 540 43.85 -79.01 -10.62
CA ASP D 540 43.30 -79.67 -9.44
C ASP D 540 41.87 -79.19 -9.25
N ARG D 541 40.99 -80.03 -8.72
CA ARG D 541 39.59 -79.64 -8.42
C ARG D 541 38.83 -79.03 -9.61
N THR D 542 39.03 -79.63 -10.77
CA THR D 542 38.34 -79.23 -11.99
C THR D 542 37.59 -80.46 -12.45
N ALA D 543 36.32 -80.32 -12.77
CA ALA D 543 35.54 -81.40 -13.34
C ALA D 543 35.05 -81.04 -14.75
N THR D 544 35.06 -82.01 -15.66
CA THR D 544 34.57 -81.83 -17.03
C THR D 544 33.68 -83.02 -17.45
N GLY D 545 32.62 -82.74 -18.20
CA GLY D 545 31.69 -83.79 -18.62
C GLY D 545 30.69 -83.40 -19.69
N GLN D 546 30.00 -84.39 -20.24
CA GLN D 546 28.84 -84.18 -21.11
C GLN D 546 27.60 -84.61 -20.33
N ALA D 547 26.64 -83.71 -20.17
CA ALA D 547 25.52 -83.96 -19.28
C ALA D 547 24.44 -84.71 -20.02
N ARG D 548 23.58 -85.35 -19.24
CA ARG D 548 22.39 -86.01 -19.75
C ARG D 548 21.29 -85.90 -18.72
N THR D 549 20.06 -86.16 -19.18
CA THR D 549 18.90 -86.28 -18.28
C THR D 549 19.13 -87.47 -17.38
N ARG D 550 19.31 -87.19 -16.09
CA ARG D 550 19.55 -88.22 -15.09
C ARG D 550 18.41 -88.14 -14.10
N ARG D 551 17.53 -89.13 -14.17
CA ARG D 551 16.47 -89.20 -13.19
C ARG D 551 16.36 -90.60 -12.67
N GLY D 552 16.67 -90.66 -11.37
CA GLY D 552 17.10 -91.86 -10.70
C GLY D 552 18.40 -91.57 -9.99
N VAL D 553 18.32 -90.88 -8.85
CA VAL D 553 19.47 -90.73 -7.97
C VAL D 553 19.42 -91.86 -6.94
N ALA D 554 20.49 -92.65 -6.91
CA ALA D 554 20.64 -93.71 -5.92
C ALA D 554 21.86 -93.43 -5.08
N MSE D 555 21.66 -93.24 -3.78
CA MSE D 555 22.79 -93.05 -2.88
C MSE D 555 23.32 -94.38 -2.37
O MSE D 555 22.56 -95.23 -1.92
CB MSE D 555 22.38 -92.17 -1.70
CG MSE D 555 22.31 -90.69 -2.05
SE MSE D 555 21.76 -89.60 -0.54
CE MSE D 555 22.15 -87.80 -1.35
N VAL D 556 24.64 -94.54 -2.43
CA VAL D 556 25.30 -95.74 -1.92
C VAL D 556 25.98 -95.40 -0.61
N PHE D 557 25.89 -96.31 0.35
CA PHE D 557 26.51 -96.16 1.66
C PHE D 557 27.40 -97.39 1.93
N PRO D 558 28.73 -97.28 1.68
CA PRO D 558 29.64 -98.43 1.87
C PRO D 558 29.91 -98.77 3.34
N GLY D 559 30.75 -99.78 3.57
CA GLY D 559 31.03 -100.25 4.94
C GLY D 559 32.36 -99.80 5.54
N GLN D 560 33.23 -100.76 5.82
CA GLN D 560 34.48 -100.47 6.50
C GLN D 560 35.43 -99.60 5.66
N GLN D 563 36.92 -95.05 5.63
CA GLN D 563 37.33 -94.15 6.70
C GLN D 563 38.81 -93.73 6.63
N TRP D 564 39.10 -92.53 7.13
CA TRP D 564 40.47 -92.07 7.40
C TRP D 564 40.49 -91.32 8.74
N GLN D 565 41.68 -91.04 9.26
CA GLN D 565 41.78 -90.58 10.65
C GLN D 565 41.23 -89.15 10.86
N GLY D 566 41.49 -88.25 9.94
CA GLY D 566 40.95 -86.90 10.04
C GLY D 566 39.45 -86.81 9.79
N MSE D 567 39.01 -87.54 8.77
CA MSE D 567 37.70 -87.35 8.12
C MSE D 567 36.74 -86.40 8.82
O MSE D 567 36.48 -86.51 10.01
CB MSE D 567 37.00 -88.69 7.84
CG MSE D 567 36.69 -89.59 9.05
SE MSE D 567 35.41 -91.10 8.70
CE MSE D 567 34.90 -91.48 10.56
N ALA D 568 36.24 -85.46 8.04
CA ALA D 568 35.16 -84.59 8.48
C ALA D 568 35.57 -83.46 9.41
N ARG D 569 36.86 -83.30 9.68
CA ARG D 569 37.32 -82.21 10.53
C ARG D 569 37.19 -80.88 9.77
N ASP D 570 37.74 -80.87 8.56
CA ASP D 570 37.71 -79.69 7.71
C ASP D 570 36.26 -79.32 7.41
N LEU D 571 35.45 -80.33 7.12
CA LEU D 571 34.03 -80.14 6.82
C LEU D 571 33.15 -79.81 8.07
N LEU D 572 33.73 -79.90 9.27
CA LEU D 572 33.00 -79.65 10.54
C LEU D 572 32.79 -78.14 10.73
N ARG D 573 33.89 -77.38 10.64
CA ARG D 573 33.85 -75.89 10.71
C ARG D 573 33.23 -75.20 9.51
N GLU D 574 33.70 -75.55 8.31
CA GLU D 574 33.28 -74.91 7.05
C GLU D 574 31.83 -75.12 6.62
N SER D 575 31.15 -76.14 7.20
CA SER D 575 29.77 -76.48 6.81
C SER D 575 28.81 -76.63 8.01
N GLN D 576 27.70 -75.88 7.93
CA GLN D 576 26.71 -75.82 8.98
C GLN D 576 25.67 -76.91 8.82
N VAL D 577 25.16 -77.17 7.61
CA VAL D 577 24.20 -78.28 7.36
C VAL D 577 24.78 -79.62 7.85
N PHE D 578 26.07 -79.82 7.58
CA PHE D 578 26.84 -80.95 8.10
C PHE D 578 26.88 -80.97 9.66
N ALA D 579 27.49 -79.95 10.27
CA ALA D 579 27.67 -79.88 11.74
C ALA D 579 26.34 -79.89 12.52
N ASP D 580 25.28 -79.36 11.92
CA ASP D 580 23.96 -79.41 12.54
C ASP D 580 23.58 -80.88 12.69
N SER D 581 23.66 -81.65 11.60
CA SER D 581 23.43 -83.12 11.60
C SER D 581 24.35 -83.87 12.60
N ILE D 582 25.63 -83.51 12.64
CA ILE D 582 26.58 -84.14 13.55
C ILE D 582 26.20 -83.90 15.01
N ARG D 583 25.61 -82.75 15.32
CA ARG D 583 25.18 -82.45 16.70
C ARG D 583 23.89 -83.16 17.05
N ASP D 584 23.08 -83.48 16.05
CA ASP D 584 21.90 -84.31 16.25
C ASP D 584 22.34 -85.74 16.47
N CYS D 585 23.45 -86.11 15.83
CA CYS D 585 24.03 -87.45 15.96
C CYS D 585 24.52 -87.74 17.36
N GLU D 586 25.49 -86.96 17.83
CA GLU D 586 26.08 -87.19 19.17
C GLU D 586 25.00 -87.24 20.26
N ARG D 587 23.89 -86.54 20.05
CA ARG D 587 22.73 -86.63 20.95
C ARG D 587 22.13 -88.04 20.99
N ALA D 588 21.86 -88.61 19.81
CA ALA D 588 21.25 -89.95 19.69
C ALA D 588 22.14 -91.14 20.20
N LEU D 589 23.46 -91.03 20.03
CA LEU D 589 24.42 -92.06 20.47
C LEU D 589 24.87 -91.90 21.95
N ALA D 590 24.41 -90.82 22.61
CA ALA D 590 24.87 -90.49 23.96
C ALA D 590 24.54 -91.55 25.01
N PRO D 591 23.25 -91.93 25.15
CA PRO D 591 22.97 -93.08 26.02
C PRO D 591 23.74 -94.38 25.68
N HIS D 592 24.02 -94.62 24.39
CA HIS D 592 24.62 -95.90 23.94
C HIS D 592 26.16 -95.92 23.79
N VAL D 593 26.82 -94.79 24.06
CA VAL D 593 28.28 -94.69 23.89
C VAL D 593 28.85 -93.66 24.85
N ASP D 594 30.06 -93.91 25.35
CA ASP D 594 30.71 -93.00 26.32
C ASP D 594 31.93 -92.26 25.73
N TRP D 595 31.69 -91.59 24.60
CA TRP D 595 32.69 -90.71 23.99
C TRP D 595 32.03 -89.64 23.11
N SER D 596 32.68 -88.47 23.04
CA SER D 596 32.17 -87.37 22.24
C SER D 596 32.55 -87.58 20.78
N LEU D 597 31.52 -87.61 19.94
CA LEU D 597 31.69 -87.69 18.49
C LEU D 597 32.49 -86.49 17.95
N THR D 598 32.11 -85.29 18.39
CA THR D 598 32.75 -84.08 17.92
C THR D 598 34.24 -84.18 18.19
N ASP D 599 34.58 -84.38 19.45
CA ASP D 599 35.98 -84.45 19.85
C ASP D 599 36.74 -85.53 19.09
N LEU D 600 36.00 -86.56 18.68
CA LEU D 600 36.57 -87.67 17.93
C LEU D 600 36.98 -87.20 16.52
N LEU D 601 36.08 -86.52 15.81
CA LEU D 601 36.37 -86.02 14.45
C LEU D 601 37.21 -84.75 14.46
N SER D 602 37.08 -83.99 15.56
CA SER D 602 37.73 -82.68 15.77
C SER D 602 39.23 -82.79 16.11
N GLY D 603 39.53 -83.65 17.08
CA GLY D 603 40.92 -83.94 17.46
C GLY D 603 41.68 -84.79 16.44
N ALA D 604 40.96 -85.32 15.44
CA ALA D 604 41.50 -86.27 14.44
C ALA D 604 42.16 -87.48 15.10
N ARG D 605 41.35 -88.24 15.85
CA ARG D 605 41.85 -89.26 16.79
C ARG D 605 42.05 -90.61 16.09
N PRO D 606 42.85 -91.51 16.71
CA PRO D 606 42.89 -92.90 16.23
C PRO D 606 41.48 -93.53 16.12
N LEU D 607 41.33 -94.46 15.17
CA LEU D 607 40.08 -95.19 14.92
C LEU D 607 40.31 -96.71 14.90
N ASP D 608 41.04 -97.23 15.88
CA ASP D 608 41.37 -98.65 15.90
C ASP D 608 40.27 -99.50 16.52
N ARG D 609 39.19 -98.86 17.00
CA ARG D 609 38.12 -99.58 17.68
C ARG D 609 36.96 -99.80 16.73
N VAL D 610 36.28 -100.95 16.86
CA VAL D 610 35.13 -101.24 16.04
C VAL D 610 33.91 -100.53 16.61
N ASP D 611 33.80 -100.49 17.94
CA ASP D 611 32.70 -99.81 18.63
C ASP D 611 32.76 -98.28 18.54
N VAL D 612 33.93 -97.75 18.17
CA VAL D 612 34.13 -96.33 17.85
C VAL D 612 33.83 -96.08 16.38
N VAL D 613 34.50 -96.83 15.50
CA VAL D 613 34.51 -96.59 14.04
C VAL D 613 33.11 -96.65 13.43
N GLN D 614 32.37 -97.72 13.73
CA GLN D 614 31.12 -97.94 13.05
C GLN D 614 30.11 -96.81 13.31
N PRO D 615 29.87 -96.41 14.58
CA PRO D 615 28.89 -95.32 14.80
C PRO D 615 29.33 -93.95 14.28
N ALA D 616 30.63 -93.69 14.29
CA ALA D 616 31.17 -92.46 13.68
C ALA D 616 30.96 -92.48 12.16
N LEU D 617 31.32 -93.58 11.51
CA LEU D 617 31.15 -93.72 10.07
C LEU D 617 29.68 -93.65 9.68
N PHE D 618 28.82 -94.02 10.62
CA PHE D 618 27.38 -93.86 10.43
C PHE D 618 27.04 -92.37 10.41
N ALA D 619 27.55 -91.63 11.40
CA ALA D 619 27.23 -90.21 11.57
C ALA D 619 27.77 -89.30 10.45
N VAL D 620 28.98 -89.61 9.99
CA VAL D 620 29.57 -88.92 8.86
C VAL D 620 28.61 -89.05 7.70
N MSE D 621 28.37 -90.30 7.30
CA MSE D 621 27.58 -90.61 6.10
C MSE D 621 26.16 -90.00 6.13
O MSE D 621 25.70 -89.43 5.13
CB MSE D 621 27.52 -92.14 5.88
CG MSE D 621 28.87 -92.80 5.46
SE MSE D 621 28.76 -94.73 4.97
CE MSE D 621 30.57 -95.16 4.82
N VAL D 622 25.49 -90.10 7.27
CA VAL D 622 24.13 -89.58 7.45
C VAL D 622 24.13 -88.05 7.35
N SER D 623 25.20 -87.43 7.84
CA SER D 623 25.37 -85.98 7.72
C SER D 623 25.78 -85.60 6.31
N LEU D 624 26.64 -86.39 5.68
CA LEU D 624 26.95 -86.20 4.27
C LEU D 624 25.67 -86.23 3.39
N ALA D 625 24.78 -87.18 3.60
CA ALA D 625 23.56 -87.23 2.79
C ALA D 625 22.85 -85.89 2.87
N ALA D 626 22.55 -85.48 4.10
CA ALA D 626 21.88 -84.21 4.38
C ALA D 626 22.54 -82.99 3.72
N LEU D 627 23.87 -83.04 3.53
CA LEU D 627 24.62 -82.05 2.77
C LEU D 627 24.23 -82.12 1.30
N TRP D 628 24.39 -83.29 0.67
CA TRP D 628 23.89 -83.48 -0.71
C TRP D 628 22.43 -83.03 -0.86
N ARG D 629 21.62 -83.29 0.18
CA ARG D 629 20.19 -82.98 0.14
C ARG D 629 19.89 -81.52 0.37
N SER D 630 20.85 -80.78 0.88
CA SER D 630 20.73 -79.33 0.99
C SER D 630 21.03 -78.65 -0.35
N HIS D 631 21.77 -79.34 -1.23
CA HIS D 631 22.00 -78.87 -2.61
C HIS D 631 21.02 -79.52 -3.60
N GLY D 632 19.83 -79.86 -3.09
CA GLY D 632 18.77 -80.39 -3.91
C GLY D 632 19.00 -81.77 -4.52
N VAL D 633 19.91 -82.55 -3.94
CA VAL D 633 20.15 -83.92 -4.43
C VAL D 633 19.46 -84.95 -3.53
N GLU D 634 18.23 -85.29 -3.90
CA GLU D 634 17.39 -86.24 -3.15
C GLU D 634 17.52 -87.64 -3.73
N PRO D 635 17.72 -88.64 -2.87
CA PRO D 635 17.77 -89.99 -3.38
C PRO D 635 16.36 -90.50 -3.68
N ALA D 636 16.23 -91.18 -4.81
CA ALA D 636 15.01 -91.90 -5.16
C ALA D 636 15.13 -93.34 -4.68
N ALA D 637 16.37 -93.74 -4.39
CA ALA D 637 16.69 -95.05 -3.79
C ALA D 637 17.98 -94.98 -2.97
N VAL D 638 18.20 -96.00 -2.12
CA VAL D 638 19.43 -96.13 -1.32
C VAL D 638 19.88 -97.59 -1.22
N VAL D 639 21.19 -97.81 -1.21
CA VAL D 639 21.78 -99.13 -1.03
C VAL D 639 22.83 -98.98 0.04
N GLY D 640 22.92 -99.96 0.93
CA GLY D 640 23.91 -99.97 2.01
C GLY D 640 24.75 -101.24 1.98
N HIS D 641 25.94 -101.18 2.56
CA HIS D 641 26.88 -102.29 2.56
C HIS D 641 27.14 -102.66 4.00
N SER D 642 26.82 -103.90 4.37
CA SER D 642 27.00 -104.38 5.74
C SER D 642 26.43 -103.30 6.68
N GLN D 643 27.32 -102.59 7.35
CA GLN D 643 26.94 -101.54 8.29
C GLN D 643 26.20 -100.37 7.63
N GLY D 644 26.59 -100.05 6.39
CA GLY D 644 25.96 -98.95 5.66
C GLY D 644 24.46 -99.05 5.52
N GLU D 645 23.92 -100.26 5.64
CA GLU D 645 22.48 -100.42 5.62
C GLU D 645 21.83 -99.63 6.76
N ILE D 646 22.54 -99.35 7.83
CA ILE D 646 21.95 -98.62 8.95
C ILE D 646 21.75 -97.15 8.57
N ALA D 647 22.74 -96.58 7.90
CA ALA D 647 22.64 -95.22 7.40
C ALA D 647 21.55 -95.12 6.34
N ALA D 648 21.70 -95.90 5.27
CA ALA D 648 20.71 -95.93 4.22
C ALA D 648 19.30 -95.99 4.80
N ALA D 649 19.05 -96.99 5.63
CA ALA D 649 17.72 -97.20 6.20
C ALA D 649 17.21 -95.95 6.91
N HIS D 650 18.12 -95.17 7.47
CA HIS D 650 17.75 -93.95 8.15
C HIS D 650 17.53 -92.81 7.18
N VAL D 651 18.49 -92.60 6.29
CA VAL D 651 18.34 -91.63 5.20
C VAL D 651 17.02 -91.85 4.49
N ALA D 652 16.74 -93.07 4.06
CA ALA D 652 15.45 -93.44 3.43
C ALA D 652 14.23 -93.21 4.33
N GLY D 653 14.47 -92.80 5.58
CA GLY D 653 13.40 -92.57 6.52
C GLY D 653 12.62 -93.83 6.85
N ALA D 654 13.32 -94.93 7.16
CA ALA D 654 12.71 -96.14 7.74
C ALA D 654 13.07 -96.26 9.21
N LEU D 655 14.14 -95.59 9.60
CA LEU D 655 14.54 -95.55 11.00
C LEU D 655 14.60 -94.09 11.49
N THR D 656 14.23 -93.89 12.76
CA THR D 656 14.53 -92.64 13.48
C THR D 656 16.04 -92.62 13.77
N LEU D 657 16.63 -91.42 13.76
CA LEU D 657 18.04 -91.28 14.13
C LEU D 657 18.35 -92.04 15.44
N GLU D 658 17.37 -92.06 16.35
CA GLU D 658 17.54 -92.59 17.71
C GLU D 658 17.65 -94.11 17.66
N ASP D 659 16.75 -94.72 16.89
CA ASP D 659 16.80 -96.15 16.64
C ASP D 659 18.08 -96.56 15.89
N ALA D 660 18.37 -95.89 14.78
CA ALA D 660 19.57 -96.19 13.98
C ALA D 660 20.87 -96.06 14.79
N ALA D 661 20.92 -95.02 15.63
CA ALA D 661 22.10 -94.73 16.47
C ALA D 661 22.36 -95.85 17.47
N LYS D 662 21.29 -96.28 18.15
CA LYS D 662 21.33 -97.45 19.03
C LYS D 662 21.88 -98.65 18.27
N LEU D 663 21.19 -99.01 17.19
CA LEU D 663 21.57 -100.13 16.36
C LEU D 663 23.06 -100.19 16.09
N VAL D 664 23.62 -99.10 15.58
CA VAL D 664 25.03 -99.11 15.23
C VAL D 664 25.97 -99.18 16.46
N ALA D 665 25.49 -98.74 17.62
CA ALA D 665 26.26 -98.80 18.89
C ALA D 665 26.24 -100.19 19.53
N VAL D 666 25.06 -100.77 19.59
CA VAL D 666 24.85 -102.10 20.13
C VAL D 666 25.47 -103.14 19.20
N ARG D 667 25.18 -103.03 17.91
CA ARG D 667 25.79 -103.89 16.90
C ARG D 667 27.31 -103.94 17.06
N SER D 668 27.91 -102.77 17.26
CA SER D 668 29.36 -102.63 17.27
C SER D 668 29.99 -102.87 18.64
N ARG D 669 29.20 -102.79 19.71
CA ARG D 669 29.66 -103.23 21.03
C ARG D 669 29.77 -104.76 21.06
N VAL D 670 28.71 -105.40 20.60
CA VAL D 670 28.66 -106.84 20.56
C VAL D 670 29.79 -107.36 19.65
N LEU D 671 29.96 -106.73 18.48
CA LEU D 671 30.96 -107.17 17.47
C LEU D 671 32.42 -107.14 17.97
N ARG D 672 32.62 -106.56 19.15
CA ARG D 672 33.93 -106.49 19.77
C ARG D 672 34.28 -107.85 20.35
N ARG D 673 33.25 -108.64 20.66
CA ARG D 673 33.46 -109.98 21.21
C ARG D 673 34.21 -110.92 20.27
N LEU D 674 34.32 -110.56 19.00
CA LEU D 674 35.07 -111.38 18.04
C LEU D 674 36.51 -110.91 17.87
N GLY D 675 36.90 -109.87 18.60
CA GLY D 675 38.17 -109.20 18.38
C GLY D 675 39.41 -110.08 18.43
N GLY D 676 40.29 -109.90 17.45
CA GLY D 676 41.55 -110.63 17.36
C GLY D 676 41.38 -112.04 16.84
N GLN D 677 40.15 -112.41 16.46
CA GLN D 677 39.83 -113.79 16.07
C GLN D 677 39.49 -113.89 14.58
N GLY D 678 40.05 -112.98 13.79
CA GLY D 678 39.85 -112.96 12.35
C GLY D 678 40.28 -111.64 11.76
N GLY D 679 40.31 -111.62 10.43
CA GLY D 679 40.59 -110.43 9.63
C GLY D 679 39.86 -110.53 8.30
N MSE D 680 39.97 -109.49 7.47
CA MSE D 680 39.28 -109.46 6.17
C MSE D 680 40.16 -108.77 5.10
O MSE D 680 41.07 -108.01 5.43
CB MSE D 680 37.91 -108.76 6.30
CG MSE D 680 36.94 -109.38 7.32
SE MSE D 680 35.26 -108.35 7.59
CE MSE D 680 34.60 -108.26 5.71
N ALA D 681 39.88 -109.04 3.81
CA ALA D 681 40.75 -108.62 2.69
C ALA D 681 40.06 -108.66 1.32
N SER D 682 39.88 -107.50 0.67
CA SER D 682 39.25 -107.48 -0.67
C SER D 682 40.19 -108.02 -1.75
N PHE D 683 39.65 -108.76 -2.71
CA PHE D 683 40.44 -109.47 -3.74
C PHE D 683 40.00 -109.14 -5.17
N GLY D 684 40.95 -109.15 -6.10
CA GLY D 684 40.67 -109.04 -7.53
C GLY D 684 40.34 -110.37 -8.17
N LEU D 685 39.15 -110.89 -7.87
CA LEU D 685 38.58 -112.01 -8.64
C LEU D 685 37.07 -112.16 -8.35
N GLY D 686 36.39 -112.96 -9.18
CA GLY D 686 34.93 -113.10 -9.11
C GLY D 686 34.54 -114.22 -8.17
N THR D 687 33.23 -114.38 -7.94
CA THR D 687 32.70 -115.36 -6.99
C THR D 687 33.18 -116.77 -7.32
N GLU D 688 32.85 -117.27 -8.50
CA GLU D 688 33.21 -118.64 -8.87
C GLU D 688 34.71 -118.83 -8.69
N GLN D 689 35.46 -117.81 -9.06
CA GLN D 689 36.91 -117.80 -8.94
C GLN D 689 37.37 -117.94 -7.48
N ALA D 690 36.80 -117.13 -6.58
CA ALA D 690 37.15 -117.20 -5.17
C ALA D 690 36.56 -118.47 -4.57
N ALA D 691 35.30 -118.73 -4.87
CA ALA D 691 34.56 -119.91 -4.40
C ALA D 691 35.37 -121.22 -4.49
N GLU D 692 35.96 -121.46 -5.66
CA GLU D 692 36.81 -122.65 -5.83
C GLU D 692 38.20 -122.50 -5.15
N ARG D 693 38.74 -121.29 -5.16
CA ARG D 693 40.05 -121.01 -4.55
C ARG D 693 40.10 -121.14 -3.05
N ILE D 694 38.94 -121.07 -2.44
CA ILE D 694 38.80 -120.87 -1.00
C ILE D 694 38.29 -122.14 -0.29
N GLY D 695 37.55 -122.97 -1.02
CA GLY D 695 36.90 -124.15 -0.44
C GLY D 695 37.86 -125.25 -0.05
N ARG D 696 39.15 -125.03 -0.32
CA ARG D 696 40.17 -125.94 0.13
C ARG D 696 40.48 -125.76 1.62
N PHE D 697 39.99 -124.69 2.25
CA PHE D 697 40.07 -124.57 3.71
C PHE D 697 38.73 -124.86 4.38
N ALA D 698 37.98 -125.84 3.86
CA ALA D 698 36.57 -126.07 4.22
C ALA D 698 36.00 -125.27 5.42
N GLY D 699 35.41 -124.11 5.13
CA GLY D 699 34.65 -123.31 6.10
C GLY D 699 35.44 -122.22 6.81
N ALA D 700 36.76 -122.27 6.66
CA ALA D 700 37.66 -121.39 7.40
C ALA D 700 37.59 -119.99 6.89
N LEU D 701 37.26 -119.86 5.61
CA LEU D 701 37.07 -118.57 4.98
C LEU D 701 35.66 -118.54 4.43
N SER D 702 35.14 -117.33 4.24
CA SER D 702 33.82 -117.10 3.64
C SER D 702 33.89 -115.90 2.69
N ILE D 703 33.26 -116.02 1.53
CA ILE D 703 33.09 -114.85 0.66
C ILE D 703 32.09 -113.92 1.34
N ALA D 704 32.61 -112.88 2.01
CA ALA D 704 31.76 -111.99 2.80
C ALA D 704 30.87 -111.05 1.96
N SER D 705 31.37 -110.61 0.81
CA SER D 705 30.60 -109.71 -0.08
C SER D 705 31.03 -109.83 -1.55
N VAL D 706 30.07 -109.78 -2.47
CA VAL D 706 30.39 -109.73 -3.90
C VAL D 706 30.01 -108.34 -4.40
N ASN D 707 31.00 -107.58 -4.83
CA ASN D 707 30.88 -106.15 -5.05
C ASN D 707 31.00 -105.71 -6.50
N GLY D 708 31.71 -106.50 -7.28
CA GLY D 708 31.84 -106.27 -8.71
C GLY D 708 31.97 -107.61 -9.37
N PRO D 709 32.08 -107.63 -10.70
CA PRO D 709 32.33 -108.90 -11.38
C PRO D 709 33.77 -109.38 -11.13
N ARG D 710 34.69 -108.43 -10.96
CA ARG D 710 36.08 -108.73 -10.66
C ARG D 710 36.38 -108.60 -9.15
N SER D 711 35.64 -107.78 -8.42
CA SER D 711 35.97 -107.47 -7.00
C SER D 711 35.08 -108.20 -5.97
N VAL D 712 35.70 -108.81 -4.95
CA VAL D 712 35.02 -109.63 -3.93
C VAL D 712 35.76 -109.51 -2.56
N VAL D 713 35.04 -109.54 -1.42
CA VAL D 713 35.69 -109.51 -0.09
C VAL D 713 35.64 -110.89 0.56
N VAL D 714 36.71 -111.25 1.27
CA VAL D 714 36.86 -112.57 1.90
C VAL D 714 37.17 -112.45 3.40
N ALA D 715 36.53 -113.30 4.20
CA ALA D 715 36.64 -113.26 5.65
C ALA D 715 36.90 -114.66 6.21
N GLY D 716 37.90 -114.77 7.09
CA GLY D 716 38.25 -116.02 7.72
C GLY D 716 39.24 -115.85 8.84
N GLU D 717 39.97 -116.91 9.15
CA GLU D 717 40.91 -116.88 10.27
C GLU D 717 42.24 -116.39 9.74
N SER D 718 42.80 -115.36 10.38
CA SER D 718 44.19 -114.98 10.07
C SER D 718 44.99 -116.26 10.27
N GLY D 719 45.70 -116.63 9.23
CA GLY D 719 46.20 -118.00 9.08
C GLY D 719 45.74 -118.42 7.69
N PRO D 720 44.62 -119.19 7.61
CA PRO D 720 44.01 -119.50 6.31
C PRO D 720 43.82 -118.29 5.38
N LEU D 721 43.68 -117.08 5.94
CA LEU D 721 43.57 -115.86 5.14
C LEU D 721 44.91 -115.39 4.56
N ASP D 722 45.98 -115.59 5.32
CA ASP D 722 47.33 -115.15 4.92
C ASP D 722 47.87 -115.99 3.76
N GLU D 723 47.73 -117.31 3.86
CA GLU D 723 48.10 -118.22 2.78
C GLU D 723 47.38 -117.84 1.47
N LEU D 724 46.16 -117.33 1.59
CA LEU D 724 45.39 -116.89 0.43
C LEU D 724 45.93 -115.58 -0.13
N ILE D 725 46.18 -114.61 0.74
CA ILE D 725 46.79 -113.33 0.37
C ILE D 725 48.17 -113.53 -0.27
N ALA D 726 49.05 -114.23 0.44
CA ALA D 726 50.38 -114.53 -0.05
C ALA D 726 50.34 -115.22 -1.41
N GLU D 727 49.44 -116.19 -1.58
CA GLU D 727 49.31 -116.95 -2.83
C GLU D 727 48.87 -116.07 -4.01
N CYS D 728 48.17 -114.98 -3.72
CA CYS D 728 47.64 -114.08 -4.76
C CYS D 728 48.70 -113.15 -5.34
N GLU D 729 49.53 -112.60 -4.47
CA GLU D 729 50.68 -111.81 -4.89
C GLU D 729 51.71 -112.65 -5.64
N ALA D 730 51.82 -113.93 -5.31
CA ALA D 730 52.60 -114.86 -6.12
C ALA D 730 52.08 -114.97 -7.56
N GLU D 731 50.79 -114.72 -7.75
CA GLU D 731 50.17 -114.74 -9.09
C GLU D 731 49.62 -113.38 -9.50
N ALA D 732 50.17 -112.31 -8.91
CA ALA D 732 49.86 -110.93 -9.31
C ALA D 732 48.38 -110.51 -9.19
N HIS D 733 47.63 -111.17 -8.30
CA HIS D 733 46.21 -110.84 -8.06
C HIS D 733 46.08 -109.74 -7.00
N LYS D 734 45.19 -108.78 -7.23
CA LYS D 734 44.91 -107.74 -6.25
C LYS D 734 44.53 -108.44 -4.93
N ALA D 735 45.02 -107.94 -3.80
CA ALA D 735 44.77 -108.59 -2.51
C ALA D 735 45.09 -107.67 -1.34
N ARG D 736 44.08 -106.92 -0.87
CA ARG D 736 44.30 -105.83 0.10
C ARG D 736 43.67 -106.02 1.49
N ARG D 737 44.53 -106.17 2.51
CA ARG D 737 44.10 -106.32 3.92
C ARG D 737 43.29 -105.13 4.45
N ILE D 738 42.01 -105.37 4.76
CA ILE D 738 41.12 -104.34 5.33
C ILE D 738 41.48 -104.19 6.81
N PRO D 739 41.72 -102.95 7.31
CA PRO D 739 42.29 -102.84 8.65
C PRO D 739 41.20 -103.07 9.70
N VAL D 740 40.98 -104.34 10.04
CA VAL D 740 39.85 -104.74 10.86
C VAL D 740 40.16 -105.97 11.71
N ASP D 741 39.49 -106.01 12.86
CA ASP D 741 39.87 -106.83 14.02
C ASP D 741 39.19 -108.21 14.12
N TYR D 742 38.31 -108.52 13.19
CA TYR D 742 37.44 -109.67 13.31
C TYR D 742 37.15 -110.21 11.91
N ALA D 743 36.23 -111.17 11.81
CA ALA D 743 35.79 -111.72 10.51
C ALA D 743 34.25 -111.84 10.39
N SER D 744 33.57 -110.78 9.93
CA SER D 744 32.10 -110.77 9.81
C SER D 744 31.61 -111.53 8.59
N HIS D 745 30.28 -111.63 8.46
CA HIS D 745 29.65 -112.33 7.37
C HIS D 745 30.28 -113.71 7.18
N SER D 746 30.46 -114.41 8.31
CA SER D 746 31.00 -115.76 8.37
C SER D 746 30.40 -116.47 9.58
N PRO D 747 30.57 -117.81 9.64
CA PRO D 747 30.04 -118.65 10.74
C PRO D 747 30.39 -118.18 12.16
N GLN D 748 31.43 -117.35 12.28
CA GLN D 748 31.89 -116.85 13.59
C GLN D 748 30.89 -115.95 14.28
N VAL D 749 29.82 -115.60 13.59
CA VAL D 749 28.86 -114.63 14.09
C VAL D 749 27.76 -115.27 14.94
N GLU D 750 27.49 -116.55 14.69
CA GLU D 750 26.42 -117.26 15.38
C GLU D 750 26.52 -117.15 16.91
N SER D 751 27.73 -116.87 17.42
CA SER D 751 27.96 -116.66 18.85
C SER D 751 27.27 -115.41 19.36
N LEU D 752 27.13 -114.44 18.50
CA LEU D 752 26.50 -113.18 18.86
C LEU D 752 24.98 -113.24 18.80
N ARG D 753 24.43 -114.24 18.11
CA ARG D 753 23.04 -114.17 17.75
C ARG D 753 22.16 -113.77 18.92
N GLU D 754 22.39 -114.37 20.08
CA GLU D 754 21.47 -114.20 21.20
C GLU D 754 21.52 -112.79 21.78
N GLU D 755 22.73 -112.27 21.94
CA GLU D 755 22.93 -110.92 22.48
C GLU D 755 22.26 -109.87 21.59
N LEU D 756 22.63 -109.85 20.31
CA LEU D 756 22.07 -108.91 19.36
C LEU D 756 20.54 -108.86 19.46
N LEU D 757 19.92 -110.00 19.19
CA LEU D 757 18.47 -110.13 19.26
C LEU D 757 17.89 -109.62 20.58
N THR D 758 18.59 -109.86 21.68
CA THR D 758 18.11 -109.41 22.99
C THR D 758 18.00 -107.90 22.99
N GLU D 759 19.12 -107.20 23.03
CA GLU D 759 19.09 -105.74 23.22
C GLU D 759 19.04 -104.90 21.95
N LEU D 760 18.69 -105.51 20.83
CA LEU D 760 18.18 -104.73 19.70
C LEU D 760 16.66 -104.72 19.70
N ALA D 761 16.05 -105.61 20.49
CA ALA D 761 14.60 -105.75 20.48
C ALA D 761 13.92 -104.43 20.82
N GLY D 762 12.70 -104.27 20.34
CA GLY D 762 11.98 -103.02 20.48
C GLY D 762 12.45 -101.94 19.51
N ILE D 763 13.12 -102.34 18.42
CA ILE D 763 13.46 -101.40 17.34
C ILE D 763 12.18 -101.17 16.53
N SER D 764 11.99 -99.94 16.03
CA SER D 764 10.72 -99.52 15.38
C SER D 764 10.88 -99.13 13.90
N PRO D 765 10.94 -100.13 13.00
CA PRO D 765 11.02 -99.84 11.58
C PRO D 765 9.67 -99.45 11.02
N VAL D 766 9.68 -98.70 9.91
CA VAL D 766 8.44 -98.25 9.25
C VAL D 766 8.64 -98.25 7.72
N SER D 767 7.55 -98.45 6.97
CA SER D 767 7.56 -98.27 5.50
C SER D 767 8.09 -96.87 5.13
N ALA D 768 8.98 -96.82 4.14
CA ALA D 768 9.73 -95.61 3.79
C ALA D 768 9.21 -94.98 2.49
N ASP D 769 9.61 -93.72 2.30
CA ASP D 769 9.23 -92.91 1.14
C ASP D 769 10.08 -93.31 -0.06
N VAL D 770 11.30 -93.74 0.25
CA VAL D 770 12.36 -94.04 -0.71
C VAL D 770 12.56 -95.56 -0.84
N ALA D 771 12.98 -96.03 -2.02
CA ALA D 771 13.28 -97.45 -2.22
C ALA D 771 14.51 -97.83 -1.42
N LEU D 772 14.55 -99.07 -0.94
CA LEU D 772 15.72 -99.63 -0.28
C LEU D 772 15.99 -100.93 -0.98
N TYR D 773 17.11 -100.99 -1.68
CA TYR D 773 17.52 -102.22 -2.30
C TYR D 773 18.42 -102.92 -1.32
N SER D 774 17.92 -104.00 -0.74
CA SER D 774 18.59 -104.70 0.34
C SER D 774 19.65 -105.63 -0.21
N THR D 775 20.80 -105.59 0.44
CA THR D 775 21.88 -106.52 0.18
C THR D 775 21.85 -107.69 1.17
N THR D 776 21.11 -107.57 2.27
CA THR D 776 20.82 -108.73 3.12
C THR D 776 19.97 -109.75 2.37
N THR D 777 18.81 -109.26 1.91
CA THR D 777 17.91 -110.04 1.05
C THR D 777 18.46 -110.17 -0.37
N GLY D 778 18.50 -109.07 -1.11
CA GLY D 778 18.86 -109.13 -2.52
C GLY D 778 17.82 -108.46 -3.37
N GLN D 779 16.59 -108.36 -2.87
CA GLN D 779 15.53 -107.62 -3.54
C GLN D 779 15.44 -106.25 -2.94
N PRO D 780 14.65 -105.35 -3.56
CA PRO D 780 14.19 -104.20 -2.80
C PRO D 780 13.27 -104.74 -1.76
N ILE D 781 12.97 -103.96 -0.72
CA ILE D 781 12.14 -104.46 0.36
C ILE D 781 11.13 -103.43 0.87
N ASP D 782 10.14 -103.90 1.62
CA ASP D 782 9.34 -103.02 2.45
C ASP D 782 10.15 -102.79 3.71
N THR D 783 10.50 -101.54 3.98
CA THR D 783 11.41 -101.26 5.06
C THR D 783 10.84 -101.65 6.43
N ALA D 784 9.51 -101.74 6.54
CA ALA D 784 8.89 -102.28 7.74
C ALA D 784 9.46 -103.65 8.06
N THR D 785 9.99 -104.35 7.06
CA THR D 785 10.66 -105.64 7.23
C THR D 785 11.82 -105.62 8.21
N MSE D 786 12.46 -104.47 8.45
CA MSE D 786 13.78 -104.48 9.09
C MSE D 786 13.78 -104.66 10.63
O MSE D 786 14.26 -103.82 11.37
CB MSE D 786 14.56 -103.23 8.65
CG MSE D 786 14.70 -103.10 7.12
SE MSE D 786 15.65 -101.52 6.46
CE MSE D 786 17.38 -102.25 6.06
N ASP D 787 13.27 -105.80 11.08
CA ASP D 787 13.21 -106.14 12.50
C ASP D 787 14.55 -106.73 12.95
N THR D 788 14.66 -107.07 14.24
CA THR D 788 15.91 -107.59 14.80
C THR D 788 16.38 -108.83 14.07
N ALA D 789 15.44 -109.72 13.75
CA ALA D 789 15.75 -110.85 12.91
C ALA D 789 16.56 -110.37 11.72
N TYR D 790 16.10 -109.30 11.07
CA TYR D 790 16.73 -108.81 9.83
C TYR D 790 18.14 -108.29 10.05
N TRP D 791 18.33 -107.58 11.16
CA TRP D 791 19.62 -106.99 11.45
C TRP D 791 20.68 -108.01 11.82
N TYR D 792 20.27 -109.14 12.41
CA TYR D 792 21.21 -110.24 12.59
C TYR D 792 21.72 -110.77 11.25
N ALA D 793 20.81 -110.86 10.27
CA ALA D 793 21.13 -111.41 8.94
C ALA D 793 22.09 -110.51 8.18
N ASN D 794 21.95 -109.22 8.40
CA ASN D 794 22.85 -108.25 7.81
C ASN D 794 24.30 -108.45 8.22
N LEU D 795 24.50 -108.93 9.45
CA LEU D 795 25.84 -109.22 9.97
C LEU D 795 26.36 -110.61 9.57
N ARG D 796 25.45 -111.57 9.50
CA ARG D 796 25.79 -112.99 9.27
C ARG D 796 25.98 -113.34 7.80
N GLU D 797 25.17 -112.74 6.93
CA GLU D 797 25.04 -113.22 5.54
C GLU D 797 25.93 -112.44 4.54
N GLN D 798 26.28 -113.13 3.45
CA GLN D 798 27.02 -112.54 2.33
C GLN D 798 26.26 -111.35 1.83
N VAL D 799 26.97 -110.32 1.38
CA VAL D 799 26.33 -109.05 1.08
C VAL D 799 25.57 -108.99 -0.27
N ARG D 800 26.19 -109.39 -1.38
CA ARG D 800 25.48 -109.36 -2.68
C ARG D 800 25.14 -107.91 -3.06
N PHE D 801 26.17 -107.16 -3.35
CA PHE D 801 26.06 -105.76 -3.68
C PHE D 801 25.93 -105.70 -5.18
N GLN D 802 26.83 -106.40 -5.86
CA GLN D 802 26.72 -106.59 -7.30
C GLN D 802 25.29 -106.96 -7.71
N ASP D 803 24.59 -107.72 -6.88
CA ASP D 803 23.20 -108.05 -7.17
C ASP D 803 22.34 -106.81 -7.07
N ALA D 804 22.49 -106.05 -5.99
CA ALA D 804 21.67 -104.86 -5.78
C ALA D 804 21.96 -103.77 -6.80
N THR D 805 23.23 -103.64 -7.20
CA THR D 805 23.61 -102.65 -8.20
C THR D 805 22.84 -102.92 -9.48
N ARG D 806 22.85 -104.18 -9.91
CA ARG D 806 22.24 -104.58 -11.17
C ARG D 806 20.72 -104.35 -11.18
N GLN D 807 20.07 -104.63 -10.06
CA GLN D 807 18.65 -104.36 -9.90
C GLN D 807 18.31 -102.89 -10.05
N LEU D 808 19.23 -102.02 -9.65
CA LEU D 808 19.07 -100.57 -9.83
C LEU D 808 19.29 -100.12 -11.28
N ALA D 809 20.23 -100.76 -11.96
CA ALA D 809 20.44 -100.52 -13.38
C ALA D 809 19.20 -100.95 -14.16
N GLU D 810 18.68 -102.14 -13.87
CA GLU D 810 17.48 -102.61 -14.57
C GLU D 810 16.27 -101.73 -14.24
N ALA D 811 16.23 -101.18 -13.03
CA ALA D 811 15.14 -100.29 -12.61
C ALA D 811 15.25 -98.90 -13.21
N GLY D 812 16.29 -98.68 -14.02
CA GLY D 812 16.50 -97.43 -14.74
C GLY D 812 17.21 -96.31 -13.99
N PHE D 813 18.07 -96.67 -13.04
CA PHE D 813 18.81 -95.67 -12.32
C PHE D 813 20.13 -95.42 -13.04
N ASP D 814 20.55 -94.17 -13.07
CA ASP D 814 21.67 -93.72 -13.94
C ASP D 814 22.70 -92.79 -13.26
N ALA D 815 22.45 -92.45 -12.00
CA ALA D 815 23.32 -91.60 -11.21
C ALA D 815 23.56 -92.27 -9.87
N PHE D 816 24.79 -92.69 -9.63
CA PHE D 816 25.16 -93.31 -8.34
C PHE D 816 26.11 -92.43 -7.53
N VAL D 817 25.62 -91.96 -6.40
CA VAL D 817 26.32 -91.05 -5.52
C VAL D 817 26.87 -91.86 -4.38
N GLU D 818 28.19 -92.05 -4.32
CA GLU D 818 28.77 -92.80 -3.21
C GLU D 818 28.93 -91.83 -2.06
N VAL D 819 28.15 -92.00 -1.01
CA VAL D 819 28.06 -91.00 0.06
C VAL D 819 29.09 -91.32 1.16
N SER D 820 30.33 -91.57 0.79
CA SER D 820 31.34 -92.04 1.72
C SER D 820 32.51 -91.08 1.83
N PRO D 821 33.20 -91.12 2.97
CA PRO D 821 34.47 -90.42 3.16
C PRO D 821 35.60 -90.79 2.22
N HIS D 822 35.49 -91.87 1.47
CA HIS D 822 36.51 -92.23 0.49
C HIS D 822 35.89 -93.22 -0.45
N PRO D 823 36.03 -93.01 -1.76
CA PRO D 823 35.25 -93.86 -2.66
C PRO D 823 35.88 -95.24 -2.69
N VAL D 824 35.07 -96.28 -2.62
CA VAL D 824 35.56 -97.66 -2.50
C VAL D 824 34.77 -98.65 -3.38
N LEU D 825 33.44 -98.55 -3.35
CA LEU D 825 32.59 -99.37 -4.21
C LEU D 825 32.54 -98.86 -5.66
N THR D 826 32.83 -97.55 -5.85
CA THR D 826 32.81 -96.85 -7.14
C THR D 826 33.29 -97.68 -8.33
N VAL D 827 34.52 -98.20 -8.19
CA VAL D 827 35.21 -98.95 -9.24
C VAL D 827 34.41 -100.16 -9.74
N GLY D 828 33.93 -100.95 -8.78
CA GLY D 828 33.10 -102.12 -9.07
C GLY D 828 31.82 -101.71 -9.76
N ILE D 829 31.09 -100.78 -9.16
CA ILE D 829 29.81 -100.30 -9.70
C ILE D 829 29.98 -100.10 -11.21
N GLU D 830 31.04 -99.36 -11.57
CA GLU D 830 31.36 -99.07 -12.97
C GLU D 830 31.77 -100.31 -13.75
N ALA D 831 32.39 -101.29 -13.10
CA ALA D 831 32.63 -102.58 -13.74
C ALA D 831 31.33 -103.40 -13.89
N THR D 832 30.50 -103.38 -12.86
CA THR D 832 29.20 -104.07 -12.87
C THR D 832 28.32 -103.45 -13.93
N LEU D 833 28.29 -102.12 -13.95
CA LEU D 833 27.48 -101.38 -14.93
C LEU D 833 27.95 -101.61 -16.36
N ASP D 834 29.27 -101.61 -16.58
CA ASP D 834 29.82 -101.97 -17.89
C ASP D 834 29.10 -103.19 -18.40
N SER D 835 29.08 -104.22 -17.57
CA SER D 835 28.43 -105.47 -17.92
C SER D 835 26.93 -105.28 -18.29
N ALA D 836 26.11 -104.86 -17.32
CA ALA D 836 24.65 -104.96 -17.45
C ALA D 836 23.96 -103.65 -17.82
N LEU D 837 24.61 -102.85 -18.66
CA LEU D 837 23.96 -101.73 -19.40
C LEU D 837 24.49 -101.69 -20.85
N PRO D 838 23.67 -101.15 -21.81
CA PRO D 838 24.21 -100.89 -23.15
C PRO D 838 25.54 -100.13 -23.08
N ALA D 839 26.57 -100.70 -23.71
CA ALA D 839 27.92 -100.16 -23.65
C ALA D 839 27.94 -98.77 -24.28
N ASP D 840 28.68 -97.85 -23.67
CA ASP D 840 28.71 -96.41 -24.06
C ASP D 840 27.34 -95.74 -23.95
N ALA D 841 26.63 -96.04 -22.87
CA ALA D 841 25.37 -95.37 -22.55
C ALA D 841 25.49 -94.74 -21.17
N GLY D 842 25.97 -93.50 -21.15
CA GLY D 842 25.85 -92.61 -20.00
C GLY D 842 26.36 -93.11 -18.65
N ALA D 843 25.45 -93.68 -17.85
CA ALA D 843 25.72 -94.22 -16.51
C ALA D 843 26.75 -93.41 -15.73
N CYS D 844 26.27 -92.64 -14.78
CA CYS D 844 27.14 -91.77 -14.03
C CYS D 844 27.33 -92.25 -12.59
N VAL D 845 28.61 -92.35 -12.17
CA VAL D 845 28.99 -92.86 -10.83
C VAL D 845 29.96 -91.89 -10.14
N VAL D 846 29.63 -91.47 -8.93
CA VAL D 846 30.35 -90.39 -8.29
C VAL D 846 30.52 -90.65 -6.80
N GLY D 847 31.67 -90.24 -6.27
CA GLY D 847 31.96 -90.30 -4.84
C GLY D 847 31.75 -88.96 -4.20
N THR D 848 32.12 -88.83 -2.93
CA THR D 848 31.99 -87.58 -2.22
C THR D 848 33.36 -87.07 -1.77
N LEU D 849 33.85 -87.50 -0.60
CA LEU D 849 35.18 -87.13 -0.13
C LEU D 849 36.18 -88.20 -0.46
N ARG D 850 37.42 -87.79 -0.69
CA ARG D 850 38.51 -88.72 -0.82
C ARG D 850 39.38 -88.55 0.44
N ARG D 851 40.29 -89.51 0.64
CA ARG D 851 41.28 -89.48 1.71
C ARG D 851 42.11 -88.19 1.68
N ASP D 852 42.25 -87.58 2.86
CA ASP D 852 42.97 -86.31 3.09
C ASP D 852 42.43 -85.16 2.22
N ARG D 853 41.15 -85.31 1.86
CA ARG D 853 40.46 -84.42 0.95
C ARG D 853 39.04 -84.23 1.49
N GLY D 854 38.92 -83.83 2.77
CA GLY D 854 37.63 -83.59 3.42
C GLY D 854 37.28 -82.14 3.20
N GLY D 855 36.28 -81.63 3.90
CA GLY D 855 35.97 -80.18 3.80
C GLY D 855 35.26 -79.71 2.53
N LEU D 856 34.89 -78.43 2.52
CA LEU D 856 33.88 -77.91 1.58
C LEU D 856 34.29 -77.91 0.12
N ALA D 857 35.53 -77.53 -0.15
CA ALA D 857 36.02 -77.47 -1.54
C ALA D 857 35.88 -78.84 -2.20
N ASP D 858 36.33 -79.86 -1.47
CA ASP D 858 36.38 -81.22 -1.97
C ASP D 858 34.96 -81.83 -2.08
N PHE D 859 34.02 -81.25 -1.33
CA PHE D 859 32.60 -81.58 -1.48
C PHE D 859 32.00 -80.84 -2.69
N HIS D 860 32.41 -79.60 -2.91
CA HIS D 860 32.01 -78.86 -4.10
C HIS D 860 32.60 -79.50 -5.36
N THR D 861 33.84 -79.99 -5.29
CA THR D 861 34.45 -80.68 -6.44
C THR D 861 33.71 -81.95 -6.82
N ALA D 862 33.18 -82.66 -5.81
CA ALA D 862 32.32 -83.81 -6.06
C ALA D 862 30.92 -83.41 -6.58
N LEU D 863 30.34 -82.33 -6.03
CA LEU D 863 29.11 -81.76 -6.58
C LEU D 863 29.26 -81.48 -8.06
N GLY D 864 30.43 -80.95 -8.41
CA GLY D 864 30.76 -80.65 -9.78
C GLY D 864 30.87 -81.87 -10.66
N GLU D 865 31.44 -82.97 -10.14
CA GLU D 865 31.47 -84.24 -10.88
C GLU D 865 30.05 -84.62 -11.25
N ALA D 866 29.12 -84.41 -10.31
CA ALA D 866 27.73 -84.79 -10.47
C ALA D 866 27.05 -83.87 -11.47
N TYR D 867 27.22 -82.58 -11.25
CA TYR D 867 26.68 -81.57 -12.16
C TYR D 867 27.25 -81.73 -13.56
N ALA D 868 28.56 -81.90 -13.70
CA ALA D 868 29.18 -81.97 -15.03
C ALA D 868 28.55 -83.00 -15.97
N GLN D 869 27.90 -84.01 -15.38
CA GLN D 869 27.22 -85.08 -16.14
C GLN D 869 25.72 -85.23 -15.79
N GLY D 870 25.04 -84.14 -15.50
CA GLY D 870 23.58 -84.12 -15.54
C GLY D 870 22.82 -84.15 -14.24
N VAL D 871 23.47 -84.47 -13.13
CA VAL D 871 22.74 -84.46 -11.87
C VAL D 871 22.27 -83.02 -11.59
N GLU D 872 21.00 -82.89 -11.18
CA GLU D 872 20.41 -81.59 -10.91
C GLU D 872 20.90 -81.10 -9.57
N VAL D 873 21.64 -80.01 -9.58
CA VAL D 873 22.29 -79.54 -8.37
C VAL D 873 21.88 -78.12 -8.10
N ASP D 874 21.32 -77.86 -6.92
CA ASP D 874 21.10 -76.49 -6.48
C ASP D 874 22.41 -75.99 -5.92
N TRP D 875 22.97 -74.92 -6.48
CA TRP D 875 24.23 -74.39 -5.97
C TRP D 875 24.07 -73.36 -4.87
N SER D 876 22.84 -72.87 -4.70
CA SER D 876 22.61 -71.66 -3.89
C SER D 876 23.33 -71.66 -2.55
N PRO D 877 23.13 -72.71 -1.72
CA PRO D 877 23.74 -72.70 -0.40
C PRO D 877 25.18 -72.19 -0.37
N ALA D 878 25.93 -72.46 -1.44
CA ALA D 878 27.33 -72.01 -1.54
C ALA D 878 27.51 -70.48 -1.63
N PHE D 879 26.45 -69.74 -1.93
CA PHE D 879 26.60 -68.33 -2.17
C PHE D 879 25.67 -67.55 -1.24
N ALA D 880 26.07 -67.50 0.02
CA ALA D 880 25.38 -66.69 1.00
C ALA D 880 25.60 -65.22 0.70
N ASP D 881 24.50 -64.50 0.43
CA ASP D 881 24.49 -63.03 0.24
C ASP D 881 25.23 -62.59 -1.02
N ALA D 882 25.02 -63.33 -2.11
CA ALA D 882 25.73 -63.11 -3.35
C ALA D 882 24.83 -62.33 -4.27
N ARG D 883 25.32 -61.22 -4.79
CA ARG D 883 24.56 -60.50 -5.80
C ARG D 883 24.96 -60.94 -7.21
N PRO D 884 24.09 -60.70 -8.21
CA PRO D 884 24.51 -60.94 -9.56
C PRO D 884 25.40 -59.81 -10.08
N VAL D 885 26.19 -60.11 -11.10
CA VAL D 885 27.13 -59.17 -11.69
C VAL D 885 27.22 -59.49 -13.17
N GLU D 886 27.63 -58.55 -14.00
CA GLU D 886 27.59 -58.80 -15.44
C GLU D 886 28.79 -59.64 -15.89
N LEU D 887 28.51 -60.67 -16.66
CA LEU D 887 29.54 -61.56 -17.13
C LEU D 887 29.58 -61.50 -18.62
N PRO D 888 30.63 -62.03 -19.22
CA PRO D 888 30.61 -62.16 -20.66
C PRO D 888 29.41 -62.99 -21.12
N VAL D 889 29.17 -62.95 -22.42
CA VAL D 889 28.01 -63.53 -23.06
C VAL D 889 28.45 -64.80 -23.79
N TYR D 890 27.53 -65.69 -24.13
CA TYR D 890 27.90 -66.95 -24.80
C TYR D 890 28.74 -66.73 -26.10
N PRO D 891 29.87 -67.45 -26.25
CA PRO D 891 30.75 -67.33 -27.42
C PRO D 891 30.29 -68.19 -28.60
N PHE D 892 29.46 -67.59 -29.45
CA PHE D 892 28.81 -68.32 -30.54
C PHE D 892 29.82 -69.01 -31.46
N GLN D 893 29.54 -70.28 -31.73
CA GLN D 893 30.40 -71.13 -32.55
C GLN D 893 29.85 -71.05 -33.97
N ARG D 894 30.40 -70.08 -34.72
CA ARG D 894 29.81 -69.58 -35.96
C ARG D 894 30.36 -70.20 -37.23
N GLN D 895 29.55 -70.17 -38.28
CA GLN D 895 29.99 -70.48 -39.62
C GLN D 895 29.33 -69.54 -40.59
N ARG D 896 30.04 -69.26 -41.68
CA ARG D 896 29.55 -68.33 -42.69
C ARG D 896 28.57 -69.05 -43.62
N TYR D 897 27.38 -68.46 -43.78
CA TYR D 897 26.39 -68.91 -44.77
C TYR D 897 26.13 -67.71 -45.64
N TRP D 898 26.13 -67.90 -46.97
CA TRP D 898 25.86 -66.80 -47.88
C TRP D 898 25.36 -67.27 -49.22
N LEU D 899 24.22 -66.75 -49.64
CA LEU D 899 23.66 -67.04 -50.95
C LEU D 899 23.79 -65.79 -51.79
N PRO D 900 24.56 -65.85 -52.88
CA PRO D 900 24.80 -64.64 -53.64
C PRO D 900 23.63 -64.32 -54.57
N ILE D 901 23.82 -63.36 -55.47
CA ILE D 901 22.83 -63.01 -56.50
C ILE D 901 23.46 -62.98 -57.92
N LEU E 16 -51.09 9.10 34.00
CA LEU E 16 -50.01 9.51 33.06
C LEU E 16 -48.95 8.42 32.93
N LYS E 17 -48.97 7.44 33.82
CA LYS E 17 -48.09 6.25 33.71
C LYS E 17 -48.34 5.48 32.39
N ARG E 18 -49.48 5.73 31.74
CA ARG E 18 -49.75 5.19 30.41
C ARG E 18 -48.96 5.99 29.38
N THR E 19 -49.32 7.26 29.20
CA THR E 19 -48.56 8.21 28.37
C THR E 19 -47.07 8.00 28.57
N VAL E 20 -46.63 8.23 29.81
CA VAL E 20 -45.22 8.18 30.12
C VAL E 20 -44.61 6.87 29.61
N THR E 21 -45.17 5.71 29.99
CA THR E 21 -44.60 4.42 29.58
C THR E 21 -44.52 4.26 28.04
N GLU E 22 -45.02 5.25 27.30
CA GLU E 22 -44.96 5.24 25.84
C GLU E 22 -44.20 6.42 25.19
N LEU E 23 -44.36 7.64 25.72
CA LEU E 23 -43.55 8.79 25.27
C LEU E 23 -42.09 8.33 25.19
N ASP E 24 -41.67 7.55 26.19
CA ASP E 24 -40.38 6.87 26.14
C ASP E 24 -40.28 5.97 24.89
N SER E 25 -41.01 4.85 24.90
CA SER E 25 -40.91 3.84 23.84
C SER E 25 -40.94 4.39 22.40
N VAL E 26 -41.92 5.22 22.08
CA VAL E 26 -41.99 5.85 20.76
C VAL E 26 -40.72 6.69 20.50
N THR E 27 -40.40 7.65 21.40
CA THR E 27 -39.23 8.56 21.22
C THR E 27 -37.90 7.84 20.98
N ALA E 28 -37.66 6.78 21.75
CA ALA E 28 -36.44 5.99 21.63
C ALA E 28 -36.44 5.15 20.37
N ARG E 29 -37.64 4.95 19.81
CA ARG E 29 -37.79 4.31 18.50
C ARG E 29 -37.56 5.29 17.37
N LEU E 30 -38.07 6.51 17.51
CA LEU E 30 -37.79 7.58 16.56
C LEU E 30 -36.28 7.65 16.42
N ARG E 31 -35.60 7.65 17.55
CA ARG E 31 -34.15 7.67 17.57
C ARG E 31 -33.48 6.48 16.93
N GLU E 32 -33.73 5.27 17.44
CA GLU E 32 -33.07 4.09 16.90
C GLU E 32 -33.17 4.14 15.37
N VAL E 33 -34.37 4.46 14.88
CA VAL E 33 -34.64 4.56 13.45
C VAL E 33 -33.81 5.62 12.74
N GLU E 34 -33.80 6.84 13.25
CA GLU E 34 -33.03 7.91 12.65
C GLU E 34 -31.54 7.64 12.78
N HIS E 35 -31.15 6.88 13.81
CA HIS E 35 -29.74 6.61 14.09
C HIS E 35 -29.19 5.56 13.18
N ARG E 36 -29.95 4.51 12.98
CA ARG E 36 -29.51 3.43 12.12
C ARG E 36 -29.37 3.90 10.69
N ALA E 37 -30.21 4.88 10.33
CA ALA E 37 -30.30 5.36 8.96
C ALA E 37 -29.12 6.25 8.54
N GLY E 38 -28.43 6.86 9.51
CA GLY E 38 -27.19 7.60 9.22
C GLY E 38 -26.02 7.05 10.00
N GLU E 39 -26.10 5.78 10.38
CA GLU E 39 -25.12 5.19 11.30
C GLU E 39 -23.79 5.10 10.61
N PRO E 40 -22.73 5.57 11.26
CA PRO E 40 -21.40 5.41 10.66
C PRO E 40 -21.01 3.96 10.41
N ILE E 41 -20.30 3.72 9.32
CA ILE E 41 -19.95 2.38 8.92
C ILE E 41 -18.48 2.22 9.15
N ALA E 42 -18.08 1.28 10.02
CA ALA E 42 -16.67 1.06 10.34
C ALA E 42 -15.97 0.30 9.22
N ILE E 43 -14.82 0.81 8.78
CA ILE E 43 -13.92 0.00 7.97
C ILE E 43 -13.16 -0.86 8.96
N VAL E 44 -13.28 -2.16 8.77
CA VAL E 44 -12.95 -3.10 9.82
C VAL E 44 -11.78 -4.02 9.38
N GLY E 45 -11.42 -3.97 8.09
CA GLY E 45 -10.29 -4.71 7.50
C GLY E 45 -10.11 -4.33 6.04
N MSE E 46 -8.93 -4.57 5.47
CA MSE E 46 -8.68 -4.22 4.05
C MSE E 46 -7.64 -5.14 3.44
O MSE E 46 -6.89 -5.81 4.13
CB MSE E 46 -8.20 -2.77 3.84
CG MSE E 46 -8.14 -1.83 5.05
SE MSE E 46 -7.78 0.08 4.58
CE MSE E 46 -9.24 0.31 3.49
N ALA E 47 -7.60 -5.14 2.11
CA ALA E 47 -6.57 -5.86 1.37
C ALA E 47 -6.46 -5.26 -0.03
N CYS E 48 -5.28 -5.29 -0.62
CA CYS E 48 -5.10 -4.71 -1.94
C CYS E 48 -4.08 -5.43 -2.78
N ARG E 49 -3.96 -4.97 -4.02
CA ARG E 49 -2.98 -5.48 -4.95
C ARG E 49 -2.75 -4.32 -5.90
N PHE E 50 -1.65 -3.58 -5.71
CA PHE E 50 -1.38 -2.34 -6.47
C PHE E 50 0.00 -2.36 -7.11
N PRO E 51 0.24 -1.47 -8.09
CA PRO E 51 1.58 -1.35 -8.68
C PRO E 51 2.66 -0.97 -7.67
N GLY E 52 3.91 -1.10 -8.09
CA GLY E 52 5.05 -1.00 -7.18
C GLY E 52 5.22 -2.24 -6.33
N ASP E 53 4.59 -3.35 -6.72
CA ASP E 53 4.58 -4.58 -5.91
C ASP E 53 3.94 -4.38 -4.54
N VAL E 54 2.64 -4.11 -4.48
CA VAL E 54 1.98 -3.86 -3.20
C VAL E 54 0.92 -4.89 -3.01
N ASP E 55 0.84 -5.45 -1.80
CA ASP E 55 -0.17 -6.47 -1.51
C ASP E 55 -0.81 -6.40 -0.11
N SER E 56 -0.39 -5.43 0.70
CA SER E 56 -1.02 -5.24 2.01
C SER E 56 -1.25 -3.77 2.22
N PRO E 57 -2.05 -3.42 3.24
CA PRO E 57 -2.09 -2.05 3.71
C PRO E 57 -0.78 -1.59 4.36
N GLU E 58 -0.05 -2.50 5.00
CA GLU E 58 1.22 -2.13 5.58
C GLU E 58 2.17 -1.72 4.46
N SER E 59 2.11 -2.43 3.34
CA SER E 59 3.05 -2.25 2.22
C SER E 59 2.69 -1.06 1.35
N PHE E 60 1.40 -0.81 1.22
CA PHE E 60 0.91 0.32 0.45
C PHE E 60 1.44 1.61 1.06
N TRP E 61 1.29 1.71 2.36
CA TRP E 61 1.77 2.86 3.10
C TRP E 61 3.30 3.07 2.99
N GLU E 62 4.07 1.99 3.16
CA GLU E 62 5.53 2.05 3.04
C GLU E 62 6.00 2.49 1.65
N PHE E 63 5.14 2.32 0.66
CA PHE E 63 5.43 2.74 -0.72
C PHE E 63 5.10 4.21 -0.91
N VAL E 64 3.89 4.60 -0.50
CA VAL E 64 3.43 5.96 -0.67
C VAL E 64 4.22 6.95 0.18
N SER E 65 4.33 6.69 1.47
CA SER E 65 5.03 7.64 2.35
C SER E 65 6.52 7.60 2.13
N GLY E 66 7.02 6.49 1.62
CA GLY E 66 8.41 6.41 1.18
C GLY E 66 8.61 7.22 -0.09
N GLY E 67 7.52 7.63 -0.72
CA GLY E 67 7.59 8.46 -1.92
C GLY E 67 7.88 7.65 -3.17
N GLY E 68 7.20 6.52 -3.32
CA GLY E 68 7.41 5.62 -4.45
C GLY E 68 6.73 6.00 -5.76
N ASP E 69 7.43 5.77 -6.87
CA ASP E 69 6.90 5.97 -8.23
C ASP E 69 6.88 4.59 -8.91
N ALA E 70 5.69 4.03 -9.09
CA ALA E 70 5.56 2.68 -9.62
C ALA E 70 5.51 2.61 -11.14
N ILE E 71 5.66 3.73 -11.82
CA ILE E 71 5.39 3.73 -13.25
C ILE E 71 6.54 3.05 -13.99
N ALA E 72 6.21 2.20 -14.95
CA ALA E 72 7.20 1.42 -15.70
C ALA E 72 6.63 0.79 -16.97
N GLU E 73 7.52 0.25 -17.80
CA GLU E 73 7.13 -0.41 -19.05
C GLU E 73 6.20 -1.56 -18.74
N ALA E 74 5.30 -1.88 -19.67
CA ALA E 74 4.36 -2.97 -19.45
C ALA E 74 5.08 -4.29 -19.61
N PRO E 75 4.72 -5.30 -18.81
CA PRO E 75 5.43 -6.58 -18.84
C PRO E 75 5.32 -7.31 -20.19
N ALA E 76 6.20 -8.28 -20.41
CA ALA E 76 6.23 -9.02 -21.68
C ALA E 76 5.33 -10.27 -21.71
N ASP E 77 5.02 -10.81 -20.54
CA ASP E 77 4.37 -12.13 -20.41
C ASP E 77 2.87 -12.21 -20.83
N ARG E 78 2.23 -11.10 -21.15
CA ARG E 78 0.81 -11.10 -21.54
C ARG E 78 0.60 -11.31 -23.03
N GLY E 79 1.70 -11.44 -23.78
CA GLY E 79 1.63 -11.72 -25.19
C GLY E 79 1.19 -10.51 -25.96
N TRP E 80 1.38 -9.32 -25.39
CA TRP E 80 1.01 -8.09 -26.08
C TRP E 80 1.82 -7.91 -27.37
N GLU E 81 1.12 -7.48 -28.41
CA GLU E 81 1.71 -7.17 -29.69
C GLU E 81 2.76 -6.07 -29.49
N PRO E 82 4.05 -6.34 -29.83
CA PRO E 82 5.11 -5.30 -29.73
C PRO E 82 4.82 -4.01 -30.50
N ASP E 83 5.05 -2.86 -29.86
CA ASP E 83 4.71 -1.54 -30.42
C ASP E 83 5.97 -0.66 -30.51
N PRO E 84 6.07 0.23 -31.54
CA PRO E 84 7.25 1.12 -31.60
C PRO E 84 7.40 2.06 -30.39
N ASP E 85 6.27 2.60 -29.90
CA ASP E 85 6.21 3.50 -28.74
C ASP E 85 6.04 2.63 -27.48
N ALA E 86 7.06 2.51 -26.63
CA ALA E 86 6.98 1.60 -25.46
C ALA E 86 5.87 2.04 -24.51
N ARG E 87 5.15 1.07 -23.96
CA ARG E 87 3.93 1.36 -23.20
C ARG E 87 4.17 1.48 -21.70
N LEU E 88 4.15 2.72 -21.19
CA LEU E 88 4.46 2.97 -19.78
C LEU E 88 3.22 3.10 -18.93
N GLY E 89 3.35 2.88 -17.63
CA GLY E 89 2.22 2.95 -16.70
C GLY E 89 2.45 2.12 -15.44
N GLY E 90 1.44 2.06 -14.57
CA GLY E 90 1.52 1.32 -13.30
C GLY E 90 0.86 -0.06 -13.36
N MSE E 91 1.67 -1.10 -13.53
CA MSE E 91 1.18 -2.45 -13.83
C MSE E 91 1.35 -3.40 -12.64
O MSE E 91 2.25 -3.23 -11.81
CB MSE E 91 1.97 -3.05 -15.00
CG MSE E 91 2.17 -2.16 -16.22
SE MSE E 91 0.60 -1.89 -17.36
CE MSE E 91 -0.11 -3.75 -17.54
N LEU E 92 0.50 -4.42 -12.61
CA LEU E 92 0.56 -5.41 -11.55
C LEU E 92 1.59 -6.49 -11.88
N ALA E 93 2.57 -6.61 -10.99
CA ALA E 93 3.65 -7.58 -11.16
C ALA E 93 3.16 -8.92 -11.76
N ALA E 94 2.35 -9.65 -10.99
CA ALA E 94 1.90 -10.99 -11.36
C ALA E 94 0.38 -11.10 -11.29
N ALA E 95 -0.28 -10.40 -12.22
CA ALA E 95 -1.74 -10.42 -12.38
C ALA E 95 -2.21 -11.80 -12.86
N GLY E 96 -1.28 -12.51 -13.49
CA GLY E 96 -1.53 -13.87 -13.91
C GLY E 96 -1.56 -14.84 -12.75
N ASP E 97 -0.97 -14.48 -11.61
CA ASP E 97 -0.77 -15.44 -10.53
C ASP E 97 -1.97 -15.60 -9.62
N PHE E 98 -2.25 -16.85 -9.22
CA PHE E 98 -3.49 -17.23 -8.50
C PHE E 98 -3.39 -18.64 -7.85
N ASP E 99 -3.89 -18.76 -6.62
CA ASP E 99 -4.05 -20.06 -5.93
C ASP E 99 -5.42 -20.68 -6.26
N ALA E 100 -5.48 -21.48 -7.31
CA ALA E 100 -6.76 -21.95 -7.83
C ALA E 100 -7.34 -23.03 -6.94
N GLY E 101 -6.50 -24.02 -6.64
CA GLY E 101 -6.81 -25.10 -5.72
C GLY E 101 -7.38 -24.63 -4.39
N PHE E 102 -6.85 -23.53 -3.83
CA PHE E 102 -7.35 -22.99 -2.56
C PHE E 102 -8.86 -22.73 -2.57
N PHE E 103 -9.39 -22.33 -3.72
CA PHE E 103 -10.81 -22.00 -3.86
C PHE E 103 -11.58 -23.11 -4.55
N GLY E 104 -10.97 -24.26 -4.69
CA GLY E 104 -11.61 -25.39 -5.35
C GLY E 104 -11.75 -25.22 -6.86
N ILE E 105 -10.84 -24.49 -7.47
CA ILE E 105 -11.01 -24.19 -8.88
C ILE E 105 -10.09 -25.02 -9.74
N SER E 106 -10.64 -25.69 -10.74
CA SER E 106 -9.80 -26.48 -11.63
C SER E 106 -8.83 -25.58 -12.39
N PRO E 107 -7.63 -26.08 -12.70
CA PRO E 107 -6.67 -25.31 -13.49
C PRO E 107 -7.21 -24.91 -14.88
N ARG E 108 -8.14 -25.69 -15.40
CA ARG E 108 -8.82 -25.39 -16.66
C ARG E 108 -9.77 -24.17 -16.55
N GLU E 109 -10.52 -24.09 -15.45
CA GLU E 109 -11.44 -22.99 -15.22
C GLU E 109 -10.67 -21.73 -14.95
N ALA E 110 -9.75 -21.79 -14.00
CA ALA E 110 -8.86 -20.67 -13.69
C ALA E 110 -8.15 -20.09 -14.95
N LEU E 111 -7.89 -20.92 -15.96
CA LEU E 111 -7.23 -20.45 -17.17
C LEU E 111 -8.11 -19.46 -17.89
N ALA E 112 -9.41 -19.76 -17.98
CA ALA E 112 -10.40 -18.87 -18.60
C ALA E 112 -10.93 -17.77 -17.68
N MSE E 113 -10.60 -17.82 -16.40
CA MSE E 113 -10.98 -16.75 -15.48
C MSE E 113 -10.26 -15.44 -15.79
O MSE E 113 -9.05 -15.39 -15.95
CB MSE E 113 -10.69 -17.15 -14.05
CG MSE E 113 -11.78 -17.95 -13.45
SE MSE E 113 -11.45 -18.28 -11.60
CE MSE E 113 -11.52 -16.57 -10.91
N ASP E 114 -11.05 -14.36 -15.87
CA ASP E 114 -10.53 -13.00 -15.88
C ASP E 114 -9.73 -12.79 -14.59
N PRO E 115 -8.47 -12.36 -14.72
CA PRO E 115 -7.67 -12.09 -13.53
C PRO E 115 -8.43 -11.33 -12.49
N GLN E 116 -9.23 -10.37 -12.91
CA GLN E 116 -9.97 -9.51 -11.97
C GLN E 116 -10.81 -10.32 -10.97
N GLN E 117 -11.38 -11.44 -11.43
CA GLN E 117 -12.18 -12.35 -10.58
C GLN E 117 -11.29 -13.04 -9.58
N ARG E 118 -10.09 -13.41 -10.05
CA ARG E 118 -9.09 -14.11 -9.24
C ARG E 118 -8.59 -13.25 -8.09
N ILE E 119 -7.91 -12.17 -8.45
CA ILE E 119 -7.44 -11.21 -7.48
C ILE E 119 -8.51 -10.89 -6.42
N MSE E 120 -9.77 -10.81 -6.84
CA MSE E 120 -10.86 -10.49 -5.91
C MSE E 120 -11.10 -11.59 -4.89
O MSE E 120 -11.36 -11.29 -3.71
CB MSE E 120 -12.18 -10.17 -6.66
CG MSE E 120 -12.29 -8.76 -7.29
SE MSE E 120 -11.99 -7.24 -6.09
CE MSE E 120 -10.26 -6.93 -6.51
N LEU E 121 -11.03 -12.84 -5.32
CA LEU E 121 -11.13 -13.97 -4.41
C LEU E 121 -10.04 -13.88 -3.37
N GLU E 122 -8.80 -13.72 -3.81
CA GLU E 122 -7.68 -13.72 -2.89
C GLU E 122 -7.81 -12.60 -1.87
N ILE E 123 -7.92 -11.37 -2.35
CA ILE E 123 -7.93 -10.24 -1.42
C ILE E 123 -9.20 -10.21 -0.57
N SER E 124 -10.30 -10.75 -1.07
CA SER E 124 -11.49 -10.81 -0.23
C SER E 124 -11.14 -11.65 1.00
N TRP E 125 -10.57 -12.83 0.75
CA TRP E 125 -10.13 -13.71 1.81
C TRP E 125 -9.16 -12.98 2.72
N GLU E 126 -8.09 -12.44 2.14
CA GLU E 126 -7.09 -11.72 2.92
C GLU E 126 -7.75 -10.73 3.88
N ALA E 127 -8.67 -9.92 3.38
CA ALA E 127 -9.24 -8.83 4.17
C ALA E 127 -10.01 -9.38 5.36
N LEU E 128 -10.85 -10.35 5.11
CA LEU E 128 -11.65 -10.91 6.18
C LEU E 128 -10.79 -11.44 7.29
N GLU E 129 -9.66 -12.04 6.95
CA GLU E 129 -8.69 -12.48 7.93
C GLU E 129 -8.16 -11.29 8.74
N ARG E 130 -7.83 -10.19 8.09
CA ARG E 130 -7.27 -9.00 8.77
C ARG E 130 -8.28 -8.33 9.66
N ALA E 131 -9.55 -8.59 9.38
CA ALA E 131 -10.65 -8.15 10.23
C ALA E 131 -10.83 -9.07 11.43
N GLY E 132 -10.08 -10.17 11.46
CA GLY E 132 -10.09 -11.11 12.58
C GLY E 132 -11.18 -12.15 12.49
N HIS E 133 -11.46 -12.61 11.27
CA HIS E 133 -12.40 -13.73 11.04
C HIS E 133 -11.65 -14.91 10.47
N ASP E 134 -11.99 -16.12 10.92
CA ASP E 134 -11.75 -17.29 10.15
C ASP E 134 -12.85 -17.22 9.10
N PRO E 135 -12.46 -16.96 7.84
CA PRO E 135 -13.49 -16.78 6.84
C PRO E 135 -14.37 -18.01 6.71
N VAL E 136 -13.84 -19.20 6.96
CA VAL E 136 -14.71 -20.36 6.90
C VAL E 136 -15.96 -20.13 7.78
N SER E 137 -15.81 -19.48 8.94
CA SER E 137 -16.94 -19.33 9.84
C SER E 137 -18.11 -18.52 9.28
N LEU E 138 -17.87 -17.76 8.21
CA LEU E 138 -18.91 -16.89 7.62
C LEU E 138 -19.76 -17.60 6.61
N ARG E 139 -19.53 -18.87 6.34
CA ARG E 139 -20.39 -19.59 5.41
C ARG E 139 -21.80 -19.51 5.95
N GLY E 140 -22.75 -19.22 5.08
CA GLY E 140 -24.13 -19.09 5.47
C GLY E 140 -24.50 -17.77 6.10
N SER E 141 -23.56 -16.82 6.20
CA SER E 141 -23.87 -15.49 6.81
C SER E 141 -24.47 -14.54 5.78
N ALA E 142 -25.25 -13.56 6.24
CA ALA E 142 -25.78 -12.55 5.33
C ALA E 142 -24.71 -11.48 5.13
N THR E 143 -23.79 -11.73 4.21
CA THR E 143 -22.73 -10.82 3.92
C THR E 143 -22.87 -10.38 2.46
N GLY E 144 -22.86 -9.08 2.25
CA GLY E 144 -22.93 -8.54 0.91
C GLY E 144 -21.59 -8.53 0.21
N VAL E 145 -21.64 -8.52 -1.12
CA VAL E 145 -20.47 -8.28 -1.94
C VAL E 145 -20.82 -7.19 -3.00
N PHE E 146 -20.16 -6.04 -2.86
CA PHE E 146 -20.36 -4.91 -3.77
C PHE E 146 -19.05 -4.52 -4.44
N THR E 147 -18.92 -4.86 -5.72
CA THR E 147 -17.65 -4.76 -6.41
C THR E 147 -17.73 -3.92 -7.67
N GLY E 148 -16.90 -2.88 -7.74
CA GLY E 148 -16.77 -2.06 -8.93
C GLY E 148 -15.86 -2.66 -10.00
N VAL E 149 -16.37 -2.80 -11.22
CA VAL E 149 -15.59 -3.36 -12.32
C VAL E 149 -15.92 -2.60 -13.58
N GLY E 150 -14.91 -2.26 -14.36
CA GLY E 150 -15.13 -1.48 -15.57
C GLY E 150 -15.07 -2.34 -16.81
N THR E 151 -13.94 -2.27 -17.50
CA THR E 151 -13.63 -3.18 -18.58
C THR E 151 -13.40 -4.58 -18.01
N VAL E 152 -13.81 -5.59 -18.77
CA VAL E 152 -13.27 -6.95 -18.66
C VAL E 152 -12.76 -7.22 -20.05
N ASP E 153 -11.45 -7.38 -20.21
CA ASP E 153 -10.85 -7.48 -21.54
C ASP E 153 -9.99 -8.73 -21.70
N TYR E 154 -10.36 -9.80 -20.99
CA TYR E 154 -9.42 -10.89 -20.75
C TYR E 154 -9.27 -11.88 -21.87
N GLY E 155 -10.31 -12.67 -22.11
CA GLY E 155 -10.09 -13.92 -22.83
C GLY E 155 -9.89 -13.78 -24.32
N PRO E 156 -9.93 -14.91 -25.02
CA PRO E 156 -10.33 -14.91 -26.41
C PRO E 156 -11.85 -15.01 -26.41
N ARG E 157 -12.50 -14.60 -27.49
CA ARG E 157 -13.94 -14.83 -27.62
C ARG E 157 -14.24 -16.34 -27.56
N PRO E 158 -15.48 -16.72 -27.18
CA PRO E 158 -15.83 -18.14 -27.20
C PRO E 158 -15.51 -18.78 -28.52
N ASP E 159 -15.65 -18.01 -29.59
CA ASP E 159 -15.48 -18.51 -30.94
C ASP E 159 -14.02 -18.78 -31.35
N GLU E 160 -13.05 -18.27 -30.61
CA GLU E 160 -11.65 -18.60 -30.88
C GLU E 160 -10.95 -19.20 -29.68
N ALA E 161 -11.68 -19.37 -28.60
CA ALA E 161 -11.11 -19.98 -27.42
C ALA E 161 -10.74 -21.40 -27.77
N PRO E 162 -9.69 -21.92 -27.13
CA PRO E 162 -9.41 -23.35 -27.14
C PRO E 162 -10.64 -24.15 -26.76
N ASP E 163 -10.66 -25.42 -27.19
CA ASP E 163 -11.76 -26.34 -26.89
C ASP E 163 -11.75 -26.78 -25.44
N GLU E 164 -10.57 -26.93 -24.86
CA GLU E 164 -10.41 -27.40 -23.46
C GLU E 164 -10.99 -26.44 -22.39
N VAL E 165 -11.27 -25.21 -22.79
CA VAL E 165 -11.60 -24.14 -21.86
C VAL E 165 -12.99 -23.50 -22.16
N LEU E 166 -13.81 -24.20 -22.95
CA LEU E 166 -14.93 -23.57 -23.65
C LEU E 166 -16.16 -23.29 -22.78
N GLY E 167 -16.55 -24.26 -21.96
CA GLY E 167 -17.68 -24.06 -21.04
C GLY E 167 -17.39 -23.12 -19.88
N TYR E 168 -16.17 -22.59 -19.82
CA TYR E 168 -15.70 -21.74 -18.72
C TYR E 168 -15.41 -20.30 -19.14
N VAL E 169 -15.67 -19.97 -20.40
CA VAL E 169 -15.33 -18.66 -20.92
C VAL E 169 -16.36 -17.61 -20.50
N GLY E 170 -17.64 -17.90 -20.75
CA GLY E 170 -18.72 -16.98 -20.39
C GLY E 170 -18.65 -16.60 -18.94
N THR E 171 -18.72 -17.61 -18.09
CA THR E 171 -18.65 -17.45 -16.66
C THR E 171 -17.33 -16.83 -16.19
N GLY E 172 -16.27 -17.06 -16.96
CA GLY E 172 -14.94 -16.59 -16.61
C GLY E 172 -14.73 -15.12 -16.91
N THR E 173 -15.57 -14.55 -17.75
CA THR E 173 -15.44 -13.14 -18.09
C THR E 173 -16.65 -12.27 -17.68
N ALA E 174 -17.70 -12.91 -17.19
CA ALA E 174 -18.90 -12.20 -16.82
C ALA E 174 -18.74 -11.40 -15.54
N SER E 175 -18.46 -10.11 -15.73
CA SER E 175 -18.58 -9.08 -14.70
C SER E 175 -19.34 -9.48 -13.40
N SER E 176 -20.57 -10.00 -13.52
CA SER E 176 -21.42 -10.32 -12.36
C SER E 176 -20.80 -11.42 -11.52
N VAL E 177 -19.97 -12.21 -12.17
CA VAL E 177 -19.32 -13.32 -11.51
C VAL E 177 -18.12 -12.84 -10.67
N ALA E 178 -17.67 -11.60 -10.81
CA ALA E 178 -16.63 -11.11 -9.89
C ALA E 178 -17.20 -10.93 -8.48
N SER E 179 -18.50 -10.63 -8.43
CA SER E 179 -19.21 -10.46 -7.19
C SER E 179 -19.67 -11.82 -6.72
N GLY E 180 -20.31 -12.55 -7.63
CA GLY E 180 -20.98 -13.80 -7.29
C GLY E 180 -20.05 -14.93 -6.88
N ARG E 181 -18.93 -15.04 -7.57
CA ARG E 181 -17.99 -16.10 -7.28
C ARG E 181 -17.45 -15.93 -5.87
N VAL E 182 -17.15 -14.71 -5.45
CA VAL E 182 -16.73 -14.48 -4.07
C VAL E 182 -17.82 -15.03 -3.14
N ALA E 183 -19.09 -14.78 -3.46
CA ALA E 183 -20.19 -15.24 -2.61
C ALA E 183 -20.33 -16.75 -2.60
N TYR E 184 -20.15 -17.36 -3.75
CA TYR E 184 -20.21 -18.79 -3.90
C TYR E 184 -19.13 -19.50 -3.09
N CYS E 185 -17.91 -19.01 -3.20
CA CYS E 185 -16.80 -19.60 -2.46
C CYS E 185 -16.96 -19.47 -0.99
N LEU E 186 -17.00 -18.24 -0.48
CA LEU E 186 -17.02 -18.03 0.96
C LEU E 186 -18.41 -18.34 1.56
N GLY E 187 -19.37 -18.71 0.70
CA GLY E 187 -20.69 -19.12 1.14
C GLY E 187 -21.53 -17.98 1.71
N LEU E 188 -21.34 -16.79 1.15
CA LEU E 188 -21.98 -15.57 1.59
C LEU E 188 -23.36 -15.46 0.94
N GLU E 189 -24.36 -15.01 1.70
CA GLU E 189 -25.76 -15.07 1.26
C GLU E 189 -26.48 -13.71 1.10
N GLY E 190 -25.78 -12.64 1.45
CA GLY E 190 -26.26 -11.28 1.22
C GLY E 190 -26.21 -10.96 -0.27
N PRO E 191 -26.76 -9.81 -0.65
CA PRO E 191 -26.81 -9.49 -2.05
C PRO E 191 -25.39 -9.32 -2.58
N ALA E 192 -25.11 -9.83 -3.79
CA ALA E 192 -23.79 -9.68 -4.40
C ALA E 192 -23.88 -9.18 -5.83
N MSE E 193 -23.34 -7.98 -6.09
CA MSE E 193 -23.47 -7.36 -7.41
C MSE E 193 -22.25 -6.57 -7.86
O MSE E 193 -21.55 -5.96 -7.04
CB MSE E 193 -24.63 -6.39 -7.41
CG MSE E 193 -24.38 -5.11 -6.61
SE MSE E 193 -26.02 -4.28 -5.92
CE MSE E 193 -25.26 -2.74 -5.58
N THR E 194 -22.03 -6.58 -9.18
CA THR E 194 -21.00 -5.78 -9.81
C THR E 194 -21.55 -4.43 -10.25
N VAL E 195 -20.82 -3.37 -9.99
CA VAL E 195 -21.22 -2.05 -10.42
C VAL E 195 -20.23 -1.48 -11.40
N ASP E 196 -20.71 -0.94 -12.51
CA ASP E 196 -19.85 -0.26 -13.46
C ASP E 196 -20.26 1.19 -13.59
N THR E 197 -19.38 2.05 -13.12
CA THR E 197 -19.56 3.49 -13.11
C THR E 197 -18.29 4.15 -13.69
N ALA E 198 -17.52 3.39 -14.45
CA ALA E 198 -16.17 3.79 -14.83
C ALA E 198 -15.34 4.11 -13.55
N CYS E 199 -14.43 5.09 -13.60
CA CYS E 199 -13.45 5.35 -12.50
C CYS E 199 -14.02 5.27 -11.08
N SER E 200 -15.28 5.66 -10.96
CA SER E 200 -15.92 5.87 -9.67
C SER E 200 -16.61 4.63 -9.19
N SER E 201 -16.65 3.60 -10.03
CA SER E 201 -17.13 2.30 -9.63
C SER E 201 -16.71 1.95 -8.20
N GLY E 202 -15.40 2.03 -7.95
CA GLY E 202 -14.85 1.91 -6.59
C GLY E 202 -15.73 2.54 -5.51
N LEU E 203 -15.92 3.86 -5.59
CA LEU E 203 -16.69 4.56 -4.59
C LEU E 203 -18.15 4.24 -4.68
N THR E 204 -18.67 4.12 -5.89
CA THR E 204 -20.07 3.77 -6.04
C THR E 204 -20.37 2.51 -5.24
N ALA E 205 -19.52 1.49 -5.39
CA ALA E 205 -19.74 0.22 -4.73
C ALA E 205 -19.76 0.41 -3.21
N LEU E 206 -18.74 1.08 -2.73
CA LEU E 206 -18.62 1.34 -1.33
C LEU E 206 -19.91 2.01 -0.81
N HIS E 207 -20.30 3.12 -1.44
CA HIS E 207 -21.62 3.79 -1.20
C HIS E 207 -22.85 2.87 -1.14
N LEU E 208 -22.98 1.96 -2.12
CA LEU E 208 -24.06 0.97 -2.12
C LEU E 208 -24.00 0.03 -0.94
N ALA E 209 -22.78 -0.32 -0.53
CA ALA E 209 -22.56 -1.16 0.63
C ALA E 209 -22.97 -0.45 1.92
N MSE E 210 -22.58 0.80 2.05
CA MSE E 210 -22.95 1.55 3.24
C MSE E 210 -24.45 1.58 3.45
O MSE E 210 -24.92 1.44 4.57
CB MSE E 210 -22.42 2.97 3.16
CG MSE E 210 -20.90 3.07 3.21
SE MSE E 210 -20.22 4.83 2.80
CE MSE E 210 -20.62 5.74 4.50
N GLU E 211 -25.21 1.74 2.36
CA GLU E 211 -26.67 1.90 2.45
C GLU E 211 -27.37 0.60 2.75
N SER E 212 -26.77 -0.50 2.29
CA SER E 212 -27.24 -1.87 2.56
C SER E 212 -27.13 -2.22 4.05
N LEU E 213 -25.99 -1.87 4.64
CA LEU E 213 -25.74 -2.10 6.03
C LEU E 213 -26.69 -1.24 6.87
N ARG E 214 -26.95 -0.01 6.44
CA ARG E 214 -27.86 0.85 7.17
C ARG E 214 -29.32 0.43 7.04
N ARG E 215 -29.61 -0.50 6.16
CA ARG E 215 -30.95 -1.00 6.00
C ARG E 215 -31.04 -2.42 6.46
N ASP E 216 -29.95 -2.98 6.97
CA ASP E 216 -29.92 -4.37 7.41
C ASP E 216 -30.04 -5.44 6.32
N GLU E 217 -29.78 -5.15 5.04
CA GLU E 217 -29.73 -6.21 4.00
C GLU E 217 -28.62 -7.21 4.30
N CYS E 218 -27.66 -6.78 5.10
CA CYS E 218 -26.58 -7.63 5.57
C CYS E 218 -25.87 -7.05 6.79
N GLY E 219 -25.06 -7.86 7.44
CA GLY E 219 -24.30 -7.45 8.62
C GLY E 219 -22.88 -7.05 8.29
N LEU E 220 -22.39 -7.55 7.17
CA LEU E 220 -21.03 -7.37 6.78
C LEU E 220 -21.02 -7.19 5.28
N ALA E 221 -20.02 -6.50 4.74
CA ALA E 221 -19.98 -6.26 3.30
C ALA E 221 -18.59 -6.10 2.77
N LEU E 222 -18.35 -6.62 1.58
CA LEU E 222 -17.07 -6.41 0.93
C LEU E 222 -17.23 -5.41 -0.20
N ALA E 223 -16.80 -4.18 0.04
CA ALA E 223 -16.85 -3.11 -0.96
C ALA E 223 -15.51 -3.05 -1.70
N GLY E 224 -15.49 -3.10 -3.03
CA GLY E 224 -14.20 -3.07 -3.70
C GLY E 224 -14.20 -2.67 -5.15
N GLY E 225 -13.02 -2.72 -5.76
CA GLY E 225 -12.88 -2.41 -7.19
C GLY E 225 -11.60 -2.93 -7.83
N VAL E 226 -11.69 -3.34 -9.09
CA VAL E 226 -10.58 -3.93 -9.79
C VAL E 226 -10.42 -3.38 -11.17
N THR E 227 -9.17 -3.15 -11.55
CA THR E 227 -8.81 -3.17 -12.97
C THR E 227 -7.53 -3.93 -13.19
N VAL E 228 -7.61 -4.88 -14.10
CA VAL E 228 -6.46 -5.47 -14.72
C VAL E 228 -6.64 -5.22 -16.20
N MSE E 229 -5.62 -4.61 -16.79
CA MSE E 229 -5.57 -4.43 -18.23
C MSE E 229 -4.98 -5.68 -18.86
O MSE E 229 -3.77 -5.78 -19.07
CB MSE E 229 -4.74 -3.21 -18.59
CG MSE E 229 -5.43 -1.90 -18.29
SE MSE E 229 -4.37 -0.39 -18.84
CE MSE E 229 -2.76 -0.73 -17.81
N SER E 230 -5.84 -6.66 -19.15
CA SER E 230 -5.38 -7.88 -19.75
C SER E 230 -4.87 -7.62 -21.18
N SER E 231 -5.47 -6.64 -21.86
CA SER E 231 -5.10 -6.22 -23.24
C SER E 231 -4.61 -4.74 -23.33
N PRO E 232 -3.89 -4.38 -24.41
CA PRO E 232 -3.42 -3.01 -24.60
C PRO E 232 -4.43 -2.04 -25.24
N GLY E 233 -5.69 -2.46 -25.32
CA GLY E 233 -6.73 -1.62 -25.90
C GLY E 233 -6.80 -0.20 -25.34
N ALA E 234 -6.72 -0.05 -24.02
CA ALA E 234 -6.84 1.28 -23.39
C ALA E 234 -5.73 2.21 -23.86
N PHE E 235 -4.52 1.68 -24.01
CA PHE E 235 -3.45 2.46 -24.60
C PHE E 235 -3.87 2.91 -25.99
N THR E 236 -4.32 1.99 -26.83
CA THR E 236 -4.71 2.34 -28.19
C THR E 236 -5.84 3.38 -28.25
N GLU E 237 -6.90 3.16 -27.46
CA GLU E 237 -7.99 4.13 -27.40
C GLU E 237 -7.49 5.49 -26.92
N PHE E 238 -6.70 5.52 -25.86
CA PHE E 238 -6.14 6.81 -25.38
C PHE E 238 -4.90 7.32 -26.08
N ARG E 239 -4.29 6.50 -26.95
CA ARG E 239 -3.28 7.00 -27.89
C ARG E 239 -3.92 7.57 -29.13
N SER E 240 -5.26 7.49 -29.24
CA SER E 240 -6.04 7.99 -30.40
C SER E 240 -6.78 9.25 -30.06
N GLN E 241 -7.65 9.18 -29.05
CA GLN E 241 -8.00 10.38 -28.31
C GLN E 241 -6.61 10.87 -27.89
N GLY E 242 -6.50 12.11 -27.40
CA GLY E 242 -5.21 12.56 -26.82
C GLY E 242 -5.06 11.95 -25.43
N GLY E 243 -4.41 12.69 -24.52
CA GLY E 243 -4.66 12.50 -23.08
C GLY E 243 -3.75 11.61 -22.27
N LEU E 244 -2.84 10.89 -22.90
CA LEU E 244 -1.86 10.15 -22.14
C LEU E 244 -0.61 11.01 -21.95
N ALA E 245 -0.04 10.98 -20.75
CA ALA E 245 1.23 11.63 -20.50
C ALA E 245 2.29 10.86 -21.25
N ALA E 246 3.23 11.58 -21.83
CA ALA E 246 4.38 10.96 -22.46
C ALA E 246 5.17 10.26 -21.36
N ASP E 247 5.09 10.83 -20.16
CA ASP E 247 5.77 10.31 -18.99
C ASP E 247 5.24 8.95 -18.54
N GLY E 248 3.96 8.68 -18.80
CA GLY E 248 3.24 7.59 -18.17
C GLY E 248 2.85 7.94 -16.76
N ARG E 249 3.04 9.21 -16.37
CA ARG E 249 2.90 9.64 -14.98
C ARG E 249 1.94 10.80 -14.82
N CYS E 250 1.13 10.72 -13.78
CA CYS E 250 0.25 11.79 -13.40
C CYS E 250 1.04 12.78 -12.59
N LYS E 251 0.90 14.06 -12.93
CA LYS E 251 1.51 15.13 -12.15
C LYS E 251 0.37 16.06 -11.71
N PRO E 252 -0.53 15.53 -10.86
CA PRO E 252 -1.70 16.28 -10.45
C PRO E 252 -1.39 17.70 -9.97
N PHE E 253 -2.02 18.67 -10.62
CA PHE E 253 -2.01 20.08 -10.20
C PHE E 253 -0.74 20.87 -10.52
N SER E 254 0.28 20.20 -11.01
CA SER E 254 1.53 20.85 -11.33
C SER E 254 1.45 21.52 -12.69
N LYS E 255 2.31 22.51 -12.89
CA LYS E 255 2.54 23.10 -14.21
C LYS E 255 2.88 22.00 -15.23
N ALA E 256 3.62 21.00 -14.77
CA ALA E 256 4.16 19.96 -15.65
C ALA E 256 3.16 18.92 -16.14
N ALA E 257 1.85 19.16 -16.00
CA ALA E 257 0.83 18.15 -16.31
C ALA E 257 0.71 17.91 -17.83
N ASP E 258 0.98 16.67 -18.26
CA ASP E 258 0.82 16.22 -19.66
C ASP E 258 -0.56 15.60 -19.89
N GLY E 259 -0.89 14.67 -19.00
CA GLY E 259 -2.02 13.74 -19.18
C GLY E 259 -1.90 12.63 -18.16
N PHE E 260 -2.88 11.74 -18.07
CA PHE E 260 -2.83 10.68 -17.04
C PHE E 260 -1.98 9.52 -17.52
N GLY E 261 -1.73 8.59 -16.60
CA GLY E 261 -1.05 7.33 -16.89
C GLY E 261 -1.96 6.15 -16.54
N LEU E 262 -2.18 5.26 -17.52
CA LEU E 262 -3.05 4.09 -17.35
C LEU E 262 -2.41 3.15 -16.37
N ALA E 263 -3.19 2.66 -15.42
CA ALA E 263 -2.71 1.71 -14.41
C ALA E 263 -3.73 0.60 -14.15
N GLU E 264 -3.38 -0.28 -13.21
CA GLU E 264 -4.24 -1.42 -12.80
C GLU E 264 -4.03 -1.75 -11.33
N GLY E 265 -5.08 -2.22 -10.68
CA GLY E 265 -5.08 -2.39 -9.23
C GLY E 265 -6.34 -3.04 -8.71
N ALA E 266 -6.40 -3.18 -7.39
CA ALA E 266 -7.43 -3.98 -6.75
C ALA E 266 -7.52 -3.75 -5.22
N GLY E 267 -8.68 -3.35 -4.72
CA GLY E 267 -8.83 -3.11 -3.29
C GLY E 267 -10.16 -3.55 -2.74
N VAL E 268 -10.20 -3.90 -1.46
CA VAL E 268 -11.45 -4.27 -0.83
C VAL E 268 -11.47 -3.78 0.57
N LEU E 269 -12.67 -3.49 1.05
CA LEU E 269 -12.87 -3.08 2.40
C LEU E 269 -13.93 -3.97 2.99
N VAL E 270 -13.63 -4.52 4.15
CA VAL E 270 -14.66 -5.20 4.92
C VAL E 270 -15.38 -4.10 5.65
N LEU E 271 -16.70 -4.10 5.55
CA LEU E 271 -17.49 -3.04 6.13
C LEU E 271 -18.51 -3.61 7.07
N GLN E 272 -18.80 -2.85 8.13
CA GLN E 272 -19.73 -3.25 9.18
C GLN E 272 -20.29 -2.01 9.87
N ARG E 273 -21.58 -2.05 10.16
CA ARG E 273 -22.21 -1.14 11.11
C ARG E 273 -21.28 -0.83 12.31
N LEU E 274 -20.88 0.43 12.50
CA LEU E 274 -19.92 0.78 13.57
C LEU E 274 -20.24 0.15 14.93
N SER E 275 -21.50 0.21 15.38
CA SER E 275 -21.90 -0.34 16.70
C SER E 275 -21.69 -1.84 16.77
N ALA E 276 -22.00 -2.54 15.69
CA ALA E 276 -21.76 -3.97 15.63
C ALA E 276 -20.28 -4.30 15.82
N ALA E 277 -19.39 -3.55 15.19
CA ALA E 277 -17.94 -3.80 15.32
C ALA E 277 -17.42 -3.58 16.75
N ARG E 278 -17.98 -2.57 17.44
CA ARG E 278 -17.62 -2.31 18.84
C ARG E 278 -18.01 -3.49 19.70
N ARG E 279 -19.29 -3.89 19.58
CA ARG E 279 -19.88 -5.03 20.31
C ARG E 279 -19.15 -6.34 20.05
N GLU E 280 -18.72 -6.55 18.82
CA GLU E 280 -17.99 -7.77 18.50
C GLU E 280 -16.49 -7.58 18.76
N GLY E 281 -16.14 -6.44 19.34
CA GLY E 281 -14.77 -6.15 19.72
C GLY E 281 -13.82 -6.09 18.54
N ARG E 282 -14.35 -5.80 17.35
CA ARG E 282 -13.56 -5.85 16.14
C ARG E 282 -12.78 -4.59 15.92
N PRO E 283 -11.62 -4.71 15.27
CA PRO E 283 -10.75 -3.56 15.09
C PRO E 283 -11.39 -2.59 14.10
N VAL E 284 -11.52 -1.34 14.51
CA VAL E 284 -12.05 -0.30 13.65
C VAL E 284 -10.88 0.49 13.13
N LEU E 285 -10.58 0.32 11.85
CA LEU E 285 -9.51 1.06 11.19
C LEU E 285 -9.87 2.53 11.04
N ALA E 286 -11.02 2.76 10.45
CA ALA E 286 -11.55 4.10 10.27
C ALA E 286 -13.06 4.02 10.22
N VAL E 287 -13.69 5.15 9.97
CA VAL E 287 -15.13 5.22 9.88
C VAL E 287 -15.51 6.02 8.62
N LEU E 288 -16.26 5.39 7.72
CA LEU E 288 -16.92 6.08 6.62
C LEU E 288 -18.21 6.65 7.17
N ARG E 289 -18.46 7.92 6.93
CA ARG E 289 -19.49 8.61 7.68
C ARG E 289 -20.68 9.08 6.83
N GLY E 290 -20.45 9.25 5.54
CA GLY E 290 -21.45 9.70 4.58
C GLY E 290 -20.89 9.69 3.16
N SER E 291 -21.75 9.47 2.18
CA SER E 291 -21.28 9.41 0.81
C SER E 291 -22.33 10.02 -0.08
N ALA E 292 -21.99 10.23 -1.34
CA ALA E 292 -22.94 10.77 -2.29
C ALA E 292 -22.50 10.41 -3.70
N VAL E 293 -23.49 10.24 -4.58
CA VAL E 293 -23.27 9.91 -6.00
C VAL E 293 -24.19 10.79 -6.92
N ASN E 294 -23.63 11.38 -7.98
CA ASN E 294 -24.42 12.08 -9.00
C ASN E 294 -23.88 11.96 -10.43
N GLN E 295 -24.58 12.58 -11.38
CA GLN E 295 -24.13 12.70 -12.78
C GLN E 295 -23.77 14.13 -13.06
N ASP E 296 -22.85 14.34 -13.97
CA ASP E 296 -22.55 15.70 -14.28
C ASP E 296 -23.40 16.26 -15.42
N GLY E 297 -24.35 15.44 -15.90
CA GLY E 297 -25.48 15.94 -16.67
C GLY E 297 -25.15 16.34 -18.10
N ALA E 298 -25.60 17.53 -18.52
CA ALA E 298 -25.41 18.02 -19.91
C ALA E 298 -24.13 18.82 -20.06
N SER E 299 -22.99 18.14 -20.01
CA SER E 299 -21.69 18.79 -19.97
C SER E 299 -21.16 19.06 -21.38
N ASN E 300 -19.92 19.50 -21.48
CA ASN E 300 -19.28 19.73 -22.77
C ASN E 300 -19.11 18.48 -23.65
N GLY E 301 -19.32 17.30 -23.08
CA GLY E 301 -19.08 16.08 -23.82
C GLY E 301 -19.18 14.95 -22.84
N LEU E 302 -19.47 13.75 -23.36
CA LEU E 302 -19.67 12.58 -22.50
C LEU E 302 -18.53 12.47 -21.51
N THR E 303 -17.31 12.69 -21.98
CA THR E 303 -16.13 12.51 -21.16
C THR E 303 -15.65 13.80 -20.49
N ALA E 304 -16.36 14.89 -20.71
CA ALA E 304 -16.06 16.13 -20.03
C ALA E 304 -16.57 16.11 -18.58
N PRO E 305 -15.73 16.55 -17.62
CA PRO E 305 -16.17 16.77 -16.25
C PRO E 305 -16.97 18.07 -16.15
N SER E 306 -17.88 18.18 -15.18
CA SER E 306 -18.53 19.48 -14.85
C SER E 306 -18.29 19.89 -13.39
N GLY E 307 -17.46 20.93 -13.21
CA GLY E 307 -17.18 21.52 -11.90
C GLY E 307 -18.39 21.80 -11.03
N PRO E 308 -19.50 22.30 -11.61
CA PRO E 308 -20.74 22.43 -10.85
C PRO E 308 -21.26 21.12 -10.27
N ALA E 309 -21.16 20.03 -11.03
CA ALA E 309 -21.60 18.74 -10.55
C ALA E 309 -20.69 18.22 -9.48
N GLN E 310 -19.40 18.43 -9.64
CA GLN E 310 -18.45 18.11 -8.60
C GLN E 310 -18.82 18.84 -7.33
N GLN E 311 -19.18 20.11 -7.44
CA GLN E 311 -19.58 20.87 -6.26
C GLN E 311 -20.79 20.25 -5.56
N ARG E 312 -21.80 19.83 -6.33
CA ARG E 312 -23.06 19.28 -5.76
C ARG E 312 -22.85 18.00 -4.93
N VAL E 313 -22.11 17.07 -5.51
CA VAL E 313 -21.86 15.79 -4.88
C VAL E 313 -21.04 15.98 -3.62
N ILE E 314 -20.06 16.89 -3.65
CA ILE E 314 -19.30 17.20 -2.47
C ILE E 314 -20.25 17.57 -1.33
N ARG E 315 -21.22 18.42 -1.61
CA ARG E 315 -22.15 18.87 -0.58
C ARG E 315 -23.10 17.78 -0.11
N ARG E 316 -23.71 17.04 -1.03
CA ARG E 316 -24.64 15.99 -0.60
C ARG E 316 -23.87 15.06 0.33
N ALA E 317 -22.60 14.81 0.03
CA ALA E 317 -21.76 13.95 0.86
C ALA E 317 -21.62 14.51 2.28
N LEU E 318 -21.23 15.76 2.36
CA LEU E 318 -21.13 16.39 3.65
C LEU E 318 -22.46 16.40 4.38
N GLU E 319 -23.54 16.51 3.63
CA GLU E 319 -24.84 16.49 4.24
C GLU E 319 -25.13 15.12 4.81
N ASN E 320 -24.86 14.10 4.02
CA ASN E 320 -25.20 12.75 4.42
C ASN E 320 -24.26 12.24 5.47
N ALA E 321 -23.08 12.84 5.56
CA ALA E 321 -22.20 12.56 6.64
C ALA E 321 -22.77 13.20 7.90
N GLY E 322 -23.22 14.45 7.79
CA GLY E 322 -23.58 15.24 8.97
C GLY E 322 -22.33 15.93 9.50
N VAL E 323 -21.54 16.44 8.56
CA VAL E 323 -20.23 17.03 8.81
C VAL E 323 -20.18 18.36 8.07
N ARG E 324 -19.41 19.31 8.58
CA ARG E 324 -19.23 20.60 7.90
C ARG E 324 -17.95 20.64 7.08
N ALA E 325 -18.00 21.31 5.93
CA ALA E 325 -16.83 21.46 5.06
C ALA E 325 -15.61 21.85 5.85
N GLY E 326 -15.79 22.80 6.76
CA GLY E 326 -14.70 23.24 7.63
C GLY E 326 -14.08 22.16 8.51
N ASP E 327 -14.80 21.06 8.73
CA ASP E 327 -14.30 20.00 9.59
C ASP E 327 -13.30 19.09 8.88
N VAL E 328 -13.24 19.18 7.56
CA VAL E 328 -12.38 18.29 6.79
C VAL E 328 -11.03 18.94 6.54
N ASP E 329 -9.94 18.24 6.87
CA ASP E 329 -8.58 18.79 6.78
C ASP E 329 -7.84 18.44 5.53
N TYR E 330 -8.15 17.27 4.97
CA TYR E 330 -7.45 16.77 3.82
C TYR E 330 -8.44 16.21 2.83
N VAL E 331 -8.10 16.21 1.55
CA VAL E 331 -8.94 15.60 0.53
C VAL E 331 -8.09 14.83 -0.46
N GLU E 332 -8.47 13.58 -0.68
CA GLU E 332 -7.86 12.74 -1.70
C GLU E 332 -8.62 13.04 -2.96
N ALA E 333 -8.06 13.95 -3.75
CA ALA E 333 -8.64 14.40 -4.99
C ALA E 333 -8.48 13.36 -6.07
N HIS E 334 -9.36 13.42 -7.05
CA HIS E 334 -9.27 12.57 -8.23
C HIS E 334 -7.84 12.74 -8.80
N GLY E 335 -7.43 13.98 -9.09
CA GLY E 335 -6.04 14.30 -9.45
C GLY E 335 -5.36 13.46 -10.51
N THR E 336 -5.95 13.40 -11.70
CA THR E 336 -5.43 12.53 -12.78
C THR E 336 -4.25 13.13 -13.57
N GLY E 337 -4.05 14.45 -13.47
CA GLY E 337 -2.98 15.13 -14.23
C GLY E 337 -3.43 15.54 -15.63
N THR E 338 -4.74 15.50 -15.86
CA THR E 338 -5.34 15.96 -17.10
C THR E 338 -5.27 17.48 -17.12
N ARG E 339 -5.21 18.05 -18.32
CA ARG E 339 -5.11 19.50 -18.45
C ARG E 339 -6.44 20.22 -18.24
N LEU E 340 -7.53 19.57 -18.64
CA LEU E 340 -8.89 20.04 -18.28
C LEU E 340 -9.31 19.66 -16.84
N GLY E 341 -8.93 18.46 -16.42
CA GLY E 341 -9.40 17.89 -15.17
C GLY E 341 -8.93 18.67 -13.97
N ASP E 342 -7.63 18.92 -13.92
CA ASP E 342 -7.02 19.53 -12.74
C ASP E 342 -7.65 20.88 -12.35
N PRO E 343 -7.71 21.83 -13.28
CA PRO E 343 -8.36 23.10 -12.94
C PRO E 343 -9.78 22.93 -12.40
N ILE E 344 -10.61 22.21 -13.16
CA ILE E 344 -12.04 22.14 -12.85
C ILE E 344 -12.24 21.59 -11.46
N GLU E 345 -11.43 20.62 -11.10
CA GLU E 345 -11.55 19.97 -9.82
C GLU E 345 -11.12 20.87 -8.69
N VAL E 346 -9.99 21.54 -8.86
CA VAL E 346 -9.45 22.37 -7.81
C VAL E 346 -10.37 23.56 -7.57
N HIS E 347 -10.85 24.14 -8.66
CA HIS E 347 -11.77 25.27 -8.56
C HIS E 347 -13.00 24.84 -7.78
N ALA E 348 -13.54 23.68 -8.12
CA ALA E 348 -14.71 23.13 -7.44
C ALA E 348 -14.44 22.91 -5.96
N LEU E 349 -13.21 22.53 -5.63
CA LEU E 349 -12.81 22.40 -4.24
C LEU E 349 -12.69 23.76 -3.62
N LEU E 350 -12.16 24.70 -4.39
CA LEU E 350 -11.89 26.06 -3.91
C LEU E 350 -13.14 26.79 -3.44
N SER E 351 -14.28 26.44 -4.03
CA SER E 351 -15.52 27.07 -3.64
C SER E 351 -16.44 26.08 -2.93
N THR E 352 -15.89 25.19 -2.14
CA THR E 352 -16.72 24.36 -1.28
C THR E 352 -16.02 24.22 0.03
N TYR E 353 -15.02 23.35 0.06
CA TYR E 353 -14.18 23.22 1.20
C TYR E 353 -13.46 24.53 1.42
N GLY E 354 -13.04 25.15 0.32
CA GLY E 354 -12.22 26.38 0.33
C GLY E 354 -12.91 27.70 0.66
N ALA E 355 -14.21 27.79 0.41
CA ALA E 355 -14.96 28.98 0.84
C ALA E 355 -14.93 29.10 2.38
N GLU E 356 -15.15 27.97 3.06
CA GLU E 356 -15.29 27.90 4.54
C GLU E 356 -13.98 27.81 5.36
N ARG E 357 -12.95 28.62 5.05
CA ARG E 357 -11.63 28.48 5.70
C ARG E 357 -10.95 29.80 6.00
N ASP E 358 -9.92 29.72 6.85
CA ASP E 358 -8.85 30.74 6.92
C ASP E 358 -7.94 30.63 5.69
N PRO E 359 -7.29 31.76 5.28
CA PRO E 359 -6.01 31.55 4.58
C PRO E 359 -5.09 30.79 5.55
N ASP E 360 -4.96 31.36 6.75
CA ASP E 360 -4.28 30.78 7.94
C ASP E 360 -4.35 29.24 8.10
N ASP E 361 -5.41 28.61 7.61
CA ASP E 361 -5.54 27.15 7.69
C ASP E 361 -6.29 26.65 6.46
N PRO E 362 -5.57 26.19 5.43
CA PRO E 362 -6.21 25.76 4.20
C PRO E 362 -6.65 24.31 4.21
N LEU E 363 -7.36 23.92 3.15
CA LEU E 363 -7.64 22.51 2.89
C LEU E 363 -6.42 21.92 2.23
N TRP E 364 -6.10 20.66 2.57
CA TRP E 364 -4.90 20.01 2.05
C TRP E 364 -5.23 18.92 1.07
N ILE E 365 -4.51 18.90 -0.05
CA ILE E 365 -4.88 18.16 -1.25
C ILE E 365 -3.75 17.24 -1.73
N GLY E 366 -4.09 16.05 -2.20
CA GLY E 366 -3.11 15.16 -2.85
C GLY E 366 -3.70 14.05 -3.72
N SER E 367 -2.85 13.25 -4.33
CA SER E 367 -3.33 12.11 -5.12
C SER E 367 -2.34 10.98 -5.20
N VAL E 368 -2.81 9.77 -4.88
CA VAL E 368 -2.03 8.55 -5.07
C VAL E 368 -1.70 8.30 -6.52
N LYS E 369 -2.48 8.87 -7.43
CA LYS E 369 -2.23 8.65 -8.83
C LYS E 369 -0.85 9.19 -9.20
N SER E 370 -0.33 10.09 -8.37
CA SER E 370 1.10 10.48 -8.42
C SER E 370 2.12 9.37 -8.03
N ASN E 371 1.65 8.34 -7.32
CA ASN E 371 2.50 7.20 -6.89
C ASN E 371 2.35 5.93 -7.73
N ILE E 372 1.11 5.58 -8.05
CA ILE E 372 0.80 4.31 -8.71
C ILE E 372 0.08 4.48 -10.04
N GLY E 373 -0.43 5.67 -10.31
CA GLY E 373 -1.19 5.95 -11.54
C GLY E 373 -2.71 5.83 -11.42
N HIS E 374 -3.40 6.17 -12.51
CA HIS E 374 -4.86 6.07 -12.57
C HIS E 374 -5.13 4.59 -12.69
N THR E 375 -5.53 4.01 -11.57
CA THR E 375 -5.75 2.57 -11.41
C THR E 375 -7.24 2.20 -11.69
N GLN E 376 -8.00 3.23 -12.09
CA GLN E 376 -9.29 3.14 -12.79
C GLN E 376 -10.44 2.67 -11.89
N ALA E 377 -11.19 1.64 -12.24
CA ALA E 377 -12.25 1.21 -11.35
C ALA E 377 -11.77 1.15 -9.90
N ALA E 378 -10.48 0.83 -9.72
CA ALA E 378 -9.90 0.66 -8.39
C ALA E 378 -9.50 1.97 -7.74
N ALA E 379 -9.16 2.96 -8.55
CA ALA E 379 -8.91 4.29 -8.02
C ALA E 379 -10.09 4.63 -7.15
N GLY E 380 -9.85 5.35 -6.08
CA GLY E 380 -10.96 5.70 -5.21
C GLY E 380 -10.94 4.73 -4.04
N VAL E 381 -10.87 3.43 -4.33
CA VAL E 381 -10.54 2.45 -3.29
C VAL E 381 -9.09 2.65 -2.88
N ALA E 382 -8.23 2.86 -3.86
CA ALA E 382 -6.87 3.26 -3.57
C ALA E 382 -6.91 4.51 -2.69
N GLY E 383 -7.75 5.45 -3.10
CA GLY E 383 -7.82 6.73 -2.41
C GLY E 383 -8.26 6.60 -0.97
N VAL E 384 -9.31 5.83 -0.75
CA VAL E 384 -9.82 5.63 0.61
C VAL E 384 -8.71 5.04 1.48
N MSE E 385 -7.96 4.12 0.94
CA MSE E 385 -6.91 3.48 1.71
C MSE E 385 -5.84 4.47 2.09
O MSE E 385 -5.52 4.59 3.27
CB MSE E 385 -6.32 2.32 0.95
CG MSE E 385 -7.31 1.18 0.87
SE MSE E 385 -6.64 -0.49 0.17
CE MSE E 385 -5.13 -0.77 1.43
N LYS E 386 -5.33 5.20 1.10
CA LYS E 386 -4.36 6.26 1.39
C LYS E 386 -4.84 7.08 2.59
N ALA E 387 -6.11 7.45 2.58
CA ALA E 387 -6.68 8.24 3.66
C ALA E 387 -6.70 7.45 4.96
N VAL E 388 -7.13 6.19 4.92
CA VAL E 388 -7.27 5.43 6.14
C VAL E 388 -5.91 5.32 6.79
N LEU E 389 -4.95 4.82 6.03
CA LEU E 389 -3.57 4.69 6.52
C LEU E 389 -3.01 6.02 7.01
N ALA E 390 -3.15 7.08 6.22
CA ALA E 390 -2.68 8.40 6.61
C ALA E 390 -3.32 8.82 7.92
N LEU E 391 -4.61 8.54 8.10
CA LEU E 391 -5.22 8.85 9.39
C LEU E 391 -4.56 8.03 10.48
N ARG E 392 -4.31 6.76 10.21
CA ARG E 392 -3.72 5.86 11.23
C ARG E 392 -2.29 6.24 11.63
N HIS E 393 -1.51 6.74 10.68
CA HIS E 393 -0.12 7.02 10.95
C HIS E 393 0.13 8.51 11.27
N GLY E 394 -0.89 9.34 11.10
CA GLY E 394 -0.82 10.75 11.49
C GLY E 394 0.07 11.59 10.61
N GLU E 395 0.08 11.29 9.32
CA GLU E 395 0.97 11.91 8.35
C GLU E 395 0.30 12.00 6.98
N MSE E 396 0.27 13.19 6.39
CA MSE E 396 -0.17 13.33 5.01
C MSE E 396 1.09 13.14 4.16
O MSE E 396 2.10 13.80 4.39
CB MSE E 396 -0.76 14.71 4.76
CG MSE E 396 -1.77 15.14 5.80
SE MSE E 396 -2.56 16.86 5.44
CE MSE E 396 -3.26 17.30 7.22
N PRO E 397 1.06 12.20 3.21
CA PRO E 397 2.29 11.98 2.45
C PRO E 397 2.41 12.94 1.29
N ARG E 398 3.54 12.87 0.59
CA ARG E 398 3.85 13.75 -0.54
C ARG E 398 2.86 13.52 -1.69
N THR E 399 2.94 14.35 -2.72
CA THR E 399 2.29 14.08 -4.00
C THR E 399 3.37 14.35 -5.03
N LEU E 400 3.73 13.31 -5.78
CA LEU E 400 4.91 13.37 -6.62
C LEU E 400 4.76 14.33 -7.80
N HIS E 401 5.89 14.71 -8.39
CA HIS E 401 5.93 15.47 -9.63
C HIS E 401 5.25 16.83 -9.54
N PHE E 402 5.56 17.59 -8.50
CA PHE E 402 4.99 18.93 -8.35
C PHE E 402 6.01 20.00 -8.79
N ASP E 403 6.09 20.20 -10.11
CA ASP E 403 7.04 21.14 -10.70
C ASP E 403 6.86 22.50 -10.05
N GLU E 404 5.97 23.31 -10.62
CA GLU E 404 5.48 24.50 -9.98
C GLU E 404 3.96 24.26 -10.00
N PRO E 405 3.21 24.87 -9.06
CA PRO E 405 1.76 24.75 -9.16
C PRO E 405 1.28 25.17 -10.54
N SER E 406 0.22 24.54 -11.03
CA SER E 406 -0.30 24.84 -12.36
C SER E 406 -0.72 26.30 -12.46
N PRO E 407 -0.15 27.04 -13.43
CA PRO E 407 -0.58 28.43 -13.60
C PRO E 407 -2.04 28.61 -14.03
N GLN E 408 -2.68 27.53 -14.50
CA GLN E 408 -4.08 27.58 -14.96
C GLN E 408 -5.09 27.49 -13.82
N ILE E 409 -4.67 26.99 -12.68
CA ILE E 409 -5.56 26.95 -11.53
C ILE E 409 -5.45 28.30 -10.88
N GLU E 410 -6.56 28.77 -10.34
CA GLU E 410 -6.67 30.09 -9.77
C GLU E 410 -6.64 29.96 -8.27
N TRP E 411 -5.46 29.58 -7.77
CA TRP E 411 -5.24 29.26 -6.35
C TRP E 411 -5.69 30.41 -5.45
N ASP E 412 -6.21 30.07 -4.26
CA ASP E 412 -6.77 31.09 -3.35
C ASP E 412 -7.67 32.10 -4.11
N LEU E 413 -8.74 31.61 -4.73
CA LEU E 413 -9.75 32.47 -5.39
C LEU E 413 -11.14 32.15 -4.86
N ALA E 415 -8.40 29.47 0.25
CA ALA E 415 -7.73 28.40 0.98
C ALA E 415 -7.22 27.38 -0.04
N VAL E 416 -7.02 26.12 0.36
CA VAL E 416 -6.67 25.03 -0.57
C VAL E 416 -5.23 25.05 -1.11
N SER E 417 -4.37 24.17 -0.56
CA SER E 417 -2.97 24.00 -1.02
C SER E 417 -2.64 22.55 -1.27
N VAL E 418 -1.64 22.29 -2.09
CA VAL E 418 -1.29 20.93 -2.47
C VAL E 418 -0.07 20.47 -1.68
N VAL E 419 -0.20 19.35 -0.95
CA VAL E 419 0.89 18.83 -0.11
C VAL E 419 2.05 18.21 -0.94
N SER E 420 3.09 19.03 -1.19
CA SER E 420 4.27 18.60 -1.94
C SER E 420 5.33 18.04 -1.00
N GLN E 421 5.63 18.75 0.08
CA GLN E 421 6.51 18.26 1.16
C GLN E 421 5.67 17.43 2.15
N ALA E 422 6.20 16.30 2.62
CA ALA E 422 5.46 15.44 3.55
C ALA E 422 5.05 16.24 4.77
N ARG E 423 3.76 16.26 5.04
CA ARG E 423 3.19 17.09 6.10
C ARG E 423 2.67 16.19 7.19
N SER E 424 2.84 16.57 8.45
CA SER E 424 2.33 15.71 9.53
C SER E 424 0.90 16.11 9.89
N TRP E 425 0.18 15.18 10.50
CA TRP E 425 -1.26 15.29 10.74
C TRP E 425 -1.59 14.59 12.04
N PRO E 426 -1.33 15.24 13.19
CA PRO E 426 -1.54 14.54 14.46
C PRO E 426 -3.00 14.62 14.93
N ALA E 427 -3.42 13.60 15.64
CA ALA E 427 -4.71 13.56 16.30
C ALA E 427 -4.71 14.65 17.35
N GLY E 428 -5.65 15.58 17.24
CA GLY E 428 -5.81 16.67 18.19
C GLY E 428 -7.17 16.63 18.85
N GLU E 429 -7.61 17.79 19.35
CA GLU E 429 -8.91 17.94 20.03
C GLU E 429 -10.07 17.41 19.16
N ARG E 430 -10.20 17.91 17.93
CA ARG E 430 -11.28 17.50 17.04
C ARG E 430 -10.91 16.17 16.42
N PRO E 431 -11.90 15.32 16.11
CA PRO E 431 -11.59 14.19 15.23
C PRO E 431 -11.14 14.65 13.83
N ARG E 432 -10.15 13.98 13.25
CA ARG E 432 -9.71 14.29 11.91
C ARG E 432 -10.60 13.57 10.92
N ARG E 433 -10.93 14.26 9.82
CA ARG E 433 -11.64 13.61 8.73
C ARG E 433 -11.09 14.04 7.37
N ALA E 434 -11.47 13.27 6.35
CA ALA E 434 -10.99 13.45 4.97
C ALA E 434 -12.12 13.19 3.95
N GLY E 435 -12.09 13.90 2.83
CA GLY E 435 -12.94 13.56 1.72
C GLY E 435 -12.10 12.77 0.73
N VAL E 436 -12.76 12.00 -0.12
CA VAL E 436 -12.10 11.34 -1.23
C VAL E 436 -13.03 11.46 -2.39
N SER E 437 -12.52 11.89 -3.54
CA SER E 437 -13.40 11.99 -4.67
C SER E 437 -12.86 11.28 -5.87
N SER E 438 -13.79 10.60 -6.52
CA SER E 438 -13.52 9.87 -7.75
C SER E 438 -14.59 10.29 -8.74
N PHE E 439 -14.17 10.78 -9.91
CA PHE E 439 -15.07 11.31 -10.93
C PHE E 439 -14.96 10.53 -12.25
N GLY E 440 -16.02 9.84 -12.65
CA GLY E 440 -15.98 8.91 -13.78
C GLY E 440 -16.08 9.52 -15.18
N ILE E 441 -15.42 8.89 -16.14
CA ILE E 441 -15.44 9.32 -17.54
C ILE E 441 -16.82 9.21 -18.21
N SER E 442 -17.72 8.38 -17.69
CA SER E 442 -19.12 8.40 -18.16
C SER E 442 -19.95 9.56 -17.53
N GLY E 443 -19.30 10.39 -16.71
CA GLY E 443 -19.97 11.49 -16.02
C GLY E 443 -20.46 11.23 -14.59
N THR E 444 -20.28 10.01 -14.09
CA THR E 444 -20.84 9.69 -12.77
C THR E 444 -19.80 9.92 -11.66
N ASN E 445 -20.13 10.84 -10.75
CA ASN E 445 -19.21 11.35 -9.73
C ASN E 445 -19.53 10.76 -8.37
N ALA E 446 -18.53 10.67 -7.50
CA ALA E 446 -18.69 10.20 -6.13
C ALA E 446 -17.71 10.86 -5.17
N HIS E 447 -18.19 11.06 -3.96
CA HIS E 447 -17.39 11.66 -2.93
C HIS E 447 -17.84 11.07 -1.62
N VAL E 448 -16.88 10.75 -0.76
CA VAL E 448 -17.12 10.02 0.47
C VAL E 448 -16.26 10.63 1.59
N ILE E 449 -16.73 10.52 2.82
CA ILE E 449 -16.07 11.16 3.93
C ILE E 449 -15.63 10.19 5.02
N VAL E 450 -14.32 10.21 5.31
CA VAL E 450 -13.69 9.25 6.21
C VAL E 450 -13.27 9.92 7.47
N GLU E 451 -13.30 9.19 8.57
CA GLU E 451 -12.98 9.74 9.88
C GLU E 451 -12.05 8.82 10.64
N GLU E 452 -11.24 9.39 11.52
CA GLU E 452 -10.37 8.59 12.38
C GLU E 452 -11.20 7.73 13.32
N ALA E 453 -10.63 6.60 13.73
CA ALA E 453 -11.34 5.66 14.57
C ALA E 453 -11.61 6.26 15.94
N PRO E 454 -12.77 5.93 16.52
CA PRO E 454 -13.16 6.49 17.80
C PRO E 454 -12.38 5.87 18.95
N GLU E 455 -12.77 6.16 20.19
CA GLU E 455 -12.01 5.72 21.37
C GLU E 455 -12.06 4.23 21.64
N ALA E 456 -10.91 3.65 21.95
CA ALA E 456 -10.78 2.21 22.20
C ALA E 456 -10.02 1.91 23.49
N ASP E 457 -10.75 1.53 24.53
CA ASP E 457 -10.18 0.93 25.74
C ASP E 457 -11.27 0.54 26.73
N GLY E 466 5.42 -17.18 30.19
CA GLY E 466 5.88 -18.55 29.95
C GLY E 466 5.65 -19.04 28.52
N PRO E 467 6.04 -20.32 28.24
CA PRO E 467 5.85 -20.92 26.88
C PRO E 467 4.39 -20.91 26.39
N VAL E 468 4.20 -21.13 25.08
CA VAL E 468 2.89 -20.99 24.42
C VAL E 468 2.74 -21.92 23.18
N PRO E 469 1.56 -22.51 22.99
CA PRO E 469 1.35 -23.28 21.76
C PRO E 469 0.88 -22.41 20.57
N LEU E 470 1.72 -22.31 19.55
CA LEU E 470 1.32 -21.60 18.36
C LEU E 470 0.88 -22.63 17.34
N VAL E 471 -0.41 -22.71 17.06
CA VAL E 471 -0.92 -23.69 16.07
C VAL E 471 -1.03 -23.04 14.68
N LEU E 472 -0.72 -23.78 13.62
CA LEU E 472 -0.79 -23.21 12.27
C LEU E 472 -0.86 -24.27 11.17
N SER E 473 -1.44 -23.92 10.03
CA SER E 473 -1.89 -24.90 9.05
C SER E 473 -1.99 -24.35 7.62
N GLY E 474 -1.81 -25.22 6.64
CA GLY E 474 -1.93 -24.83 5.21
C GLY E 474 -2.60 -25.88 4.35
N ARG E 475 -3.15 -25.47 3.21
CA ARG E 475 -3.81 -26.42 2.29
C ARG E 475 -2.80 -27.43 1.78
N ASP E 476 -1.58 -26.97 1.48
CA ASP E 476 -0.50 -27.87 1.12
C ASP E 476 0.68 -27.58 2.03
N GLU E 477 1.67 -28.46 1.95
CA GLU E 477 2.80 -28.44 2.87
C GLU E 477 3.65 -27.21 2.70
N GLN E 478 4.01 -26.88 1.47
CA GLN E 478 4.80 -25.68 1.22
C GLN E 478 4.16 -24.41 1.81
N ALA E 479 2.84 -24.44 1.96
CA ALA E 479 2.09 -23.34 2.53
C ALA E 479 2.24 -23.28 4.03
N MSE E 480 2.13 -24.42 4.69
CA MSE E 480 2.31 -24.49 6.14
C MSE E 480 3.75 -24.08 6.56
O MSE E 480 3.95 -23.42 7.57
CB MSE E 480 1.97 -25.90 6.64
CG MSE E 480 2.27 -26.15 8.13
SE MSE E 480 3.03 -27.96 8.47
CE MSE E 480 4.62 -27.93 7.22
N ARG E 481 4.74 -24.49 5.76
CA ARG E 481 6.10 -24.00 5.95
C ARG E 481 6.13 -22.49 5.80
N ALA E 482 5.56 -21.99 4.71
CA ALA E 482 5.46 -20.56 4.47
C ALA E 482 4.71 -19.88 5.61
N GLN E 483 3.61 -20.47 6.06
CA GLN E 483 2.81 -19.90 7.13
C GLN E 483 3.64 -19.70 8.40
N ALA E 484 4.49 -20.67 8.68
CA ALA E 484 5.39 -20.60 9.83
C ALA E 484 6.43 -19.54 9.55
N GLY E 485 7.06 -19.65 8.38
CA GLY E 485 8.03 -18.68 7.91
C GLY E 485 7.54 -17.27 8.12
N ARG E 486 6.27 -17.02 7.82
CA ARG E 486 5.70 -15.68 7.99
C ARG E 486 5.50 -15.29 9.45
N LEU E 487 4.97 -16.20 10.25
CA LEU E 487 4.84 -15.95 11.69
C LEU E 487 6.17 -15.51 12.30
N ALA E 488 7.24 -16.15 11.84
CA ALA E 488 8.59 -15.88 12.36
C ALA E 488 8.99 -14.43 12.10
N ASP E 489 8.64 -13.93 10.91
CA ASP E 489 8.96 -12.57 10.52
C ASP E 489 8.13 -11.57 11.30
N HIS E 490 6.84 -11.84 11.40
CA HIS E 490 5.93 -10.94 12.11
C HIS E 490 6.26 -10.88 13.61
N LEU E 491 6.68 -12.02 14.15
CA LEU E 491 6.98 -12.09 15.56
C LEU E 491 8.25 -11.26 15.87
N ALA E 492 9.24 -11.36 14.98
CA ALA E 492 10.54 -10.67 15.11
C ALA E 492 10.47 -9.15 14.83
N ARG E 493 9.85 -8.78 13.73
CA ARG E 493 9.66 -7.36 13.42
C ARG E 493 9.07 -6.62 14.60
N GLU E 494 8.05 -7.22 15.23
CA GLU E 494 7.27 -6.55 16.26
C GLU E 494 7.34 -7.31 17.59
N PRO E 495 8.29 -6.92 18.49
CA PRO E 495 8.30 -7.55 19.85
C PRO E 495 7.11 -7.10 20.74
N ARG E 496 6.40 -6.04 20.32
CA ARG E 496 5.16 -5.61 20.96
C ARG E 496 4.02 -6.63 20.78
N ASN E 497 4.10 -7.50 19.77
CA ASN E 497 3.16 -8.60 19.61
C ASN E 497 3.30 -9.64 20.75
N SER E 498 2.34 -9.57 21.68
CA SER E 498 2.18 -10.55 22.77
C SER E 498 2.09 -11.98 22.23
N LEU E 499 3.03 -12.83 22.64
CA LEU E 499 3.06 -14.22 22.21
C LEU E 499 1.72 -14.92 22.51
N ARG E 500 1.15 -14.70 23.70
CA ARG E 500 -0.08 -15.37 24.08
C ARG E 500 -1.18 -15.05 23.10
N ASP E 501 -1.36 -13.77 22.83
CA ASP E 501 -2.47 -13.33 21.99
C ASP E 501 -2.26 -13.78 20.53
N THR E 502 -1.01 -13.73 20.06
CA THR E 502 -0.62 -14.31 18.78
C THR E 502 -1.11 -15.77 18.65
N GLY E 503 -0.96 -16.54 19.72
CA GLY E 503 -1.44 -17.92 19.75
C GLY E 503 -2.97 -18.00 19.84
N PHE E 504 -3.55 -17.18 20.71
CA PHE E 504 -4.99 -17.17 20.88
C PHE E 504 -5.70 -16.90 19.55
N THR E 505 -5.11 -16.01 18.78
CA THR E 505 -5.62 -15.63 17.47
C THR E 505 -5.43 -16.74 16.44
N LEU E 506 -4.29 -17.44 16.52
CA LEU E 506 -3.99 -18.55 15.61
C LEU E 506 -4.97 -19.71 15.77
N ALA E 507 -5.51 -19.83 16.98
CA ALA E 507 -6.31 -20.99 17.38
C ALA E 507 -7.80 -20.72 17.41
N THR E 508 -8.22 -19.46 17.48
CA THR E 508 -9.65 -19.13 17.55
C THR E 508 -10.17 -18.42 16.30
N ARG E 509 -9.27 -17.76 15.57
CA ARG E 509 -9.63 -16.83 14.50
C ARG E 509 -8.95 -17.19 13.19
N ARG E 510 -8.61 -18.47 13.01
CA ARG E 510 -7.98 -18.95 11.78
C ARG E 510 -8.48 -20.34 11.39
N SER E 511 -8.35 -20.64 10.11
CA SER E 511 -8.86 -21.87 9.53
C SER E 511 -7.88 -23.00 9.79
N ALA E 512 -8.40 -24.17 10.18
CA ALA E 512 -7.59 -25.35 10.40
C ALA E 512 -7.48 -26.20 9.11
N TRP E 513 -6.39 -25.98 8.37
CA TRP E 513 -6.16 -26.70 7.10
C TRP E 513 -5.52 -28.10 7.27
N GLU E 514 -5.29 -28.79 6.15
CA GLU E 514 -4.87 -30.20 6.20
C GLU E 514 -3.46 -30.39 6.77
N HIS E 515 -2.50 -29.58 6.34
CA HIS E 515 -1.12 -29.73 6.77
C HIS E 515 -0.84 -28.79 7.93
N ARG E 516 -0.47 -29.36 9.07
CA ARG E 516 -0.50 -28.66 10.36
C ARG E 516 0.81 -28.75 11.15
N ALA E 517 1.13 -27.67 11.85
CA ALA E 517 2.28 -27.64 12.73
C ALA E 517 1.93 -26.95 14.05
N VAL E 518 2.58 -27.38 15.12
CA VAL E 518 2.45 -26.73 16.42
C VAL E 518 3.84 -26.42 16.92
N VAL E 519 4.00 -25.25 17.52
CA VAL E 519 5.27 -24.88 18.09
C VAL E 519 4.96 -24.37 19.48
N VAL E 520 5.73 -24.88 20.45
CA VAL E 520 5.58 -24.55 21.86
C VAL E 520 6.90 -23.98 22.36
N GLY E 521 6.87 -22.74 22.87
CA GLY E 521 8.08 -22.08 23.35
C GLY E 521 7.87 -20.62 23.71
N ASP E 522 8.67 -20.15 24.66
CA ASP E 522 8.72 -18.72 25.00
C ASP E 522 9.45 -18.00 23.89
N ARG E 523 8.91 -16.86 23.49
CA ARG E 523 9.39 -16.09 22.31
C ARG E 523 10.48 -16.79 21.48
N ASP E 524 11.71 -16.75 22.00
CA ASP E 524 12.89 -17.14 21.24
C ASP E 524 12.80 -18.59 20.71
N GLU E 525 12.38 -19.52 21.57
CA GLU E 525 12.16 -20.88 21.14
C GLU E 525 11.08 -20.88 20.05
N ALA E 526 10.03 -20.12 20.30
CA ALA E 526 8.98 -19.97 19.31
C ALA E 526 9.59 -19.54 17.97
N LEU E 527 10.44 -18.51 17.98
CA LEU E 527 11.07 -18.02 16.74
C LEU E 527 11.81 -19.12 15.96
N ALA E 528 12.64 -19.89 16.67
CA ALA E 528 13.51 -20.92 16.04
C ALA E 528 12.71 -22.11 15.55
N GLY E 529 11.84 -22.65 16.39
CA GLY E 529 10.93 -23.73 15.96
C GLY E 529 10.18 -23.37 14.69
N LEU E 530 9.71 -22.13 14.65
CA LEU E 530 9.01 -21.63 13.50
C LEU E 530 9.92 -21.66 12.27
N ARG E 531 11.17 -21.24 12.42
CA ARG E 531 12.12 -21.25 11.29
C ARG E 531 12.42 -22.67 10.82
N ALA E 532 12.54 -23.59 11.76
CA ALA E 532 12.72 -25.00 11.41
C ALA E 532 11.55 -25.44 10.55
N VAL E 533 10.34 -25.27 11.08
CA VAL E 533 9.15 -25.68 10.36
C VAL E 533 9.19 -25.10 8.96
N ALA E 534 9.60 -23.84 8.85
CA ALA E 534 9.66 -23.17 7.57
C ALA E 534 10.65 -23.84 6.65
N ASP E 535 11.78 -24.25 7.21
CA ASP E 535 12.86 -24.77 6.39
C ASP E 535 12.79 -26.28 6.19
N GLY E 536 11.62 -26.87 6.40
CA GLY E 536 11.48 -28.33 6.25
C GLY E 536 12.24 -29.20 7.25
N ARG E 537 12.60 -28.63 8.41
CA ARG E 537 13.40 -29.32 9.45
C ARG E 537 12.64 -29.51 10.77
N ILE E 538 13.25 -30.24 11.70
CA ILE E 538 12.58 -30.64 12.95
C ILE E 538 13.32 -30.14 14.19
N ALA E 539 12.54 -29.72 15.18
CA ALA E 539 13.07 -29.21 16.45
C ALA E 539 12.27 -29.76 17.61
N ASP E 540 12.72 -29.47 18.82
CA ASP E 540 12.03 -29.94 20.03
C ASP E 540 10.82 -29.07 20.29
N ARG E 541 9.80 -29.64 20.92
CA ARG E 541 8.47 -29.00 21.08
C ARG E 541 7.81 -28.59 19.76
N THR E 542 7.83 -29.51 18.81
CA THR E 542 7.33 -29.27 17.49
C THR E 542 6.58 -30.53 17.03
N ALA E 543 5.33 -30.35 16.62
CA ALA E 543 4.57 -31.38 15.95
C ALA E 543 4.30 -30.97 14.49
N THR E 544 4.30 -31.93 13.59
CA THR E 544 4.17 -31.65 12.17
C THR E 544 3.42 -32.83 11.54
N GLY E 545 2.23 -32.59 10.98
CA GLY E 545 1.35 -33.67 10.52
C GLY E 545 0.40 -33.37 9.38
N GLN E 546 -0.55 -34.28 9.17
CA GLN E 546 -1.58 -34.20 8.13
C GLN E 546 -2.91 -34.59 8.71
N ALA E 547 -3.78 -33.63 8.93
CA ALA E 547 -5.05 -33.93 9.56
C ALA E 547 -5.89 -34.82 8.67
N ARG E 548 -6.68 -35.65 9.34
CA ARG E 548 -7.66 -36.50 8.72
C ARG E 548 -8.77 -36.52 9.75
N THR E 549 -9.98 -36.85 9.31
CA THR E 549 -11.13 -36.90 10.21
C THR E 549 -11.05 -38.22 10.95
N ARG E 550 -10.70 -38.13 12.22
CA ARG E 550 -10.49 -39.31 13.00
C ARG E 550 -11.72 -39.43 13.81
N ARG E 551 -12.46 -40.53 13.65
CA ARG E 551 -13.62 -40.70 14.48
C ARG E 551 -13.73 -42.04 15.07
N GLY E 552 -13.55 -41.98 16.40
CA GLY E 552 -13.09 -43.06 17.25
C GLY E 552 -11.79 -42.66 17.97
N VAL E 553 -11.88 -42.06 19.15
CA VAL E 553 -10.70 -41.79 19.99
C VAL E 553 -10.64 -42.82 21.10
N ALA E 554 -9.50 -43.48 21.24
CA ALA E 554 -9.39 -44.53 22.23
C ALA E 554 -8.23 -44.23 23.14
N MSE E 555 -8.48 -44.23 24.44
CA MSE E 555 -7.43 -43.96 25.40
C MSE E 555 -6.88 -45.24 25.99
O MSE E 555 -7.63 -46.02 26.58
CB MSE E 555 -7.91 -43.07 26.52
CG MSE E 555 -7.79 -41.60 26.22
SE MSE E 555 -8.56 -40.49 27.64
CE MSE E 555 -8.25 -38.74 26.74
N VAL E 556 -5.58 -45.41 25.86
CA VAL E 556 -4.86 -46.59 26.32
C VAL E 556 -4.17 -46.29 27.65
N PHE E 557 -4.27 -47.23 28.58
CA PHE E 557 -3.72 -47.05 29.91
C PHE E 557 -2.76 -48.19 30.27
N PRO E 558 -1.46 -47.96 30.11
CA PRO E 558 -0.42 -48.96 30.34
C PRO E 558 -0.11 -49.19 31.81
N GLY E 559 0.84 -50.08 32.10
CA GLY E 559 1.23 -50.46 33.48
C GLY E 559 2.71 -50.26 33.81
N GLN E 560 3.41 -51.34 34.14
CA GLN E 560 4.86 -51.27 34.45
C GLN E 560 5.64 -50.74 33.23
N GLY E 561 6.74 -50.03 33.52
CA GLY E 561 7.56 -49.40 32.50
C GLY E 561 7.15 -47.97 32.18
N ALA E 562 5.93 -47.59 32.56
CA ALA E 562 5.52 -46.23 32.34
C ALA E 562 6.16 -45.24 33.33
N GLN E 563 6.66 -45.68 34.49
CA GLN E 563 7.06 -44.73 35.58
C GLN E 563 8.45 -44.21 35.39
N TRP E 564 8.68 -42.95 35.75
CA TRP E 564 10.02 -42.45 35.97
C TRP E 564 10.03 -41.63 37.24
N GLN E 565 11.19 -41.50 37.86
CA GLN E 565 11.31 -40.75 39.11
C GLN E 565 11.20 -39.23 38.89
N GLY E 566 10.14 -38.62 39.41
CA GLY E 566 9.82 -37.21 39.16
C GLY E 566 8.49 -37.08 38.44
N MSE E 567 8.34 -37.84 37.37
CA MSE E 567 7.13 -37.86 36.59
C MSE E 567 6.47 -36.52 36.63
O MSE E 567 6.76 -35.66 35.80
CB MSE E 567 6.16 -38.89 37.15
CG MSE E 567 6.59 -40.28 36.92
SE MSE E 567 5.22 -41.56 37.30
CE MSE E 567 4.84 -41.21 39.08
N ALA E 568 5.63 -36.32 37.62
CA ALA E 568 4.63 -35.26 37.54
C ALA E 568 5.09 -33.94 38.14
N ARG E 569 6.32 -33.85 38.64
CA ARG E 569 6.73 -32.66 39.42
C ARG E 569 6.42 -31.35 38.74
N ASP E 570 6.92 -31.20 37.51
CA ASP E 570 6.84 -29.95 36.77
C ASP E 570 5.40 -29.60 36.45
N LEU E 571 4.65 -30.61 36.04
CA LEU E 571 3.24 -30.44 35.64
C LEU E 571 2.34 -30.18 36.85
N LEU E 572 2.84 -30.54 38.03
CA LEU E 572 2.16 -30.34 39.30
C LEU E 572 2.01 -28.83 39.58
N ARG E 573 3.06 -28.06 39.27
CA ARG E 573 3.01 -26.58 39.32
C ARG E 573 2.24 -26.02 38.14
N GLU E 574 2.73 -26.33 36.95
CA GLU E 574 2.35 -25.62 35.73
C GLU E 574 0.91 -25.81 35.28
N SER E 575 0.23 -26.86 35.76
CA SER E 575 -1.17 -27.12 35.37
C SER E 575 -2.11 -27.28 36.57
N GLN E 576 -3.23 -26.56 36.51
CA GLN E 576 -4.19 -26.63 37.59
C GLN E 576 -5.06 -27.87 37.42
N VAL E 577 -5.71 -28.01 36.27
CA VAL E 577 -6.56 -29.16 35.97
C VAL E 577 -5.93 -30.43 36.52
N PHE E 578 -4.63 -30.55 36.24
CA PHE E 578 -3.83 -31.70 36.65
C PHE E 578 -3.62 -31.74 38.15
N ALA E 579 -3.06 -30.68 38.71
CA ALA E 579 -2.85 -30.60 40.15
C ALA E 579 -4.17 -30.73 40.93
N ASP E 580 -5.27 -30.23 40.37
CA ASP E 580 -6.60 -30.42 40.96
C ASP E 580 -6.90 -31.90 41.11
N SER E 581 -6.71 -32.63 40.01
CA SER E 581 -6.95 -34.08 39.94
C SER E 581 -6.05 -34.84 40.92
N ILE E 582 -4.76 -34.56 40.86
CA ILE E 582 -3.81 -35.12 41.81
C ILE E 582 -4.30 -34.96 43.25
N ARG E 583 -4.81 -33.78 43.58
CA ARG E 583 -5.30 -33.53 44.95
C ARG E 583 -6.50 -34.39 45.29
N ASP E 584 -7.42 -34.53 44.35
CA ASP E 584 -8.58 -35.38 44.57
C ASP E 584 -8.12 -36.81 44.85
N CYS E 585 -6.98 -37.19 44.25
CA CYS E 585 -6.38 -38.54 44.43
C CYS E 585 -5.81 -38.81 45.79
N GLU E 586 -4.96 -37.90 46.28
CA GLU E 586 -4.35 -38.03 47.61
C GLU E 586 -5.38 -38.09 48.73
N ARG E 587 -6.56 -37.50 48.51
CA ARG E 587 -7.72 -37.64 49.39
C ARG E 587 -8.34 -39.03 49.32
N ALA E 588 -8.46 -39.58 48.11
CA ALA E 588 -9.07 -40.90 47.90
C ALA E 588 -8.17 -42.08 48.35
N LEU E 589 -6.86 -41.82 48.42
CA LEU E 589 -5.85 -42.83 48.80
C LEU E 589 -5.32 -42.70 50.25
N ALA E 590 -5.59 -41.57 50.92
CA ALA E 590 -5.17 -41.38 52.32
C ALA E 590 -5.58 -42.52 53.27
N PRO E 591 -6.82 -43.05 53.16
CA PRO E 591 -7.22 -44.21 53.99
C PRO E 591 -6.44 -45.52 53.79
N HIS E 592 -6.24 -45.91 52.53
CA HIS E 592 -5.63 -47.19 52.19
C HIS E 592 -4.09 -47.15 52.07
N VAL E 593 -3.51 -45.95 52.05
CA VAL E 593 -2.06 -45.76 51.87
C VAL E 593 -1.50 -44.72 52.85
N ASP E 594 -0.36 -45.03 53.46
CA ASP E 594 0.15 -44.22 54.57
C ASP E 594 1.21 -43.18 54.19
N TRP E 595 1.32 -42.85 52.92
CA TRP E 595 2.27 -41.83 52.46
C TRP E 595 1.52 -40.78 51.63
N SER E 596 2.17 -39.64 51.40
CA SER E 596 1.56 -38.55 50.65
C SER E 596 1.85 -38.66 49.16
N LEU E 597 0.82 -38.47 48.34
CA LEU E 597 1.04 -38.43 46.90
C LEU E 597 1.85 -37.20 46.49
N THR E 598 1.61 -36.06 47.14
CA THR E 598 2.25 -34.79 46.77
C THR E 598 3.74 -34.77 47.06
N ASP E 599 4.08 -35.10 48.30
CA ASP E 599 5.48 -35.18 48.71
C ASP E 599 6.23 -36.09 47.77
N LEU E 600 5.59 -37.23 47.47
CA LEU E 600 6.19 -38.27 46.66
C LEU E 600 6.52 -37.68 45.30
N LEU E 601 5.52 -37.10 44.65
CA LEU E 601 5.67 -36.61 43.28
C LEU E 601 6.50 -35.34 43.18
N SER E 602 6.23 -34.36 44.05
CA SER E 602 6.99 -33.11 44.03
C SER E 602 8.39 -33.26 44.62
N GLY E 603 8.56 -34.15 45.60
CA GLY E 603 9.88 -34.44 46.15
C GLY E 603 10.77 -35.32 45.27
N ALA E 604 10.21 -35.83 44.17
CA ALA E 604 10.92 -36.74 43.25
C ALA E 604 11.53 -37.94 43.98
N ARG E 605 10.75 -38.55 44.87
CA ARG E 605 11.24 -39.57 45.79
C ARG E 605 11.42 -40.89 45.09
N PRO E 606 12.16 -41.80 45.72
CA PRO E 606 12.30 -43.16 45.19
C PRO E 606 10.96 -43.78 44.80
N LEU E 607 10.97 -44.64 43.77
CA LEU E 607 9.76 -45.15 43.17
C LEU E 607 9.90 -46.64 42.85
N ASP E 608 10.37 -47.43 43.81
CA ASP E 608 10.60 -48.86 43.57
C ASP E 608 9.74 -49.80 44.43
N ARG E 609 8.86 -49.26 45.27
CA ARG E 609 7.95 -50.09 46.08
C ARG E 609 6.59 -50.30 45.43
N VAL E 610 6.20 -51.54 45.20
CA VAL E 610 4.94 -51.85 44.46
C VAL E 610 3.75 -51.12 45.04
N ASP E 611 3.69 -51.06 46.37
CA ASP E 611 2.60 -50.44 47.10
C ASP E 611 2.64 -48.94 47.01
N VAL E 612 3.76 -48.39 46.52
CA VAL E 612 3.92 -46.97 46.22
C VAL E 612 3.65 -46.66 44.75
N VAL E 613 4.26 -47.45 43.87
CA VAL E 613 4.25 -47.23 42.44
C VAL E 613 2.85 -47.32 41.87
N GLN E 614 2.23 -48.48 42.04
CA GLN E 614 1.01 -48.74 41.32
C GLN E 614 -0.05 -47.66 41.57
N PRO E 615 -0.30 -47.30 42.85
CA PRO E 615 -1.28 -46.23 43.12
C PRO E 615 -0.90 -44.85 42.60
N ALA E 616 0.38 -44.47 42.68
CA ALA E 616 0.86 -43.20 42.13
C ALA E 616 0.81 -43.17 40.59
N LEU E 617 0.94 -44.34 39.96
CA LEU E 617 0.83 -44.44 38.51
C LEU E 617 -0.62 -44.34 38.17
N PHE E 618 -1.47 -44.95 38.98
CA PHE E 618 -2.91 -44.80 38.80
C PHE E 618 -3.32 -43.31 38.80
N ALA E 619 -2.71 -42.54 39.70
CA ALA E 619 -3.06 -41.12 39.88
C ALA E 619 -2.63 -40.23 38.73
N VAL E 620 -1.36 -40.34 38.38
CA VAL E 620 -0.81 -39.60 37.27
C VAL E 620 -1.60 -39.82 36.00
N MSE E 621 -1.90 -41.07 35.70
CA MSE E 621 -2.63 -41.40 34.47
C MSE E 621 -4.04 -40.84 34.49
O MSE E 621 -4.49 -40.28 33.49
CB MSE E 621 -2.64 -42.92 34.20
CG MSE E 621 -1.25 -43.52 33.84
SE MSE E 621 -1.31 -45.35 33.23
CE MSE E 621 -2.21 -46.08 34.78
N VAL E 622 -4.74 -40.95 35.61
CA VAL E 622 -6.10 -40.40 35.70
C VAL E 622 -6.08 -38.87 35.60
N SER E 623 -5.04 -38.27 36.14
CA SER E 623 -4.87 -36.81 36.12
C SER E 623 -4.57 -36.38 34.72
N LEU E 624 -3.63 -37.07 34.09
CA LEU E 624 -3.42 -36.91 32.66
C LEU E 624 -4.72 -37.11 31.81
N ALA E 625 -5.63 -37.98 32.24
CA ALA E 625 -6.91 -38.15 31.51
C ALA E 625 -7.74 -36.87 31.61
N ALA E 626 -7.97 -36.43 32.84
CA ALA E 626 -8.69 -35.20 33.10
C ALA E 626 -8.15 -33.99 32.29
N LEU E 627 -6.84 -33.92 32.12
CA LEU E 627 -6.16 -32.82 31.42
C LEU E 627 -6.37 -32.89 29.90
N TRP E 628 -6.27 -34.08 29.32
CA TRP E 628 -6.66 -34.30 27.93
C TRP E 628 -8.06 -33.84 27.72
N ARG E 629 -8.92 -34.03 28.72
CA ARG E 629 -10.34 -33.72 28.55
C ARG E 629 -10.62 -32.23 28.67
N SER E 630 -9.83 -31.55 29.47
CA SER E 630 -9.93 -30.11 29.57
C SER E 630 -9.51 -29.44 28.26
N HIS E 631 -8.96 -30.20 27.32
CA HIS E 631 -8.77 -29.69 25.96
C HIS E 631 -9.67 -30.41 24.97
N GLY E 632 -10.77 -30.97 25.49
CA GLY E 632 -11.81 -31.57 24.65
C GLY E 632 -11.46 -32.85 23.91
N VAL E 633 -10.47 -33.60 24.37
CA VAL E 633 -10.22 -34.94 23.85
C VAL E 633 -10.94 -35.93 24.79
N GLU E 634 -12.02 -36.49 24.26
CA GLU E 634 -12.97 -37.26 25.05
C GLU E 634 -13.06 -38.67 24.48
N PRO E 635 -12.70 -39.65 25.27
CA PRO E 635 -12.49 -40.98 24.76
C PRO E 635 -13.82 -41.64 24.47
N ALA E 636 -13.99 -42.17 23.27
CA ALA E 636 -15.18 -42.95 22.99
C ALA E 636 -14.99 -44.41 23.44
N ALA E 637 -13.76 -44.77 23.82
CA ALA E 637 -13.47 -46.08 24.41
C ALA E 637 -12.15 -46.08 25.15
N VAL E 638 -12.00 -47.03 26.07
CA VAL E 638 -10.77 -47.14 26.83
C VAL E 638 -10.26 -48.58 26.94
N VAL E 639 -8.95 -48.73 27.03
CA VAL E 639 -8.28 -50.02 27.14
C VAL E 639 -7.26 -49.88 28.26
N GLY E 640 -7.06 -50.97 29.02
CA GLY E 640 -6.09 -51.00 30.10
C GLY E 640 -5.23 -52.24 30.02
N HIS E 641 -4.03 -52.15 30.58
CA HIS E 641 -3.05 -53.22 30.58
C HIS E 641 -2.68 -53.54 32.02
N SER E 642 -3.01 -54.75 32.49
CA SER E 642 -2.79 -55.12 33.90
C SER E 642 -3.42 -54.04 34.79
N GLN E 643 -2.71 -53.63 35.84
CA GLN E 643 -3.08 -52.46 36.66
C GLN E 643 -3.80 -51.33 35.93
N GLY E 644 -3.41 -51.09 34.68
CA GLY E 644 -4.04 -50.04 33.86
C GLY E 644 -5.54 -50.15 33.68
N GLU E 645 -6.11 -51.35 33.78
CA GLU E 645 -7.55 -51.52 33.67
C GLU E 645 -8.31 -50.76 34.75
N ILE E 646 -7.64 -50.44 35.85
CA ILE E 646 -8.27 -49.67 36.93
C ILE E 646 -8.47 -48.22 36.49
N ALA E 647 -7.38 -47.60 36.09
CA ALA E 647 -7.44 -46.25 35.61
C ALA E 647 -8.42 -46.17 34.45
N ALA E 648 -8.40 -47.14 33.55
CA ALA E 648 -9.35 -47.12 32.46
C ALA E 648 -10.76 -47.35 32.99
N ALA E 649 -10.89 -48.28 33.94
CA ALA E 649 -12.17 -48.52 34.58
C ALA E 649 -12.73 -47.23 35.20
N HIS E 650 -11.84 -46.38 35.72
CA HIS E 650 -12.29 -45.17 36.38
C HIS E 650 -12.65 -44.08 35.39
N VAL E 651 -11.78 -43.86 34.42
CA VAL E 651 -11.99 -42.85 33.39
C VAL E 651 -13.26 -43.14 32.57
N ALA E 652 -13.60 -44.42 32.35
CA ALA E 652 -14.84 -44.76 31.64
C ALA E 652 -16.13 -44.52 32.46
N GLY E 653 -16.00 -44.28 33.76
CA GLY E 653 -17.17 -44.10 34.65
C GLY E 653 -17.74 -45.40 35.20
N ALA E 654 -16.90 -46.43 35.30
CA ALA E 654 -17.28 -47.72 35.90
C ALA E 654 -16.90 -47.76 37.38
N LEU E 655 -16.02 -46.86 37.79
CA LEU E 655 -15.54 -46.84 39.16
C LEU E 655 -15.42 -45.42 39.67
N THR E 656 -15.88 -45.22 40.91
CA THR E 656 -15.69 -43.97 41.63
C THR E 656 -14.21 -43.87 41.97
N LEU E 657 -13.65 -42.66 41.93
CA LEU E 657 -12.25 -42.47 42.34
C LEU E 657 -11.92 -43.21 43.65
N GLU E 658 -12.94 -43.40 44.51
CA GLU E 658 -12.77 -44.02 45.85
C GLU E 658 -12.66 -45.55 45.80
N ASP E 659 -13.39 -46.19 44.88
CA ASP E 659 -13.20 -47.62 44.60
C ASP E 659 -11.89 -47.89 43.88
N ALA E 660 -11.64 -47.15 42.80
CA ALA E 660 -10.40 -47.25 42.04
C ALA E 660 -9.12 -47.01 42.88
N ALA E 661 -9.17 -46.05 43.80
CA ALA E 661 -8.07 -45.82 44.74
C ALA E 661 -7.91 -47.03 45.67
N LYS E 662 -9.00 -47.42 46.34
CA LYS E 662 -9.00 -48.62 47.18
C LYS E 662 -8.35 -49.78 46.44
N LEU E 663 -8.90 -50.07 45.27
CA LEU E 663 -8.47 -51.22 44.50
C LEU E 663 -6.96 -51.24 44.34
N VAL E 664 -6.43 -50.23 43.67
CA VAL E 664 -5.01 -50.20 43.38
C VAL E 664 -4.16 -50.17 44.66
N ALA E 665 -4.70 -49.64 45.76
CA ALA E 665 -4.00 -49.67 47.05
C ALA E 665 -4.00 -51.07 47.64
N VAL E 666 -5.11 -51.78 47.53
CA VAL E 666 -5.20 -53.15 48.05
C VAL E 666 -4.35 -54.11 47.19
N ARG E 667 -4.70 -54.21 45.93
CA ARG E 667 -3.94 -54.98 44.93
C ARG E 667 -2.46 -54.91 45.17
N SER E 668 -1.92 -53.70 45.30
CA SER E 668 -0.48 -53.53 45.37
C SER E 668 0.06 -53.84 46.76
N ARG E 669 -0.73 -53.55 47.78
CA ARG E 669 -0.34 -53.96 49.12
C ARG E 669 -0.15 -55.47 49.07
N VAL E 670 -1.21 -56.19 48.70
CA VAL E 670 -1.23 -57.64 48.73
C VAL E 670 -0.10 -58.26 47.90
N LEU E 671 0.18 -57.65 46.76
CA LEU E 671 1.15 -58.15 45.80
C LEU E 671 2.59 -58.10 46.31
N ARG E 672 2.77 -57.42 47.42
CA ARG E 672 4.07 -57.38 48.09
C ARG E 672 4.46 -58.78 48.58
N ARG E 673 3.45 -59.63 48.78
CA ARG E 673 3.67 -60.98 49.26
C ARG E 673 4.49 -61.84 48.29
N LEU E 674 4.49 -61.47 47.00
CA LEU E 674 5.30 -62.19 46.02
C LEU E 674 6.69 -61.58 45.78
N GLY E 675 7.02 -60.54 46.55
CA GLY E 675 8.35 -59.91 46.47
C GLY E 675 9.49 -60.92 46.62
N GLY E 676 10.47 -60.85 45.71
CA GLY E 676 11.63 -61.73 45.74
C GLY E 676 11.40 -63.17 45.28
N GLN E 677 10.26 -63.46 44.67
CA GLN E 677 9.92 -64.82 44.23
C GLN E 677 9.75 -64.91 42.74
N GLY E 678 10.24 -63.91 42.03
CA GLY E 678 10.20 -63.98 40.59
C GLY E 678 10.79 -62.77 39.89
N GLY E 679 10.27 -62.53 38.68
CA GLY E 679 10.68 -61.39 37.85
C GLY E 679 9.91 -61.43 36.55
N MSE E 680 10.04 -60.37 35.76
CA MSE E 680 9.31 -60.30 34.51
C MSE E 680 10.17 -59.63 33.45
O MSE E 680 10.87 -58.65 33.73
CB MSE E 680 8.03 -59.50 34.70
CG MSE E 680 7.19 -59.92 35.91
SE MSE E 680 5.45 -59.01 36.02
CE MSE E 680 4.74 -59.44 34.23
N ALA E 681 10.09 -60.14 32.23
CA ALA E 681 10.91 -59.61 31.14
C ALA E 681 10.15 -59.54 29.83
N SER E 682 10.26 -58.41 29.17
CA SER E 682 9.72 -58.28 27.83
C SER E 682 10.70 -58.91 26.87
N PHE E 683 10.14 -59.64 25.91
CA PHE E 683 10.88 -60.29 24.85
C PHE E 683 10.29 -59.92 23.49
N GLY E 684 11.17 -59.81 22.50
CA GLY E 684 10.76 -59.55 21.14
C GLY E 684 10.45 -60.83 20.39
N LEU E 685 9.23 -61.35 20.60
CA LEU E 685 8.66 -62.42 19.74
C LEU E 685 7.14 -62.66 19.99
N GLY E 686 6.49 -63.41 19.09
CA GLY E 686 5.05 -63.61 19.15
C GLY E 686 4.69 -64.73 20.09
N THR E 687 3.39 -64.94 20.32
CA THR E 687 2.91 -65.90 21.33
C THR E 687 3.27 -67.38 21.08
N GLU E 688 3.39 -67.79 19.82
CA GLU E 688 3.74 -69.18 19.52
C GLU E 688 5.22 -69.30 19.68
N GLN E 689 5.94 -68.31 19.14
CA GLN E 689 7.38 -68.17 19.32
C GLN E 689 7.79 -68.37 20.80
N ALA E 690 7.19 -67.60 21.69
CA ALA E 690 7.41 -67.75 23.13
C ALA E 690 6.94 -69.13 23.56
N ALA E 691 5.64 -69.39 23.39
CA ALA E 691 5.04 -70.66 23.77
C ALA E 691 5.95 -71.87 23.58
N GLU E 692 6.59 -71.97 22.42
CA GLU E 692 7.45 -73.13 22.14
C GLU E 692 8.76 -73.12 22.94
N ARG E 693 9.43 -71.97 22.97
CA ARG E 693 10.65 -71.81 23.76
C ARG E 693 10.45 -72.10 25.23
N ILE E 694 9.29 -71.71 25.72
CA ILE E 694 9.02 -71.53 27.13
C ILE E 694 8.49 -72.78 27.83
N GLY E 695 7.93 -73.71 27.04
CA GLY E 695 7.25 -74.92 27.57
C GLY E 695 8.17 -76.02 28.07
N ARG E 696 9.45 -75.91 27.72
CA ARG E 696 10.50 -76.76 28.27
C ARG E 696 10.68 -76.55 29.79
N PHE E 697 10.25 -75.40 30.32
CA PHE E 697 10.25 -75.18 31.77
C PHE E 697 8.93 -75.57 32.48
N ALA E 698 8.16 -76.46 31.88
CA ALA E 698 6.82 -76.86 32.40
C ALA E 698 6.31 -76.15 33.67
N GLY E 699 5.86 -74.90 33.51
CA GLY E 699 5.20 -74.17 34.61
C GLY E 699 5.93 -72.95 35.17
N ALA E 700 7.27 -73.02 35.23
CA ALA E 700 8.10 -71.97 35.87
C ALA E 700 8.01 -70.60 35.20
N LEU E 701 7.62 -70.58 33.93
CA LEU E 701 7.37 -69.32 33.25
C LEU E 701 6.00 -69.35 32.57
N SER E 702 5.37 -68.18 32.52
CA SER E 702 4.09 -68.01 31.87
C SER E 702 4.23 -66.79 30.94
N ILE E 703 3.43 -66.76 29.89
CA ILE E 703 3.32 -65.55 29.07
C ILE E 703 2.33 -64.62 29.74
N ALA E 704 2.86 -63.53 30.27
CA ALA E 704 2.06 -62.58 31.03
C ALA E 704 1.17 -61.67 30.15
N SER E 705 1.67 -61.31 28.97
CA SER E 705 0.93 -60.39 28.10
C SER E 705 1.34 -60.53 26.64
N VAL E 706 0.38 -60.30 25.75
CA VAL E 706 0.63 -60.23 24.31
C VAL E 706 0.27 -58.81 23.82
N ASN E 707 1.30 -58.07 23.45
CA ASN E 707 1.18 -56.64 23.22
C ASN E 707 1.25 -56.24 21.76
N GLY E 708 1.67 -57.19 20.92
CA GLY E 708 1.80 -57.00 19.49
C GLY E 708 2.25 -58.29 18.82
N PRO E 709 2.35 -58.28 17.49
CA PRO E 709 2.71 -59.52 16.81
C PRO E 709 4.09 -60.01 17.25
N ARG E 710 4.96 -59.07 17.58
CA ARG E 710 6.37 -59.33 17.79
C ARG E 710 6.81 -58.97 19.22
N SER E 711 5.92 -58.47 20.07
CA SER E 711 6.30 -58.08 21.46
C SER E 711 5.45 -58.76 22.56
N VAL E 712 6.13 -59.44 23.49
CA VAL E 712 5.48 -60.22 24.57
C VAL E 712 6.13 -59.91 25.92
N VAL E 713 5.50 -60.32 27.01
CA VAL E 713 6.15 -60.32 28.33
C VAL E 713 5.97 -61.67 28.99
N VAL E 714 7.07 -62.18 29.54
CA VAL E 714 7.08 -63.43 30.27
C VAL E 714 7.39 -63.16 31.73
N ALA E 715 6.86 -64.00 32.61
CA ALA E 715 7.08 -63.87 34.04
C ALA E 715 7.10 -65.23 34.68
N GLY E 716 7.90 -65.35 35.74
CA GLY E 716 8.09 -66.63 36.42
C GLY E 716 9.23 -66.53 37.42
N GLU E 717 9.91 -67.65 37.65
CA GLU E 717 10.98 -67.73 38.66
C GLU E 717 12.32 -67.26 38.09
N SER E 718 12.97 -66.30 38.75
CA SER E 718 14.25 -65.77 38.23
C SER E 718 15.27 -66.89 38.26
N GLY E 719 16.07 -66.97 37.21
CA GLY E 719 16.84 -68.19 36.94
C GLY E 719 16.28 -68.80 35.67
N PRO E 720 15.20 -69.61 35.78
CA PRO E 720 14.48 -69.99 34.56
C PRO E 720 14.28 -68.80 33.63
N LEU E 721 13.98 -67.65 34.20
CA LEU E 721 13.88 -66.42 33.44
C LEU E 721 15.23 -65.94 32.94
N ASP E 722 16.25 -65.99 33.79
CA ASP E 722 17.58 -65.53 33.42
C ASP E 722 18.15 -66.30 32.25
N GLU E 723 17.78 -67.57 32.17
CA GLU E 723 18.20 -68.45 31.07
C GLU E 723 17.59 -68.00 29.75
N LEU E 724 16.29 -67.76 29.76
CA LEU E 724 15.63 -67.19 28.59
C LEU E 724 16.26 -65.84 28.21
N ILE E 725 16.51 -64.95 29.17
CA ILE E 725 17.17 -63.66 28.88
C ILE E 725 18.55 -63.91 28.23
N ALA E 726 19.25 -64.95 28.72
CA ALA E 726 20.55 -65.35 28.17
C ALA E 726 20.39 -65.92 26.77
N GLU E 727 19.63 -67.01 26.66
CA GLU E 727 19.39 -67.73 25.41
C GLU E 727 18.87 -66.86 24.24
N CYS E 728 18.53 -65.61 24.53
CA CYS E 728 17.93 -64.70 23.55
C CYS E 728 18.81 -63.53 23.22
N GLU E 729 19.54 -63.07 24.22
CA GLU E 729 20.69 -62.23 23.96
C GLU E 729 21.74 -63.08 23.23
N ALA E 730 21.65 -64.40 23.37
CA ALA E 730 22.47 -65.33 22.59
C ALA E 730 21.97 -65.59 21.16
N GLU E 731 20.90 -64.89 20.73
CA GLU E 731 20.39 -65.04 19.37
C GLU E 731 19.79 -63.74 18.80
N ALA E 732 20.25 -62.59 19.32
CA ALA E 732 19.81 -61.22 18.92
C ALA E 732 18.34 -60.81 19.20
N HIS E 733 17.64 -61.56 20.06
CA HIS E 733 16.24 -61.27 20.44
C HIS E 733 16.18 -60.19 21.47
N LYS E 734 15.36 -59.17 21.22
CA LYS E 734 15.05 -58.17 22.24
C LYS E 734 14.65 -58.93 23.52
N ALA E 735 15.17 -58.51 24.68
CA ALA E 735 14.92 -59.22 25.94
C ALA E 735 15.27 -58.35 27.17
N ARG E 736 14.32 -57.53 27.62
CA ARG E 736 14.58 -56.59 28.73
C ARG E 736 13.99 -57.08 30.05
N ARG E 737 14.84 -57.12 31.08
CA ARG E 737 14.42 -57.19 32.48
C ARG E 737 13.48 -56.03 32.78
N ILE E 738 12.35 -56.32 33.41
CA ILE E 738 11.51 -55.27 33.96
C ILE E 738 11.99 -55.11 35.42
N PRO E 739 12.11 -53.85 35.91
CA PRO E 739 12.65 -53.65 37.25
C PRO E 739 11.60 -53.98 38.30
N VAL E 740 11.51 -55.25 38.67
CA VAL E 740 10.32 -55.76 39.34
C VAL E 740 10.63 -57.03 40.10
N ASP E 741 10.22 -57.04 41.35
CA ASP E 741 10.44 -58.14 42.30
C ASP E 741 9.64 -59.39 42.04
N TYR E 742 8.44 -59.19 41.53
CA TYR E 742 7.39 -60.20 41.57
C TYR E 742 7.11 -60.77 40.19
N ALA E 743 6.19 -61.73 40.14
CA ALA E 743 5.76 -62.34 38.90
C ALA E 743 4.25 -62.47 38.88
N SER E 744 3.61 -61.48 38.27
CA SER E 744 2.17 -61.46 38.07
C SER E 744 1.73 -62.29 36.89
N HIS E 745 0.42 -62.47 36.77
CA HIS E 745 -0.16 -63.20 35.67
C HIS E 745 0.49 -64.58 35.51
N SER E 746 0.71 -65.22 36.67
CA SER E 746 1.31 -66.55 36.80
C SER E 746 0.69 -67.29 38.00
N PRO E 747 0.94 -68.61 38.11
CA PRO E 747 0.42 -69.37 39.23
C PRO E 747 0.76 -68.81 40.61
N GLN E 748 1.91 -68.15 40.76
CA GLN E 748 2.28 -67.54 42.06
C GLN E 748 1.09 -66.80 42.69
N VAL E 749 0.17 -66.33 41.85
CA VAL E 749 -0.91 -65.50 42.29
C VAL E 749 -2.03 -66.26 43.00
N GLU E 750 -2.17 -67.57 42.79
CA GLU E 750 -3.21 -68.31 43.51
C GLU E 750 -3.09 -68.18 45.04
N SER E 751 -1.87 -67.89 45.49
CA SER E 751 -1.62 -67.63 46.89
C SER E 751 -2.31 -66.36 47.39
N LEU E 752 -2.50 -65.41 46.49
CA LEU E 752 -3.10 -64.13 46.85
C LEU E 752 -4.61 -64.19 46.79
N ARG E 753 -5.15 -65.27 46.27
CA ARG E 753 -6.57 -65.29 45.94
C ARG E 753 -7.49 -64.95 47.12
N GLU E 754 -7.35 -65.66 48.23
CA GLU E 754 -8.23 -65.44 49.38
C GLU E 754 -8.16 -64.00 49.91
N GLU E 755 -6.95 -63.47 50.03
CA GLU E 755 -6.78 -62.13 50.60
C GLU E 755 -7.35 -61.04 49.70
N LEU E 756 -7.26 -61.20 48.38
CA LEU E 756 -7.86 -60.23 47.47
C LEU E 756 -9.36 -60.32 47.51
N LEU E 757 -9.87 -61.53 47.32
CA LEU E 757 -11.29 -61.77 47.38
C LEU E 757 -11.88 -61.30 48.70
N THR E 758 -11.15 -61.50 49.79
CA THR E 758 -11.61 -60.99 51.07
C THR E 758 -11.79 -59.49 50.95
N GLU E 759 -10.71 -58.75 50.75
CA GLU E 759 -10.78 -57.30 51.03
C GLU E 759 -10.78 -56.40 49.83
N LEU E 760 -11.26 -56.95 48.73
CA LEU E 760 -11.78 -56.13 47.65
C LEU E 760 -13.31 -56.19 47.64
N ALA E 761 -13.88 -57.20 48.30
CA ALA E 761 -15.33 -57.29 48.41
C ALA E 761 -15.81 -55.97 49.03
N GLY E 762 -16.93 -55.47 48.50
CA GLY E 762 -17.41 -54.13 48.82
C GLY E 762 -17.21 -53.17 47.66
N ILE E 763 -16.69 -53.68 46.54
CA ILE E 763 -16.43 -52.84 45.38
C ILE E 763 -17.71 -52.67 44.58
N SER E 764 -17.98 -51.46 44.13
CA SER E 764 -19.24 -51.16 43.46
C SER E 764 -19.06 -50.72 42.00
N PRO E 765 -19.01 -51.69 41.07
CA PRO E 765 -18.91 -51.34 39.65
C PRO E 765 -20.27 -50.98 39.06
N VAL E 766 -20.27 -50.09 38.07
CA VAL E 766 -21.47 -49.59 37.40
C VAL E 766 -21.27 -49.72 35.88
N SER E 767 -22.35 -49.92 35.13
CA SER E 767 -22.29 -49.86 33.65
C SER E 767 -21.77 -48.49 33.22
N ALA E 768 -20.78 -48.48 32.35
CA ALA E 768 -20.06 -47.25 32.03
C ALA E 768 -20.64 -46.67 30.79
N ASP E 769 -20.51 -45.35 30.69
CA ASP E 769 -20.97 -44.60 29.52
C ASP E 769 -20.07 -44.93 28.36
N VAL E 770 -18.78 -44.70 28.53
CA VAL E 770 -17.74 -45.01 27.55
C VAL E 770 -17.51 -46.54 27.46
N ALA E 771 -17.12 -47.02 26.28
CA ALA E 771 -16.80 -48.44 26.06
C ALA E 771 -15.46 -48.85 26.70
N LEU E 772 -15.40 -50.09 27.17
CA LEU E 772 -14.21 -50.62 27.83
C LEU E 772 -13.91 -51.92 27.15
N TYR E 773 -12.73 -52.04 26.60
CA TYR E 773 -12.33 -53.28 25.98
C TYR E 773 -11.45 -54.09 26.93
N SER E 774 -12.07 -54.95 27.73
CA SER E 774 -11.35 -55.78 28.68
C SER E 774 -10.20 -56.57 28.05
N THR E 775 -9.01 -56.38 28.62
CA THR E 775 -7.87 -57.24 28.37
C THR E 775 -7.87 -58.45 29.30
N THR E 776 -8.84 -58.55 30.19
CA THR E 776 -8.97 -59.77 30.99
C THR E 776 -9.74 -60.80 30.20
N THR E 777 -10.96 -60.42 29.82
CA THR E 777 -11.84 -61.22 28.99
C THR E 777 -11.23 -61.50 27.61
N GLY E 778 -10.86 -60.43 26.92
CA GLY E 778 -10.55 -60.53 25.49
C GLY E 778 -11.51 -59.64 24.75
N GLN E 779 -12.78 -59.64 25.17
CA GLN E 779 -13.83 -58.85 24.51
C GLN E 779 -13.99 -57.49 25.17
N PRO E 780 -14.78 -56.58 24.53
CA PRO E 780 -15.30 -55.46 25.29
C PRO E 780 -16.42 -55.97 26.18
N ILE E 781 -16.80 -55.20 27.18
CA ILE E 781 -17.72 -55.72 28.17
C ILE E 781 -18.71 -54.71 28.73
N ASP E 782 -19.74 -55.28 29.37
CA ASP E 782 -20.59 -54.54 30.30
C ASP E 782 -19.77 -54.37 31.57
N THR E 783 -19.43 -53.14 31.89
CA THR E 783 -18.49 -52.90 32.97
C THR E 783 -19.07 -53.23 34.35
N ALA E 784 -20.40 -53.25 34.47
CA ALA E 784 -21.02 -53.74 35.69
C ALA E 784 -20.42 -55.09 36.14
N THR E 785 -19.84 -55.83 35.20
CA THR E 785 -19.23 -57.14 35.51
C THR E 785 -17.99 -57.12 36.41
N MSE E 786 -17.33 -55.96 36.52
CA MSE E 786 -15.99 -55.89 37.10
C MSE E 786 -15.98 -56.01 38.62
O MSE E 786 -15.42 -55.18 39.31
CB MSE E 786 -15.28 -54.61 36.64
CG MSE E 786 -15.16 -54.47 35.09
SE MSE E 786 -14.39 -52.77 34.46
CE MSE E 786 -12.73 -53.39 33.71
N ASP E 787 -16.59 -57.07 39.12
CA ASP E 787 -16.63 -57.38 40.55
C ASP E 787 -15.24 -57.85 41.03
N THR E 788 -15.16 -58.36 42.27
CA THR E 788 -13.91 -58.93 42.81
C THR E 788 -13.32 -60.03 41.95
N ALA E 789 -14.13 -61.06 41.70
CA ALA E 789 -13.69 -62.19 40.89
C ALA E 789 -13.06 -61.74 39.55
N TYR E 790 -13.58 -60.66 38.96
CA TYR E 790 -13.01 -60.10 37.75
C TYR E 790 -11.62 -59.55 38.04
N TRP E 791 -11.51 -58.76 39.10
CA TRP E 791 -10.26 -58.09 39.42
C TRP E 791 -9.22 -59.07 39.88
N TYR E 792 -9.62 -60.16 40.51
CA TYR E 792 -8.66 -61.25 40.71
C TYR E 792 -8.16 -61.72 39.34
N ALA E 793 -9.08 -62.08 38.43
CA ALA E 793 -8.69 -62.53 37.09
C ALA E 793 -7.71 -61.56 36.41
N ASN E 794 -7.95 -60.26 36.57
CA ASN E 794 -7.05 -59.23 36.04
C ASN E 794 -5.59 -59.43 36.45
N LEU E 795 -5.35 -59.98 37.64
CA LEU E 795 -3.98 -60.18 38.17
C LEU E 795 -3.38 -61.54 37.76
N ARG E 796 -4.22 -62.58 37.81
CA ARG E 796 -3.83 -63.97 37.54
C ARG E 796 -3.74 -64.25 36.05
N GLU E 797 -4.65 -63.71 35.27
CA GLU E 797 -4.76 -64.10 33.86
C GLU E 797 -3.75 -63.39 32.94
N GLN E 798 -3.50 -64.01 31.79
CA GLN E 798 -2.71 -63.39 30.71
C GLN E 798 -3.44 -62.17 30.21
N VAL E 799 -2.68 -61.16 29.74
CA VAL E 799 -3.23 -59.83 29.47
C VAL E 799 -3.86 -59.67 28.08
N ARG E 800 -3.19 -59.96 26.98
CA ARG E 800 -3.87 -59.92 25.63
C ARG E 800 -4.17 -58.51 25.08
N PHE E 801 -3.22 -57.62 25.19
CA PHE E 801 -3.40 -56.27 24.70
C PHE E 801 -3.53 -56.24 23.17
N GLN E 802 -2.87 -57.17 22.47
CA GLN E 802 -3.00 -57.25 21.02
C GLN E 802 -4.44 -57.50 20.62
N ASP E 803 -5.06 -58.49 21.26
CA ASP E 803 -6.44 -58.86 20.98
C ASP E 803 -7.35 -57.64 21.03
N ALA E 804 -7.23 -56.85 22.09
CA ALA E 804 -8.07 -55.66 22.26
C ALA E 804 -7.76 -54.60 21.24
N THR E 805 -6.47 -54.39 20.98
CA THR E 805 -6.07 -53.41 20.01
C THR E 805 -6.74 -53.74 18.68
N ARG E 806 -6.73 -55.03 18.30
CA ARG E 806 -7.32 -55.47 17.05
C ARG E 806 -8.80 -55.16 17.01
N GLN E 807 -9.49 -55.43 18.11
CA GLN E 807 -10.94 -55.23 18.16
C GLN E 807 -11.34 -53.79 17.96
N LEU E 808 -10.56 -52.90 18.56
CA LEU E 808 -10.77 -51.45 18.41
C LEU E 808 -10.63 -51.02 16.96
N ALA E 809 -9.52 -51.42 16.34
CA ALA E 809 -9.30 -51.15 14.93
C ALA E 809 -10.50 -51.62 14.08
N GLU E 810 -10.93 -52.86 14.32
CA GLU E 810 -12.05 -53.43 13.60
C GLU E 810 -13.33 -52.63 13.86
N ALA E 811 -13.59 -52.26 15.11
CA ALA E 811 -14.77 -51.44 15.41
C ALA E 811 -14.65 -50.03 14.84
N GLY E 812 -13.49 -49.70 14.29
CA GLY E 812 -13.30 -48.50 13.51
C GLY E 812 -12.58 -47.33 14.16
N PHE E 813 -11.89 -47.58 15.26
CA PHE E 813 -11.15 -46.51 15.96
C PHE E 813 -9.82 -46.22 15.29
N ASP E 814 -9.44 -44.95 15.28
CA ASP E 814 -8.32 -44.43 14.46
C ASP E 814 -7.39 -43.38 15.15
N ALA E 815 -7.59 -43.17 16.45
CA ALA E 815 -6.71 -42.31 17.22
C ALA E 815 -6.49 -42.97 18.58
N PHE E 816 -5.26 -43.38 18.82
CA PHE E 816 -4.92 -44.03 20.05
C PHE E 816 -4.05 -43.06 20.84
N VAL E 817 -4.56 -42.63 21.99
CA VAL E 817 -3.81 -41.76 22.86
C VAL E 817 -3.32 -42.58 24.02
N GLU E 818 -2.01 -42.81 24.14
CA GLU E 818 -1.49 -43.49 25.31
C GLU E 818 -1.33 -42.48 26.44
N VAL E 819 -2.12 -42.64 27.51
CA VAL E 819 -2.20 -41.67 28.61
C VAL E 819 -1.24 -42.03 29.76
N SER E 820 0.05 -41.94 29.49
CA SER E 820 1.07 -42.36 30.43
C SER E 820 2.19 -41.34 30.55
N PRO E 821 2.96 -41.42 31.64
CA PRO E 821 4.12 -40.53 31.80
C PRO E 821 5.25 -40.84 30.83
N HIS E 822 5.21 -42.04 30.24
CA HIS E 822 6.17 -42.47 29.25
C HIS E 822 5.54 -43.53 28.34
N PRO E 823 5.70 -43.38 27.02
CA PRO E 823 5.00 -44.26 26.11
C PRO E 823 5.63 -45.63 26.14
N VAL E 824 4.87 -46.63 26.55
CA VAL E 824 5.40 -47.97 26.69
C VAL E 824 4.69 -48.92 25.75
N LEU E 825 3.42 -48.67 25.45
CA LEU E 825 2.68 -49.51 24.51
C LEU E 825 2.56 -48.92 23.11
N THR E 826 3.02 -47.69 22.91
CA THR E 826 2.92 -47.00 21.61
C THR E 826 3.32 -47.90 20.43
N VAL E 827 4.57 -48.35 20.43
CA VAL E 827 5.18 -49.16 19.37
C VAL E 827 4.41 -50.45 19.03
N GLY E 828 4.02 -51.20 20.05
CA GLY E 828 3.24 -52.42 19.87
C GLY E 828 1.95 -52.16 19.12
N ILE E 829 1.30 -51.05 19.45
CA ILE E 829 0.04 -50.70 18.80
C ILE E 829 0.26 -50.51 17.33
N GLU E 830 1.25 -49.71 16.96
CA GLU E 830 1.49 -49.39 15.55
C GLU E 830 1.79 -50.66 14.75
N ALA E 831 2.55 -51.57 15.33
CA ALA E 831 2.86 -52.83 14.68
C ALA E 831 1.64 -53.72 14.52
N THR E 832 0.72 -53.62 15.47
CA THR E 832 -0.53 -54.36 15.39
C THR E 832 -1.33 -53.81 14.26
N LEU E 833 -1.51 -52.49 14.27
CA LEU E 833 -2.32 -51.80 13.28
C LEU E 833 -1.82 -52.05 11.85
N ASP E 834 -0.50 -52.13 11.66
CA ASP E 834 0.09 -52.39 10.33
C ASP E 834 -0.21 -53.82 9.85
N SER E 835 -0.54 -54.68 10.80
CA SER E 835 -0.95 -56.02 10.50
C SER E 835 -2.42 -56.09 10.12
N ALA E 836 -3.25 -55.27 10.74
CA ALA E 836 -4.71 -55.44 10.69
C ALA E 836 -5.46 -54.20 10.27
N LEU E 837 -4.80 -53.32 9.53
CA LEU E 837 -5.48 -52.23 8.83
C LEU E 837 -4.95 -52.13 7.41
N PRO E 838 -5.73 -51.50 6.52
CA PRO E 838 -5.18 -51.13 5.23
C PRO E 838 -3.86 -50.35 5.42
N ALA E 839 -2.78 -50.89 4.88
CA ALA E 839 -1.47 -50.26 4.96
C ALA E 839 -1.54 -48.84 4.44
N ASP E 840 -1.01 -47.89 5.21
CA ASP E 840 -0.97 -46.47 4.81
C ASP E 840 -2.39 -45.86 4.71
N ALA E 841 -3.30 -46.32 5.57
CA ALA E 841 -4.58 -45.64 5.75
C ALA E 841 -4.66 -45.19 7.20
N GLY E 842 -4.32 -43.92 7.41
CA GLY E 842 -4.65 -43.20 8.62
C GLY E 842 -3.90 -43.60 9.86
N ALA E 843 -4.62 -44.22 10.81
CA ALA E 843 -4.10 -44.73 12.09
C ALA E 843 -3.14 -43.79 12.79
N CYS E 844 -3.57 -43.22 13.90
CA CYS E 844 -2.79 -42.24 14.59
C CYS E 844 -2.55 -42.64 16.03
N VAL E 845 -1.27 -42.81 16.37
CA VAL E 845 -0.88 -43.23 17.70
C VAL E 845 -0.05 -42.13 18.29
N VAL E 846 -0.32 -41.81 19.53
CA VAL E 846 0.23 -40.64 20.16
C VAL E 846 0.40 -40.92 21.64
N GLY E 847 1.59 -40.66 22.18
CA GLY E 847 1.80 -40.74 23.62
C GLY E 847 1.43 -39.42 24.27
N THR E 848 1.60 -39.32 25.58
CA THR E 848 1.39 -38.07 26.30
C THR E 848 2.73 -37.50 26.74
N LEU E 849 3.23 -37.94 27.89
CA LEU E 849 4.53 -37.48 28.37
C LEU E 849 5.60 -38.48 28.02
N ARG E 850 6.82 -38.10 28.36
CA ARG E 850 7.98 -38.86 28.04
C ARG E 850 8.90 -38.77 29.24
N ARG E 851 9.99 -39.51 29.22
CA ARG E 851 10.94 -39.52 30.33
C ARG E 851 11.66 -38.19 30.39
N ASP E 852 11.83 -37.69 31.61
CA ASP E 852 12.50 -36.41 31.87
C ASP E 852 11.87 -35.30 31.04
N ARG E 853 10.57 -35.45 30.75
CA ARG E 853 9.82 -34.54 29.88
C ARG E 853 8.40 -34.35 30.43
N GLY E 854 8.28 -34.05 31.71
CA GLY E 854 7.00 -33.80 32.37
C GLY E 854 6.60 -32.41 31.98
N GLY E 855 5.78 -31.77 32.79
CA GLY E 855 5.44 -30.37 32.49
C GLY E 855 4.68 -30.07 31.19
N LEU E 856 4.04 -28.90 31.21
CA LEU E 856 3.05 -28.50 30.21
C LEU E 856 3.58 -28.45 28.81
N ALA E 857 4.69 -27.76 28.62
CA ALA E 857 5.21 -27.49 27.29
C ALA E 857 5.38 -28.79 26.52
N ASP E 858 5.62 -29.86 27.26
CA ASP E 858 5.65 -31.19 26.68
C ASP E 858 4.24 -31.73 26.55
N PHE E 859 3.40 -31.55 27.56
CA PHE E 859 2.01 -31.94 27.39
C PHE E 859 1.41 -31.28 26.16
N HIS E 860 1.63 -29.98 25.99
CA HIS E 860 1.09 -29.25 24.86
C HIS E 860 1.66 -29.79 23.56
N THR E 861 2.92 -30.23 23.57
CA THR E 861 3.53 -30.76 22.35
C THR E 861 2.81 -32.02 21.87
N ALA E 862 2.31 -32.84 22.79
CA ALA E 862 1.58 -34.05 22.43
C ALA E 862 0.19 -33.68 21.89
N LEU E 863 -0.46 -32.71 22.52
CA LEU E 863 -1.73 -32.19 21.99
C LEU E 863 -1.58 -31.78 20.54
N GLY E 864 -0.42 -31.18 20.24
CA GLY E 864 -0.06 -30.79 18.90
C GLY E 864 0.08 -31.99 17.98
N GLU E 865 0.70 -33.07 18.48
CA GLU E 865 0.75 -34.33 17.75
C GLU E 865 -0.66 -34.79 17.39
N ALA E 866 -1.55 -34.79 18.37
CA ALA E 866 -2.93 -35.22 18.20
C ALA E 866 -3.62 -34.32 17.18
N TYR E 867 -3.59 -33.02 17.47
CA TYR E 867 -4.15 -32.00 16.59
C TYR E 867 -3.58 -32.04 15.16
N ALA E 868 -2.29 -32.26 14.99
CA ALA E 868 -1.70 -32.21 13.66
C ALA E 868 -2.20 -33.34 12.76
N GLN E 869 -2.71 -34.40 13.37
CA GLN E 869 -3.22 -35.58 12.62
C GLN E 869 -4.77 -35.60 12.58
N GLY E 870 -5.39 -34.70 13.33
CA GLY E 870 -6.79 -34.42 13.19
C GLY E 870 -7.65 -34.63 14.40
N VAL E 871 -7.04 -34.86 15.54
CA VAL E 871 -7.82 -35.02 16.75
C VAL E 871 -8.51 -33.69 17.09
N GLU E 872 -9.77 -33.74 17.50
CA GLU E 872 -10.49 -32.51 17.84
C GLU E 872 -9.99 -31.97 19.15
N VAL E 873 -9.36 -30.80 19.09
CA VAL E 873 -8.68 -30.22 20.23
C VAL E 873 -9.21 -28.83 20.52
N ASP E 874 -9.68 -28.62 21.74
CA ASP E 874 -10.00 -27.28 22.28
C ASP E 874 -8.71 -26.63 22.83
N TRP E 875 -8.20 -25.60 22.18
CA TRP E 875 -6.95 -25.02 22.64
C TRP E 875 -7.11 -23.87 23.65
N SER E 876 -8.34 -23.49 23.99
CA SER E 876 -8.64 -22.21 24.71
C SER E 876 -7.99 -22.04 26.09
N PRO E 877 -8.02 -23.10 26.93
CA PRO E 877 -7.40 -23.08 28.29
C PRO E 877 -5.99 -22.52 28.37
N ALA E 878 -5.14 -22.95 27.44
CA ALA E 878 -3.75 -22.46 27.37
C ALA E 878 -3.71 -20.93 27.46
N PHE E 879 -4.57 -20.31 26.70
CA PHE E 879 -4.61 -18.88 26.64
C PHE E 879 -5.50 -18.32 27.74
N ALA E 880 -4.87 -18.03 28.88
CA ALA E 880 -5.54 -17.29 29.95
C ALA E 880 -5.82 -15.83 29.54
N ASP E 881 -7.11 -15.43 29.52
CA ASP E 881 -7.53 -14.01 29.35
C ASP E 881 -7.51 -13.50 27.91
N ALA E 882 -6.98 -14.28 26.99
CA ALA E 882 -6.40 -13.71 25.77
C ALA E 882 -7.36 -12.90 24.91
N ARG E 883 -6.77 -12.01 24.12
CA ARG E 883 -7.46 -11.17 23.15
C ARG E 883 -6.87 -11.42 21.73
N PRO E 884 -7.60 -11.02 20.67
CA PRO E 884 -7.07 -11.18 19.30
C PRO E 884 -6.01 -10.14 18.92
N VAL E 885 -5.43 -10.31 17.74
CA VAL E 885 -4.36 -9.43 17.25
C VAL E 885 -4.22 -9.59 15.73
N GLU E 886 -3.47 -8.68 15.12
CA GLU E 886 -3.27 -8.70 13.67
C GLU E 886 -2.18 -9.71 13.37
N LEU E 887 -2.45 -10.63 12.44
CA LEU E 887 -1.46 -11.63 12.02
C LEU E 887 -1.34 -11.67 10.52
N PRO E 888 -0.21 -12.17 10.03
CA PRO E 888 -0.14 -12.32 8.59
C PRO E 888 -1.29 -13.14 8.00
N VAL E 889 -1.40 -13.05 6.70
CA VAL E 889 -2.57 -13.55 5.97
C VAL E 889 -2.17 -14.85 5.26
N TYR E 890 -3.13 -15.72 4.93
CA TYR E 890 -2.79 -16.97 4.29
C TYR E 890 -1.83 -16.74 3.12
N PRO E 891 -0.69 -17.46 3.08
CA PRO E 891 0.26 -17.39 1.99
C PRO E 891 -0.17 -18.26 0.81
N PHE E 892 -0.72 -17.62 -0.19
CA PHE E 892 -1.29 -18.34 -1.30
C PHE E 892 -0.20 -19.02 -2.10
N GLN E 893 -0.49 -20.25 -2.50
CA GLN E 893 0.42 -21.04 -3.31
C GLN E 893 -0.02 -20.94 -4.76
N ARG E 894 0.53 -19.93 -5.41
CA ARG E 894 0.09 -19.51 -6.74
C ARG E 894 0.69 -20.29 -7.89
N GLN E 895 0.08 -20.12 -9.07
CA GLN E 895 0.61 -20.57 -10.37
C GLN E 895 0.16 -19.54 -11.38
N ARG E 896 0.65 -19.62 -12.60
CA ARG E 896 0.23 -18.66 -13.62
C ARG E 896 -0.79 -19.26 -14.59
N TYR E 897 -1.87 -18.52 -14.84
CA TYR E 897 -2.79 -18.88 -15.89
C TYR E 897 -3.00 -17.68 -16.77
N TRP E 898 -2.91 -17.87 -18.08
CA TRP E 898 -3.03 -16.76 -19.01
C TRP E 898 -3.40 -17.18 -20.41
N LEU E 899 -4.68 -17.02 -20.72
CA LEU E 899 -5.18 -17.09 -22.07
C LEU E 899 -4.98 -15.74 -22.76
N PRO E 900 -4.15 -15.70 -23.80
CA PRO E 900 -3.90 -14.47 -24.52
C PRO E 900 -4.98 -14.32 -25.59
N ILE E 901 -4.71 -13.59 -26.67
CA ILE E 901 -5.76 -13.15 -27.56
C ILE E 901 -5.43 -13.44 -29.02
N VAL F 20 -51.01 17.00 27.93
CA VAL F 20 -49.97 15.93 27.73
C VAL F 20 -50.03 15.30 26.31
N THR F 21 -49.94 16.15 25.29
CA THR F 21 -50.16 15.71 23.92
C THR F 21 -49.14 14.72 23.41
N GLU F 22 -47.88 15.12 23.45
CA GLU F 22 -46.90 14.73 22.42
C GLU F 22 -46.46 13.25 22.35
N LEU F 23 -47.43 12.33 22.34
CA LEU F 23 -47.30 11.08 21.63
C LEU F 23 -47.76 11.33 20.21
N ASP F 24 -48.83 12.10 20.10
CA ASP F 24 -49.34 12.59 18.83
C ASP F 24 -48.21 13.06 17.94
N SER F 25 -47.66 14.23 18.27
CA SER F 25 -46.63 14.88 17.44
C SER F 25 -45.46 13.93 17.12
N VAL F 26 -45.10 13.08 18.09
CA VAL F 26 -43.96 12.19 18.01
C VAL F 26 -44.31 10.89 17.32
N THR F 27 -45.50 10.38 17.59
CA THR F 27 -45.97 9.17 16.91
C THR F 27 -46.18 9.49 15.43
N ALA F 28 -46.75 10.66 15.19
CA ALA F 28 -46.82 11.21 13.86
C ALA F 28 -45.44 11.17 13.27
N ARG F 29 -44.50 11.81 13.96
CA ARG F 29 -43.17 11.99 13.37
C ARG F 29 -42.64 10.61 13.01
N LEU F 30 -42.72 9.70 13.97
CA LEU F 30 -42.28 8.33 13.77
C LEU F 30 -43.02 7.62 12.63
N ARG F 31 -44.27 8.00 12.42
CA ARG F 31 -45.02 7.42 11.34
C ARG F 31 -44.56 7.95 9.98
N GLU F 32 -44.50 9.27 9.86
CA GLU F 32 -44.06 9.92 8.60
C GLU F 32 -42.67 9.45 8.20
N VAL F 33 -41.77 9.35 9.18
CA VAL F 33 -40.40 8.90 8.93
C VAL F 33 -40.43 7.49 8.35
N GLU F 34 -41.06 6.57 9.08
CA GLU F 34 -41.09 5.18 8.64
C GLU F 34 -41.84 5.01 7.34
N HIS F 35 -42.89 5.80 7.14
CA HIS F 35 -43.63 5.75 5.90
C HIS F 35 -42.73 6.10 4.69
N ARG F 36 -41.90 7.12 4.82
CA ARG F 36 -41.06 7.56 3.72
C ARG F 36 -39.94 6.61 3.40
N ALA F 37 -39.36 6.01 4.43
CA ALA F 37 -38.24 5.06 4.26
C ALA F 37 -38.62 3.81 3.44
N GLY F 38 -39.92 3.48 3.40
CA GLY F 38 -40.46 2.34 2.64
C GLY F 38 -41.68 2.61 1.75
N GLU F 39 -41.87 3.85 1.34
CA GLU F 39 -43.06 4.25 0.60
C GLU F 39 -43.26 3.45 -0.71
N PRO F 40 -44.51 3.15 -1.07
CA PRO F 40 -44.72 2.55 -2.39
C PRO F 40 -44.27 3.42 -3.56
N ILE F 41 -43.53 2.80 -4.48
CA ILE F 41 -42.96 3.49 -5.62
C ILE F 41 -43.94 3.31 -6.78
N ALA F 42 -44.29 4.39 -7.47
CA ALA F 42 -45.15 4.27 -8.63
C ALA F 42 -44.36 3.98 -9.89
N ILE F 43 -44.95 3.17 -10.77
CA ILE F 43 -44.48 3.05 -12.13
C ILE F 43 -45.37 3.94 -12.98
N VAL F 44 -44.74 4.97 -13.51
CA VAL F 44 -45.45 6.10 -14.04
C VAL F 44 -45.37 6.16 -15.57
N GLY F 45 -44.42 5.40 -16.14
CA GLY F 45 -44.30 5.15 -17.57
C GLY F 45 -43.40 3.93 -17.82
N MSE F 46 -43.35 3.43 -19.04
CA MSE F 46 -42.49 2.30 -19.35
C MSE F 46 -42.41 2.06 -20.84
O MSE F 46 -43.29 2.44 -21.56
CB MSE F 46 -42.95 1.03 -18.61
CG MSE F 46 -44.44 0.79 -18.55
SE MSE F 46 -44.97 -1.03 -17.83
CE MSE F 46 -43.75 -1.08 -16.51
N ALA F 47 -41.35 1.44 -21.30
CA ALA F 47 -41.05 1.37 -22.75
C ALA F 47 -40.17 0.17 -23.10
N CYS F 48 -40.28 -0.37 -24.30
CA CYS F 48 -39.54 -1.60 -24.55
C CYS F 48 -39.29 -1.98 -26.01
N ARG F 49 -38.33 -2.89 -26.17
CA ARG F 49 -37.97 -3.50 -27.41
C ARG F 49 -37.83 -4.98 -27.08
N PHE F 50 -38.73 -5.81 -27.62
CA PHE F 50 -38.68 -7.27 -27.37
C PHE F 50 -38.93 -8.11 -28.62
N PRO F 51 -38.56 -9.40 -28.59
CA PRO F 51 -38.90 -10.29 -29.72
C PRO F 51 -40.40 -10.35 -29.99
N GLY F 52 -40.77 -10.79 -31.18
CA GLY F 52 -42.16 -10.79 -31.59
C GLY F 52 -42.56 -9.45 -32.18
N ASP F 53 -41.56 -8.59 -32.36
CA ASP F 53 -41.73 -7.29 -32.99
C ASP F 53 -42.44 -6.31 -32.10
N VAL F 54 -42.20 -6.48 -30.82
CA VAL F 54 -42.77 -5.67 -29.79
C VAL F 54 -41.96 -4.38 -29.71
N ASP F 55 -42.61 -3.24 -29.56
CA ASP F 55 -41.88 -2.01 -29.36
C ASP F 55 -42.58 -1.09 -28.36
N SER F 56 -43.54 -1.63 -27.62
CA SER F 56 -44.34 -0.81 -26.74
C SER F 56 -45.16 -1.72 -25.88
N PRO F 57 -45.63 -1.22 -24.74
CA PRO F 57 -46.53 -2.00 -23.91
C PRO F 57 -47.77 -2.46 -24.65
N GLU F 58 -48.37 -1.57 -25.45
CA GLU F 58 -49.46 -1.98 -26.33
C GLU F 58 -49.11 -3.30 -27.03
N SER F 59 -48.02 -3.32 -27.81
CA SER F 59 -47.64 -4.53 -28.56
C SER F 59 -47.35 -5.66 -27.61
N PHE F 60 -46.48 -5.40 -26.65
CA PHE F 60 -46.06 -6.42 -25.75
C PHE F 60 -47.27 -7.16 -25.23
N TRP F 61 -48.27 -6.43 -24.78
CA TRP F 61 -49.48 -7.05 -24.25
C TRP F 61 -50.27 -7.79 -25.33
N GLU F 62 -50.50 -7.14 -26.46
CA GLU F 62 -51.13 -7.80 -27.60
C GLU F 62 -50.47 -9.13 -27.88
N PHE F 63 -49.14 -9.13 -27.96
CA PHE F 63 -48.37 -10.32 -28.32
C PHE F 63 -48.53 -11.45 -27.33
N VAL F 64 -48.54 -11.12 -26.05
CA VAL F 64 -48.48 -12.11 -24.98
C VAL F 64 -49.87 -12.71 -24.72
N SER F 65 -50.91 -11.87 -24.75
CA SER F 65 -52.27 -12.34 -24.50
C SER F 65 -52.89 -13.00 -25.72
N GLY F 66 -52.24 -12.91 -26.88
CA GLY F 66 -52.56 -13.73 -28.06
C GLY F 66 -51.94 -15.14 -28.01
N GLY F 67 -50.91 -15.32 -27.20
CA GLY F 67 -50.19 -16.59 -27.10
C GLY F 67 -49.06 -16.67 -28.13
N GLY F 68 -48.34 -15.56 -28.27
CA GLY F 68 -47.30 -15.40 -29.28
C GLY F 68 -45.99 -16.06 -28.94
N ASP F 69 -45.38 -16.65 -29.97
CA ASP F 69 -44.13 -17.37 -29.86
C ASP F 69 -43.17 -16.75 -30.85
N ALA F 70 -42.19 -16.03 -30.34
CA ALA F 70 -41.28 -15.27 -31.18
C ALA F 70 -40.02 -16.03 -31.55
N ILE F 71 -39.92 -17.30 -31.16
CA ILE F 71 -38.69 -18.02 -31.38
C ILE F 71 -38.54 -18.27 -32.88
N ALA F 72 -37.31 -18.09 -33.37
CA ALA F 72 -36.98 -18.29 -34.77
C ALA F 72 -35.47 -18.16 -34.99
N GLU F 73 -35.05 -18.46 -36.22
CA GLU F 73 -33.65 -18.34 -36.65
C GLU F 73 -33.16 -16.93 -36.45
N ALA F 74 -31.91 -16.78 -36.04
CA ALA F 74 -31.35 -15.46 -35.78
C ALA F 74 -31.12 -14.78 -37.11
N PRO F 75 -31.19 -13.43 -37.12
CA PRO F 75 -31.12 -12.71 -38.42
C PRO F 75 -29.74 -12.81 -39.07
N ALA F 76 -29.71 -12.76 -40.40
CA ALA F 76 -28.47 -12.92 -41.16
C ALA F 76 -27.58 -11.67 -41.09
N ASP F 77 -28.22 -10.50 -40.96
CA ASP F 77 -27.55 -9.18 -41.01
C ASP F 77 -26.35 -8.95 -40.04
N ARG F 78 -26.26 -9.66 -38.92
CA ARG F 78 -25.26 -9.32 -37.88
C ARG F 78 -23.85 -9.75 -38.22
N GLY F 79 -23.68 -10.42 -39.35
CA GLY F 79 -22.38 -10.92 -39.75
C GLY F 79 -21.88 -12.04 -38.85
N TRP F 80 -22.77 -12.97 -38.50
CA TRP F 80 -22.36 -14.11 -37.69
C TRP F 80 -21.73 -15.17 -38.59
N GLU F 81 -21.03 -16.09 -37.96
CA GLU F 81 -20.48 -17.23 -38.65
C GLU F 81 -21.62 -18.20 -39.01
N PRO F 82 -21.72 -18.62 -40.29
CA PRO F 82 -22.57 -19.79 -40.57
C PRO F 82 -22.33 -20.95 -39.59
N ASP F 83 -23.39 -21.70 -39.29
CA ASP F 83 -23.27 -22.91 -38.48
C ASP F 83 -24.25 -23.95 -39.01
N PRO F 84 -23.87 -25.24 -38.94
CA PRO F 84 -24.76 -26.36 -39.29
C PRO F 84 -26.13 -26.39 -38.58
N ASP F 85 -26.10 -26.57 -37.26
CA ASP F 85 -27.30 -26.60 -36.44
C ASP F 85 -27.83 -25.16 -36.25
N ALA F 86 -28.95 -24.80 -36.92
CA ALA F 86 -29.39 -23.40 -36.99
C ALA F 86 -29.61 -22.78 -35.63
N ARG F 87 -29.34 -21.49 -35.51
CA ARG F 87 -29.38 -20.86 -34.20
C ARG F 87 -30.75 -20.25 -33.89
N LEU F 88 -31.48 -20.87 -32.97
CA LEU F 88 -32.83 -20.44 -32.69
C LEU F 88 -32.92 -19.72 -31.35
N GLY F 89 -33.84 -18.78 -31.26
CA GLY F 89 -34.03 -18.03 -30.05
C GLY F 89 -34.87 -16.82 -30.30
N GLY F 90 -34.96 -15.98 -29.29
CA GLY F 90 -35.83 -14.81 -29.33
C GLY F 90 -35.03 -13.59 -29.71
N MSE F 91 -35.13 -13.19 -30.98
CA MSE F 91 -34.30 -12.12 -31.50
C MSE F 91 -35.03 -10.79 -31.75
O MSE F 91 -36.20 -10.77 -32.13
CB MSE F 91 -33.66 -12.59 -32.81
CG MSE F 91 -32.98 -13.99 -32.75
SE MSE F 91 -31.20 -14.17 -31.88
CE MSE F 91 -30.41 -12.41 -32.23
N LEU F 92 -34.32 -9.69 -31.55
CA LEU F 92 -34.79 -8.36 -31.94
C LEU F 92 -34.78 -8.23 -33.44
N ALA F 93 -35.88 -7.69 -33.94
CA ALA F 93 -36.07 -7.39 -35.36
C ALA F 93 -34.90 -6.61 -35.93
N ALA F 94 -34.74 -5.37 -35.47
CA ALA F 94 -33.72 -4.48 -36.01
C ALA F 94 -32.82 -3.96 -34.90
N ALA F 95 -31.97 -4.83 -34.37
CA ALA F 95 -31.11 -4.43 -33.26
C ALA F 95 -30.14 -3.27 -33.65
N GLY F 96 -29.72 -3.24 -34.92
CA GLY F 96 -28.73 -2.28 -35.41
C GLY F 96 -29.27 -0.98 -35.97
N ASP F 97 -30.53 -0.67 -35.63
CA ASP F 97 -31.25 0.52 -36.12
C ASP F 97 -31.30 1.58 -35.00
N PHE F 98 -30.97 2.83 -35.33
CA PHE F 98 -30.84 3.91 -34.34
C PHE F 98 -31.10 5.26 -35.02
N ASP F 99 -31.67 6.21 -34.27
CA ASP F 99 -31.75 7.59 -34.75
C ASP F 99 -30.66 8.37 -34.06
N ALA F 100 -29.47 8.33 -34.66
CA ALA F 100 -28.28 8.98 -34.11
C ALA F 100 -28.48 10.48 -33.97
N GLY F 101 -28.97 11.06 -35.05
CA GLY F 101 -29.18 12.49 -35.16
C GLY F 101 -30.07 13.05 -34.10
N PHE F 102 -31.13 12.34 -33.77
CA PHE F 102 -32.00 12.78 -32.70
C PHE F 102 -31.25 13.08 -31.39
N PHE F 103 -30.15 12.39 -31.12
CA PHE F 103 -29.40 12.59 -29.88
C PHE F 103 -28.10 13.33 -30.15
N GLY F 104 -28.01 13.93 -31.33
CA GLY F 104 -26.82 14.64 -31.75
C GLY F 104 -25.58 13.78 -31.73
N ILE F 105 -25.72 12.52 -32.12
CA ILE F 105 -24.57 11.65 -32.24
C ILE F 105 -24.16 11.48 -33.70
N SER F 106 -22.88 11.70 -33.98
CA SER F 106 -22.37 11.51 -35.33
C SER F 106 -22.46 10.05 -35.78
N PRO F 107 -22.64 9.82 -37.09
CA PRO F 107 -22.65 8.46 -37.63
C PRO F 107 -21.37 7.69 -37.33
N ARG F 108 -20.27 8.39 -37.15
CA ARG F 108 -19.04 7.73 -36.78
C ARG F 108 -19.16 7.13 -35.38
N GLU F 109 -19.59 7.91 -34.39
CA GLU F 109 -19.70 7.40 -33.03
C GLU F 109 -20.78 6.34 -32.93
N ALA F 110 -21.89 6.59 -33.63
CA ALA F 110 -23.00 5.64 -33.72
C ALA F 110 -22.53 4.28 -34.25
N LEU F 111 -21.63 4.27 -35.23
CA LEU F 111 -21.08 3.00 -35.71
C LEU F 111 -20.30 2.19 -34.64
N ALA F 112 -19.67 2.89 -33.68
CA ALA F 112 -18.87 2.22 -32.65
C ALA F 112 -19.65 2.02 -31.35
N MSE F 113 -20.96 2.25 -31.38
CA MSE F 113 -21.79 2.17 -30.17
C MSE F 113 -22.49 0.83 -30.03
O MSE F 113 -23.17 0.39 -30.95
CB MSE F 113 -22.84 3.26 -30.18
CG MSE F 113 -22.42 4.58 -29.53
SE MSE F 113 -23.94 5.82 -29.49
CE MSE F 113 -25.19 4.88 -28.33
N ASP F 114 -22.31 0.18 -28.89
CA ASP F 114 -23.10 -0.96 -28.43
C ASP F 114 -24.60 -0.69 -28.70
N PRO F 115 -25.28 -1.55 -29.47
CA PRO F 115 -26.72 -1.40 -29.65
C PRO F 115 -27.51 -1.42 -28.33
N GLN F 116 -26.93 -2.00 -27.30
CA GLN F 116 -27.53 -1.89 -25.99
C GLN F 116 -27.58 -0.41 -25.50
N GLN F 117 -26.53 0.36 -25.79
CA GLN F 117 -26.48 1.78 -25.43
C GLN F 117 -27.51 2.60 -26.22
N ARG F 118 -27.68 2.24 -27.49
CA ARG F 118 -28.56 2.96 -28.39
C ARG F 118 -30.01 2.68 -28.08
N ILE F 119 -30.37 1.40 -28.00
CA ILE F 119 -31.75 1.05 -27.73
C ILE F 119 -32.16 1.73 -26.46
N MSE F 120 -31.24 1.74 -25.49
CA MSE F 120 -31.47 2.39 -24.22
C MSE F 120 -31.93 3.80 -24.46
O MSE F 120 -33.02 4.14 -24.05
CB MSE F 120 -30.25 2.31 -23.27
CG MSE F 120 -30.13 0.96 -22.40
SE MSE F 120 -31.84 0.23 -21.58
CE MSE F 120 -32.47 -0.82 -22.90
N LEU F 121 -31.16 4.61 -25.19
CA LEU F 121 -31.53 6.01 -25.43
C LEU F 121 -32.94 6.11 -25.98
N GLU F 122 -33.22 5.38 -27.04
CA GLU F 122 -34.53 5.48 -27.66
C GLU F 122 -35.64 5.20 -26.65
N ILE F 123 -35.63 4.09 -25.95
CA ILE F 123 -36.76 3.74 -25.07
C ILE F 123 -36.85 4.53 -23.75
N SER F 124 -35.70 5.01 -23.26
CA SER F 124 -35.67 5.93 -22.14
C SER F 124 -36.54 7.16 -22.46
N TRP F 125 -36.34 7.70 -23.68
CA TRP F 125 -37.12 8.85 -24.17
C TRP F 125 -38.61 8.51 -24.21
N GLU F 126 -38.91 7.35 -24.75
CA GLU F 126 -40.28 6.95 -25.00
C GLU F 126 -40.93 6.77 -23.66
N ALA F 127 -40.20 6.24 -22.71
CA ALA F 127 -40.70 6.05 -21.37
C ALA F 127 -41.19 7.36 -20.78
N LEU F 128 -40.34 8.36 -20.95
CA LEU F 128 -40.61 9.65 -20.42
C LEU F 128 -41.78 10.27 -21.15
N GLU F 129 -41.91 10.11 -22.46
CA GLU F 129 -43.09 10.65 -23.14
C GLU F 129 -44.38 10.05 -22.59
N ARG F 130 -44.39 8.75 -22.34
CA ARG F 130 -45.61 8.11 -21.84
C ARG F 130 -45.92 8.47 -20.39
N ALA F 131 -44.87 8.76 -19.64
CA ALA F 131 -45.02 9.18 -18.27
C ALA F 131 -45.54 10.64 -18.18
N GLY F 132 -45.93 11.21 -19.33
CA GLY F 132 -46.47 12.55 -19.36
C GLY F 132 -45.50 13.67 -19.64
N HIS F 133 -44.21 13.47 -19.48
CA HIS F 133 -43.22 14.58 -19.57
C HIS F 133 -42.86 14.94 -21.00
N ASP F 134 -42.62 16.21 -21.27
CA ASP F 134 -41.72 16.54 -22.38
C ASP F 134 -40.29 16.41 -21.83
N PRO F 135 -39.60 15.34 -22.24
CA PRO F 135 -38.30 14.99 -21.72
C PRO F 135 -37.34 16.19 -21.71
N VAL F 136 -37.41 17.04 -22.73
CA VAL F 136 -36.56 18.22 -22.76
C VAL F 136 -36.63 19.02 -21.46
N SER F 137 -37.82 19.08 -20.86
CA SER F 137 -37.96 19.81 -19.62
C SER F 137 -37.34 19.11 -18.41
N LEU F 138 -36.85 17.88 -18.55
CA LEU F 138 -36.16 17.20 -17.42
C LEU F 138 -34.66 17.47 -17.39
N ARG F 139 -34.21 18.42 -18.18
CA ARG F 139 -32.80 18.73 -18.26
C ARG F 139 -32.41 19.51 -17.04
N GLY F 140 -31.32 19.09 -16.43
CA GLY F 140 -30.94 19.63 -15.15
C GLY F 140 -31.69 19.05 -13.96
N SER F 141 -32.63 18.11 -14.17
CA SER F 141 -33.35 17.54 -13.03
C SER F 141 -32.49 16.49 -12.33
N ALA F 142 -32.80 16.23 -11.06
CA ALA F 142 -32.18 15.13 -10.30
C ALA F 142 -33.00 13.88 -10.55
N THR F 143 -32.69 13.23 -11.65
CA THR F 143 -33.37 12.04 -12.05
C THR F 143 -32.30 10.99 -12.16
N GLY F 144 -32.61 9.76 -11.69
CA GLY F 144 -31.61 8.69 -11.62
C GLY F 144 -31.65 7.77 -12.81
N VAL F 145 -30.49 7.20 -13.16
CA VAL F 145 -30.47 6.15 -14.19
C VAL F 145 -29.76 4.89 -13.68
N PHE F 146 -30.55 3.83 -13.54
CA PHE F 146 -30.07 2.54 -13.08
C PHE F 146 -30.39 1.55 -14.18
N THR F 147 -29.35 0.95 -14.73
CA THR F 147 -29.53 0.04 -15.85
C THR F 147 -28.81 -1.30 -15.60
N GLY F 148 -29.50 -2.38 -15.93
CA GLY F 148 -28.97 -3.74 -15.85
C GLY F 148 -28.33 -4.16 -17.17
N VAL F 149 -27.02 -4.14 -17.24
CA VAL F 149 -26.36 -4.69 -18.40
C VAL F 149 -25.59 -5.88 -17.90
N GLY F 150 -25.66 -6.97 -18.66
CA GLY F 150 -24.75 -8.10 -18.50
C GLY F 150 -23.60 -8.02 -19.49
N THR F 151 -23.62 -8.89 -20.47
CA THR F 151 -22.52 -8.97 -21.42
C THR F 151 -22.56 -7.83 -22.42
N VAL F 152 -21.37 -7.40 -22.86
CA VAL F 152 -21.21 -6.45 -23.96
C VAL F 152 -20.25 -7.02 -25.01
N ASP F 153 -20.79 -7.50 -26.13
CA ASP F 153 -19.98 -8.27 -27.10
C ASP F 153 -19.88 -7.68 -28.53
N TYR F 154 -20.06 -6.37 -28.65
CA TYR F 154 -20.37 -5.77 -29.96
C TYR F 154 -19.23 -5.60 -30.95
N GLY F 155 -18.29 -4.74 -30.61
CA GLY F 155 -17.34 -4.29 -31.61
C GLY F 155 -16.33 -5.33 -32.05
N PRO F 156 -15.39 -4.89 -32.88
CA PRO F 156 -14.10 -5.51 -32.92
C PRO F 156 -13.28 -4.89 -31.81
N ARG F 157 -12.17 -5.50 -31.43
CA ARG F 157 -11.31 -4.89 -30.43
C ARG F 157 -10.70 -3.61 -30.94
N PRO F 158 -10.26 -2.73 -30.02
CA PRO F 158 -9.65 -1.46 -30.45
C PRO F 158 -8.49 -1.65 -31.38
N ASP F 159 -7.79 -2.77 -31.25
CA ASP F 159 -6.58 -3.07 -32.03
C ASP F 159 -6.90 -3.53 -33.45
N GLU F 160 -8.15 -3.94 -33.68
CA GLU F 160 -8.56 -4.47 -34.97
C GLU F 160 -9.68 -3.64 -35.58
N ALA F 161 -9.93 -2.48 -34.98
CA ALA F 161 -11.04 -1.61 -35.33
C ALA F 161 -10.65 -0.65 -36.46
N PRO F 162 -11.59 -0.35 -37.39
CA PRO F 162 -11.28 0.65 -38.40
C PRO F 162 -10.75 1.88 -37.72
N ASP F 163 -9.63 2.41 -38.21
CA ASP F 163 -9.06 3.61 -37.62
C ASP F 163 -9.97 4.82 -37.86
N GLU F 164 -10.96 4.66 -38.74
CA GLU F 164 -12.02 5.66 -38.89
C GLU F 164 -12.95 5.78 -37.70
N VAL F 165 -12.96 4.79 -36.81
CA VAL F 165 -13.86 4.77 -35.67
C VAL F 165 -13.09 4.73 -34.33
N LEU F 166 -11.79 5.05 -34.38
CA LEU F 166 -10.86 4.68 -33.31
C LEU F 166 -11.06 5.49 -32.03
N GLY F 167 -11.45 6.75 -32.18
CA GLY F 167 -11.77 7.58 -31.02
C GLY F 167 -12.97 7.12 -30.16
N TYR F 168 -13.83 6.26 -30.70
CA TYR F 168 -15.11 5.93 -30.07
C TYR F 168 -15.37 4.45 -29.77
N VAL F 169 -14.32 3.63 -29.76
CA VAL F 169 -14.48 2.21 -29.50
C VAL F 169 -14.85 1.96 -28.02
N GLY F 170 -13.99 2.41 -27.10
CA GLY F 170 -14.13 2.18 -25.65
C GLY F 170 -15.34 2.85 -25.00
N THR F 171 -15.45 4.17 -25.21
CA THR F 171 -16.68 4.92 -25.07
C THR F 171 -17.92 4.10 -25.39
N GLY F 172 -17.91 3.48 -26.56
CA GLY F 172 -19.10 2.89 -27.14
C GLY F 172 -19.38 1.46 -26.72
N THR F 173 -18.46 0.83 -26.02
CA THR F 173 -18.74 -0.48 -25.42
C THR F 173 -18.85 -0.42 -23.89
N ALA F 174 -18.15 0.53 -23.28
CA ALA F 174 -18.19 0.67 -21.84
C ALA F 174 -19.62 0.53 -21.29
N SER F 175 -19.78 -0.47 -20.46
CA SER F 175 -21.05 -0.77 -19.88
C SER F 175 -21.55 0.35 -18.96
N SER F 176 -20.64 1.18 -18.46
CA SER F 176 -20.98 2.33 -17.62
C SER F 176 -21.75 3.34 -18.41
N VAL F 177 -21.45 3.40 -19.69
CA VAL F 177 -22.06 4.36 -20.61
C VAL F 177 -23.46 3.95 -21.10
N ALA F 178 -23.93 2.75 -20.78
CA ALA F 178 -25.36 2.44 -20.93
C ALA F 178 -26.22 3.36 -20.02
N SER F 179 -25.58 3.95 -19.04
CA SER F 179 -26.26 4.83 -18.13
C SER F 179 -25.76 6.23 -18.35
N GLY F 180 -24.44 6.39 -18.26
CA GLY F 180 -23.82 7.69 -18.42
C GLY F 180 -24.39 8.44 -19.62
N ARG F 181 -24.55 7.74 -20.74
CA ARG F 181 -24.98 8.39 -22.00
C ARG F 181 -26.41 8.91 -21.89
N VAL F 182 -27.32 8.11 -21.36
CA VAL F 182 -28.69 8.57 -21.17
C VAL F 182 -28.69 9.83 -20.32
N ALA F 183 -27.90 9.83 -19.26
CA ALA F 183 -27.85 10.99 -18.37
C ALA F 183 -27.31 12.22 -19.05
N TYR F 184 -26.24 12.04 -19.80
CA TYR F 184 -25.61 13.08 -20.58
C TYR F 184 -26.59 13.65 -21.61
N CYS F 185 -27.23 12.78 -22.38
CA CYS F 185 -28.12 13.21 -23.45
C CYS F 185 -29.32 13.93 -22.95
N LEU F 186 -29.97 13.41 -21.91
CA LEU F 186 -31.14 14.07 -21.38
C LEU F 186 -30.79 15.05 -20.24
N GLY F 187 -29.50 15.33 -20.03
CA GLY F 187 -29.06 16.30 -18.99
C GLY F 187 -29.56 15.96 -17.58
N LEU F 188 -29.71 14.67 -17.36
CA LEU F 188 -30.17 14.14 -16.09
C LEU F 188 -29.00 14.24 -15.16
N GLU F 189 -29.27 14.56 -13.90
CA GLU F 189 -28.18 14.85 -12.98
C GLU F 189 -28.05 13.94 -11.78
N GLY F 190 -29.05 13.09 -11.56
CA GLY F 190 -29.02 12.13 -10.45
C GLY F 190 -28.01 11.01 -10.63
N PRO F 191 -27.91 10.12 -9.62
CA PRO F 191 -26.91 9.08 -9.74
C PRO F 191 -27.30 8.19 -10.90
N ALA F 192 -26.34 7.92 -11.79
CA ALA F 192 -26.53 7.06 -12.98
C ALA F 192 -25.51 5.93 -12.95
N MSE F 193 -25.96 4.69 -13.04
CA MSE F 193 -25.04 3.55 -12.90
C MSE F 193 -25.53 2.30 -13.55
O MSE F 193 -26.74 2.13 -13.77
CB MSE F 193 -24.81 3.23 -11.42
CG MSE F 193 -25.97 2.47 -10.68
SE MSE F 193 -25.76 2.66 -8.69
CE MSE F 193 -27.20 1.56 -8.28
N THR F 194 -24.60 1.39 -13.79
CA THR F 194 -24.90 0.11 -14.40
C THR F 194 -24.64 -0.99 -13.40
N VAL F 195 -25.48 -2.02 -13.45
CA VAL F 195 -25.41 -3.13 -12.50
C VAL F 195 -25.39 -4.46 -13.22
N ASP F 196 -24.47 -5.33 -12.83
CA ASP F 196 -24.45 -6.66 -13.39
C ASP F 196 -24.72 -7.75 -12.37
N THR F 197 -25.82 -8.46 -12.58
CA THR F 197 -26.18 -9.55 -11.73
C THR F 197 -26.62 -10.68 -12.63
N ALA F 198 -26.01 -10.75 -13.81
CA ALA F 198 -26.47 -11.68 -14.82
C ALA F 198 -28.01 -11.50 -15.00
N CYS F 199 -28.78 -12.58 -14.98
CA CYS F 199 -30.21 -12.52 -15.35
C CYS F 199 -31.08 -11.66 -14.46
N SER F 200 -30.69 -11.51 -13.20
CA SER F 200 -31.51 -10.72 -12.29
C SER F 200 -31.17 -9.23 -12.32
N SER F 201 -30.23 -8.82 -13.18
CA SER F 201 -29.80 -7.43 -13.27
C SER F 201 -30.99 -6.47 -13.29
N GLY F 202 -31.84 -6.63 -14.30
CA GLY F 202 -33.09 -5.91 -14.41
C GLY F 202 -33.78 -5.63 -13.09
N LEU F 203 -34.05 -6.66 -12.30
CA LEU F 203 -34.66 -6.47 -10.98
C LEU F 203 -33.72 -5.79 -10.00
N THR F 204 -32.44 -6.14 -10.00
CA THR F 204 -31.50 -5.48 -9.11
C THR F 204 -31.59 -3.98 -9.32
N ALA F 205 -31.57 -3.58 -10.59
CA ALA F 205 -31.58 -2.18 -10.97
C ALA F 205 -32.82 -1.52 -10.42
N LEU F 206 -33.93 -2.15 -10.73
CA LEU F 206 -35.22 -1.75 -10.30
C LEU F 206 -35.20 -1.59 -8.76
N HIS F 207 -34.62 -2.57 -8.09
CA HIS F 207 -34.46 -2.55 -6.64
C HIS F 207 -33.67 -1.34 -6.18
N LEU F 208 -32.49 -1.14 -6.76
CA LEU F 208 -31.62 -0.05 -6.33
C LEU F 208 -32.25 1.33 -6.54
N ALA F 209 -33.04 1.43 -7.60
CA ALA F 209 -33.79 2.65 -7.89
C ALA F 209 -34.83 2.93 -6.82
N MSE F 210 -35.57 1.90 -6.42
CA MSE F 210 -36.58 2.10 -5.40
C MSE F 210 -35.96 2.61 -4.12
O MSE F 210 -36.54 3.43 -3.43
CB MSE F 210 -37.29 0.80 -5.13
CG MSE F 210 -38.22 0.35 -6.22
SE MSE F 210 -38.71 -1.49 -5.85
CE MSE F 210 -39.23 -1.34 -3.79
N GLU F 211 -34.77 2.13 -3.80
CA GLU F 211 -34.09 2.61 -2.62
C GLU F 211 -33.47 3.99 -2.77
N SER F 212 -33.04 4.31 -3.98
CA SER F 212 -32.50 5.63 -4.24
C SER F 212 -33.58 6.69 -4.06
N LEU F 213 -34.77 6.38 -4.58
CA LEU F 213 -35.91 7.29 -4.44
C LEU F 213 -36.32 7.47 -2.98
N ARG F 214 -36.32 6.37 -2.23
CA ARG F 214 -36.71 6.39 -0.84
C ARG F 214 -35.69 7.05 0.01
N ARG F 215 -34.50 7.29 -0.53
CA ARG F 215 -33.47 8.02 0.19
C ARG F 215 -33.32 9.45 -0.36
N ASP F 216 -34.19 9.81 -1.28
CA ASP F 216 -34.22 11.16 -1.90
C ASP F 216 -33.00 11.54 -2.74
N GLU F 217 -32.17 10.58 -3.10
CA GLU F 217 -31.13 10.84 -4.09
C GLU F 217 -31.74 11.38 -5.41
N CYS F 218 -33.02 11.09 -5.65
CA CYS F 218 -33.72 11.69 -6.77
C CYS F 218 -35.20 11.53 -6.64
N GLY F 219 -35.91 12.31 -7.46
CA GLY F 219 -37.37 12.37 -7.45
C GLY F 219 -37.94 11.51 -8.53
N LEU F 220 -37.06 11.06 -9.42
CA LEU F 220 -37.49 10.29 -10.58
C LEU F 220 -36.36 9.39 -10.98
N ALA F 221 -36.69 8.19 -11.45
CA ALA F 221 -35.63 7.22 -11.81
C ALA F 221 -36.00 6.36 -13.00
N LEU F 222 -35.05 6.23 -13.94
CA LEU F 222 -35.21 5.28 -15.03
C LEU F 222 -34.58 3.99 -14.55
N ALA F 223 -35.32 2.91 -14.65
CA ALA F 223 -34.83 1.65 -14.14
C ALA F 223 -35.01 0.66 -15.22
N GLY F 224 -33.95 -0.06 -15.61
CA GLY F 224 -34.11 -1.03 -16.72
C GLY F 224 -33.06 -2.08 -16.91
N GLY F 225 -33.02 -2.69 -18.09
CA GLY F 225 -32.01 -3.67 -18.44
C GLY F 225 -32.06 -4.05 -19.92
N VAL F 226 -30.94 -4.57 -20.44
CA VAL F 226 -30.80 -4.86 -21.86
C VAL F 226 -29.95 -6.08 -22.09
N THR F 227 -30.32 -6.92 -23.03
CA THR F 227 -29.33 -7.79 -23.65
C THR F 227 -29.57 -7.85 -25.13
N VAL F 228 -28.65 -7.30 -25.92
CA VAL F 228 -28.58 -7.60 -27.34
C VAL F 228 -27.40 -8.55 -27.52
N MSE F 229 -27.62 -9.64 -28.24
CA MSE F 229 -26.52 -10.54 -28.60
C MSE F 229 -25.96 -10.13 -29.91
O MSE F 229 -26.42 -10.58 -30.95
CB MSE F 229 -27.03 -11.98 -28.69
CG MSE F 229 -27.50 -12.49 -27.34
SE MSE F 229 -27.95 -14.33 -27.38
CE MSE F 229 -29.47 -14.25 -28.78
N SER F 230 -24.96 -9.26 -29.86
CA SER F 230 -24.25 -8.82 -31.06
C SER F 230 -23.44 -9.96 -31.69
N SER F 231 -23.15 -11.00 -30.89
CA SER F 231 -22.36 -12.14 -31.32
C SER F 231 -22.92 -13.47 -30.82
N PRO F 232 -22.61 -14.56 -31.54
CA PRO F 232 -23.13 -15.89 -31.22
C PRO F 232 -22.49 -16.54 -30.00
N GLY F 233 -21.73 -15.79 -29.24
CA GLY F 233 -20.97 -16.34 -28.12
C GLY F 233 -21.75 -17.17 -27.11
N ALA F 234 -22.93 -16.70 -26.70
CA ALA F 234 -23.68 -17.45 -25.70
C ALA F 234 -24.30 -18.72 -26.29
N PHE F 235 -24.63 -18.72 -27.57
CA PHE F 235 -24.94 -19.97 -28.22
C PHE F 235 -23.73 -20.86 -28.01
N THR F 236 -22.58 -20.43 -28.52
CA THR F 236 -21.32 -21.18 -28.37
C THR F 236 -21.08 -21.72 -26.95
N GLU F 237 -20.93 -20.86 -25.94
CA GLU F 237 -20.66 -21.33 -24.58
C GLU F 237 -21.76 -22.27 -24.04
N PHE F 238 -23.03 -21.96 -24.33
CA PHE F 238 -24.15 -22.80 -23.84
C PHE F 238 -24.38 -24.10 -24.60
N ARG F 239 -24.00 -24.16 -25.86
CA ARG F 239 -24.01 -25.44 -26.57
C ARG F 239 -22.84 -26.33 -26.15
N SER F 240 -21.86 -25.75 -25.44
CA SER F 240 -20.67 -26.49 -24.95
C SER F 240 -20.79 -26.88 -23.48
N GLN F 241 -21.67 -26.23 -22.75
CA GLN F 241 -22.21 -26.84 -21.55
C GLN F 241 -23.49 -27.50 -22.07
N GLY F 242 -24.40 -27.85 -21.16
CA GLY F 242 -25.76 -28.20 -21.57
C GLY F 242 -26.59 -26.93 -21.68
N GLY F 243 -27.91 -27.08 -21.64
CA GLY F 243 -28.79 -25.96 -21.28
C GLY F 243 -29.84 -25.57 -22.28
N LEU F 244 -29.46 -25.50 -23.54
CA LEU F 244 -30.38 -25.01 -24.56
C LEU F 244 -31.38 -26.10 -24.91
N ALA F 245 -32.59 -25.69 -25.31
CA ALA F 245 -33.58 -26.61 -25.86
C ALA F 245 -33.30 -26.83 -27.35
N ALA F 246 -33.52 -28.03 -27.85
CA ALA F 246 -33.40 -28.21 -29.30
C ALA F 246 -34.28 -27.19 -30.04
N ASP F 247 -35.51 -27.07 -29.57
CA ASP F 247 -36.49 -26.04 -29.99
C ASP F 247 -35.97 -24.60 -30.09
N GLY F 248 -35.23 -24.19 -29.08
CA GLY F 248 -35.02 -22.78 -28.82
C GLY F 248 -36.07 -22.25 -27.85
N ARG F 249 -36.95 -23.12 -27.34
CA ARG F 249 -38.11 -22.68 -26.55
C ARG F 249 -38.11 -23.17 -25.11
N CYS F 250 -38.31 -22.23 -24.19
CA CYS F 250 -38.59 -22.57 -22.80
C CYS F 250 -39.97 -23.19 -22.71
N LYS F 251 -40.11 -24.28 -21.96
CA LYS F 251 -41.42 -24.83 -21.67
C LYS F 251 -41.67 -24.87 -20.17
N PRO F 252 -41.58 -23.72 -19.49
CA PRO F 252 -41.49 -23.66 -18.02
C PRO F 252 -42.50 -24.51 -17.25
N PHE F 253 -41.98 -25.33 -16.34
CA PHE F 253 -42.77 -26.14 -15.40
C PHE F 253 -43.47 -27.34 -16.04
N SER F 254 -43.32 -27.51 -17.35
CA SER F 254 -44.01 -28.56 -18.07
C SER F 254 -43.10 -29.79 -18.15
N LYS F 255 -43.72 -30.93 -18.47
CA LYS F 255 -43.03 -32.21 -18.70
C LYS F 255 -42.12 -32.09 -19.90
N ALA F 256 -42.55 -31.30 -20.86
CA ALA F 256 -41.80 -31.16 -22.09
C ALA F 256 -40.51 -30.33 -21.95
N ALA F 257 -40.17 -29.84 -20.74
CA ALA F 257 -39.03 -28.91 -20.58
C ALA F 257 -37.67 -29.47 -21.01
N ASP F 258 -37.18 -29.03 -22.17
CA ASP F 258 -35.81 -29.30 -22.65
C ASP F 258 -34.80 -28.48 -21.90
N GLY F 259 -34.98 -27.17 -21.96
CA GLY F 259 -33.95 -26.20 -21.59
C GLY F 259 -34.40 -24.81 -21.99
N PHE F 260 -33.68 -23.80 -21.54
CA PHE F 260 -34.07 -22.43 -21.85
C PHE F 260 -33.70 -22.08 -23.27
N GLY F 261 -34.29 -21.01 -23.78
CA GLY F 261 -33.95 -20.53 -25.12
C GLY F 261 -33.40 -19.14 -25.04
N LEU F 262 -32.19 -18.91 -25.58
CA LEU F 262 -31.58 -17.59 -25.56
C LEU F 262 -32.44 -16.60 -26.31
N ALA F 263 -32.53 -15.39 -25.75
CA ALA F 263 -33.32 -14.29 -26.28
C ALA F 263 -32.67 -12.97 -25.92
N GLU F 264 -33.17 -11.91 -26.53
CA GLU F 264 -32.61 -10.58 -26.30
C GLU F 264 -33.75 -9.57 -26.25
N GLY F 265 -33.56 -8.50 -25.49
CA GLY F 265 -34.55 -7.42 -25.40
C GLY F 265 -34.10 -6.29 -24.50
N ALA F 266 -35.06 -5.42 -24.15
CA ALA F 266 -34.77 -4.18 -23.45
C ALA F 266 -36.05 -3.58 -22.88
N GLY F 267 -36.01 -3.15 -21.61
CA GLY F 267 -37.16 -2.51 -20.97
C GLY F 267 -36.73 -1.46 -19.96
N VAL F 268 -37.48 -0.34 -19.87
CA VAL F 268 -37.29 0.68 -18.81
C VAL F 268 -38.58 1.13 -18.24
N LEU F 269 -38.48 1.52 -16.99
CA LEU F 269 -39.60 2.02 -16.23
C LEU F 269 -39.24 3.40 -15.68
N VAL F 270 -40.20 4.31 -15.72
CA VAL F 270 -40.05 5.55 -15.00
C VAL F 270 -40.68 5.34 -13.64
N LEU F 271 -39.88 5.53 -12.61
CA LEU F 271 -40.33 5.32 -11.27
C LEU F 271 -40.38 6.63 -10.50
N GLN F 272 -41.21 6.66 -9.46
CA GLN F 272 -41.41 7.86 -8.66
C GLN F 272 -42.08 7.53 -7.33
N ARG F 273 -41.75 8.26 -6.26
CA ARG F 273 -42.57 8.15 -5.08
C ARG F 273 -44.04 8.28 -5.43
N LEU F 274 -44.86 7.37 -4.92
CA LEU F 274 -46.29 7.42 -5.20
C LEU F 274 -46.90 8.74 -4.84
N SER F 275 -46.58 9.25 -3.66
CA SER F 275 -47.07 10.56 -3.22
C SER F 275 -46.65 11.71 -4.15
N ALA F 276 -45.42 11.67 -4.68
CA ALA F 276 -45.03 12.65 -5.74
C ALA F 276 -45.83 12.50 -7.03
N ALA F 277 -46.06 11.26 -7.46
CA ALA F 277 -46.88 11.00 -8.64
C ALA F 277 -48.34 11.41 -8.46
N ARG F 278 -48.90 11.21 -7.27
CA ARG F 278 -50.26 11.68 -7.01
C ARG F 278 -50.34 13.19 -7.16
N ARG F 279 -49.44 13.87 -6.45
CA ARG F 279 -49.47 15.33 -6.37
C ARG F 279 -49.30 16.00 -7.74
N GLU F 280 -48.45 15.43 -8.60
CA GLU F 280 -48.25 15.93 -9.96
C GLU F 280 -49.31 15.38 -10.94
N GLY F 281 -50.26 14.61 -10.42
CA GLY F 281 -51.39 14.07 -11.21
C GLY F 281 -50.92 13.23 -12.39
N ARG F 282 -49.92 12.40 -12.16
CA ARG F 282 -49.37 11.55 -13.22
C ARG F 282 -50.13 10.26 -13.33
N PRO F 283 -50.03 9.64 -14.51
CA PRO F 283 -50.63 8.32 -14.66
C PRO F 283 -49.86 7.31 -13.79
N VAL F 284 -50.59 6.57 -12.96
CA VAL F 284 -50.03 5.46 -12.22
C VAL F 284 -50.48 4.19 -12.87
N LEU F 285 -49.52 3.43 -13.41
CA LEU F 285 -49.80 2.20 -14.11
C LEU F 285 -49.86 1.03 -13.18
N ALA F 286 -49.10 1.10 -12.11
CA ALA F 286 -49.01 0.05 -11.08
C ALA F 286 -48.09 0.52 -9.98
N VAL F 287 -47.97 -0.28 -8.92
CA VAL F 287 -47.19 0.13 -7.75
C VAL F 287 -46.19 -0.96 -7.35
N LEU F 288 -44.91 -0.60 -7.24
CA LEU F 288 -43.91 -1.49 -6.70
C LEU F 288 -43.87 -1.29 -5.21
N ARG F 289 -44.31 -2.30 -4.47
CA ARG F 289 -44.54 -2.18 -3.06
C ARG F 289 -43.32 -2.55 -2.23
N GLY F 290 -42.61 -3.60 -2.60
CA GLY F 290 -41.37 -3.96 -1.93
C GLY F 290 -40.49 -4.92 -2.75
N SER F 291 -39.22 -5.02 -2.35
CA SER F 291 -38.27 -5.93 -3.02
C SER F 291 -37.18 -6.48 -2.10
N ALA F 292 -36.52 -7.55 -2.54
CA ALA F 292 -35.32 -8.03 -1.89
C ALA F 292 -34.37 -8.67 -2.87
N VAL F 293 -33.08 -8.58 -2.54
CA VAL F 293 -32.04 -9.28 -3.29
C VAL F 293 -31.19 -10.13 -2.32
N ASN F 294 -30.74 -11.29 -2.80
CA ASN F 294 -29.82 -12.12 -2.03
C ASN F 294 -28.95 -13.05 -2.90
N GLN F 295 -28.08 -13.84 -2.24
CA GLN F 295 -27.22 -14.80 -2.92
C GLN F 295 -27.58 -16.21 -2.48
N ASP F 296 -27.36 -17.16 -3.39
CA ASP F 296 -27.51 -18.56 -3.05
C ASP F 296 -26.47 -19.02 -2.07
N GLY F 297 -25.29 -18.38 -2.13
CA GLY F 297 -24.19 -18.75 -1.29
C GLY F 297 -23.55 -20.01 -1.81
N ALA F 298 -23.29 -20.95 -0.88
CA ALA F 298 -22.55 -22.17 -1.18
C ALA F 298 -23.49 -23.27 -1.67
N SER F 299 -24.03 -23.07 -2.85
CA SER F 299 -24.82 -24.07 -3.55
C SER F 299 -23.95 -25.23 -4.06
N ASN F 300 -24.56 -26.13 -4.83
CA ASN F 300 -23.82 -27.19 -5.50
C ASN F 300 -22.90 -26.74 -6.64
N GLY F 301 -22.92 -25.47 -6.99
CA GLY F 301 -22.11 -24.95 -8.10
C GLY F 301 -22.38 -23.48 -8.33
N LEU F 302 -21.41 -22.80 -8.91
CA LEU F 302 -21.55 -21.40 -9.20
C LEU F 302 -22.89 -21.16 -9.87
N THR F 303 -23.19 -21.93 -10.92
CA THR F 303 -24.44 -21.71 -11.66
C THR F 303 -25.67 -22.47 -11.11
N ALA F 304 -25.46 -23.51 -10.32
CA ALA F 304 -26.57 -24.23 -9.69
C ALA F 304 -27.38 -23.36 -8.68
N PRO F 305 -28.72 -23.33 -8.83
CA PRO F 305 -29.58 -22.55 -7.95
C PRO F 305 -29.86 -23.25 -6.63
N SER F 306 -30.40 -22.50 -5.66
CA SER F 306 -30.69 -23.00 -4.31
C SER F 306 -32.10 -22.64 -3.84
N GLY F 307 -32.90 -23.66 -3.49
CA GLY F 307 -34.27 -23.49 -3.06
C GLY F 307 -34.37 -22.67 -1.78
N PRO F 308 -33.54 -23.00 -0.77
CA PRO F 308 -33.54 -22.22 0.49
C PRO F 308 -33.32 -20.71 0.28
N ALA F 309 -32.42 -20.37 -0.65
CA ALA F 309 -32.13 -18.97 -0.99
C ALA F 309 -33.28 -18.31 -1.75
N GLN F 310 -33.94 -19.08 -2.60
CA GLN F 310 -35.13 -18.60 -3.24
C GLN F 310 -36.22 -18.34 -2.19
N GLN F 311 -36.36 -19.19 -1.17
CA GLN F 311 -37.38 -18.92 -0.16
C GLN F 311 -37.03 -17.69 0.61
N ARG F 312 -35.76 -17.52 0.97
CA ARG F 312 -35.36 -16.33 1.72
C ARG F 312 -35.73 -15.03 0.99
N VAL F 313 -35.35 -14.93 -0.28
CA VAL F 313 -35.55 -13.70 -1.00
C VAL F 313 -37.03 -13.38 -1.10
N ILE F 314 -37.88 -14.39 -1.27
CA ILE F 314 -39.32 -14.17 -1.37
C ILE F 314 -39.84 -13.54 -0.09
N ARG F 315 -39.42 -14.11 1.03
CA ARG F 315 -39.86 -13.60 2.30
C ARG F 315 -39.40 -12.17 2.54
N ARG F 316 -38.10 -11.88 2.38
CA ARG F 316 -37.58 -10.52 2.62
C ARG F 316 -38.32 -9.53 1.72
N ALA F 317 -38.65 -9.97 0.51
CA ALA F 317 -39.44 -9.14 -0.40
C ALA F 317 -40.81 -8.85 0.18
N LEU F 318 -41.46 -9.88 0.70
CA LEU F 318 -42.79 -9.71 1.26
C LEU F 318 -42.79 -8.81 2.48
N GLU F 319 -41.77 -8.96 3.32
CA GLU F 319 -41.66 -8.19 4.53
C GLU F 319 -41.34 -6.73 4.24
N ASN F 320 -40.51 -6.47 3.22
CA ASN F 320 -40.29 -5.09 2.74
C ASN F 320 -41.54 -4.49 2.11
N ALA F 321 -42.31 -5.32 1.42
CA ALA F 321 -43.56 -4.88 0.83
C ALA F 321 -44.60 -4.62 1.90
N GLY F 322 -44.48 -5.31 3.02
CA GLY F 322 -45.52 -5.28 4.04
C GLY F 322 -46.76 -6.00 3.58
N VAL F 323 -46.57 -7.07 2.82
CA VAL F 323 -47.65 -7.85 2.24
C VAL F 323 -47.46 -9.27 2.74
N ARG F 324 -48.55 -9.98 3.01
CA ARG F 324 -48.43 -11.38 3.38
C ARG F 324 -48.54 -12.24 2.13
N ALA F 325 -47.92 -13.41 2.14
CA ALA F 325 -47.99 -14.32 0.99
C ALA F 325 -49.41 -14.62 0.53
N GLY F 326 -50.30 -14.85 1.48
CA GLY F 326 -51.69 -15.10 1.18
C GLY F 326 -52.42 -14.00 0.44
N ASP F 327 -51.81 -12.82 0.34
CA ASP F 327 -52.46 -11.69 -0.34
C ASP F 327 -52.02 -11.59 -1.78
N VAL F 328 -51.15 -12.49 -2.23
CA VAL F 328 -50.62 -12.42 -3.58
C VAL F 328 -51.29 -13.48 -4.45
N ASP F 329 -51.75 -13.10 -5.64
CA ASP F 329 -52.58 -13.96 -6.50
C ASP F 329 -51.84 -14.64 -7.66
N TYR F 330 -50.79 -13.99 -8.14
CA TYR F 330 -50.04 -14.43 -9.32
C TYR F 330 -48.56 -14.23 -9.11
N VAL F 331 -47.73 -15.13 -9.61
CA VAL F 331 -46.30 -14.88 -9.66
C VAL F 331 -45.75 -15.06 -11.06
N GLU F 332 -45.04 -14.05 -11.53
CA GLU F 332 -44.20 -14.17 -12.70
C GLU F 332 -42.98 -14.86 -12.21
N ALA F 333 -42.95 -16.17 -12.38
CA ALA F 333 -41.79 -16.93 -11.98
C ALA F 333 -40.72 -16.76 -13.03
N HIS F 334 -39.47 -16.91 -12.61
CA HIS F 334 -38.30 -16.92 -13.48
C HIS F 334 -38.54 -17.84 -14.68
N GLY F 335 -38.87 -19.10 -14.38
CA GLY F 335 -39.34 -20.06 -15.39
C GLY F 335 -38.57 -20.15 -16.69
N THR F 336 -37.35 -20.68 -16.61
CA THR F 336 -36.52 -20.76 -17.80
C THR F 336 -36.70 -22.09 -18.52
N GLY F 337 -37.32 -23.10 -17.89
CA GLY F 337 -37.70 -24.33 -18.61
C GLY F 337 -36.58 -25.33 -18.66
N THR F 338 -36.04 -25.56 -17.49
CA THR F 338 -34.78 -26.24 -17.31
C THR F 338 -35.06 -27.37 -16.37
N ARG F 339 -34.46 -28.53 -16.59
CA ARG F 339 -34.74 -29.67 -15.72
C ARG F 339 -34.31 -29.47 -14.27
N LEU F 340 -33.11 -28.90 -14.06
CA LEU F 340 -32.64 -28.59 -12.69
C LEU F 340 -33.48 -27.53 -12.01
N GLY F 341 -33.67 -26.40 -12.71
CA GLY F 341 -34.32 -25.20 -12.17
C GLY F 341 -35.82 -25.21 -11.85
N ASP F 342 -36.63 -25.70 -12.78
CA ASP F 342 -38.10 -25.64 -12.63
C ASP F 342 -38.61 -26.32 -11.37
N PRO F 343 -38.14 -27.53 -11.07
CA PRO F 343 -38.53 -28.15 -9.80
C PRO F 343 -38.13 -27.30 -8.62
N ILE F 344 -36.88 -26.85 -8.61
CA ILE F 344 -36.35 -26.11 -7.48
C ILE F 344 -37.17 -24.87 -7.21
N GLU F 345 -37.48 -24.12 -8.26
CA GLU F 345 -38.27 -22.88 -8.10
C GLU F 345 -39.68 -23.14 -7.60
N VAL F 346 -40.32 -24.17 -8.13
CA VAL F 346 -41.70 -24.46 -7.79
C VAL F 346 -41.77 -25.06 -6.42
N HIS F 347 -40.77 -25.83 -6.05
CA HIS F 347 -40.69 -26.31 -4.66
C HIS F 347 -40.60 -25.15 -3.70
N ALA F 348 -39.86 -24.10 -4.07
CA ALA F 348 -39.67 -22.92 -3.23
C ALA F 348 -40.92 -22.04 -3.09
N LEU F 349 -41.60 -21.84 -4.20
CA LEU F 349 -42.90 -21.20 -4.21
C LEU F 349 -43.92 -21.98 -3.40
N LEU F 350 -43.94 -23.31 -3.56
CA LEU F 350 -44.87 -24.23 -2.86
C LEU F 350 -44.85 -24.13 -1.35
N SER F 351 -43.64 -24.01 -0.80
CA SER F 351 -43.48 -23.94 0.65
C SER F 351 -43.54 -22.50 1.20
N THR F 352 -43.42 -21.46 0.34
CA THR F 352 -43.66 -20.05 0.73
C THR F 352 -45.09 -19.60 0.45
N TYR F 353 -45.36 -19.19 -0.78
CA TYR F 353 -46.69 -18.74 -1.15
C TYR F 353 -47.74 -19.84 -0.95
N GLY F 354 -47.36 -21.09 -1.26
CA GLY F 354 -48.27 -22.25 -1.22
C GLY F 354 -48.59 -22.87 0.13
N ALA F 355 -47.91 -22.46 1.18
CA ALA F 355 -48.25 -22.88 2.53
C ALA F 355 -49.39 -22.04 3.14
N GLU F 356 -49.59 -20.84 2.62
CA GLU F 356 -50.62 -19.92 3.13
C GLU F 356 -51.96 -19.99 2.36
N ARG F 357 -52.26 -21.13 1.74
CA ARG F 357 -53.42 -21.26 0.84
C ARG F 357 -54.23 -22.50 1.12
N ASP F 358 -55.56 -22.39 1.07
CA ASP F 358 -56.38 -23.60 0.99
C ASP F 358 -56.43 -24.02 -0.49
N PRO F 359 -56.40 -25.35 -0.75
CA PRO F 359 -56.21 -25.87 -2.13
C PRO F 359 -57.22 -25.22 -3.06
N ASP F 360 -58.49 -25.36 -2.68
CA ASP F 360 -59.54 -24.41 -2.98
C ASP F 360 -59.06 -23.23 -3.87
N ASP F 361 -58.25 -22.33 -3.32
CA ASP F 361 -57.81 -21.13 -4.04
C ASP F 361 -56.29 -21.10 -4.04
N PRO F 362 -55.65 -21.38 -5.19
CA PRO F 362 -54.20 -21.49 -5.22
C PRO F 362 -53.47 -20.24 -5.70
N LEU F 363 -52.15 -20.25 -5.57
CA LEU F 363 -51.32 -19.23 -6.16
C LEU F 363 -51.14 -19.59 -7.62
N TRP F 364 -51.38 -18.65 -8.52
CA TRP F 364 -51.22 -18.90 -9.96
C TRP F 364 -49.87 -18.44 -10.45
N ILE F 365 -49.36 -19.08 -11.49
CA ILE F 365 -47.95 -18.96 -11.86
C ILE F 365 -47.81 -18.87 -13.35
N GLY F 366 -46.80 -18.14 -13.82
CA GLY F 366 -46.51 -18.11 -15.25
C GLY F 366 -45.13 -17.59 -15.55
N SER F 367 -44.79 -17.60 -16.85
CA SER F 367 -43.51 -17.08 -17.32
C SER F 367 -43.54 -16.67 -18.78
N VAL F 368 -43.30 -15.38 -19.01
CA VAL F 368 -43.13 -14.82 -20.38
C VAL F 368 -42.02 -15.45 -21.20
N LYS F 369 -41.09 -16.13 -20.54
CA LYS F 369 -40.00 -16.73 -21.25
C LYS F 369 -40.58 -17.73 -22.23
N SER F 370 -41.78 -18.23 -21.93
CA SER F 370 -42.53 -19.07 -22.88
C SER F 370 -42.97 -18.38 -24.18
N ASN F 371 -43.03 -17.04 -24.19
CA ASN F 371 -43.46 -16.24 -25.36
C ASN F 371 -42.27 -15.70 -26.16
N ILE F 372 -41.32 -15.11 -25.44
CA ILE F 372 -40.16 -14.43 -26.04
C ILE F 372 -38.78 -15.04 -25.72
N GLY F 373 -38.77 -16.12 -24.95
CA GLY F 373 -37.53 -16.73 -24.54
C GLY F 373 -36.88 -15.99 -23.37
N HIS F 374 -35.67 -16.43 -23.03
CA HIS F 374 -34.94 -15.94 -21.89
C HIS F 374 -34.11 -14.76 -22.34
N THR F 375 -34.55 -13.60 -21.90
CA THR F 375 -34.14 -12.35 -22.47
C THR F 375 -33.08 -11.72 -21.55
N GLN F 376 -32.55 -12.56 -20.67
CA GLN F 376 -31.30 -12.35 -19.97
C GLN F 376 -31.38 -11.15 -19.00
N ALA F 377 -30.50 -10.15 -19.16
CA ALA F 377 -30.48 -9.03 -18.24
C ALA F 377 -31.80 -8.22 -18.24
N ALA F 378 -32.53 -8.29 -19.35
CA ALA F 378 -33.79 -7.62 -19.52
C ALA F 378 -34.90 -8.46 -18.95
N ALA F 379 -34.71 -9.77 -18.93
CA ALA F 379 -35.69 -10.65 -18.30
C ALA F 379 -35.88 -10.09 -16.96
N GLY F 380 -37.11 -10.12 -16.48
CA GLY F 380 -37.37 -9.56 -15.16
C GLY F 380 -37.89 -8.15 -15.30
N VAL F 381 -37.21 -7.32 -16.09
CA VAL F 381 -37.90 -6.13 -16.61
C VAL F 381 -39.08 -6.59 -17.44
N ALA F 382 -38.92 -7.61 -18.28
CA ALA F 382 -40.04 -8.13 -19.04
C ALA F 382 -41.12 -8.71 -18.11
N GLY F 383 -40.67 -9.42 -17.07
CA GLY F 383 -41.58 -9.95 -16.06
C GLY F 383 -42.42 -8.91 -15.34
N VAL F 384 -41.77 -7.90 -14.76
CA VAL F 384 -42.52 -6.81 -14.18
C VAL F 384 -43.55 -6.29 -15.19
N MSE F 385 -43.09 -5.92 -16.37
CA MSE F 385 -44.00 -5.43 -17.39
C MSE F 385 -45.19 -6.34 -17.67
O MSE F 385 -46.34 -5.87 -17.70
CB MSE F 385 -43.24 -5.17 -18.66
CG MSE F 385 -42.30 -3.98 -18.52
SE MSE F 385 -41.65 -3.38 -20.25
CE MSE F 385 -43.47 -3.09 -21.15
N LYS F 386 -44.95 -7.64 -17.84
CA LYS F 386 -46.08 -8.54 -18.04
C LYS F 386 -47.05 -8.44 -16.85
N ALA F 387 -46.53 -8.39 -15.62
CA ALA F 387 -47.37 -8.35 -14.43
C ALA F 387 -48.19 -7.09 -14.39
N VAL F 388 -47.56 -5.98 -14.74
CA VAL F 388 -48.19 -4.66 -14.72
C VAL F 388 -49.34 -4.64 -15.68
N LEU F 389 -49.05 -5.06 -16.91
CA LEU F 389 -50.08 -5.17 -17.95
C LEU F 389 -51.19 -6.15 -17.57
N ALA F 390 -50.80 -7.29 -17.02
CA ALA F 390 -51.73 -8.30 -16.58
C ALA F 390 -52.68 -7.66 -15.60
N LEU F 391 -52.16 -6.83 -14.70
CA LEU F 391 -53.02 -6.16 -13.74
C LEU F 391 -54.00 -5.22 -14.46
N ARG F 392 -53.45 -4.34 -15.29
CA ARG F 392 -54.25 -3.30 -15.95
C ARG F 392 -55.37 -3.88 -16.76
N HIS F 393 -55.14 -5.00 -17.43
CA HIS F 393 -56.20 -5.58 -18.22
C HIS F 393 -56.97 -6.63 -17.47
N GLY F 394 -56.50 -7.02 -16.29
CA GLY F 394 -57.16 -8.05 -15.51
C GLY F 394 -57.27 -9.41 -16.17
N GLU F 395 -56.27 -9.78 -16.95
CA GLU F 395 -56.21 -11.10 -17.55
C GLU F 395 -54.87 -11.68 -17.19
N MSE F 396 -54.87 -12.94 -16.79
CA MSE F 396 -53.64 -13.69 -16.64
C MSE F 396 -53.48 -14.52 -17.91
O MSE F 396 -54.26 -15.43 -18.14
CB MSE F 396 -53.74 -14.63 -15.44
CG MSE F 396 -54.07 -13.96 -14.12
SE MSE F 396 -53.80 -15.21 -12.65
CE MSE F 396 -55.12 -14.58 -11.34
N PRO F 397 -52.47 -14.20 -18.75
CA PRO F 397 -52.31 -14.91 -20.04
C PRO F 397 -51.91 -16.38 -19.94
N ARG F 398 -52.18 -17.13 -21.02
CA ARG F 398 -51.68 -18.50 -21.28
C ARG F 398 -50.16 -18.57 -21.01
N THR F 399 -49.63 -19.63 -20.37
CA THR F 399 -48.18 -19.91 -20.47
C THR F 399 -48.08 -20.91 -21.60
N LEU F 400 -47.17 -20.70 -22.55
CA LEU F 400 -47.14 -21.58 -23.72
C LEU F 400 -46.49 -22.94 -23.43
N HIS F 401 -46.60 -23.83 -24.41
CA HIS F 401 -45.87 -25.09 -24.40
C HIS F 401 -46.05 -25.89 -23.10
N PHE F 402 -47.28 -25.88 -22.58
CA PHE F 402 -47.54 -26.58 -21.35
C PHE F 402 -48.12 -27.94 -21.65
N ASP F 403 -47.23 -28.91 -21.93
CA ASP F 403 -47.61 -30.30 -22.20
C ASP F 403 -48.48 -30.86 -21.07
N GLU F 404 -47.84 -31.32 -20.00
CA GLU F 404 -48.51 -31.78 -18.77
C GLU F 404 -47.73 -31.08 -17.64
N PRO F 405 -48.27 -31.03 -16.41
CA PRO F 405 -47.41 -30.54 -15.33
C PRO F 405 -46.24 -31.49 -15.16
N SER F 406 -45.04 -30.96 -14.92
CA SER F 406 -43.83 -31.80 -14.84
C SER F 406 -44.00 -32.89 -13.81
N PRO F 407 -43.71 -34.15 -14.18
CA PRO F 407 -43.72 -35.23 -13.19
C PRO F 407 -42.60 -35.14 -12.13
N GLN F 408 -41.63 -34.24 -12.32
CA GLN F 408 -40.54 -34.05 -11.35
C GLN F 408 -40.79 -32.98 -10.28
N ILE F 409 -41.90 -32.25 -10.36
CA ILE F 409 -42.25 -31.30 -9.31
C ILE F 409 -43.23 -32.00 -8.41
N GLU F 410 -43.02 -31.92 -7.10
CA GLU F 410 -43.94 -32.59 -6.18
C GLU F 410 -45.05 -31.63 -5.89
N TRP F 411 -45.81 -31.33 -6.95
CA TRP F 411 -47.00 -30.49 -6.88
C TRP F 411 -47.88 -31.14 -5.88
N ASP F 412 -48.85 -30.38 -5.36
CA ASP F 412 -49.73 -30.92 -4.30
C ASP F 412 -48.89 -31.33 -3.05
N LEU F 413 -47.76 -30.63 -2.88
CA LEU F 413 -47.15 -30.37 -1.58
C LEU F 413 -47.60 -28.97 -1.12
N GLY F 414 -48.65 -28.43 -1.76
CA GLY F 414 -49.09 -27.02 -1.65
C GLY F 414 -49.94 -26.56 -2.84
N ALA F 415 -50.49 -25.33 -2.74
CA ALA F 415 -51.57 -24.86 -3.64
C ALA F 415 -51.11 -24.51 -5.07
N VAL F 416 -50.36 -23.43 -5.26
CA VAL F 416 -49.59 -23.19 -6.52
C VAL F 416 -49.93 -23.94 -7.84
N SER F 417 -50.67 -23.29 -8.75
CA SER F 417 -51.00 -23.84 -10.10
C SER F 417 -50.43 -23.01 -11.25
N VAL F 418 -50.25 -23.64 -12.40
CA VAL F 418 -49.74 -22.96 -13.59
C VAL F 418 -50.89 -22.56 -14.50
N VAL F 419 -50.87 -21.33 -14.98
CA VAL F 419 -51.95 -20.91 -15.86
C VAL F 419 -51.63 -21.38 -17.28
N SER F 420 -52.41 -22.38 -17.68
CA SER F 420 -52.27 -23.06 -18.94
C SER F 420 -53.32 -22.60 -19.96
N GLN F 421 -54.53 -22.30 -19.47
CA GLN F 421 -55.55 -21.61 -20.26
C GLN F 421 -55.64 -20.17 -19.70
N ALA F 422 -55.90 -19.19 -20.57
CA ALA F 422 -55.88 -17.77 -20.15
C ALA F 422 -56.96 -17.53 -19.15
N ARG F 423 -56.59 -17.27 -17.90
CA ARG F 423 -57.55 -17.06 -16.84
C ARG F 423 -57.85 -15.59 -16.76
N SER F 424 -58.78 -15.22 -15.88
CA SER F 424 -59.08 -13.82 -15.67
C SER F 424 -59.12 -13.46 -14.19
N TRP F 425 -59.04 -12.15 -13.96
CA TRP F 425 -58.52 -11.58 -12.73
C TRP F 425 -59.20 -10.25 -12.42
N PRO F 426 -60.41 -10.28 -11.82
CA PRO F 426 -61.21 -9.06 -11.69
C PRO F 426 -60.79 -8.17 -10.52
N ALA F 427 -60.77 -6.86 -10.76
CA ALA F 427 -60.42 -5.85 -9.75
C ALA F 427 -61.37 -5.98 -8.55
N GLY F 428 -60.84 -6.39 -7.41
CA GLY F 428 -61.71 -6.72 -6.27
C GLY F 428 -61.77 -5.67 -5.17
N GLU F 429 -62.58 -5.99 -4.17
CA GLU F 429 -62.57 -5.33 -2.85
C GLU F 429 -61.13 -5.28 -2.36
N ARG F 430 -60.46 -6.42 -2.46
CA ARG F 430 -59.03 -6.48 -2.25
C ARG F 430 -58.23 -5.80 -3.38
N PRO F 431 -57.13 -5.16 -3.04
CA PRO F 431 -56.13 -4.91 -4.06
C PRO F 431 -55.45 -6.23 -4.48
N ARG F 432 -55.15 -6.31 -5.77
CA ARG F 432 -54.50 -7.46 -6.36
C ARG F 432 -53.04 -7.21 -6.40
N ARG F 433 -52.24 -8.24 -6.15
CA ARG F 433 -50.81 -8.12 -6.26
C ARG F 433 -50.16 -9.31 -6.93
N ALA F 434 -48.98 -9.07 -7.47
CA ALA F 434 -48.21 -10.06 -8.15
C ALA F 434 -46.81 -10.06 -7.56
N GLY F 435 -46.11 -11.18 -7.67
CA GLY F 435 -44.70 -11.25 -7.34
C GLY F 435 -44.01 -11.53 -8.65
N VAL F 436 -42.80 -11.02 -8.77
CA VAL F 436 -41.99 -11.30 -9.93
C VAL F 436 -40.66 -11.68 -9.37
N SER F 437 -40.17 -12.86 -9.76
CA SER F 437 -38.81 -13.31 -9.36
C SER F 437 -37.89 -13.46 -10.58
N SER F 438 -36.58 -13.25 -10.32
CA SER F 438 -35.51 -13.44 -11.29
C SER F 438 -34.27 -13.97 -10.57
N PHE F 439 -33.66 -15.04 -11.10
CA PHE F 439 -32.52 -15.73 -10.48
C PHE F 439 -31.28 -15.80 -11.38
N GLY F 440 -30.18 -15.28 -10.88
CA GLY F 440 -29.01 -15.05 -11.70
C GLY F 440 -28.15 -16.27 -11.71
N ILE F 441 -27.65 -16.62 -12.90
CA ILE F 441 -26.82 -17.80 -13.08
C ILE F 441 -25.63 -17.79 -12.08
N SER F 442 -24.99 -16.63 -11.94
CA SER F 442 -23.92 -16.39 -10.96
C SER F 442 -24.35 -16.37 -9.45
N GLY F 443 -25.64 -16.53 -9.19
CA GLY F 443 -26.11 -16.87 -7.85
C GLY F 443 -26.88 -15.81 -7.09
N THR F 444 -27.16 -14.70 -7.72
CA THR F 444 -27.83 -13.64 -7.03
C THR F 444 -29.29 -13.63 -7.44
N ASN F 445 -30.16 -13.49 -6.45
CA ASN F 445 -31.59 -13.62 -6.64
C ASN F 445 -32.37 -12.35 -6.33
N ALA F 446 -33.45 -12.12 -7.07
CA ALA F 446 -34.34 -11.02 -6.77
C ALA F 446 -35.80 -11.47 -6.80
N HIS F 447 -36.62 -10.73 -6.09
CA HIS F 447 -38.08 -10.91 -6.08
C HIS F 447 -38.69 -9.55 -5.67
N VAL F 448 -39.67 -9.11 -6.43
CA VAL F 448 -40.24 -7.80 -6.24
C VAL F 448 -41.77 -8.00 -6.26
N ILE F 449 -42.47 -7.16 -5.51
CA ILE F 449 -43.89 -7.26 -5.29
C ILE F 449 -44.65 -6.03 -5.85
N VAL F 450 -45.63 -6.31 -6.70
CA VAL F 450 -46.27 -5.32 -7.56
C VAL F 450 -47.77 -5.29 -7.28
N GLU F 451 -48.36 -4.11 -7.17
CA GLU F 451 -49.76 -3.99 -6.81
C GLU F 451 -50.50 -3.13 -7.84
N GLU F 452 -51.82 -3.31 -7.94
CA GLU F 452 -52.63 -2.56 -8.91
C GLU F 452 -52.63 -1.09 -8.54
N ALA F 453 -52.71 -0.23 -9.53
CA ALA F 453 -52.68 1.21 -9.28
C ALA F 453 -53.88 1.57 -8.44
N PRO F 454 -53.76 2.59 -7.58
CA PRO F 454 -54.83 2.91 -6.68
C PRO F 454 -55.90 3.73 -7.39
N GLU F 455 -57.01 4.00 -6.70
CA GLU F 455 -58.22 4.63 -7.31
C GLU F 455 -57.92 6.01 -7.91
N ALA F 456 -58.54 6.28 -9.07
CA ALA F 456 -58.38 7.58 -9.75
C ALA F 456 -59.73 8.30 -10.04
N ASP F 457 -59.96 9.40 -9.31
CA ASP F 457 -61.13 10.26 -9.49
C ASP F 457 -61.09 11.41 -8.48
N GLY F 466 -66.54 21.11 -31.22
CA GLY F 466 -66.02 22.40 -31.67
C GLY F 466 -64.56 22.26 -32.08
N PRO F 467 -64.16 22.81 -33.25
CA PRO F 467 -62.82 22.54 -33.77
C PRO F 467 -61.72 22.97 -32.83
N VAL F 468 -60.54 22.40 -33.07
CA VAL F 468 -59.44 22.40 -32.11
C VAL F 468 -58.13 22.42 -32.87
N PRO F 469 -57.15 23.19 -32.37
CA PRO F 469 -55.84 23.20 -32.99
C PRO F 469 -54.96 22.06 -32.51
N LEU F 470 -54.44 21.27 -33.45
CA LEU F 470 -53.52 20.20 -33.16
C LEU F 470 -52.14 20.59 -33.63
N VAL F 471 -51.18 20.59 -32.72
CA VAL F 471 -49.86 21.08 -33.01
C VAL F 471 -48.83 19.96 -32.82
N LEU F 472 -47.87 19.85 -33.72
CA LEU F 472 -47.00 18.69 -33.73
C LEU F 472 -45.73 18.98 -34.52
N SER F 473 -44.66 18.26 -34.25
CA SER F 473 -43.31 18.62 -34.72
C SER F 473 -42.31 17.46 -34.77
N GLY F 474 -41.30 17.57 -35.62
CA GLY F 474 -40.24 16.57 -35.78
C GLY F 474 -38.90 17.21 -36.05
N ARG F 475 -37.80 16.50 -35.81
CA ARG F 475 -36.45 17.03 -36.12
C ARG F 475 -36.22 17.11 -37.63
N ASP F 476 -36.98 16.39 -38.44
CA ASP F 476 -36.89 16.56 -39.88
C ASP F 476 -38.26 16.49 -40.52
N GLU F 477 -38.35 16.78 -41.81
CA GLU F 477 -39.64 16.85 -42.49
C GLU F 477 -40.36 15.53 -42.31
N GLN F 478 -39.63 14.46 -42.56
CA GLN F 478 -40.13 13.11 -42.51
C GLN F 478 -40.68 12.74 -41.15
N ALA F 479 -39.96 13.10 -40.10
CA ALA F 479 -40.43 12.80 -38.76
C ALA F 479 -41.75 13.52 -38.42
N MSE F 480 -41.88 14.77 -38.82
CA MSE F 480 -43.12 15.51 -38.63
C MSE F 480 -44.31 14.83 -39.31
O MSE F 480 -45.42 14.82 -38.75
CB MSE F 480 -42.99 16.94 -39.16
CG MSE F 480 -44.30 17.71 -39.38
SE MSE F 480 -43.98 19.26 -40.54
CE MSE F 480 -43.71 18.43 -42.32
N ARG F 481 -44.08 14.28 -40.50
CA ARG F 481 -45.13 13.60 -41.26
C ARG F 481 -45.50 12.28 -40.60
N ALA F 482 -44.51 11.57 -40.09
CA ALA F 482 -44.75 10.35 -39.35
C ALA F 482 -45.54 10.66 -38.09
N GLN F 483 -45.25 11.80 -37.51
CA GLN F 483 -45.92 12.20 -36.31
C GLN F 483 -47.41 12.43 -36.60
N ALA F 484 -47.72 12.98 -37.77
CA ALA F 484 -49.10 13.24 -38.14
C ALA F 484 -49.82 11.93 -38.31
N GLY F 485 -49.17 10.99 -38.99
CA GLY F 485 -49.71 9.65 -39.21
C GLY F 485 -50.00 8.90 -37.93
N ARG F 486 -49.09 8.93 -37.00
CA ARG F 486 -49.36 8.31 -35.72
C ARG F 486 -50.49 9.00 -35.02
N LEU F 487 -50.63 10.29 -35.25
CA LEU F 487 -51.68 11.03 -34.60
C LEU F 487 -53.01 10.65 -35.21
N ALA F 488 -53.01 10.43 -36.53
CA ALA F 488 -54.20 10.05 -37.24
C ALA F 488 -54.69 8.72 -36.69
N ASP F 489 -53.80 7.75 -36.61
CA ASP F 489 -54.19 6.44 -36.12
C ASP F 489 -54.73 6.51 -34.69
N HIS F 490 -54.03 7.18 -33.80
CA HIS F 490 -54.47 7.31 -32.40
C HIS F 490 -55.88 7.85 -32.29
N LEU F 491 -56.23 8.70 -33.25
CA LEU F 491 -57.52 9.37 -33.29
C LEU F 491 -58.54 8.53 -34.08
N ALA F 492 -58.11 7.92 -35.17
CA ALA F 492 -59.00 7.13 -35.99
C ALA F 492 -59.44 5.89 -35.25
N ARG F 493 -58.48 5.14 -34.72
CA ARG F 493 -58.74 3.81 -34.18
C ARG F 493 -59.50 3.81 -32.86
N GLU F 494 -59.25 4.78 -31.99
CA GLU F 494 -59.90 4.81 -30.70
C GLU F 494 -60.75 6.06 -30.56
N PRO F 495 -62.07 5.95 -30.85
CA PRO F 495 -62.95 7.12 -30.89
C PRO F 495 -63.39 7.63 -29.54
N ARG F 496 -62.84 7.07 -28.48
CA ARG F 496 -63.10 7.57 -27.16
C ARG F 496 -62.07 8.63 -26.77
N ASN F 497 -60.88 8.56 -27.36
CA ASN F 497 -59.83 9.57 -27.15
C ASN F 497 -60.30 11.00 -27.52
N SER F 498 -60.44 11.85 -26.50
CA SER F 498 -60.85 13.24 -26.71
C SER F 498 -59.88 14.05 -27.57
N LEU F 499 -60.32 14.45 -28.75
CA LEU F 499 -59.58 15.39 -29.61
C LEU F 499 -59.04 16.58 -28.81
N ARG F 500 -59.90 17.17 -27.99
CA ARG F 500 -59.50 18.33 -27.20
C ARG F 500 -58.34 18.00 -26.26
N ASP F 501 -58.41 16.85 -25.60
CA ASP F 501 -57.40 16.49 -24.63
C ASP F 501 -56.12 16.11 -25.35
N THR F 502 -56.26 15.58 -26.55
CA THR F 502 -55.16 15.29 -27.44
C THR F 502 -54.44 16.59 -27.81
N GLY F 503 -55.21 17.61 -28.16
CA GLY F 503 -54.64 18.90 -28.54
C GLY F 503 -53.93 19.50 -27.37
N PHE F 504 -54.61 19.48 -26.23
CA PHE F 504 -54.05 19.99 -25.02
C PHE F 504 -52.71 19.35 -24.72
N THR F 505 -52.68 18.02 -24.83
CA THR F 505 -51.48 17.28 -24.49
C THR F 505 -50.37 17.60 -25.48
N LEU F 506 -50.71 17.70 -26.76
CA LEU F 506 -49.71 17.93 -27.82
C LEU F 506 -49.02 19.23 -27.58
N ALA F 507 -49.78 20.17 -27.02
CA ALA F 507 -49.35 21.54 -26.95
C ALA F 507 -48.61 21.75 -25.66
N THR F 508 -48.85 20.92 -24.65
CA THR F 508 -48.23 21.08 -23.32
C THR F 508 -47.22 20.02 -22.86
N ARG F 509 -47.25 18.82 -23.44
CA ARG F 509 -46.44 17.70 -22.98
C ARG F 509 -45.64 17.07 -24.12
N ARG F 510 -45.22 17.86 -25.08
CA ARG F 510 -44.46 17.28 -26.19
C ARG F 510 -43.49 18.31 -26.71
N SER F 511 -42.26 17.89 -26.90
CA SER F 511 -41.21 18.79 -27.32
C SER F 511 -41.50 19.49 -28.65
N ALA F 512 -41.14 20.77 -28.73
CA ALA F 512 -41.34 21.59 -29.92
C ALA F 512 -40.14 21.54 -30.86
N TRP F 513 -40.14 20.60 -31.79
CA TRP F 513 -39.00 20.43 -32.68
C TRP F 513 -38.99 21.43 -33.86
N GLU F 514 -38.01 21.31 -34.74
CA GLU F 514 -37.80 22.28 -35.81
C GLU F 514 -38.94 22.28 -36.80
N HIS F 515 -39.18 21.16 -37.46
CA HIS F 515 -40.25 21.12 -38.46
C HIS F 515 -41.58 20.98 -37.74
N ARG F 516 -42.58 21.72 -38.21
CA ARG F 516 -43.81 21.93 -37.48
C ARG F 516 -45.06 21.97 -38.32
N ALA F 517 -46.14 21.41 -37.79
CA ALA F 517 -47.44 21.48 -38.45
C ALA F 517 -48.51 21.78 -37.42
N VAL F 518 -49.55 22.49 -37.86
CA VAL F 518 -50.75 22.72 -37.06
C VAL F 518 -51.98 22.37 -37.88
N VAL F 519 -52.85 21.52 -37.33
CA VAL F 519 -54.06 21.12 -38.01
C VAL F 519 -55.21 21.50 -37.12
N VAL F 520 -56.14 22.25 -37.70
CA VAL F 520 -57.33 22.76 -37.02
C VAL F 520 -58.56 22.12 -37.65
N GLY F 521 -59.52 21.75 -36.83
CA GLY F 521 -60.78 21.16 -37.31
C GLY F 521 -61.47 20.37 -36.22
N ASP F 522 -62.75 20.04 -36.46
CA ASP F 522 -63.48 19.11 -35.59
C ASP F 522 -62.84 17.74 -35.82
N ARG F 523 -63.41 16.67 -35.25
CA ARG F 523 -62.74 15.35 -35.29
C ARG F 523 -62.58 14.81 -36.71
N ASP F 524 -63.60 14.92 -37.56
CA ASP F 524 -63.50 14.39 -38.94
C ASP F 524 -62.40 15.06 -39.76
N GLU F 525 -62.30 16.38 -39.65
CA GLU F 525 -61.43 17.18 -40.52
C GLU F 525 -60.01 17.31 -40.02
N ALA F 526 -59.87 17.32 -38.70
CA ALA F 526 -58.58 17.15 -38.08
C ALA F 526 -57.92 15.84 -38.57
N LEU F 527 -58.70 14.77 -38.66
CA LEU F 527 -58.25 13.52 -39.24
C LEU F 527 -57.76 13.70 -40.66
N ALA F 528 -58.63 14.24 -41.50
CA ALA F 528 -58.28 14.47 -42.90
C ALA F 528 -57.08 15.41 -43.04
N GLY F 529 -56.98 16.38 -42.14
CA GLY F 529 -55.85 17.32 -42.13
C GLY F 529 -54.54 16.64 -41.78
N LEU F 530 -54.59 15.70 -40.85
CA LEU F 530 -53.40 14.92 -40.46
C LEU F 530 -52.99 13.96 -41.57
N ARG F 531 -53.96 13.36 -42.24
CA ARG F 531 -53.68 12.44 -43.32
C ARG F 531 -53.06 13.22 -44.44
N ALA F 532 -53.50 14.47 -44.59
CA ALA F 532 -52.95 15.33 -45.61
C ALA F 532 -51.48 15.60 -45.34
N VAL F 533 -51.19 16.04 -44.12
CA VAL F 533 -49.84 16.39 -43.69
C VAL F 533 -48.93 15.18 -43.81
N ALA F 534 -49.40 14.03 -43.32
CA ALA F 534 -48.67 12.79 -43.41
C ALA F 534 -48.19 12.55 -44.83
N ASP F 535 -49.03 12.86 -45.80
CA ASP F 535 -48.74 12.55 -47.20
C ASP F 535 -48.16 13.70 -47.96
N GLY F 536 -47.71 14.73 -47.27
CA GLY F 536 -47.15 15.90 -47.93
C GLY F 536 -48.08 16.54 -48.93
N ARG F 537 -49.34 16.66 -48.55
CA ARG F 537 -50.34 17.39 -49.33
C ARG F 537 -50.87 18.50 -48.48
N ILE F 538 -51.21 19.61 -49.10
CA ILE F 538 -51.77 20.74 -48.36
C ILE F 538 -53.28 20.57 -48.23
N ALA F 539 -53.82 20.90 -47.06
CA ALA F 539 -55.28 20.96 -46.84
C ALA F 539 -55.60 22.32 -46.24
N ASP F 540 -56.88 22.63 -46.09
CA ASP F 540 -57.30 23.93 -45.54
C ASP F 540 -57.22 23.87 -44.03
N ARG F 541 -56.99 25.01 -43.40
CA ARG F 541 -56.67 25.06 -41.96
C ARG F 541 -55.56 24.07 -41.53
N THR F 542 -54.43 24.22 -42.19
CA THR F 542 -53.31 23.31 -42.09
C THR F 542 -52.03 24.09 -42.39
N ALA F 543 -51.38 24.64 -41.37
CA ALA F 543 -50.10 25.29 -41.57
C ALA F 543 -48.92 24.29 -41.47
N THR F 544 -47.75 24.70 -41.90
CA THR F 544 -46.55 23.85 -41.95
C THR F 544 -45.30 24.70 -42.18
N GLY F 545 -44.25 24.46 -41.41
CA GLY F 545 -43.05 25.32 -41.43
C GLY F 545 -41.78 24.76 -40.82
N GLN F 546 -40.75 25.60 -40.72
CA GLN F 546 -39.51 25.26 -40.04
C GLN F 546 -39.26 26.38 -39.08
N ALA F 547 -39.15 26.05 -37.82
CA ALA F 547 -39.05 27.06 -36.81
C ALA F 547 -37.65 27.64 -36.80
N ARG F 548 -37.60 28.92 -36.44
CA ARG F 548 -36.38 29.70 -36.27
C ARG F 548 -36.59 30.58 -35.05
N THR F 549 -35.52 30.98 -34.39
CA THR F 549 -35.69 31.85 -33.24
C THR F 549 -36.03 33.22 -33.77
N ARG F 550 -37.31 33.51 -33.79
CA ARG F 550 -37.72 34.83 -34.23
C ARG F 550 -37.82 35.60 -32.95
N ARG F 551 -37.20 36.76 -32.92
CA ARG F 551 -37.35 37.66 -31.80
C ARG F 551 -37.35 39.05 -32.35
N GLY F 552 -38.55 39.64 -32.32
CA GLY F 552 -38.86 40.79 -33.12
C GLY F 552 -40.16 40.48 -33.85
N VAL F 553 -41.24 40.45 -33.09
CA VAL F 553 -42.57 40.39 -33.64
C VAL F 553 -43.02 41.82 -33.90
N ALA F 554 -43.37 42.12 -35.15
CA ALA F 554 -43.83 43.45 -35.51
C ALA F 554 -45.26 43.38 -35.96
N MSE F 555 -46.17 43.96 -35.17
CA MSE F 555 -47.56 43.99 -35.57
C MSE F 555 -47.88 45.19 -36.47
O MSE F 555 -47.58 46.32 -36.15
CB MSE F 555 -48.46 43.98 -34.35
CG MSE F 555 -48.63 42.65 -33.73
SE MSE F 555 -49.72 42.95 -32.15
CE MSE F 555 -49.96 41.23 -31.49
N VAL F 556 -48.50 44.89 -37.61
CA VAL F 556 -48.85 45.87 -38.63
C VAL F 556 -50.36 46.07 -38.67
N PHE F 557 -50.81 47.30 -38.88
CA PHE F 557 -52.23 47.62 -38.92
C PHE F 557 -52.60 48.39 -40.18
N PRO F 558 -53.33 47.76 -41.10
CA PRO F 558 -53.73 48.38 -42.36
C PRO F 558 -55.00 49.26 -42.34
N GLY F 559 -55.35 49.82 -43.49
CA GLY F 559 -56.51 50.69 -43.59
C GLY F 559 -57.56 50.16 -44.55
N GLN F 560 -57.77 50.90 -45.64
CA GLN F 560 -58.75 50.54 -46.66
C GLN F 560 -58.50 49.17 -47.21
N GLY F 561 -59.58 48.48 -47.58
CA GLY F 561 -59.47 47.18 -48.20
C GLY F 561 -59.05 46.09 -47.23
N ALA F 562 -59.36 46.27 -45.97
CA ALA F 562 -59.21 45.22 -44.98
C ALA F 562 -60.58 44.70 -44.52
N GLN F 563 -61.66 45.36 -44.94
CA GLN F 563 -62.99 45.07 -44.40
C GLN F 563 -63.74 44.22 -45.39
N TRP F 564 -64.64 43.40 -44.86
CA TRP F 564 -65.69 42.75 -45.63
C TRP F 564 -66.98 42.81 -44.80
N GLN F 565 -68.10 42.37 -45.36
CA GLN F 565 -69.39 42.54 -44.70
C GLN F 565 -69.52 41.68 -43.43
N GLY F 566 -69.22 40.41 -43.54
CA GLY F 566 -69.26 39.55 -42.36
C GLY F 566 -68.39 39.96 -41.18
N MSE F 567 -67.13 40.32 -41.47
CA MSE F 567 -66.11 40.70 -40.46
C MSE F 567 -66.45 40.33 -39.03
O MSE F 567 -67.10 41.11 -38.33
CB MSE F 567 -65.91 42.22 -40.41
CG MSE F 567 -64.86 42.77 -41.32
SE MSE F 567 -64.17 44.42 -40.62
CE MSE F 567 -65.65 45.49 -40.50
N ALA F 568 -65.98 39.19 -38.58
CA ALA F 568 -66.01 38.92 -37.15
C ALA F 568 -67.41 38.67 -36.61
N ARG F 569 -68.35 38.27 -37.47
CA ARG F 569 -69.64 37.83 -37.00
C ARG F 569 -69.41 36.58 -36.15
N ASP F 570 -68.78 35.58 -36.77
CA ASP F 570 -68.61 34.27 -36.14
C ASP F 570 -67.68 34.42 -34.94
N LEU F 571 -66.58 35.15 -35.12
CA LEU F 571 -65.61 35.35 -34.07
C LEU F 571 -66.18 36.11 -32.88
N LEU F 572 -67.25 36.86 -33.11
CA LEU F 572 -67.88 37.62 -32.03
C LEU F 572 -68.59 36.64 -31.06
N ARG F 573 -68.95 35.46 -31.58
CA ARG F 573 -69.59 34.39 -30.80
C ARG F 573 -68.60 33.39 -30.17
N GLU F 574 -67.58 33.00 -30.93
CA GLU F 574 -66.70 31.90 -30.52
C GLU F 574 -65.48 32.34 -29.68
N SER F 575 -65.34 33.64 -29.38
CA SER F 575 -64.22 34.16 -28.55
C SER F 575 -64.61 35.26 -27.57
N GLN F 576 -64.25 35.06 -26.31
CA GLN F 576 -64.59 36.01 -25.26
C GLN F 576 -63.63 37.16 -25.33
N VAL F 577 -62.36 36.87 -25.13
CA VAL F 577 -61.33 37.89 -25.25
C VAL F 577 -61.71 38.91 -26.31
N PHE F 578 -62.07 38.39 -27.49
CA PHE F 578 -62.49 39.21 -28.62
C PHE F 578 -63.77 39.95 -28.31
N ALA F 579 -64.88 39.25 -28.13
CA ALA F 579 -66.17 39.88 -27.78
C ALA F 579 -66.07 40.94 -26.67
N ASP F 580 -65.24 40.71 -25.68
CA ASP F 580 -65.02 41.70 -24.64
C ASP F 580 -64.32 42.93 -25.18
N SER F 581 -63.31 42.73 -26.03
CA SER F 581 -62.66 43.85 -26.70
C SER F 581 -63.70 44.70 -27.45
N ILE F 582 -64.46 44.05 -28.33
CA ILE F 582 -65.50 44.71 -29.11
C ILE F 582 -66.54 45.42 -28.24
N ARG F 583 -66.82 44.88 -27.06
CA ARG F 583 -67.81 45.46 -26.16
C ARG F 583 -67.30 46.77 -25.60
N ASP F 584 -66.01 46.81 -25.31
CA ASP F 584 -65.42 47.99 -24.69
C ASP F 584 -65.25 49.09 -25.68
N CYS F 585 -64.98 48.74 -26.94
CA CYS F 585 -64.98 49.70 -28.03
C CYS F 585 -66.29 50.38 -28.16
N GLU F 586 -67.34 49.59 -28.33
CA GLU F 586 -68.69 50.10 -28.43
C GLU F 586 -68.95 51.08 -27.32
N ARG F 587 -68.32 50.86 -26.17
CA ARG F 587 -68.40 51.80 -25.08
C ARG F 587 -67.72 53.13 -25.46
N ALA F 588 -66.44 53.07 -25.80
CA ALA F 588 -65.65 54.27 -26.13
C ALA F 588 -66.21 55.10 -27.28
N LEU F 589 -66.78 54.41 -28.25
CA LEU F 589 -67.33 55.02 -29.43
C LEU F 589 -68.70 55.62 -29.20
N ALA F 590 -69.49 55.02 -28.32
CA ALA F 590 -70.85 55.50 -28.07
C ALA F 590 -70.99 57.04 -28.15
N PRO F 591 -70.21 57.79 -27.36
CA PRO F 591 -70.36 59.24 -27.42
C PRO F 591 -70.11 59.86 -28.80
N HIS F 592 -69.11 59.39 -29.52
CA HIS F 592 -68.69 60.05 -30.74
C HIS F 592 -69.40 59.56 -31.99
N VAL F 593 -70.16 58.49 -31.88
CA VAL F 593 -70.84 57.87 -33.02
C VAL F 593 -72.25 57.50 -32.58
N ASP F 594 -73.24 57.59 -33.47
CA ASP F 594 -74.59 57.16 -33.08
C ASP F 594 -75.06 55.95 -33.86
N TRP F 595 -74.34 54.84 -33.70
CA TRP F 595 -74.78 53.51 -34.16
C TRP F 595 -74.18 52.42 -33.26
N SER F 596 -74.78 51.23 -33.23
CA SER F 596 -74.25 50.14 -32.38
C SER F 596 -73.22 49.30 -33.13
N LEU F 597 -72.04 49.14 -32.52
CA LEU F 597 -70.95 48.36 -33.11
C LEU F 597 -71.31 46.87 -33.21
N THR F 598 -71.96 46.36 -32.16
CA THR F 598 -72.34 44.95 -32.12
C THR F 598 -73.43 44.65 -33.14
N ASP F 599 -74.42 45.55 -33.26
CA ASP F 599 -75.49 45.40 -34.27
C ASP F 599 -74.90 45.29 -35.69
N LEU F 600 -73.97 46.21 -35.95
CA LEU F 600 -73.24 46.31 -37.22
C LEU F 600 -72.58 44.98 -37.60
N LEU F 601 -71.78 44.45 -36.66
CA LEU F 601 -70.94 43.24 -36.90
C LEU F 601 -71.72 41.92 -36.86
N SER F 602 -72.66 41.78 -35.90
CA SER F 602 -73.53 40.58 -35.75
C SER F 602 -74.56 40.48 -36.87
N GLY F 603 -75.13 41.62 -37.24
CA GLY F 603 -76.13 41.69 -38.30
C GLY F 603 -75.56 41.53 -39.70
N ALA F 604 -74.23 41.56 -39.83
CA ALA F 604 -73.57 41.49 -41.14
C ALA F 604 -74.06 42.61 -42.06
N ARG F 605 -74.08 43.84 -41.54
CA ARG F 605 -74.71 44.98 -42.24
C ARG F 605 -73.81 45.51 -43.35
N PRO F 606 -74.41 46.23 -44.32
CA PRO F 606 -73.57 46.95 -45.29
C PRO F 606 -72.57 47.89 -44.62
N LEU F 607 -71.41 48.07 -45.25
CA LEU F 607 -70.30 48.81 -44.66
C LEU F 607 -69.78 49.92 -45.58
N ASP F 608 -70.66 50.62 -46.29
CA ASP F 608 -70.20 51.54 -47.33
C ASP F 608 -69.81 52.92 -46.80
N ARG F 609 -70.23 53.26 -45.59
CA ARG F 609 -70.04 54.63 -45.08
C ARG F 609 -68.70 54.85 -44.40
N VAL F 610 -68.05 55.98 -44.70
CA VAL F 610 -66.73 56.30 -44.13
C VAL F 610 -66.74 56.37 -42.60
N ASP F 611 -67.75 57.02 -42.02
CA ASP F 611 -67.81 57.27 -40.56
C ASP F 611 -68.30 56.05 -39.78
N VAL F 612 -68.63 55.02 -40.56
CA VAL F 612 -68.99 53.72 -40.05
C VAL F 612 -67.75 52.81 -40.09
N VAL F 613 -67.19 52.65 -41.29
CA VAL F 613 -66.07 51.76 -41.53
C VAL F 613 -64.83 52.05 -40.72
N GLN F 614 -64.31 53.26 -40.82
CA GLN F 614 -63.02 53.53 -40.24
C GLN F 614 -63.07 53.23 -38.74
N PRO F 615 -64.09 53.72 -38.02
CA PRO F 615 -64.25 53.26 -36.64
C PRO F 615 -64.36 51.74 -36.44
N ALA F 616 -65.34 51.08 -37.06
CA ALA F 616 -65.46 49.60 -36.94
C ALA F 616 -64.15 48.83 -37.23
N LEU F 617 -63.51 49.10 -38.36
CA LEU F 617 -62.27 48.42 -38.69
C LEU F 617 -61.25 48.55 -37.57
N PHE F 618 -61.20 49.73 -36.95
CA PHE F 618 -60.31 50.01 -35.82
C PHE F 618 -60.62 49.06 -34.69
N ALA F 619 -61.88 49.01 -34.32
CA ALA F 619 -62.28 48.17 -33.22
C ALA F 619 -61.94 46.72 -33.53
N VAL F 620 -62.25 46.27 -34.74
CA VAL F 620 -61.91 44.89 -35.14
C VAL F 620 -60.40 44.65 -34.95
N MSE F 621 -59.57 45.53 -35.53
CA MSE F 621 -58.10 45.43 -35.44
C MSE F 621 -57.58 45.49 -34.01
O MSE F 621 -56.78 44.66 -33.60
CB MSE F 621 -57.42 46.51 -36.29
CG MSE F 621 -57.56 46.26 -37.77
SE MSE F 621 -56.38 47.31 -38.92
CE MSE F 621 -56.86 48.98 -38.41
N VAL F 622 -58.02 46.48 -33.23
CA VAL F 622 -57.60 46.59 -31.86
C VAL F 622 -57.95 45.32 -31.07
N SER F 623 -59.06 44.68 -31.44
CA SER F 623 -59.53 43.45 -30.80
C SER F 623 -58.76 42.20 -31.25
N LEU F 624 -58.54 42.04 -32.54
CA LEU F 624 -57.68 40.95 -33.02
C LEU F 624 -56.29 41.00 -32.37
N ALA F 625 -55.76 42.20 -32.20
CA ALA F 625 -54.50 42.41 -31.50
C ALA F 625 -54.58 41.82 -30.09
N ALA F 626 -55.58 42.22 -29.31
CA ALA F 626 -55.77 41.68 -27.95
C ALA F 626 -55.77 40.16 -27.95
N LEU F 627 -56.40 39.59 -28.98
CA LEU F 627 -56.52 38.15 -29.14
C LEU F 627 -55.11 37.54 -29.33
N TRP F 628 -54.32 38.08 -30.26
CA TRP F 628 -52.93 37.65 -30.42
C TRP F 628 -52.20 37.70 -29.09
N ARG F 629 -52.38 38.80 -28.37
CA ARG F 629 -51.71 38.97 -27.08
C ARG F 629 -52.18 37.97 -26.06
N SER F 630 -53.42 37.50 -26.17
CA SER F 630 -53.93 36.46 -25.26
C SER F 630 -53.22 35.13 -25.48
N HIS F 631 -52.61 34.94 -26.65
CA HIS F 631 -51.82 33.76 -26.91
C HIS F 631 -50.35 34.11 -26.89
N GLY F 632 -49.97 34.97 -25.94
CA GLY F 632 -48.56 35.33 -25.68
C GLY F 632 -47.75 35.95 -26.82
N VAL F 633 -48.42 36.37 -27.88
CA VAL F 633 -47.78 37.14 -28.93
C VAL F 633 -47.93 38.62 -28.56
N GLU F 634 -46.87 39.19 -27.98
CA GLU F 634 -46.76 40.63 -27.77
C GLU F 634 -45.95 41.21 -28.93
N PRO F 635 -46.28 42.43 -29.35
CA PRO F 635 -45.45 43.12 -30.33
C PRO F 635 -44.26 43.82 -29.68
N ALA F 636 -43.13 43.79 -30.35
CA ALA F 636 -41.99 44.63 -29.99
C ALA F 636 -42.09 45.97 -30.72
N ALA F 637 -42.70 45.94 -31.90
CA ALA F 637 -42.93 47.15 -32.68
C ALA F 637 -44.31 47.09 -33.34
N VAL F 638 -44.83 48.28 -33.67
CA VAL F 638 -46.06 48.41 -34.43
C VAL F 638 -45.89 49.40 -35.58
N VAL F 639 -46.57 49.16 -36.68
CA VAL F 639 -46.60 50.07 -37.81
C VAL F 639 -48.05 50.26 -38.15
N GLY F 640 -48.42 51.47 -38.55
CA GLY F 640 -49.74 51.74 -39.11
C GLY F 640 -49.72 52.25 -40.53
N HIS F 641 -50.82 52.01 -41.22
CA HIS F 641 -51.08 52.59 -42.53
C HIS F 641 -52.24 53.60 -42.39
N SER F 642 -52.10 54.82 -42.92
CA SER F 642 -53.11 55.87 -42.76
C SER F 642 -53.89 55.73 -41.42
N GLN F 643 -55.15 55.29 -41.48
CA GLN F 643 -56.01 55.09 -40.30
C GLN F 643 -55.43 54.06 -39.33
N GLY F 644 -54.87 53.01 -39.88
CA GLY F 644 -54.29 51.99 -39.06
C GLY F 644 -53.30 52.52 -38.04
N GLU F 645 -52.80 53.74 -38.22
CA GLU F 645 -51.87 54.30 -37.25
C GLU F 645 -52.53 54.62 -35.96
N ILE F 646 -53.84 54.82 -36.01
CA ILE F 646 -54.62 55.07 -34.80
C ILE F 646 -54.69 53.78 -34.01
N ALA F 647 -54.91 52.66 -34.69
CA ALA F 647 -54.90 51.35 -34.04
C ALA F 647 -53.55 50.97 -33.40
N ALA F 648 -52.48 51.18 -34.17
CA ALA F 648 -51.13 50.89 -33.72
C ALA F 648 -50.73 51.67 -32.47
N ALA F 649 -51.02 52.97 -32.49
CA ALA F 649 -50.78 53.85 -31.35
C ALA F 649 -51.47 53.35 -30.07
N HIS F 650 -52.71 52.88 -30.17
CA HIS F 650 -53.44 52.43 -28.98
C HIS F 650 -52.84 51.14 -28.47
N VAL F 651 -52.47 50.27 -29.40
CA VAL F 651 -51.87 48.99 -29.04
C VAL F 651 -50.48 49.16 -28.42
N ALA F 652 -49.74 50.20 -28.83
CA ALA F 652 -48.40 50.39 -28.29
C ALA F 652 -48.43 51.07 -26.92
N GLY F 653 -49.59 51.49 -26.47
CA GLY F 653 -49.72 52.16 -25.17
C GLY F 653 -49.76 53.68 -25.23
N ALA F 654 -49.52 54.24 -26.42
CA ALA F 654 -49.46 55.70 -26.62
C ALA F 654 -50.82 56.40 -26.55
N LEU F 655 -51.91 55.69 -26.83
CA LEU F 655 -53.25 56.26 -26.77
C LEU F 655 -54.21 55.40 -25.98
N THR F 656 -55.07 56.04 -25.18
CA THR F 656 -56.15 55.32 -24.52
C THR F 656 -57.18 54.87 -25.53
N LEU F 657 -58.01 53.91 -25.15
CA LEU F 657 -59.12 53.46 -26.00
C LEU F 657 -60.16 54.56 -26.20
N GLU F 658 -60.27 55.51 -25.26
CA GLU F 658 -61.28 56.59 -25.34
C GLU F 658 -60.84 57.73 -26.23
N ASP F 659 -59.54 58.02 -26.22
CA ASP F 659 -58.94 58.96 -27.18
C ASP F 659 -58.99 58.40 -28.58
N ALA F 660 -58.37 57.24 -28.74
CA ALA F 660 -58.27 56.55 -30.03
C ALA F 660 -59.63 56.43 -30.74
N ALA F 661 -60.66 56.13 -29.97
CA ALA F 661 -62.01 56.00 -30.50
C ALA F 661 -62.46 57.35 -31.01
N LYS F 662 -62.33 58.36 -30.16
CA LYS F 662 -62.60 59.74 -30.57
C LYS F 662 -61.80 60.03 -31.84
N LEU F 663 -60.48 59.95 -31.72
CA LEU F 663 -59.62 60.19 -32.83
C LEU F 663 -60.18 59.60 -34.11
N VAL F 664 -60.52 58.32 -34.11
CA VAL F 664 -60.96 57.67 -35.35
C VAL F 664 -62.39 58.05 -35.74
N ALA F 665 -63.27 58.29 -34.77
CA ALA F 665 -64.65 58.69 -35.06
C ALA F 665 -64.70 60.09 -35.66
N VAL F 666 -63.94 61.02 -35.09
CA VAL F 666 -63.95 62.39 -35.55
C VAL F 666 -63.31 62.45 -36.92
N ARG F 667 -62.07 61.99 -37.00
CA ARG F 667 -61.31 61.92 -38.26
C ARG F 667 -62.19 61.47 -39.40
N SER F 668 -63.05 60.48 -39.17
CA SER F 668 -63.86 59.92 -40.24
C SER F 668 -65.17 60.65 -40.50
N ARG F 669 -65.69 61.38 -39.52
CA ARG F 669 -66.84 62.25 -39.73
C ARG F 669 -66.40 63.39 -40.62
N VAL F 670 -65.33 64.05 -40.17
CA VAL F 670 -64.78 65.19 -40.87
C VAL F 670 -64.60 64.80 -42.32
N LEU F 671 -63.87 63.71 -42.52
CA LEU F 671 -63.54 63.18 -43.85
C LEU F 671 -64.74 62.96 -44.78
N ARG F 672 -65.94 62.95 -44.23
CA ARG F 672 -67.14 62.80 -45.03
C ARG F 672 -67.37 64.03 -45.89
N ARG F 673 -66.78 65.16 -45.49
CA ARG F 673 -66.84 66.41 -46.27
C ARG F 673 -66.29 66.26 -47.71
N LEU F 674 -65.21 65.49 -47.88
CA LEU F 674 -64.60 65.28 -49.21
C LEU F 674 -65.40 64.30 -50.09
N GLY F 675 -66.51 63.76 -49.57
CA GLY F 675 -67.39 62.87 -50.30
C GLY F 675 -67.83 63.36 -51.66
N GLY F 676 -67.62 62.53 -52.66
CA GLY F 676 -68.02 62.84 -54.02
C GLY F 676 -67.05 63.71 -54.80
N GLN F 677 -65.92 64.10 -54.18
CA GLN F 677 -65.02 65.08 -54.82
C GLN F 677 -63.74 64.51 -55.37
N GLY F 678 -63.51 63.22 -55.14
CA GLY F 678 -62.33 62.56 -55.66
C GLY F 678 -62.35 61.09 -55.36
N GLY F 679 -61.45 60.34 -56.00
CA GLY F 679 -61.31 58.90 -55.76
C GLY F 679 -59.87 58.50 -55.46
N MSE F 680 -59.68 57.21 -55.20
CA MSE F 680 -58.34 56.68 -55.01
C MSE F 680 -58.19 55.40 -55.84
O MSE F 680 -59.15 54.91 -56.45
CB MSE F 680 -58.06 56.44 -53.52
CG MSE F 680 -58.31 57.69 -52.66
SE MSE F 680 -57.84 57.63 -50.74
CE MSE F 680 -55.92 57.31 -50.80
N ALA F 681 -56.96 54.87 -55.89
CA ALA F 681 -56.71 53.63 -56.60
C ALA F 681 -55.32 53.10 -56.32
N SER F 682 -55.23 51.77 -56.10
CA SER F 682 -53.96 51.04 -55.95
C SER F 682 -53.50 50.56 -57.31
N PHE F 683 -52.32 51.02 -57.70
CA PHE F 683 -51.74 50.67 -58.97
C PHE F 683 -50.62 49.64 -58.79
N GLY F 684 -50.23 49.05 -59.90
CA GLY F 684 -49.07 48.20 -59.90
C GLY F 684 -47.97 49.05 -60.48
N LEU F 685 -47.27 49.77 -59.61
CA LEU F 685 -45.94 50.29 -59.93
C LEU F 685 -45.30 51.05 -58.76
N GLY F 686 -44.02 51.41 -58.92
CA GLY F 686 -43.21 52.07 -57.89
C GLY F 686 -43.20 53.58 -57.99
N THR F 687 -42.67 54.23 -56.95
CA THR F 687 -42.84 55.68 -56.74
C THR F 687 -42.42 56.51 -57.95
N GLU F 688 -41.29 56.15 -58.56
CA GLU F 688 -40.75 56.90 -59.69
C GLU F 688 -41.66 56.72 -60.91
N GLN F 689 -42.07 55.47 -61.14
CA GLN F 689 -42.92 55.12 -62.28
C GLN F 689 -44.22 55.91 -62.22
N ALA F 690 -44.83 55.93 -61.04
CA ALA F 690 -46.01 56.77 -60.80
C ALA F 690 -45.69 58.28 -60.96
N ALA F 691 -44.73 58.74 -60.18
CA ALA F 691 -44.29 60.12 -60.21
C ALA F 691 -44.16 60.66 -61.63
N GLU F 692 -43.44 59.95 -62.50
CA GLU F 692 -43.33 60.40 -63.91
C GLU F 692 -44.66 60.28 -64.65
N ARG F 693 -45.36 59.15 -64.47
CA ARG F 693 -46.64 58.93 -65.15
C ARG F 693 -47.65 59.98 -64.82
N ILE F 694 -47.59 60.46 -63.58
CA ILE F 694 -48.63 61.29 -62.98
C ILE F 694 -48.40 62.82 -63.07
N GLY F 695 -47.14 63.25 -63.17
CA GLY F 695 -46.78 64.67 -63.17
C GLY F 695 -47.54 65.51 -64.17
N ARG F 696 -47.85 64.92 -65.33
CA ARG F 696 -48.59 65.59 -66.41
C ARG F 696 -49.93 66.22 -65.98
N PHE F 697 -50.61 65.56 -65.03
CA PHE F 697 -51.80 66.11 -64.37
C PHE F 697 -51.27 66.96 -63.23
N ALA F 698 -50.77 68.16 -63.52
CA ALA F 698 -50.11 68.92 -62.48
C ALA F 698 -51.03 68.92 -61.29
N GLY F 699 -50.58 68.27 -60.22
CA GLY F 699 -51.27 68.31 -58.93
C GLY F 699 -52.58 67.56 -58.79
N ALA F 700 -53.36 67.46 -59.87
CA ALA F 700 -54.68 66.81 -59.84
C ALA F 700 -54.66 65.43 -59.13
N LEU F 701 -53.55 64.71 -59.28
CA LEU F 701 -53.33 63.45 -58.55
C LEU F 701 -52.07 63.52 -57.67
N SER F 702 -52.06 62.64 -56.67
CA SER F 702 -51.09 62.66 -55.56
C SER F 702 -50.78 61.22 -55.17
N ILE F 703 -49.51 60.86 -55.10
CA ILE F 703 -49.15 59.55 -54.57
C ILE F 703 -49.44 59.53 -53.05
N ALA F 704 -50.42 58.72 -52.67
CA ALA F 704 -50.98 58.66 -51.31
C ALA F 704 -50.13 57.81 -50.37
N SER F 705 -49.70 56.65 -50.85
CA SER F 705 -48.90 55.78 -50.03
C SER F 705 -48.10 54.83 -50.90
N VAL F 706 -46.88 54.52 -50.45
CA VAL F 706 -46.00 53.55 -51.12
C VAL F 706 -45.96 52.31 -50.20
N ASN F 707 -46.56 51.22 -50.67
CA ASN F 707 -46.80 50.02 -49.85
C ASN F 707 -45.78 48.94 -50.14
N GLY F 708 -45.48 48.76 -51.42
CA GLY F 708 -44.47 47.81 -51.87
C GLY F 708 -43.65 48.41 -53.00
N PRO F 709 -42.58 47.73 -53.43
CA PRO F 709 -41.69 48.32 -54.42
C PRO F 709 -42.37 48.49 -55.79
N ARG F 710 -43.45 47.73 -55.99
CA ARG F 710 -44.22 47.77 -57.23
C ARG F 710 -45.74 47.97 -56.94
N SER F 711 -46.09 48.87 -56.04
CA SER F 711 -47.45 48.86 -55.50
C SER F 711 -47.84 50.13 -54.74
N VAL F 712 -48.30 51.12 -55.48
CA VAL F 712 -48.52 52.44 -54.92
C VAL F 712 -50.01 52.81 -54.98
N VAL F 713 -50.44 53.68 -54.07
CA VAL F 713 -51.84 54.13 -54.02
C VAL F 713 -51.92 55.57 -54.44
N VAL F 714 -52.78 55.86 -55.40
CA VAL F 714 -52.86 57.19 -55.99
C VAL F 714 -54.26 57.73 -55.75
N ALA F 715 -54.31 58.98 -55.30
CA ALA F 715 -55.56 59.65 -54.92
C ALA F 715 -55.63 61.03 -55.54
N GLY F 716 -56.83 61.44 -55.91
CA GLY F 716 -57.02 62.76 -56.51
C GLY F 716 -58.40 62.88 -57.12
N GLU F 717 -58.52 63.77 -58.10
CA GLU F 717 -59.80 64.07 -58.75
C GLU F 717 -60.17 62.96 -59.74
N SER F 718 -61.42 62.48 -59.72
CA SER F 718 -61.83 61.43 -60.65
C SER F 718 -62.19 62.05 -62.01
N GLY F 719 -61.69 61.43 -63.07
CA GLY F 719 -61.58 62.08 -64.38
C GLY F 719 -60.09 62.04 -64.73
N PRO F 720 -59.29 62.94 -64.11
CA PRO F 720 -57.83 62.77 -64.09
C PRO F 720 -57.38 61.44 -63.48
N LEU F 721 -58.14 60.86 -62.54
CA LEU F 721 -57.81 59.54 -62.02
C LEU F 721 -58.31 58.43 -62.95
N ASP F 722 -59.43 58.67 -63.64
CA ASP F 722 -59.99 57.70 -64.59
C ASP F 722 -59.14 57.61 -65.86
N GLU F 723 -58.59 58.76 -66.27
CA GLU F 723 -57.60 58.80 -67.35
C GLU F 723 -56.41 57.93 -66.99
N LEU F 724 -55.89 58.10 -65.78
CA LEU F 724 -54.76 57.30 -65.36
C LEU F 724 -55.15 55.81 -65.25
N ILE F 725 -56.39 55.49 -64.85
CA ILE F 725 -56.83 54.06 -64.80
C ILE F 725 -57.04 53.45 -66.21
N ALA F 726 -57.62 54.23 -67.12
CA ALA F 726 -57.83 53.78 -68.51
C ALA F 726 -56.53 53.73 -69.37
N GLU F 727 -55.40 54.12 -68.80
CA GLU F 727 -54.09 54.08 -69.48
C GLU F 727 -53.29 52.87 -69.01
N CYS F 728 -53.91 52.08 -68.14
CA CYS F 728 -53.23 51.02 -67.44
C CYS F 728 -53.90 49.68 -67.67
N GLU F 729 -55.18 49.73 -68.01
CA GLU F 729 -55.84 48.57 -68.61
C GLU F 729 -55.63 48.61 -70.12
N ALA F 730 -55.18 49.77 -70.62
CA ALA F 730 -54.65 49.90 -71.99
C ALA F 730 -53.19 49.42 -72.10
N GLU F 731 -52.55 49.21 -70.95
CA GLU F 731 -51.19 48.67 -70.89
C GLU F 731 -51.04 47.62 -69.79
N ALA F 732 -52.15 46.98 -69.40
CA ALA F 732 -52.19 45.82 -68.48
C ALA F 732 -51.53 45.99 -67.09
N HIS F 733 -51.67 47.17 -66.48
CA HIS F 733 -51.17 47.40 -65.13
C HIS F 733 -52.17 46.94 -64.09
N LYS F 734 -51.66 46.55 -62.92
CA LYS F 734 -52.49 46.54 -61.74
C LYS F 734 -52.95 47.98 -61.58
N ALA F 735 -54.27 48.16 -61.42
CA ALA F 735 -54.89 49.48 -61.39
C ALA F 735 -56.32 49.33 -60.88
N ARG F 736 -56.46 49.29 -59.56
CA ARG F 736 -57.73 48.98 -58.90
C ARG F 736 -58.47 50.19 -58.35
N ARG F 737 -59.80 50.16 -58.45
CA ARG F 737 -60.68 51.16 -57.84
C ARG F 737 -60.83 50.90 -56.35
N ILE F 738 -60.18 51.67 -55.50
CA ILE F 738 -60.39 51.51 -54.06
C ILE F 738 -61.79 52.01 -53.90
N PRO F 739 -62.68 51.21 -53.30
CA PRO F 739 -64.12 51.47 -53.42
C PRO F 739 -64.58 52.61 -52.51
N VAL F 740 -64.06 53.80 -52.79
CA VAL F 740 -64.01 54.89 -51.81
C VAL F 740 -64.45 56.24 -52.40
N ASP F 741 -65.08 57.06 -51.57
CA ASP F 741 -65.81 58.21 -52.03
C ASP F 741 -64.99 59.50 -52.08
N TYR F 742 -63.74 59.45 -51.62
CA TYR F 742 -62.98 60.65 -51.26
C TYR F 742 -61.51 60.50 -51.64
N ALA F 743 -60.72 61.56 -51.46
CA ALA F 743 -59.30 61.55 -51.82
C ALA F 743 -58.42 62.07 -50.69
N SER F 744 -58.19 61.19 -49.73
CA SER F 744 -57.21 61.40 -48.69
C SER F 744 -55.82 61.67 -49.24
N HIS F 745 -54.92 62.02 -48.33
CA HIS F 745 -53.49 62.18 -48.61
C HIS F 745 -53.24 62.98 -49.87
N SER F 746 -54.02 64.05 -49.99
CA SER F 746 -54.01 64.92 -51.15
C SER F 746 -54.29 66.34 -50.67
N PRO F 747 -54.01 67.33 -51.52
CA PRO F 747 -54.29 68.74 -51.18
C PRO F 747 -55.72 69.02 -50.75
N GLN F 748 -56.67 68.15 -51.12
CA GLN F 748 -58.07 68.35 -50.75
C GLN F 748 -58.31 68.37 -49.25
N VAL F 749 -57.35 67.83 -48.50
CA VAL F 749 -57.44 67.73 -47.05
C VAL F 749 -57.17 69.08 -46.36
N GLU F 750 -56.60 70.06 -47.05
CA GLU F 750 -56.38 71.39 -46.45
C GLU F 750 -57.68 72.00 -45.93
N SER F 751 -58.76 71.78 -46.67
CA SER F 751 -60.09 72.18 -46.24
C SER F 751 -60.43 71.74 -44.84
N LEU F 752 -59.90 70.58 -44.46
CA LEU F 752 -60.28 69.96 -43.22
C LEU F 752 -59.35 70.32 -42.09
N ARG F 753 -58.30 71.08 -42.36
CA ARG F 753 -57.35 71.34 -41.30
C ARG F 753 -58.02 71.97 -40.07
N GLU F 754 -58.82 73.02 -40.30
CA GLU F 754 -59.38 73.78 -39.20
C GLU F 754 -60.25 72.89 -38.32
N GLU F 755 -61.21 72.20 -38.93
CA GLU F 755 -62.11 71.38 -38.14
C GLU F 755 -61.40 70.28 -37.37
N LEU F 756 -60.45 69.60 -38.01
CA LEU F 756 -59.71 68.52 -37.36
C LEU F 756 -58.97 69.07 -36.17
N LEU F 757 -58.07 70.00 -36.41
CA LEU F 757 -57.31 70.60 -35.34
C LEU F 757 -58.23 71.08 -34.20
N THR F 758 -59.42 71.62 -34.52
CA THR F 758 -60.39 72.08 -33.50
C THR F 758 -60.77 70.90 -32.66
N GLU F 759 -61.64 70.05 -33.19
CA GLU F 759 -62.33 69.09 -32.35
C GLU F 759 -61.60 67.79 -32.07
N LEU F 760 -60.33 67.71 -32.43
CA LEU F 760 -59.47 66.65 -31.95
C LEU F 760 -58.55 67.15 -30.85
N ALA F 761 -58.58 68.45 -30.53
CA ALA F 761 -57.71 68.96 -29.47
C ALA F 761 -58.28 68.42 -28.16
N GLY F 762 -57.40 68.15 -27.19
CA GLY F 762 -57.77 67.45 -25.95
C GLY F 762 -57.26 66.02 -25.91
N ILE F 763 -56.44 65.67 -26.88
CA ILE F 763 -55.94 64.31 -27.05
C ILE F 763 -54.67 64.17 -26.19
N SER F 764 -54.52 63.05 -25.49
CA SER F 764 -53.50 62.93 -24.45
C SER F 764 -52.43 61.85 -24.72
N PRO F 765 -51.50 62.13 -25.65
CA PRO F 765 -50.53 61.13 -26.01
C PRO F 765 -49.47 60.99 -24.95
N VAL F 766 -48.81 59.82 -24.93
CA VAL F 766 -47.85 59.41 -23.90
C VAL F 766 -46.78 58.55 -24.59
N SER F 767 -45.53 58.60 -24.10
CA SER F 767 -44.45 57.71 -24.59
C SER F 767 -44.87 56.26 -24.38
N ALA F 768 -44.37 55.38 -25.24
CA ALA F 768 -44.92 54.02 -25.35
C ALA F 768 -43.89 52.90 -25.25
N ASP F 769 -44.13 52.04 -24.25
CA ASP F 769 -43.51 50.71 -24.08
C ASP F 769 -43.01 50.03 -25.36
N VAL F 770 -43.82 50.07 -26.40
CA VAL F 770 -43.54 49.37 -27.64
C VAL F 770 -43.06 50.41 -28.64
N ALA F 771 -42.08 50.06 -29.46
CA ALA F 771 -41.64 50.98 -30.53
C ALA F 771 -42.74 51.18 -31.57
N LEU F 772 -42.78 52.35 -32.19
CA LEU F 772 -43.83 52.70 -33.16
C LEU F 772 -43.13 53.33 -34.32
N TYR F 773 -43.06 52.62 -35.44
CA TYR F 773 -42.39 53.13 -36.64
C TYR F 773 -43.36 53.94 -37.49
N SER F 774 -43.38 55.26 -37.25
CA SER F 774 -44.31 56.20 -37.90
C SER F 774 -44.17 56.26 -39.44
N THR F 775 -45.32 56.19 -40.10
CA THR F 775 -45.42 56.27 -41.55
C THR F 775 -45.71 57.72 -42.00
N THR F 776 -46.26 58.53 -41.11
CA THR F 776 -46.45 59.95 -41.35
C THR F 776 -45.08 60.69 -41.44
N THR F 777 -44.27 60.55 -40.39
CA THR F 777 -42.89 61.03 -40.37
C THR F 777 -42.00 60.25 -41.33
N GLY F 778 -41.77 58.97 -41.04
CA GLY F 778 -40.75 58.15 -41.71
C GLY F 778 -39.65 57.66 -40.78
N GLN F 779 -39.85 57.77 -39.47
CA GLN F 779 -38.87 57.36 -38.46
C GLN F 779 -39.61 56.65 -37.34
N PRO F 780 -38.89 55.97 -36.44
CA PRO F 780 -39.46 55.57 -35.15
C PRO F 780 -39.47 56.72 -34.14
N ILE F 781 -40.62 57.02 -33.54
CA ILE F 781 -40.83 58.28 -32.81
C ILE F 781 -40.95 58.14 -31.30
N ASP F 782 -41.10 59.26 -30.61
CA ASP F 782 -41.56 59.23 -29.23
C ASP F 782 -43.06 59.43 -29.32
N THR F 783 -43.80 58.38 -28.99
CA THR F 783 -45.23 58.39 -29.30
C THR F 783 -45.95 59.60 -28.73
N ALA F 784 -45.54 60.08 -27.56
CA ALA F 784 -46.16 61.29 -26.96
C ALA F 784 -46.21 62.47 -27.93
N THR F 785 -45.38 62.41 -28.99
CA THR F 785 -45.38 63.33 -30.15
C THR F 785 -46.71 63.45 -30.87
N MSE F 786 -47.53 62.41 -30.77
CA MSE F 786 -48.68 62.26 -31.63
C MSE F 786 -49.81 63.20 -31.23
O MSE F 786 -50.85 62.77 -30.77
CB MSE F 786 -49.11 60.79 -31.62
CG MSE F 786 -48.04 59.87 -32.25
SE MSE F 786 -48.37 57.97 -32.14
CE MSE F 786 -47.90 57.46 -33.97
N ASP F 787 -49.56 64.50 -31.41
CA ASP F 787 -50.53 65.55 -31.05
C ASP F 787 -51.45 65.82 -32.24
N THR F 788 -52.37 66.77 -32.11
CA THR F 788 -53.32 67.03 -33.17
C THR F 788 -52.62 67.35 -34.49
N ALA F 789 -51.52 68.12 -34.44
CA ALA F 789 -50.71 68.39 -35.64
C ALA F 789 -50.30 67.08 -36.34
N TYR F 790 -49.76 66.15 -35.56
CA TYR F 790 -49.40 64.83 -36.06
C TYR F 790 -50.58 64.19 -36.78
N TRP F 791 -51.70 64.04 -36.10
CA TRP F 791 -52.85 63.37 -36.67
C TRP F 791 -53.42 64.06 -37.88
N TYR F 792 -53.20 65.37 -38.00
CA TYR F 792 -53.54 66.06 -39.23
C TYR F 792 -52.63 65.59 -40.37
N ALA F 793 -51.32 65.50 -40.07
CA ALA F 793 -50.32 65.13 -41.08
C ALA F 793 -50.57 63.71 -41.55
N ASN F 794 -50.94 62.85 -40.61
CA ASN F 794 -51.36 61.51 -40.91
C ASN F 794 -52.40 61.47 -42.05
N LEU F 795 -53.28 62.45 -42.11
CA LEU F 795 -54.35 62.47 -43.13
C LEU F 795 -53.91 63.19 -44.39
N ARG F 796 -53.06 64.19 -44.23
CA ARG F 796 -52.59 65.01 -45.34
C ARG F 796 -51.41 64.37 -46.04
N GLU F 797 -50.48 63.85 -45.25
CA GLU F 797 -49.18 63.47 -45.77
C GLU F 797 -49.18 62.09 -46.42
N GLN F 798 -48.23 61.89 -47.35
CA GLN F 798 -48.02 60.62 -48.00
C GLN F 798 -47.61 59.60 -46.94
N VAL F 799 -48.04 58.34 -47.14
CA VAL F 799 -47.94 57.32 -46.10
C VAL F 799 -46.56 56.68 -45.94
N ARG F 800 -45.87 56.30 -46.99
CA ARG F 800 -44.47 55.89 -46.80
C ARG F 800 -44.34 54.60 -45.98
N PHE F 801 -45.12 53.59 -46.36
CA PHE F 801 -45.16 52.34 -45.62
C PHE F 801 -43.90 51.55 -45.93
N GLN F 802 -43.57 51.44 -47.22
CA GLN F 802 -42.40 50.67 -47.66
C GLN F 802 -41.15 51.06 -46.89
N ASP F 803 -41.01 52.36 -46.65
CA ASP F 803 -39.86 52.90 -45.92
C ASP F 803 -39.77 52.36 -44.47
N ALA F 804 -40.89 52.37 -43.76
CA ALA F 804 -40.95 51.81 -42.40
C ALA F 804 -40.76 50.27 -42.35
N THR F 805 -41.22 49.57 -43.40
CA THR F 805 -40.97 48.13 -43.55
C THR F 805 -39.47 47.93 -43.42
N ARG F 806 -38.71 48.64 -44.25
CA ARG F 806 -37.27 48.50 -44.29
C ARG F 806 -36.66 48.90 -42.95
N GLN F 807 -37.12 50.02 -42.40
CA GLN F 807 -36.68 50.44 -41.06
C GLN F 807 -36.79 49.31 -40.02
N LEU F 808 -37.80 48.47 -40.15
CA LEU F 808 -37.95 47.34 -39.25
C LEU F 808 -37.02 46.20 -39.65
N ALA F 809 -37.03 45.85 -40.94
CA ALA F 809 -36.14 44.80 -41.46
C ALA F 809 -34.72 45.07 -41.02
N GLU F 810 -34.22 46.25 -41.34
CA GLU F 810 -32.84 46.60 -41.04
C GLU F 810 -32.59 46.83 -39.54
N ALA F 811 -33.64 46.97 -38.73
CA ALA F 811 -33.48 47.07 -37.28
C ALA F 811 -33.67 45.71 -36.63
N GLY F 812 -33.71 44.65 -37.44
CA GLY F 812 -33.74 43.27 -36.93
C GLY F 812 -35.10 42.77 -36.47
N PHE F 813 -36.10 42.86 -37.36
CA PHE F 813 -37.41 42.30 -37.09
C PHE F 813 -37.64 41.25 -38.14
N ASP F 814 -37.93 40.06 -37.66
CA ASP F 814 -37.90 38.84 -38.44
C ASP F 814 -39.33 38.39 -38.71
N ALA F 815 -40.21 38.65 -37.74
CA ALA F 815 -41.60 38.21 -37.76
C ALA F 815 -42.51 39.40 -37.99
N PHE F 816 -43.44 39.27 -38.92
CA PHE F 816 -44.41 40.32 -39.24
C PHE F 816 -45.86 39.82 -39.20
N VAL F 817 -46.59 40.21 -38.17
CA VAL F 817 -48.01 39.86 -38.03
C VAL F 817 -48.88 40.99 -38.56
N GLU F 818 -49.68 40.72 -39.59
CA GLU F 818 -50.58 41.71 -40.16
C GLU F 818 -51.93 41.51 -39.51
N VAL F 819 -52.27 42.40 -38.59
CA VAL F 819 -53.42 42.23 -37.71
C VAL F 819 -54.70 42.82 -38.32
N SER F 820 -55.36 42.05 -39.19
CA SER F 820 -56.49 42.55 -39.93
C SER F 820 -57.44 41.45 -40.38
N PRO F 821 -58.71 41.78 -40.59
CA PRO F 821 -59.66 40.79 -41.08
C PRO F 821 -59.32 40.33 -42.50
N HIS F 822 -58.42 41.04 -43.15
CA HIS F 822 -57.99 40.61 -44.46
C HIS F 822 -56.59 41.10 -44.73
N PRO F 823 -55.66 40.18 -45.03
CA PRO F 823 -54.30 40.61 -45.35
C PRO F 823 -54.32 41.47 -46.60
N VAL F 824 -53.77 42.68 -46.50
CA VAL F 824 -53.78 43.61 -47.62
C VAL F 824 -52.39 44.14 -47.95
N LEU F 825 -51.54 44.28 -46.93
CA LEU F 825 -50.13 44.71 -47.08
C LEU F 825 -49.16 43.51 -47.20
N THR F 826 -49.54 42.42 -46.56
CA THR F 826 -48.80 41.17 -46.57
C THR F 826 -47.89 41.02 -47.78
N VAL F 827 -48.46 41.09 -48.98
CA VAL F 827 -47.66 40.89 -50.20
C VAL F 827 -46.54 41.95 -50.34
N GLY F 828 -46.90 43.24 -50.29
CA GLY F 828 -45.91 44.31 -50.36
C GLY F 828 -44.78 44.21 -49.36
N ILE F 829 -45.05 43.61 -48.21
CA ILE F 829 -44.03 43.45 -47.18
C ILE F 829 -43.03 42.38 -47.63
N GLU F 830 -43.55 41.24 -48.08
CA GLU F 830 -42.69 40.19 -48.63
C GLU F 830 -41.84 40.73 -49.78
N ALA F 831 -42.51 41.28 -50.79
CA ALA F 831 -41.84 41.96 -51.87
C ALA F 831 -40.77 42.94 -51.38
N THR F 832 -41.05 43.63 -50.27
CA THR F 832 -40.09 44.62 -49.72
C THR F 832 -38.91 43.92 -49.04
N LEU F 833 -39.15 42.75 -48.45
CA LEU F 833 -38.11 42.05 -47.69
C LEU F 833 -37.09 41.26 -48.55
N ASP F 834 -37.45 40.99 -49.79
CA ASP F 834 -36.52 40.37 -50.74
C ASP F 834 -35.50 41.44 -51.04
N SER F 835 -36.01 42.60 -51.40
CA SER F 835 -35.22 43.80 -51.53
C SER F 835 -34.29 44.07 -50.32
N ALA F 836 -34.75 43.83 -49.09
CA ALA F 836 -34.04 44.33 -47.89
C ALA F 836 -33.09 43.34 -47.27
N LEU F 837 -33.62 42.23 -46.77
CA LEU F 837 -32.81 41.30 -46.01
C LEU F 837 -31.94 40.43 -46.92
N PRO F 838 -30.91 39.77 -46.34
CA PRO F 838 -30.15 38.81 -47.16
C PRO F 838 -31.09 37.78 -47.81
N ALA F 839 -31.01 37.67 -49.15
CA ALA F 839 -31.87 36.77 -49.92
C ALA F 839 -31.77 35.30 -49.45
N ASP F 840 -32.80 34.84 -48.72
CA ASP F 840 -32.92 33.43 -48.20
C ASP F 840 -32.70 33.32 -46.66
N ALA F 841 -32.35 34.43 -46.00
CA ALA F 841 -32.05 34.40 -44.57
C ALA F 841 -33.23 33.95 -43.68
N GLY F 842 -34.49 34.25 -44.03
CA GLY F 842 -35.62 33.68 -43.26
C GLY F 842 -37.00 34.36 -43.05
N ALA F 843 -37.05 35.69 -42.90
CA ALA F 843 -38.24 36.42 -42.30
C ALA F 843 -39.66 35.99 -42.71
N CYS F 844 -40.55 35.84 -41.75
CA CYS F 844 -41.92 35.40 -42.03
C CYS F 844 -42.92 36.56 -41.95
N VAL F 845 -43.99 36.43 -42.73
CA VAL F 845 -45.02 37.44 -42.89
C VAL F 845 -46.37 36.76 -42.88
N VAL F 846 -47.14 37.00 -41.82
CA VAL F 846 -48.38 36.28 -41.56
C VAL F 846 -49.57 37.25 -41.39
N GLY F 847 -50.66 36.98 -42.10
CA GLY F 847 -51.92 37.74 -41.93
C GLY F 847 -52.69 37.25 -40.70
N THR F 848 -53.94 37.66 -40.53
CA THR F 848 -54.75 37.12 -39.43
C THR F 848 -56.02 36.42 -39.96
N LEU F 849 -57.09 37.15 -40.16
CA LEU F 849 -58.25 36.60 -40.86
C LEU F 849 -58.17 36.88 -42.36
N ARG F 850 -59.10 36.25 -43.07
CA ARG F 850 -59.21 36.43 -44.49
C ARG F 850 -60.66 36.78 -44.75
N ARG F 851 -60.96 37.25 -45.96
CA ARG F 851 -62.34 37.50 -46.37
C ARG F 851 -63.12 36.18 -46.29
N ASP F 852 -64.30 36.25 -45.66
CA ASP F 852 -65.19 35.11 -45.43
C ASP F 852 -64.53 33.91 -44.72
N ARG F 853 -63.47 34.20 -43.96
CA ARG F 853 -62.75 33.20 -43.19
C ARG F 853 -62.40 33.82 -41.86
N GLY F 854 -63.44 34.25 -41.14
CA GLY F 854 -63.28 34.75 -39.77
C GLY F 854 -63.39 33.58 -38.82
N GLY F 855 -64.03 33.79 -37.69
CA GLY F 855 -64.22 32.70 -36.75
C GLY F 855 -62.93 32.12 -36.22
N LEU F 856 -62.99 31.64 -34.98
CA LEU F 856 -61.84 31.13 -34.27
C LEU F 856 -60.92 30.20 -35.04
N ALA F 857 -61.50 29.19 -35.67
CA ALA F 857 -60.69 28.19 -36.36
C ALA F 857 -59.73 28.83 -37.35
N ASP F 858 -60.16 29.90 -37.99
CA ASP F 858 -59.29 30.59 -38.91
C ASP F 858 -58.27 31.47 -38.21
N PHE F 859 -58.61 32.00 -37.05
CA PHE F 859 -57.59 32.63 -36.20
C PHE F 859 -56.53 31.59 -35.75
N HIS F 860 -56.98 30.48 -35.20
CA HIS F 860 -56.07 29.42 -34.81
C HIS F 860 -55.15 29.04 -36.00
N THR F 861 -55.65 29.11 -37.22
CA THR F 861 -54.80 28.81 -38.37
C THR F 861 -53.67 29.84 -38.53
N ALA F 862 -54.00 31.12 -38.36
CA ALA F 862 -53.01 32.19 -38.36
C ALA F 862 -51.98 31.97 -37.25
N LEU F 863 -52.45 31.55 -36.08
CA LEU F 863 -51.55 31.21 -34.98
C LEU F 863 -50.59 30.14 -35.42
N GLY F 864 -51.14 29.01 -35.82
CA GLY F 864 -50.33 27.89 -36.28
C GLY F 864 -49.39 28.30 -37.39
N GLU F 865 -49.87 29.18 -38.25
CA GLU F 865 -49.05 29.75 -39.26
C GLU F 865 -47.85 30.48 -38.68
N ALA F 866 -48.09 31.28 -37.66
CA ALA F 866 -47.05 32.02 -36.95
C ALA F 866 -46.14 31.02 -36.27
N TYR F 867 -46.74 30.19 -35.40
CA TYR F 867 -46.06 29.15 -34.63
C TYR F 867 -45.19 28.24 -35.48
N ALA F 868 -45.71 27.74 -36.62
CA ALA F 868 -44.93 26.83 -37.49
C ALA F 868 -43.55 27.39 -37.84
N GLN F 869 -43.47 28.71 -37.97
CA GLN F 869 -42.26 29.36 -38.42
C GLN F 869 -41.45 29.89 -37.24
N GLY F 870 -41.90 29.64 -36.01
CA GLY F 870 -41.07 29.90 -34.80
C GLY F 870 -41.43 31.09 -33.93
N VAL F 871 -42.58 31.69 -34.17
CA VAL F 871 -43.13 32.66 -33.23
C VAL F 871 -43.53 31.93 -31.96
N GLU F 872 -43.11 32.43 -30.82
CA GLU F 872 -43.44 31.83 -29.52
C GLU F 872 -44.93 32.04 -29.25
N VAL F 873 -45.68 30.95 -29.12
CA VAL F 873 -47.13 31.02 -28.93
C VAL F 873 -47.57 30.26 -27.71
N ASP F 874 -48.54 30.78 -26.99
CA ASP F 874 -49.13 30.04 -25.91
C ASP F 874 -50.50 29.53 -26.33
N TRP F 875 -50.66 28.21 -26.42
CA TRP F 875 -51.90 27.57 -26.89
C TRP F 875 -52.92 27.32 -25.79
N SER F 876 -52.50 27.37 -24.54
CA SER F 876 -53.37 27.08 -23.38
C SER F 876 -54.79 27.63 -23.43
N PRO F 877 -54.94 28.92 -23.74
CA PRO F 877 -56.28 29.47 -23.88
C PRO F 877 -57.24 28.58 -24.67
N ALA F 878 -56.75 27.94 -25.73
CA ALA F 878 -57.58 27.12 -26.59
C ALA F 878 -58.05 25.81 -25.95
N PHE F 879 -57.61 25.51 -24.75
CA PHE F 879 -57.98 24.27 -24.12
C PHE F 879 -58.42 24.50 -22.67
N ALA F 880 -59.45 25.30 -22.47
CA ALA F 880 -59.99 25.49 -21.11
C ALA F 880 -60.48 24.15 -20.57
N ASP F 881 -60.12 23.81 -19.34
CA ASP F 881 -60.54 22.56 -18.68
C ASP F 881 -59.98 21.24 -19.23
N ALA F 882 -59.08 21.29 -20.19
CA ALA F 882 -58.59 20.06 -20.80
C ALA F 882 -57.77 19.22 -19.82
N ARG F 883 -57.64 17.94 -20.12
CA ARG F 883 -56.82 17.00 -19.36
C ARG F 883 -55.85 16.33 -20.29
N PRO F 884 -54.70 15.92 -19.77
CA PRO F 884 -53.75 15.19 -20.59
C PRO F 884 -54.20 13.76 -20.81
N VAL F 885 -53.64 13.12 -21.81
CA VAL F 885 -54.13 11.85 -22.28
C VAL F 885 -52.90 11.18 -22.86
N GLU F 886 -52.84 9.85 -22.91
CA GLU F 886 -51.59 9.25 -23.36
C GLU F 886 -51.53 9.31 -24.87
N LEU F 887 -50.37 9.68 -25.40
CA LEU F 887 -50.21 9.81 -26.84
C LEU F 887 -49.12 8.91 -27.41
N PRO F 888 -49.16 8.73 -28.73
CA PRO F 888 -48.01 8.16 -29.42
C PRO F 888 -46.70 8.87 -29.08
N VAL F 889 -45.63 8.24 -29.50
CA VAL F 889 -44.29 8.53 -29.05
C VAL F 889 -43.46 8.99 -30.27
N TYR F 890 -42.28 9.57 -30.08
CA TYR F 890 -41.55 10.12 -31.22
C TYR F 890 -41.21 9.06 -32.32
N PRO F 891 -41.57 9.33 -33.57
CA PRO F 891 -41.22 8.44 -34.68
C PRO F 891 -39.76 8.57 -35.14
N PHE F 892 -38.89 7.74 -34.55
CA PHE F 892 -37.46 7.85 -34.78
C PHE F 892 -37.11 7.56 -36.23
N GLN F 893 -36.23 8.41 -36.76
CA GLN F 893 -35.77 8.30 -38.14
C GLN F 893 -34.45 7.52 -38.15
N ARG F 894 -34.59 6.21 -38.27
CA ARG F 894 -33.51 5.32 -37.98
C ARG F 894 -32.63 5.00 -39.16
N GLN F 895 -31.41 4.60 -38.84
CA GLN F 895 -30.41 4.16 -39.80
C GLN F 895 -29.69 2.94 -39.22
N ARG F 896 -29.22 2.07 -40.10
CA ARG F 896 -28.53 0.87 -39.67
C ARG F 896 -27.06 1.18 -39.41
N TYR F 897 -26.59 0.98 -38.17
CA TYR F 897 -25.15 1.06 -37.85
C TYR F 897 -24.69 -0.28 -37.26
N TRP F 898 -23.67 -0.89 -37.86
CA TRP F 898 -23.24 -2.24 -37.43
C TRP F 898 -21.81 -2.62 -37.85
N LEU F 899 -20.90 -2.50 -36.89
CA LEU F 899 -19.50 -2.90 -37.06
C LEU F 899 -19.46 -4.40 -36.72
N PRO F 900 -19.12 -5.24 -37.70
CA PRO F 900 -19.05 -6.69 -37.49
C PRO F 900 -17.78 -7.14 -36.69
N ILE F 901 -17.28 -8.38 -36.91
CA ILE F 901 -16.05 -8.87 -36.24
C ILE F 901 -15.22 -9.71 -37.19
C ACT G . 17.72 -20.58 61.37
O ACT G . 18.35 -20.28 62.40
OXT ACT G . 18.40 -20.62 60.34
CH3 ACT G . 16.25 -20.88 61.38
S SO4 H . -2.06 12.57 37.55
O1 SO4 H . -1.19 13.73 37.34
O2 SO4 H . -3.28 12.70 36.77
O3 SO4 H . -2.42 12.48 38.96
O4 SO4 H . -1.32 11.37 37.13
C ACT I . 29.80 120.86 14.06
O ACT I . 28.70 120.34 13.83
OXT ACT I . 30.51 121.05 13.06
CH3 ACT I . 30.21 121.22 15.46
S SO4 J . 52.02 87.01 35.09
O1 SO4 J . 50.79 86.33 35.46
O2 SO4 J . 53.13 86.22 35.59
O3 SO4 J . 52.10 88.35 35.69
O4 SO4 J . 52.09 87.09 33.62
CL CL K . 43.24 119.42 23.22
C ACT L . -28.77 7.43 -68.25
O ACT L . -28.88 8.63 -67.91
OXT ACT L . -28.98 6.59 -67.36
CH3 ACT L . -28.41 7.03 -69.64
S SO4 M . -36.16 -34.96 -52.45
O1 SO4 M . -34.82 -35.15 -52.99
O2 SO4 M . -36.49 -36.09 -51.57
O3 SO4 M . -37.10 -34.89 -53.56
O4 SO4 M . -36.17 -33.71 -51.69
CL CL N . -40.48 -3.46 -69.27
C ACT O . 30.84 -105.16 8.86
O ACT O . 30.37 -106.08 9.54
OXT ACT O . 30.58 -104.03 9.32
CH3 ACT O . 31.60 -105.44 7.59
CL CL P . 44.18 -93.71 7.95
C ACT Q . 0.98 -55.86 36.79
O ACT Q . 0.46 -56.49 37.76
OXT ACT Q . 0.66 -54.67 36.64
CH3 ACT Q . 1.90 -56.52 35.83
S SO4 R . 5.78 -11.90 24.54
O1 SO4 R . 6.74 -12.99 24.47
O2 SO4 R . 6.46 -10.65 24.86
O3 SO4 R . 4.73 -12.19 25.52
O4 SO4 R . 5.17 -11.77 23.21
CL CL S . 13.05 -44.47 37.23
C ACT T . -57.65 56.65 -45.25
O ACT T . -57.25 57.83 -45.18
OXT ACT T . -57.20 55.96 -44.32
CH3 ACT T . -58.56 56.10 -46.31
S SO4 U . -63.96 14.14 -29.79
O1 SO4 U . -62.79 13.53 -30.44
O2 SO4 U . -64.61 13.16 -28.91
O3 SO4 U . -64.88 14.55 -30.83
O4 SO4 U . -63.57 15.26 -28.93
CL CL V . -67.30 44.47 -48.22
#